data_6OUS
#
_entry.id   6OUS
#
_cell.length_a   118.153
_cell.length_b   126.595
_cell.length_c   148.165
_cell.angle_alpha   87.240
_cell.angle_beta   79.150
_cell.angle_gamma   86.290
#
_symmetry.space_group_name_H-M   'P 1'
#
loop_
_entity.id
_entity.type
_entity.pdbx_description
1 polymer 'Fusion glycoprotein F2'
2 polymer 'Fusion glycoprotein F1 fused with Fibritin trimerization domain'
3 polymer 'RB1 Fab Heavy Chain'
4 polymer 'RB1 Fab Light chain'
5 branched alpha-D-mannopyranose-(1-3)-beta-D-mannopyranose-(1-4)-2-acetamido-2-deoxy-beta-D-glucopyranose-(1-4)-2-acetamido-2-deoxy-beta-D-glucopyranose
6 non-polymer 2-acetamido-2-deoxy-beta-D-glucopyranose
#
loop_
_entity_poly.entity_id
_entity_poly.type
_entity_poly.pdbx_seq_one_letter_code
_entity_poly.pdbx_strand_id
1 'polypeptide(L)'
;(PCA)NITEEFYQSTCSAVSKGYLSALRTGWYTSVITIELSNIKENKCNGTDAKVKLIKQELDKYKNAVTELQLLMQSTP
ATNNRARR
;
A,C,E,G,I,K
2 'polypeptide(L)'
;FLGFLLGVGSAIASGVAVCKVLHLEGEVNKIKSALLSTNKAVVSLSNGVSVLTFKVLDLKNYIDKQLLPILNKQSCSISN
IETVIEFQQKNNRLLEITREFSVNAGVTTPVSTYMLTNSELLSLINDMPITNDQKKLMSNNVQIVRQQSYSIMCIIKEEV
LAYVVQLPLYGVIDTPCWKLHTSPLCTTNTKEGSNICLTRTDRGWYCDNAGSVSFFPQAETCKVQSNRVFCDTMNSLTLP
SEVNLCNVDIFNPKYDCKIMTSKTDVSSSVITSLGAIVSCYGKTKCTASNKNRGIIKTFSNGCDYVSNKGVDTVSVGNTL
YYVNKQEGKSLYVKGEPIINFYDPLVFPSDEFDASISQVNEKINQSLAFIRKSDELLSAIGGYIPEAPRDGQAYVRKDGE
WVLLSTFLGGLVPR
;
B,D,F,H,J,L
3 'polypeptide(L)'
;EVQLVESGGGLVRPGRSLRLSCTVSGFSFDDSAMSWVRQAPGKGLEWISFIKSKTYGGTKEYAASVKGRFTISRDDSKNI
AYLQMNSLKTEDTAVYYCTRGAPYGGNSDYYYGLDVWGQGTTVTVSSASTKGPSVFPLAPSSKSTSGGTAALGCLVKDYF
PEPVTVSWNSGALTSGVHTFPAVLQSSGLYSLSSVVTVPSSSLGTQTYICNVNHKPSNTKVDKKVEPKSCD
;
M,O,Q,S,U,W
4 'polypeptide(L)'
;DIQMTQSPSSLSASVGDRVTITCRTSQDVRGALAWYQQKPGKAPKLLIFDASSLETGVPSRFSGSGSGTVFTLTISSLQP
EDFAAYYCQQFLDFPFTFGQGTRLEIKRTVAAPSVFIFPPSDEQLKSGTASVVCLLNNFYPREAKVQWKVDNALQSGNSQ
ESVTEQDSKDSTYSLSSTLTLSKADYEKHKVYACEVTHQGLSSPVTKSFNRGEC
;
N,P,R,T,V,X
#
loop_
_chem_comp.id
_chem_comp.type
_chem_comp.name
_chem_comp.formula
BMA D-saccharide, beta linking beta-D-mannopyranose 'C6 H12 O6'
MAN D-saccharide, alpha linking alpha-D-mannopyranose 'C6 H12 O6'
NAG D-saccharide, beta linking 2-acetamido-2-deoxy-beta-D-glucopyranose 'C8 H15 N O6'
#
# COMPACT_ATOMS: atom_id res chain seq x y z
N PCA A 1 -18.32 14.52 -51.26
CA PCA A 1 -17.71 14.38 -52.57
CB PCA A 1 -17.61 12.90 -52.95
CG PCA A 1 -18.50 12.14 -51.99
CD PCA A 1 -18.78 13.18 -50.94
OE PCA A 1 -19.34 12.88 -49.89
C PCA A 1 -18.44 15.11 -53.69
O PCA A 1 -19.66 15.18 -53.73
N ASN A 2 -17.61 15.63 -54.60
CA ASN A 2 -18.03 16.32 -55.81
C ASN A 2 -19.05 17.42 -55.51
N ILE A 3 -18.57 18.42 -54.75
CA ILE A 3 -19.34 19.56 -54.25
C ILE A 3 -19.04 20.79 -55.10
N THR A 4 -20.06 21.60 -55.37
CA THR A 4 -19.89 22.83 -56.12
C THR A 4 -20.36 24.01 -55.28
N GLU A 5 -20.10 25.21 -55.81
CA GLU A 5 -20.59 26.44 -55.20
C GLU A 5 -20.58 27.53 -56.26
N GLU A 6 -21.58 28.40 -56.23
CA GLU A 6 -21.69 29.49 -57.19
C GLU A 6 -21.93 30.79 -56.44
N PHE A 7 -21.36 31.87 -56.95
CA PHE A 7 -21.57 33.20 -56.40
C PHE A 7 -22.24 34.07 -57.45
N TYR A 8 -23.36 34.68 -57.08
CA TYR A 8 -24.09 35.58 -57.95
C TYR A 8 -23.81 36.99 -57.47
N GLN A 9 -23.05 37.72 -58.29
CA GLN A 9 -22.67 39.10 -58.00
C GLN A 9 -23.87 40.04 -58.12
N SER A 10 -24.84 39.68 -58.95
CA SER A 10 -26.00 40.54 -59.14
C SER A 10 -26.81 40.67 -57.85
N THR A 11 -26.87 39.61 -57.06
CA THR A 11 -27.64 39.60 -55.81
C THR A 11 -26.76 39.52 -54.58
N CYS A 12 -25.44 39.47 -54.74
CA CYS A 12 -24.51 39.32 -53.62
C CYS A 12 -24.88 38.11 -52.77
N SER A 13 -24.88 36.94 -53.41
CA SER A 13 -25.26 35.73 -52.68
C SER A 13 -24.49 34.54 -53.23
N ALA A 14 -24.58 33.42 -52.51
CA ALA A 14 -23.84 32.22 -52.89
C ALA A 14 -24.66 30.99 -52.56
N VAL A 15 -24.64 30.02 -53.48
CA VAL A 15 -25.37 28.76 -53.35
C VAL A 15 -24.37 27.61 -53.37
N SER A 16 -24.44 26.74 -52.36
CA SER A 16 -23.55 25.59 -52.24
C SER A 16 -24.35 24.33 -52.56
N LYS A 17 -24.28 23.89 -53.81
CA LYS A 17 -24.99 22.69 -54.25
C LYS A 17 -24.13 21.46 -54.03
N GLY A 18 -24.77 20.31 -53.99
CA GLY A 18 -24.08 19.04 -53.88
C GLY A 18 -24.21 18.29 -52.57
N TYR A 19 -25.18 18.61 -51.74
CA TYR A 19 -25.35 17.94 -50.46
C TYR A 19 -26.48 16.92 -50.55
N LEU A 20 -26.47 15.97 -49.64
CA LEU A 20 -27.49 14.94 -49.58
C LEU A 20 -28.35 15.17 -48.33
N SER A 21 -29.64 14.86 -48.46
CA SER A 21 -30.54 15.15 -47.36
C SER A 21 -30.52 14.05 -46.32
N ALA A 22 -30.90 14.41 -45.10
CA ALA A 22 -31.10 13.47 -44.02
C ALA A 22 -32.05 14.10 -43.03
N LEU A 23 -33.25 14.45 -43.48
CA LEU A 23 -34.18 15.22 -42.67
C LEU A 23 -34.84 14.31 -41.65
N ARG A 24 -35.00 14.83 -40.44
CA ARG A 24 -35.74 14.14 -39.38
C ARG A 24 -37.21 14.48 -39.54
N THR A 25 -38.01 13.51 -39.94
CA THR A 25 -39.43 13.75 -40.18
C THR A 25 -40.31 13.39 -38.98
N GLY A 26 -40.00 12.32 -38.25
CA GLY A 26 -40.83 11.89 -37.15
C GLY A 26 -39.99 11.35 -36.00
N TRP A 27 -40.69 10.89 -34.97
CA TRP A 27 -40.08 10.35 -33.77
C TRP A 27 -40.41 8.87 -33.62
N TYR A 28 -39.61 8.20 -32.80
CA TYR A 28 -39.84 6.82 -32.38
C TYR A 28 -39.49 6.71 -30.91
N THR A 29 -40.38 6.12 -30.13
CA THR A 29 -40.21 6.05 -28.68
C THR A 29 -39.74 4.66 -28.28
N SER A 30 -38.79 4.62 -27.34
CA SER A 30 -38.28 3.38 -26.79
C SER A 30 -38.24 3.48 -25.28
N VAL A 31 -38.56 2.38 -24.61
CA VAL A 31 -38.61 2.34 -23.15
C VAL A 31 -37.39 1.58 -22.65
N ILE A 32 -36.60 2.22 -21.80
CA ILE A 32 -35.42 1.61 -21.19
C ILE A 32 -35.73 1.31 -19.73
N THR A 33 -35.36 0.13 -19.27
CA THR A 33 -35.69 -0.31 -17.93
C THR A 33 -34.42 -0.59 -17.12
N ILE A 34 -34.51 -0.35 -15.82
CA ILE A 34 -33.46 -0.69 -14.86
C ILE A 34 -34.15 -1.32 -13.65
N GLU A 35 -34.03 -2.63 -13.50
CA GLU A 35 -34.71 -3.30 -12.40
C GLU A 35 -34.00 -3.02 -11.09
N LEU A 36 -34.78 -2.63 -10.09
CA LEU A 36 -34.28 -2.25 -8.77
C LEU A 36 -34.59 -3.34 -7.75
N SER A 37 -34.01 -3.18 -6.56
CA SER A 37 -34.15 -4.16 -5.48
C SER A 37 -34.81 -3.49 -4.28
N ASN A 38 -35.76 -4.19 -3.67
CA ASN A 38 -36.48 -3.69 -2.51
C ASN A 38 -35.62 -3.93 -1.26
N ILE A 39 -34.85 -2.93 -0.88
CA ILE A 39 -33.96 -3.00 0.29
C ILE A 39 -34.50 -2.07 1.36
N LYS A 40 -34.81 -2.63 2.52
CA LYS A 40 -35.36 -1.86 3.63
C LYS A 40 -34.27 -1.10 4.37
N GLY A 46 -21.76 -4.03 13.94
CA GLY A 46 -21.06 -5.03 13.16
C GLY A 46 -20.16 -4.42 12.10
N THR A 47 -19.32 -3.47 12.50
CA THR A 47 -18.42 -2.76 11.59
C THR A 47 -17.12 -3.54 11.46
N ASP A 48 -16.88 -4.07 10.27
CA ASP A 48 -15.57 -4.59 9.91
C ASP A 48 -14.85 -3.49 9.11
N ALA A 49 -13.83 -3.86 8.36
CA ALA A 49 -13.09 -2.83 7.62
C ALA A 49 -13.91 -2.32 6.44
N LYS A 50 -14.54 -3.23 5.70
CA LYS A 50 -15.25 -2.96 4.44
C LYS A 50 -16.70 -2.51 4.58
N VAL A 51 -17.42 -2.91 5.63
CA VAL A 51 -18.86 -2.65 5.72
C VAL A 51 -19.20 -1.16 5.69
N LYS A 52 -18.35 -0.29 6.24
CA LYS A 52 -18.68 1.13 6.20
C LYS A 52 -18.82 1.64 4.76
N LEU A 53 -17.92 1.19 3.88
CA LEU A 53 -17.98 1.61 2.48
C LEU A 53 -19.20 1.03 1.77
N ILE A 54 -19.48 -0.26 1.99
CA ILE A 54 -20.61 -0.86 1.31
C ILE A 54 -21.92 -0.28 1.82
N LYS A 55 -21.94 0.15 3.09
CA LYS A 55 -23.13 0.75 3.67
C LYS A 55 -23.38 2.13 3.06
N GLN A 56 -22.34 2.95 2.95
CA GLN A 56 -22.55 4.26 2.33
C GLN A 56 -22.82 4.14 0.83
N GLU A 57 -22.33 3.07 0.18
CA GLU A 57 -22.67 2.86 -1.22
C GLU A 57 -24.15 2.48 -1.37
N LEU A 58 -24.65 1.62 -0.48
CA LEU A 58 -26.08 1.34 -0.47
C LEU A 58 -26.89 2.60 -0.15
N ASP A 59 -26.33 3.49 0.68
CA ASP A 59 -26.99 4.77 0.93
C ASP A 59 -27.08 5.60 -0.34
N LYS A 60 -26.01 5.60 -1.14
CA LYS A 60 -26.05 6.26 -2.44
C LYS A 60 -27.16 5.68 -3.32
N TYR A 61 -27.26 4.35 -3.35
CA TYR A 61 -28.29 3.70 -4.17
C TYR A 61 -29.69 4.09 -3.71
N LYS A 62 -29.95 3.99 -2.40
CA LYS A 62 -31.29 4.28 -1.90
C LYS A 62 -31.64 5.75 -2.09
N ASN A 63 -30.67 6.65 -1.91
CA ASN A 63 -30.95 8.06 -2.14
C ASN A 63 -31.21 8.33 -3.62
N ALA A 64 -30.55 7.59 -4.52
CA ALA A 64 -30.82 7.75 -5.93
C ALA A 64 -32.25 7.35 -6.28
N VAL A 65 -32.69 6.19 -5.77
CA VAL A 65 -34.06 5.78 -6.10
C VAL A 65 -35.07 6.71 -5.44
N THR A 66 -34.76 7.26 -4.26
CA THR A 66 -35.68 8.20 -3.63
C THR A 66 -35.78 9.51 -4.42
N GLU A 67 -34.64 10.01 -4.90
CA GLU A 67 -34.67 11.23 -5.71
C GLU A 67 -35.44 11.01 -7.01
N LEU A 68 -35.25 9.84 -7.63
CA LEU A 68 -36.03 9.54 -8.84
C LEU A 68 -37.52 9.40 -8.54
N GLN A 69 -37.87 8.89 -7.35
CA GLN A 69 -39.27 8.85 -6.97
C GLN A 69 -39.85 10.26 -6.85
N LEU A 70 -39.04 11.19 -6.33
CA LEU A 70 -39.49 12.59 -6.28
C LEU A 70 -39.54 13.22 -7.67
N LEU A 71 -38.61 12.85 -8.56
CA LEU A 71 -38.59 13.46 -9.89
C LEU A 71 -39.76 13.01 -10.74
N MET A 72 -40.04 11.72 -10.78
CA MET A 72 -41.21 11.28 -11.55
C MET A 72 -42.51 11.82 -10.98
N GLN A 73 -42.45 12.49 -9.83
CA GLN A 73 -43.65 13.01 -9.22
C GLN A 73 -44.30 14.05 -10.09
N SER A 74 -43.48 14.83 -10.80
CA SER A 74 -43.96 15.89 -11.68
C SER A 74 -43.81 15.34 -13.10
N THR A 75 -44.89 14.78 -13.63
CA THR A 75 -44.90 14.28 -14.99
C THR A 75 -44.51 15.40 -15.94
N PRO A 76 -43.60 15.16 -16.89
CA PRO A 76 -43.15 16.24 -17.77
C PRO A 76 -44.28 16.79 -18.63
N ALA A 77 -44.19 18.08 -18.92
CA ALA A 77 -45.20 18.79 -19.71
C ALA A 77 -44.60 20.07 -20.25
N THR A 78 -44.83 20.33 -21.53
CA THR A 78 -44.37 21.57 -22.16
C THR A 78 -45.51 22.23 -22.93
N PHE B 1 -32.52 33.88 -40.42
CA PHE B 1 -33.06 35.23 -40.56
C PHE B 1 -34.59 35.22 -40.47
N LEU B 2 -35.22 34.42 -41.30
CA LEU B 2 -36.68 34.30 -41.33
C LEU B 2 -37.20 33.31 -40.30
N GLY B 3 -36.49 33.17 -39.18
CA GLY B 3 -36.91 32.23 -38.15
C GLY B 3 -38.24 32.56 -37.50
N PHE B 4 -38.67 33.83 -37.58
CA PHE B 4 -39.96 34.20 -37.02
C PHE B 4 -41.12 33.63 -37.83
N LEU B 5 -40.90 33.34 -39.11
CA LEU B 5 -41.93 32.75 -39.95
C LEU B 5 -42.21 31.29 -39.60
N LEU B 6 -41.44 30.70 -38.71
CA LEU B 6 -41.61 29.29 -38.38
C LEU B 6 -42.77 29.10 -37.42
N GLY B 7 -43.26 27.85 -37.35
CA GLY B 7 -44.29 27.49 -36.41
C GLY B 7 -43.71 27.12 -35.06
N VAL B 8 -44.60 26.76 -34.13
CA VAL B 8 -44.21 26.40 -32.77
C VAL B 8 -44.70 24.99 -32.50
N GLY B 9 -43.78 24.10 -32.11
CA GLY B 9 -44.11 22.72 -31.89
C GLY B 9 -43.61 22.23 -30.55
N SER B 10 -44.18 21.10 -30.12
CA SER B 10 -43.77 20.41 -28.91
C SER B 10 -42.87 19.24 -29.27
N ALA B 11 -41.64 19.27 -28.79
CA ALA B 11 -40.65 18.27 -29.19
C ALA B 11 -40.94 16.91 -28.55
N ILE B 12 -41.14 16.90 -27.23
CA ILE B 12 -41.23 15.65 -26.48
C ILE B 12 -42.67 15.15 -26.39
N ALA B 13 -43.57 15.71 -27.20
CA ALA B 13 -44.99 15.36 -27.08
C ALA B 13 -45.22 13.87 -27.28
N SER B 14 -44.53 13.25 -28.25
CA SER B 14 -44.71 11.83 -28.49
C SER B 14 -44.19 10.98 -27.34
N GLY B 15 -42.97 11.26 -26.88
CA GLY B 15 -42.41 10.50 -25.78
C GLY B 15 -43.24 10.66 -24.52
N VAL B 16 -43.72 11.88 -24.25
CA VAL B 16 -44.58 12.12 -23.11
C VAL B 16 -45.91 11.37 -23.25
N ALA B 17 -46.43 11.25 -24.48
CA ALA B 17 -47.63 10.44 -24.68
C ALA B 17 -47.39 8.99 -24.26
N VAL B 18 -46.27 8.41 -24.72
CA VAL B 18 -45.94 7.05 -24.32
C VAL B 18 -45.74 6.97 -22.81
N CYS B 19 -45.24 8.06 -22.23
CA CYS B 19 -44.99 8.14 -20.80
C CYS B 19 -46.30 8.03 -20.02
N LYS B 20 -47.29 8.84 -20.41
CA LYS B 20 -48.60 8.79 -19.78
C LYS B 20 -49.26 7.44 -20.00
N VAL B 21 -48.94 6.76 -21.09
CA VAL B 21 -49.45 5.41 -21.26
C VAL B 21 -48.77 4.47 -20.26
N LEU B 22 -47.48 4.69 -19.99
CA LEU B 22 -46.78 3.81 -19.07
C LEU B 22 -47.26 3.98 -17.63
N HIS B 23 -47.92 5.09 -17.29
CA HIS B 23 -48.44 5.19 -15.93
C HIS B 23 -49.62 4.24 -15.64
N LEU B 24 -50.27 3.70 -16.66
CA LEU B 24 -51.47 2.91 -16.45
C LEU B 24 -51.16 1.60 -15.72
N GLU B 25 -52.19 1.05 -15.06
CA GLU B 25 -52.01 -0.16 -14.26
C GLU B 25 -51.73 -1.35 -15.17
N GLY B 26 -50.82 -2.22 -14.72
CA GLY B 26 -50.42 -3.37 -15.49
C GLY B 26 -49.47 -3.09 -16.63
N GLU B 27 -49.42 -1.85 -17.12
CA GLU B 27 -48.56 -1.51 -18.25
C GLU B 27 -47.09 -1.79 -17.95
N VAL B 28 -46.66 -1.51 -16.72
CA VAL B 28 -45.28 -1.78 -16.34
C VAL B 28 -45.03 -3.27 -16.17
N ASN B 29 -46.04 -4.00 -15.70
CA ASN B 29 -45.87 -5.45 -15.51
C ASN B 29 -45.74 -6.17 -16.83
N LYS B 30 -46.40 -5.68 -17.89
CA LYS B 30 -46.21 -6.27 -19.21
C LYS B 30 -44.76 -6.20 -19.64
N ILE B 31 -44.11 -5.06 -19.38
CA ILE B 31 -42.70 -4.90 -19.74
C ILE B 31 -41.82 -5.77 -18.85
N LYS B 32 -42.08 -5.76 -17.54
CA LYS B 32 -41.25 -6.56 -16.64
C LYS B 32 -41.38 -8.05 -16.94
N SER B 33 -42.56 -8.50 -17.34
CA SER B 33 -42.75 -9.89 -17.72
C SER B 33 -42.16 -10.20 -19.09
N ALA B 34 -42.13 -9.21 -19.99
CA ALA B 34 -41.55 -9.43 -21.31
C ALA B 34 -40.04 -9.54 -21.24
N LEU B 35 -39.41 -8.72 -20.40
CA LEU B 35 -37.95 -8.73 -20.25
C LEU B 35 -37.49 -9.64 -19.11
N LEU B 36 -38.36 -10.52 -18.62
CA LEU B 36 -37.95 -11.45 -17.56
C LEU B 36 -36.95 -12.46 -18.09
N SER B 37 -36.99 -12.76 -19.39
CA SER B 37 -36.09 -13.72 -20.01
C SER B 37 -34.92 -13.03 -20.71
N THR B 38 -35.20 -12.25 -21.75
CA THR B 38 -34.18 -11.57 -22.52
C THR B 38 -34.03 -10.12 -22.05
N ASN B 39 -33.05 -9.42 -22.63
CA ASN B 39 -32.78 -8.03 -22.29
C ASN B 39 -33.43 -7.05 -23.25
N LYS B 40 -33.87 -7.51 -24.42
CA LYS B 40 -34.49 -6.66 -25.43
C LYS B 40 -35.73 -7.33 -25.97
N ALA B 41 -36.79 -6.55 -26.16
CA ALA B 41 -38.03 -7.11 -26.69
C ALA B 41 -38.83 -5.99 -27.35
N VAL B 42 -39.87 -6.40 -28.08
CA VAL B 42 -40.82 -5.47 -28.70
C VAL B 42 -42.16 -5.67 -28.00
N VAL B 43 -42.74 -4.59 -27.48
CA VAL B 43 -43.95 -4.69 -26.68
C VAL B 43 -45.01 -3.74 -27.26
N SER B 44 -46.21 -4.26 -27.45
CA SER B 44 -47.36 -3.45 -27.87
C SER B 44 -48.15 -3.03 -26.64
N LEU B 45 -48.33 -1.72 -26.48
CA LEU B 45 -48.96 -1.17 -25.29
C LEU B 45 -50.48 -1.37 -25.37
N SER B 46 -51.22 -0.74 -24.46
CA SER B 46 -52.67 -0.91 -24.44
C SER B 46 -53.31 -0.29 -25.67
N ASN B 47 -52.85 0.88 -26.09
CA ASN B 47 -53.36 1.57 -27.26
C ASN B 47 -52.88 0.98 -28.59
N GLY B 48 -52.19 -0.16 -28.55
CA GLY B 48 -51.80 -0.87 -29.76
C GLY B 48 -50.46 -0.47 -30.35
N VAL B 49 -49.93 0.70 -29.98
CA VAL B 49 -48.66 1.15 -30.54
C VAL B 49 -47.54 0.26 -30.03
N SER B 50 -46.70 -0.22 -30.94
CA SER B 50 -45.61 -1.11 -30.59
C SER B 50 -44.33 -0.30 -30.39
N VAL B 51 -43.65 -0.55 -29.27
CA VAL B 51 -42.44 0.18 -28.90
C VAL B 51 -41.37 -0.83 -28.49
N LEU B 52 -40.11 -0.45 -28.75
CA LEU B 52 -38.99 -1.26 -28.29
C LEU B 52 -38.78 -1.11 -26.79
N THR B 53 -38.28 -2.19 -26.17
CA THR B 53 -38.04 -2.22 -24.74
C THR B 53 -36.68 -2.86 -24.50
N PHE B 54 -35.95 -2.32 -23.51
CA PHE B 54 -34.58 -2.70 -23.26
C PHE B 54 -34.31 -2.63 -21.76
N LYS B 55 -33.60 -3.63 -21.25
CA LYS B 55 -33.17 -3.65 -19.85
C LYS B 55 -31.65 -3.51 -19.83
N VAL B 56 -31.17 -2.32 -19.48
CA VAL B 56 -29.75 -2.02 -19.54
C VAL B 56 -29.00 -2.30 -18.23
N LEU B 57 -29.70 -2.31 -17.09
CA LEU B 57 -29.06 -2.48 -15.80
C LEU B 57 -29.95 -3.31 -14.89
N ASP B 58 -29.36 -4.31 -14.24
CA ASP B 58 -30.08 -5.18 -13.31
C ASP B 58 -29.36 -5.12 -11.96
N LEU B 59 -29.72 -4.11 -11.15
CA LEU B 59 -29.22 -4.07 -9.78
C LEU B 59 -30.02 -5.00 -8.88
N LYS B 60 -31.21 -5.43 -9.31
CA LYS B 60 -31.99 -6.37 -8.54
C LYS B 60 -31.26 -7.71 -8.44
N ASN B 61 -30.87 -8.27 -9.58
CA ASN B 61 -30.13 -9.52 -9.62
C ASN B 61 -28.70 -9.39 -9.15
N TYR B 62 -28.30 -8.21 -8.66
CA TYR B 62 -27.00 -8.01 -8.05
C TYR B 62 -27.12 -7.78 -6.54
N ILE B 63 -27.97 -6.84 -6.12
CA ILE B 63 -28.11 -6.58 -4.70
C ILE B 63 -28.84 -7.74 -4.01
N ASP B 64 -29.85 -8.30 -4.66
CA ASP B 64 -30.62 -9.37 -4.02
C ASP B 64 -29.90 -10.72 -4.04
N LYS B 65 -29.01 -10.95 -5.00
CA LYS B 65 -28.30 -12.22 -5.11
C LYS B 65 -26.84 -12.15 -4.66
N GLN B 66 -26.04 -11.25 -5.23
CA GLN B 66 -24.62 -11.24 -4.94
C GLN B 66 -24.28 -10.46 -3.68
N LEU B 67 -25.15 -9.55 -3.24
CA LEU B 67 -24.88 -8.71 -2.10
C LEU B 67 -25.73 -9.01 -0.87
N LEU B 68 -26.94 -9.55 -1.05
CA LEU B 68 -27.86 -9.75 0.06
C LEU B 68 -27.43 -10.79 1.10
N PRO B 69 -26.93 -11.97 0.70
CA PRO B 69 -26.60 -12.98 1.72
C PRO B 69 -25.57 -12.52 2.74
N ILE B 70 -24.65 -11.62 2.37
CA ILE B 70 -23.68 -11.12 3.34
C ILE B 70 -24.37 -10.25 4.40
N LEU B 71 -25.42 -9.53 4.00
CA LEU B 71 -26.17 -8.69 4.92
C LEU B 71 -27.32 -9.46 5.58
N SER B 75 -25.43 -9.31 12.85
CA SER B 75 -23.99 -9.49 12.68
C SER B 75 -23.64 -9.81 11.23
N CYS B 76 -22.71 -9.03 10.67
CA CYS B 76 -22.29 -9.22 9.29
C CYS B 76 -20.83 -8.86 9.15
N SER B 77 -20.22 -9.32 8.06
CA SER B 77 -18.81 -9.07 7.81
C SER B 77 -18.51 -9.29 6.34
N ILE B 78 -17.76 -8.37 5.75
CA ILE B 78 -17.32 -8.47 4.36
C ILE B 78 -15.94 -9.14 4.33
N SER B 79 -15.78 -10.13 3.44
CA SER B 79 -14.55 -10.90 3.36
C SER B 79 -13.59 -10.40 2.28
N ASN B 80 -14.09 -9.98 1.13
CA ASN B 80 -13.25 -9.49 0.06
C ASN B 80 -13.53 -8.02 -0.22
N ILE B 81 -12.50 -7.32 -0.72
CA ILE B 81 -12.65 -5.93 -1.10
C ILE B 81 -13.10 -5.78 -2.55
N GLU B 82 -12.85 -6.80 -3.39
CA GLU B 82 -13.22 -6.72 -4.80
C GLU B 82 -14.71 -6.50 -4.98
N THR B 83 -15.53 -7.03 -4.06
CA THR B 83 -16.97 -6.85 -4.17
C THR B 83 -17.37 -5.39 -3.96
N VAL B 84 -16.60 -4.64 -3.17
CA VAL B 84 -16.91 -3.22 -2.95
C VAL B 84 -16.73 -2.44 -4.25
N ILE B 85 -15.57 -2.59 -4.90
CA ILE B 85 -15.34 -1.90 -6.17
C ILE B 85 -16.31 -2.38 -7.22
N GLU B 86 -16.65 -3.67 -7.19
CA GLU B 86 -17.63 -4.22 -8.12
C GLU B 86 -18.99 -3.53 -7.95
N PHE B 87 -19.42 -3.35 -6.70
CA PHE B 87 -20.67 -2.65 -6.44
C PHE B 87 -20.61 -1.20 -6.91
N GLN B 88 -19.47 -0.54 -6.69
CA GLN B 88 -19.33 0.84 -7.15
C GLN B 88 -19.46 0.92 -8.67
N GLN B 89 -18.80 0.00 -9.38
CA GLN B 89 -18.89 -0.03 -10.85
C GLN B 89 -20.32 -0.29 -11.30
N LYS B 90 -21.06 -1.12 -10.57
CA LYS B 90 -22.44 -1.41 -10.94
C LYS B 90 -23.37 -0.23 -10.66
N ASN B 91 -23.12 0.53 -9.61
CA ASN B 91 -24.04 1.58 -9.16
C ASN B 91 -23.75 2.95 -9.78
N ASN B 92 -22.53 3.15 -10.29
CA ASN B 92 -22.14 4.45 -10.81
C ASN B 92 -23.08 4.91 -11.94
N ARG B 93 -23.53 3.98 -12.79
CA ARG B 93 -24.40 4.36 -13.90
C ARG B 93 -25.71 4.94 -13.39
N LEU B 94 -26.33 4.28 -12.42
CA LEU B 94 -27.55 4.81 -11.83
C LEU B 94 -27.32 6.16 -11.20
N LEU B 95 -26.14 6.34 -10.57
CA LEU B 95 -25.84 7.63 -9.95
C LEU B 95 -25.76 8.73 -11.00
N GLU B 96 -25.06 8.45 -12.11
CA GLU B 96 -24.85 9.49 -13.11
C GLU B 96 -26.16 9.83 -13.83
N ILE B 97 -26.99 8.80 -14.08
CA ILE B 97 -28.32 9.05 -14.66
C ILE B 97 -29.15 9.92 -13.74
N THR B 98 -29.10 9.64 -12.43
CA THR B 98 -29.83 10.46 -11.47
C THR B 98 -29.34 11.91 -11.53
N ARG B 99 -28.03 12.10 -11.64
CA ARG B 99 -27.51 13.47 -11.71
C ARG B 99 -28.04 14.20 -12.94
N GLU B 100 -27.93 13.55 -14.11
CA GLU B 100 -28.36 14.20 -15.34
C GLU B 100 -29.84 14.52 -15.31
N PHE B 101 -30.65 13.65 -14.71
CA PHE B 101 -32.07 13.95 -14.63
C PHE B 101 -32.35 15.07 -13.62
N SER B 102 -31.74 15.00 -12.45
CA SER B 102 -31.98 15.99 -11.40
C SER B 102 -31.53 17.38 -11.80
N VAL B 103 -30.64 17.49 -12.79
CA VAL B 103 -30.28 18.81 -13.29
C VAL B 103 -31.24 19.29 -14.37
N ASN B 104 -31.52 18.44 -15.36
CA ASN B 104 -32.34 18.82 -16.51
C ASN B 104 -33.83 18.61 -16.29
N ALA B 105 -34.28 18.47 -15.04
CA ALA B 105 -35.70 18.39 -14.70
C ALA B 105 -36.40 17.21 -15.37
N GLY B 106 -35.68 16.10 -15.54
CA GLY B 106 -36.25 14.88 -16.04
C GLY B 106 -36.21 14.68 -17.55
N VAL B 107 -35.82 15.70 -18.31
CA VAL B 107 -35.71 15.60 -19.76
C VAL B 107 -34.33 16.10 -20.16
N THR B 108 -33.51 15.22 -20.74
CA THR B 108 -32.15 15.54 -21.12
C THR B 108 -31.98 15.41 -22.63
N THR B 109 -31.16 16.28 -23.21
CA THR B 109 -30.79 16.22 -24.61
C THR B 109 -29.50 17.01 -24.80
N PRO B 110 -28.50 16.46 -25.51
CA PRO B 110 -28.47 15.14 -26.17
C PRO B 110 -28.48 13.97 -25.19
N VAL B 111 -28.73 12.77 -25.71
CA VAL B 111 -28.76 11.56 -24.90
C VAL B 111 -27.33 11.16 -24.56
N SER B 112 -27.00 11.17 -23.28
CA SER B 112 -25.65 10.87 -22.86
C SER B 112 -25.35 9.38 -23.00
N THR B 113 -24.07 9.03 -22.87
CA THR B 113 -23.68 7.63 -22.91
C THR B 113 -24.14 6.87 -21.66
N TYR B 114 -24.27 7.58 -20.54
CA TYR B 114 -24.82 6.94 -19.35
C TYR B 114 -26.27 6.51 -19.57
N MET B 115 -27.05 7.36 -20.23
CA MET B 115 -28.45 7.05 -20.48
C MET B 115 -28.59 5.89 -21.46
N LEU B 116 -27.72 5.82 -22.45
CA LEU B 116 -27.78 4.78 -23.48
C LEU B 116 -26.40 4.69 -24.13
N THR B 117 -25.69 3.60 -23.87
CA THR B 117 -24.34 3.43 -24.42
C THR B 117 -24.40 3.19 -25.92
N ASN B 118 -23.23 3.20 -26.55
CA ASN B 118 -23.17 2.99 -28.00
C ASN B 118 -23.64 1.58 -28.36
N SER B 119 -23.29 0.58 -27.55
CA SER B 119 -23.76 -0.78 -27.83
C SER B 119 -25.28 -0.85 -27.79
N GLU B 120 -25.88 -0.25 -26.75
CA GLU B 120 -27.33 -0.29 -26.61
C GLU B 120 -28.01 0.53 -27.70
N LEU B 121 -27.43 1.69 -28.06
CA LEU B 121 -28.01 2.52 -29.10
C LEU B 121 -27.96 1.82 -30.45
N LEU B 122 -26.83 1.20 -30.78
CA LEU B 122 -26.74 0.46 -32.04
C LEU B 122 -27.67 -0.75 -32.06
N SER B 123 -27.89 -1.40 -30.91
CA SER B 123 -28.86 -2.50 -30.87
C SER B 123 -30.27 -1.99 -31.16
N LEU B 124 -30.64 -0.88 -30.52
CA LEU B 124 -31.95 -0.31 -30.75
C LEU B 124 -32.13 0.09 -32.21
N ILE B 125 -31.10 0.66 -32.83
CA ILE B 125 -31.21 1.02 -34.23
C ILE B 125 -31.34 -0.23 -35.09
N ASN B 126 -30.65 -1.31 -34.71
CA ASN B 126 -30.71 -2.54 -35.49
C ASN B 126 -32.12 -3.14 -35.47
N ASP B 127 -32.85 -2.99 -34.37
CA ASP B 127 -34.18 -3.58 -34.27
C ASP B 127 -35.33 -2.60 -34.56
N MET B 128 -35.04 -1.38 -34.98
CA MET B 128 -36.10 -0.42 -35.27
C MET B 128 -36.84 -0.77 -36.57
N PRO B 129 -38.16 -0.55 -36.64
CA PRO B 129 -38.92 -0.92 -37.85
C PRO B 129 -38.74 0.09 -38.97
N ILE B 130 -37.52 0.13 -39.51
CA ILE B 130 -37.17 1.01 -40.61
C ILE B 130 -36.25 0.25 -41.57
N THR B 131 -35.87 0.91 -42.65
CA THR B 131 -35.13 0.27 -43.73
C THR B 131 -33.67 0.05 -43.35
N ASN B 132 -32.98 -0.76 -44.15
CA ASN B 132 -31.55 -0.96 -43.95
C ASN B 132 -30.79 0.34 -44.22
N ASP B 133 -31.25 1.14 -45.17
CA ASP B 133 -30.61 2.44 -45.42
C ASP B 133 -30.72 3.34 -44.20
N GLN B 134 -31.87 3.30 -43.53
CA GLN B 134 -32.06 4.11 -42.33
C GLN B 134 -31.23 3.59 -41.17
N LYS B 135 -31.16 2.26 -41.00
CA LYS B 135 -30.28 1.69 -39.99
C LYS B 135 -28.83 2.07 -40.24
N LYS B 136 -28.40 2.01 -41.50
CA LYS B 136 -27.03 2.38 -41.85
C LYS B 136 -26.75 3.83 -41.51
N LEU B 137 -27.68 4.72 -41.89
CA LEU B 137 -27.50 6.14 -41.64
C LEU B 137 -27.41 6.43 -40.14
N MET B 138 -28.34 5.86 -39.36
CA MET B 138 -28.32 6.11 -37.93
C MET B 138 -27.12 5.46 -37.26
N SER B 139 -26.61 4.34 -37.80
CA SER B 139 -25.48 3.67 -37.16
C SER B 139 -24.17 4.38 -37.45
N ASN B 140 -24.01 4.97 -38.62
CA ASN B 140 -22.76 5.65 -38.93
C ASN B 140 -22.66 7.02 -38.27
N ASN B 141 -23.77 7.60 -37.83
CA ASN B 141 -23.79 8.95 -37.26
C ASN B 141 -24.48 8.93 -35.89
N VAL B 142 -23.97 8.09 -34.99
CA VAL B 142 -24.58 7.99 -33.66
C VAL B 142 -24.44 9.29 -32.89
N GLN B 143 -23.41 10.09 -33.19
CA GLN B 143 -23.28 11.38 -32.50
C GLN B 143 -24.44 12.29 -32.89
N ILE B 144 -24.89 12.22 -34.13
CA ILE B 144 -26.01 13.05 -34.58
C ILE B 144 -27.32 12.51 -34.02
N VAL B 145 -27.46 11.19 -33.98
CA VAL B 145 -28.67 10.60 -33.39
C VAL B 145 -28.78 10.98 -31.93
N ARG B 146 -27.66 10.98 -31.20
CA ARG B 146 -27.68 11.42 -29.81
C ARG B 146 -28.08 12.87 -29.72
N GLN B 147 -27.57 13.73 -30.61
CA GLN B 147 -27.94 15.14 -30.54
C GLN B 147 -29.37 15.42 -30.99
N GLN B 148 -30.01 14.53 -31.74
CA GLN B 148 -31.38 14.74 -32.16
C GLN B 148 -32.39 13.93 -31.35
N SER B 149 -31.97 13.35 -30.23
CA SER B 149 -32.83 12.54 -29.39
C SER B 149 -32.99 13.16 -28.03
N TYR B 150 -34.08 12.79 -27.36
CA TYR B 150 -34.38 13.22 -25.99
C TYR B 150 -34.42 12.00 -25.09
N SER B 151 -34.42 12.27 -23.79
CA SER B 151 -34.53 11.20 -22.79
C SER B 151 -35.51 11.67 -21.73
N ILE B 152 -36.75 11.21 -21.83
CA ILE B 152 -37.80 11.60 -20.90
C ILE B 152 -37.94 10.53 -19.84
N MET B 153 -37.80 10.92 -18.59
CA MET B 153 -37.94 10.03 -17.45
C MET B 153 -39.41 9.79 -17.18
N CYS B 154 -39.80 8.51 -17.13
CA CYS B 154 -41.22 8.20 -16.96
C CYS B 154 -41.51 7.81 -15.53
N ILE B 155 -41.53 6.50 -15.23
CA ILE B 155 -41.92 6.07 -13.90
C ILE B 155 -40.91 5.07 -13.34
N ILE B 156 -40.94 4.92 -12.01
CA ILE B 156 -40.16 3.95 -11.25
C ILE B 156 -41.08 3.19 -10.30
N LYS B 157 -41.85 2.23 -10.85
CA LYS B 157 -42.82 1.42 -10.13
C LYS B 157 -42.41 -0.05 -10.06
N GLU B 158 -42.88 -0.74 -9.03
CA GLU B 158 -42.73 -2.20 -8.88
C GLU B 158 -41.29 -2.68 -9.06
N GLU B 159 -40.37 -2.03 -8.36
CA GLU B 159 -38.95 -2.41 -8.33
C GLU B 159 -38.32 -2.36 -9.72
N VAL B 160 -38.83 -1.51 -10.61
CA VAL B 160 -38.24 -1.32 -11.94
C VAL B 160 -38.21 0.18 -12.20
N LEU B 161 -37.18 0.61 -12.93
CA LEU B 161 -37.01 1.99 -13.35
C LEU B 161 -37.29 2.10 -14.84
N ALA B 162 -37.95 3.18 -15.25
CA ALA B 162 -38.33 3.33 -16.65
C ALA B 162 -38.15 4.76 -17.11
N TYR B 163 -37.51 4.92 -18.27
CA TYR B 163 -37.43 6.22 -18.95
C TYR B 163 -37.48 6.00 -20.45
N VAL B 164 -38.11 6.96 -21.14
CA VAL B 164 -38.33 6.88 -22.59
C VAL B 164 -37.19 7.57 -23.33
N VAL B 165 -36.70 6.93 -24.37
CA VAL B 165 -35.70 7.50 -25.28
C VAL B 165 -36.41 7.81 -26.59
N GLN B 166 -36.57 9.10 -26.88
CA GLN B 166 -37.28 9.54 -28.08
C GLN B 166 -36.26 9.61 -29.23
N LEU B 167 -36.30 8.59 -30.13
CA LEU B 167 -35.35 8.50 -31.23
C LEU B 167 -35.90 9.15 -32.51
N PRO B 168 -35.02 9.64 -33.38
CA PRO B 168 -35.48 10.31 -34.60
C PRO B 168 -35.69 9.36 -35.77
N LEU B 169 -36.64 9.72 -36.62
CA LEU B 169 -36.95 8.99 -37.84
C LEU B 169 -36.58 9.83 -39.05
N TYR B 170 -35.73 9.30 -39.92
CA TYR B 170 -35.27 10.04 -41.09
C TYR B 170 -36.07 9.58 -42.30
N GLY B 171 -37.23 10.22 -42.50
CA GLY B 171 -38.11 9.86 -43.60
C GLY B 171 -37.68 10.34 -44.96
N VAL B 172 -36.78 11.31 -45.01
CA VAL B 172 -36.26 11.86 -46.26
C VAL B 172 -34.75 11.70 -46.25
N ILE B 173 -34.23 10.94 -47.21
CA ILE B 173 -32.81 10.64 -47.27
C ILE B 173 -32.33 10.78 -48.72
N ASP B 174 -31.13 11.33 -48.89
CA ASP B 174 -30.41 11.36 -50.16
C ASP B 174 -31.09 12.22 -51.22
N THR B 175 -31.90 13.20 -50.83
CA THR B 175 -32.36 14.10 -51.87
C THR B 175 -31.42 15.31 -51.94
N PRO B 176 -31.34 15.96 -53.11
CA PRO B 176 -30.37 17.06 -53.26
C PRO B 176 -30.71 18.25 -52.37
N CYS B 177 -29.68 18.81 -51.74
CA CYS B 177 -29.79 19.98 -50.89
C CYS B 177 -28.81 21.05 -51.33
N TRP B 178 -29.04 22.28 -50.86
CA TRP B 178 -28.12 23.37 -51.11
C TRP B 178 -28.31 24.44 -50.04
N LYS B 179 -27.21 25.08 -49.67
CA LYS B 179 -27.20 26.12 -48.64
C LYS B 179 -26.97 27.47 -49.31
N LEU B 180 -27.86 28.43 -49.01
CA LEU B 180 -27.78 29.78 -49.56
C LEU B 180 -27.22 30.74 -48.52
N HIS B 181 -26.18 31.47 -48.92
CA HIS B 181 -25.56 32.51 -48.12
C HIS B 181 -25.85 33.86 -48.74
N THR B 182 -26.10 34.87 -47.91
CA THR B 182 -26.41 36.21 -48.37
C THR B 182 -25.57 37.24 -47.63
N SER B 183 -25.51 38.45 -48.20
CA SER B 183 -24.73 39.54 -47.64
C SER B 183 -25.28 40.85 -48.18
N PRO B 184 -25.16 41.95 -47.45
CA PRO B 184 -25.71 43.22 -47.92
C PRO B 184 -25.06 43.68 -49.22
N LEU B 185 -25.88 44.20 -50.12
CA LEU B 185 -25.43 44.74 -51.41
C LEU B 185 -25.80 46.21 -51.43
N CYS B 186 -24.83 47.08 -51.19
CA CYS B 186 -25.04 48.52 -51.07
C CYS B 186 -24.36 49.24 -52.23
N THR B 187 -24.74 50.50 -52.40
CA THR B 187 -24.04 51.35 -53.35
C THR B 187 -22.68 51.76 -52.78
N THR B 188 -21.87 52.38 -53.64
CA THR B 188 -20.51 52.71 -53.25
C THR B 188 -20.26 54.19 -53.47
N ASN B 189 -21.15 55.03 -52.95
CA ASN B 189 -20.96 56.46 -53.04
C ASN B 189 -20.01 56.96 -51.96
N THR B 190 -19.54 58.19 -52.14
CA THR B 190 -18.58 58.77 -51.20
C THR B 190 -19.24 59.49 -50.03
N LYS B 191 -20.39 60.11 -50.24
CA LYS B 191 -21.07 60.81 -49.16
C LYS B 191 -21.62 59.83 -48.13
N GLU B 192 -21.67 60.27 -46.88
CA GLU B 192 -22.13 59.43 -45.78
C GLU B 192 -23.65 59.36 -45.76
N GLY B 193 -24.16 58.20 -45.37
CA GLY B 193 -25.59 57.96 -45.31
C GLY B 193 -26.35 58.11 -46.60
N SER B 194 -25.65 58.48 -47.68
CA SER B 194 -26.28 58.61 -48.99
C SER B 194 -26.46 57.25 -49.67
N ASN B 195 -25.84 56.20 -49.12
CA ASN B 195 -25.89 54.88 -49.72
C ASN B 195 -27.19 54.18 -49.35
N ILE B 196 -27.63 53.29 -50.24
CA ILE B 196 -28.79 52.45 -50.00
C ILE B 196 -28.35 50.98 -50.07
N CYS B 197 -28.96 50.15 -49.23
CA CYS B 197 -28.54 48.76 -49.08
C CYS B 197 -29.73 47.84 -49.27
N LEU B 198 -29.43 46.63 -49.74
CA LEU B 198 -30.41 45.60 -50.04
C LEU B 198 -29.76 44.27 -49.78
N THR B 199 -30.49 43.36 -49.13
CA THR B 199 -29.92 42.09 -48.70
C THR B 199 -30.93 40.98 -48.96
N ARG B 200 -30.48 39.88 -49.56
CA ARG B 200 -31.37 38.75 -49.72
C ARG B 200 -31.57 38.07 -48.37
N THR B 201 -32.83 37.81 -48.03
CA THR B 201 -33.17 37.26 -46.72
C THR B 201 -33.48 35.77 -46.73
N ASP B 202 -33.60 35.16 -47.90
CA ASP B 202 -33.97 33.76 -48.06
C ASP B 202 -32.82 32.80 -47.78
N ARG B 203 -31.83 33.21 -47.00
CA ARG B 203 -30.64 32.42 -46.77
C ARG B 203 -30.92 31.28 -45.79
N GLY B 204 -30.27 30.15 -46.01
CA GLY B 204 -30.47 28.99 -45.18
C GLY B 204 -30.37 27.72 -46.01
N TRP B 205 -30.86 26.62 -45.45
CA TRP B 205 -30.79 25.35 -46.15
C TRP B 205 -32.07 25.11 -46.95
N TYR B 206 -31.92 24.51 -48.12
CA TYR B 206 -33.03 24.11 -48.96
C TYR B 206 -32.83 22.65 -49.35
N CYS B 207 -33.89 21.85 -49.26
CA CYS B 207 -33.80 20.46 -49.67
C CYS B 207 -35.05 20.05 -50.43
N ASP B 208 -34.86 19.31 -51.51
CA ASP B 208 -35.99 18.84 -52.29
C ASP B 208 -36.73 17.75 -51.51
N ASN B 209 -38.05 17.85 -51.47
CA ASN B 209 -38.85 16.93 -50.65
C ASN B 209 -40.28 16.95 -51.18
N ALA B 210 -40.74 15.81 -51.69
CA ALA B 210 -42.14 15.61 -52.05
C ALA B 210 -42.63 16.69 -53.01
N GLY B 211 -41.91 16.86 -54.11
CA GLY B 211 -42.29 17.83 -55.12
C GLY B 211 -42.22 19.28 -54.69
N SER B 212 -41.78 19.55 -53.47
CA SER B 212 -41.60 20.92 -52.99
C SER B 212 -40.23 21.07 -52.35
N VAL B 213 -40.00 22.17 -51.64
CA VAL B 213 -38.70 22.45 -51.02
C VAL B 213 -38.91 22.68 -49.54
N SER B 214 -38.10 22.03 -48.71
CA SER B 214 -38.06 22.30 -47.29
C SER B 214 -36.97 23.35 -47.03
N PHE B 215 -37.36 24.48 -46.44
CA PHE B 215 -36.47 25.61 -46.19
C PHE B 215 -36.22 25.75 -44.70
N PHE B 216 -34.95 25.87 -44.33
CA PHE B 216 -34.54 26.03 -42.94
C PHE B 216 -33.85 27.38 -42.82
N PRO B 217 -34.49 28.38 -42.22
CA PRO B 217 -33.88 29.72 -42.21
C PRO B 217 -32.74 29.86 -41.23
N GLN B 218 -32.74 29.09 -40.14
CA GLN B 218 -31.68 29.13 -39.14
C GLN B 218 -30.74 27.95 -39.39
N ALA B 219 -29.76 28.15 -40.27
CA ALA B 219 -28.83 27.08 -40.61
C ALA B 219 -27.98 26.62 -39.43
N GLU B 220 -27.97 27.38 -38.33
CA GLU B 220 -27.20 26.96 -37.17
C GLU B 220 -27.77 25.70 -36.53
N THR B 221 -29.07 25.45 -36.71
CA THR B 221 -29.70 24.27 -36.12
C THR B 221 -29.54 23.02 -36.97
N CYS B 222 -29.21 23.16 -38.25
CA CYS B 222 -28.95 22.01 -39.11
C CYS B 222 -27.53 21.53 -38.90
N LYS B 223 -27.37 20.23 -38.64
CA LYS B 223 -26.06 19.65 -38.40
C LYS B 223 -25.55 19.03 -39.69
N VAL B 224 -24.28 19.24 -40.01
CA VAL B 224 -23.72 18.78 -41.27
C VAL B 224 -22.57 17.85 -40.98
N GLN B 225 -22.60 16.66 -41.58
CA GLN B 225 -21.53 15.68 -41.46
C GLN B 225 -21.22 15.12 -42.84
N SER B 226 -19.98 15.27 -43.28
CA SER B 226 -19.55 14.89 -44.64
C SER B 226 -20.37 15.72 -45.61
N ASN B 227 -20.98 15.12 -46.64
CA ASN B 227 -21.89 15.83 -47.53
C ASN B 227 -23.34 15.62 -47.13
N ARG B 228 -23.57 15.06 -45.95
CA ARG B 228 -24.90 14.76 -45.46
C ARG B 228 -25.38 15.88 -44.54
N VAL B 229 -26.64 16.26 -44.68
CA VAL B 229 -27.23 17.37 -43.93
C VAL B 229 -28.36 16.80 -43.10
N PHE B 230 -28.21 16.82 -41.77
CA PHE B 230 -29.26 16.38 -40.86
C PHE B 230 -29.96 17.63 -40.38
N CYS B 231 -31.13 17.90 -40.95
CA CYS B 231 -31.98 19.01 -40.54
C CYS B 231 -33.21 18.46 -39.82
N ASP B 232 -34.05 19.38 -39.35
CA ASP B 232 -35.27 19.03 -38.63
C ASP B 232 -36.43 19.79 -39.26
N THR B 233 -37.45 19.05 -39.73
CA THR B 233 -38.58 19.69 -40.39
C THR B 233 -39.34 20.59 -39.44
N MET B 234 -39.21 20.37 -38.14
CA MET B 234 -39.88 21.22 -37.16
C MET B 234 -39.48 22.67 -37.33
N ASN B 235 -38.23 22.91 -37.72
CA ASN B 235 -37.74 24.28 -37.96
C ASN B 235 -37.66 24.54 -39.46
N SER B 236 -38.74 24.31 -40.19
CA SER B 236 -38.70 24.46 -41.63
C SER B 236 -39.96 25.18 -42.14
N LEU B 237 -39.97 25.40 -43.45
CA LEU B 237 -41.08 25.98 -44.18
C LEU B 237 -41.24 25.20 -45.48
N THR B 238 -42.47 24.82 -45.83
CA THR B 238 -42.74 24.09 -47.06
C THR B 238 -43.02 25.08 -48.16
N LEU B 239 -42.05 25.28 -49.04
CA LEU B 239 -42.11 26.25 -50.13
C LEU B 239 -42.23 25.55 -51.48
N PRO B 240 -42.75 26.25 -52.49
CA PRO B 240 -42.76 25.69 -53.84
C PRO B 240 -41.35 25.57 -54.40
N SER B 241 -41.23 24.76 -55.47
CA SER B 241 -39.92 24.57 -56.09
C SER B 241 -39.40 25.84 -56.74
N GLU B 242 -40.30 26.73 -57.17
CA GLU B 242 -39.90 27.94 -57.87
C GLU B 242 -39.05 28.86 -57.01
N VAL B 243 -38.90 28.56 -55.72
CA VAL B 243 -38.01 29.38 -54.90
C VAL B 243 -36.61 29.35 -55.48
N ASN B 244 -36.20 28.22 -56.08
CA ASN B 244 -34.85 28.17 -56.62
C ASN B 244 -34.62 29.20 -57.70
N LEU B 245 -35.68 29.66 -58.38
CA LEU B 245 -35.50 30.66 -59.42
C LEU B 245 -34.83 31.91 -58.88
N CYS B 246 -35.06 32.23 -57.60
CA CYS B 246 -34.48 33.43 -57.01
C CYS B 246 -32.97 33.44 -57.11
N ASN B 247 -32.33 32.28 -57.22
CA ASN B 247 -30.88 32.28 -57.34
C ASN B 247 -30.43 32.68 -58.74
N VAL B 248 -31.12 32.20 -59.77
CA VAL B 248 -30.68 32.48 -61.13
C VAL B 248 -31.31 33.76 -61.68
N ASP B 249 -32.50 34.12 -61.21
CA ASP B 249 -33.20 35.31 -61.69
C ASP B 249 -34.05 35.84 -60.55
N ILE B 250 -33.52 36.84 -59.83
CA ILE B 250 -34.25 37.39 -58.70
C ILE B 250 -35.50 38.15 -59.17
N PHE B 251 -35.53 38.59 -60.43
CA PHE B 251 -36.67 39.32 -60.97
C PHE B 251 -37.63 38.43 -61.74
N ASN B 252 -37.66 37.14 -61.40
CA ASN B 252 -38.58 36.22 -62.05
C ASN B 252 -40.02 36.52 -61.62
N PRO B 253 -40.98 36.34 -62.52
CA PRO B 253 -42.38 36.63 -62.15
C PRO B 253 -43.04 35.51 -61.37
N LYS B 254 -42.55 34.28 -61.49
CA LYS B 254 -43.20 33.13 -60.86
C LYS B 254 -42.98 33.04 -59.36
N TYR B 255 -42.00 33.75 -58.81
CA TYR B 255 -41.77 33.76 -57.37
C TYR B 255 -41.28 35.13 -56.94
N ASP B 256 -41.85 35.65 -55.86
CA ASP B 256 -41.51 36.97 -55.35
C ASP B 256 -40.41 36.82 -54.29
N CYS B 257 -39.16 37.11 -54.68
CA CYS B 257 -38.02 36.86 -53.81
C CYS B 257 -37.98 37.87 -52.68
N LYS B 258 -37.63 37.38 -51.49
CA LYS B 258 -37.63 38.20 -50.27
C LYS B 258 -36.30 38.93 -50.09
N ILE B 259 -36.39 40.22 -49.76
CA ILE B 259 -35.23 41.06 -49.55
C ILE B 259 -35.42 41.85 -48.24
N MET B 260 -34.42 42.67 -47.95
CA MET B 260 -34.41 43.53 -46.76
C MET B 260 -33.64 44.79 -47.13
N THR B 261 -34.29 45.94 -47.07
CA THR B 261 -33.65 47.18 -47.45
C THR B 261 -33.24 47.98 -46.23
N SER B 262 -32.26 48.86 -46.40
CA SER B 262 -31.79 49.72 -45.31
C SER B 262 -30.90 50.80 -45.91
N LYS B 263 -30.28 51.59 -45.03
CA LYS B 263 -29.25 52.55 -45.40
C LYS B 263 -27.97 52.35 -44.61
N THR B 264 -27.87 51.27 -43.83
CA THR B 264 -26.73 51.03 -42.95
C THR B 264 -25.64 50.31 -43.74
N ASP B 265 -24.72 51.09 -44.30
CA ASP B 265 -23.61 50.54 -45.10
C ASP B 265 -22.42 50.26 -44.17
N VAL B 266 -22.46 49.09 -43.55
CA VAL B 266 -21.35 48.59 -42.74
C VAL B 266 -20.71 47.41 -43.47
N SER B 267 -19.42 47.21 -43.23
CA SER B 267 -18.67 46.15 -43.90
C SER B 267 -18.76 44.85 -43.10
N SER B 268 -18.86 43.74 -43.82
CA SER B 268 -18.97 42.43 -43.18
C SER B 268 -18.51 41.36 -44.17
N SER B 269 -18.47 40.12 -43.69
CA SER B 269 -18.09 39.00 -44.54
C SER B 269 -18.85 37.76 -44.11
N VAL B 270 -19.20 36.93 -45.09
CA VAL B 270 -19.94 35.69 -44.87
C VAL B 270 -19.09 34.55 -45.43
N ILE B 271 -18.59 33.70 -44.53
CA ILE B 271 -17.80 32.55 -44.93
C ILE B 271 -18.73 31.47 -45.46
N THR B 272 -18.52 31.05 -46.70
CA THR B 272 -19.34 30.06 -47.37
C THR B 272 -18.69 28.68 -47.24
N SER B 273 -19.24 27.70 -47.97
CA SER B 273 -18.72 26.34 -47.90
C SER B 273 -17.39 26.21 -48.63
N LEU B 274 -17.23 26.94 -49.74
CA LEU B 274 -16.04 26.86 -50.56
C LEU B 274 -15.37 28.21 -50.76
N GLY B 275 -15.74 29.23 -49.98
CA GLY B 275 -15.12 30.52 -50.16
C GLY B 275 -15.51 31.55 -49.13
N ALA B 276 -15.64 32.80 -49.56
CA ALA B 276 -15.97 33.90 -48.67
C ALA B 276 -16.55 35.04 -49.49
N ILE B 277 -17.68 35.57 -49.02
CA ILE B 277 -18.28 36.79 -49.56
C ILE B 277 -17.83 37.96 -48.71
N VAL B 278 -17.43 39.05 -49.34
CA VAL B 278 -16.92 40.22 -48.64
C VAL B 278 -17.70 41.45 -49.11
N SER B 279 -18.37 42.12 -48.17
CA SER B 279 -19.08 43.37 -48.43
C SER B 279 -18.26 44.48 -47.78
N CYS B 280 -17.45 45.17 -48.60
CA CYS B 280 -16.51 46.18 -48.13
C CYS B 280 -17.05 47.56 -48.49
N TYR B 281 -17.61 48.26 -47.49
CA TYR B 281 -18.16 49.59 -47.70
C TYR B 281 -17.46 50.61 -46.83
N GLY B 282 -17.48 51.86 -47.28
CA GLY B 282 -16.87 52.94 -46.52
C GLY B 282 -15.35 52.90 -46.59
N LYS B 283 -14.72 53.43 -45.54
CA LYS B 283 -13.27 53.48 -45.45
C LYS B 283 -12.68 52.20 -44.87
N THR B 284 -13.49 51.15 -44.70
CA THR B 284 -13.01 49.89 -44.18
C THR B 284 -12.08 49.21 -45.18
N LYS B 285 -11.04 48.57 -44.66
CA LYS B 285 -10.07 47.84 -45.49
C LYS B 285 -10.35 46.36 -45.40
N CYS B 286 -10.61 45.73 -46.55
CA CYS B 286 -10.90 44.30 -46.62
C CYS B 286 -9.91 43.62 -47.55
N THR B 287 -9.30 42.53 -47.08
CA THR B 287 -8.28 41.80 -47.82
C THR B 287 -8.55 40.30 -47.77
N ALA B 288 -7.87 39.59 -48.65
CA ALA B 288 -7.87 38.13 -48.69
C ALA B 288 -6.42 37.67 -48.85
N SER B 289 -5.98 36.78 -47.95
CA SER B 289 -4.58 36.44 -47.80
C SER B 289 -4.36 34.93 -47.79
N ASN B 290 -3.13 34.56 -48.14
CA ASN B 290 -2.64 33.18 -48.18
C ASN B 290 -1.53 33.02 -47.15
N LYS B 291 -1.49 31.85 -46.52
CA LYS B 291 -0.60 31.62 -45.39
C LYS B 291 0.88 31.67 -45.75
N ASN B 292 1.24 31.57 -47.03
CA ASN B 292 2.64 31.61 -47.40
C ASN B 292 3.11 32.96 -47.92
N ARG B 293 2.42 33.53 -48.91
CA ARG B 293 2.86 34.80 -49.49
C ARG B 293 2.25 36.00 -48.77
N GLY B 294 1.05 35.86 -48.23
CA GLY B 294 0.40 36.97 -47.57
C GLY B 294 -0.81 37.52 -48.31
N ILE B 295 -1.03 38.83 -48.24
CA ILE B 295 -2.20 39.42 -48.89
C ILE B 295 -2.13 39.18 -50.39
N ILE B 296 -3.19 38.60 -50.94
CA ILE B 296 -3.29 38.39 -52.37
C ILE B 296 -4.44 39.16 -53.01
N LYS B 297 -5.31 39.78 -52.23
CA LYS B 297 -6.31 40.66 -52.82
C LYS B 297 -6.74 41.72 -51.83
N THR B 298 -6.82 42.97 -52.28
CA THR B 298 -7.38 44.06 -51.49
C THR B 298 -8.69 44.47 -52.16
N PHE B 299 -9.80 44.18 -51.48
CA PHE B 299 -11.12 44.36 -52.07
C PHE B 299 -11.45 45.83 -52.30
N SER B 300 -12.02 46.13 -53.46
CA SER B 300 -12.60 47.44 -53.70
C SER B 300 -13.94 47.54 -52.98
N ASN B 301 -14.46 48.76 -52.90
CA ASN B 301 -15.74 48.99 -52.24
C ASN B 301 -16.86 48.30 -53.03
N GLY B 302 -17.61 47.43 -52.36
CA GLY B 302 -18.67 46.67 -52.97
C GLY B 302 -18.72 45.27 -52.40
N CYS B 303 -19.60 44.45 -52.97
CA CYS B 303 -19.73 43.05 -52.60
C CYS B 303 -19.02 42.17 -53.62
N ASP B 304 -18.00 41.43 -53.17
CA ASP B 304 -17.22 40.55 -54.03
C ASP B 304 -17.11 39.18 -53.38
N TYR B 305 -16.47 38.25 -54.10
CA TYR B 305 -16.34 36.86 -53.68
C TYR B 305 -14.91 36.40 -53.89
N VAL B 306 -14.46 35.48 -53.04
CA VAL B 306 -13.14 34.88 -53.16
C VAL B 306 -13.25 33.41 -52.80
N SER B 307 -12.80 32.54 -53.70
CA SER B 307 -12.85 31.11 -53.47
C SER B 307 -11.73 30.69 -52.51
N ASN B 308 -11.94 29.56 -51.84
CA ASN B 308 -10.93 29.05 -50.92
C ASN B 308 -9.78 28.35 -51.63
N LYS B 309 -9.76 28.34 -52.96
CA LYS B 309 -8.70 27.70 -53.72
C LYS B 309 -7.43 28.53 -53.64
N GLY B 310 -6.60 28.30 -52.63
CA GLY B 310 -5.37 29.04 -52.47
C GLY B 310 -5.43 30.18 -51.49
N VAL B 311 -6.60 30.46 -50.92
CA VAL B 311 -6.79 31.49 -49.92
C VAL B 311 -7.04 30.82 -48.58
N ASP B 312 -6.42 31.33 -47.54
CA ASP B 312 -6.57 30.77 -46.21
C ASP B 312 -7.32 31.69 -45.25
N THR B 313 -7.14 33.00 -45.36
CA THR B 313 -7.84 33.92 -44.48
C THR B 313 -8.44 35.07 -45.27
N VAL B 314 -9.46 35.67 -44.69
CA VAL B 314 -10.12 36.86 -45.24
C VAL B 314 -10.33 37.81 -44.08
N SER B 315 -9.85 39.04 -44.21
CA SER B 315 -9.92 40.01 -43.12
C SER B 315 -10.75 41.21 -43.54
N VAL B 316 -11.76 41.53 -42.72
CA VAL B 316 -12.61 42.70 -42.92
C VAL B 316 -12.50 43.56 -41.68
N GLY B 317 -11.94 44.75 -41.84
CA GLY B 317 -11.75 45.64 -40.71
C GLY B 317 -10.80 45.03 -39.70
N ASN B 318 -11.27 44.94 -38.46
CA ASN B 318 -10.49 44.31 -37.39
C ASN B 318 -10.84 42.83 -37.21
N THR B 319 -11.67 42.27 -38.08
CA THR B 319 -12.09 40.88 -37.94
C THR B 319 -11.36 40.00 -38.94
N LEU B 320 -10.81 38.90 -38.45
CA LEU B 320 -10.08 37.93 -39.26
C LEU B 320 -10.87 36.64 -39.31
N TYR B 321 -11.27 36.22 -40.51
CA TYR B 321 -12.00 34.98 -40.72
C TYR B 321 -11.09 33.95 -41.37
N TYR B 322 -11.19 32.72 -40.91
CA TYR B 322 -10.56 31.59 -41.57
C TYR B 322 -11.60 30.94 -42.48
N VAL B 323 -11.28 30.81 -43.76
CA VAL B 323 -12.22 30.20 -44.70
C VAL B 323 -12.13 28.69 -44.58
N ASN B 324 -13.24 28.02 -44.91
CA ASN B 324 -13.25 26.57 -44.86
C ASN B 324 -12.42 26.01 -46.01
N LYS B 325 -11.54 25.07 -45.68
CA LYS B 325 -10.66 24.46 -46.69
C LYS B 325 -11.26 23.20 -47.27
N GLN B 326 -12.55 23.23 -47.59
CA GLN B 326 -13.21 22.12 -48.24
C GLN B 326 -12.92 22.11 -49.73
N GLU B 327 -12.81 20.91 -50.29
CA GLU B 327 -12.46 20.74 -51.70
C GLU B 327 -13.71 20.80 -52.56
N GLY B 328 -13.68 21.67 -53.57
CA GLY B 328 -14.80 21.81 -54.47
C GLY B 328 -14.54 22.93 -55.46
N LYS B 329 -15.37 22.97 -56.50
CA LYS B 329 -15.26 23.96 -57.56
C LYS B 329 -16.16 25.15 -57.28
N SER B 330 -15.60 26.35 -57.35
CA SER B 330 -16.34 27.59 -57.17
C SER B 330 -16.43 28.33 -58.49
N LEU B 331 -17.64 28.75 -58.85
CA LEU B 331 -17.90 29.42 -60.12
C LEU B 331 -18.39 30.84 -59.85
N TYR B 332 -17.79 31.81 -60.53
CA TYR B 332 -18.13 33.21 -60.35
C TYR B 332 -19.07 33.63 -61.47
N VAL B 333 -20.30 33.98 -61.12
CA VAL B 333 -21.31 34.39 -62.08
C VAL B 333 -21.37 35.91 -62.09
N LYS B 334 -20.93 36.52 -63.20
CA LYS B 334 -20.96 37.97 -63.31
C LYS B 334 -22.39 38.50 -63.24
N GLY B 335 -22.50 39.81 -63.09
CA GLY B 335 -23.80 40.44 -63.06
C GLY B 335 -23.78 41.83 -62.47
N GLU B 336 -24.65 42.70 -62.99
CA GLU B 336 -24.77 44.04 -62.45
C GLU B 336 -25.44 43.98 -61.08
N PRO B 337 -24.83 44.56 -60.04
CA PRO B 337 -25.51 44.62 -58.75
C PRO B 337 -26.84 45.34 -58.87
N ILE B 338 -27.91 44.65 -58.48
CA ILE B 338 -29.27 45.14 -58.74
C ILE B 338 -29.55 46.44 -58.00
N ILE B 339 -28.76 46.77 -56.98
CA ILE B 339 -28.97 48.02 -56.26
C ILE B 339 -28.75 49.22 -57.16
N ASN B 340 -27.98 49.06 -58.25
CA ASN B 340 -27.82 50.14 -59.21
C ASN B 340 -29.04 50.36 -60.08
N PHE B 341 -29.96 49.40 -60.12
CA PHE B 341 -31.19 49.56 -60.88
C PHE B 341 -32.21 50.45 -60.19
N TYR B 342 -31.92 50.91 -58.97
CA TYR B 342 -32.88 51.63 -58.15
C TYR B 342 -32.51 53.09 -58.02
N ASP B 343 -33.53 53.95 -57.89
CA ASP B 343 -33.32 55.36 -57.61
C ASP B 343 -33.30 55.57 -56.09
N PRO B 344 -32.24 56.15 -55.53
CA PRO B 344 -32.15 56.28 -54.06
C PRO B 344 -33.14 57.28 -53.47
N LEU B 345 -33.85 58.05 -54.30
CA LEU B 345 -34.77 59.05 -53.78
C LEU B 345 -36.13 58.47 -53.41
N VAL B 346 -36.46 57.28 -53.90
CA VAL B 346 -37.75 56.66 -53.64
C VAL B 346 -37.53 55.25 -53.09
N PHE B 347 -36.33 54.99 -52.59
CA PHE B 347 -36.00 53.66 -52.11
C PHE B 347 -36.48 53.50 -50.67
N PRO B 348 -37.37 52.53 -50.39
CA PRO B 348 -37.81 52.32 -49.00
C PRO B 348 -36.67 51.81 -48.14
N SER B 349 -36.22 52.60 -47.18
CA SER B 349 -35.05 52.23 -46.38
C SER B 349 -35.43 51.49 -45.11
N ASP B 350 -36.72 51.40 -44.79
CA ASP B 350 -37.20 50.66 -43.63
C ASP B 350 -38.04 49.51 -44.15
N GLU B 351 -37.39 48.40 -44.48
CA GLU B 351 -38.07 47.20 -44.95
C GLU B 351 -37.31 45.98 -44.44
N PHE B 352 -38.01 45.14 -43.68
CA PHE B 352 -37.46 43.89 -43.17
C PHE B 352 -38.10 42.74 -43.92
N ASP B 353 -39.30 42.33 -43.49
CA ASP B 353 -40.09 41.33 -44.19
C ASP B 353 -40.53 41.82 -45.56
N ALA B 354 -39.60 42.01 -46.48
CA ALA B 354 -39.92 42.61 -47.77
C ALA B 354 -39.76 41.56 -48.88
N SER B 355 -40.01 42.01 -50.11
CA SER B 355 -39.84 41.18 -51.29
C SER B 355 -39.55 42.10 -52.48
N ILE B 356 -39.21 41.49 -53.61
CA ILE B 356 -38.83 42.29 -54.78
C ILE B 356 -40.03 43.10 -55.28
N SER B 357 -41.20 42.47 -55.36
CA SER B 357 -42.39 43.15 -55.85
C SER B 357 -42.98 44.09 -54.82
N GLN B 358 -42.83 43.77 -53.54
CA GLN B 358 -43.35 44.65 -52.49
C GLN B 358 -42.60 45.97 -52.50
N VAL B 359 -41.29 45.94 -52.72
CA VAL B 359 -40.52 47.16 -52.81
C VAL B 359 -40.84 47.90 -54.11
N ASN B 360 -41.00 47.17 -55.22
CA ASN B 360 -41.34 47.87 -56.46
C ASN B 360 -42.72 48.53 -56.38
N GLU B 361 -43.65 47.96 -55.64
CA GLU B 361 -44.96 48.60 -55.51
C GLU B 361 -44.89 49.78 -54.56
N LYS B 362 -44.07 49.69 -53.49
CA LYS B 362 -43.85 50.86 -52.65
C LYS B 362 -43.17 51.98 -53.42
N ILE B 363 -42.41 51.65 -54.46
CA ILE B 363 -41.84 52.67 -55.34
C ILE B 363 -42.91 53.26 -56.26
N ASN B 364 -43.82 52.41 -56.77
CA ASN B 364 -44.90 52.91 -57.62
C ASN B 364 -45.73 53.98 -56.90
N GLN B 365 -45.93 53.81 -55.59
CA GLN B 365 -46.71 54.78 -54.82
C GLN B 365 -45.95 56.09 -54.67
N SER B 366 -44.66 56.03 -54.33
CA SER B 366 -43.87 57.25 -54.19
C SER B 366 -43.79 57.99 -55.51
N LEU B 367 -43.65 57.26 -56.62
CA LEU B 367 -43.69 57.89 -57.92
C LEU B 367 -45.02 58.60 -58.14
N ALA B 368 -46.11 58.03 -57.64
CA ALA B 368 -47.39 58.72 -57.67
C ALA B 368 -47.37 59.95 -56.76
N PHE B 369 -46.83 59.80 -55.54
CA PHE B 369 -46.86 60.88 -54.56
C PHE B 369 -46.07 62.11 -55.00
N ILE B 370 -44.93 61.92 -55.66
CA ILE B 370 -44.09 63.03 -56.08
C ILE B 370 -44.44 63.55 -57.46
N ARG B 371 -44.58 62.66 -58.45
CA ARG B 371 -44.87 63.11 -59.81
C ARG B 371 -46.27 63.70 -59.95
N LYS B 372 -47.22 63.26 -59.14
CA LYS B 372 -48.56 63.82 -59.19
C LYS B 372 -48.82 64.90 -58.14
N SER B 373 -48.87 64.47 -56.87
CA SER B 373 -49.33 65.34 -55.77
C SER B 373 -48.35 66.46 -55.44
N ASP B 374 -47.05 66.19 -55.39
CA ASP B 374 -46.11 67.25 -55.02
C ASP B 374 -45.99 68.29 -56.13
N GLU B 375 -46.18 67.89 -57.38
CA GLU B 375 -46.12 68.83 -58.49
C GLU B 375 -47.26 69.82 -58.45
N LEU B 376 -48.12 69.74 -57.42
CA LEU B 376 -49.15 70.75 -57.23
C LEU B 376 -48.52 72.09 -56.89
N LEU B 377 -47.24 72.08 -56.50
CA LEU B 377 -46.55 73.34 -56.27
C LEU B 377 -46.50 74.15 -57.56
N SER B 378 -46.49 73.46 -58.72
CA SER B 378 -46.47 74.17 -59.99
C SER B 378 -47.73 75.00 -60.19
N ALA B 379 -48.82 74.60 -59.54
CA ALA B 379 -50.08 75.33 -59.61
C ALA B 379 -50.20 76.41 -58.54
N ILE B 380 -49.09 76.87 -57.96
CA ILE B 380 -49.18 77.92 -56.95
C ILE B 380 -49.09 79.28 -57.63
N GLY B 381 -47.97 79.54 -58.31
CA GLY B 381 -47.79 80.78 -59.02
C GLY B 381 -48.41 80.82 -60.40
N GLY B 382 -48.81 79.68 -60.94
CA GLY B 382 -49.39 79.59 -62.26
C GLY B 382 -50.84 80.02 -62.36
N TYR B 383 -51.42 80.58 -61.31
CA TYR B 383 -52.81 81.02 -61.33
C TYR B 383 -52.89 82.47 -60.90
N ILE B 384 -54.07 83.05 -61.09
CA ILE B 384 -54.24 84.51 -61.15
C ILE B 384 -54.94 85.05 -59.91
N PRO B 385 -54.61 86.26 -59.47
CA PRO B 385 -55.36 86.90 -58.38
C PRO B 385 -56.48 87.78 -58.91
N GLU B 386 -57.34 88.19 -57.98
CA GLU B 386 -58.51 89.00 -58.34
C GLU B 386 -58.08 90.39 -58.81
N ALA B 387 -58.72 90.86 -59.88
CA ALA B 387 -58.48 92.21 -60.37
C ALA B 387 -59.04 93.23 -59.38
N PRO B 388 -58.54 94.47 -59.42
CA PRO B 388 -59.05 95.50 -58.50
C PRO B 388 -60.55 95.70 -58.67
N ARG B 389 -61.28 95.65 -57.55
CA ARG B 389 -62.72 95.89 -57.52
C ARG B 389 -62.98 97.40 -57.57
N ASP B 390 -62.67 97.97 -58.73
CA ASP B 390 -62.79 99.41 -58.98
C ASP B 390 -63.95 99.67 -59.93
N GLY B 391 -63.92 100.84 -60.58
CA GLY B 391 -64.99 101.25 -61.46
C GLY B 391 -65.08 100.45 -62.75
N GLN B 392 -64.04 100.51 -63.57
CA GLN B 392 -64.06 99.88 -64.89
C GLN B 392 -63.34 98.54 -64.86
N ALA B 393 -63.18 97.95 -66.03
CA ALA B 393 -62.72 96.58 -66.19
C ALA B 393 -61.22 96.53 -66.45
N TYR B 394 -60.63 95.38 -66.12
CA TYR B 394 -59.20 95.14 -66.25
C TYR B 394 -58.93 93.95 -67.17
N VAL B 395 -57.83 94.03 -67.90
CA VAL B 395 -57.35 92.93 -68.74
C VAL B 395 -56.01 92.47 -68.19
N ARG B 396 -55.66 91.21 -68.47
CA ARG B 396 -54.44 90.63 -67.93
C ARG B 396 -53.29 90.86 -68.92
N LYS B 397 -52.38 91.76 -68.58
CA LYS B 397 -51.19 91.98 -69.40
C LYS B 397 -49.95 91.85 -68.53
N ASP B 398 -48.89 91.28 -69.11
CA ASP B 398 -47.66 90.96 -68.41
C ASP B 398 -48.06 90.10 -67.21
N GLY B 399 -47.64 90.44 -65.99
CA GLY B 399 -48.09 89.72 -64.81
C GLY B 399 -48.99 90.56 -63.92
N GLU B 400 -49.75 91.48 -64.52
CA GLU B 400 -50.63 92.36 -63.77
C GLU B 400 -51.91 92.60 -64.54
N TRP B 401 -52.85 93.30 -63.90
CA TRP B 401 -54.14 93.70 -64.48
C TRP B 401 -54.06 95.16 -64.89
N VAL B 402 -54.03 95.42 -66.20
CA VAL B 402 -53.66 96.76 -66.69
C VAL B 402 -54.79 97.47 -67.43
N LEU B 403 -56.03 97.30 -66.96
CA LEU B 403 -57.12 98.19 -67.36
C LEU B 403 -57.39 98.18 -68.87
N LEU B 404 -57.90 99.31 -69.39
CA LEU B 404 -58.35 99.43 -70.77
C LEU B 404 -57.86 100.70 -71.46
N SER B 405 -56.71 101.24 -71.03
CA SER B 405 -56.04 102.27 -71.86
C SER B 405 -55.74 101.72 -73.25
N THR B 406 -55.03 100.57 -73.30
CA THR B 406 -54.74 99.81 -74.51
C THR B 406 -55.86 99.84 -75.54
N PHE B 407 -57.11 99.88 -75.06
CA PHE B 407 -58.26 100.13 -75.92
C PHE B 407 -58.13 101.50 -76.60
N PCA C 1 -10.50 48.82 -12.31
CA PCA C 1 -10.45 49.29 -10.93
CB PCA C 1 -9.04 49.25 -10.38
CG PCA C 1 -8.12 49.09 -11.57
CD PCA C 1 -9.09 48.72 -12.67
OE PCA C 1 -8.69 48.35 -13.79
C PCA C 1 -11.00 50.70 -10.86
O PCA C 1 -12.10 50.93 -10.31
N ASN C 2 -10.26 51.64 -11.41
CA ASN C 2 -10.66 53.05 -11.41
C ASN C 2 -11.64 53.26 -12.57
N ILE C 3 -12.87 52.78 -12.32
CA ILE C 3 -13.97 52.72 -13.29
C ILE C 3 -14.94 53.88 -13.10
N THR C 4 -15.45 54.40 -14.22
CA THR C 4 -16.39 55.51 -14.25
C THR C 4 -17.68 55.06 -14.94
N GLU C 5 -18.71 55.91 -14.86
CA GLU C 5 -19.96 55.71 -15.56
C GLU C 5 -20.67 57.05 -15.65
N GLU C 6 -21.31 57.30 -16.79
CA GLU C 6 -22.05 58.52 -17.03
C GLU C 6 -23.44 58.18 -17.55
N PHE C 7 -24.42 58.99 -17.16
CA PHE C 7 -25.78 58.86 -17.65
C PHE C 7 -26.17 60.12 -18.42
N TYR C 8 -26.64 59.93 -19.64
CA TYR C 8 -27.08 61.02 -20.49
C TYR C 8 -28.61 60.99 -20.50
N GLN C 9 -29.20 61.99 -19.85
CA GLN C 9 -30.65 62.13 -19.74
C GLN C 9 -31.29 62.51 -21.07
N SER C 10 -30.54 63.21 -21.93
CA SER C 10 -31.12 63.68 -23.20
C SER C 10 -31.49 62.52 -24.11
N THR C 11 -30.69 61.45 -24.11
CA THR C 11 -30.93 60.29 -24.95
C THR C 11 -31.30 59.05 -24.15
N CYS C 12 -31.39 59.15 -22.83
CA CYS C 12 -31.70 58.02 -21.96
C CYS C 12 -30.71 56.87 -22.18
N SER C 13 -29.44 57.16 -21.89
CA SER C 13 -28.41 56.15 -22.11
C SER C 13 -27.33 56.28 -21.04
N ALA C 14 -26.45 55.27 -20.98
CA ALA C 14 -25.40 55.24 -19.98
C ALA C 14 -24.15 54.61 -20.57
N VAL C 15 -23.00 55.21 -20.28
CA VAL C 15 -21.70 54.75 -20.76
C VAL C 15 -20.82 54.39 -19.57
N SER C 16 -20.28 53.18 -19.56
CA SER C 16 -19.41 52.70 -18.50
C SER C 16 -17.98 52.65 -19.02
N LYS C 17 -17.24 53.72 -18.82
CA LYS C 17 -15.85 53.81 -19.25
C LYS C 17 -14.91 53.34 -18.14
N GLY C 18 -13.69 53.00 -18.54
CA GLY C 18 -12.65 52.60 -17.63
C GLY C 18 -12.24 51.14 -17.67
N TYR C 19 -12.58 50.42 -18.72
CA TYR C 19 -12.27 49.00 -18.85
C TYR C 19 -11.08 48.80 -19.79
N LEU C 20 -10.44 47.64 -19.67
CA LEU C 20 -9.32 47.28 -20.51
C LEU C 20 -9.72 46.19 -21.49
N SER C 21 -9.11 46.24 -22.67
CA SER C 21 -9.50 45.33 -23.75
C SER C 21 -8.78 44.00 -23.61
N ALA C 22 -9.39 42.98 -24.21
CA ALA C 22 -8.79 41.67 -24.36
C ALA C 22 -9.46 40.95 -25.52
N LEU C 23 -9.36 41.53 -26.71
CA LEU C 23 -10.09 41.02 -27.87
C LEU C 23 -9.38 39.80 -28.44
N ARG C 24 -10.16 38.78 -28.82
CA ARG C 24 -9.63 37.62 -29.52
C ARG C 24 -9.64 37.92 -31.02
N THR C 25 -8.45 38.12 -31.59
CA THR C 25 -8.31 38.43 -33.01
C THR C 25 -8.02 37.21 -33.87
N GLY C 26 -7.26 36.24 -33.37
CA GLY C 26 -6.91 35.07 -34.15
C GLY C 26 -6.93 33.80 -33.31
N TRP C 27 -6.62 32.69 -33.97
CA TRP C 27 -6.60 31.38 -33.35
C TRP C 27 -5.18 30.81 -33.35
N TYR C 28 -4.96 29.82 -32.50
CA TYR C 28 -3.73 29.06 -32.51
C TYR C 28 -4.07 27.61 -32.25
N THR C 29 -3.60 26.72 -33.13
CA THR C 29 -3.95 25.31 -33.09
C THR C 29 -2.77 24.49 -32.59
N SER C 30 -3.06 23.53 -31.71
CA SER C 30 -2.07 22.60 -31.20
C SER C 30 -2.67 21.20 -31.20
N VAL C 31 -1.82 20.20 -31.46
CA VAL C 31 -2.25 18.81 -31.56
C VAL C 31 -1.88 18.10 -30.26
N ILE C 32 -2.88 17.51 -29.61
CA ILE C 32 -2.69 16.76 -28.37
C ILE C 32 -2.79 15.28 -28.72
N THR C 33 -1.86 14.48 -28.21
CA THR C 33 -1.78 13.06 -28.54
C THR C 33 -1.95 12.20 -27.30
N ILE C 34 -2.53 11.02 -27.50
CA ILE C 34 -2.69 10.01 -26.47
C ILE C 34 -2.30 8.67 -27.07
N GLU C 35 -1.14 8.14 -26.66
CA GLU C 35 -0.62 6.92 -27.24
C GLU C 35 -1.39 5.72 -26.72
N LEU C 36 -1.88 4.88 -27.65
CA LEU C 36 -2.67 3.71 -27.32
C LEU C 36 -1.87 2.43 -27.58
N SER C 37 -2.42 1.31 -27.12
CA SER C 37 -1.77 0.00 -27.23
C SER C 37 -2.66 -0.97 -27.99
N ASN C 38 -2.04 -1.73 -28.89
CA ASN C 38 -2.74 -2.72 -29.69
C ASN C 38 -2.91 -4.00 -28.89
N ILE C 39 -4.08 -4.16 -28.27
CA ILE C 39 -4.42 -5.34 -27.48
C ILE C 39 -5.45 -6.12 -28.27
N LYS C 40 -5.13 -7.38 -28.58
CA LYS C 40 -6.02 -8.19 -29.41
C LYS C 40 -7.20 -8.70 -28.60
N GLU C 41 -6.93 -9.45 -27.54
CA GLU C 41 -7.98 -9.95 -26.67
C GLU C 41 -7.34 -10.38 -25.35
N ASN C 42 -8.11 -10.22 -24.26
CA ASN C 42 -7.67 -10.70 -22.96
C ASN C 42 -7.49 -12.21 -23.02
N LYS C 43 -6.31 -12.66 -23.43
CA LYS C 43 -6.04 -14.08 -23.63
C LYS C 43 -5.83 -14.79 -22.29
N CYS C 44 -6.88 -14.76 -21.47
CA CYS C 44 -6.89 -15.42 -20.17
C CYS C 44 -8.28 -15.98 -19.92
N ASN C 45 -8.33 -17.18 -19.34
CA ASN C 45 -9.57 -17.91 -19.17
C ASN C 45 -10.02 -17.98 -17.71
N GLY C 46 -9.34 -17.27 -16.80
CA GLY C 46 -9.65 -17.37 -15.39
C GLY C 46 -10.93 -16.64 -15.00
N THR C 47 -11.44 -17.00 -13.82
CA THR C 47 -12.67 -16.42 -13.29
C THR C 47 -12.54 -16.14 -11.80
N ASP C 48 -11.38 -15.63 -11.37
CA ASP C 48 -11.24 -15.13 -10.01
C ASP C 48 -11.74 -13.69 -9.95
N ALA C 49 -11.67 -13.09 -8.75
CA ALA C 49 -12.27 -11.77 -8.55
C ALA C 49 -11.46 -10.66 -9.21
N LYS C 50 -10.13 -10.68 -9.04
CA LYS C 50 -9.35 -9.53 -9.50
C LYS C 50 -9.24 -9.53 -11.02
N VAL C 51 -9.14 -10.71 -11.63
CA VAL C 51 -9.14 -10.80 -13.08
C VAL C 51 -10.51 -10.41 -13.62
N LYS C 52 -11.57 -10.74 -12.88
CA LYS C 52 -12.91 -10.36 -13.29
C LYS C 52 -13.04 -8.85 -13.37
N LEU C 53 -12.42 -8.13 -12.43
CA LEU C 53 -12.45 -6.67 -12.47
C LEU C 53 -11.54 -6.10 -13.57
N ILE C 54 -10.32 -6.62 -13.69
CA ILE C 54 -9.37 -6.05 -14.64
C ILE C 54 -9.80 -6.31 -16.09
N LYS C 55 -10.49 -7.42 -16.36
CA LYS C 55 -10.93 -7.71 -17.72
C LYS C 55 -12.01 -6.73 -18.16
N GLN C 56 -12.97 -6.44 -17.29
CA GLN C 56 -14.02 -5.49 -17.64
C GLN C 56 -13.48 -4.06 -17.72
N GLU C 57 -12.40 -3.74 -16.99
CA GLU C 57 -11.79 -2.44 -17.21
C GLU C 57 -11.11 -2.35 -18.58
N LEU C 58 -10.41 -3.42 -18.98
CA LEU C 58 -9.87 -3.46 -20.34
C LEU C 58 -10.96 -3.39 -21.40
N ASP C 59 -12.12 -4.00 -21.12
CA ASP C 59 -13.25 -3.89 -22.04
C ASP C 59 -13.75 -2.45 -22.16
N LYS C 60 -13.78 -1.72 -21.04
CA LYS C 60 -14.11 -0.31 -21.12
C LYS C 60 -13.13 0.43 -22.02
N TYR C 61 -11.83 0.13 -21.89
CA TYR C 61 -10.83 0.77 -22.74
C TYR C 61 -11.09 0.49 -24.22
N LYS C 62 -11.34 -0.79 -24.54
CA LYS C 62 -11.52 -1.18 -25.93
C LYS C 62 -12.81 -0.60 -26.52
N ASN C 63 -13.89 -0.55 -25.75
CA ASN C 63 -15.11 0.06 -26.27
C ASN C 63 -14.94 1.56 -26.44
N ALA C 64 -14.14 2.21 -25.59
CA ALA C 64 -13.88 3.63 -25.76
C ALA C 64 -13.13 3.89 -27.06
N VAL C 65 -12.09 3.09 -27.33
CA VAL C 65 -11.35 3.32 -28.57
C VAL C 65 -12.20 2.97 -29.80
N THR C 66 -13.11 1.99 -29.67
CA THR C 66 -14.00 1.69 -30.79
C THR C 66 -14.95 2.85 -31.07
N GLU C 67 -15.50 3.46 -30.01
CA GLU C 67 -16.37 4.62 -30.22
C GLU C 67 -15.60 5.79 -30.82
N LEU C 68 -14.36 6.01 -30.38
CA LEU C 68 -13.56 7.07 -30.97
C LEU C 68 -13.25 6.81 -32.44
N GLN C 69 -13.04 5.54 -32.80
CA GLN C 69 -12.83 5.19 -34.21
C GLN C 69 -14.10 5.41 -35.02
N LEU C 70 -15.26 5.13 -34.43
CA LEU C 70 -16.52 5.37 -35.14
C LEU C 70 -16.77 6.87 -35.30
N LEU C 71 -16.39 7.67 -34.29
CA LEU C 71 -16.59 9.11 -34.40
C LEU C 71 -15.66 9.70 -35.45
N MET C 72 -14.39 9.25 -35.47
CA MET C 72 -13.47 9.72 -36.49
C MET C 72 -13.95 9.34 -37.88
N GLN C 73 -14.60 8.19 -38.02
CA GLN C 73 -15.07 7.68 -39.29
C GLN C 73 -16.23 8.54 -39.81
N PRO C 76 -13.97 16.98 -39.81
CA PRO C 76 -15.27 17.31 -39.20
C PRO C 76 -15.63 18.78 -39.35
N ALA C 77 -16.86 19.14 -39.01
CA ALA C 77 -17.31 20.54 -39.07
C ALA C 77 -18.64 20.66 -38.34
N THR C 78 -18.88 21.83 -37.77
CA THR C 78 -20.15 22.12 -37.10
C THR C 78 -20.70 23.48 -37.57
N PHE D 1 -29.23 43.74 -30.36
CA PHE D 1 -30.14 44.60 -31.09
C PHE D 1 -29.71 44.71 -32.56
N LEU D 2 -28.49 45.20 -32.78
CA LEU D 2 -27.93 45.30 -34.12
C LEU D 2 -27.15 44.05 -34.51
N GLY D 3 -27.44 42.91 -33.89
CA GLY D 3 -26.70 41.69 -34.17
C GLY D 3 -26.88 41.16 -35.58
N PHE D 4 -27.96 41.55 -36.24
CA PHE D 4 -28.18 41.15 -37.62
C PHE D 4 -27.19 41.84 -38.56
N LEU D 5 -26.60 42.96 -38.15
CA LEU D 5 -25.63 43.65 -38.99
C LEU D 5 -24.29 42.92 -39.06
N LEU D 6 -24.11 41.85 -38.27
CA LEU D 6 -22.86 41.11 -38.23
C LEU D 6 -22.74 40.13 -39.39
N GLY D 7 -21.50 39.69 -39.62
CA GLY D 7 -21.22 38.67 -40.62
C GLY D 7 -21.37 37.26 -40.08
N VAL D 8 -21.05 36.30 -40.94
CA VAL D 8 -21.14 34.88 -40.62
C VAL D 8 -19.76 34.26 -40.80
N GLY D 9 -19.27 33.60 -39.75
CA GLY D 9 -17.94 33.01 -39.80
C GLY D 9 -17.96 31.56 -39.36
N SER D 10 -16.88 30.87 -39.74
CA SER D 10 -16.64 29.49 -39.34
C SER D 10 -15.63 29.47 -38.20
N ALA D 11 -16.04 28.94 -37.05
CA ALA D 11 -15.20 29.04 -35.86
C ALA D 11 -14.00 28.10 -35.93
N ILE D 12 -14.25 26.82 -36.21
CA ILE D 12 -13.21 25.79 -36.13
C ILE D 12 -12.52 25.60 -37.46
N ALA D 13 -12.68 26.55 -38.39
CA ALA D 13 -12.11 26.38 -39.72
C ALA D 13 -10.60 26.16 -39.68
N SER D 14 -9.90 26.91 -38.81
CA SER D 14 -8.45 26.73 -38.69
C SER D 14 -8.11 25.36 -38.12
N GLY D 15 -8.76 24.99 -37.01
CA GLY D 15 -8.50 23.71 -36.41
C GLY D 15 -8.85 22.56 -37.34
N VAL D 16 -9.96 22.70 -38.08
CA VAL D 16 -10.35 21.68 -39.03
C VAL D 16 -9.33 21.59 -40.17
N ALA D 17 -8.77 22.72 -40.60
CA ALA D 17 -7.71 22.69 -41.61
C ALA D 17 -6.51 21.88 -41.12
N VAL D 18 -6.06 22.16 -39.90
CA VAL D 18 -4.94 21.41 -39.34
C VAL D 18 -5.32 19.94 -39.18
N CYS D 19 -6.59 19.68 -38.84
CA CYS D 19 -7.06 18.31 -38.69
C CYS D 19 -6.98 17.56 -40.01
N LYS D 20 -7.46 18.18 -41.09
CA LYS D 20 -7.36 17.54 -42.40
C LYS D 20 -5.92 17.38 -42.83
N VAL D 21 -5.01 18.22 -42.33
CA VAL D 21 -3.61 17.96 -42.62
C VAL D 21 -3.15 16.70 -41.91
N LEU D 22 -3.66 16.43 -40.71
CA LEU D 22 -3.24 15.23 -40.01
C LEU D 22 -3.72 13.93 -40.65
N HIS D 23 -4.76 13.99 -41.50
CA HIS D 23 -5.22 12.78 -42.18
C HIS D 23 -4.24 12.27 -43.22
N LEU D 24 -3.31 13.11 -43.67
CA LEU D 24 -2.39 12.72 -44.72
C LEU D 24 -1.42 11.64 -44.22
N GLU D 25 -0.89 10.88 -45.17
CA GLU D 25 0.00 9.77 -44.85
C GLU D 25 1.33 10.28 -44.31
N GLY D 26 1.87 9.57 -43.31
CA GLY D 26 3.14 9.91 -42.71
C GLY D 26 3.13 11.03 -41.70
N GLU D 27 2.14 11.93 -41.75
CA GLU D 27 2.09 13.04 -40.81
C GLU D 27 2.01 12.54 -39.37
N VAL D 28 1.24 11.47 -39.16
CA VAL D 28 1.10 10.89 -37.83
C VAL D 28 2.40 10.27 -37.39
N ASN D 29 3.18 9.72 -38.31
CA ASN D 29 4.48 9.15 -37.93
C ASN D 29 5.46 10.26 -37.57
N LYS D 30 5.41 11.41 -38.25
CA LYS D 30 6.26 12.52 -37.84
C LYS D 30 5.92 12.96 -36.41
N ILE D 31 4.63 13.03 -36.09
CA ILE D 31 4.25 13.42 -34.73
C ILE D 31 4.68 12.35 -33.73
N LYS D 32 4.45 11.08 -34.06
CA LYS D 32 4.80 9.99 -33.15
C LYS D 32 6.29 9.92 -32.88
N SER D 33 7.11 10.20 -33.90
CA SER D 33 8.56 10.16 -33.73
C SER D 33 9.10 11.38 -33.00
N ALA D 34 8.44 12.53 -33.12
CA ALA D 34 8.96 13.71 -32.42
C ALA D 34 8.82 13.60 -30.92
N LEU D 35 7.72 13.00 -30.44
CA LEU D 35 7.45 12.88 -29.02
C LEU D 35 7.98 11.57 -28.41
N LEU D 36 8.88 10.86 -29.09
CA LEU D 36 9.40 9.61 -28.55
C LEU D 36 10.26 9.84 -27.31
N SER D 37 10.87 11.01 -27.17
CA SER D 37 11.72 11.31 -26.03
C SER D 37 10.98 12.12 -24.97
N THR D 38 10.57 13.34 -25.31
CA THR D 38 9.86 14.20 -24.39
C THR D 38 8.35 14.07 -24.59
N ASN D 39 7.59 14.75 -23.72
CA ASN D 39 6.15 14.71 -23.80
C ASN D 39 5.54 15.83 -24.64
N LYS D 40 6.30 16.88 -24.92
CA LYS D 40 5.80 17.98 -25.73
C LYS D 40 6.90 18.47 -26.66
N ALA D 41 6.54 18.79 -27.90
CA ALA D 41 7.51 19.26 -28.89
C ALA D 41 6.82 20.13 -29.92
N VAL D 42 7.61 20.78 -30.77
CA VAL D 42 7.10 21.64 -31.83
C VAL D 42 7.33 20.94 -33.16
N VAL D 43 6.26 20.78 -33.95
CA VAL D 43 6.31 20.02 -35.19
C VAL D 43 5.78 20.87 -36.34
N SER D 44 6.55 20.93 -37.43
CA SER D 44 6.11 21.58 -38.66
C SER D 44 5.58 20.52 -39.63
N LEU D 45 4.34 20.70 -40.07
CA LEU D 45 3.66 19.73 -40.92
C LEU D 45 4.18 19.84 -42.36
N SER D 46 3.51 19.16 -43.28
CA SER D 46 3.96 19.18 -44.68
C SER D 46 3.79 20.56 -45.30
N ASN D 47 2.69 21.25 -44.99
CA ASN D 47 2.42 22.58 -45.51
C ASN D 47 3.24 23.67 -44.81
N GLY D 48 4.18 23.30 -43.94
CA GLY D 48 5.06 24.26 -43.31
C GLY D 48 4.55 24.88 -42.03
N VAL D 49 3.25 24.78 -41.76
CA VAL D 49 2.70 25.40 -40.56
C VAL D 49 3.24 24.69 -39.33
N SER D 50 3.79 25.47 -38.40
CA SER D 50 4.38 24.93 -37.18
C SER D 50 3.35 24.95 -36.08
N VAL D 51 3.15 23.81 -35.42
CA VAL D 51 2.18 23.69 -34.36
C VAL D 51 2.82 22.99 -33.16
N LEU D 52 2.36 23.38 -31.98
CA LEU D 52 2.78 22.70 -30.77
C LEU D 52 2.11 21.34 -30.69
N THR D 53 2.79 20.38 -30.07
CA THR D 53 2.32 19.02 -29.95
C THR D 53 2.56 18.56 -28.53
N PHE D 54 1.62 17.79 -27.98
CA PHE D 54 1.63 17.43 -26.57
C PHE D 54 1.12 16.01 -26.44
N LYS D 55 1.80 15.23 -25.60
CA LYS D 55 1.35 13.89 -25.25
C LYS D 55 0.97 13.92 -23.77
N VAL D 56 -0.33 13.95 -23.50
CA VAL D 56 -0.82 14.13 -22.14
C VAL D 56 -1.01 12.81 -21.39
N LEU D 57 -1.20 11.70 -22.11
CA LEU D 57 -1.47 10.42 -21.47
C LEU D 57 -0.79 9.32 -22.26
N ASP D 58 -0.10 8.42 -21.56
CA ASP D 58 0.63 7.33 -22.19
C ASP D 58 0.08 6.01 -21.65
N LEU D 59 -1.01 5.54 -22.27
CA LEU D 59 -1.55 4.23 -21.94
C LEU D 59 -0.78 3.10 -22.62
N LYS D 60 0.00 3.41 -23.66
CA LYS D 60 0.79 2.37 -24.31
C LYS D 60 1.85 1.80 -23.37
N ASN D 61 2.67 2.67 -22.77
CA ASN D 61 3.72 2.26 -21.83
C ASN D 61 3.19 1.85 -20.47
N TYR D 62 1.86 1.77 -20.27
CA TYR D 62 1.29 1.26 -19.05
C TYR D 62 0.63 -0.10 -19.24
N ILE D 63 -0.18 -0.24 -20.29
CA ILE D 63 -0.85 -1.51 -20.53
C ILE D 63 0.14 -2.57 -21.01
N ASP D 64 1.06 -2.19 -21.89
CA ASP D 64 2.02 -3.15 -22.44
C ASP D 64 3.18 -3.45 -21.50
N LYS D 65 3.53 -2.55 -20.60
CA LYS D 65 4.67 -2.77 -19.71
C LYS D 65 4.25 -3.15 -18.29
N GLN D 66 3.43 -2.33 -17.66
CA GLN D 66 3.05 -2.56 -16.27
C GLN D 66 1.81 -3.44 -16.12
N LEU D 67 1.00 -3.59 -17.19
CA LEU D 67 -0.21 -4.40 -17.15
C LEU D 67 -0.11 -5.69 -17.97
N LEU D 68 0.68 -5.70 -19.04
CA LEU D 68 0.69 -6.87 -19.94
C LEU D 68 1.32 -8.12 -19.34
N PRO D 69 2.47 -8.07 -18.67
CA PRO D 69 3.10 -9.32 -18.21
C PRO D 69 2.24 -10.16 -17.27
N ILE D 70 1.37 -9.54 -16.48
CA ILE D 70 0.52 -10.33 -15.60
C ILE D 70 -0.53 -11.11 -16.39
N LEU D 71 -0.99 -10.56 -17.51
CA LEU D 71 -1.99 -11.23 -18.34
C LEU D 71 -1.34 -12.16 -19.36
N SER D 75 -1.30 -19.46 -17.56
CA SER D 75 -2.19 -19.06 -16.48
C SER D 75 -2.01 -17.58 -16.16
N CYS D 76 -3.10 -16.94 -15.73
CA CYS D 76 -3.10 -15.53 -15.38
C CYS D 76 -3.75 -15.36 -14.01
N SER D 77 -3.19 -14.45 -13.21
CA SER D 77 -3.77 -14.13 -11.91
C SER D 77 -3.19 -12.81 -11.43
N ILE D 78 -4.07 -11.94 -10.94
CA ILE D 78 -3.67 -10.64 -10.41
C ILE D 78 -3.29 -10.81 -8.94
N SER D 79 -2.13 -10.26 -8.57
CA SER D 79 -1.65 -10.35 -7.19
C SER D 79 -2.01 -9.11 -6.38
N ASN D 80 -1.67 -7.92 -6.86
CA ASN D 80 -1.99 -6.69 -6.15
C ASN D 80 -3.37 -6.20 -6.54
N ILE D 81 -4.11 -5.69 -5.57
CA ILE D 81 -5.41 -5.09 -5.85
C ILE D 81 -5.21 -3.61 -6.16
N GLU D 82 -4.14 -3.01 -5.67
CA GLU D 82 -3.85 -1.61 -5.93
C GLU D 82 -3.62 -1.36 -7.42
N THR D 83 -3.09 -2.35 -8.14
CA THR D 83 -2.84 -2.18 -9.57
C THR D 83 -4.14 -2.03 -10.35
N VAL D 84 -5.23 -2.65 -9.88
CA VAL D 84 -6.52 -2.49 -10.54
C VAL D 84 -6.99 -1.05 -10.46
N ILE D 85 -6.97 -0.48 -9.25
CA ILE D 85 -7.37 0.90 -9.05
C ILE D 85 -6.42 1.83 -9.81
N GLU D 86 -5.13 1.48 -9.86
CA GLU D 86 -4.18 2.26 -10.62
C GLU D 86 -4.57 2.33 -12.10
N PHE D 87 -4.94 1.18 -12.68
CA PHE D 87 -5.39 1.16 -14.06
C PHE D 87 -6.65 1.98 -14.23
N GLN D 88 -7.58 1.87 -13.28
CA GLN D 88 -8.81 2.65 -13.38
C GLN D 88 -8.53 4.15 -13.37
N GLN D 89 -7.65 4.60 -12.48
CA GLN D 89 -7.28 6.02 -12.43
C GLN D 89 -6.62 6.46 -13.73
N LYS D 90 -5.83 5.57 -14.34
CA LYS D 90 -5.19 5.92 -15.60
C LYS D 90 -6.19 5.98 -16.76
N ASN D 91 -7.22 5.13 -16.72
CA ASN D 91 -8.16 4.95 -17.84
C ASN D 91 -9.37 5.89 -17.77
N ASN D 92 -9.68 6.40 -16.59
CA ASN D 92 -10.86 7.24 -16.41
C ASN D 92 -10.82 8.46 -17.32
N ARG D 93 -9.64 9.03 -17.52
CA ARG D 93 -9.52 10.20 -18.39
C ARG D 93 -9.94 9.88 -19.82
N LEU D 94 -9.46 8.75 -20.35
CA LEU D 94 -9.86 8.34 -21.70
C LEU D 94 -11.37 8.12 -21.76
N LEU D 95 -11.96 7.55 -20.71
CA LEU D 95 -13.40 7.32 -20.72
C LEU D 95 -14.17 8.65 -20.79
N GLU D 96 -13.78 9.62 -19.96
CA GLU D 96 -14.49 10.90 -19.95
C GLU D 96 -14.26 11.70 -21.23
N ILE D 97 -13.06 11.63 -21.80
CA ILE D 97 -12.81 12.25 -23.09
C ILE D 97 -13.72 11.65 -24.15
N THR D 98 -13.86 10.31 -24.13
CA THR D 98 -14.76 9.66 -25.07
C THR D 98 -16.19 10.15 -24.89
N ARG D 99 -16.63 10.30 -23.64
CA ARG D 99 -18.00 10.77 -23.41
C ARG D 99 -18.21 12.17 -23.99
N GLU D 100 -17.30 13.09 -23.66
CA GLU D 100 -17.45 14.47 -24.14
C GLU D 100 -17.44 14.54 -25.65
N PHE D 101 -16.63 13.70 -26.31
CA PHE D 101 -16.61 13.74 -27.77
C PHE D 101 -17.87 13.10 -28.35
N SER D 102 -18.26 11.92 -27.86
CA SER D 102 -19.40 11.20 -28.40
C SER D 102 -20.72 11.92 -28.19
N VAL D 103 -20.79 12.84 -27.22
CA VAL D 103 -22.01 13.60 -27.03
C VAL D 103 -22.05 14.84 -27.92
N ASN D 104 -20.96 15.60 -27.94
CA ASN D 104 -20.90 16.86 -28.67
C ASN D 104 -20.53 16.69 -30.14
N ALA D 105 -20.62 15.47 -30.67
CA ALA D 105 -20.38 15.19 -32.09
C ALA D 105 -18.96 15.55 -32.50
N GLY D 106 -17.99 15.38 -31.59
CA GLY D 106 -16.60 15.55 -31.91
C GLY D 106 -16.03 16.94 -31.71
N VAL D 107 -16.85 17.95 -31.45
CA VAL D 107 -16.39 19.32 -31.25
C VAL D 107 -16.97 19.83 -29.94
N THR D 108 -16.09 20.13 -28.98
CA THR D 108 -16.50 20.56 -27.65
C THR D 108 -16.00 21.97 -27.36
N THR D 109 -16.80 22.73 -26.61
CA THR D 109 -16.43 24.05 -26.12
C THR D 109 -17.32 24.40 -24.93
N PRO D 110 -16.76 24.89 -23.82
CA PRO D 110 -15.33 25.15 -23.52
C PRO D 110 -14.49 23.88 -23.39
N VAL D 111 -13.17 24.03 -23.40
CA VAL D 111 -12.26 22.90 -23.27
C VAL D 111 -12.25 22.45 -21.81
N SER D 112 -12.69 21.21 -21.58
CA SER D 112 -12.81 20.69 -20.23
C SER D 112 -11.44 20.36 -19.63
N THR D 113 -11.43 20.09 -18.33
CA THR D 113 -10.20 19.69 -17.66
C THR D 113 -9.76 18.29 -18.05
N TYR D 114 -10.71 17.40 -18.38
CA TYR D 114 -10.34 16.09 -18.91
C TYR D 114 -9.62 16.24 -20.24
N MET D 115 -10.10 17.16 -21.08
CA MET D 115 -9.47 17.38 -22.38
C MET D 115 -8.08 17.99 -22.22
N LEU D 116 -7.91 18.87 -21.22
CA LEU D 116 -6.63 19.55 -21.03
C LEU D 116 -6.60 20.10 -19.60
N THR D 117 -5.72 19.53 -18.76
CA THR D 117 -5.64 19.97 -17.38
C THR D 117 -5.01 21.37 -17.28
N ASN D 118 -5.05 21.94 -16.07
CA ASN D 118 -4.54 23.28 -15.89
C ASN D 118 -3.03 23.35 -16.10
N SER D 119 -2.29 22.35 -15.62
CA SER D 119 -0.84 22.34 -15.83
C SER D 119 -0.51 22.27 -17.32
N GLU D 120 -1.21 21.42 -18.06
CA GLU D 120 -0.95 21.29 -19.48
C GLU D 120 -1.36 22.55 -20.24
N LEU D 121 -2.46 23.17 -19.83
CA LEU D 121 -2.90 24.41 -20.49
C LEU D 121 -1.90 25.53 -20.25
N LEU D 122 -1.43 25.68 -19.01
CA LEU D 122 -0.40 26.67 -18.73
C LEU D 122 0.90 26.34 -19.46
N SER D 123 1.18 25.04 -19.66
CA SER D 123 2.36 24.67 -20.44
C SER D 123 2.24 25.14 -21.88
N LEU D 124 1.07 24.92 -22.48
CA LEU D 124 0.87 25.39 -23.85
C LEU D 124 0.96 26.91 -23.92
N ILE D 125 0.41 27.62 -22.93
CA ILE D 125 0.48 29.08 -22.94
C ILE D 125 1.92 29.55 -22.78
N ASN D 126 2.68 28.88 -21.92
CA ASN D 126 4.08 29.25 -21.69
C ASN D 126 4.92 29.01 -22.93
N ASP D 127 4.62 27.95 -23.67
CA ASP D 127 5.40 27.62 -24.85
C ASP D 127 4.81 28.19 -26.14
N MET D 128 3.74 28.97 -26.05
CA MET D 128 3.22 29.61 -27.24
C MET D 128 4.13 30.77 -27.64
N PRO D 129 4.41 30.93 -28.93
CA PRO D 129 5.32 31.99 -29.41
C PRO D 129 4.64 33.35 -29.56
N ILE D 130 4.32 33.96 -28.43
CA ILE D 130 3.71 35.28 -28.36
C ILE D 130 4.37 36.06 -27.23
N THR D 131 3.87 37.28 -27.00
CA THR D 131 4.56 38.18 -26.08
C THR D 131 4.41 37.69 -24.63
N ASN D 132 5.27 38.23 -23.76
CA ASN D 132 5.18 37.89 -22.35
C ASN D 132 3.89 38.41 -21.73
N ASP D 133 3.43 39.58 -22.18
CA ASP D 133 2.17 40.12 -21.69
C ASP D 133 1.00 39.21 -22.04
N GLN D 134 1.05 38.59 -23.23
CA GLN D 134 -0.01 37.67 -23.60
C GLN D 134 0.03 36.41 -22.73
N LYS D 135 1.24 35.93 -22.43
CA LYS D 135 1.38 34.81 -21.51
C LYS D 135 0.79 35.16 -20.14
N LYS D 136 1.07 36.36 -19.65
CA LYS D 136 0.56 36.79 -18.36
C LYS D 136 -0.97 36.84 -18.36
N LEU D 137 -1.55 37.44 -19.40
CA LEU D 137 -3.00 37.58 -19.49
C LEU D 137 -3.67 36.21 -19.57
N MET D 138 -3.17 35.34 -20.45
CA MET D 138 -3.78 34.02 -20.59
C MET D 138 -3.53 33.14 -19.37
N SER D 139 -2.45 33.38 -18.63
CA SER D 139 -2.14 32.55 -17.48
C SER D 139 -3.03 32.89 -16.29
N ASN D 140 -3.36 34.16 -16.11
CA ASN D 140 -4.21 34.51 -14.97
C ASN D 140 -5.70 34.23 -15.20
N ASN D 141 -6.12 34.03 -16.44
CA ASN D 141 -7.54 33.86 -16.76
C ASN D 141 -7.78 32.58 -17.55
N VAL D 142 -7.35 31.45 -17.00
CA VAL D 142 -7.50 30.19 -17.72
C VAL D 142 -8.97 29.81 -17.88
N GLN D 143 -9.85 30.23 -16.95
CA GLN D 143 -11.27 29.91 -17.12
C GLN D 143 -11.85 30.60 -18.35
N ILE D 144 -11.41 31.82 -18.64
CA ILE D 144 -11.91 32.52 -19.81
C ILE D 144 -11.29 31.95 -21.08
N VAL D 145 -10.01 31.61 -21.03
CA VAL D 145 -9.36 30.99 -22.19
C VAL D 145 -10.04 29.68 -22.53
N ARG D 146 -10.41 28.89 -21.51
CA ARG D 146 -11.17 27.67 -21.77
C ARG D 146 -12.51 28.00 -22.40
N GLN D 147 -13.17 29.06 -21.93
CA GLN D 147 -14.47 29.39 -22.49
C GLN D 147 -14.38 29.90 -23.92
N GLN D 148 -13.20 30.34 -24.36
CA GLN D 148 -13.01 30.78 -25.75
C GLN D 148 -12.24 29.78 -26.62
N SER D 149 -12.05 28.55 -26.17
CA SER D 149 -11.27 27.57 -26.92
C SER D 149 -12.13 26.39 -27.35
N TYR D 150 -11.67 25.70 -28.39
CA TYR D 150 -12.35 24.52 -28.91
C TYR D 150 -11.47 23.28 -28.80
N SER D 151 -12.11 22.12 -28.96
CA SER D 151 -11.44 20.82 -28.95
C SER D 151 -12.05 19.97 -30.05
N ILE D 152 -11.36 19.89 -31.19
CA ILE D 152 -11.83 19.15 -32.36
C ILE D 152 -11.16 17.79 -32.36
N MET D 153 -11.94 16.73 -32.33
CA MET D 153 -11.34 15.41 -32.38
C MET D 153 -10.92 15.11 -33.82
N CYS D 154 -9.64 14.71 -34.00
CA CYS D 154 -9.12 14.57 -35.36
C CYS D 154 -9.13 13.11 -35.80
N ILE D 155 -8.04 12.38 -35.58
CA ILE D 155 -7.95 11.00 -36.01
C ILE D 155 -7.43 10.15 -34.85
N ILE D 156 -7.65 8.84 -34.97
CA ILE D 156 -7.09 7.86 -34.05
C ILE D 156 -6.44 6.76 -34.88
N LYS D 157 -5.31 7.09 -35.52
CA LYS D 157 -4.62 6.17 -36.42
C LYS D 157 -3.26 5.78 -35.86
N GLU D 158 -2.81 4.57 -36.20
CA GLU D 158 -1.52 4.02 -35.80
C GLU D 158 -1.22 4.27 -34.33
N GLU D 159 -1.80 3.43 -33.47
CA GLU D 159 -1.65 3.43 -32.02
C GLU D 159 -1.55 4.80 -31.33
N VAL D 160 -2.18 5.85 -31.88
CA VAL D 160 -2.18 7.15 -31.25
C VAL D 160 -3.56 7.79 -31.39
N LEU D 161 -3.94 8.58 -30.39
CA LEU D 161 -5.15 9.36 -30.37
C LEU D 161 -4.79 10.82 -30.58
N ALA D 162 -5.54 11.55 -31.40
CA ALA D 162 -5.16 12.93 -31.70
C ALA D 162 -6.39 13.83 -31.78
N TYR D 163 -6.32 14.97 -31.10
CA TYR D 163 -7.32 16.00 -31.23
C TYR D 163 -6.65 17.36 -31.14
N VAL D 164 -7.20 18.32 -31.88
CA VAL D 164 -6.67 19.67 -31.96
C VAL D 164 -7.36 20.51 -30.90
N VAL D 165 -6.57 21.28 -30.16
CA VAL D 165 -7.11 22.24 -29.19
C VAL D 165 -6.89 23.62 -29.79
N GLN D 166 -7.98 24.24 -30.22
CA GLN D 166 -7.96 25.55 -30.86
C GLN D 166 -8.05 26.62 -29.77
N LEU D 167 -6.89 27.25 -29.47
CA LEU D 167 -6.70 28.27 -28.44
C LEU D 167 -6.82 29.67 -29.04
N PRO D 168 -7.23 30.65 -28.24
CA PRO D 168 -7.40 32.01 -28.77
C PRO D 168 -6.14 32.84 -28.67
N LEU D 169 -5.99 33.75 -29.63
CA LEU D 169 -4.90 34.71 -29.65
C LEU D 169 -5.47 36.09 -29.43
N TYR D 170 -5.02 36.76 -28.37
CA TYR D 170 -5.51 38.09 -28.01
C TYR D 170 -4.50 39.11 -28.55
N GLY D 171 -4.70 39.51 -29.81
CA GLY D 171 -3.78 40.44 -30.44
C GLY D 171 -3.93 41.88 -30.00
N VAL D 172 -5.06 42.23 -29.37
CA VAL D 172 -5.31 43.58 -28.90
C VAL D 172 -5.59 43.50 -27.41
N ILE D 173 -4.72 44.14 -26.62
CA ILE D 173 -4.78 44.07 -25.16
C ILE D 173 -4.57 45.47 -24.60
N ASP D 174 -5.29 45.77 -23.51
CA ASP D 174 -5.11 46.98 -22.72
C ASP D 174 -5.51 48.25 -23.47
N THR D 175 -6.40 48.15 -24.46
CA THR D 175 -6.91 49.39 -25.01
C THR D 175 -8.20 49.79 -24.31
N PRO D 176 -8.54 51.07 -24.27
CA PRO D 176 -9.74 51.49 -23.53
C PRO D 176 -11.01 50.98 -24.16
N CYS D 177 -11.91 50.47 -23.31
CA CYS D 177 -13.22 49.98 -23.71
C CYS D 177 -14.30 50.68 -22.91
N TRP D 178 -15.53 50.59 -23.40
CA TRP D 178 -16.67 51.12 -22.67
C TRP D 178 -17.95 50.42 -23.11
N LYS D 179 -18.86 50.26 -22.17
CA LYS D 179 -20.13 49.58 -22.41
C LYS D 179 -21.25 50.62 -22.45
N LEU D 180 -22.02 50.62 -23.53
CA LEU D 180 -23.13 51.55 -23.69
C LEU D 180 -24.44 50.83 -23.41
N HIS D 181 -25.22 51.41 -22.50
CA HIS D 181 -26.54 50.92 -22.13
C HIS D 181 -27.58 51.91 -22.64
N THR D 182 -28.70 51.39 -23.14
CA THR D 182 -29.77 52.23 -23.64
C THR D 182 -31.10 51.77 -23.07
N SER D 183 -32.10 52.65 -23.15
CA SER D 183 -33.43 52.37 -22.63
C SER D 183 -34.40 53.29 -23.36
N PRO D 184 -35.68 52.91 -23.48
CA PRO D 184 -36.62 53.74 -24.23
C PRO D 184 -36.82 55.11 -23.60
N LEU D 185 -36.89 56.12 -24.46
CA LEU D 185 -37.13 57.50 -24.05
C LEU D 185 -38.44 57.93 -24.68
N CYS D 186 -39.50 57.93 -23.89
CA CYS D 186 -40.84 58.23 -24.37
C CYS D 186 -41.35 59.52 -23.74
N THR D 187 -42.41 60.06 -24.34
CA THR D 187 -43.10 61.20 -23.77
C THR D 187 -43.92 60.77 -22.57
N THR D 188 -44.44 61.75 -21.85
CA THR D 188 -45.16 61.49 -20.61
C THR D 188 -46.53 62.14 -20.65
N ASN D 189 -47.29 61.87 -21.72
CA ASN D 189 -48.64 62.39 -21.77
C ASN D 189 -49.57 61.51 -20.96
N THR D 190 -50.75 62.04 -20.67
CA THR D 190 -51.74 61.33 -19.85
C THR D 190 -52.61 60.40 -20.68
N LYS D 191 -52.88 60.76 -21.94
CA LYS D 191 -53.66 59.92 -22.82
C LYS D 191 -52.88 58.64 -23.14
N GLU D 192 -53.63 57.60 -23.52
CA GLU D 192 -53.03 56.28 -23.71
C GLU D 192 -52.14 56.20 -24.95
N GLY D 193 -52.73 56.22 -26.14
CA GLY D 193 -51.98 56.10 -27.36
C GLY D 193 -51.28 57.33 -27.87
N SER D 194 -51.35 58.45 -27.14
CA SER D 194 -50.74 59.70 -27.60
C SER D 194 -49.23 59.74 -27.43
N ASN D 195 -48.63 58.77 -26.73
CA ASN D 195 -47.20 58.82 -26.46
C ASN D 195 -46.40 58.29 -27.66
N ILE D 196 -45.20 58.85 -27.83
CA ILE D 196 -44.24 58.38 -28.83
C ILE D 196 -42.93 58.06 -28.13
N CYS D 197 -42.24 57.03 -28.64
CA CYS D 197 -41.04 56.50 -28.01
C CYS D 197 -39.87 56.47 -28.99
N LEU D 198 -38.67 56.55 -28.43
CA LEU D 198 -37.42 56.58 -29.17
C LEU D 198 -36.34 55.93 -28.32
N THR D 199 -35.53 55.05 -28.92
CA THR D 199 -34.54 54.27 -28.19
C THR D 199 -33.26 54.13 -29.01
N ARG D 200 -32.12 54.34 -28.37
CA ARG D 200 -30.85 54.13 -29.06
C ARG D 200 -30.53 52.63 -29.21
N THR D 201 -30.08 52.24 -30.40
CA THR D 201 -29.76 50.85 -30.69
C THR D 201 -28.27 50.55 -30.56
N ASP D 202 -27.44 51.56 -30.31
CA ASP D 202 -26.00 51.39 -30.27
C ASP D 202 -25.53 50.67 -29.01
N ARG D 203 -26.39 49.90 -28.36
CA ARG D 203 -26.05 49.31 -27.08
C ARG D 203 -25.09 48.14 -27.26
N GLY D 204 -24.13 48.03 -26.36
CA GLY D 204 -23.16 46.96 -26.45
C GLY D 204 -21.79 47.43 -26.02
N TRP D 205 -20.78 46.64 -26.37
CA TRP D 205 -19.39 46.94 -26.00
C TRP D 205 -18.68 47.67 -27.13
N TYR D 206 -17.80 48.59 -26.77
CA TYR D 206 -16.96 49.30 -27.72
C TYR D 206 -15.52 49.24 -27.22
N CYS D 207 -14.58 49.00 -28.14
CA CYS D 207 -13.18 49.01 -27.76
C CYS D 207 -12.32 49.67 -28.83
N ASP D 208 -11.33 50.44 -28.39
CA ASP D 208 -10.41 51.07 -29.31
C ASP D 208 -9.50 50.01 -29.92
N ASN D 209 -9.31 50.06 -31.24
CA ASN D 209 -8.54 49.04 -31.92
C ASN D 209 -8.10 49.58 -33.27
N ALA D 210 -6.79 49.75 -33.44
CA ALA D 210 -6.18 50.08 -34.74
C ALA D 210 -6.83 51.30 -35.38
N GLY D 211 -6.87 52.40 -34.64
CA GLY D 211 -7.43 53.62 -35.15
C GLY D 211 -8.92 53.60 -35.39
N SER D 212 -9.61 52.51 -35.08
CA SER D 212 -11.06 52.46 -35.20
C SER D 212 -11.66 51.87 -33.93
N VAL D 213 -12.94 51.50 -33.98
CA VAL D 213 -13.64 50.98 -32.82
C VAL D 213 -14.23 49.62 -33.19
N SER D 214 -14.03 48.64 -32.32
CA SER D 214 -14.69 47.34 -32.45
C SER D 214 -15.97 47.39 -31.62
N PHE D 215 -17.10 47.20 -32.28
CA PHE D 215 -18.41 47.29 -31.66
C PHE D 215 -19.02 45.90 -31.58
N PHE D 216 -19.50 45.55 -30.38
CA PHE D 216 -20.10 44.24 -30.11
C PHE D 216 -21.55 44.48 -29.70
N PRO D 217 -22.51 44.22 -30.60
CA PRO D 217 -23.91 44.52 -30.26
C PRO D 217 -24.51 43.52 -29.29
N GLN D 218 -24.03 42.28 -29.26
CA GLN D 218 -24.54 41.29 -28.33
C GLN D 218 -23.56 41.23 -27.16
N ALA D 219 -23.75 42.15 -26.22
CA ALA D 219 -22.88 42.24 -25.06
C ALA D 219 -22.94 41.02 -24.16
N GLU D 220 -23.96 40.17 -24.32
CA GLU D 220 -24.05 38.96 -23.52
C GLU D 220 -22.94 37.98 -23.87
N THR D 221 -22.37 38.08 -25.06
CA THR D 221 -21.29 37.18 -25.47
C THR D 221 -19.92 37.64 -24.97
N CYS D 222 -19.78 38.91 -24.60
CA CYS D 222 -18.53 39.42 -24.05
C CYS D 222 -18.44 39.13 -22.55
N LYS D 223 -17.34 38.51 -22.14
CA LYS D 223 -17.13 38.12 -20.74
C LYS D 223 -16.26 39.14 -20.02
N VAL D 224 -16.57 39.39 -18.75
CA VAL D 224 -15.87 40.42 -17.98
C VAL D 224 -15.23 39.79 -16.74
N GLN D 225 -13.95 40.07 -16.53
CA GLN D 225 -13.24 39.69 -15.31
C GLN D 225 -12.49 40.91 -14.82
N SER D 226 -12.81 41.37 -13.62
CA SER D 226 -12.29 42.62 -13.04
C SER D 226 -12.70 43.73 -14.00
N ASN D 227 -11.79 44.60 -14.43
CA ASN D 227 -12.08 45.61 -15.44
C ASN D 227 -11.64 45.18 -16.83
N ARG D 228 -11.34 43.89 -17.01
CA ARG D 228 -10.91 43.31 -18.28
C ARG D 228 -12.10 42.72 -19.02
N VAL D 229 -12.15 42.96 -20.33
CA VAL D 229 -13.26 42.53 -21.17
C VAL D 229 -12.72 41.61 -22.26
N PHE D 230 -13.13 40.35 -22.21
CA PHE D 230 -12.78 39.36 -23.22
C PHE D 230 -13.94 39.28 -24.20
N CYS D 231 -13.78 39.91 -25.36
CA CYS D 231 -14.75 39.85 -26.44
C CYS D 231 -14.17 39.02 -27.58
N ASP D 232 -14.98 38.84 -28.62
CA ASP D 232 -14.60 38.07 -29.80
C ASP D 232 -14.88 38.91 -31.04
N THR D 233 -13.85 39.16 -31.84
CA THR D 233 -14.01 39.97 -33.03
C THR D 233 -14.92 39.33 -34.06
N MET D 234 -15.14 38.01 -33.96
CA MET D 234 -15.99 37.30 -34.91
C MET D 234 -17.39 37.90 -34.99
N ASN D 235 -17.94 38.31 -33.86
CA ASN D 235 -19.24 38.97 -33.83
C ASN D 235 -19.09 40.45 -33.52
N SER D 236 -18.33 41.18 -34.32
CA SER D 236 -18.09 42.59 -34.07
C SER D 236 -18.27 43.37 -35.38
N LEU D 237 -18.16 44.69 -35.26
CA LEU D 237 -18.25 45.59 -36.40
C LEU D 237 -17.16 46.63 -36.27
N THR D 238 -16.49 46.92 -37.38
CA THR D 238 -15.42 47.91 -37.40
C THR D 238 -16.03 49.27 -37.75
N LEU D 239 -16.18 50.12 -36.75
CA LEU D 239 -16.76 51.44 -36.89
C LEU D 239 -15.67 52.51 -36.76
N PRO D 240 -15.88 53.69 -37.34
CA PRO D 240 -14.95 54.79 -37.10
C PRO D 240 -15.03 55.28 -35.66
N SER D 241 -14.01 56.04 -35.26
CA SER D 241 -13.99 56.56 -33.89
C SER D 241 -15.13 57.52 -33.65
N GLU D 242 -15.62 58.18 -34.71
CA GLU D 242 -16.65 59.20 -34.56
C GLU D 242 -17.94 58.64 -34.00
N VAL D 243 -18.09 57.32 -33.92
CA VAL D 243 -19.29 56.76 -33.32
C VAL D 243 -19.42 57.22 -31.87
N ASN D 244 -18.29 57.42 -31.19
CA ASN D 244 -18.36 57.84 -29.79
C ASN D 244 -19.08 59.18 -29.64
N LEU D 245 -19.09 60.01 -30.68
CA LEU D 245 -19.76 61.29 -30.58
C LEU D 245 -21.23 61.12 -30.19
N CYS D 246 -21.83 59.99 -30.57
CA CYS D 246 -23.24 59.77 -30.26
C CYS D 246 -23.54 59.84 -28.78
N ASN D 247 -22.55 59.65 -27.92
CA ASN D 247 -22.81 59.78 -26.49
C ASN D 247 -22.88 61.24 -26.06
N VAL D 248 -22.00 62.08 -26.58
CA VAL D 248 -21.98 63.47 -26.16
C VAL D 248 -22.88 64.37 -27.01
N ASP D 249 -23.09 64.01 -28.28
CA ASP D 249 -23.88 64.85 -29.19
C ASP D 249 -24.60 63.90 -30.15
N ILE D 250 -25.85 63.57 -29.82
CA ILE D 250 -26.63 62.68 -30.65
C ILE D 250 -26.96 63.35 -31.99
N PHE D 251 -26.94 64.67 -32.05
CA PHE D 251 -27.23 65.42 -33.26
C PHE D 251 -25.97 65.87 -33.99
N ASN D 252 -24.85 65.21 -33.76
CA ASN D 252 -23.62 65.58 -34.43
C ASN D 252 -23.69 65.21 -35.92
N PRO D 253 -23.06 66.02 -36.79
CA PRO D 253 -23.12 65.73 -38.23
C PRO D 253 -22.14 64.68 -38.69
N LYS D 254 -21.04 64.44 -37.96
CA LYS D 254 -20.00 63.53 -38.42
C LYS D 254 -20.40 62.06 -38.31
N TYR D 255 -21.42 61.75 -37.51
CA TYR D 255 -21.89 60.37 -37.41
C TYR D 255 -23.40 60.41 -37.23
N ASP D 256 -24.10 59.60 -38.01
CA ASP D 256 -25.55 59.54 -37.97
C ASP D 256 -25.94 58.44 -36.98
N CYS D 257 -26.33 58.84 -35.77
CA CYS D 257 -26.56 57.88 -34.71
C CYS D 257 -27.83 57.09 -34.96
N LYS D 258 -27.78 55.80 -34.65
CA LYS D 258 -28.88 54.89 -34.93
C LYS D 258 -29.87 54.90 -33.79
N ILE D 259 -31.16 55.03 -34.13
CA ILE D 259 -32.24 55.02 -33.15
C ILE D 259 -33.35 54.10 -33.65
N MET D 260 -34.40 54.00 -32.84
CA MET D 260 -35.53 53.12 -33.09
C MET D 260 -36.76 53.79 -32.50
N THR D 261 -37.74 54.09 -33.34
CA THR D 261 -38.95 54.75 -32.88
C THR D 261 -40.08 53.74 -32.73
N SER D 262 -41.04 54.10 -31.88
CA SER D 262 -42.20 53.23 -31.65
C SER D 262 -43.25 54.06 -30.92
N LYS D 263 -44.35 53.40 -30.52
CA LYS D 263 -45.34 54.00 -29.65
C LYS D 263 -45.61 53.17 -28.41
N THR D 264 -44.84 52.11 -28.17
CA THR D 264 -45.08 51.20 -27.06
C THR D 264 -44.39 51.76 -25.83
N ASP D 265 -45.12 52.56 -25.06
CA ASP D 265 -44.59 53.17 -23.84
C ASP D 265 -44.87 52.23 -22.68
N VAL D 266 -43.98 51.26 -22.51
CA VAL D 266 -44.05 50.34 -21.39
C VAL D 266 -42.88 50.64 -20.46
N SER D 267 -43.06 50.32 -19.19
CA SER D 267 -42.07 50.63 -18.17
C SER D 267 -41.03 49.53 -18.09
N SER D 268 -39.77 49.91 -17.88
CA SER D 268 -38.68 48.95 -17.83
C SER D 268 -37.53 49.54 -17.04
N SER D 269 -36.51 48.72 -16.83
CA SER D 269 -35.30 49.16 -16.16
C SER D 269 -34.11 48.42 -16.74
N VAL D 270 -33.00 49.12 -16.84
CA VAL D 270 -31.75 48.60 -17.38
C VAL D 270 -30.70 48.77 -16.31
N ILE D 271 -30.25 47.66 -15.73
CA ILE D 271 -29.20 47.70 -14.72
C ILE D 271 -27.88 47.94 -15.43
N THR D 272 -27.21 49.04 -15.10
CA THR D 272 -25.96 49.39 -15.73
C THR D 272 -24.80 48.87 -14.89
N SER D 273 -23.57 49.29 -15.23
CA SER D 273 -22.40 48.78 -14.52
C SER D 273 -22.30 49.38 -13.13
N LEU D 274 -22.69 50.65 -12.97
CA LEU D 274 -22.61 51.34 -11.69
C LEU D 274 -23.94 51.93 -11.25
N GLY D 275 -25.04 51.53 -11.88
CA GLY D 275 -26.33 52.09 -11.49
C GLY D 275 -27.51 51.43 -12.17
N ALA D 276 -28.54 52.22 -12.48
CA ALA D 276 -29.75 51.68 -13.10
C ALA D 276 -30.50 52.81 -13.79
N ILE D 277 -30.91 52.55 -15.03
CA ILE D 277 -31.81 53.43 -15.79
C ILE D 277 -33.22 52.91 -15.60
N VAL D 278 -34.17 53.81 -15.35
CA VAL D 278 -35.56 53.44 -15.12
C VAL D 278 -36.43 54.27 -16.05
N SER D 279 -37.19 53.59 -16.92
CA SER D 279 -38.16 54.22 -17.81
C SER D 279 -39.54 53.90 -17.27
N CYS D 280 -40.13 54.83 -16.53
CA CYS D 280 -41.39 54.64 -15.85
C CYS D 280 -42.48 55.41 -16.61
N TYR D 281 -43.30 54.69 -17.36
CA TYR D 281 -44.38 55.29 -18.13
C TYR D 281 -45.72 54.71 -17.71
N GLY D 282 -46.78 55.51 -17.91
CA GLY D 282 -48.12 55.07 -17.58
C GLY D 282 -48.40 55.07 -16.09
N LYS D 283 -49.32 54.20 -15.67
CA LYS D 283 -49.66 54.06 -14.25
C LYS D 283 -48.69 53.15 -13.50
N THR D 284 -47.59 52.74 -14.13
CA THR D 284 -46.63 51.88 -13.46
C THR D 284 -45.96 52.63 -12.32
N LYS D 285 -45.75 51.92 -11.21
CA LYS D 285 -45.07 52.49 -10.05
C LYS D 285 -43.65 51.97 -10.00
N CYS D 286 -42.68 52.87 -10.08
CA CYS D 286 -41.25 52.53 -10.05
C CYS D 286 -40.59 53.25 -8.90
N THR D 287 -39.84 52.50 -8.09
CA THR D 287 -39.18 53.02 -6.90
C THR D 287 -37.73 52.55 -6.85
N ALA D 288 -36.96 53.21 -6.00
CA ALA D 288 -35.58 52.85 -5.71
C ALA D 288 -35.39 52.85 -4.20
N SER D 289 -34.87 51.71 -3.68
CA SER D 289 -34.86 51.43 -2.26
C SER D 289 -33.47 50.99 -1.78
N ASN D 290 -33.26 51.20 -0.48
CA ASN D 290 -32.05 50.88 0.26
C ASN D 290 -32.38 49.82 1.31
N LYS D 291 -31.45 48.87 1.51
CA LYS D 291 -31.76 47.73 2.36
C LYS D 291 -31.94 48.11 3.82
N ASN D 292 -31.40 49.26 4.25
CA ASN D 292 -31.51 49.70 5.63
C ASN D 292 -32.62 50.73 5.82
N ARG D 293 -32.65 51.75 4.97
CA ARG D 293 -33.60 52.83 5.14
C ARG D 293 -34.94 52.56 4.47
N GLY D 294 -34.93 51.88 3.32
CA GLY D 294 -36.15 51.63 2.59
C GLY D 294 -36.27 52.46 1.33
N ILE D 295 -37.50 52.84 0.96
CA ILE D 295 -37.71 53.61 -0.26
C ILE D 295 -37.04 54.97 -0.13
N ILE D 296 -36.20 55.31 -1.08
CA ILE D 296 -35.55 56.62 -1.13
C ILE D 296 -35.92 57.41 -2.37
N LYS D 297 -36.55 56.80 -3.38
CA LYS D 297 -37.00 57.63 -4.50
C LYS D 297 -38.18 56.98 -5.20
N THR D 298 -39.19 57.80 -5.51
CA THR D 298 -40.33 57.41 -6.33
C THR D 298 -40.20 58.15 -7.66
N PHE D 299 -39.90 57.40 -8.72
CA PHE D 299 -39.58 58.00 -10.01
C PHE D 299 -40.78 58.70 -10.61
N SER D 300 -40.53 59.88 -11.18
CA SER D 300 -41.55 60.52 -11.99
C SER D 300 -41.64 59.81 -13.35
N ASN D 301 -42.71 60.09 -14.08
CA ASN D 301 -42.89 59.49 -15.39
C ASN D 301 -41.80 59.99 -16.33
N GLY D 302 -41.05 59.07 -16.91
CA GLY D 302 -39.96 59.41 -17.79
C GLY D 302 -38.80 58.46 -17.57
N CYS D 303 -37.68 58.77 -18.22
CA CYS D 303 -36.46 58.01 -18.07
C CYS D 303 -35.51 58.75 -17.13
N ASP D 304 -35.16 58.11 -16.02
CA ASP D 304 -34.29 58.67 -15.00
C ASP D 304 -33.20 57.66 -14.68
N TYR D 305 -32.27 58.07 -13.82
CA TYR D 305 -31.11 57.25 -13.48
C TYR D 305 -30.91 57.27 -11.97
N VAL D 306 -30.32 56.20 -11.46
CA VAL D 306 -29.98 56.10 -10.04
C VAL D 306 -28.63 55.42 -9.92
N SER D 307 -27.70 56.07 -9.21
CA SER D 307 -26.39 55.48 -8.98
C SER D 307 -26.47 54.40 -7.91
N ASN D 308 -25.50 53.49 -7.95
CA ASN D 308 -25.45 52.40 -6.98
C ASN D 308 -24.84 52.82 -5.64
N LYS D 309 -24.43 54.08 -5.51
CA LYS D 309 -23.82 54.58 -4.27
C LYS D 309 -24.91 54.78 -3.23
N GLY D 310 -25.18 53.72 -2.45
CA GLY D 310 -26.19 53.79 -1.41
C GLY D 310 -27.54 53.21 -1.77
N VAL D 311 -27.72 52.75 -3.01
CA VAL D 311 -28.95 52.12 -3.45
C VAL D 311 -28.66 50.64 -3.67
N ASP D 312 -29.58 49.80 -3.23
CA ASP D 312 -29.41 48.36 -3.39
C ASP D 312 -30.41 47.72 -4.32
N THR D 313 -31.68 48.16 -4.33
CA THR D 313 -32.64 47.56 -5.24
C THR D 313 -33.46 48.64 -5.94
N VAL D 314 -33.97 48.27 -7.11
CA VAL D 314 -34.84 49.15 -7.91
C VAL D 314 -35.99 48.31 -8.43
N SER D 315 -37.22 48.77 -8.19
CA SER D 315 -38.41 48.01 -8.56
C SER D 315 -39.20 48.78 -9.59
N VAL D 316 -39.52 48.11 -10.70
CA VAL D 316 -40.36 48.66 -11.76
C VAL D 316 -41.57 47.76 -11.88
N GLY D 317 -42.74 48.28 -11.52
CA GLY D 317 -43.95 47.47 -11.53
C GLY D 317 -43.81 46.33 -10.55
N ASN D 318 -44.02 45.11 -11.04
CA ASN D 318 -43.86 43.90 -10.23
C ASN D 318 -42.49 43.28 -10.39
N THR D 319 -41.55 43.98 -11.04
CA THR D 319 -40.23 43.46 -11.29
C THR D 319 -39.24 44.07 -10.30
N LEU D 320 -38.44 43.22 -9.67
CA LEU D 320 -37.44 43.65 -8.70
C LEU D 320 -36.05 43.38 -9.26
N TYR D 321 -35.26 44.45 -9.42
CA TYR D 321 -33.89 44.36 -9.88
C TYR D 321 -32.92 44.69 -8.75
N TYR D 322 -31.84 43.92 -8.68
CA TYR D 322 -30.71 44.22 -7.82
C TYR D 322 -29.66 44.95 -8.64
N VAL D 323 -29.23 46.12 -8.17
CA VAL D 323 -28.20 46.89 -8.86
C VAL D 323 -26.82 46.34 -8.49
N ASN D 324 -25.87 46.49 -9.39
CA ASN D 324 -24.51 46.02 -9.15
C ASN D 324 -23.81 46.92 -8.15
N LYS D 325 -23.17 46.30 -7.15
CA LYS D 325 -22.45 47.03 -6.09
C LYS D 325 -20.95 47.14 -6.37
N GLN D 326 -20.56 47.47 -7.60
CA GLN D 326 -19.15 47.71 -7.91
C GLN D 326 -18.77 49.12 -7.51
N GLU D 327 -17.52 49.30 -7.09
CA GLU D 327 -17.06 50.59 -6.61
C GLU D 327 -16.62 51.47 -7.77
N GLY D 328 -17.20 52.66 -7.85
CA GLY D 328 -16.87 53.60 -8.91
C GLY D 328 -17.78 54.81 -8.82
N LYS D 329 -17.41 55.84 -9.56
CA LYS D 329 -18.16 57.09 -9.59
C LYS D 329 -19.14 57.13 -10.75
N SER D 330 -20.38 57.50 -10.44
CA SER D 330 -21.45 57.66 -11.41
C SER D 330 -21.76 59.14 -11.55
N LEU D 331 -21.85 59.62 -12.80
CA LEU D 331 -22.08 61.02 -13.10
C LEU D 331 -23.39 61.17 -13.85
N TYR D 332 -24.24 62.07 -13.36
CA TYR D 332 -25.55 62.33 -13.96
C TYR D 332 -25.45 63.59 -14.80
N VAL D 333 -25.61 63.46 -16.11
CA VAL D 333 -25.57 64.60 -17.02
C VAL D 333 -27.00 64.98 -17.38
N LYS D 334 -27.46 66.13 -16.88
CA LYS D 334 -28.79 66.59 -17.25
C LYS D 334 -28.88 66.90 -18.74
N GLY D 335 -30.10 67.15 -19.18
CA GLY D 335 -30.35 67.48 -20.57
C GLY D 335 -31.82 67.34 -20.93
N GLU D 336 -32.27 68.13 -21.90
CA GLU D 336 -33.64 68.01 -22.37
C GLU D 336 -33.83 66.70 -23.13
N PRO D 337 -34.79 65.87 -22.75
CA PRO D 337 -35.06 64.64 -23.50
C PRO D 337 -35.42 64.95 -24.94
N ILE D 338 -34.66 64.36 -25.87
CA ILE D 338 -34.79 64.71 -27.28
C ILE D 338 -36.16 64.36 -27.84
N ILE D 339 -36.89 63.44 -27.20
CA ILE D 339 -38.21 63.09 -27.68
C ILE D 339 -39.17 64.27 -27.61
N ASN D 340 -38.88 65.25 -26.74
CA ASN D 340 -39.69 66.46 -26.66
C ASN D 340 -39.43 67.40 -27.83
N PHE D 341 -38.35 67.21 -28.57
CA PHE D 341 -38.04 68.04 -29.74
C PHE D 341 -38.83 67.65 -30.98
N TYR D 342 -39.65 66.60 -30.91
CA TYR D 342 -40.37 66.06 -32.05
C TYR D 342 -41.87 66.34 -31.93
N ASP D 343 -42.51 66.56 -33.09
CA ASP D 343 -43.95 66.73 -33.20
C ASP D 343 -44.62 65.39 -33.44
N PRO D 344 -45.59 64.98 -32.60
CA PRO D 344 -46.18 63.64 -32.75
C PRO D 344 -47.02 63.45 -34.00
N LEU D 345 -47.35 64.53 -34.73
CA LEU D 345 -48.17 64.39 -35.92
C LEU D 345 -47.35 64.02 -37.15
N VAL D 346 -46.04 64.23 -37.11
CA VAL D 346 -45.16 63.94 -38.24
C VAL D 346 -44.03 63.01 -37.79
N PHE D 347 -44.22 62.36 -36.63
CA PHE D 347 -43.21 61.46 -36.09
C PHE D 347 -43.41 60.06 -36.64
N PRO D 348 -42.47 59.51 -37.41
CA PRO D 348 -42.60 58.13 -37.89
C PRO D 348 -42.42 57.15 -36.74
N SER D 349 -43.48 56.37 -36.46
CA SER D 349 -43.43 55.46 -35.32
C SER D 349 -42.96 54.05 -35.69
N ASP D 350 -43.23 53.59 -36.90
CA ASP D 350 -42.75 52.28 -37.35
C ASP D 350 -41.32 52.43 -37.86
N GLU D 351 -40.35 52.30 -36.96
CA GLU D 351 -38.96 52.42 -37.42
C GLU D 351 -38.05 51.49 -36.64
N PHE D 352 -37.49 50.50 -37.34
CA PHE D 352 -36.39 49.68 -36.88
C PHE D 352 -35.22 49.94 -37.82
N ASP D 353 -34.00 49.87 -37.28
CA ASP D 353 -32.79 50.08 -38.09
C ASP D 353 -32.83 51.44 -38.77
N ALA D 354 -32.92 52.47 -37.95
CA ALA D 354 -33.05 53.86 -38.35
C ALA D 354 -31.83 54.65 -37.90
N SER D 355 -31.88 55.96 -38.13
CA SER D 355 -30.83 56.86 -37.67
C SER D 355 -31.44 58.23 -37.45
N ILE D 356 -30.65 59.13 -36.85
CA ILE D 356 -31.16 60.46 -36.53
C ILE D 356 -31.52 61.22 -37.80
N SER D 357 -30.63 61.18 -38.78
CA SER D 357 -30.91 61.86 -40.04
C SER D 357 -31.98 61.12 -40.83
N GLN D 358 -32.06 59.79 -40.64
CA GLN D 358 -33.11 59.02 -41.29
C GLN D 358 -34.49 59.40 -40.75
N VAL D 359 -34.59 59.77 -39.48
CA VAL D 359 -35.85 60.30 -38.97
C VAL D 359 -36.09 61.72 -39.48
N ASN D 360 -35.02 62.53 -39.52
CA ASN D 360 -35.17 63.90 -39.99
C ASN D 360 -35.57 63.97 -41.46
N GLU D 361 -35.20 62.97 -42.26
CA GLU D 361 -35.54 63.02 -43.69
C GLU D 361 -37.03 62.81 -43.91
N LYS D 362 -37.63 61.86 -43.18
CA LYS D 362 -39.05 61.60 -43.26
C LYS D 362 -39.85 62.75 -42.65
N ILE D 363 -39.29 63.43 -41.64
CA ILE D 363 -39.99 64.57 -41.06
C ILE D 363 -39.97 65.76 -42.02
N ASN D 364 -38.81 66.01 -42.64
CA ASN D 364 -38.73 67.06 -43.65
C ASN D 364 -39.67 66.77 -44.81
N GLN D 365 -39.83 65.49 -45.18
CA GLN D 365 -40.74 65.13 -46.27
C GLN D 365 -42.21 65.38 -45.89
N SER D 366 -42.60 64.98 -44.68
CA SER D 366 -43.98 65.18 -44.26
C SER D 366 -44.29 66.67 -44.17
N LEU D 367 -43.37 67.45 -43.60
CA LEU D 367 -43.55 68.90 -43.59
C LEU D 367 -43.58 69.47 -45.00
N ALA D 368 -42.87 68.85 -45.95
CA ALA D 368 -42.97 69.33 -47.32
C ALA D 368 -44.39 69.20 -47.81
N PHE D 369 -45.00 68.02 -47.62
CA PHE D 369 -46.38 67.88 -48.10
C PHE D 369 -47.34 68.79 -47.34
N ILE D 370 -47.05 69.11 -46.08
CA ILE D 370 -47.99 69.93 -45.33
C ILE D 370 -47.83 71.41 -45.65
N ARG D 371 -46.59 71.91 -45.67
CA ARG D 371 -46.34 73.30 -46.01
C ARG D 371 -46.67 73.57 -47.47
N LYS D 372 -46.66 72.53 -48.31
CA LYS D 372 -47.06 72.69 -49.70
C LYS D 372 -48.57 72.60 -49.86
N SER D 373 -49.23 71.72 -49.10
CA SER D 373 -50.68 71.57 -49.24
C SER D 373 -51.48 72.70 -48.59
N ASP D 374 -51.29 72.96 -47.30
CA ASP D 374 -52.13 73.98 -46.67
C ASP D 374 -51.71 75.41 -46.99
N GLU D 375 -50.41 75.68 -47.17
CA GLU D 375 -50.02 77.04 -47.53
C GLU D 375 -50.31 77.36 -48.99
N LEU D 376 -50.33 76.35 -49.86
CA LEU D 376 -50.66 76.62 -51.26
C LEU D 376 -52.15 76.64 -51.51
N LEU D 377 -52.91 75.72 -50.90
CA LEU D 377 -54.36 75.69 -51.15
C LEU D 377 -55.08 76.91 -50.59
N SER D 378 -54.56 77.53 -49.53
CA SER D 378 -55.25 78.66 -48.92
C SER D 378 -54.95 79.95 -49.66
N ALA D 379 -53.65 80.26 -49.84
CA ALA D 379 -53.24 81.38 -50.68
C ALA D 379 -53.82 81.29 -52.07
N ILE D 380 -54.04 80.06 -52.55
CA ILE D 380 -54.56 79.82 -53.89
C ILE D 380 -56.07 79.84 -53.91
N GLY D 381 -56.71 79.17 -52.95
CA GLY D 381 -58.17 79.03 -52.88
C GLY D 381 -58.99 80.18 -53.42
N GLY D 382 -58.56 81.42 -53.16
CA GLY D 382 -59.25 82.59 -53.68
C GLY D 382 -58.75 83.04 -55.05
N TYR D 383 -58.89 82.17 -56.05
CA TYR D 383 -58.52 82.52 -57.42
C TYR D 383 -59.76 83.03 -58.16
N ILE D 384 -59.76 82.92 -59.49
CA ILE D 384 -60.80 83.46 -60.34
C ILE D 384 -61.35 82.35 -61.22
N PRO D 385 -62.67 82.09 -61.21
CA PRO D 385 -63.24 81.18 -62.21
C PRO D 385 -63.32 81.83 -63.57
N GLU D 386 -63.72 81.09 -64.60
CA GLU D 386 -63.85 81.65 -65.94
C GLU D 386 -65.32 81.77 -66.33
N ALA D 387 -65.56 82.63 -67.32
CA ALA D 387 -66.89 82.74 -67.89
C ALA D 387 -67.17 81.53 -68.78
N PRO D 388 -68.43 81.14 -68.92
CA PRO D 388 -68.75 79.96 -69.74
C PRO D 388 -68.31 80.14 -71.18
N ARG D 389 -67.67 79.10 -71.73
CA ARG D 389 -67.19 79.13 -73.10
C ARG D 389 -68.36 79.27 -74.08
N ASP D 390 -68.60 80.49 -74.55
CA ASP D 390 -69.72 80.77 -75.44
C ASP D 390 -69.27 81.54 -76.67
N GLY D 391 -68.00 81.37 -77.07
CA GLY D 391 -67.49 82.07 -78.24
C GLY D 391 -67.42 83.57 -78.08
N GLN D 392 -67.48 84.08 -76.85
CA GLN D 392 -67.40 85.50 -76.57
C GLN D 392 -66.31 85.74 -75.53
N ALA D 393 -65.55 86.82 -75.72
CA ALA D 393 -64.46 87.16 -74.82
C ALA D 393 -64.96 88.05 -73.69
N TYR D 394 -64.67 87.66 -72.46
CA TYR D 394 -65.12 88.37 -71.27
C TYR D 394 -63.95 89.09 -70.61
N VAL D 395 -64.26 90.25 -70.03
CA VAL D 395 -63.28 91.07 -69.31
C VAL D 395 -63.73 91.16 -67.86
N ARG D 396 -62.76 91.31 -66.95
CA ARG D 396 -63.03 91.25 -65.51
C ARG D 396 -63.26 92.65 -64.95
N LYS D 397 -64.43 92.86 -64.35
CA LYS D 397 -64.78 94.10 -63.67
C LYS D 397 -65.62 93.77 -62.44
N ASP D 398 -65.33 94.45 -61.33
CA ASP D 398 -66.10 94.31 -60.08
C ASP D 398 -66.23 92.85 -59.66
N GLY D 399 -65.14 92.10 -59.81
CA GLY D 399 -65.15 90.71 -59.41
C GLY D 399 -66.02 89.80 -60.25
N GLU D 400 -66.52 90.28 -61.39
CA GLU D 400 -67.39 89.51 -62.26
C GLU D 400 -66.89 89.59 -63.70
N TRP D 401 -67.32 88.63 -64.52
CA TRP D 401 -66.97 88.60 -65.93
C TRP D 401 -68.08 89.28 -66.73
N VAL D 402 -67.75 90.35 -67.42
CA VAL D 402 -68.69 91.08 -68.28
C VAL D 402 -68.22 90.96 -69.71
N LEU D 403 -69.18 90.75 -70.62
CA LEU D 403 -68.84 90.61 -72.03
C LEU D 403 -68.32 91.93 -72.59
N LEU D 404 -67.55 91.83 -73.69
CA LEU D 404 -67.00 93.00 -74.35
C LEU D 404 -68.11 93.95 -74.80
N SER D 405 -68.34 95.01 -74.04
CA SER D 405 -69.40 95.99 -74.31
C SER D 405 -68.75 97.29 -74.72
N THR D 406 -68.25 97.33 -75.96
CA THR D 406 -67.60 98.51 -76.52
C THR D 406 -68.16 98.80 -77.91
N PHE D 407 -68.25 100.09 -78.23
CA PHE D 407 -68.75 100.53 -79.54
C PHE D 407 -68.33 101.96 -79.82
N PCA E 1 -55.88 18.28 -12.27
CA PCA E 1 -56.64 19.47 -11.91
CB PCA E 1 -55.78 20.72 -12.02
CG PCA E 1 -54.54 20.32 -12.80
CD PCA E 1 -54.62 18.83 -12.81
OE PCA E 1 -53.69 18.12 -13.22
C PCA E 1 -57.85 19.64 -12.80
O PCA E 1 -58.70 18.74 -12.89
N ASN E 2 -57.95 20.79 -13.47
CA ASN E 2 -59.10 21.11 -14.29
C ASN E 2 -58.74 22.24 -15.27
N ILE E 3 -58.06 21.85 -16.35
CA ILE E 3 -57.47 22.76 -17.35
C ILE E 3 -58.41 22.92 -18.53
N THR E 4 -58.51 24.15 -19.05
CA THR E 4 -59.32 24.46 -20.22
C THR E 4 -58.45 25.09 -21.30
N GLU E 5 -59.06 25.31 -22.46
CA GLU E 5 -58.41 26.02 -23.56
C GLU E 5 -59.48 26.55 -24.50
N GLU E 6 -59.25 27.73 -25.06
CA GLU E 6 -60.18 28.34 -26.01
C GLU E 6 -59.41 28.77 -27.25
N PHE E 7 -60.05 28.63 -28.40
CA PHE E 7 -59.49 29.09 -29.67
C PHE E 7 -60.38 30.15 -30.26
N TYR E 8 -59.80 31.30 -30.58
CA TYR E 8 -60.50 32.43 -31.16
C TYR E 8 -60.15 32.47 -32.64
N GLN E 9 -61.14 32.17 -33.48
CA GLN E 9 -60.98 32.15 -34.93
C GLN E 9 -60.82 33.55 -35.49
N SER E 10 -61.37 34.56 -34.80
CA SER E 10 -61.31 35.93 -35.32
C SER E 10 -59.88 36.45 -35.37
N THR E 11 -59.05 36.09 -34.39
CA THR E 11 -57.68 36.56 -34.31
C THR E 11 -56.66 35.45 -34.53
N CYS E 12 -57.12 34.22 -34.79
CA CYS E 12 -56.23 33.07 -34.96
C CYS E 12 -55.32 32.90 -33.75
N SER E 13 -55.94 32.69 -32.59
CA SER E 13 -55.14 32.56 -31.38
C SER E 13 -55.81 31.61 -30.41
N ALA E 14 -55.07 31.22 -29.36
CA ALA E 14 -55.58 30.27 -28.39
C ALA E 14 -55.04 30.59 -27.01
N VAL E 15 -55.91 30.46 -26.00
CA VAL E 15 -55.57 30.75 -24.61
C VAL E 15 -55.75 29.48 -23.79
N SER E 16 -54.72 29.11 -23.04
CA SER E 16 -54.72 27.90 -22.20
C SER E 16 -54.87 28.33 -20.74
N LYS E 17 -56.10 28.31 -20.26
CA LYS E 17 -56.40 28.72 -18.90
C LYS E 17 -56.35 27.53 -17.93
N GLY E 18 -56.20 27.85 -16.65
CA GLY E 18 -56.24 26.86 -15.60
C GLY E 18 -54.92 26.58 -14.88
N TYR E 19 -53.93 27.44 -15.01
CA TYR E 19 -52.63 27.22 -14.39
C TYR E 19 -52.47 28.09 -13.15
N LEU E 20 -51.54 27.69 -12.29
CA LEU E 20 -51.23 28.37 -11.05
C LEU E 20 -49.85 29.03 -11.12
N SER E 21 -49.72 30.13 -10.39
CA SER E 21 -48.49 30.91 -10.43
C SER E 21 -47.44 30.33 -9.50
N ALA E 22 -46.19 30.62 -9.83
CA ALA E 22 -45.05 30.31 -8.98
C ALA E 22 -43.91 31.24 -9.39
N LEU E 23 -44.14 32.54 -9.29
CA LEU E 23 -43.22 33.54 -9.82
C LEU E 23 -42.03 33.72 -8.90
N ARG E 24 -40.84 33.86 -9.48
CA ARG E 24 -39.64 34.20 -8.72
C ARG E 24 -39.62 35.72 -8.62
N THR E 25 -39.87 36.24 -7.42
CA THR E 25 -39.93 37.67 -7.20
C THR E 25 -38.62 38.25 -6.66
N GLY E 26 -37.93 37.51 -5.79
CA GLY E 26 -36.70 37.99 -5.19
C GLY E 26 -35.70 36.86 -5.05
N TRP E 27 -34.55 37.20 -4.46
CA TRP E 27 -33.47 36.25 -4.25
C TRP E 27 -33.23 36.02 -2.77
N TYR E 28 -32.55 34.91 -2.48
CA TYR E 28 -32.09 34.59 -1.13
C TYR E 28 -30.71 33.94 -1.24
N THR E 29 -29.75 34.45 -0.48
CA THR E 29 -28.37 34.00 -0.56
C THR E 29 -28.02 33.14 0.66
N SER E 30 -27.30 32.04 0.40
CA SER E 30 -26.81 31.14 1.44
C SER E 30 -25.37 30.78 1.15
N VAL E 31 -24.59 30.61 2.21
CA VAL E 31 -23.16 30.33 2.11
C VAL E 31 -22.90 28.86 2.38
N ILE E 32 -22.24 28.19 1.44
CA ILE E 32 -21.84 26.80 1.59
C ILE E 32 -20.34 26.78 1.82
N THR E 33 -19.90 26.01 2.82
CA THR E 33 -18.50 25.95 3.20
C THR E 33 -17.96 24.54 3.07
N ILE E 34 -16.68 24.44 2.74
CA ILE E 34 -15.96 23.18 2.68
C ILE E 34 -14.62 23.42 3.37
N GLU E 35 -14.47 22.88 4.58
CA GLU E 35 -13.26 23.10 5.36
C GLU E 35 -12.12 22.28 4.80
N LEU E 36 -10.99 22.93 4.55
CA LEU E 36 -9.80 22.32 3.99
C LEU E 36 -8.75 22.17 5.08
N SER E 37 -7.69 21.45 4.76
CA SER E 37 -6.60 21.18 5.71
C SER E 37 -5.31 21.74 5.14
N ASN E 38 -4.55 22.43 5.98
CA ASN E 38 -3.29 23.03 5.54
C ASN E 38 -2.21 21.96 5.60
N ILE E 39 -2.00 21.30 4.46
CA ILE E 39 -0.97 20.28 4.31
C ILE E 39 0.06 20.86 3.35
N LYS E 40 1.31 20.95 3.80
CA LYS E 40 2.32 21.61 2.97
C LYS E 40 2.80 20.72 1.84
N GLU E 41 3.25 19.50 2.14
CA GLU E 41 3.73 18.62 1.11
C GLU E 41 3.60 17.16 1.57
N ASN E 42 3.45 16.26 0.61
CA ASN E 42 3.42 14.84 0.91
C ASN E 42 4.78 14.38 1.44
N LYS E 43 4.97 14.48 2.75
CA LYS E 43 6.24 14.13 3.38
C LYS E 43 6.27 12.62 3.64
N CYS E 44 7.05 11.90 2.83
CA CYS E 44 7.18 10.45 2.98
C CYS E 44 8.49 9.97 2.37
N THR E 47 7.97 3.52 -0.95
CA THR E 47 7.65 3.46 -2.36
C THR E 47 6.88 2.19 -2.70
N ASP E 48 6.03 1.77 -1.76
CA ASP E 48 5.18 0.60 -1.93
C ASP E 48 3.94 0.94 -2.76
N ALA E 49 3.06 -0.04 -2.92
CA ALA E 49 1.92 0.09 -3.84
C ALA E 49 0.84 1.04 -3.31
N LYS E 50 0.48 0.94 -2.02
CA LYS E 50 -0.65 1.72 -1.51
C LYS E 50 -0.30 3.19 -1.29
N VAL E 51 0.94 3.47 -0.90
CA VAL E 51 1.37 4.84 -0.68
C VAL E 51 1.37 5.62 -2.00
N LYS E 52 1.66 4.95 -3.13
CA LYS E 52 1.63 5.63 -4.41
C LYS E 52 0.24 6.18 -4.72
N LEU E 53 -0.79 5.39 -4.44
CA LEU E 53 -2.16 5.84 -4.68
C LEU E 53 -2.54 6.95 -3.72
N ILE E 54 -2.21 6.80 -2.43
CA ILE E 54 -2.61 7.86 -1.51
C ILE E 54 -1.85 9.15 -1.80
N LYS E 55 -0.62 9.05 -2.29
CA LYS E 55 0.18 10.24 -2.58
C LYS E 55 -0.38 10.98 -3.79
N GLN E 56 -0.69 10.27 -4.87
CA GLN E 56 -1.25 10.99 -6.01
C GLN E 56 -2.69 11.46 -5.75
N GLU E 57 -3.43 10.80 -4.84
CA GLU E 57 -4.74 11.36 -4.46
C GLU E 57 -4.58 12.66 -3.69
N LEU E 58 -3.60 12.71 -2.79
CA LEU E 58 -3.27 13.99 -2.14
C LEU E 58 -2.83 15.03 -3.16
N ASP E 59 -2.14 14.58 -4.22
CA ASP E 59 -1.78 15.50 -5.31
C ASP E 59 -3.02 16.04 -6.00
N LYS E 60 -4.03 15.20 -6.21
CA LYS E 60 -5.30 15.68 -6.74
C LYS E 60 -5.90 16.74 -5.83
N TYR E 61 -5.89 16.50 -4.51
CA TYR E 61 -6.46 17.45 -3.57
C TYR E 61 -5.73 18.79 -3.64
N LYS E 62 -4.40 18.76 -3.61
CA LYS E 62 -3.62 20.00 -3.61
C LYS E 62 -3.77 20.74 -4.95
N ASN E 63 -3.81 20.01 -6.06
CA ASN E 63 -4.01 20.67 -7.35
C ASN E 63 -5.40 21.26 -7.46
N ALA E 64 -6.40 20.61 -6.85
CA ALA E 64 -7.75 21.17 -6.85
C ALA E 64 -7.81 22.48 -6.08
N VAL E 65 -7.20 22.51 -4.88
CA VAL E 65 -7.23 23.76 -4.12
C VAL E 65 -6.38 24.83 -4.80
N THR E 66 -5.32 24.43 -5.51
CA THR E 66 -4.54 25.41 -6.25
C THR E 66 -5.34 26.01 -7.41
N GLU E 67 -6.08 25.18 -8.13
CA GLU E 67 -6.93 25.68 -9.21
C GLU E 67 -8.02 26.59 -8.66
N LEU E 68 -8.60 26.22 -7.51
CA LEU E 68 -9.60 27.10 -6.89
C LEU E 68 -8.96 28.41 -6.43
N GLN E 69 -7.70 28.38 -6.01
CA GLN E 69 -7.01 29.63 -5.67
C GLN E 69 -6.82 30.51 -6.90
N LEU E 70 -6.52 29.89 -8.04
CA LEU E 70 -6.40 30.68 -9.27
C LEU E 70 -7.76 31.23 -9.71
N LEU E 71 -8.82 30.44 -9.51
CA LEU E 71 -10.16 30.87 -9.88
C LEU E 71 -10.65 32.00 -8.98
N MET E 72 -10.35 31.92 -7.68
CA MET E 72 -10.76 32.94 -6.73
C MET E 72 -10.17 34.31 -7.06
N GLN E 73 -9.07 34.35 -7.82
CA GLN E 73 -8.37 35.59 -8.15
C GLN E 73 -9.25 36.54 -8.95
N SER E 74 -10.47 36.11 -9.28
CA SER E 74 -11.48 36.94 -9.89
C SER E 74 -12.84 36.59 -9.29
N THR E 75 -13.74 37.58 -9.27
CA THR E 75 -15.08 37.40 -8.69
C THR E 75 -16.08 36.92 -9.75
N PHE F 1 -41.44 36.87 -28.55
CA PHE F 1 -41.76 37.65 -29.75
C PHE F 1 -41.50 39.10 -29.37
N LEU F 2 -42.18 39.54 -28.30
CA LEU F 2 -41.99 40.87 -27.74
C LEU F 2 -40.88 40.91 -26.70
N GLY F 3 -39.88 40.02 -26.80
CA GLY F 3 -38.80 39.99 -25.83
C GLY F 3 -37.91 41.22 -25.84
N PHE F 4 -37.90 41.96 -26.95
CA PHE F 4 -37.09 43.17 -27.00
C PHE F 4 -37.63 44.28 -26.12
N LEU F 5 -38.93 44.28 -25.82
CA LEU F 5 -39.50 45.28 -24.93
C LEU F 5 -39.11 45.08 -23.48
N LEU F 6 -38.44 43.98 -23.14
CA LEU F 6 -38.07 43.73 -21.76
C LEU F 6 -36.83 44.54 -21.40
N GLY F 7 -36.60 44.68 -20.10
CA GLY F 7 -35.41 45.34 -19.62
C GLY F 7 -34.24 44.38 -19.52
N VAL F 8 -33.12 44.92 -19.06
CA VAL F 8 -31.89 44.15 -18.88
C VAL F 8 -31.50 44.23 -17.42
N GLY F 9 -31.31 43.07 -16.79
CA GLY F 9 -30.98 43.03 -15.38
C GLY F 9 -29.75 42.19 -15.13
N SER F 10 -29.15 42.39 -13.96
CA SER F 10 -28.00 41.62 -13.52
C SER F 10 -28.49 40.54 -12.58
N ALA F 11 -28.27 39.28 -12.96
CA ALA F 11 -28.91 38.17 -12.26
C ALA F 11 -28.29 37.92 -10.89
N ILE F 12 -26.97 37.75 -10.82
CA ILE F 12 -26.35 37.32 -9.57
C ILE F 12 -25.93 38.53 -8.76
N ALA F 13 -26.46 39.70 -9.10
CA ALA F 13 -26.06 40.93 -8.44
C ALA F 13 -26.24 40.83 -6.93
N SER F 14 -27.31 40.17 -6.49
CA SER F 14 -27.51 39.99 -5.06
C SER F 14 -26.43 39.09 -4.46
N GLY F 15 -26.20 37.93 -5.07
CA GLY F 15 -25.22 36.99 -4.52
C GLY F 15 -23.83 37.56 -4.49
N VAL F 16 -23.44 38.26 -5.56
CA VAL F 16 -22.13 38.88 -5.58
C VAL F 16 -22.02 39.90 -4.46
N ALA F 17 -23.12 40.57 -4.14
CA ALA F 17 -23.10 41.50 -3.01
C ALA F 17 -22.68 40.78 -1.73
N VAL F 18 -23.27 39.61 -1.46
CA VAL F 18 -22.85 38.83 -0.30
C VAL F 18 -21.43 38.34 -0.52
N CYS F 19 -21.10 38.07 -1.77
CA CYS F 19 -19.80 37.47 -2.07
C CYS F 19 -18.67 38.37 -1.63
N LYS F 20 -18.70 39.63 -2.06
CA LYS F 20 -17.70 40.61 -1.67
C LYS F 20 -17.71 40.89 -0.18
N VAL F 21 -18.83 40.64 0.52
CA VAL F 21 -18.80 40.85 1.96
C VAL F 21 -17.89 39.82 2.63
N LEU F 22 -17.82 38.61 2.09
CA LEU F 22 -16.99 37.58 2.71
C LEU F 22 -15.51 37.85 2.57
N HIS F 23 -15.12 38.74 1.65
CA HIS F 23 -13.71 39.07 1.44
C HIS F 23 -13.12 39.86 2.60
N LEU F 24 -13.95 40.47 3.44
CA LEU F 24 -13.44 41.28 4.54
C LEU F 24 -12.76 40.39 5.58
N GLU F 25 -11.82 40.97 6.31
CA GLU F 25 -11.09 40.21 7.31
C GLU F 25 -12.00 39.87 8.50
N GLY F 26 -11.84 38.66 9.02
CA GLY F 26 -12.64 38.17 10.12
C GLY F 26 -14.02 37.67 9.75
N GLU F 27 -14.57 38.11 8.61
CA GLU F 27 -15.91 37.70 8.23
C GLU F 27 -16.00 36.19 8.03
N VAL F 28 -14.94 35.59 7.47
CA VAL F 28 -14.92 34.14 7.28
C VAL F 28 -14.80 33.43 8.62
N ASN F 29 -14.11 34.05 9.59
CA ASN F 29 -13.96 33.45 10.89
C ASN F 29 -15.28 33.38 11.66
N LYS F 30 -16.17 34.35 11.46
CA LYS F 30 -17.49 34.26 12.08
C LYS F 30 -18.21 33.00 11.63
N ILE F 31 -18.13 32.69 10.34
CA ILE F 31 -18.76 31.49 9.79
C ILE F 31 -18.05 30.24 10.31
N LYS F 32 -16.71 30.23 10.30
CA LYS F 32 -15.98 29.06 10.74
C LYS F 32 -16.24 28.75 12.21
N SER F 33 -16.38 29.79 13.03
CA SER F 33 -16.68 29.59 14.45
C SER F 33 -18.14 29.21 14.66
N ALA F 34 -19.04 29.69 13.80
CA ALA F 34 -20.45 29.31 13.94
C ALA F 34 -20.67 27.86 13.57
N LEU F 35 -19.96 27.36 12.55
CA LEU F 35 -20.08 25.98 12.11
C LEU F 35 -19.08 25.06 12.77
N LEU F 36 -18.41 25.52 13.83
CA LEU F 36 -17.45 24.67 14.53
C LEU F 36 -18.15 23.53 15.27
N SER F 37 -19.41 23.72 15.66
CA SER F 37 -20.17 22.71 16.39
C SER F 37 -21.10 21.94 15.46
N THR F 38 -22.09 22.62 14.88
CA THR F 38 -23.07 22.00 14.00
C THR F 38 -22.66 22.20 12.54
N ASN F 39 -23.44 21.60 11.64
CA ASN F 39 -23.17 21.67 10.20
C ASN F 39 -23.96 22.78 9.51
N LYS F 40 -24.99 23.31 10.18
CA LYS F 40 -25.86 24.34 9.63
C LYS F 40 -26.07 25.40 10.69
N ALA F 41 -26.02 26.67 10.28
CA ALA F 41 -26.17 27.75 11.24
C ALA F 41 -26.68 29.00 10.54
N VAL F 42 -27.07 29.99 11.35
CA VAL F 42 -27.50 31.29 10.86
C VAL F 42 -26.47 32.32 11.29
N VAL F 43 -25.98 33.12 10.34
CA VAL F 43 -24.95 34.10 10.62
C VAL F 43 -25.42 35.46 10.11
N SER F 44 -25.39 36.46 10.98
CA SER F 44 -25.65 37.84 10.58
C SER F 44 -24.30 38.50 10.34
N LEU F 45 -24.09 38.99 9.12
CA LEU F 45 -22.79 39.51 8.73
C LEU F 45 -22.60 40.92 9.29
N SER F 46 -21.54 41.61 8.84
CA SER F 46 -21.26 42.93 9.35
C SER F 46 -22.32 43.94 8.94
N ASN F 47 -22.81 43.84 7.71
CA ASN F 47 -23.84 44.75 7.21
C ASN F 47 -25.24 44.45 7.75
N GLY F 48 -25.36 43.52 8.71
CA GLY F 48 -26.62 43.23 9.35
C GLY F 48 -27.47 42.18 8.68
N VAL F 49 -27.20 41.88 7.40
CA VAL F 49 -27.98 40.89 6.67
C VAL F 49 -27.71 39.49 7.21
N SER F 50 -28.79 38.74 7.45
CA SER F 50 -28.70 37.39 8.00
C SER F 50 -28.75 36.37 6.87
N VAL F 51 -27.82 35.42 6.89
CA VAL F 51 -27.73 34.39 5.86
C VAL F 51 -27.59 33.01 6.50
N LEU F 52 -28.13 32.02 5.81
CA LEU F 52 -27.93 30.62 6.19
C LEU F 52 -26.52 30.17 5.80
N THR F 53 -25.98 29.24 6.59
CA THR F 53 -24.63 28.74 6.37
C THR F 53 -24.63 27.23 6.55
N PHE F 54 -23.83 26.55 5.70
CA PHE F 54 -23.84 25.10 5.65
C PHE F 54 -22.44 24.60 5.34
N LYS F 55 -22.03 23.54 6.04
CA LYS F 55 -20.76 22.85 5.81
C LYS F 55 -21.06 21.45 5.27
N VAL F 56 -20.84 21.26 3.97
CA VAL F 56 -21.23 20.00 3.34
C VAL F 56 -20.12 18.95 3.35
N LEU F 57 -18.85 19.37 3.42
CA LEU F 57 -17.73 18.44 3.38
C LEU F 57 -16.63 18.94 4.29
N ASP F 58 -16.10 18.07 5.13
CA ASP F 58 -15.05 18.42 6.09
C ASP F 58 -13.85 17.51 5.84
N LEU F 59 -12.97 17.93 4.92
CA LEU F 59 -11.72 17.22 4.71
C LEU F 59 -10.69 17.53 5.78
N LYS F 60 -10.87 18.62 6.53
CA LYS F 60 -9.95 18.91 7.63
C LYS F 60 -10.02 17.82 8.70
N ASN F 61 -11.23 17.52 9.17
CA ASN F 61 -11.41 16.48 10.18
C ASN F 61 -11.20 15.07 9.62
N TYR F 62 -10.81 14.93 8.36
CA TYR F 62 -10.45 13.64 7.78
C TYR F 62 -8.96 13.54 7.49
N ILE F 63 -8.42 14.53 6.77
CA ILE F 63 -7.00 14.49 6.41
C ILE F 63 -6.13 14.71 7.64
N ASP F 64 -6.52 15.64 8.51
CA ASP F 64 -5.72 15.92 9.70
C ASP F 64 -5.94 14.88 10.80
N LYS F 65 -7.08 14.18 10.81
CA LYS F 65 -7.37 13.22 11.88
C LYS F 65 -7.18 11.78 11.43
N GLN F 66 -7.88 11.35 10.37
CA GLN F 66 -7.83 9.95 9.97
C GLN F 66 -6.71 9.66 8.99
N LEU F 67 -6.19 10.66 8.28
CA LEU F 67 -5.17 10.43 7.27
C LEU F 67 -3.78 10.92 7.67
N LEU F 68 -3.68 11.93 8.53
CA LEU F 68 -2.38 12.49 8.87
C LEU F 68 -1.51 11.53 9.68
N PRO F 69 -2.00 10.85 10.71
CA PRO F 69 -1.10 9.99 11.52
C PRO F 69 -0.39 8.90 10.72
N ILE F 70 -1.01 8.37 9.66
CA ILE F 70 -0.32 7.38 8.84
C ILE F 70 0.82 8.02 8.08
N LEU F 71 0.68 9.29 7.70
CA LEU F 71 1.69 10.03 6.97
C LEU F 71 2.72 10.72 7.86
N ASN F 72 2.59 10.59 9.18
CA ASN F 72 3.54 11.22 10.10
C ASN F 72 4.68 10.26 10.42
N ASN F 80 -3.87 -0.66 5.44
CA ASN F 80 -5.01 -1.28 4.77
C ASN F 80 -5.36 -0.52 3.50
N ILE F 81 -6.03 -1.20 2.56
CA ILE F 81 -6.40 -0.59 1.29
C ILE F 81 -7.72 0.18 1.36
N GLU F 82 -8.60 -0.17 2.30
CA GLU F 82 -9.89 0.50 2.36
C GLU F 82 -9.74 2.00 2.59
N THR F 83 -8.71 2.41 3.34
CA THR F 83 -8.50 3.81 3.62
C THR F 83 -8.23 4.60 2.33
N VAL F 84 -7.70 3.94 1.31
CA VAL F 84 -7.51 4.62 0.04
C VAL F 84 -8.86 4.97 -0.57
N ILE F 85 -9.75 3.97 -0.70
CA ILE F 85 -11.05 4.22 -1.34
C ILE F 85 -11.86 5.22 -0.54
N GLU F 86 -11.80 5.12 0.79
CA GLU F 86 -12.52 6.07 1.63
C GLU F 86 -12.07 7.50 1.33
N PHE F 87 -10.77 7.70 1.10
CA PHE F 87 -10.32 9.04 0.76
C PHE F 87 -10.90 9.49 -0.58
N GLN F 88 -10.90 8.60 -1.58
CA GLN F 88 -11.41 8.97 -2.90
C GLN F 88 -12.87 9.39 -2.80
N GLN F 89 -13.68 8.61 -2.10
CA GLN F 89 -15.10 8.93 -1.97
C GLN F 89 -15.25 10.29 -1.31
N LYS F 90 -14.38 10.61 -0.35
CA LYS F 90 -14.48 11.91 0.31
C LYS F 90 -13.96 13.03 -0.57
N ASN F 91 -12.98 12.75 -1.44
CA ASN F 91 -12.32 13.80 -2.21
C ASN F 91 -13.00 14.06 -3.55
N ASN F 92 -13.73 13.09 -4.08
CA ASN F 92 -14.28 13.21 -5.43
C ASN F 92 -15.16 14.46 -5.56
N ARG F 93 -15.96 14.75 -4.54
CA ARG F 93 -16.83 15.91 -4.61
C ARG F 93 -16.02 17.19 -4.79
N LEU F 94 -14.95 17.34 -4.01
CA LEU F 94 -14.11 18.52 -4.13
C LEU F 94 -13.56 18.63 -5.54
N LEU F 95 -13.24 17.49 -6.17
CA LEU F 95 -12.74 17.55 -7.55
C LEU F 95 -13.84 18.01 -8.50
N GLU F 96 -15.04 17.43 -8.38
CA GLU F 96 -16.08 17.74 -9.36
C GLU F 96 -16.57 19.17 -9.19
N ILE F 97 -16.70 19.63 -7.95
CA ILE F 97 -17.02 21.03 -7.71
C ILE F 97 -15.96 21.90 -8.38
N THR F 98 -14.69 21.49 -8.28
CA THR F 98 -13.64 22.24 -8.96
C THR F 98 -13.87 22.23 -10.47
N ARG F 99 -14.17 21.06 -11.04
CA ARG F 99 -14.32 20.98 -12.49
C ARG F 99 -15.45 21.87 -12.96
N GLU F 100 -16.62 21.76 -12.32
CA GLU F 100 -17.76 22.57 -12.72
C GLU F 100 -17.45 24.05 -12.64
N PHE F 101 -16.63 24.45 -11.67
CA PHE F 101 -16.28 25.86 -11.57
C PHE F 101 -15.29 26.24 -12.66
N SER F 102 -14.25 25.41 -12.85
CA SER F 102 -13.16 25.79 -13.75
C SER F 102 -13.63 25.96 -15.18
N VAL F 103 -14.76 25.38 -15.54
CA VAL F 103 -15.34 25.58 -16.86
C VAL F 103 -16.26 26.78 -16.89
N ASN F 104 -17.15 26.90 -15.90
CA ASN F 104 -18.18 27.93 -15.92
C ASN F 104 -17.73 29.26 -15.34
N ALA F 105 -16.42 29.46 -15.18
CA ALA F 105 -15.86 30.75 -14.75
C ALA F 105 -16.39 31.18 -13.38
N GLY F 106 -16.67 30.23 -12.50
CA GLY F 106 -17.04 30.53 -11.14
C GLY F 106 -18.53 30.71 -10.90
N VAL F 107 -19.35 30.75 -11.95
CA VAL F 107 -20.79 30.91 -11.82
C VAL F 107 -21.46 29.79 -12.60
N THR F 108 -22.16 28.91 -11.90
CA THR F 108 -22.81 27.75 -12.51
C THR F 108 -24.32 27.84 -12.29
N THR F 109 -25.06 27.41 -13.30
CA THR F 109 -26.52 27.32 -13.21
C THR F 109 -27.01 26.35 -14.29
N PRO F 110 -27.89 25.40 -13.95
CA PRO F 110 -28.46 25.13 -12.62
C PRO F 110 -27.44 24.63 -11.59
N VAL F 111 -27.83 24.64 -10.31
CA VAL F 111 -26.97 24.16 -9.25
C VAL F 111 -26.93 22.64 -9.29
N SER F 112 -25.74 22.09 -9.53
CA SER F 112 -25.58 20.65 -9.70
C SER F 112 -25.71 19.92 -8.36
N THR F 113 -25.78 18.59 -8.46
CA THR F 113 -25.86 17.77 -7.26
C THR F 113 -24.53 17.75 -6.51
N TYR F 114 -23.41 17.89 -7.23
CA TYR F 114 -22.13 18.02 -6.56
C TYR F 114 -22.06 19.30 -5.73
N MET F 115 -22.59 20.40 -6.27
CA MET F 115 -22.57 21.66 -5.54
C MET F 115 -23.49 21.60 -4.33
N LEU F 116 -24.63 20.93 -4.45
CA LEU F 116 -25.60 20.87 -3.37
C LEU F 116 -26.52 19.68 -3.61
N THR F 117 -26.42 18.66 -2.76
CA THR F 117 -27.24 17.47 -2.91
C THR F 117 -28.70 17.78 -2.56
N ASN F 118 -29.58 16.82 -2.85
CA ASN F 118 -30.99 17.01 -2.58
C ASN F 118 -31.26 17.11 -1.08
N SER F 119 -30.56 16.32 -0.27
CA SER F 119 -30.74 16.42 1.18
C SER F 119 -30.36 17.80 1.68
N GLU F 120 -29.23 18.33 1.21
CA GLU F 120 -28.77 19.64 1.66
C GLU F 120 -29.70 20.75 1.15
N LEU F 121 -30.19 20.62 -0.08
CA LEU F 121 -31.10 21.62 -0.63
C LEU F 121 -32.43 21.61 0.11
N LEU F 122 -32.96 20.43 0.42
CA LEU F 122 -34.18 20.35 1.21
C LEU F 122 -33.97 20.89 2.61
N SER F 123 -32.76 20.72 3.17
CA SER F 123 -32.46 21.32 4.46
C SER F 123 -32.48 22.84 4.38
N LEU F 124 -31.86 23.41 3.34
CA LEU F 124 -31.87 24.85 3.17
C LEU F 124 -33.28 25.38 3.00
N ILE F 125 -34.12 24.65 2.25
CA ILE F 125 -35.51 25.07 2.08
C ILE F 125 -36.26 25.00 3.41
N ASN F 126 -35.96 23.98 4.22
CA ASN F 126 -36.66 23.81 5.49
C ASN F 126 -36.37 24.94 6.48
N ASP F 127 -35.14 25.46 6.47
CA ASP F 127 -34.75 26.54 7.37
C ASP F 127 -34.90 27.92 6.74
N MET F 128 -35.47 28.00 5.53
CA MET F 128 -35.65 29.29 4.89
C MET F 128 -36.74 30.08 5.60
N PRO F 129 -36.54 31.38 5.80
CA PRO F 129 -37.52 32.21 6.55
C PRO F 129 -38.69 32.67 5.68
N ILE F 130 -39.53 31.72 5.27
CA ILE F 130 -40.72 31.98 4.48
C ILE F 130 -41.83 31.05 4.94
N THR F 131 -42.98 31.12 4.28
CA THR F 131 -44.16 30.40 4.71
C THR F 131 -44.04 28.91 4.44
N ASN F 132 -44.92 28.14 5.08
CA ASN F 132 -44.95 26.69 4.86
C ASN F 132 -45.39 26.36 3.44
N ASP F 133 -46.27 27.16 2.85
CA ASP F 133 -46.69 26.92 1.48
C ASP F 133 -45.50 27.00 0.51
N GLN F 134 -44.61 27.97 0.75
CA GLN F 134 -43.42 28.08 -0.10
C GLN F 134 -42.46 26.93 0.17
N LYS F 135 -42.33 26.50 1.42
CA LYS F 135 -41.51 25.33 1.71
C LYS F 135 -42.03 24.10 0.96
N LYS F 136 -43.36 23.90 0.95
CA LYS F 136 -43.95 22.78 0.24
C LYS F 136 -43.65 22.88 -1.25
N LEU F 137 -43.86 24.07 -1.82
CA LEU F 137 -43.66 24.26 -3.26
C LEU F 137 -42.21 24.01 -3.65
N MET F 138 -41.27 24.58 -2.90
CA MET F 138 -39.85 24.39 -3.23
C MET F 138 -39.40 22.97 -2.97
N SER F 139 -40.02 22.28 -2.01
CA SER F 139 -39.60 20.91 -1.69
C SER F 139 -40.09 19.91 -2.73
N ASN F 140 -41.29 20.12 -3.28
CA ASN F 140 -41.80 19.20 -4.27
C ASN F 140 -41.20 19.43 -5.66
N ASN F 141 -40.59 20.59 -5.90
CA ASN F 141 -40.06 20.93 -7.22
C ASN F 141 -38.59 21.34 -7.13
N VAL F 142 -37.77 20.49 -6.51
CA VAL F 142 -36.37 20.85 -6.31
C VAL F 142 -35.62 20.93 -7.63
N GLN F 143 -36.03 20.14 -8.64
CA GLN F 143 -35.35 20.21 -9.93
C GLN F 143 -35.54 21.59 -10.57
N ILE F 144 -36.74 22.15 -10.41
CA ILE F 144 -37.01 23.47 -10.95
C ILE F 144 -36.30 24.54 -10.14
N VAL F 145 -36.26 24.38 -8.82
CA VAL F 145 -35.53 25.33 -7.98
C VAL F 145 -34.06 25.35 -8.35
N ARG F 146 -33.49 24.18 -8.64
CA ARG F 146 -32.11 24.12 -9.09
C ARG F 146 -31.95 24.88 -10.40
N GLN F 147 -32.91 24.74 -11.30
CA GLN F 147 -32.76 25.44 -12.57
C GLN F 147 -32.87 26.95 -12.42
N GLN F 148 -33.45 27.43 -11.33
CA GLN F 148 -33.59 28.86 -11.07
C GLN F 148 -32.59 29.39 -10.04
N SER F 149 -31.57 28.61 -9.70
CA SER F 149 -30.59 28.98 -8.69
C SER F 149 -29.22 29.11 -9.34
N TYR F 150 -28.35 29.89 -8.69
CA TYR F 150 -26.98 30.07 -9.13
C TYR F 150 -26.02 29.59 -8.05
N SER F 151 -24.76 29.43 -8.46
CA SER F 151 -23.69 29.03 -7.54
C SER F 151 -22.48 29.90 -7.86
N ILE F 152 -22.28 30.93 -7.06
CA ILE F 152 -21.18 31.87 -7.25
C ILE F 152 -20.04 31.45 -6.34
N MET F 153 -18.88 31.18 -6.91
CA MET F 153 -17.74 30.81 -6.07
C MET F 153 -17.18 32.06 -5.44
N CYS F 154 -16.98 32.07 -4.12
CA CYS F 154 -16.55 33.30 -3.46
C CYS F 154 -15.06 33.22 -3.14
N ILE F 155 -14.72 32.69 -1.97
CA ILE F 155 -13.35 32.73 -1.47
C ILE F 155 -12.90 31.36 -0.97
N ILE F 156 -11.58 31.22 -0.86
CA ILE F 156 -10.94 30.06 -0.29
C ILE F 156 -9.90 30.59 0.70
N LYS F 157 -10.37 30.99 1.88
CA LYS F 157 -9.53 31.64 2.88
C LYS F 157 -9.19 30.67 4.01
N GLU F 158 -8.00 30.87 4.59
CA GLU F 158 -7.47 30.08 5.70
C GLU F 158 -8.51 29.76 6.77
N GLU F 159 -9.09 28.56 6.73
CA GLU F 159 -8.66 27.47 5.87
C GLU F 159 -9.90 26.72 5.36
N VAL F 160 -10.80 27.46 4.73
CA VAL F 160 -12.08 26.95 4.28
C VAL F 160 -12.35 27.38 2.83
N LEU F 161 -13.13 26.57 2.13
CA LEU F 161 -13.60 26.88 0.79
C LEU F 161 -15.06 27.34 0.88
N ALA F 162 -15.41 28.36 0.10
CA ALA F 162 -16.73 28.97 0.23
C ALA F 162 -17.33 29.37 -1.11
N TYR F 163 -18.60 29.04 -1.30
CA TYR F 163 -19.37 29.52 -2.44
C TYR F 163 -20.80 29.80 -2.00
N VAL F 164 -21.39 30.84 -2.57
CA VAL F 164 -22.75 31.26 -2.26
C VAL F 164 -23.70 30.61 -3.25
N VAL F 165 -24.79 30.05 -2.74
CA VAL F 165 -25.83 29.47 -3.58
C VAL F 165 -27.03 30.41 -3.55
N GLN F 166 -27.28 31.07 -4.69
CA GLN F 166 -28.36 32.04 -4.81
C GLN F 166 -29.64 31.31 -5.21
N LEU F 167 -30.57 31.16 -4.23
CA LEU F 167 -31.85 30.46 -4.28
C LEU F 167 -32.98 31.42 -4.63
N PRO F 168 -34.04 30.93 -5.25
CA PRO F 168 -35.16 31.81 -5.63
C PRO F 168 -36.21 31.89 -4.53
N LEU F 169 -36.83 33.07 -4.45
CA LEU F 169 -37.94 33.33 -3.53
C LEU F 169 -39.21 33.58 -4.34
N TYR F 170 -40.23 32.77 -4.07
CA TYR F 170 -41.49 32.84 -4.81
C TYR F 170 -42.50 33.66 -4.01
N GLY F 171 -42.47 34.98 -4.22
CA GLY F 171 -43.37 35.87 -3.51
C GLY F 171 -44.80 35.86 -4.02
N VAL F 172 -45.02 35.32 -5.22
CA VAL F 172 -46.34 35.23 -5.83
C VAL F 172 -46.64 33.76 -6.12
N ILE F 173 -47.65 33.22 -5.46
CA ILE F 173 -48.02 31.81 -5.58
C ILE F 173 -49.54 31.71 -5.65
N ASP F 174 -50.03 30.76 -6.45
CA ASP F 174 -51.44 30.38 -6.53
C ASP F 174 -52.31 31.46 -7.17
N THR F 175 -51.72 32.36 -7.96
CA THR F 175 -52.60 33.24 -8.71
C THR F 175 -52.86 32.67 -10.09
N PRO F 176 -54.00 32.99 -10.72
CA PRO F 176 -54.31 32.37 -12.01
C PRO F 176 -53.36 32.80 -13.11
N CYS F 177 -52.96 31.83 -13.93
CA CYS F 177 -52.10 32.07 -15.08
C CYS F 177 -52.76 31.52 -16.34
N TRP F 178 -52.30 32.00 -17.48
CA TRP F 178 -52.78 31.52 -18.78
C TRP F 178 -51.75 31.80 -19.86
N LYS F 179 -51.66 30.89 -20.82
CA LYS F 179 -50.70 30.97 -21.91
C LYS F 179 -51.40 31.29 -23.21
N LEU F 180 -50.92 32.30 -23.92
CA LEU F 180 -51.47 32.73 -25.19
C LEU F 180 -50.60 32.22 -26.33
N HIS F 181 -51.23 31.53 -27.29
CA HIS F 181 -50.58 31.06 -28.50
C HIS F 181 -51.15 31.83 -29.69
N THR F 182 -50.29 32.19 -30.64
CA THR F 182 -50.72 32.92 -31.83
C THR F 182 -50.12 32.31 -33.09
N SER F 183 -50.71 32.67 -34.23
CA SER F 183 -50.29 32.15 -35.53
C SER F 183 -50.76 33.14 -36.59
N PRO F 184 -50.08 33.20 -37.75
CA PRO F 184 -50.45 34.19 -38.77
C PRO F 184 -51.86 34.00 -39.30
N LEU F 185 -52.55 35.12 -39.49
CA LEU F 185 -53.93 35.17 -40.00
C LEU F 185 -53.95 35.96 -41.30
N CYS F 186 -54.01 35.26 -42.43
CA CYS F 186 -53.93 35.88 -43.76
C CYS F 186 -55.22 35.67 -44.53
N THR F 187 -55.36 36.44 -45.62
CA THR F 187 -56.44 36.25 -46.58
C THR F 187 -56.13 35.04 -47.46
N THR F 188 -57.13 34.64 -48.26
CA THR F 188 -57.05 33.40 -49.04
C THR F 188 -57.37 33.65 -50.52
N ASN F 189 -56.68 34.59 -51.15
CA ASN F 189 -56.85 34.83 -52.57
C ASN F 189 -56.05 33.83 -53.39
N THR F 190 -56.32 33.82 -54.70
CA THR F 190 -55.67 32.87 -55.62
C THR F 190 -54.33 33.39 -56.14
N LYS F 191 -54.19 34.69 -56.33
CA LYS F 191 -52.92 35.28 -56.76
C LYS F 191 -51.90 35.15 -55.64
N GLU F 192 -50.62 35.13 -56.02
CA GLU F 192 -49.55 34.89 -55.05
C GLU F 192 -49.32 36.11 -54.14
N GLY F 193 -48.83 37.21 -54.70
CA GLY F 193 -48.53 38.40 -53.93
C GLY F 193 -49.70 39.24 -53.48
N SER F 194 -50.94 38.81 -53.77
CA SER F 194 -52.12 39.60 -53.44
C SER F 194 -52.57 39.49 -51.97
N ASN F 195 -52.08 38.54 -51.20
CA ASN F 195 -52.57 38.36 -49.83
C ASN F 195 -51.87 39.28 -48.84
N ILE F 196 -52.58 39.61 -47.76
CA ILE F 196 -52.06 40.37 -46.63
C ILE F 196 -52.22 39.55 -45.36
N CYS F 197 -51.26 39.69 -44.44
CA CYS F 197 -51.20 38.87 -43.22
C CYS F 197 -51.12 39.73 -41.97
N LEU F 198 -51.61 39.16 -40.87
CA LEU F 198 -51.69 39.82 -39.57
C LEU F 198 -51.56 38.77 -38.48
N THR F 199 -50.76 39.07 -37.45
CA THR F 199 -50.48 38.10 -36.39
C THR F 199 -50.41 38.80 -35.04
N ARG F 200 -51.04 38.21 -34.03
CA ARG F 200 -50.91 38.77 -32.68
C ARG F 200 -49.52 38.47 -32.13
N THR F 201 -48.87 39.49 -31.56
CA THR F 201 -47.51 39.35 -31.04
C THR F 201 -47.45 39.17 -29.54
N ASP F 202 -48.56 39.35 -28.83
CA ASP F 202 -48.57 39.27 -27.38
C ASP F 202 -48.54 37.85 -26.84
N ARG F 203 -48.03 36.88 -27.61
CA ARG F 203 -48.07 35.49 -27.20
C ARG F 203 -47.03 35.19 -26.13
N GLY F 204 -47.39 34.34 -25.18
CA GLY F 204 -46.53 34.02 -24.06
C GLY F 204 -47.36 33.80 -22.81
N TRP F 205 -46.70 33.84 -21.65
CA TRP F 205 -47.38 33.56 -20.39
C TRP F 205 -47.89 34.83 -19.73
N TYR F 206 -49.05 34.72 -19.07
CA TYR F 206 -49.62 35.81 -18.29
C TYR F 206 -50.00 35.29 -16.92
N CYS F 207 -49.71 36.07 -15.87
CA CYS F 207 -50.09 35.68 -14.52
C CYS F 207 -50.59 36.90 -13.74
N ASP F 208 -51.64 36.70 -12.96
CA ASP F 208 -52.15 37.77 -12.13
C ASP F 208 -51.18 38.08 -10.99
N ASN F 209 -50.93 39.36 -10.75
CA ASN F 209 -49.92 39.76 -9.77
C ASN F 209 -50.21 41.18 -9.32
N ALA F 210 -50.57 41.33 -8.04
CA ALA F 210 -50.70 42.63 -7.38
C ALA F 210 -51.61 43.57 -8.16
N GLY F 211 -52.82 43.11 -8.45
CA GLY F 211 -53.78 43.92 -9.16
C GLY F 211 -53.44 44.22 -10.61
N SER F 212 -52.34 43.69 -11.12
CA SER F 212 -51.97 43.85 -12.52
C SER F 212 -51.60 42.50 -13.11
N VAL F 213 -50.98 42.48 -14.28
CA VAL F 213 -50.65 41.23 -14.95
C VAL F 213 -49.16 41.22 -15.26
N SER F 214 -48.49 40.12 -14.93
CA SER F 214 -47.10 39.89 -15.31
C SER F 214 -47.10 39.10 -16.62
N PHE F 215 -46.51 39.69 -17.66
CA PHE F 215 -46.46 39.12 -18.99
C PHE F 215 -45.04 38.68 -19.31
N PHE F 216 -44.90 37.45 -19.78
CA PHE F 216 -43.60 36.87 -20.13
C PHE F 216 -43.61 36.53 -21.60
N PRO F 217 -42.94 37.33 -22.44
CA PRO F 217 -42.99 37.07 -23.89
C PRO F 217 -42.15 35.88 -24.31
N GLN F 218 -41.13 35.54 -23.54
CA GLN F 218 -40.29 34.39 -23.84
C GLN F 218 -40.75 33.23 -22.95
N ALA F 219 -41.79 32.53 -23.42
CA ALA F 219 -42.35 31.40 -22.70
C ALA F 219 -41.38 30.24 -22.58
N GLU F 220 -40.30 30.25 -23.38
CA GLU F 220 -39.27 29.24 -23.29
C GLU F 220 -38.55 29.29 -21.95
N THR F 221 -38.53 30.45 -21.30
CA THR F 221 -37.87 30.61 -20.01
C THR F 221 -38.77 30.21 -18.84
N CYS F 222 -40.09 30.16 -19.04
CA CYS F 222 -41.01 29.73 -18.01
C CYS F 222 -41.09 28.21 -18.00
N LYS F 223 -40.85 27.60 -16.83
CA LYS F 223 -40.88 26.15 -16.70
C LYS F 223 -42.21 25.69 -16.12
N VAL F 224 -42.74 24.60 -16.63
CA VAL F 224 -44.07 24.13 -16.26
C VAL F 224 -43.97 22.73 -15.67
N GLN F 225 -44.57 22.55 -14.50
CA GLN F 225 -44.71 21.24 -13.86
C GLN F 225 -46.15 21.07 -13.42
N SER F 226 -46.83 20.07 -13.97
CA SER F 226 -48.27 19.85 -13.75
C SER F 226 -48.98 21.11 -14.22
N ASN F 227 -49.87 21.70 -13.44
CA ASN F 227 -50.50 22.96 -13.79
C ASN F 227 -49.80 24.16 -13.16
N ARG F 228 -48.60 23.97 -12.62
CA ARG F 228 -47.84 25.04 -11.99
C ARG F 228 -46.81 25.60 -12.95
N VAL F 229 -46.70 26.94 -12.95
CA VAL F 229 -45.84 27.65 -13.87
C VAL F 229 -44.84 28.47 -13.06
N PHE F 230 -43.56 28.13 -13.19
CA PHE F 230 -42.46 28.86 -12.55
C PHE F 230 -41.91 29.82 -13.60
N CYS F 231 -42.29 31.09 -13.49
CA CYS F 231 -41.77 32.14 -14.35
C CYS F 231 -40.79 33.02 -13.58
N ASP F 232 -40.22 33.98 -14.29
CA ASP F 232 -39.23 34.89 -13.73
C ASP F 232 -39.63 36.32 -14.00
N THR F 233 -39.81 37.10 -12.94
CA THR F 233 -40.23 38.49 -13.09
C THR F 233 -39.17 39.37 -13.72
N MET F 234 -37.88 38.99 -13.64
CA MET F 234 -36.82 39.83 -14.17
C MET F 234 -37.00 40.07 -15.68
N ASN F 235 -37.47 39.05 -16.39
CA ASN F 235 -37.78 39.19 -17.81
C ASN F 235 -39.28 39.18 -18.03
N SER F 236 -40.00 40.11 -17.39
CA SER F 236 -41.46 40.21 -17.46
C SER F 236 -41.86 41.64 -17.75
N LEU F 237 -43.17 41.86 -17.87
CA LEU F 237 -43.72 43.19 -18.08
C LEU F 237 -44.95 43.36 -17.19
N THR F 238 -45.04 44.50 -16.52
CA THR F 238 -46.19 44.81 -15.66
C THR F 238 -47.22 45.56 -16.50
N LEU F 239 -48.28 44.85 -16.89
CA LEU F 239 -49.35 45.37 -17.72
C LEU F 239 -50.63 45.55 -16.91
N PRO F 240 -51.54 46.41 -17.36
CA PRO F 240 -52.82 46.54 -16.67
C PRO F 240 -53.66 45.29 -16.79
N SER F 241 -54.68 45.20 -15.94
CA SER F 241 -55.56 44.03 -15.95
C SER F 241 -56.33 43.92 -17.25
N GLU F 242 -56.57 45.05 -17.93
CA GLU F 242 -57.36 45.09 -19.16
C GLU F 242 -56.70 44.38 -20.34
N VAL F 243 -55.43 43.96 -20.22
CA VAL F 243 -54.78 43.29 -21.34
C VAL F 243 -55.54 42.03 -21.74
N ASN F 244 -56.16 41.34 -20.79
CA ASN F 244 -56.86 40.11 -21.11
C ASN F 244 -57.99 40.36 -22.11
N LEU F 245 -58.51 41.59 -22.16
CA LEU F 245 -59.60 41.87 -23.10
C LEU F 245 -59.21 41.56 -24.53
N CYS F 246 -57.90 41.65 -24.85
CA CYS F 246 -57.46 41.38 -26.22
C CYS F 246 -57.84 39.99 -26.70
N ASN F 247 -58.06 39.04 -25.79
CA ASN F 247 -58.46 37.71 -26.22
C ASN F 247 -59.93 37.66 -26.59
N VAL F 248 -60.80 38.33 -25.82
CA VAL F 248 -62.23 38.23 -26.08
C VAL F 248 -62.72 39.32 -27.03
N ASP F 249 -62.03 40.46 -27.06
CA ASP F 249 -62.43 41.62 -27.88
C ASP F 249 -61.13 42.28 -28.31
N ILE F 250 -60.66 41.92 -29.51
CA ILE F 250 -59.40 42.48 -29.99
C ILE F 250 -59.56 43.96 -30.31
N PHE F 251 -60.77 44.41 -30.63
CA PHE F 251 -60.98 45.80 -31.01
C PHE F 251 -61.45 46.67 -29.85
N ASN F 252 -61.12 46.28 -28.63
CA ASN F 252 -61.52 47.08 -27.48
C ASN F 252 -60.72 48.38 -27.47
N PRO F 253 -61.35 49.50 -27.10
CA PRO F 253 -60.61 50.76 -27.03
C PRO F 253 -59.81 50.92 -25.75
N LYS F 254 -60.17 50.22 -24.68
CA LYS F 254 -59.49 50.40 -23.40
C LYS F 254 -58.10 49.79 -23.41
N TYR F 255 -57.79 48.94 -24.38
CA TYR F 255 -56.45 48.40 -24.52
C TYR F 255 -56.17 48.23 -26.00
N ASP F 256 -55.03 48.73 -26.45
CA ASP F 256 -54.64 48.68 -27.86
C ASP F 256 -53.80 47.43 -28.06
N CYS F 257 -54.41 46.38 -28.59
CA CYS F 257 -53.74 45.09 -28.71
C CYS F 257 -52.67 45.14 -29.79
N LYS F 258 -51.55 44.48 -29.52
CA LYS F 258 -50.40 44.52 -30.41
C LYS F 258 -50.51 43.44 -31.48
N ILE F 259 -50.24 43.83 -32.72
CA ILE F 259 -50.25 42.93 -33.86
C ILE F 259 -48.99 43.16 -34.67
N MET F 260 -48.87 42.40 -35.75
CA MET F 260 -47.73 42.44 -36.65
C MET F 260 -48.24 42.14 -38.05
N THR F 261 -48.03 43.06 -38.97
CA THR F 261 -48.53 42.91 -40.32
C THR F 261 -47.42 42.44 -41.24
N SER F 262 -47.83 41.81 -42.34
CA SER F 262 -46.88 41.34 -43.35
C SER F 262 -47.66 41.01 -44.60
N LYS F 263 -46.95 40.46 -45.59
CA LYS F 263 -47.58 39.90 -46.77
C LYS F 263 -47.10 38.47 -47.00
N THR F 264 -46.35 37.92 -46.05
CA THR F 264 -45.74 36.59 -46.20
C THR F 264 -46.76 35.56 -45.72
N ASP F 265 -47.56 35.06 -46.66
CA ASP F 265 -48.55 34.04 -46.36
C ASP F 265 -47.89 32.68 -46.51
N VAL F 266 -47.24 32.22 -45.45
CA VAL F 266 -46.64 30.90 -45.42
C VAL F 266 -47.45 30.03 -44.47
N SER F 267 -47.44 28.72 -44.74
CA SER F 267 -48.23 27.79 -43.95
C SER F 267 -47.42 27.34 -42.75
N SER F 268 -48.09 27.20 -41.62
CA SER F 268 -47.40 26.80 -40.40
C SER F 268 -48.41 26.22 -39.41
N SER F 269 -47.90 25.74 -38.28
CA SER F 269 -48.76 25.23 -37.23
C SER F 269 -48.15 25.56 -35.88
N VAL F 270 -49.01 25.85 -34.91
CA VAL F 270 -48.62 26.19 -33.56
C VAL F 270 -49.29 25.20 -32.63
N ILE F 271 -48.51 24.30 -32.03
CA ILE F 271 -49.05 23.32 -31.11
C ILE F 271 -49.33 23.99 -29.78
N THR F 272 -50.58 23.95 -29.34
CA THR F 272 -50.99 24.57 -28.10
C THR F 272 -50.97 23.54 -26.97
N SER F 273 -51.51 23.92 -25.81
CA SER F 273 -51.48 23.02 -24.66
C SER F 273 -52.50 21.88 -24.81
N LEU F 274 -53.65 22.17 -25.42
CA LEU F 274 -54.70 21.17 -25.61
C LEU F 274 -55.11 20.99 -27.06
N GLY F 275 -54.32 21.48 -28.01
CA GLY F 275 -54.68 21.33 -29.40
C GLY F 275 -53.63 21.77 -30.40
N ALA F 276 -54.07 22.33 -31.53
CA ALA F 276 -53.13 22.74 -32.58
C ALA F 276 -53.81 23.77 -33.47
N ILE F 277 -53.09 24.86 -33.74
CA ILE F 277 -53.50 25.87 -34.70
C ILE F 277 -52.81 25.57 -36.02
N VAL F 278 -53.56 25.65 -37.12
CA VAL F 278 -53.03 25.38 -38.45
C VAL F 278 -53.34 26.57 -39.34
N SER F 279 -52.30 27.23 -39.86
CA SER F 279 -52.45 28.31 -40.82
C SER F 279 -52.04 27.73 -42.17
N CYS F 280 -53.02 27.30 -42.95
CA CYS F 280 -52.79 26.61 -44.21
C CYS F 280 -53.11 27.59 -45.34
N TYR F 281 -52.07 28.17 -45.93
CA TYR F 281 -52.22 29.13 -47.01
C TYR F 281 -51.51 28.61 -48.25
N GLY F 282 -51.98 29.07 -49.41
CA GLY F 282 -51.35 28.67 -50.65
C GLY F 282 -51.75 27.25 -51.03
N LYS F 283 -50.86 26.60 -51.78
CA LYS F 283 -51.07 25.24 -52.26
C LYS F 283 -50.63 24.18 -51.25
N THR F 284 -50.28 24.57 -50.03
CA THR F 284 -49.84 23.61 -49.03
C THR F 284 -50.98 22.70 -48.61
N LYS F 285 -50.65 21.43 -48.38
CA LYS F 285 -51.63 20.45 -47.93
C LYS F 285 -51.43 20.22 -46.44
N CYS F 286 -52.45 20.54 -45.65
CA CYS F 286 -52.40 20.40 -44.20
C CYS F 286 -53.53 19.50 -43.74
N THR F 287 -53.19 18.52 -42.91
CA THR F 287 -54.12 17.52 -42.41
C THR F 287 -53.97 17.38 -40.90
N ALA F 288 -54.97 16.74 -40.31
CA ALA F 288 -54.96 16.36 -38.90
C ALA F 288 -55.38 14.90 -38.83
N SER F 289 -54.55 14.09 -38.15
CA SER F 289 -54.64 12.65 -38.25
C SER F 289 -54.69 11.99 -36.86
N ASN F 290 -55.29 10.80 -36.84
CA ASN F 290 -55.44 9.98 -35.66
C ASN F 290 -54.67 8.67 -35.84
N LYS F 291 -54.09 8.17 -34.76
CA LYS F 291 -53.16 7.03 -34.84
C LYS F 291 -53.82 5.74 -35.31
N ASN F 292 -55.14 5.60 -35.14
CA ASN F 292 -55.87 4.43 -35.60
C ASN F 292 -56.65 4.68 -36.88
N ARG F 293 -57.37 5.80 -36.97
CA ARG F 293 -58.23 6.05 -38.11
C ARG F 293 -57.47 6.60 -39.30
N GLY F 294 -56.43 7.40 -39.06
CA GLY F 294 -55.69 8.00 -40.15
C GLY F 294 -56.05 9.47 -40.27
N ILE F 295 -56.04 9.99 -41.48
CA ILE F 295 -56.41 11.39 -41.69
C ILE F 295 -57.87 11.57 -41.33
N ILE F 296 -58.16 12.53 -40.45
CA ILE F 296 -59.53 12.85 -40.08
C ILE F 296 -59.92 14.27 -40.45
N LYS F 297 -58.99 15.12 -40.88
CA LYS F 297 -59.39 16.44 -41.35
C LYS F 297 -58.37 16.97 -42.37
N THR F 298 -58.88 17.53 -43.46
CA THR F 298 -58.06 18.22 -44.45
C THR F 298 -58.38 19.71 -44.38
N PHE F 299 -57.44 20.50 -43.87
CA PHE F 299 -57.71 21.91 -43.63
C PHE F 299 -57.88 22.67 -44.93
N SER F 300 -58.89 23.53 -44.98
CA SER F 300 -59.04 24.48 -46.06
C SER F 300 -58.10 25.68 -45.85
N ASN F 301 -58.01 26.52 -46.88
CA ASN F 301 -57.15 27.71 -46.80
C ASN F 301 -57.64 28.65 -45.71
N GLY F 302 -56.76 28.95 -44.77
CA GLY F 302 -57.10 29.82 -43.65
C GLY F 302 -56.45 29.34 -42.38
N CYS F 303 -56.80 29.99 -41.28
CA CYS F 303 -56.34 29.59 -39.96
C CYS F 303 -57.47 28.86 -39.24
N ASP F 304 -57.21 27.61 -38.88
CA ASP F 304 -58.19 26.76 -38.21
C ASP F 304 -57.55 26.14 -36.97
N TYR F 305 -58.37 25.43 -36.19
CA TYR F 305 -57.94 24.82 -34.94
C TYR F 305 -58.47 23.39 -34.87
N VAL F 306 -57.70 22.54 -34.17
CA VAL F 306 -58.11 21.15 -33.94
C VAL F 306 -57.67 20.76 -32.53
N SER F 307 -58.61 20.28 -31.73
CA SER F 307 -58.32 19.87 -30.36
C SER F 307 -57.61 18.53 -30.33
N ASN F 308 -56.93 18.26 -29.21
CA ASN F 308 -56.24 17.01 -29.01
C ASN F 308 -57.18 15.87 -28.61
N LYS F 309 -58.48 16.13 -28.51
CA LYS F 309 -59.47 15.12 -28.13
C LYS F 309 -59.70 14.20 -29.32
N GLY F 310 -58.90 13.14 -29.43
CA GLY F 310 -59.01 12.20 -30.52
C GLY F 310 -58.03 12.43 -31.65
N VAL F 311 -57.20 13.46 -31.59
CA VAL F 311 -56.19 13.73 -32.61
C VAL F 311 -54.82 13.47 -31.99
N ASP F 312 -53.95 12.83 -32.76
CA ASP F 312 -52.61 12.50 -32.33
C ASP F 312 -51.53 13.24 -33.11
N THR F 313 -51.74 13.48 -34.40
CA THR F 313 -50.75 14.17 -35.20
C THR F 313 -51.41 15.27 -36.04
N VAL F 314 -50.61 16.26 -36.42
CA VAL F 314 -51.03 17.33 -37.32
C VAL F 314 -49.90 17.56 -38.30
N SER F 315 -50.19 17.49 -39.60
CA SER F 315 -49.14 17.60 -40.61
C SER F 315 -49.41 18.82 -41.47
N VAL F 316 -48.42 19.68 -41.60
CA VAL F 316 -48.51 20.85 -42.47
C VAL F 316 -47.37 20.77 -43.47
N GLY F 317 -47.72 20.58 -44.74
CA GLY F 317 -46.69 20.46 -45.76
C GLY F 317 -45.84 19.22 -45.52
N ASN F 318 -44.53 19.43 -45.41
CA ASN F 318 -43.59 18.37 -45.12
C ASN F 318 -43.30 18.24 -43.63
N THR F 319 -44.02 18.96 -42.79
CA THR F 319 -43.76 18.96 -41.35
C THR F 319 -44.81 18.13 -40.62
N LEU F 320 -44.36 17.26 -39.73
CA LEU F 320 -45.24 16.45 -38.89
C LEU F 320 -45.07 16.88 -37.44
N TYR F 321 -46.15 17.35 -36.83
CA TYR F 321 -46.18 17.73 -35.42
C TYR F 321 -46.99 16.70 -34.64
N TYR F 322 -46.49 16.34 -33.46
CA TYR F 322 -47.27 15.56 -32.51
C TYR F 322 -47.92 16.52 -31.52
N VAL F 323 -49.24 16.46 -31.39
CA VAL F 323 -49.94 17.33 -30.45
C VAL F 323 -49.87 16.74 -29.06
N ASN F 324 -49.95 17.62 -28.06
CA ASN F 324 -49.90 17.18 -26.67
C ASN F 324 -51.19 16.46 -26.30
N LYS F 325 -51.04 15.30 -25.67
CA LYS F 325 -52.18 14.47 -25.24
C LYS F 325 -52.57 14.75 -23.80
N GLN F 326 -52.62 16.02 -23.42
CA GLN F 326 -53.05 16.43 -22.09
C GLN F 326 -54.58 16.47 -22.00
N GLU F 327 -55.09 16.18 -20.81
CA GLU F 327 -56.52 16.11 -20.57
C GLU F 327 -57.09 17.49 -20.26
N GLY F 328 -58.13 17.86 -20.99
CA GLY F 328 -58.78 19.14 -20.78
C GLY F 328 -59.86 19.39 -21.81
N LYS F 329 -60.68 20.39 -21.52
CA LYS F 329 -61.77 20.77 -22.42
C LYS F 329 -61.29 21.90 -23.32
N SER F 330 -61.42 21.71 -24.64
CA SER F 330 -61.06 22.71 -25.63
C SER F 330 -62.32 23.23 -26.29
N LEU F 331 -62.46 24.55 -26.35
CA LEU F 331 -63.64 25.21 -26.89
C LEU F 331 -63.27 26.05 -28.10
N TYR F 332 -64.05 25.88 -29.17
CA TYR F 332 -63.82 26.61 -30.42
C TYR F 332 -64.76 27.81 -30.44
N VAL F 333 -64.20 29.01 -30.41
CA VAL F 333 -64.97 30.24 -30.41
C VAL F 333 -65.04 30.73 -31.84
N LYS F 334 -66.23 30.69 -32.43
CA LYS F 334 -66.41 31.13 -33.80
C LYS F 334 -66.07 32.61 -33.94
N GLY F 335 -65.94 33.05 -35.18
CA GLY F 335 -65.67 34.45 -35.45
C GLY F 335 -65.09 34.73 -36.82
N GLU F 336 -65.44 35.88 -37.39
CA GLU F 336 -64.89 36.27 -38.68
C GLU F 336 -63.43 36.67 -38.52
N PRO F 337 -62.52 36.11 -39.31
CA PRO F 337 -61.11 36.53 -39.25
C PRO F 337 -60.98 38.02 -39.52
N ILE F 338 -60.38 38.73 -38.56
CA ILE F 338 -60.34 40.18 -38.63
C ILE F 338 -59.56 40.70 -39.83
N ILE F 339 -58.72 39.86 -40.43
CA ILE F 339 -57.96 40.28 -41.62
C ILE F 339 -58.88 40.61 -42.78
N ASN F 340 -60.09 40.04 -42.79
CA ASN F 340 -61.08 40.36 -43.82
C ASN F 340 -61.71 41.74 -43.61
N PHE F 341 -61.55 42.33 -42.43
CA PHE F 341 -62.08 43.65 -42.13
C PHE F 341 -61.23 44.78 -42.71
N TYR F 342 -60.10 44.45 -43.32
CA TYR F 342 -59.16 45.44 -43.84
C TYR F 342 -59.18 45.44 -45.36
N ASP F 343 -58.94 46.60 -45.94
CA ASP F 343 -58.82 46.71 -47.39
C ASP F 343 -57.37 46.47 -47.79
N PRO F 344 -57.07 45.50 -48.67
CA PRO F 344 -55.67 45.18 -48.98
C PRO F 344 -54.94 46.27 -49.74
N LEU F 345 -55.63 47.32 -50.19
CA LEU F 345 -55.01 48.37 -50.98
C LEU F 345 -54.35 49.44 -50.12
N VAL F 346 -54.72 49.54 -48.84
CA VAL F 346 -54.17 50.57 -47.96
C VAL F 346 -53.63 49.96 -46.67
N PHE F 347 -53.37 48.65 -46.70
CA PHE F 347 -52.97 47.95 -45.49
C PHE F 347 -51.47 48.10 -45.27
N PRO F 348 -51.03 48.68 -44.14
CA PRO F 348 -49.58 48.79 -43.89
C PRO F 348 -48.97 47.41 -43.67
N SER F 349 -48.13 46.98 -44.60
CA SER F 349 -47.61 45.61 -44.59
C SER F 349 -46.25 45.47 -43.92
N ASP F 350 -45.58 46.56 -43.57
CA ASP F 350 -44.30 46.48 -42.88
C ASP F 350 -44.52 47.06 -41.48
N GLU F 351 -44.97 46.20 -40.57
CA GLU F 351 -45.25 46.58 -39.19
C GLU F 351 -44.87 45.43 -38.28
N PHE F 352 -43.95 45.70 -37.35
CA PHE F 352 -43.55 44.73 -36.34
C PHE F 352 -44.12 45.18 -35.00
N ASP F 353 -43.44 46.10 -34.33
CA ASP F 353 -43.95 46.67 -33.09
C ASP F 353 -45.20 47.50 -33.36
N ALA F 354 -46.28 46.86 -33.81
CA ALA F 354 -47.49 47.58 -34.19
C ALA F 354 -48.63 47.25 -33.23
N SER F 355 -49.78 47.87 -33.48
CA SER F 355 -50.98 47.65 -32.71
C SER F 355 -52.19 47.95 -33.58
N ILE F 356 -53.37 47.69 -33.03
CA ILE F 356 -54.61 47.86 -33.78
C ILE F 356 -54.82 49.33 -34.14
N SER F 357 -54.58 50.23 -33.17
CA SER F 357 -54.80 51.65 -33.41
C SER F 357 -53.72 52.23 -34.31
N GLN F 358 -52.49 51.72 -34.23
CA GLN F 358 -51.45 52.20 -35.14
C GLN F 358 -51.77 51.84 -36.59
N VAL F 359 -52.34 50.65 -36.81
CA VAL F 359 -52.72 50.27 -38.17
C VAL F 359 -53.92 51.07 -38.64
N ASN F 360 -54.91 51.29 -37.75
CA ASN F 360 -56.06 52.09 -38.14
C ASN F 360 -55.67 53.55 -38.40
N GLU F 361 -54.68 54.07 -37.67
CA GLU F 361 -54.27 55.46 -37.90
C GLU F 361 -53.42 55.58 -39.17
N LYS F 362 -52.58 54.57 -39.48
CA LYS F 362 -51.91 54.63 -40.77
C LYS F 362 -52.89 54.48 -41.92
N ILE F 363 -54.01 53.78 -41.71
CA ILE F 363 -55.00 53.69 -42.78
C ILE F 363 -55.73 55.02 -42.93
N ASN F 364 -56.14 55.65 -41.82
CA ASN F 364 -56.74 56.97 -41.91
C ASN F 364 -55.80 57.99 -42.53
N GLN F 365 -54.51 57.92 -42.21
CA GLN F 365 -53.54 58.86 -42.78
C GLN F 365 -53.36 58.61 -44.27
N SER F 366 -53.20 57.34 -44.67
CA SER F 366 -53.04 57.03 -46.08
C SER F 366 -54.28 57.44 -46.86
N LEU F 367 -55.46 57.14 -46.29
CA LEU F 367 -56.72 57.58 -46.88
C LEU F 367 -56.90 59.10 -46.86
N ALA F 368 -56.37 59.76 -45.83
CA ALA F 368 -56.51 61.22 -45.71
C ALA F 368 -55.86 61.95 -46.88
N PHE F 369 -54.63 61.58 -47.20
CA PHE F 369 -53.88 62.28 -48.25
C PHE F 369 -54.59 62.14 -49.59
N ILE F 370 -55.30 61.04 -49.82
CA ILE F 370 -55.94 60.86 -51.14
C ILE F 370 -57.20 61.70 -51.22
N ARG F 371 -58.03 61.68 -50.17
CA ARG F 371 -59.25 62.49 -50.18
C ARG F 371 -58.95 63.98 -50.11
N LYS F 372 -57.83 64.36 -49.48
CA LYS F 372 -57.46 65.77 -49.36
C LYS F 372 -56.78 66.27 -50.63
N SER F 373 -55.93 65.43 -51.24
CA SER F 373 -55.29 65.78 -52.49
C SER F 373 -56.35 65.92 -53.58
N ASP F 374 -57.37 65.06 -53.56
CA ASP F 374 -58.48 65.23 -54.48
C ASP F 374 -59.37 66.39 -54.07
N GLU F 375 -59.45 66.71 -52.78
CA GLU F 375 -60.29 67.85 -52.38
C GLU F 375 -59.65 69.18 -52.75
N LEU F 376 -58.32 69.24 -52.87
CA LEU F 376 -57.71 70.48 -53.34
C LEU F 376 -57.45 70.48 -54.85
N LEU F 377 -56.86 69.41 -55.38
CA LEU F 377 -56.58 69.33 -56.81
C LEU F 377 -57.84 69.15 -57.65
N SER F 378 -58.86 68.47 -57.12
CA SER F 378 -60.12 68.26 -57.82
C SER F 378 -61.20 69.06 -57.08
N ALA F 379 -61.41 70.30 -57.50
CA ALA F 379 -60.74 70.81 -58.70
C ALA F 379 -60.01 72.13 -58.50
N ILE F 380 -58.68 72.07 -58.59
CA ILE F 380 -57.86 73.29 -58.56
C ILE F 380 -57.64 73.84 -59.94
N GLY F 381 -58.11 73.14 -60.98
CA GLY F 381 -58.16 73.60 -62.34
C GLY F 381 -59.48 74.24 -62.73
N GLY F 382 -60.38 74.44 -61.77
CA GLY F 382 -61.58 75.23 -61.97
C GLY F 382 -61.34 76.73 -61.94
N TYR F 383 -60.08 77.14 -61.90
CA TYR F 383 -59.69 78.55 -61.91
C TYR F 383 -58.85 78.83 -63.15
N ILE F 384 -58.76 80.11 -63.49
CA ILE F 384 -58.04 80.53 -64.70
C ILE F 384 -56.55 80.64 -64.36
N PRO F 385 -55.66 80.26 -65.27
CA PRO F 385 -54.23 80.38 -65.00
C PRO F 385 -53.70 81.76 -65.35
N GLU F 386 -52.39 81.90 -65.50
CA GLU F 386 -51.77 83.16 -65.86
C GLU F 386 -51.69 83.28 -67.38
N ALA F 387 -52.11 84.44 -67.89
CA ALA F 387 -52.01 84.71 -69.32
C ALA F 387 -50.54 84.71 -69.75
N PRO F 388 -50.27 84.46 -71.02
CA PRO F 388 -48.89 84.53 -71.52
C PRO F 388 -48.26 85.88 -71.17
N ARG F 389 -47.03 85.81 -70.65
CA ARG F 389 -46.34 86.99 -70.12
C ARG F 389 -45.42 87.60 -71.17
N ASP F 390 -46.00 88.01 -72.28
CA ASP F 390 -45.30 88.74 -73.33
C ASP F 390 -45.66 90.23 -73.23
N GLY F 391 -45.47 90.97 -74.32
CA GLY F 391 -45.71 92.39 -74.31
C GLY F 391 -47.17 92.80 -74.35
N GLN F 392 -47.97 92.08 -75.15
CA GLN F 392 -49.36 92.46 -75.36
C GLN F 392 -50.25 92.00 -74.21
N ALA F 393 -51.50 92.45 -74.25
CA ALA F 393 -52.51 92.11 -73.25
C ALA F 393 -53.40 91.00 -73.77
N TYR F 394 -53.88 90.15 -72.85
CA TYR F 394 -54.67 88.98 -73.19
C TYR F 394 -55.99 89.00 -72.44
N VAL F 395 -57.08 88.77 -73.15
CA VAL F 395 -58.41 88.69 -72.57
C VAL F 395 -58.77 87.22 -72.40
N ARG F 396 -59.87 86.95 -71.71
CA ARG F 396 -60.30 85.59 -71.41
C ARG F 396 -61.36 85.15 -72.41
N LYS F 397 -61.09 84.08 -73.16
CA LYS F 397 -62.08 83.53 -74.09
C LYS F 397 -62.05 82.01 -73.99
N ASP F 398 -63.23 81.42 -73.76
CA ASP F 398 -63.36 80.00 -73.52
C ASP F 398 -62.42 79.57 -72.39
N GLY F 399 -61.52 78.64 -72.67
CA GLY F 399 -60.54 78.19 -71.70
C GLY F 399 -59.16 78.79 -71.89
N GLU F 400 -59.00 79.75 -72.79
CA GLU F 400 -57.68 80.26 -73.15
C GLU F 400 -57.65 81.77 -73.02
N TRP F 401 -56.44 82.31 -73.20
CA TRP F 401 -56.18 83.75 -73.16
C TRP F 401 -55.99 84.22 -74.60
N VAL F 402 -57.03 84.86 -75.14
CA VAL F 402 -57.02 85.34 -76.51
C VAL F 402 -56.32 86.69 -76.58
N LEU F 403 -55.48 86.87 -77.59
CA LEU F 403 -54.83 88.15 -77.83
C LEU F 403 -55.87 89.25 -77.96
N LEU F 404 -55.81 90.24 -77.06
CA LEU F 404 -56.79 91.32 -77.06
C LEU F 404 -56.78 92.11 -78.36
N SER F 405 -55.62 92.18 -79.03
CA SER F 405 -55.48 92.98 -80.25
C SER F 405 -56.42 92.56 -81.37
N THR F 406 -57.09 91.41 -81.25
CA THR F 406 -58.04 90.97 -82.26
C THR F 406 -59.36 91.72 -82.22
N PHE F 407 -59.50 92.72 -81.33
CA PHE F 407 -60.68 93.57 -81.26
C PHE F 407 -60.19 95.02 -81.24
N LEU F 408 -60.06 95.65 -82.40
CA LEU F 408 -60.34 94.99 -83.68
C LEU F 408 -59.13 95.06 -84.61
N PCA G 1 32.51 -53.72 7.87
CA PCA G 1 31.12 -54.05 7.58
CB PCA G 1 30.91 -54.16 6.07
CG PCA G 1 32.29 -54.24 5.44
CD PCA G 1 33.19 -53.85 6.58
OE PCA G 1 34.39 -53.65 6.41
C PCA G 1 30.66 -55.35 8.22
O PCA G 1 31.33 -55.89 9.10
N ASN G 2 29.52 -55.84 7.76
CA ASN G 2 28.89 -57.08 8.23
C ASN G 2 28.62 -57.01 9.73
N ILE G 3 27.60 -56.22 10.09
CA ILE G 3 27.22 -55.91 11.46
C ILE G 3 25.92 -56.62 11.80
N THR G 4 25.81 -57.12 13.03
CA THR G 4 24.63 -57.80 13.53
C THR G 4 24.07 -57.10 14.76
N GLU G 5 22.88 -57.54 15.19
CA GLU G 5 22.23 -57.00 16.39
C GLU G 5 21.17 -57.97 16.88
N GLU G 6 21.01 -58.04 18.20
CA GLU G 6 20.02 -58.89 18.84
C GLU G 6 19.19 -58.08 19.82
N PHE G 7 17.91 -58.43 19.94
CA PHE G 7 16.99 -57.83 20.90
C PHE G 7 16.48 -58.89 21.86
N TYR G 8 16.59 -58.61 23.16
CA TYR G 8 16.13 -59.49 24.23
C TYR G 8 14.86 -58.91 24.82
N GLN G 9 13.73 -59.60 24.57
CA GLN G 9 12.44 -59.18 25.09
C GLN G 9 12.34 -59.39 26.60
N SER G 10 13.04 -60.39 27.13
CA SER G 10 12.92 -60.70 28.56
C SER G 10 13.46 -59.59 29.44
N THR G 11 14.53 -58.93 28.99
CA THR G 11 15.15 -57.85 29.76
C THR G 11 14.98 -56.49 29.10
N CYS G 12 14.29 -56.43 27.96
CA CYS G 12 14.10 -55.19 27.22
C CYS G 12 15.44 -54.53 26.90
N SER G 13 16.26 -55.24 26.11
CA SER G 13 17.58 -54.72 25.81
C SER G 13 18.00 -55.13 24.42
N ALA G 14 19.09 -54.52 23.94
CA ALA G 14 19.59 -54.80 22.60
C ALA G 14 21.10 -54.73 22.59
N VAL G 15 21.73 -55.68 21.91
CA VAL G 15 23.18 -55.77 21.79
C VAL G 15 23.56 -55.69 20.33
N SER G 16 24.48 -54.78 19.99
CA SER G 16 24.95 -54.58 18.63
C SER G 16 26.37 -55.13 18.50
N LYS G 17 26.47 -56.40 18.07
CA LYS G 17 27.77 -57.02 17.88
C LYS G 17 28.29 -56.81 16.45
N GLY G 18 29.58 -56.98 16.29
CA GLY G 18 30.22 -56.90 14.99
C GLY G 18 31.13 -55.71 14.76
N TYR G 19 31.55 -55.02 15.81
CA TYR G 19 32.43 -53.86 15.67
C TYR G 19 33.86 -54.25 16.03
N LEU G 20 34.80 -53.45 15.53
CA LEU G 20 36.22 -53.66 15.81
C LEU G 20 36.71 -52.55 16.74
N SER G 21 37.67 -52.90 17.59
CA SER G 21 38.11 -51.98 18.63
C SER G 21 39.16 -51.01 18.10
N ALA G 22 39.29 -49.89 18.79
CA ALA G 22 40.34 -48.91 18.55
C ALA G 22 40.53 -48.09 19.81
N LEU G 23 40.89 -48.77 20.91
CA LEU G 23 40.96 -48.12 22.21
C LEU G 23 42.25 -47.34 22.36
N ARG G 24 42.15 -46.15 22.95
CA ARG G 24 43.32 -45.35 23.30
C ARG G 24 43.78 -45.77 24.68
N THR G 25 44.93 -46.44 24.75
CA THR G 25 45.49 -46.90 26.01
C THR G 25 46.54 -45.96 26.58
N GLY G 26 47.34 -45.32 25.73
CA GLY G 26 48.40 -44.45 26.19
C GLY G 26 48.52 -43.23 25.28
N TRP G 27 49.49 -42.38 25.63
CA TRP G 27 49.76 -41.15 24.90
C TRP G 27 51.14 -41.20 24.28
N TYR G 28 51.35 -40.33 23.30
CA TYR G 28 52.66 -40.07 22.71
C TYR G 28 52.78 -38.58 22.48
N THR G 29 53.84 -37.98 23.01
CA THR G 29 54.03 -36.55 22.98
C THR G 29 55.10 -36.16 21.96
N SER G 30 54.82 -35.08 21.23
CA SER G 30 55.75 -34.53 20.25
C SER G 30 55.79 -33.02 20.44
N VAL G 31 56.98 -32.45 20.27
CA VAL G 31 57.19 -31.01 20.46
C VAL G 31 57.26 -30.37 19.08
N ILE G 32 56.40 -29.40 18.85
CA ILE G 32 56.37 -28.66 17.59
C ILE G 32 56.99 -27.29 17.82
N THR G 33 57.85 -26.88 16.89
CA THR G 33 58.58 -25.63 17.03
C THR G 33 58.23 -24.69 15.90
N ILE G 34 58.24 -23.40 16.21
CA ILE G 34 58.04 -22.34 15.24
C ILE G 34 59.12 -21.31 15.52
N GLU G 35 60.11 -21.23 14.64
CA GLU G 35 61.26 -20.37 14.88
C GLU G 35 60.87 -18.91 14.70
N LEU G 36 61.17 -18.11 15.72
CA LEU G 36 60.83 -16.69 15.72
C LEU G 36 62.09 -15.85 15.53
N SER G 37 61.87 -14.57 15.29
CA SER G 37 62.94 -13.62 15.01
C SER G 37 62.91 -12.46 15.99
N ASN G 38 64.09 -12.06 16.46
CA ASN G 38 64.24 -10.92 17.37
C ASN G 38 64.23 -9.68 16.48
N ILE G 39 63.07 -9.04 16.37
CA ILE G 39 62.88 -7.89 15.50
C ILE G 39 62.73 -6.64 16.36
N LYS G 40 63.63 -5.68 16.15
CA LYS G 40 63.57 -4.43 16.89
C LYS G 40 62.51 -3.52 16.25
N GLU G 41 62.07 -2.54 17.03
CA GLU G 41 61.03 -1.62 16.55
C GLU G 41 61.51 -0.92 15.27
N ASN G 42 60.80 -1.18 14.17
CA ASN G 42 61.17 -0.62 12.87
C ASN G 42 61.13 0.89 12.89
N LYS G 43 62.29 1.53 12.97
CA LYS G 43 62.40 2.99 12.94
C LYS G 43 62.28 3.56 11.53
N CYS G 44 61.91 2.74 10.55
CA CYS G 44 61.79 3.20 9.17
C CYS G 44 60.55 4.08 9.03
N ASN G 45 60.74 5.27 8.47
CA ASN G 45 59.64 6.21 8.24
C ASN G 45 58.89 5.88 6.95
N ASP G 48 54.74 5.73 2.82
CA ASP G 48 53.93 5.55 1.63
C ASP G 48 52.81 4.54 1.87
N ALA G 49 52.07 4.21 0.81
CA ALA G 49 50.86 3.41 0.95
C ALA G 49 51.19 1.96 1.31
N LYS G 50 52.18 1.34 0.67
CA LYS G 50 52.45 -0.07 0.92
C LYS G 50 53.20 -0.28 2.24
N VAL G 51 54.04 0.69 2.62
CA VAL G 51 54.72 0.62 3.91
C VAL G 51 53.68 0.72 5.04
N LYS G 52 52.59 1.45 4.79
CA LYS G 52 51.52 1.55 5.77
C LYS G 52 50.95 0.18 6.12
N LEU G 53 50.80 -0.69 5.11
CA LEU G 53 50.31 -2.03 5.34
C LEU G 53 51.37 -2.92 5.99
N ILE G 54 52.61 -2.83 5.52
CA ILE G 54 53.65 -3.72 6.04
C ILE G 54 53.95 -3.41 7.51
N LYS G 55 53.81 -2.15 7.92
CA LYS G 55 54.08 -1.79 9.31
C LYS G 55 53.03 -2.39 10.25
N GLN G 56 51.75 -2.30 9.88
CA GLN G 56 50.72 -2.88 10.74
C GLN G 56 50.77 -4.40 10.72
N GLU G 57 51.28 -5.01 9.64
CA GLU G 57 51.48 -6.46 9.68
C GLU G 57 52.61 -6.84 10.65
N LEU G 58 53.70 -6.06 10.65
CA LEU G 58 54.75 -6.28 11.64
C LEU G 58 54.23 -6.09 13.06
N ASP G 59 53.32 -5.12 13.24
CA ASP G 59 52.70 -4.93 14.55
C ASP G 59 51.88 -6.15 14.95
N LYS G 60 51.17 -6.75 13.99
CA LYS G 60 50.44 -7.99 14.27
C LYS G 60 51.39 -9.07 14.76
N TYR G 61 52.53 -9.24 14.09
CA TYR G 61 53.48 -10.26 14.51
C TYR G 61 53.99 -10.01 15.92
N LYS G 62 54.39 -8.76 16.20
CA LYS G 62 54.97 -8.43 17.49
C LYS G 62 53.95 -8.58 18.62
N ASN G 63 52.71 -8.16 18.37
CA ASN G 63 51.68 -8.30 19.39
C ASN G 63 51.32 -9.76 19.61
N ALA G 64 51.39 -10.58 18.57
CA ALA G 64 51.14 -12.01 18.73
C ALA G 64 52.18 -12.64 19.63
N VAL G 65 53.47 -12.33 19.39
CA VAL G 65 54.49 -12.94 20.24
C VAL G 65 54.39 -12.40 21.67
N THR G 66 53.97 -11.14 21.84
CA THR G 66 53.80 -10.62 23.19
C THR G 66 52.67 -11.35 23.94
N GLU G 67 51.55 -11.59 23.25
CA GLU G 67 50.46 -12.33 23.88
C GLU G 67 50.87 -13.77 24.19
N LEU G 68 51.62 -14.40 23.29
CA LEU G 68 52.09 -15.75 23.56
C LEU G 68 53.02 -15.79 24.76
N GLN G 69 53.85 -14.75 24.93
CA GLN G 69 54.70 -14.66 26.12
C GLN G 69 53.87 -14.48 27.38
N LEU G 70 52.77 -13.72 27.29
CA LEU G 70 51.91 -13.57 28.47
C LEU G 70 51.25 -14.90 28.81
N LEU G 71 50.86 -15.68 27.80
CA LEU G 71 50.24 -16.97 28.05
C LEU G 71 51.24 -17.97 28.63
N MET G 72 52.50 -17.92 28.17
CA MET G 72 53.50 -18.85 28.65
C MET G 72 53.72 -18.72 30.16
N GLN G 73 53.57 -17.50 30.69
CA GLN G 73 53.80 -17.22 32.10
C GLN G 73 52.75 -17.85 33.00
N SER G 74 52.12 -18.93 32.54
CA SER G 74 51.13 -19.67 33.32
C SER G 74 51.13 -21.10 32.76
N THR G 75 51.84 -22.00 33.44
CA THR G 75 52.02 -23.34 32.91
C THR G 75 50.68 -24.10 32.93
N PRO G 76 50.33 -24.78 31.83
CA PRO G 76 49.00 -25.39 31.75
C PRO G 76 48.85 -26.58 32.69
N ALA G 77 47.61 -26.81 33.10
CA ALA G 77 47.22 -27.94 33.94
C ALA G 77 45.70 -28.02 33.95
N THR G 78 45.19 -29.18 34.34
CA THR G 78 43.74 -29.37 34.44
C THR G 78 43.36 -30.00 35.77
N PHE H 1 25.33 -43.73 32.34
CA PHE H 1 24.35 -44.11 33.35
C PHE H 1 25.14 -44.46 34.60
N LEU H 2 26.06 -45.41 34.46
CA LEU H 2 26.97 -45.81 35.52
C LEU H 2 28.27 -44.99 35.51
N GLY H 3 28.23 -43.76 34.99
CA GLY H 3 29.42 -42.92 34.91
C GLY H 3 29.99 -42.50 36.26
N PHE H 4 29.18 -42.51 37.31
CA PHE H 4 29.67 -42.14 38.63
C PHE H 4 30.66 -43.15 39.20
N LEU H 5 30.61 -44.40 38.75
CA LEU H 5 31.53 -45.43 39.20
C LEU H 5 32.94 -45.27 38.63
N LEU H 6 33.16 -44.33 37.72
CA LEU H 6 34.46 -44.15 37.09
C LEU H 6 35.41 -43.39 38.01
N GLY H 7 36.71 -43.49 37.69
CA GLY H 7 37.73 -42.75 38.41
C GLY H 7 37.94 -41.36 37.84
N VAL H 8 38.90 -40.64 38.42
CA VAL H 8 39.22 -39.27 38.03
C VAL H 8 40.68 -39.23 37.60
N GLY H 9 40.93 -38.76 36.38
CA GLY H 9 42.27 -38.70 35.84
C GLY H 9 42.59 -37.34 35.28
N SER H 10 43.89 -37.08 35.13
CA SER H 10 44.41 -35.87 34.50
C SER H 10 44.82 -36.20 33.07
N ALA H 11 44.17 -35.54 32.11
CA ALA H 11 44.35 -35.92 30.71
C ALA H 11 45.72 -35.51 30.19
N ILE H 12 46.09 -34.24 30.39
CA ILE H 12 47.30 -33.69 29.78
C ILE H 12 48.48 -33.88 30.72
N ALA H 13 48.31 -34.74 31.72
CA ALA H 13 49.35 -34.93 32.73
C ALA H 13 50.67 -35.34 32.08
N SER H 14 50.61 -36.16 31.03
CA SER H 14 51.83 -36.52 30.33
C SER H 14 52.42 -35.31 29.61
N GLY H 15 51.59 -34.60 28.83
CA GLY H 15 52.10 -33.50 28.03
C GLY H 15 52.68 -32.38 28.88
N VAL H 16 52.02 -32.05 29.99
CA VAL H 16 52.54 -31.02 30.87
C VAL H 16 53.89 -31.47 31.40
N ALA H 17 54.06 -32.77 31.64
CA ALA H 17 55.35 -33.28 32.06
C ALA H 17 56.46 -32.94 31.06
N VAL H 18 56.20 -33.13 29.76
CA VAL H 18 57.20 -32.77 28.75
C VAL H 18 57.43 -31.29 28.74
N CYS H 19 56.33 -30.57 28.96
CA CYS H 19 56.29 -29.12 28.91
C CYS H 19 57.14 -28.50 29.95
N LYS H 20 57.06 -29.03 31.17
CA LYS H 20 57.87 -28.60 32.30
C LYS H 20 59.36 -28.86 32.08
N VAL H 21 59.69 -29.94 31.35
CA VAL H 21 61.08 -30.27 31.06
C VAL H 21 61.70 -29.27 30.11
N LEU H 22 60.91 -28.75 29.17
CA LEU H 22 61.47 -27.81 28.24
C LEU H 22 61.85 -26.49 28.91
N HIS H 23 61.25 -26.19 30.08
CA HIS H 23 61.56 -24.96 30.81
C HIS H 23 62.99 -24.92 31.31
N LEU H 24 63.66 -26.08 31.41
CA LEU H 24 65.01 -26.15 31.92
C LEU H 24 65.98 -25.49 30.96
N GLU H 25 67.13 -25.08 31.49
CA GLU H 25 68.13 -24.38 30.70
C GLU H 25 68.77 -25.35 29.70
N GLY H 26 69.02 -24.85 28.50
CA GLY H 26 69.64 -25.62 27.44
C GLY H 26 68.76 -26.60 26.71
N GLU H 27 67.64 -27.04 27.30
CA GLU H 27 66.79 -28.03 26.63
C GLU H 27 66.28 -27.47 25.29
N VAL H 28 65.86 -26.21 25.30
CA VAL H 28 65.39 -25.56 24.09
C VAL H 28 66.54 -25.37 23.12
N ASN H 29 67.74 -25.13 23.63
CA ASN H 29 68.90 -24.99 22.76
C ASN H 29 69.26 -26.32 22.11
N LYS H 30 69.09 -27.42 22.86
CA LYS H 30 69.30 -28.75 22.27
C LYS H 30 68.33 -28.99 21.12
N ILE H 31 67.06 -28.61 21.31
CA ILE H 31 66.08 -28.82 20.24
C ILE H 31 66.40 -27.93 19.03
N LYS H 32 66.74 -26.66 19.28
CA LYS H 32 67.05 -25.74 18.20
C LYS H 32 68.27 -26.20 17.40
N SER H 33 69.27 -26.72 18.11
CA SER H 33 70.49 -27.19 17.45
C SER H 33 70.24 -28.47 16.69
N ALA H 34 69.30 -29.29 17.16
CA ALA H 34 68.96 -30.50 16.40
C ALA H 34 68.22 -30.13 15.12
N LEU H 35 67.37 -29.11 15.16
CA LEU H 35 66.62 -28.70 13.98
C LEU H 35 67.33 -27.63 13.15
N LEU H 36 68.64 -27.44 13.36
CA LEU H 36 69.37 -26.48 12.53
C LEU H 36 69.39 -26.84 11.05
N SER H 37 69.34 -28.14 10.71
CA SER H 37 69.39 -28.57 9.31
C SER H 37 68.03 -28.98 8.75
N THR H 38 67.46 -30.06 9.28
CA THR H 38 66.19 -30.61 8.79
C THR H 38 65.03 -30.07 9.61
N ASN H 39 63.82 -30.44 9.19
CA ASN H 39 62.61 -29.97 9.87
C ASN H 39 62.08 -30.95 10.90
N LYS H 40 62.54 -32.20 10.87
CA LYS H 40 62.06 -33.23 11.79
C LYS H 40 63.24 -33.99 12.33
N ALA H 41 63.22 -34.26 13.64
CA ALA H 41 64.29 -35.01 14.27
C ALA H 41 63.75 -35.65 15.54
N VAL H 42 64.55 -36.53 16.13
CA VAL H 42 64.22 -37.17 17.40
C VAL H 42 65.17 -36.60 18.44
N VAL H 43 64.63 -36.11 19.55
CA VAL H 43 65.40 -35.43 20.57
C VAL H 43 65.19 -36.15 21.89
N SER H 44 66.30 -36.51 22.55
CA SER H 44 66.28 -37.08 23.88
C SER H 44 66.52 -35.95 24.87
N LEU H 45 65.58 -35.77 25.81
CA LEU H 45 65.63 -34.66 26.74
C LEU H 45 66.67 -34.96 27.82
N SER H 46 66.71 -34.14 28.87
CA SER H 46 67.69 -34.33 29.93
C SER H 46 67.42 -35.61 30.71
N ASN H 47 66.15 -35.89 31.01
CA ASN H 47 65.76 -37.10 31.74
C ASN H 47 65.75 -38.35 30.87
N GLY H 48 66.23 -38.27 29.63
CA GLY H 48 66.28 -39.44 28.77
C GLY H 48 65.05 -39.63 27.91
N VAL H 49 63.95 -38.93 28.19
CA VAL H 49 62.72 -39.13 27.42
C VAL H 49 62.96 -38.69 25.98
N SER H 50 62.69 -39.59 25.05
CA SER H 50 62.88 -39.33 23.63
C SER H 50 61.54 -38.94 23.01
N VAL H 51 61.51 -37.80 22.32
CA VAL H 51 60.29 -37.29 21.69
C VAL H 51 60.61 -36.81 20.28
N LEU H 52 59.60 -36.91 19.42
CA LEU H 52 59.71 -36.39 18.07
C LEU H 52 59.64 -34.87 18.08
N THR H 53 60.31 -34.25 17.12
CA THR H 53 60.40 -32.80 17.01
C THR H 53 60.18 -32.39 15.57
N PHE H 54 59.48 -31.28 15.38
CA PHE H 54 59.04 -30.82 14.08
C PHE H 54 59.09 -29.30 14.05
N LYS H 55 59.60 -28.74 12.97
CA LYS H 55 59.61 -27.30 12.75
C LYS H 55 58.65 -27.02 11.61
N VAL H 56 57.47 -26.51 11.93
CA VAL H 56 56.43 -26.34 10.93
C VAL H 56 56.48 -24.98 10.24
N LEU H 57 57.04 -23.97 10.90
CA LEU H 57 57.08 -22.63 10.34
C LEU H 57 58.38 -21.96 10.76
N ASP H 58 59.07 -21.37 9.78
CA ASP H 58 60.34 -20.68 10.00
C ASP H 58 60.16 -19.26 9.50
N LEU H 59 59.59 -18.40 10.36
CA LEU H 59 59.48 -16.98 10.03
C LEU H 59 60.76 -16.22 10.23
N LYS H 60 61.71 -16.77 11.00
CA LYS H 60 63.00 -16.11 11.16
C LYS H 60 63.74 -16.03 9.83
N ASN H 61 63.87 -17.18 9.15
CA ASN H 61 64.55 -17.28 7.86
C ASN H 61 63.77 -16.63 6.73
N TYR H 62 62.66 -15.99 7.06
CA TYR H 62 61.88 -15.18 6.12
C TYR H 62 61.99 -13.69 6.45
N ILE H 63 61.74 -13.32 7.70
CA ILE H 63 61.80 -11.90 8.07
C ILE H 63 63.23 -11.39 8.03
N ASP H 64 64.19 -12.18 8.51
CA ASP H 64 65.58 -11.74 8.53
C ASP H 64 66.26 -11.84 7.18
N LYS H 65 65.77 -12.68 6.28
CA LYS H 65 66.42 -12.89 4.98
C LYS H 65 65.71 -12.16 3.85
N GLN H 66 64.42 -12.45 3.64
CA GLN H 66 63.70 -11.88 2.51
C GLN H 66 63.05 -10.55 2.83
N LEU H 67 62.82 -10.25 4.11
CA LEU H 67 62.10 -9.05 4.51
C LEU H 67 62.96 -7.97 5.16
N LEU H 68 64.05 -8.35 5.84
CA LEU H 68 64.85 -7.38 6.59
C LEU H 68 65.58 -6.36 5.72
N PRO H 69 66.21 -6.74 4.59
CA PRO H 69 66.95 -5.74 3.80
C PRO H 69 66.10 -4.57 3.31
N ILE H 70 64.79 -4.77 3.08
CA ILE H 70 63.96 -3.65 2.68
C ILE H 70 63.82 -2.67 3.84
N LEU H 71 63.84 -3.16 5.08
CA LEU H 71 63.78 -2.31 6.26
C LEU H 71 65.20 -1.91 6.67
N ILE H 78 59.37 0.37 -0.88
CA ILE H 78 59.10 -1.04 -1.11
C ILE H 78 59.36 -1.39 -2.58
N SER H 79 59.67 -2.66 -2.84
CA SER H 79 59.87 -3.11 -4.22
C SER H 79 58.55 -3.18 -4.98
N ASN H 80 57.62 -4.01 -4.50
CA ASN H 80 56.32 -4.18 -5.12
C ASN H 80 55.31 -4.54 -4.05
N ILE H 81 54.10 -4.91 -4.47
CA ILE H 81 53.05 -5.29 -3.55
C ILE H 81 53.01 -6.78 -3.22
N GLU H 82 53.56 -7.65 -4.09
CA GLU H 82 53.46 -9.10 -3.88
C GLU H 82 54.11 -9.56 -2.58
N THR H 83 55.16 -8.87 -2.13
CA THR H 83 55.80 -9.27 -0.88
C THR H 83 54.87 -9.09 0.31
N VAL H 84 53.95 -8.14 0.22
CA VAL H 84 52.99 -7.92 1.30
C VAL H 84 52.07 -9.13 1.44
N ILE H 85 51.49 -9.60 0.33
CA ILE H 85 50.62 -10.75 0.38
C ILE H 85 51.38 -12.00 0.80
N GLU H 86 52.63 -12.14 0.35
CA GLU H 86 53.43 -13.28 0.78
C GLU H 86 53.62 -13.27 2.29
N PHE H 87 53.93 -12.10 2.87
CA PHE H 87 54.09 -12.00 4.32
C PHE H 87 52.78 -12.29 5.05
N GLN H 88 51.66 -11.80 4.52
CA GLN H 88 50.37 -12.06 5.17
C GLN H 88 50.08 -13.57 5.20
N GLN H 89 50.29 -14.24 4.07
CA GLN H 89 50.07 -15.69 4.02
C GLN H 89 50.99 -16.42 4.98
N LYS H 90 52.23 -15.94 5.14
CA LYS H 90 53.14 -16.62 6.07
C LYS H 90 52.78 -16.37 7.53
N ASN H 91 52.26 -15.19 7.87
CA ASN H 91 52.05 -14.81 9.28
C ASN H 91 50.67 -15.16 9.81
N ASN H 92 49.69 -15.34 8.91
CA ASN H 92 48.32 -15.60 9.36
C ASN H 92 48.24 -16.82 10.25
N ARG H 93 49.06 -17.84 9.98
CA ARG H 93 49.05 -19.05 10.80
C ARG H 93 49.42 -18.75 12.24
N LEU H 94 50.49 -17.97 12.45
CA LEU H 94 50.86 -17.59 13.81
C LEU H 94 49.74 -16.80 14.47
N LEU H 95 49.05 -15.95 13.68
CA LEU H 95 47.96 -15.19 14.27
C LEU H 95 46.85 -16.11 14.78
N GLU H 96 46.46 -17.10 13.96
CA GLU H 96 45.36 -17.98 14.34
C GLU H 96 45.75 -18.90 15.49
N ILE H 97 47.01 -19.36 15.51
CA ILE H 97 47.48 -20.14 16.65
C ILE H 97 47.39 -19.31 17.93
N THR H 98 47.78 -18.04 17.85
CA THR H 98 47.68 -17.16 19.00
C THR H 98 46.23 -17.05 19.48
N ARG H 99 45.29 -16.92 18.53
CA ARG H 99 43.89 -16.79 18.91
C ARG H 99 43.40 -18.06 19.62
N GLU H 100 43.69 -19.23 19.05
CA GLU H 100 43.20 -20.48 19.63
C GLU H 100 43.77 -20.68 21.04
N PHE H 101 45.03 -20.31 21.25
CA PHE H 101 45.60 -20.47 22.58
C PHE H 101 45.01 -19.46 23.55
N SER H 102 44.89 -18.20 23.13
CA SER H 102 44.39 -17.17 24.03
C SER H 102 42.92 -17.40 24.41
N VAL H 103 42.17 -18.13 23.60
CA VAL H 103 40.79 -18.43 23.97
C VAL H 103 40.69 -19.71 24.81
N ASN H 104 41.35 -20.79 24.39
CA ASN H 104 41.19 -22.06 25.12
C ASN H 104 42.13 -22.19 26.32
N ALA H 105 42.69 -21.07 26.79
CA ALA H 105 43.52 -21.05 28.00
C ALA H 105 44.75 -21.94 27.87
N GLY H 106 45.30 -22.04 26.67
CA GLY H 106 46.56 -22.72 26.45
C GLY H 106 46.49 -24.19 26.15
N VAL H 107 45.32 -24.82 26.31
CA VAL H 107 45.14 -26.24 26.03
C VAL H 107 43.95 -26.39 25.09
N THR H 108 44.20 -26.90 23.89
CA THR H 108 43.17 -27.01 22.87
C THR H 108 42.89 -28.46 22.52
N THR H 109 41.63 -28.75 22.24
CA THR H 109 41.17 -30.05 21.76
C THR H 109 39.81 -29.87 21.08
N PRO H 110 39.61 -30.43 19.87
CA PRO H 110 40.58 -31.19 19.07
C PRO H 110 41.74 -30.34 18.55
N VAL H 111 42.79 -30.99 18.06
CA VAL H 111 43.93 -30.25 17.50
C VAL H 111 43.51 -29.73 16.12
N SER H 112 43.50 -28.41 15.97
CA SER H 112 43.02 -27.79 14.75
C SER H 112 44.02 -27.98 13.61
N THR H 113 43.57 -27.66 12.40
CA THR H 113 44.45 -27.74 11.24
C THR H 113 45.50 -26.63 11.26
N TYR H 114 45.18 -25.48 11.87
CA TYR H 114 46.19 -24.44 12.07
C TYR H 114 47.31 -24.94 12.98
N MET H 115 46.94 -25.67 14.03
CA MET H 115 47.95 -26.19 14.96
C MET H 115 48.83 -27.23 14.30
N LEU H 116 48.26 -28.04 13.42
CA LEU H 116 49.02 -29.12 12.79
C LEU H 116 48.28 -29.54 11.52
N THR H 117 48.89 -29.29 10.36
CA THR H 117 48.24 -29.64 9.12
C THR H 117 48.19 -31.15 8.94
N ASN H 118 47.45 -31.59 7.91
CA ASN H 118 47.28 -33.02 7.69
C ASN H 118 48.61 -33.66 7.31
N SER H 119 49.42 -32.97 6.49
CA SER H 119 50.72 -33.50 6.13
C SER H 119 51.61 -33.67 7.35
N GLU H 120 51.62 -32.68 8.25
CA GLU H 120 52.48 -32.77 9.44
C GLU H 120 51.99 -33.85 10.40
N LEU H 121 50.68 -33.99 10.57
CA LEU H 121 50.14 -35.02 11.46
C LEU H 121 50.43 -36.41 10.91
N LEU H 122 50.22 -36.60 9.60
CA LEU H 122 50.57 -37.86 8.96
C LEU H 122 52.06 -38.10 9.01
N SER H 123 52.87 -37.04 8.99
CA SER H 123 54.31 -37.18 9.12
C SER H 123 54.70 -37.70 10.50
N LEU H 124 54.09 -37.15 11.55
CA LEU H 124 54.36 -37.65 12.90
C LEU H 124 53.93 -39.10 13.04
N ILE H 125 52.79 -39.45 12.44
CA ILE H 125 52.34 -40.84 12.47
C ILE H 125 53.30 -41.73 11.68
N ASN H 126 53.84 -41.22 10.58
CA ASN H 126 54.74 -41.99 9.73
C ASN H 126 56.05 -42.31 10.45
N ASP H 127 56.55 -41.39 11.26
CA ASP H 127 57.79 -41.58 12.01
C ASP H 127 57.52 -42.05 13.43
N MET H 128 56.27 -42.36 13.76
CA MET H 128 55.93 -42.82 15.09
C MET H 128 56.49 -44.21 15.32
N PRO H 129 57.05 -44.48 16.50
CA PRO H 129 57.62 -45.82 16.80
C PRO H 129 56.55 -46.81 17.25
N ILE H 130 55.66 -47.17 16.33
CA ILE H 130 54.60 -48.14 16.57
C ILE H 130 54.45 -49.02 15.34
N THR H 131 53.47 -49.93 15.40
CA THR H 131 53.32 -50.95 14.39
C THR H 131 52.78 -50.35 13.08
N ASN H 132 52.89 -51.15 12.02
CA ASN H 132 52.36 -50.74 10.72
C ASN H 132 50.84 -50.64 10.75
N ASP H 133 50.18 -51.55 11.47
CA ASP H 133 48.73 -51.50 11.61
C ASP H 133 48.28 -50.23 12.32
N GLN H 134 49.04 -49.78 13.32
CA GLN H 134 48.69 -48.54 13.99
C GLN H 134 48.89 -47.34 13.08
N LYS H 135 49.96 -47.35 12.27
CA LYS H 135 50.13 -46.30 11.28
C LYS H 135 48.95 -46.25 10.32
N LYS H 136 48.51 -47.42 9.86
CA LYS H 136 47.38 -47.47 8.93
C LYS H 136 46.11 -46.93 9.57
N LEU H 137 45.81 -47.39 10.79
CA LEU H 137 44.58 -46.97 11.47
C LEU H 137 44.59 -45.47 11.76
N MET H 138 45.69 -44.95 12.32
CA MET H 138 45.75 -43.53 12.64
C MET H 138 45.79 -42.67 11.39
N SER H 139 46.33 -43.21 10.29
CA SER H 139 46.42 -42.43 9.06
C SER H 139 45.08 -42.35 8.34
N ASN H 140 44.26 -43.40 8.40
CA ASN H 140 42.97 -43.35 7.73
C ASN H 140 41.91 -42.57 8.51
N ASN H 141 42.12 -42.31 9.80
CA ASN H 141 41.13 -41.66 10.65
C ASN H 141 41.76 -40.46 11.37
N VAL H 142 42.33 -39.54 10.58
CA VAL H 142 42.99 -38.39 11.20
C VAL H 142 41.98 -37.49 11.90
N GLN H 143 40.72 -37.46 11.44
CA GLN H 143 39.74 -36.63 12.14
C GLN H 143 39.48 -37.14 13.55
N ILE H 144 39.48 -38.46 13.74
CA ILE H 144 39.28 -39.02 15.07
C ILE H 144 40.51 -38.83 15.93
N VAL H 145 41.70 -38.98 15.33
CA VAL H 145 42.93 -38.73 16.08
C VAL H 145 42.99 -37.29 16.54
N ARG H 146 42.56 -36.35 15.68
CA ARG H 146 42.48 -34.95 16.09
C ARG H 146 41.49 -34.78 17.22
N GLN H 147 40.35 -35.46 17.16
CA GLN H 147 39.37 -35.33 18.22
C GLN H 147 39.86 -35.94 19.53
N GLN H 148 40.85 -36.83 19.46
CA GLN H 148 41.42 -37.45 20.66
C GLN H 148 42.80 -36.91 21.04
N SER H 149 43.25 -35.80 20.45
CA SER H 149 44.57 -35.26 20.72
C SER H 149 44.48 -33.89 21.35
N TYR H 150 45.53 -33.50 22.07
CA TYR H 150 45.63 -32.20 22.73
C TYR H 150 46.79 -31.40 22.16
N SER H 151 46.78 -30.10 22.45
CA SER H 151 47.85 -29.19 22.04
C SER H 151 48.13 -28.26 23.21
N ILE H 152 49.18 -28.58 23.97
CA ILE H 152 49.59 -27.83 25.16
C ILE H 152 50.75 -26.92 24.83
N MET H 153 50.58 -25.64 25.12
CA MET H 153 51.62 -24.63 24.91
C MET H 153 52.74 -24.71 25.93
N CYS H 154 53.98 -24.69 25.43
CA CYS H 154 55.19 -24.80 26.22
C CYS H 154 55.83 -23.43 26.32
N ILE H 155 57.11 -23.37 26.62
CA ILE H 155 57.70 -22.05 26.72
C ILE H 155 57.98 -21.52 25.33
N ILE H 156 58.22 -20.24 25.30
CA ILE H 156 58.57 -19.54 24.09
C ILE H 156 59.85 -18.79 24.45
N LYS H 157 60.97 -19.53 24.40
CA LYS H 157 62.30 -19.08 24.82
C LYS H 157 63.29 -19.06 23.65
N GLU H 158 64.28 -18.18 23.71
CA GLU H 158 65.39 -18.09 22.75
C GLU H 158 64.98 -18.25 21.29
N GLU H 159 64.12 -17.34 20.83
CA GLU H 159 63.84 -17.13 19.42
C GLU H 159 63.00 -18.23 18.81
N VAL H 160 62.46 -19.13 19.62
CA VAL H 160 61.67 -20.25 19.10
C VAL H 160 60.38 -20.36 19.91
N LEU H 161 59.31 -20.73 19.23
CA LEU H 161 58.01 -21.00 19.83
C LEU H 161 57.82 -22.50 19.90
N ALA H 162 57.28 -22.98 21.02
CA ALA H 162 57.19 -24.41 21.24
C ALA H 162 55.88 -24.79 21.92
N TYR H 163 55.24 -25.81 21.36
CA TYR H 163 54.10 -26.42 22.03
C TYR H 163 54.14 -27.91 21.77
N VAL H 164 53.71 -28.66 22.77
CA VAL H 164 53.68 -30.11 22.72
C VAL H 164 52.31 -30.54 22.21
N VAL H 165 52.31 -31.48 21.26
CA VAL H 165 51.09 -32.06 20.74
C VAL H 165 50.96 -33.45 21.33
N GLN H 166 49.99 -33.61 22.22
CA GLN H 166 49.77 -34.88 22.92
C GLN H 166 48.84 -35.74 22.07
N LEU H 167 49.45 -36.76 21.35
CA LEU H 167 48.85 -37.70 20.43
C LEU H 167 48.47 -39.00 21.14
N PRO H 168 47.44 -39.68 20.66
CA PRO H 168 47.00 -40.93 21.29
C PRO H 168 47.69 -42.15 20.72
N LEU H 169 47.89 -43.14 21.58
CA LEU H 169 48.44 -44.43 21.19
C LEU H 169 47.35 -45.49 21.38
N TYR H 170 47.02 -46.17 20.29
CA TYR H 170 45.96 -47.18 20.31
C TYR H 170 46.62 -48.54 20.48
N GLY H 171 46.82 -48.93 21.75
CA GLY H 171 47.46 -50.20 22.03
C GLY H 171 46.59 -51.42 21.82
N VAL H 172 45.28 -51.23 21.70
CA VAL H 172 44.33 -52.32 21.49
C VAL H 172 43.57 -52.05 20.21
N ILE H 173 43.72 -52.95 19.24
CA ILE H 173 43.12 -52.79 17.92
C ILE H 173 42.54 -54.13 17.48
N ASP H 174 41.40 -54.07 16.79
CA ASP H 174 40.77 -55.22 16.12
C ASP H 174 40.22 -56.25 17.09
N THR H 175 39.92 -55.85 18.35
CA THR H 175 39.23 -56.81 19.20
C THR H 175 37.73 -56.60 19.12
N PRO H 176 36.92 -57.63 19.39
CA PRO H 176 35.48 -57.49 19.22
C PRO H 176 34.86 -56.53 20.23
N CYS H 177 33.95 -55.69 19.73
CA CYS H 177 33.20 -54.75 20.54
C CYS H 177 31.70 -54.94 20.29
N TRP H 178 30.90 -54.43 21.22
CA TRP H 178 29.46 -54.45 21.06
C TRP H 178 28.82 -53.36 21.92
N LYS H 179 27.72 -52.79 21.42
CA LYS H 179 27.03 -51.72 22.09
C LYS H 179 25.72 -52.25 22.67
N LEU H 180 25.53 -52.05 23.97
CA LEU H 180 24.36 -52.52 24.68
C LEU H 180 23.40 -51.37 24.91
N HIS H 181 22.15 -51.56 24.50
CA HIS H 181 21.07 -50.60 24.67
C HIS H 181 20.05 -51.15 25.68
N THR H 182 19.53 -50.27 26.52
CA THR H 182 18.56 -50.67 27.52
C THR H 182 17.38 -49.71 27.50
N SER H 183 16.27 -50.14 28.08
CA SER H 183 15.03 -49.35 28.12
C SER H 183 14.17 -49.88 29.26
N PRO H 184 13.29 -49.04 29.83
CA PRO H 184 12.49 -49.48 30.97
C PRO H 184 11.55 -50.63 30.62
N LEU H 185 11.47 -51.59 31.55
CA LEU H 185 10.61 -52.76 31.44
C LEU H 185 9.61 -52.72 32.59
N CYS H 186 8.39 -52.29 32.31
CA CYS H 186 7.38 -52.13 33.34
C CYS H 186 6.22 -53.09 33.11
N THR H 187 5.41 -53.26 34.14
CA THR H 187 4.17 -54.02 33.99
C THR H 187 3.14 -53.20 33.22
N THR H 188 2.05 -53.84 32.84
CA THR H 188 1.05 -53.22 31.98
C THR H 188 -0.34 -53.30 32.58
N ASN H 189 -0.48 -52.86 33.83
CA ASN H 189 -1.78 -52.77 34.46
C ASN H 189 -2.49 -51.47 34.05
N THR H 190 -3.79 -51.40 34.36
CA THR H 190 -4.60 -50.26 34.01
C THR H 190 -4.54 -49.14 35.04
N LYS H 191 -4.36 -49.49 36.32
CA LYS H 191 -4.24 -48.47 37.36
C LYS H 191 -2.93 -47.69 37.17
N GLU H 192 -2.92 -46.45 37.64
CA GLU H 192 -1.79 -45.57 37.40
C GLU H 192 -0.58 -45.97 38.22
N GLY H 193 -0.66 -45.84 39.54
CA GLY H 193 0.46 -46.15 40.41
C GLY H 193 0.70 -47.62 40.67
N SER H 194 -0.08 -48.52 40.06
CA SER H 194 0.05 -49.94 40.31
C SER H 194 1.21 -50.60 39.57
N ASN H 195 1.82 -49.93 38.61
CA ASN H 195 2.89 -50.53 37.82
C ASN H 195 4.24 -50.45 38.53
N ILE H 196 5.08 -51.45 38.26
CA ILE H 196 6.46 -51.47 38.75
C ILE H 196 7.38 -51.58 37.54
N CYS H 197 8.54 -50.94 37.62
CA CYS H 197 9.46 -50.82 36.51
C CYS H 197 10.85 -51.29 36.88
N LEU H 198 11.58 -51.75 35.86
CA LEU H 198 12.94 -52.27 35.99
C LEU H 198 13.68 -51.97 34.70
N THR H 199 14.93 -51.51 34.83
CA THR H 199 15.73 -51.10 33.68
C THR H 199 17.17 -51.52 33.90
N ARG H 200 17.79 -52.09 32.87
CA ARG H 200 19.20 -52.44 32.97
C ARG H 200 20.05 -51.17 32.90
N THR H 201 21.05 -51.07 33.78
CA THR H 201 21.90 -49.90 33.87
C THR H 201 23.20 -50.05 33.09
N ASP H 202 23.47 -51.24 32.55
CA ASP H 202 24.73 -51.55 31.88
C ASP H 202 24.83 -50.94 30.49
N ARG H 203 24.09 -49.88 30.16
CA ARG H 203 24.06 -49.42 28.78
C ARG H 203 25.35 -48.72 28.40
N GLY H 204 25.82 -48.98 27.18
CA GLY H 204 27.06 -48.39 26.73
C GLY H 204 27.86 -49.36 25.87
N TRP H 205 29.13 -49.04 25.66
CA TRP H 205 30.00 -49.83 24.80
C TRP H 205 30.81 -50.83 25.62
N TYR H 206 31.06 -52.00 25.03
CA TYR H 206 31.92 -53.02 25.62
C TYR H 206 32.95 -53.48 24.61
N CYS H 207 34.19 -53.66 25.04
CA CYS H 207 35.23 -54.17 24.15
C CYS H 207 36.14 -55.15 24.90
N ASP H 208 36.50 -56.24 24.23
CA ASP H 208 37.44 -57.18 24.84
C ASP H 208 38.85 -56.64 24.84
N ASN H 209 39.56 -56.84 25.95
CA ASN H 209 40.90 -56.31 26.14
C ASN H 209 41.61 -57.13 27.21
N ALA H 210 42.67 -57.84 26.80
CA ALA H 210 43.59 -58.51 27.72
C ALA H 210 42.85 -59.42 28.71
N GLY H 211 42.07 -60.33 28.17
CA GLY H 211 41.33 -61.27 28.99
C GLY H 211 40.21 -60.70 29.82
N SER H 212 39.95 -59.40 29.72
CA SER H 212 38.80 -58.82 30.42
C SER H 212 37.99 -57.97 29.45
N VAL H 213 37.06 -57.18 29.98
CA VAL H 213 36.19 -56.34 29.15
C VAL H 213 36.29 -54.92 29.65
N SER H 214 36.51 -53.99 28.72
CA SER H 214 36.48 -52.56 29.00
C SER H 214 35.07 -52.06 28.72
N PHE H 215 34.44 -51.51 29.75
CA PHE H 215 33.06 -51.03 29.68
C PHE H 215 33.10 -49.50 29.70
N PHE H 216 32.41 -48.90 28.75
CA PHE H 216 32.32 -47.45 28.61
C PHE H 216 30.87 -47.07 28.78
N PRO H 217 30.49 -46.55 29.95
CA PRO H 217 29.07 -46.27 30.24
C PRO H 217 28.55 -45.03 29.53
N GLN H 218 29.44 -44.10 29.21
CA GLN H 218 29.06 -42.87 28.51
C GLN H 218 29.35 -43.08 27.04
N ALA H 219 28.38 -43.65 26.32
CA ALA H 219 28.57 -43.96 24.91
C ALA H 219 28.76 -42.70 24.07
N GLU H 220 28.41 -41.53 24.59
CA GLU H 220 28.66 -40.28 23.87
C GLU H 220 30.14 -39.98 23.73
N THR H 221 30.98 -40.55 24.60
CA THR H 221 32.42 -40.30 24.54
C THR H 221 33.13 -41.20 23.54
N CYS H 222 32.52 -42.31 23.15
CA CYS H 222 33.09 -43.20 22.15
C CYS H 222 32.69 -42.73 20.76
N LYS H 223 33.68 -42.55 19.89
CA LYS H 223 33.46 -42.08 18.53
C LYS H 223 33.46 -43.29 17.60
N VAL H 224 32.55 -43.30 16.62
CA VAL H 224 32.37 -44.46 15.76
C VAL H 224 32.53 -44.04 14.30
N GLN H 225 33.37 -44.77 13.57
CA GLN H 225 33.51 -44.60 12.12
C GLN H 225 33.44 -45.97 11.48
N SER H 226 32.44 -46.19 10.63
CA SER H 226 32.18 -47.48 9.97
C SER H 226 31.97 -48.51 11.08
N ASN H 227 32.65 -49.66 11.05
CA ASN H 227 32.58 -50.64 12.11
C ASN H 227 33.72 -50.50 13.12
N ARG H 228 34.47 -49.40 13.07
CA ARG H 228 35.56 -49.14 13.99
C ARG H 228 35.09 -48.20 15.10
N VAL H 229 35.44 -48.53 16.34
CA VAL H 229 35.00 -47.78 17.51
C VAL H 229 36.24 -47.28 18.24
N PHE H 230 36.41 -45.95 18.26
CA PHE H 230 37.49 -45.29 18.96
C PHE H 230 36.95 -44.85 20.31
N CYS H 231 37.28 -45.59 21.35
CA CYS H 231 36.91 -45.25 22.72
C CYS H 231 38.16 -44.79 23.46
N ASP H 232 37.97 -44.39 24.71
CA ASP H 232 39.07 -43.91 25.56
C ASP H 232 39.03 -44.68 26.86
N THR H 233 40.12 -45.40 27.16
CA THR H 233 40.17 -46.20 28.37
C THR H 233 40.15 -45.37 29.64
N MET H 234 40.49 -44.08 29.55
CA MET H 234 40.51 -43.25 30.76
C MET H 234 39.15 -43.22 31.45
N ASN H 235 38.07 -43.22 30.68
CA ASN H 235 36.73 -43.28 31.26
C ASN H 235 36.09 -44.65 31.01
N SER H 236 36.74 -45.72 31.48
CA SER H 236 36.26 -47.08 31.27
C SER H 236 36.32 -47.84 32.60
N LEU H 237 35.86 -49.09 32.56
CA LEU H 237 35.90 -49.98 33.71
C LEU H 237 36.38 -51.34 33.26
N THR H 238 37.29 -51.94 34.03
CA THR H 238 37.82 -53.27 33.75
C THR H 238 36.96 -54.30 34.47
N LEU H 239 36.09 -54.95 33.71
CA LEU H 239 35.16 -55.96 34.20
C LEU H 239 35.58 -57.34 33.71
N PRO H 240 35.18 -58.41 34.38
CA PRO H 240 35.45 -59.74 33.86
C PRO H 240 34.64 -60.00 32.59
N SER H 241 35.07 -61.02 31.84
CA SER H 241 34.36 -61.34 30.60
C SER H 241 32.94 -61.83 30.87
N GLU H 242 32.70 -62.41 32.05
CA GLU H 242 31.40 -62.98 32.36
C GLU H 242 30.29 -61.94 32.36
N VAL H 243 30.64 -60.65 32.27
CA VAL H 243 29.60 -59.62 32.19
C VAL H 243 28.72 -59.85 30.98
N ASN H 244 29.28 -60.38 29.89
CA ASN H 244 28.45 -60.59 28.70
C ASN H 244 27.31 -61.57 28.98
N LEU H 245 27.46 -62.44 29.98
CA LEU H 245 26.38 -63.37 30.30
C LEU H 245 25.08 -62.65 30.59
N CYS H 246 25.17 -61.42 31.12
CA CYS H 246 23.96 -60.66 31.44
C CYS H 246 23.07 -60.47 30.23
N ASN H 247 23.62 -60.57 29.01
CA ASN H 247 22.80 -60.45 27.82
C ASN H 247 22.01 -61.72 27.55
N VAL H 248 22.64 -62.89 27.74
CA VAL H 248 21.97 -64.14 27.41
C VAL H 248 21.18 -64.71 28.59
N ASP H 249 21.61 -64.41 29.82
CA ASP H 249 20.97 -64.94 31.02
C ASP H 249 21.12 -63.90 32.11
N ILE H 250 20.10 -63.07 32.30
CA ILE H 250 20.18 -62.04 33.32
C ILE H 250 20.22 -62.64 34.71
N PHE H 251 19.68 -63.86 34.88
CA PHE H 251 19.65 -64.52 36.18
C PHE H 251 20.78 -65.52 36.37
N ASN H 252 21.88 -65.36 35.63
CA ASN H 252 23.00 -66.27 35.77
C ASN H 252 23.72 -66.04 37.09
N PRO H 253 24.25 -67.10 37.70
CA PRO H 253 24.92 -66.95 39.01
C PRO H 253 26.34 -66.42 38.93
N LYS H 254 27.02 -66.53 37.78
CA LYS H 254 28.42 -66.15 37.70
C LYS H 254 28.63 -64.64 37.69
N TYR H 255 27.60 -63.85 37.42
CA TYR H 255 27.73 -62.41 37.42
C TYR H 255 26.44 -61.78 37.92
N ASP H 256 26.56 -60.79 38.81
CA ASP H 256 25.42 -60.09 39.38
C ASP H 256 25.14 -58.87 38.52
N CYS H 257 24.14 -58.96 37.65
CA CYS H 257 23.86 -57.89 36.70
C CYS H 257 23.19 -56.72 37.41
N LYS H 258 23.57 -55.51 37.02
CA LYS H 258 23.07 -54.30 37.66
C LYS H 258 21.77 -53.86 37.01
N ILE H 259 20.79 -53.50 37.84
CA ILE H 259 19.50 -53.03 37.39
C ILE H 259 19.13 -51.75 38.15
N MET H 260 17.96 -51.23 37.83
CA MET H 260 17.43 -50.00 38.43
C MET H 260 15.92 -50.14 38.47
N THR H 261 15.36 -50.09 39.67
CA THR H 261 13.92 -50.25 39.84
C THR H 261 13.26 -48.90 40.07
N SER H 262 11.98 -48.83 39.74
CA SER H 262 11.20 -47.60 39.94
C SER H 262 9.73 -47.96 39.80
N LYS H 263 8.87 -46.94 39.82
CA LYS H 263 7.46 -47.11 39.53
C LYS H 263 6.99 -46.15 38.45
N THR H 264 7.92 -45.44 37.80
CA THR H 264 7.60 -44.42 36.82
C THR H 264 7.46 -45.08 35.46
N ASP H 265 6.22 -45.44 35.10
CA ASP H 265 5.92 -46.09 33.84
C ASP H 265 5.64 -45.00 32.80
N VAL H 266 6.73 -44.50 32.21
CA VAL H 266 6.65 -43.50 31.15
C VAL H 266 7.06 -44.14 29.83
N SER H 267 6.52 -43.59 28.74
CA SER H 267 6.78 -44.12 27.42
C SER H 267 8.02 -43.49 26.83
N SER H 268 8.81 -44.28 26.12
CA SER H 268 10.05 -43.79 25.54
C SER H 268 10.48 -44.70 24.40
N SER H 269 11.56 -44.32 23.73
CA SER H 269 12.12 -45.13 22.67
C SER H 269 13.63 -44.97 22.66
N VAL H 270 14.33 -46.05 22.35
CA VAL H 270 15.79 -46.09 22.30
C VAL H 270 16.16 -46.54 20.90
N ILE H 271 16.69 -45.63 20.09
CA ILE H 271 17.12 -45.98 18.73
C ILE H 271 18.44 -46.74 18.83
N THR H 272 18.45 -47.98 18.35
CA THR H 272 19.63 -48.83 18.41
C THR H 272 20.41 -48.74 17.10
N SER H 273 21.41 -49.61 16.94
CA SER H 273 22.26 -49.55 15.77
C SER H 273 21.53 -50.03 14.52
N LEU H 274 20.68 -51.04 14.66
CA LEU H 274 19.96 -51.61 13.53
C LEU H 274 18.45 -51.60 13.72
N GLY H 275 17.94 -50.85 14.70
CA GLY H 275 16.51 -50.83 14.93
C GLY H 275 16.06 -49.80 15.95
N ALA H 276 15.04 -50.17 16.73
CA ALA H 276 14.48 -49.26 17.73
C ALA H 276 13.72 -50.07 18.77
N ILE H 277 13.99 -49.77 20.05
CA ILE H 277 13.25 -50.32 21.18
C ILE H 277 12.18 -49.30 21.55
N VAL H 278 10.97 -49.79 21.81
CA VAL H 278 9.83 -48.93 22.14
C VAL H 278 9.24 -49.42 23.45
N SER H 279 9.21 -48.55 24.47
CA SER H 279 8.56 -48.83 25.74
C SER H 279 7.27 -48.02 25.75
N CYS H 280 6.15 -48.67 25.40
CA CYS H 280 4.86 -48.01 25.25
C CYS H 280 3.99 -48.34 26.46
N TYR H 281 3.87 -47.40 27.37
CA TYR H 281 3.06 -47.56 28.57
C TYR H 281 2.00 -46.46 28.65
N GLY H 282 0.90 -46.77 29.34
CA GLY H 282 -0.15 -45.78 29.53
C GLY H 282 -1.00 -45.53 28.30
N LYS H 283 -1.54 -44.32 28.21
CA LYS H 283 -2.39 -43.89 27.11
C LYS H 283 -1.58 -43.45 25.90
N THR H 284 -0.26 -43.61 25.95
CA THR H 284 0.60 -43.17 24.87
C THR H 284 0.40 -44.02 23.63
N LYS H 285 0.44 -43.38 22.46
CA LYS H 285 0.31 -44.07 21.19
C LYS H 285 1.69 -44.19 20.56
N CYS H 286 2.13 -45.42 20.33
CA CYS H 286 3.44 -45.67 19.75
C CYS H 286 3.27 -46.48 18.48
N THR H 287 3.89 -46.00 17.40
CA THR H 287 3.77 -46.60 16.09
C THR H 287 5.14 -46.75 15.44
N ALA H 288 5.16 -47.58 14.40
CA ALA H 288 6.32 -47.76 13.54
C ALA H 288 5.83 -47.67 12.10
N SER H 289 6.47 -46.80 11.31
CA SER H 289 5.94 -46.38 10.02
C SER H 289 6.98 -46.57 8.92
N ASN H 290 6.48 -46.64 7.68
CA ASN H 290 7.29 -46.76 6.49
C ASN H 290 7.11 -45.53 5.62
N LYS H 291 8.20 -45.10 4.97
CA LYS H 291 8.17 -43.83 4.24
C LYS H 291 7.25 -43.88 3.03
N ASN H 292 6.96 -45.08 2.52
CA ASN H 292 6.07 -45.24 1.36
C ASN H 292 4.67 -45.68 1.76
N ARG H 293 4.57 -46.71 2.61
CA ARG H 293 3.30 -47.32 2.94
C ARG H 293 2.58 -46.62 4.08
N GLY H 294 3.31 -46.08 5.05
CA GLY H 294 2.70 -45.46 6.20
C GLY H 294 2.85 -46.29 7.46
N ILE H 295 1.87 -46.23 8.37
CA ILE H 295 1.97 -47.01 9.61
C ILE H 295 1.95 -48.49 9.29
N ILE H 296 2.94 -49.21 9.80
CA ILE H 296 2.99 -50.66 9.66
C ILE H 296 2.91 -51.39 11.00
N LYS H 297 3.01 -50.69 12.13
CA LYS H 297 2.80 -51.38 13.40
C LYS H 297 2.31 -50.42 14.46
N THR H 298 1.30 -50.84 15.22
CA THR H 298 0.81 -50.13 16.40
C THR H 298 1.16 -50.95 17.63
N PHE H 299 2.11 -50.45 18.42
CA PHE H 299 2.65 -51.21 19.54
C PHE H 299 1.62 -51.42 20.65
N SER H 300 1.59 -52.63 21.19
CA SER H 300 0.86 -52.89 22.42
C SER H 300 1.64 -52.36 23.62
N ASN H 301 0.97 -52.28 24.77
CA ASN H 301 1.62 -51.81 25.98
C ASN H 301 2.70 -52.79 26.40
N GLY H 302 3.92 -52.29 26.55
CA GLY H 302 5.06 -53.11 26.91
C GLY H 302 6.29 -52.63 26.18
N CYS H 303 7.37 -53.39 26.32
CA CYS H 303 8.62 -53.11 25.62
C CYS H 303 8.74 -54.05 24.43
N ASP H 304 8.79 -53.47 23.24
CA ASP H 304 8.91 -54.23 21.99
C ASP H 304 10.05 -53.66 21.17
N TYR H 305 10.33 -54.32 20.04
CA TYR H 305 11.45 -53.94 19.19
C TYR H 305 10.99 -53.97 17.74
N VAL H 306 11.63 -53.12 16.93
CA VAL H 306 11.37 -53.09 15.50
C VAL H 306 12.70 -52.85 14.79
N SER H 307 13.05 -53.73 13.86
CA SER H 307 14.28 -53.58 13.10
C SER H 307 14.14 -52.48 12.05
N ASN H 308 15.28 -51.97 11.59
CA ASN H 308 15.27 -50.96 10.56
C ASN H 308 15.02 -51.54 9.17
N LYS H 309 14.81 -52.85 9.07
CA LYS H 309 14.58 -53.51 7.80
C LYS H 309 13.18 -53.21 7.29
N GLY H 310 13.04 -52.13 6.53
CA GLY H 310 11.77 -51.73 5.98
C GLY H 310 11.05 -50.67 6.78
N VAL H 311 11.59 -50.28 7.92
CA VAL H 311 11.03 -49.23 8.77
C VAL H 311 11.95 -48.03 8.72
N ASP H 312 11.36 -46.84 8.61
CA ASP H 312 12.13 -45.60 8.50
C ASP H 312 11.99 -44.70 9.72
N THR H 313 10.79 -44.63 10.31
CA THR H 313 10.57 -43.81 11.49
C THR H 313 9.76 -44.58 12.52
N VAL H 314 9.94 -44.18 13.78
CA VAL H 314 9.20 -44.75 14.91
C VAL H 314 8.77 -43.60 15.81
N SER H 315 7.48 -43.54 16.12
CA SER H 315 6.93 -42.42 16.87
C SER H 315 6.38 -42.90 18.21
N VAL H 316 6.81 -42.26 19.29
CA VAL H 316 6.31 -42.54 20.63
C VAL H 316 5.69 -41.26 21.15
N GLY H 317 4.38 -41.28 21.33
CA GLY H 317 3.68 -40.09 21.78
C GLY H 317 3.81 -38.99 20.74
N ASN H 318 4.31 -37.84 21.18
CA ASN H 318 4.54 -36.70 20.30
C ASN H 318 5.97 -36.66 19.78
N THR H 319 6.76 -37.70 20.04
CA THR H 319 8.16 -37.71 19.63
C THR H 319 8.33 -38.58 18.39
N LEU H 320 9.03 -38.04 17.39
CA LEU H 320 9.31 -38.73 16.15
C LEU H 320 10.79 -39.04 16.09
N TYR H 321 11.14 -40.32 16.02
CA TYR H 321 12.52 -40.76 15.91
C TYR H 321 12.74 -41.31 14.51
N TYR H 322 13.89 -40.98 13.93
CA TYR H 322 14.34 -41.62 12.70
C TYR H 322 15.28 -42.75 13.09
N VAL H 323 14.98 -43.96 12.63
CA VAL H 323 15.82 -45.11 12.94
C VAL H 323 17.03 -45.10 12.01
N ASN H 324 18.13 -45.68 12.48
CA ASN H 324 19.34 -45.72 11.67
C ASN H 324 19.14 -46.71 10.53
N LYS H 325 19.41 -46.26 9.31
CA LYS H 325 19.27 -47.10 8.13
C LYS H 325 20.59 -47.76 7.74
N GLN H 326 21.30 -48.28 8.73
CA GLN H 326 22.53 -49.01 8.49
C GLN H 326 22.19 -50.45 8.09
N GLU H 327 23.02 -51.01 7.22
CA GLU H 327 22.76 -52.34 6.70
C GLU H 327 23.27 -53.38 7.70
N GLY H 328 22.40 -54.31 8.08
CA GLY H 328 22.76 -55.34 9.02
C GLY H 328 21.55 -56.19 9.35
N LYS H 329 21.84 -57.32 9.99
CA LYS H 329 20.85 -58.32 10.35
C LYS H 329 20.40 -58.12 11.79
N SER H 330 19.08 -58.06 11.99
CA SER H 330 18.49 -57.90 13.31
C SER H 330 17.76 -59.18 13.73
N LEU H 331 18.04 -59.65 14.93
CA LEU H 331 17.45 -60.88 15.44
C LEU H 331 16.61 -60.59 16.68
N TYR H 332 15.37 -61.08 16.67
CA TYR H 332 14.43 -60.92 17.78
C TYR H 332 14.42 -62.18 18.62
N VAL H 333 14.90 -62.08 19.85
CA VAL H 333 14.96 -63.21 20.77
C VAL H 333 13.76 -63.14 21.70
N LYS H 334 12.88 -64.12 21.60
CA LYS H 334 11.67 -64.18 22.40
C LYS H 334 12.02 -64.30 23.89
N GLY H 335 11.02 -64.11 24.74
CA GLY H 335 11.22 -64.27 26.16
C GLY H 335 10.17 -63.61 27.04
N GLU H 336 9.89 -64.22 28.18
CA GLU H 336 8.96 -63.64 29.14
C GLU H 336 9.61 -62.44 29.82
N PRO H 337 8.95 -61.28 29.83
CA PRO H 337 9.51 -60.10 30.55
C PRO H 337 9.73 -60.42 32.01
N ILE H 338 10.98 -60.22 32.46
CA ILE H 338 11.38 -60.64 33.80
C ILE H 338 10.63 -59.88 34.89
N ILE H 339 10.07 -58.71 34.57
CA ILE H 339 9.33 -57.94 35.56
C ILE H 339 8.09 -58.70 36.01
N ASN H 340 7.58 -59.63 35.19
CA ASN H 340 6.44 -60.44 35.58
C ASN H 340 6.82 -61.50 36.60
N PHE H 341 8.11 -61.77 36.78
CA PHE H 341 8.57 -62.75 37.75
C PHE H 341 8.60 -62.21 39.17
N TYR H 342 8.27 -60.95 39.37
CA TYR H 342 8.33 -60.30 40.67
C TYR H 342 6.93 -60.03 41.20
N ASP H 343 6.80 -60.08 42.52
CA ASP H 343 5.56 -59.74 43.19
C ASP H 343 5.53 -58.25 43.48
N PRO H 344 4.52 -57.51 43.01
CA PRO H 344 4.55 -56.04 43.18
C PRO H 344 4.38 -55.57 44.61
N LEU H 345 4.02 -56.46 45.54
CA LEU H 345 3.81 -56.06 46.92
C LEU H 345 5.11 -56.03 47.73
N VAL H 346 6.16 -56.68 47.25
CA VAL H 346 7.44 -56.72 47.96
C VAL H 346 8.55 -56.25 47.02
N PHE H 347 8.17 -55.55 45.96
CA PHE H 347 9.14 -55.09 44.96
C PHE H 347 9.74 -53.74 45.37
N PRO H 348 11.05 -53.66 45.54
CA PRO H 348 11.71 -52.37 45.89
C PRO H 348 11.64 -51.37 44.75
N SER H 349 10.98 -50.24 44.99
CA SER H 349 10.80 -49.22 43.95
C SER H 349 11.84 -48.10 44.01
N ASP H 350 12.68 -48.05 45.04
CA ASP H 350 13.74 -47.03 45.15
C ASP H 350 15.11 -47.70 45.05
N GLU H 351 15.60 -47.87 43.83
CA GLU H 351 16.92 -48.47 43.61
C GLU H 351 17.56 -47.80 42.42
N PHE H 352 18.72 -47.16 42.64
CA PHE H 352 19.49 -46.55 41.56
C PHE H 352 20.81 -47.23 41.28
N ASP H 353 21.49 -47.75 42.30
CA ASP H 353 22.72 -48.50 42.13
C ASP H 353 22.51 -49.91 42.68
N ALA H 354 21.61 -50.66 42.07
CA ALA H 354 21.22 -51.96 42.54
C ALA H 354 21.70 -53.04 41.59
N SER H 355 21.35 -54.28 41.93
CA SER H 355 21.69 -55.43 41.13
C SER H 355 20.64 -56.51 41.36
N ILE H 356 20.72 -57.57 40.56
CA ILE H 356 19.73 -58.64 40.65
C ILE H 356 19.81 -59.32 42.00
N SER H 357 21.03 -59.63 42.47
CA SER H 357 21.17 -60.31 43.75
C SER H 357 20.86 -59.35 44.91
N GLN H 358 21.15 -58.06 44.74
CA GLN H 358 20.81 -57.10 45.78
C GLN H 358 19.30 -57.00 45.96
N VAL H 359 18.56 -57.03 44.85
CA VAL H 359 17.11 -56.99 44.93
C VAL H 359 16.56 -58.32 45.45
N ASN H 360 17.14 -59.44 45.02
CA ASN H 360 16.68 -60.73 45.53
C ASN H 360 16.94 -60.88 47.02
N GLU H 361 18.03 -60.30 47.52
CA GLU H 361 18.30 -60.38 48.96
C GLU H 361 17.41 -59.42 49.74
N LYS H 362 17.15 -58.22 49.22
CA LYS H 362 16.19 -57.36 49.91
C LYS H 362 14.79 -57.95 49.91
N ILE H 363 14.43 -58.70 48.86
CA ILE H 363 13.11 -59.32 48.85
C ILE H 363 13.06 -60.52 49.77
N ASN H 364 14.10 -61.36 49.78
CA ASN H 364 14.11 -62.46 50.73
C ASN H 364 14.03 -61.93 52.16
N GLN H 365 14.74 -60.83 52.44
CA GLN H 365 14.75 -60.29 53.79
C GLN H 365 13.38 -59.72 54.17
N SER H 366 12.83 -58.84 53.34
CA SER H 366 11.55 -58.22 53.68
C SER H 366 10.42 -59.23 53.70
N LEU H 367 10.31 -60.04 52.64
CA LEU H 367 9.22 -61.01 52.54
C LEU H 367 9.27 -62.04 53.65
N ALA H 368 10.39 -62.77 53.77
CA ALA H 368 10.43 -63.82 54.77
C ALA H 368 10.30 -63.25 56.18
N PHE H 369 11.12 -62.24 56.52
CA PHE H 369 11.12 -61.77 57.91
C PHE H 369 9.79 -61.16 58.31
N ILE H 370 9.19 -60.33 57.45
CA ILE H 370 7.98 -59.64 57.88
C ILE H 370 6.75 -60.53 57.74
N ARG H 371 6.58 -61.23 56.62
CA ARG H 371 5.38 -62.05 56.48
C ARG H 371 5.40 -63.23 57.43
N LYS H 372 6.59 -63.76 57.78
CA LYS H 372 6.62 -64.87 58.71
C LYS H 372 6.52 -64.39 60.15
N SER H 373 7.12 -63.25 60.49
CA SER H 373 6.97 -62.78 61.87
C SER H 373 5.51 -62.43 62.15
N ASP H 374 4.84 -61.77 61.21
CA ASP H 374 3.44 -61.42 61.46
C ASP H 374 2.52 -62.64 61.39
N GLU H 375 2.78 -63.58 60.47
CA GLU H 375 1.93 -64.77 60.39
C GLU H 375 2.18 -65.72 61.54
N LEU H 376 3.38 -65.69 62.13
CA LEU H 376 3.67 -66.53 63.29
C LEU H 376 3.12 -65.91 64.56
N LEU H 377 3.18 -64.58 64.68
CA LEU H 377 2.59 -63.95 65.85
C LEU H 377 1.07 -64.09 65.84
N SER H 378 0.46 -64.02 64.65
CA SER H 378 -0.98 -64.19 64.53
C SER H 378 -1.38 -65.63 64.28
N ALA H 379 -0.43 -66.55 64.29
CA ALA H 379 -0.76 -67.97 64.30
C ALA H 379 -1.00 -68.49 65.70
N ILE H 380 -0.50 -67.80 66.72
CA ILE H 380 -0.76 -68.14 68.11
C ILE H 380 -1.98 -67.33 68.56
N GLY H 381 -3.07 -67.42 67.80
CA GLY H 381 -4.27 -66.67 68.13
C GLY H 381 -4.91 -67.10 69.44
N GLY H 382 -4.80 -68.38 69.77
CA GLY H 382 -5.30 -68.85 71.05
C GLY H 382 -4.43 -68.33 72.18
N TYR H 383 -5.04 -67.69 73.16
CA TYR H 383 -4.33 -67.11 74.30
C TYR H 383 -5.21 -67.27 75.54
N ILE H 384 -4.92 -66.47 76.56
CA ILE H 384 -5.68 -66.50 77.81
C ILE H 384 -6.56 -65.26 77.90
N PRO H 385 -7.82 -65.33 77.48
CA PRO H 385 -8.71 -64.17 77.64
C PRO H 385 -9.28 -64.13 79.05
N GLU H 386 -9.18 -62.97 79.69
CA GLU H 386 -9.55 -62.85 81.10
C GLU H 386 -11.03 -63.16 81.30
N ALA H 387 -11.31 -63.96 82.32
CA ALA H 387 -12.67 -64.31 82.68
C ALA H 387 -13.36 -63.13 83.34
N PRO H 388 -14.70 -63.18 83.48
CA PRO H 388 -15.40 -62.11 84.21
C PRO H 388 -14.81 -61.90 85.60
N ARG H 389 -14.63 -60.64 85.97
CA ARG H 389 -14.05 -60.28 87.26
C ARG H 389 -14.94 -60.68 88.42
N TYR H 394 -15.86 -69.21 88.08
CA TYR H 394 -15.79 -69.26 86.62
C TYR H 394 -14.73 -70.25 86.14
N VAL H 395 -15.04 -70.94 85.04
CA VAL H 395 -14.11 -71.88 84.43
C VAL H 395 -14.54 -72.06 82.97
N ARG H 396 -13.56 -72.32 82.10
CA ARG H 396 -13.77 -72.32 80.66
C ARG H 396 -13.78 -73.75 80.13
N LYS H 397 -14.96 -74.28 79.85
CA LYS H 397 -15.09 -75.67 79.40
C LYS H 397 -15.33 -75.76 77.89
N GLU H 400 -13.95 -69.66 76.04
CA GLU H 400 -14.81 -68.77 76.82
C GLU H 400 -15.07 -69.34 78.21
N TRP H 401 -15.26 -68.45 79.19
CA TRP H 401 -15.43 -68.81 80.58
C TRP H 401 -16.87 -68.58 81.02
N VAL H 402 -17.26 -69.24 82.10
CA VAL H 402 -18.61 -69.08 82.65
C VAL H 402 -18.64 -69.46 84.13
N LEU H 404 -18.36 -71.28 87.20
CA LEU H 404 -18.30 -72.52 87.98
C LEU H 404 -19.52 -72.64 88.90
N SER H 405 -20.61 -73.17 88.36
CA SER H 405 -21.86 -73.35 89.10
C SER H 405 -22.15 -74.82 89.37
N THR H 406 -21.10 -75.63 89.52
CA THR H 406 -21.24 -77.05 89.85
C THR H 406 -21.17 -77.22 91.37
N PHE H 407 -22.23 -76.76 92.03
CA PHE H 407 -22.33 -76.76 93.49
C PHE H 407 -23.33 -77.82 93.93
N LEU H 408 -22.87 -78.77 94.75
CA LEU H 408 -23.72 -79.83 95.26
C LEU H 408 -24.13 -79.57 96.71
N PCA I 1 4.93 -9.77 25.22
CA PCA I 1 3.65 -9.48 25.87
CB PCA I 1 3.00 -8.24 25.26
CG PCA I 1 3.72 -7.98 23.96
CD PCA I 1 4.94 -8.87 24.07
OE PCA I 1 5.85 -8.81 23.25
C PCA I 1 2.73 -10.68 25.72
O PCA I 1 2.81 -11.34 24.68
N ASN I 2 1.89 -10.98 26.71
CA ASN I 2 1.85 -10.32 28.01
C ASN I 2 2.17 -11.35 29.12
N ILE I 3 3.47 -11.54 29.35
CA ILE I 3 3.97 -12.59 30.23
C ILE I 3 3.50 -12.42 31.68
N THR I 4 3.18 -13.55 32.32
CA THR I 4 2.81 -13.62 33.73
C THR I 4 3.73 -14.59 34.47
N GLU I 5 3.58 -14.63 35.80
CA GLU I 5 4.31 -15.58 36.63
C GLU I 5 3.62 -15.74 37.98
N GLU I 6 3.63 -16.96 38.52
CA GLU I 6 3.05 -17.25 39.82
C GLU I 6 4.04 -18.02 40.68
N PHE I 7 4.05 -17.75 41.98
CA PHE I 7 4.88 -18.48 42.93
C PHE I 7 3.99 -19.21 43.93
N TYR I 8 4.21 -20.50 44.08
CA TYR I 8 3.48 -21.34 45.01
C TYR I 8 4.37 -21.62 46.22
N GLN I 9 4.01 -21.00 47.34
CA GLN I 9 4.73 -21.16 48.60
C GLN I 9 4.52 -22.55 49.18
N SER I 10 3.39 -23.18 48.88
CA SER I 10 3.09 -24.48 49.47
C SER I 10 4.08 -25.54 49.00
N THR I 11 4.52 -25.46 47.74
CA THR I 11 5.43 -26.43 47.17
C THR I 11 6.80 -25.84 46.86
N CYS I 12 7.00 -24.55 47.15
CA CYS I 12 8.26 -23.86 46.86
C CYS I 12 8.60 -23.98 45.39
N SER I 13 7.72 -23.44 44.55
CA SER I 13 7.91 -23.55 43.11
C SER I 13 7.35 -22.32 42.42
N ALA I 14 7.65 -22.18 41.14
CA ALA I 14 7.20 -21.03 40.39
C ALA I 14 6.91 -21.44 38.96
N VAL I 15 5.82 -20.92 38.41
CA VAL I 15 5.41 -21.22 37.04
C VAL I 15 5.42 -19.91 36.26
N SER I 16 6.14 -19.89 35.15
CA SER I 16 6.26 -18.71 34.30
C SER I 16 5.39 -18.94 33.07
N LYS I 17 4.16 -18.47 33.15
CA LYS I 17 3.18 -18.64 32.08
C LYS I 17 3.27 -17.50 31.07
N GLY I 18 2.73 -17.75 29.88
CA GLY I 18 2.63 -16.74 28.86
C GLY I 18 3.52 -16.90 27.64
N TYR I 19 4.08 -18.08 27.41
CA TYR I 19 4.96 -18.31 26.27
C TYR I 19 4.24 -19.08 25.16
N LEU I 20 4.79 -18.96 23.96
CA LEU I 20 4.29 -19.63 22.77
C LEU I 20 5.26 -20.71 22.31
N SER I 21 4.71 -21.76 21.72
CA SER I 21 5.49 -22.93 21.35
C SER I 21 6.18 -22.76 20.00
N ALA I 22 7.24 -23.54 19.83
CA ALA I 22 7.94 -23.67 18.56
C ALA I 22 8.71 -25.00 18.56
N LEU I 23 7.98 -26.10 18.69
CA LEU I 23 8.61 -27.40 18.87
C LEU I 23 9.10 -27.97 17.55
N ARG I 24 10.28 -28.59 17.58
CA ARG I 24 10.81 -29.30 16.43
C ARG I 24 10.30 -30.74 16.48
N THR I 25 9.40 -31.08 15.56
CA THR I 25 8.81 -32.41 15.50
C THR I 25 9.52 -33.32 14.51
N GLY I 26 9.99 -32.78 13.40
CA GLY I 26 10.64 -33.57 12.37
C GLY I 26 11.80 -32.81 11.76
N TRP I 27 12.44 -33.46 10.80
CA TRP I 27 13.61 -32.92 10.11
C TRP I 27 13.29 -32.68 8.64
N TYR I 28 14.14 -31.86 8.01
CA TYR I 28 14.10 -31.65 6.57
C TYR I 28 15.53 -31.58 6.06
N THR I 29 15.83 -32.38 5.04
CA THR I 29 17.19 -32.49 4.51
C THR I 29 17.30 -31.78 3.15
N SER I 30 18.40 -31.06 2.98
CA SER I 30 18.72 -30.37 1.72
C SER I 30 20.19 -30.59 1.39
N VAL I 31 20.48 -30.68 0.09
CA VAL I 31 21.81 -30.95 -0.40
C VAL I 31 22.45 -29.66 -0.90
N ILE I 32 23.63 -29.32 -0.37
CA ILE I 32 24.39 -28.16 -0.79
C ILE I 32 25.58 -28.64 -1.61
N THR I 33 25.81 -28.00 -2.76
CA THR I 33 26.84 -28.41 -3.70
C THR I 33 27.86 -27.30 -3.93
N ILE I 34 29.09 -27.72 -4.21
CA ILE I 34 30.20 -26.82 -4.56
C ILE I 34 30.92 -27.41 -5.76
N GLU I 35 30.78 -26.77 -6.92
CA GLU I 35 31.37 -27.27 -8.15
C GLU I 35 32.89 -27.09 -8.15
N LEU I 36 33.62 -28.17 -8.40
CA LEU I 36 35.08 -28.18 -8.40
C LEU I 36 35.62 -28.36 -9.81
N SER I 37 36.93 -28.13 -9.95
CA SER I 37 37.62 -28.29 -11.23
C SER I 37 38.80 -29.24 -11.07
N ASN I 38 38.92 -30.20 -11.98
CA ASN I 38 40.01 -31.19 -11.97
C ASN I 38 41.20 -30.66 -12.76
N ILE I 39 42.15 -30.02 -12.07
CA ILE I 39 43.36 -29.48 -12.68
C ILE I 39 44.59 -30.20 -12.16
N LYS I 40 45.40 -30.73 -13.08
CA LYS I 40 46.60 -31.48 -12.73
C LYS I 40 47.74 -30.52 -12.38
N GLU I 41 48.97 -31.06 -12.29
CA GLU I 41 50.14 -30.26 -11.94
C GLU I 41 50.33 -29.10 -12.90
N ASN I 42 50.64 -27.94 -12.34
CA ASN I 42 50.77 -26.72 -13.13
C ASN I 42 51.80 -26.90 -14.25
N LYS I 43 51.35 -26.73 -15.49
CA LYS I 43 52.26 -26.90 -16.64
C LYS I 43 53.29 -25.77 -16.71
N CYS I 44 52.89 -24.55 -16.37
CA CYS I 44 53.79 -23.40 -16.41
C CYS I 44 54.56 -23.30 -15.10
N ASN I 45 55.87 -23.17 -15.21
CA ASN I 45 56.75 -22.94 -14.07
C ASN I 45 57.48 -21.62 -14.25
N GLY I 46 57.46 -20.77 -13.22
CA GLY I 46 58.09 -19.48 -13.29
C GLY I 46 58.36 -18.92 -11.92
N THR I 47 59.44 -18.15 -11.80
CA THR I 47 59.83 -17.51 -10.56
C THR I 47 59.08 -16.20 -10.31
N ASP I 48 58.08 -15.89 -11.12
CA ASP I 48 57.31 -14.66 -10.95
C ASP I 48 56.65 -14.65 -9.57
N ALA I 49 56.53 -13.44 -9.00
CA ALA I 49 56.01 -13.32 -7.65
C ALA I 49 54.52 -13.61 -7.63
N LYS I 50 53.79 -13.09 -8.61
CA LYS I 50 52.36 -13.33 -8.65
C LYS I 50 52.08 -14.79 -9.01
N VAL I 51 52.95 -15.36 -9.85
CA VAL I 51 52.85 -16.79 -10.17
C VAL I 51 53.16 -17.63 -8.94
N LYS I 52 54.11 -17.20 -8.12
CA LYS I 52 54.42 -17.92 -6.88
C LYS I 52 53.23 -17.93 -5.93
N LEU I 53 52.54 -16.78 -5.82
CA LEU I 53 51.38 -16.73 -4.94
C LEU I 53 50.26 -17.59 -5.48
N ILE I 54 50.00 -17.52 -6.79
CA ILE I 54 48.90 -18.33 -7.33
C ILE I 54 49.26 -19.81 -7.28
N LYS I 55 50.54 -20.16 -7.34
CA LYS I 55 50.95 -21.56 -7.28
C LYS I 55 50.68 -22.12 -5.89
N GLN I 56 51.07 -21.39 -4.85
CA GLN I 56 50.79 -21.92 -3.51
C GLN I 56 49.30 -21.85 -3.19
N GLU I 57 48.54 -20.93 -3.82
CA GLU I 57 47.10 -20.91 -3.62
C GLU I 57 46.42 -22.12 -4.28
N LEU I 58 46.85 -22.47 -5.50
CA LEU I 58 46.35 -23.70 -6.10
C LEU I 58 46.76 -24.93 -5.29
N ASP I 59 47.93 -24.86 -4.64
CA ASP I 59 48.31 -25.95 -3.74
C ASP I 59 47.33 -26.04 -2.57
N LYS I 60 46.89 -24.88 -2.05
CA LYS I 60 45.86 -24.89 -1.02
C LYS I 60 44.59 -25.56 -1.52
N TYR I 61 44.15 -25.22 -2.74
CA TYR I 61 42.92 -25.80 -3.28
C TYR I 61 43.04 -27.32 -3.42
N LYS I 62 44.13 -27.79 -4.01
CA LYS I 62 44.28 -29.23 -4.24
C LYS I 62 44.42 -29.99 -2.93
N ASN I 63 45.13 -29.41 -1.95
CA ASN I 63 45.22 -30.09 -0.66
C ASN I 63 43.87 -30.11 0.05
N ALA I 64 43.04 -29.07 -0.14
CA ALA I 64 41.72 -29.08 0.45
C ALA I 64 40.85 -30.19 -0.13
N VAL I 65 40.86 -30.34 -1.46
CA VAL I 65 40.03 -31.39 -2.03
C VAL I 65 40.58 -32.77 -1.67
N THR I 66 41.90 -32.91 -1.52
CA THR I 66 42.45 -34.19 -1.09
C THR I 66 42.05 -34.53 0.34
N GLU I 67 42.09 -33.54 1.24
CA GLU I 67 41.65 -33.77 2.61
C GLU I 67 40.17 -34.14 2.67
N LEU I 68 39.35 -33.49 1.85
CA LEU I 68 37.94 -33.85 1.82
C LEU I 68 37.74 -35.27 1.30
N GLN I 69 38.59 -35.70 0.35
CA GLN I 69 38.51 -37.08 -0.13
C GLN I 69 38.92 -38.07 0.96
N LEU I 70 39.91 -37.72 1.77
CA LEU I 70 40.27 -38.62 2.88
C LEU I 70 39.17 -38.67 3.92
N LEU I 71 38.49 -37.56 4.16
CA LEU I 71 37.39 -37.55 5.13
C LEU I 71 36.20 -38.35 4.63
N MET I 72 35.88 -38.25 3.34
CA MET I 72 34.71 -38.92 2.78
C MET I 72 34.80 -40.45 2.86
N GLN I 73 36.01 -41.01 2.78
CA GLN I 73 36.14 -42.48 2.79
C GLN I 73 35.75 -43.14 4.13
N SER I 74 35.09 -42.39 5.02
CA SER I 74 34.56 -42.95 6.25
C SER I 74 33.30 -42.17 6.58
N THR I 75 32.14 -42.79 6.36
CA THR I 75 30.86 -42.11 6.53
C THR I 75 30.71 -41.65 7.98
N PRO I 76 30.37 -40.39 8.22
CA PRO I 76 30.32 -39.89 9.61
C PRO I 76 29.16 -40.49 10.39
N ALA I 77 29.26 -40.37 11.71
CA ALA I 77 28.24 -40.83 12.64
C ALA I 77 28.58 -40.30 14.04
N THR I 78 27.57 -39.81 14.74
CA THR I 78 27.76 -39.32 16.10
C THR I 78 26.83 -40.06 17.08
N PHE J 1 16.43 -32.53 35.46
CA PHE J 1 16.44 -33.29 36.71
C PHE J 1 15.95 -34.69 36.35
N LEU J 2 14.78 -34.73 35.70
CA LEU J 2 14.18 -35.95 35.21
C LEU J 2 14.68 -36.33 33.82
N GLY J 3 15.88 -35.88 33.45
CA GLY J 3 16.43 -36.18 32.13
C GLY J 3 16.72 -37.64 31.91
N PHE J 4 16.91 -38.42 32.98
CA PHE J 4 17.17 -39.84 32.84
C PHE J 4 15.94 -40.61 32.36
N LEU J 5 14.74 -40.07 32.57
CA LEU J 5 13.53 -40.73 32.10
C LEU J 5 13.35 -40.63 30.59
N LEU J 6 14.21 -39.87 29.90
CA LEU J 6 14.09 -39.69 28.47
C LEU J 6 14.70 -40.87 27.71
N GLY J 7 14.33 -40.98 26.43
CA GLY J 7 14.90 -41.97 25.56
C GLY J 7 16.17 -41.48 24.89
N VAL J 8 16.72 -42.35 24.03
CA VAL J 8 17.94 -42.07 23.29
C VAL J 8 17.61 -42.17 21.81
N GLY J 9 17.92 -41.11 21.05
CA GLY J 9 17.61 -41.08 19.64
C GLY J 9 18.83 -40.71 18.83
N SER J 10 18.76 -41.01 17.54
CA SER J 10 19.81 -40.67 16.60
C SER J 10 19.37 -39.42 15.84
N ALA J 11 20.13 -38.33 16.01
CA ALA J 11 19.70 -37.04 15.49
C ALA J 11 19.87 -36.95 13.98
N ILE J 12 21.07 -37.28 13.48
CA ILE J 12 21.38 -37.04 12.09
C ILE J 12 20.98 -38.23 11.23
N ALA J 13 20.23 -39.17 11.81
CA ALA J 13 19.88 -40.38 11.08
C ALA J 13 19.18 -40.05 9.77
N SER J 14 18.24 -39.10 9.82
CA SER J 14 17.52 -38.72 8.62
C SER J 14 18.49 -38.21 7.57
N GLY J 15 19.37 -37.29 7.95
CA GLY J 15 20.33 -36.77 7.00
C GLY J 15 21.24 -37.87 6.50
N VAL J 16 21.65 -38.76 7.39
CA VAL J 16 22.53 -39.85 6.97
C VAL J 16 21.81 -40.73 5.96
N ALA J 17 20.51 -40.91 6.13
CA ALA J 17 19.76 -41.68 5.13
C ALA J 17 19.90 -41.03 3.75
N VAL J 18 19.63 -39.72 3.68
CA VAL J 18 19.77 -39.03 2.40
C VAL J 18 21.22 -39.11 1.99
N CYS J 19 22.09 -39.12 2.98
CA CYS J 19 23.51 -39.17 2.67
C CYS J 19 23.84 -40.43 1.92
N LYS J 20 23.38 -41.57 2.45
CA LYS J 20 23.62 -42.86 1.83
C LYS J 20 22.95 -42.98 0.48
N VAL J 21 21.89 -42.20 0.20
CA VAL J 21 21.30 -42.25 -1.12
C VAL J 21 22.23 -41.61 -2.15
N LEU J 22 22.97 -40.56 -1.76
CA LEU J 22 23.81 -39.86 -2.73
C LEU J 22 25.01 -40.69 -3.17
N HIS J 23 25.37 -41.73 -2.41
CA HIS J 23 26.49 -42.58 -2.82
C HIS J 23 26.16 -43.43 -4.05
N LEU J 24 24.88 -43.60 -4.37
CA LEU J 24 24.48 -44.44 -5.50
C LEU J 24 24.91 -43.82 -6.82
N GLU J 25 25.01 -44.67 -7.83
CA GLU J 25 25.47 -44.23 -9.14
C GLU J 25 24.43 -43.33 -9.81
N GLY J 26 24.93 -42.29 -10.48
CA GLY J 26 24.10 -41.36 -11.21
C GLY J 26 23.38 -40.30 -10.41
N GLU J 27 23.16 -40.52 -9.11
CA GLU J 27 22.42 -39.54 -8.31
C GLU J 27 23.11 -38.18 -8.30
N VAL J 28 24.44 -38.18 -8.19
CA VAL J 28 25.19 -36.93 -8.16
C VAL J 28 25.13 -36.25 -9.52
N ASN J 29 25.12 -37.04 -10.60
CA ASN J 29 25.03 -36.46 -11.93
C ASN J 29 23.65 -35.87 -12.19
N LYS J 30 22.59 -36.50 -11.65
CA LYS J 30 21.27 -35.90 -11.74
C LYS J 30 21.25 -34.53 -11.07
N ILE J 31 21.92 -34.43 -9.91
CA ILE J 31 21.98 -33.14 -9.23
C ILE J 31 22.79 -32.13 -10.04
N LYS J 32 23.92 -32.55 -10.59
CA LYS J 32 24.75 -31.64 -11.38
C LYS J 32 24.03 -31.16 -12.63
N SER J 33 23.22 -32.02 -13.25
CA SER J 33 22.47 -31.61 -14.43
C SER J 33 21.31 -30.71 -14.05
N ALA J 34 20.73 -30.89 -12.85
CA ALA J 34 19.64 -30.02 -12.43
C ALA J 34 20.13 -28.61 -12.15
N LEU J 35 21.32 -28.47 -11.56
CA LEU J 35 21.90 -27.17 -11.24
C LEU J 35 22.79 -26.63 -12.36
N LEU J 36 22.72 -27.22 -13.56
CA LEU J 36 23.53 -26.73 -14.67
C LEU J 36 23.07 -25.36 -15.14
N SER J 37 21.80 -25.03 -14.92
CA SER J 37 21.23 -23.75 -15.33
C SER J 37 21.18 -22.75 -14.18
N THR J 38 20.39 -23.05 -13.14
CA THR J 38 20.22 -22.17 -12.00
C THR J 38 21.14 -22.61 -10.87
N ASN J 39 21.12 -21.84 -9.77
CA ASN J 39 21.98 -22.14 -8.63
C ASN J 39 21.29 -23.01 -7.59
N LYS J 40 19.96 -23.07 -7.61
CA LYS J 40 19.19 -23.88 -6.68
C LYS J 40 18.02 -24.50 -7.44
N ALA J 41 17.72 -25.75 -7.11
CA ALA J 41 16.66 -26.50 -7.79
C ALA J 41 16.11 -27.56 -6.84
N VAL J 42 15.05 -28.22 -7.28
CA VAL J 42 14.41 -29.30 -6.54
C VAL J 42 14.67 -30.61 -7.26
N VAL J 43 15.16 -31.62 -6.53
CA VAL J 43 15.52 -32.90 -7.11
C VAL J 43 14.80 -34.00 -6.35
N SER J 44 14.09 -34.86 -7.08
CA SER J 44 13.47 -36.05 -6.50
C SER J 44 14.41 -37.23 -6.72
N LEU J 45 14.83 -37.86 -5.63
CA LEU J 45 15.85 -38.91 -5.70
C LEU J 45 15.25 -40.21 -6.22
N SER J 46 16.06 -41.29 -6.18
CA SER J 46 15.61 -42.58 -6.68
C SER J 46 14.51 -43.18 -5.81
N ASN J 47 14.64 -43.06 -4.49
CA ASN J 47 13.64 -43.61 -3.58
C ASN J 47 12.39 -42.76 -3.50
N GLY J 48 12.27 -41.74 -4.36
CA GLY J 48 11.10 -40.91 -4.43
C GLY J 48 11.13 -39.68 -3.54
N VAL J 49 12.01 -39.65 -2.54
CA VAL J 49 12.08 -38.51 -1.64
C VAL J 49 12.64 -37.30 -2.39
N SER J 50 11.94 -36.17 -2.28
CA SER J 50 12.32 -34.93 -2.94
C SER J 50 13.09 -34.05 -1.96
N VAL J 51 14.22 -33.52 -2.41
CA VAL J 51 15.07 -32.67 -1.59
C VAL J 51 15.46 -31.42 -2.38
N LEU J 52 15.62 -30.32 -1.64
CA LEU J 52 16.15 -29.10 -2.23
C LEU J 52 17.66 -29.23 -2.45
N THR J 53 18.15 -28.56 -3.48
CA THR J 53 19.55 -28.59 -3.87
C THR J 53 20.00 -27.18 -4.16
N PHE J 54 21.25 -26.89 -3.80
CA PHE J 54 21.76 -25.53 -3.86
C PHE J 54 23.22 -25.59 -4.29
N LYS J 55 23.61 -24.70 -5.20
CA LYS J 55 25.00 -24.55 -5.62
C LYS J 55 25.48 -23.21 -5.06
N VAL J 56 26.28 -23.26 -4.00
CA VAL J 56 26.68 -22.04 -3.33
C VAL J 56 27.99 -21.49 -3.87
N LEU J 57 28.84 -22.35 -4.44
CA LEU J 57 30.13 -21.90 -4.93
C LEU J 57 30.49 -22.71 -6.17
N ASP J 58 30.91 -22.03 -7.23
CA ASP J 58 31.27 -22.67 -8.49
C ASP J 58 32.71 -22.29 -8.83
N LEU J 59 33.66 -23.05 -8.29
CA LEU J 59 35.06 -22.86 -8.62
C LEU J 59 35.43 -23.48 -9.96
N LYS J 60 34.58 -24.37 -10.49
CA LYS J 60 34.83 -24.93 -11.82
C LYS J 60 34.81 -23.85 -12.88
N ASN J 61 33.72 -23.07 -12.92
CA ASN J 61 33.60 -21.96 -13.86
C ASN J 61 34.49 -20.78 -13.50
N TYR J 62 35.37 -20.90 -12.51
CA TYR J 62 36.36 -19.88 -12.23
C TYR J 62 37.79 -20.32 -12.53
N ILE J 63 38.20 -21.48 -11.99
CA ILE J 63 39.57 -21.95 -12.18
C ILE J 63 39.79 -22.41 -13.62
N ASP J 64 38.79 -23.06 -14.22
CA ASP J 64 38.92 -23.52 -15.60
C ASP J 64 38.80 -22.38 -16.60
N LYS J 65 38.25 -21.24 -16.17
CA LYS J 65 38.01 -20.09 -17.02
C LYS J 65 39.12 -19.06 -16.90
N GLN J 66 39.41 -18.60 -15.67
CA GLN J 66 40.33 -17.48 -15.46
C GLN J 66 41.78 -17.89 -15.26
N LEU J 67 42.05 -19.06 -14.72
CA LEU J 67 43.40 -19.44 -14.35
C LEU J 67 44.03 -20.44 -15.29
N LEU J 68 43.22 -21.26 -15.94
CA LEU J 68 43.75 -22.28 -16.84
C LEU J 68 44.41 -21.59 -18.04
N PRO J 69 43.80 -20.57 -18.66
CA PRO J 69 44.51 -19.90 -19.76
C PRO J 69 45.84 -19.30 -19.32
N ILE J 70 45.93 -18.88 -18.06
CA ILE J 70 47.21 -18.42 -17.51
C ILE J 70 48.15 -19.59 -17.32
N LEU J 71 47.60 -20.80 -17.15
CA LEU J 71 48.42 -21.99 -16.94
C LEU J 71 49.00 -22.55 -18.23
N ASN J 72 48.46 -22.18 -19.38
CA ASN J 72 49.02 -22.61 -20.66
C ASN J 72 50.43 -22.07 -20.84
N CYS J 76 54.90 -18.75 -18.49
CA CYS J 76 53.81 -17.81 -18.31
C CYS J 76 54.14 -16.78 -17.23
N SER J 77 53.24 -15.82 -17.04
CA SER J 77 53.42 -14.78 -16.02
C SER J 77 52.07 -14.16 -15.74
N ILE J 78 51.72 -14.06 -14.45
CA ILE J 78 50.46 -13.47 -14.04
C ILE J 78 50.48 -11.99 -14.38
N SER J 79 49.52 -11.56 -15.21
CA SER J 79 49.48 -10.18 -15.66
C SER J 79 48.97 -9.24 -14.58
N ASN J 80 47.79 -9.52 -14.05
CA ASN J 80 47.18 -8.67 -13.03
C ASN J 80 47.29 -9.30 -11.65
N ILE J 81 47.38 -8.44 -10.64
CA ILE J 81 47.41 -8.90 -9.26
C ILE J 81 46.00 -9.00 -8.69
N GLU J 82 45.04 -8.25 -9.25
CA GLU J 82 43.67 -8.30 -8.74
C GLU J 82 43.07 -9.69 -8.85
N THR J 83 43.44 -10.43 -9.89
CA THR J 83 42.95 -11.80 -10.03
C THR J 83 43.47 -12.71 -8.93
N VAL J 84 44.67 -12.42 -8.40
CA VAL J 84 45.22 -13.22 -7.32
C VAL J 84 44.35 -13.10 -6.07
N ILE J 85 44.05 -11.87 -5.65
CA ILE J 85 43.18 -11.66 -4.50
C ILE J 85 41.78 -12.19 -4.79
N GLU J 86 41.32 -12.05 -6.03
CA GLU J 86 40.01 -12.61 -6.40
C GLU J 86 39.98 -14.12 -6.18
N PHE J 87 41.05 -14.81 -6.58
CA PHE J 87 41.15 -16.25 -6.38
C PHE J 87 41.17 -16.58 -4.89
N GLN J 88 41.92 -15.81 -4.11
CA GLN J 88 41.95 -16.06 -2.67
C GLN J 88 40.57 -15.90 -2.06
N GLN J 89 39.85 -14.84 -2.45
CA GLN J 89 38.51 -14.62 -1.91
C GLN J 89 37.57 -15.76 -2.29
N LYS J 90 37.72 -16.31 -3.49
CA LYS J 90 36.86 -17.41 -3.90
C LYS J 90 37.24 -18.72 -3.20
N ASN J 91 38.51 -18.91 -2.87
CA ASN J 91 39.01 -20.17 -2.31
C ASN J 91 38.87 -20.23 -0.79
N ASN J 92 38.77 -19.07 -0.13
CA ASN J 92 38.70 -19.02 1.32
C ASN J 92 37.53 -19.83 1.87
N ARG J 93 36.38 -19.79 1.19
CA ARG J 93 35.21 -20.52 1.69
C ARG J 93 35.45 -22.01 1.71
N LEU J 94 36.01 -22.55 0.62
CA LEU J 94 36.32 -23.97 0.59
C LEU J 94 37.34 -24.33 1.67
N LEU J 95 38.31 -23.46 1.92
CA LEU J 95 39.30 -23.76 2.96
C LEU J 95 38.66 -23.82 4.33
N GLU J 96 37.81 -22.85 4.65
CA GLU J 96 37.21 -22.82 5.99
C GLU J 96 36.21 -23.95 6.19
N ILE J 97 35.43 -24.27 5.14
CA ILE J 97 34.55 -25.44 5.22
C ILE J 97 35.35 -26.71 5.47
N THR J 98 36.48 -26.85 4.77
CA THR J 98 37.34 -28.00 4.99
C THR J 98 37.84 -28.04 6.43
N ARG J 99 38.22 -26.89 6.98
CA ARG J 99 38.70 -26.86 8.37
C ARG J 99 37.61 -27.31 9.34
N GLU J 100 36.41 -26.74 9.21
CA GLU J 100 35.32 -27.08 10.14
C GLU J 100 35.00 -28.56 10.08
N PHE J 101 35.03 -29.13 8.88
CA PHE J 101 34.73 -30.54 8.72
C PHE J 101 35.87 -31.41 9.26
N SER J 102 37.12 -31.07 8.93
CA SER J 102 38.25 -31.87 9.38
C SER J 102 38.41 -31.85 10.88
N VAL J 103 37.86 -30.84 11.55
CA VAL J 103 37.88 -30.83 13.01
C VAL J 103 36.66 -31.55 13.58
N ASN J 104 35.47 -31.26 13.07
CA ASN J 104 34.25 -31.83 13.65
C ASN J 104 33.92 -33.22 13.11
N ALA J 105 34.87 -33.89 12.46
CA ALA J 105 34.72 -35.28 12.00
C ALA J 105 33.53 -35.45 11.06
N GLY J 106 33.22 -34.44 10.26
CA GLY J 106 32.21 -34.54 9.23
C GLY J 106 30.80 -34.16 9.65
N VAL J 107 30.55 -33.93 10.94
CA VAL J 107 29.24 -33.54 11.43
C VAL J 107 29.42 -32.29 12.28
N THR J 108 28.85 -31.17 11.82
CA THR J 108 28.99 -29.89 12.50
C THR J 108 27.62 -29.36 12.93
N THR J 109 27.59 -28.74 14.10
CA THR J 109 26.40 -28.05 14.62
C THR J 109 26.85 -27.07 15.70
N PRO J 110 26.37 -25.82 15.70
CA PRO J 110 25.43 -25.23 14.72
C PRO J 110 26.02 -25.06 13.33
N VAL J 111 25.16 -24.83 12.34
CA VAL J 111 25.60 -24.64 10.97
C VAL J 111 26.23 -23.26 10.84
N SER J 112 27.52 -23.23 10.49
CA SER J 112 28.25 -21.98 10.41
C SER J 112 27.83 -21.18 9.19
N THR J 113 28.26 -19.92 9.16
CA THR J 113 27.97 -19.06 8.01
C THR J 113 28.78 -19.47 6.79
N TYR J 114 29.97 -20.04 7.00
CA TYR J 114 30.73 -20.59 5.87
C TYR J 114 29.99 -21.74 5.22
N MET J 115 29.35 -22.60 6.03
CA MET J 115 28.61 -23.73 5.50
C MET J 115 27.37 -23.27 4.73
N LEU J 116 26.72 -22.21 5.21
CA LEU J 116 25.48 -21.73 4.60
C LEU J 116 25.29 -20.28 5.04
N THR J 117 25.40 -19.35 4.10
CA THR J 117 25.24 -17.94 4.41
C THR J 117 23.78 -17.64 4.74
N ASN J 118 23.56 -16.43 5.25
CA ASN J 118 22.21 -16.03 5.61
C ASN J 118 21.32 -15.91 4.37
N SER J 119 21.87 -15.42 3.27
CA SER J 119 21.10 -15.35 2.03
C SER J 119 20.66 -16.73 1.57
N GLU J 120 21.58 -17.70 1.60
CA GLU J 120 21.26 -19.05 1.16
C GLU J 120 20.28 -19.73 2.12
N LEU J 121 20.44 -19.52 3.42
CA LEU J 121 19.54 -20.12 4.39
C LEU J 121 18.13 -19.55 4.27
N LEU J 122 18.02 -18.23 4.12
CA LEU J 122 16.71 -17.62 3.92
C LEU J 122 16.09 -18.04 2.59
N SER J 123 16.91 -18.28 1.56
CA SER J 123 16.39 -18.80 0.30
C SER J 123 15.81 -20.20 0.50
N LEU J 124 16.54 -21.06 1.22
CA LEU J 124 16.03 -22.40 1.51
C LEU J 124 14.73 -22.33 2.29
N ILE J 125 14.64 -21.42 3.25
CA ILE J 125 13.39 -21.28 4.02
C ILE J 125 12.26 -20.80 3.13
N ASN J 126 12.55 -19.89 2.19
CA ASN J 126 11.51 -19.39 1.31
C ASN J 126 10.99 -20.49 0.39
N ASP J 127 11.85 -21.41 -0.06
CA ASP J 127 11.44 -22.46 -0.97
C ASP J 127 11.10 -23.78 -0.27
N MET J 128 11.07 -23.81 1.06
CA MET J 128 10.72 -25.04 1.77
C MET J 128 9.22 -25.32 1.64
N PRO J 129 8.83 -26.59 1.46
CA PRO J 129 7.39 -26.95 1.29
C PRO J 129 6.65 -27.03 2.62
N ILE J 130 6.47 -25.88 3.27
CA ILE J 130 5.74 -25.77 4.53
C ILE J 130 4.94 -24.46 4.51
N THR J 131 4.25 -24.20 5.62
CA THR J 131 3.29 -23.10 5.69
C THR J 131 4.01 -21.74 5.72
N ASN J 132 3.23 -20.68 5.47
CA ASN J 132 3.79 -19.33 5.49
C ASN J 132 4.23 -18.92 6.90
N ASP J 133 3.48 -19.31 7.92
CA ASP J 133 3.87 -18.99 9.29
C ASP J 133 5.19 -19.66 9.66
N GLN J 134 5.42 -20.88 9.17
CA GLN J 134 6.69 -21.54 9.45
C GLN J 134 7.83 -20.84 8.73
N LYS J 135 7.62 -20.41 7.48
CA LYS J 135 8.64 -19.62 6.80
C LYS J 135 8.95 -18.34 7.57
N LYS J 136 7.91 -17.67 8.05
CA LYS J 136 8.07 -16.42 8.79
C LYS J 136 8.85 -16.66 10.09
N LEU J 137 8.46 -17.69 10.84
CA LEU J 137 9.12 -18.01 12.10
C LEU J 137 10.59 -18.38 11.87
N MET J 138 10.86 -19.24 10.89
CA MET J 138 12.24 -19.64 10.62
C MET J 138 13.07 -18.48 10.07
N SER J 139 12.43 -17.53 9.39
CA SER J 139 13.16 -16.40 8.83
C SER J 139 13.51 -15.39 9.90
N ASN J 140 12.62 -15.20 10.88
CA ASN J 140 12.91 -14.24 11.94
C ASN J 140 13.87 -14.80 12.99
N ASN J 141 14.07 -16.11 13.02
CA ASN J 141 14.91 -16.75 14.03
C ASN J 141 15.96 -17.65 13.37
N VAL J 142 16.71 -17.09 12.42
CA VAL J 142 17.71 -17.88 11.72
C VAL J 142 18.84 -18.28 12.67
N GLN J 143 19.11 -17.45 13.68
CA GLN J 143 20.15 -17.77 14.64
C GLN J 143 19.79 -19.01 15.45
N ILE J 144 18.49 -19.21 15.72
CA ILE J 144 18.05 -20.41 16.43
C ILE J 144 18.01 -21.61 15.49
N VAL J 145 17.58 -21.37 14.24
CA VAL J 145 17.53 -22.45 13.24
C VAL J 145 18.91 -23.04 13.02
N ARG J 146 19.94 -22.20 12.98
CA ARG J 146 21.30 -22.72 12.83
C ARG J 146 21.68 -23.62 14.00
N GLN J 147 21.30 -23.25 15.22
CA GLN J 147 21.64 -24.07 16.38
C GLN J 147 20.87 -25.38 16.41
N GLN J 148 19.74 -25.47 15.73
CA GLN J 148 18.96 -26.70 15.69
C GLN J 148 19.13 -27.45 14.37
N SER J 149 20.14 -27.08 13.58
CA SER J 149 20.41 -27.70 12.29
C SER J 149 21.77 -28.38 12.34
N TYR J 150 21.93 -29.38 11.49
CA TYR J 150 23.19 -30.10 11.37
C TYR J 150 23.75 -29.94 9.96
N SER J 151 25.01 -30.31 9.80
CA SER J 151 25.65 -30.28 8.49
C SER J 151 26.47 -31.56 8.35
N ILE J 152 25.90 -32.56 7.69
CA ILE J 152 26.57 -33.83 7.48
C ILE J 152 27.17 -33.80 6.09
N MET J 153 28.48 -33.88 5.99
CA MET J 153 29.11 -33.91 4.67
C MET J 153 29.01 -35.29 4.07
N CYS J 154 28.60 -35.37 2.81
CA CYS J 154 28.34 -36.66 2.19
C CYS J 154 29.52 -37.07 1.32
N ILE J 155 29.46 -36.72 0.02
CA ILE J 155 30.45 -37.23 -0.92
C ILE J 155 31.04 -36.10 -1.76
N ILE J 156 32.18 -36.40 -2.36
CA ILE J 156 32.85 -35.52 -3.31
C ILE J 156 33.22 -36.34 -4.54
N LYS J 157 32.24 -36.56 -5.41
CA LYS J 157 32.43 -37.35 -6.61
C LYS J 157 32.57 -36.38 -7.79
N GLU J 158 33.36 -36.78 -8.79
CA GLU J 158 33.60 -35.92 -9.94
C GLU J 158 32.29 -35.38 -10.50
N GLU J 159 32.19 -34.04 -10.61
CA GLU J 159 33.25 -33.10 -10.28
C GLU J 159 32.81 -32.09 -9.22
N VAL J 160 31.97 -32.54 -8.27
CA VAL J 160 31.32 -31.61 -7.35
C VAL J 160 31.45 -32.10 -5.91
N LEU J 161 31.46 -31.15 -4.98
CA LEU J 161 31.44 -31.41 -3.55
C LEU J 161 30.01 -31.25 -3.04
N ALA J 162 29.61 -32.14 -2.15
CA ALA J 162 28.23 -32.19 -1.69
C ALA J 162 28.18 -32.47 -0.19
N TYR J 163 27.38 -31.69 0.52
CA TYR J 163 27.08 -31.94 1.92
C TYR J 163 25.62 -31.60 2.17
N VAL J 164 25.00 -32.39 3.06
CA VAL J 164 23.59 -32.25 3.39
C VAL J 164 23.47 -31.33 4.60
N VAL J 165 22.54 -30.37 4.53
CA VAL J 165 22.22 -29.49 5.66
C VAL J 165 20.87 -29.91 6.20
N GLN J 166 20.86 -30.48 7.39
CA GLN J 166 19.64 -30.97 8.04
C GLN J 166 19.01 -29.84 8.83
N LEU J 167 17.93 -29.28 8.28
CA LEU J 167 17.18 -28.17 8.84
C LEU J 167 15.98 -28.68 9.64
N PRO J 168 15.54 -27.94 10.65
CA PRO J 168 14.40 -28.40 11.47
C PRO J 168 13.06 -27.94 10.93
N LEU J 169 12.06 -28.80 11.17
CA LEU J 169 10.67 -28.49 10.83
C LEU J 169 9.88 -28.36 12.12
N TYR J 170 9.24 -27.21 12.32
CA TYR J 170 8.49 -26.92 13.54
C TYR J 170 7.01 -27.19 13.28
N GLY J 171 6.60 -28.44 13.52
CA GLY J 171 5.22 -28.81 13.28
C GLY J 171 4.23 -28.31 14.31
N VAL J 172 4.71 -27.90 15.48
CA VAL J 172 3.87 -27.39 16.56
C VAL J 172 4.33 -25.99 16.89
N ILE J 173 3.46 -25.01 16.66
CA ILE J 173 3.79 -23.60 16.83
C ILE J 173 2.61 -22.91 17.50
N ASP J 174 2.92 -21.94 18.38
CA ASP J 174 1.96 -21.03 19.00
C ASP J 174 1.02 -21.74 19.97
N THR J 175 1.42 -22.88 20.50
CA THR J 175 0.58 -23.40 21.56
C THR J 175 1.09 -22.90 22.91
N PRO J 176 0.23 -22.79 23.92
CA PRO J 176 0.69 -22.20 25.19
C PRO J 176 1.74 -23.06 25.87
N CYS J 177 2.79 -22.40 26.37
CA CYS J 177 3.87 -23.04 27.11
C CYS J 177 4.02 -22.38 28.47
N TRP J 178 4.72 -23.08 29.36
CA TRP J 178 5.03 -22.55 30.69
C TRP J 178 6.25 -23.27 31.25
N LYS J 179 7.07 -22.54 31.99
CA LYS J 179 8.29 -23.06 32.57
C LYS J 179 8.14 -23.16 34.09
N LEU J 180 8.43 -24.34 34.63
CA LEU J 180 8.34 -24.59 36.07
C LEU J 180 9.73 -24.59 36.69
N HIS J 181 9.91 -23.78 37.74
CA HIS J 181 11.12 -23.73 38.53
C HIS J 181 10.83 -24.28 39.93
N THR J 182 11.78 -25.02 40.49
CA THR J 182 11.61 -25.60 41.81
C THR J 182 12.84 -25.31 42.66
N SER J 183 12.67 -25.49 43.98
CA SER J 183 13.72 -25.21 44.95
C SER J 183 13.44 -26.04 46.20
N PRO J 184 14.45 -26.39 46.98
CA PRO J 184 14.22 -27.26 48.14
C PRO J 184 13.29 -26.61 49.15
N LEU J 185 12.37 -27.42 49.68
CA LEU J 185 11.40 -26.98 50.69
C LEU J 185 11.59 -27.83 51.95
N CYS J 186 12.27 -27.25 52.94
CA CYS J 186 12.59 -27.94 54.18
C CYS J 186 11.88 -27.25 55.33
N THR J 187 11.77 -27.95 56.46
CA THR J 187 11.28 -27.35 57.70
C THR J 187 12.39 -26.48 58.29
N THR J 188 12.11 -25.79 59.41
CA THR J 188 13.05 -24.82 59.97
C THR J 188 13.31 -25.06 61.46
N ASN J 189 13.77 -26.26 61.83
CA ASN J 189 14.10 -26.54 63.22
C ASN J 189 15.49 -25.99 63.59
N THR J 190 15.76 -25.96 64.90
CA THR J 190 17.00 -25.40 65.44
C THR J 190 18.13 -26.42 65.53
N LYS J 191 17.84 -27.66 65.88
CA LYS J 191 18.89 -28.67 65.94
C LYS J 191 19.36 -29.01 64.53
N GLU J 192 20.63 -29.38 64.40
CA GLU J 192 21.17 -29.68 63.09
C GLU J 192 20.72 -31.07 62.67
N GLY J 193 20.34 -31.21 61.40
CA GLY J 193 19.87 -32.48 60.88
C GLY J 193 18.53 -32.94 61.37
N SER J 194 17.87 -32.20 62.27
CA SER J 194 16.54 -32.61 62.67
C SER J 194 15.55 -32.31 61.57
N ASN J 195 15.99 -31.53 60.60
CA ASN J 195 15.18 -31.08 59.50
C ASN J 195 15.12 -32.11 58.38
N ILE J 196 13.99 -32.12 57.67
CA ILE J 196 13.78 -32.97 56.50
C ILE J 196 13.42 -32.09 55.32
N CYS J 197 13.81 -32.53 54.13
CA CYS J 197 13.67 -31.74 52.91
C CYS J 197 12.91 -32.49 51.84
N LEU J 198 12.24 -31.73 50.98
CA LEU J 198 11.40 -32.23 49.91
C LEU J 198 11.47 -31.22 48.76
N THR J 199 11.64 -31.71 47.54
CA THR J 199 11.82 -30.83 46.40
C THR J 199 11.08 -31.39 45.19
N ARG J 200 10.36 -30.53 44.47
CA ARG J 200 9.70 -30.98 43.26
C ARG J 200 10.73 -31.17 42.15
N THR J 201 10.64 -32.32 41.47
CA THR J 201 11.59 -32.66 40.42
C THR J 201 11.07 -32.41 39.01
N ASP J 202 9.79 -32.09 38.85
CA ASP J 202 9.19 -31.92 37.54
C ASP J 202 9.54 -30.58 36.89
N ARG J 203 10.65 -29.96 37.29
CA ARG J 203 10.99 -28.63 36.79
C ARG J 203 11.53 -28.70 35.37
N GLY J 204 11.17 -27.71 34.57
CA GLY J 204 11.55 -27.67 33.17
C GLY J 204 10.45 -27.01 32.35
N TRP J 205 10.49 -27.24 31.04
CA TRP J 205 9.53 -26.62 30.13
C TRP J 205 8.34 -27.53 29.87
N TYR J 206 7.16 -26.94 29.72
CA TYR J 206 5.94 -27.65 29.36
C TYR J 206 5.26 -26.91 28.21
N CYS J 207 4.77 -27.67 27.23
CA CYS J 207 4.03 -27.07 26.13
C CYS J 207 2.85 -27.95 25.73
N ASP J 208 1.72 -27.32 25.43
CA ASP J 208 0.54 -28.06 24.98
C ASP J 208 0.77 -28.59 23.57
N ASN J 209 0.41 -29.85 23.35
CA ASN J 209 0.67 -30.51 22.08
C ASN J 209 -0.30 -31.66 21.94
N ALA J 210 -1.22 -31.56 20.97
CA ALA J 210 -2.13 -32.64 20.60
C ALA J 210 -2.88 -33.19 21.81
N GLY J 211 -3.53 -32.28 22.54
CA GLY J 211 -4.31 -32.68 23.69
C GLY J 211 -3.52 -33.20 24.87
N SER J 212 -2.19 -33.22 24.79
CA SER J 212 -1.36 -33.63 25.91
C SER J 212 -0.27 -32.59 26.16
N VAL J 213 0.73 -32.91 26.97
CA VAL J 213 1.77 -31.95 27.32
C VAL J 213 3.12 -32.53 26.98
N SER J 214 3.95 -31.74 26.32
CA SER J 214 5.35 -32.08 26.09
C SER J 214 6.18 -31.49 27.20
N PHE J 215 6.89 -32.34 27.93
CA PHE J 215 7.70 -31.98 29.09
C PHE J 215 9.18 -32.12 28.73
N PHE J 216 9.94 -31.07 28.99
CA PHE J 216 11.38 -31.03 28.71
C PHE J 216 12.11 -30.83 30.02
N PRO J 217 12.72 -31.88 30.58
CA PRO J 217 13.37 -31.77 31.89
C PRO J 217 14.70 -31.04 31.81
N GLN J 218 15.34 -31.08 30.65
CA GLN J 218 16.62 -30.41 30.44
C GLN J 218 16.34 -29.07 29.76
N ALA J 219 15.99 -28.07 30.57
CA ALA J 219 15.68 -26.74 30.08
C ALA J 219 16.89 -26.05 29.45
N GLU J 220 18.09 -26.56 29.69
CA GLU J 220 19.29 -26.00 29.07
C GLU J 220 19.31 -26.21 27.57
N THR J 221 18.60 -27.22 27.07
CA THR J 221 18.56 -27.50 25.65
C THR J 221 17.48 -26.68 24.92
N CYS J 222 16.48 -26.18 25.64
CA CYS J 222 15.45 -25.36 25.03
C CYS J 222 15.91 -23.91 24.95
N LYS J 223 15.85 -23.34 23.74
CA LYS J 223 16.30 -21.98 23.50
C LYS J 223 15.10 -21.04 23.46
N VAL J 224 15.25 -19.85 24.02
CA VAL J 224 14.15 -18.91 24.16
C VAL J 224 14.48 -17.61 23.46
N GLN J 225 13.57 -17.13 22.63
CA GLN J 225 13.67 -15.82 21.99
C GLN J 225 12.33 -15.12 22.12
N SER J 226 12.32 -13.97 22.78
CA SER J 226 11.10 -13.21 23.10
C SER J 226 10.22 -14.11 23.97
N ASN J 227 8.94 -14.28 23.66
CA ASN J 227 8.09 -15.24 24.36
C ASN J 227 8.00 -16.56 23.62
N ARG J 228 8.88 -16.78 22.64
CA ARG J 228 8.91 -17.99 21.84
C ARG J 228 9.94 -18.97 22.38
N VAL J 229 9.56 -20.24 22.44
CA VAL J 229 10.39 -21.29 23.00
C VAL J 229 10.63 -22.36 21.92
N PHE J 230 11.89 -22.51 21.50
CA PHE J 230 12.31 -23.52 20.54
C PHE J 230 12.88 -24.69 21.32
N CYS J 231 12.10 -25.75 21.45
CA CYS J 231 12.52 -26.98 22.08
C CYS J 231 12.71 -28.07 21.03
N ASP J 232 13.16 -29.24 21.48
CA ASP J 232 13.39 -30.40 20.62
C ASP J 232 12.66 -31.58 21.25
N THR J 233 11.73 -32.16 20.48
CA THR J 233 10.93 -33.26 21.00
C THR J 233 11.74 -34.52 21.22
N MET J 234 12.91 -34.64 20.60
CA MET J 234 13.72 -35.86 20.73
C MET J 234 14.05 -36.15 22.20
N ASN J 235 14.32 -35.12 22.98
CA ASN J 235 14.55 -35.27 24.41
C ASN J 235 13.38 -34.71 25.21
N SER J 236 12.18 -35.23 24.99
CA SER J 236 10.97 -34.75 25.65
C SER J 236 10.18 -35.94 26.19
N LEU J 237 9.07 -35.64 26.87
CA LEU J 237 8.18 -36.66 27.41
C LEU J 237 6.74 -36.28 27.10
N THR J 238 5.97 -37.24 26.63
CA THR J 238 4.55 -37.03 26.35
C THR J 238 3.76 -37.40 27.60
N LEU J 239 3.33 -36.40 28.35
CA LEU J 239 2.59 -36.57 29.59
C LEU J 239 1.13 -36.17 29.39
N PRO J 240 0.24 -36.68 30.23
CA PRO J 240 -1.15 -36.24 30.18
C PRO J 240 -1.27 -34.78 30.58
N SER J 241 -2.41 -34.17 30.24
CA SER J 241 -2.63 -32.77 30.59
C SER J 241 -2.73 -32.58 32.10
N GLU J 242 -3.15 -33.62 32.82
CA GLU J 242 -3.34 -33.51 34.26
C GLU J 242 -2.05 -33.20 35.00
N VAL J 243 -0.91 -33.23 34.30
CA VAL J 243 0.35 -32.87 34.94
C VAL J 243 0.27 -31.44 35.46
N ASN J 244 -0.48 -30.58 34.75
CA ASN J 244 -0.58 -29.19 35.18
C ASN J 244 -1.20 -29.07 36.58
N LEU J 245 -2.00 -30.06 36.99
CA LEU J 245 -2.60 -29.99 38.33
C LEU J 245 -1.54 -29.89 39.41
N CYS J 246 -0.36 -30.48 39.18
CA CYS J 246 0.69 -30.46 40.19
C CYS J 246 1.10 -29.04 40.57
N ASN J 247 0.86 -28.06 39.70
CA ASN J 247 1.20 -26.69 40.04
C ASN J 247 0.20 -26.07 41.01
N VAL J 248 -1.10 -26.33 40.80
CA VAL J 248 -2.11 -25.70 41.65
C VAL J 248 -2.47 -26.56 42.85
N ASP J 249 -2.35 -27.89 42.73
CA ASP J 249 -2.74 -28.80 43.80
C ASP J 249 -1.81 -30.00 43.76
N ILE J 250 -0.76 -29.98 44.58
CA ILE J 250 0.21 -31.06 44.59
C ILE J 250 -0.37 -32.35 45.14
N PHE J 251 -1.43 -32.29 45.93
CA PHE J 251 -2.03 -33.48 46.51
C PHE J 251 -3.28 -33.95 45.77
N ASN J 252 -3.45 -33.58 44.51
CA ASN J 252 -4.62 -34.03 43.78
C ASN J 252 -4.50 -35.52 43.44
N PRO J 253 -5.61 -36.26 43.40
CA PRO J 253 -5.53 -37.69 43.12
C PRO J 253 -5.35 -38.05 41.64
N LYS J 254 -5.72 -37.17 40.70
CA LYS J 254 -5.68 -37.54 39.29
C LYS J 254 -4.26 -37.60 38.73
N TYR J 255 -3.27 -37.03 39.42
CA TYR J 255 -1.90 -37.10 38.95
C TYR J 255 -0.98 -37.23 40.15
N ASP J 256 -0.05 -38.16 40.08
CA ASP J 256 0.89 -38.43 41.16
C ASP J 256 2.12 -37.59 40.92
N CYS J 257 2.23 -36.46 41.62
CA CYS J 257 3.31 -35.51 41.37
C CYS J 257 4.63 -36.04 41.91
N LYS J 258 5.70 -35.80 41.14
CA LYS J 258 7.01 -36.34 41.45
C LYS J 258 7.75 -35.39 42.38
N ILE J 259 8.34 -35.94 43.44
CA ILE J 259 9.11 -35.18 44.41
C ILE J 259 10.41 -35.94 44.68
N MET J 260 11.21 -35.36 45.57
CA MET J 260 12.51 -35.92 45.94
C MET J 260 12.76 -35.56 47.40
N THR J 261 12.94 -36.57 48.23
CA THR J 261 13.11 -36.36 49.66
C THR J 261 14.58 -36.46 50.05
N SER J 262 14.92 -35.81 51.16
CA SER J 262 16.28 -35.83 51.69
C SER J 262 16.25 -35.27 53.12
N LYS J 263 17.42 -35.12 53.71
CA LYS J 263 17.59 -34.39 54.98
C LYS J 263 18.65 -33.30 54.88
N THR J 264 19.19 -33.05 53.69
CA THR J 264 20.28 -32.10 53.52
C THR J 264 19.69 -30.71 53.29
N ASP J 265 19.52 -29.96 54.38
CA ASP J 265 18.95 -28.61 54.34
C ASP J 265 20.06 -27.60 54.13
N VAL J 266 20.41 -27.36 52.87
CA VAL J 266 21.40 -26.36 52.50
C VAL J 266 20.69 -25.21 51.80
N SER J 267 21.31 -24.03 51.87
CA SER J 267 20.71 -22.81 51.35
C SER J 267 21.04 -22.63 49.88
N SER J 268 20.06 -22.13 49.12
CA SER J 268 20.26 -21.93 47.68
C SER J 268 19.24 -20.89 47.19
N SER J 269 19.36 -20.55 45.91
CA SER J 269 18.42 -19.65 45.27
C SER J 269 18.26 -20.07 43.81
N VAL J 270 17.04 -19.95 43.31
CA VAL J 270 16.69 -20.31 41.93
C VAL J 270 16.10 -19.08 41.28
N ILE J 271 16.82 -18.50 40.32
CA ILE J 271 16.35 -17.33 39.61
C ILE J 271 15.31 -17.76 38.58
N THR J 272 14.10 -17.20 38.69
CA THR J 272 13.01 -17.53 37.79
C THR J 272 12.94 -16.51 36.65
N SER J 273 11.87 -16.57 35.86
CA SER J 273 11.75 -15.67 34.72
C SER J 273 11.42 -14.26 35.15
N LEU J 274 10.61 -14.10 36.19
CA LEU J 274 10.18 -12.79 36.67
C LEU J 274 10.51 -12.56 38.13
N GLY J 275 11.37 -13.38 38.73
CA GLY J 275 11.71 -13.20 40.12
C GLY J 275 12.81 -14.09 40.63
N ALA J 276 12.71 -14.52 41.89
CA ALA J 276 13.75 -15.36 42.48
C ALA J 276 13.16 -16.09 43.68
N ILE J 277 13.41 -17.39 43.74
CA ILE J 277 13.08 -18.22 44.90
C ILE J 277 14.32 -18.34 45.75
N VAL J 278 14.16 -18.20 47.07
CA VAL J 278 15.27 -18.25 48.01
C VAL J 278 14.95 -19.28 49.08
N SER J 279 15.78 -20.31 49.19
CA SER J 279 15.66 -21.32 50.24
C SER J 279 16.79 -21.04 51.22
N CYS J 280 16.46 -20.31 52.29
CA CYS J 280 17.43 -19.86 53.28
C CYS J 280 17.26 -20.71 54.53
N TYR J 281 18.16 -21.66 54.72
CA TYR J 281 18.11 -22.57 55.86
C TYR J 281 19.38 -22.44 56.69
N GLY J 282 19.26 -22.77 57.97
CA GLY J 282 20.39 -22.72 58.86
C GLY J 282 20.76 -21.29 59.24
N LYS J 283 22.03 -21.10 59.56
CA LYS J 283 22.57 -19.79 59.91
C LYS J 283 22.98 -18.96 58.71
N THR J 284 22.65 -19.40 57.49
CA THR J 284 23.00 -18.65 56.29
C THR J 284 22.22 -17.35 56.25
N LYS J 285 22.89 -16.29 55.79
CA LYS J 285 22.26 -14.99 55.66
C LYS J 285 21.92 -14.76 54.20
N CYS J 286 20.63 -14.60 53.92
CA CYS J 286 20.14 -14.38 52.56
C CYS J 286 19.35 -13.08 52.52
N THR J 287 19.65 -12.24 51.54
CA THR J 287 19.03 -10.94 51.39
C THR J 287 18.60 -10.74 49.94
N ALA J 288 17.76 -9.73 49.75
CA ALA J 288 17.34 -9.26 48.44
C ALA J 288 17.55 -7.76 48.41
N SER J 289 18.27 -7.29 47.39
CA SER J 289 18.83 -5.95 47.35
C SER J 289 18.50 -5.25 46.03
N ASN J 290 18.54 -3.91 46.10
CA ASN J 290 18.29 -3.02 44.98
C ASN J 290 19.56 -2.22 44.67
N LYS J 291 19.76 -1.92 43.38
CA LYS J 291 21.02 -1.31 42.93
C LYS J 291 21.21 0.10 43.48
N ASN J 292 20.13 0.80 43.81
CA ASN J 292 20.19 2.14 44.39
C ASN J 292 19.92 2.13 45.88
N ARG J 293 18.90 1.40 46.32
CA ARG J 293 18.44 1.45 47.69
C ARG J 293 19.29 0.58 48.61
N GLY J 294 19.73 -0.58 48.11
CA GLY J 294 20.50 -1.49 48.92
C GLY J 294 19.66 -2.68 49.36
N ILE J 295 19.95 -3.22 50.54
CA ILE J 295 19.18 -4.34 51.06
C ILE J 295 17.75 -3.90 51.33
N ILE J 296 16.79 -4.64 50.76
CA ILE J 296 15.38 -4.40 51.01
C ILE J 296 14.69 -5.57 51.68
N LYS J 297 15.34 -6.73 51.77
CA LYS J 297 14.70 -7.83 52.49
C LYS J 297 15.77 -8.76 53.05
N THR J 298 15.57 -9.18 54.30
CA THR J 298 16.39 -10.21 54.93
C THR J 298 15.51 -11.45 55.11
N PHE J 299 15.79 -12.49 54.33
CA PHE J 299 14.93 -13.67 54.32
C PHE J 299 15.02 -14.40 55.66
N SER J 300 13.85 -14.78 56.19
CA SER J 300 13.80 -15.67 57.33
C SER J 300 14.02 -17.12 56.87
N ASN J 301 14.22 -18.01 57.84
CA ASN J 301 14.46 -19.41 57.51
C ASN J 301 13.24 -20.01 56.81
N GLY J 302 13.46 -20.55 55.63
CA GLY J 302 12.40 -21.14 54.84
C GLY J 302 12.60 -20.83 53.37
N CYS J 303 11.61 -21.22 52.57
CA CYS J 303 11.57 -20.94 51.15
C CYS J 303 10.61 -19.79 50.89
N ASP J 304 11.13 -18.70 50.34
CA ASP J 304 10.35 -17.50 50.04
C ASP J 304 10.62 -17.06 48.60
N TYR J 305 9.90 -16.04 48.17
CA TYR J 305 9.97 -15.54 46.80
C TYR J 305 10.06 -14.04 46.81
N VAL J 306 10.73 -13.50 45.80
CA VAL J 306 10.84 -12.04 45.62
C VAL J 306 10.75 -11.76 44.13
N SER J 307 9.81 -10.90 43.74
CA SER J 307 9.65 -10.55 42.34
C SER J 307 10.74 -9.59 41.89
N ASN J 308 10.96 -9.55 40.57
CA ASN J 308 11.94 -8.63 39.99
C ASN J 308 11.40 -7.21 39.87
N LYS J 309 10.18 -6.95 40.33
CA LYS J 309 9.59 -5.61 40.27
C LYS J 309 10.25 -4.72 41.31
N GLY J 310 11.36 -4.07 40.93
CA GLY J 310 12.09 -3.21 41.84
C GLY J 310 13.29 -3.85 42.49
N VAL J 311 13.56 -5.12 42.23
CA VAL J 311 14.70 -5.83 42.79
C VAL J 311 15.71 -6.12 41.68
N ASP J 312 16.98 -5.94 42.00
CA ASP J 312 18.06 -6.19 41.05
C ASP J 312 19.01 -7.32 41.46
N THR J 313 19.27 -7.52 42.74
CA THR J 313 20.18 -8.59 43.15
C THR J 313 19.59 -9.41 44.28
N VAL J 314 20.05 -10.65 44.39
CA VAL J 314 19.67 -11.55 45.47
C VAL J 314 20.92 -12.29 45.95
N SER J 315 21.21 -12.23 47.24
CA SER J 315 22.43 -12.82 47.79
C SER J 315 22.08 -13.92 48.78
N VAL J 316 22.65 -15.10 48.58
CA VAL J 316 22.49 -16.22 49.50
C VAL J 316 23.87 -16.61 49.98
N GLY J 317 24.14 -16.36 51.26
CA GLY J 317 25.46 -16.66 51.79
C GLY J 317 26.52 -15.85 51.09
N ASN J 318 27.51 -16.53 50.52
CA ASN J 318 28.57 -15.91 49.75
C ASN J 318 28.28 -15.89 48.25
N THR J 319 27.08 -16.25 47.84
CA THR J 319 26.70 -16.31 46.43
C THR J 319 25.83 -15.10 46.06
N LEU J 320 26.16 -14.44 44.96
CA LEU J 320 25.41 -13.29 44.47
C LEU J 320 24.78 -13.64 43.12
N TYR J 321 23.45 -13.55 43.06
CA TYR J 321 22.69 -13.78 41.83
C TYR J 321 22.10 -12.46 41.34
N TYR J 322 22.13 -12.27 40.03
CA TYR J 322 21.41 -11.18 39.36
C TYR J 322 20.08 -11.69 38.85
N VAL J 323 19.00 -10.99 39.22
CA VAL J 323 17.67 -11.40 38.78
C VAL J 323 17.40 -10.86 37.38
N ASN J 324 16.54 -11.57 36.65
CA ASN J 324 16.16 -11.18 35.30
C ASN J 324 15.24 -9.96 35.34
N LYS J 325 15.54 -8.98 34.50
CA LYS J 325 14.76 -7.74 34.46
C LYS J 325 13.66 -7.78 33.39
N GLN J 326 12.92 -8.88 33.31
CA GLN J 326 11.81 -8.99 32.39
C GLN J 326 10.55 -8.33 32.96
N GLU J 327 9.76 -7.73 32.07
CA GLU J 327 8.54 -7.04 32.45
C GLU J 327 7.40 -8.06 32.52
N GLY J 328 6.71 -8.09 33.63
CA GLY J 328 5.64 -9.06 33.79
C GLY J 328 5.03 -8.98 35.17
N LYS J 329 3.90 -9.67 35.31
CA LYS J 329 3.15 -9.69 36.57
C LYS J 329 3.59 -10.90 37.37
N SER J 330 4.03 -10.69 38.60
CA SER J 330 4.40 -11.78 39.50
C SER J 330 3.39 -11.83 40.64
N LEU J 331 2.81 -12.99 40.86
CA LEU J 331 1.77 -13.17 41.86
C LEU J 331 2.23 -14.17 42.91
N TYR J 332 2.06 -13.81 44.18
CA TYR J 332 2.48 -14.65 45.29
C TYR J 332 1.26 -15.41 45.82
N VAL J 333 1.29 -16.73 45.72
CA VAL J 333 0.20 -17.58 46.17
C VAL J 333 0.56 -18.10 47.56
N LYS J 334 -0.17 -17.65 48.57
CA LYS J 334 0.07 -18.08 49.93
C LYS J 334 -0.17 -19.58 50.07
N GLY J 335 0.28 -20.14 51.19
CA GLY J 335 0.06 -21.56 51.44
C GLY J 335 0.98 -22.16 52.49
N GLU J 336 0.46 -23.14 53.22
CA GLU J 336 1.30 -23.84 54.19
C GLU J 336 2.31 -24.71 53.46
N PRO J 337 3.60 -24.60 53.77
CA PRO J 337 4.59 -25.50 53.15
C PRO J 337 4.27 -26.95 53.46
N ILE J 338 4.14 -27.75 52.40
CA ILE J 338 3.62 -29.10 52.55
C ILE J 338 4.53 -29.99 53.40
N ILE J 339 5.80 -29.63 53.53
CA ILE J 339 6.71 -30.43 54.36
C ILE J 339 6.30 -30.37 55.83
N ASN J 340 5.59 -29.34 56.25
CA ASN J 340 5.12 -29.31 57.63
C ASN J 340 4.00 -30.30 57.89
N PHE J 341 3.39 -30.86 56.84
CA PHE J 341 2.32 -31.85 56.99
C PHE J 341 2.85 -33.24 57.29
N TYR J 342 4.17 -33.43 57.32
CA TYR J 342 4.79 -34.74 57.48
C TYR J 342 5.46 -34.84 58.86
N ASP J 343 5.48 -36.05 59.40
CA ASP J 343 6.20 -36.31 60.64
C ASP J 343 7.63 -36.70 60.33
N PRO J 344 8.63 -36.00 60.88
CA PRO J 344 10.02 -36.28 60.49
C PRO J 344 10.53 -37.62 60.96
N LEU J 345 9.81 -38.31 61.84
CA LEU J 345 10.25 -39.60 62.37
C LEU J 345 9.89 -40.77 61.46
N VAL J 346 9.00 -40.57 60.49
CA VAL J 346 8.62 -41.65 59.57
C VAL J 346 8.78 -41.19 58.13
N PHE J 347 9.52 -40.10 57.92
CA PHE J 347 9.66 -39.52 56.60
C PHE J 347 10.81 -40.20 55.87
N PRO J 348 10.57 -40.87 54.73
CA PRO J 348 11.69 -41.50 54.01
C PRO J 348 12.62 -40.48 53.38
N SER J 349 13.86 -40.40 53.89
CA SER J 349 14.83 -39.41 53.43
C SER J 349 15.80 -39.96 52.40
N ASP J 350 15.40 -41.00 51.66
CA ASP J 350 16.24 -41.53 50.58
C ASP J 350 15.31 -41.85 49.42
N GLU J 351 14.97 -40.82 48.65
CA GLU J 351 14.09 -40.96 47.49
C GLU J 351 14.51 -39.95 46.44
N PHE J 352 14.88 -40.43 45.26
CA PHE J 352 15.22 -39.57 44.13
C PHE J 352 14.19 -39.62 43.01
N ASP J 353 13.69 -40.81 42.67
CA ASP J 353 12.63 -40.94 41.68
C ASP J 353 11.34 -41.26 42.42
N ALA J 354 10.86 -40.34 43.24
CA ALA J 354 9.71 -40.58 44.08
C ALA J 354 8.53 -39.73 43.63
N SER J 355 7.44 -39.87 44.36
CA SER J 355 6.22 -39.13 44.11
C SER J 355 5.45 -39.03 45.42
N ILE J 356 4.35 -38.29 45.38
CA ILE J 356 3.55 -38.11 46.58
C ILE J 356 3.01 -39.45 47.05
N SER J 357 2.59 -40.30 46.09
CA SER J 357 2.01 -41.58 46.47
C SER J 357 3.06 -42.55 46.99
N GLN J 358 4.28 -42.54 46.44
CA GLN J 358 5.30 -43.45 46.95
C GLN J 358 5.70 -43.11 48.39
N VAL J 359 5.78 -41.82 48.71
CA VAL J 359 6.11 -41.42 50.07
C VAL J 359 4.95 -41.75 51.00
N ASN J 360 3.72 -41.53 50.53
CA ASN J 360 2.58 -41.91 51.36
C ASN J 360 2.51 -43.42 51.55
N GLU J 361 3.02 -44.22 50.61
CA GLU J 361 2.99 -45.67 50.80
C GLU J 361 4.03 -46.10 51.81
N LYS J 362 5.22 -45.50 51.78
CA LYS J 362 6.20 -45.84 52.81
C LYS J 362 5.74 -45.38 54.19
N ILE J 363 4.98 -44.29 54.26
CA ILE J 363 4.44 -43.87 55.55
C ILE J 363 3.30 -44.80 55.98
N ASN J 364 2.48 -45.24 55.01
CA ASN J 364 1.42 -46.20 55.31
C ASN J 364 2.04 -47.44 55.95
N GLN J 365 3.19 -47.88 55.41
CA GLN J 365 3.86 -49.06 55.95
C GLN J 365 4.46 -48.79 57.33
N SER J 366 5.17 -47.67 57.50
CA SER J 366 5.82 -47.42 58.79
C SER J 366 4.81 -47.23 59.91
N LEU J 367 3.75 -46.44 59.65
CA LEU J 367 2.70 -46.28 60.66
C LEU J 367 2.00 -47.60 60.94
N ALA J 368 1.82 -48.45 59.92
CA ALA J 368 1.25 -49.77 60.18
C ALA J 368 2.17 -50.59 61.08
N PHE J 369 3.47 -50.60 60.78
CA PHE J 369 4.43 -51.40 61.52
C PHE J 369 4.49 -50.96 62.97
N ILE J 370 4.24 -49.69 63.24
CA ILE J 370 4.26 -49.19 64.63
C ILE J 370 2.91 -49.44 65.32
N ARG J 371 1.78 -49.23 64.63
CA ARG J 371 0.48 -49.46 65.24
C ARG J 371 0.25 -50.94 65.53
N LYS J 372 0.91 -51.82 64.76
CA LYS J 372 0.79 -53.25 65.02
C LYS J 372 1.63 -53.64 66.23
N SER J 373 2.78 -53.00 66.40
CA SER J 373 3.61 -53.28 67.57
C SER J 373 2.92 -52.80 68.84
N ASP J 374 2.25 -51.64 68.78
CA ASP J 374 1.56 -51.17 69.97
C ASP J 374 0.33 -52.03 70.27
N GLU J 375 -0.36 -52.49 69.22
CA GLU J 375 -1.50 -53.37 69.43
C GLU J 375 -1.08 -54.77 69.88
N LEU J 376 0.14 -55.19 69.56
CA LEU J 376 0.60 -56.50 70.02
C LEU J 376 1.11 -56.44 71.46
N LEU J 377 1.79 -55.35 71.82
CA LEU J 377 2.17 -55.13 73.20
C LEU J 377 0.95 -54.93 74.09
N SER J 378 -0.20 -54.60 73.50
CA SER J 378 -1.42 -54.39 74.25
C SER J 378 -2.18 -55.68 74.61
N ALA J 379 -1.62 -56.89 74.40
CA ALA J 379 -2.37 -58.13 74.65
C ALA J 379 -2.27 -58.54 76.12
N ILE J 380 -3.02 -57.83 76.95
CA ILE J 380 -3.09 -58.11 78.39
C ILE J 380 -4.24 -59.07 78.70
N GLN J 392 -0.28 -76.99 92.78
CA GLN J 392 -0.73 -77.95 91.78
C GLN J 392 -2.24 -78.11 91.80
N ALA J 393 -2.94 -76.98 91.75
CA ALA J 393 -4.39 -76.91 91.60
C ALA J 393 -4.65 -75.96 90.43
N TYR J 394 -4.52 -76.48 89.23
CA TYR J 394 -4.96 -75.84 87.99
C TYR J 394 -6.37 -75.32 88.26
N VAL J 395 -6.58 -73.99 88.31
CA VAL J 395 -7.89 -73.39 88.56
C VAL J 395 -7.74 -71.89 88.78
N ARG J 396 -8.78 -71.13 88.45
CA ARG J 396 -8.84 -69.69 88.69
C ARG J 396 -10.17 -69.15 88.17
N LYS J 397 -10.50 -67.94 88.61
CA LYS J 397 -11.67 -67.19 88.19
C LYS J 397 -11.54 -65.77 88.74
N ASP J 398 -12.10 -64.82 88.01
CA ASP J 398 -12.07 -63.40 88.40
C ASP J 398 -10.63 -62.90 88.55
N GLY J 399 -9.78 -63.25 87.58
CA GLY J 399 -8.38 -62.90 87.64
C GLY J 399 -7.60 -63.76 88.63
N GLU J 400 -7.58 -63.32 89.89
CA GLU J 400 -6.96 -64.08 90.99
C GLU J 400 -5.54 -64.52 90.69
N LEU J 403 -8.35 -75.87 92.51
CA LEU J 403 -9.47 -75.23 93.19
C LEU J 403 -9.69 -75.84 94.57
N LEU J 404 -10.12 -75.00 95.51
CA LEU J 404 -10.51 -75.48 96.81
C LEU J 404 -11.90 -76.11 96.75
N SER J 405 -12.17 -77.01 97.69
CA SER J 405 -13.43 -77.75 97.76
C SER J 405 -13.74 -78.47 96.45
N PCA K 1 53.21 -23.15 45.59
CA PCA K 1 54.18 -23.37 46.65
CB PCA K 1 55.60 -23.13 46.16
CG PCA K 1 55.48 -22.38 44.85
CD PCA K 1 54.01 -22.54 44.53
OE PCA K 1 53.55 -22.18 43.45
C PCA K 1 53.85 -22.42 47.78
O PCA K 1 53.32 -21.36 47.50
N ASN K 2 54.12 -22.78 49.03
CA ASN K 2 54.62 -24.09 49.45
C ASN K 2 53.44 -25.08 49.61
N ILE K 3 53.22 -25.94 48.59
CA ILE K 3 52.03 -26.80 48.53
C ILE K 3 52.31 -28.16 49.16
N THR K 4 51.33 -28.63 49.94
CA THR K 4 51.32 -29.93 50.61
C THR K 4 50.06 -30.70 50.23
N GLU K 5 49.98 -31.95 50.69
CA GLU K 5 48.82 -32.80 50.47
C GLU K 5 48.81 -33.90 51.53
N GLU K 6 47.61 -34.29 51.94
CA GLU K 6 47.42 -35.34 52.94
C GLU K 6 46.45 -36.38 52.41
N PHE K 7 46.70 -37.65 52.74
CA PHE K 7 45.79 -38.73 52.41
C PHE K 7 45.33 -39.39 53.69
N TYR K 8 44.01 -39.52 53.85
CA TYR K 8 43.40 -40.12 55.02
C TYR K 8 42.95 -41.53 54.64
N GLN K 9 43.64 -42.52 55.21
CA GLN K 9 43.35 -43.93 54.98
C GLN K 9 42.04 -44.36 55.62
N SER K 10 41.65 -43.72 56.73
CA SER K 10 40.43 -44.13 57.42
C SER K 10 39.20 -43.88 56.58
N THR K 11 39.18 -42.80 55.80
CA THR K 11 38.05 -42.46 54.96
C THR K 11 38.34 -42.60 53.47
N CYS K 12 39.55 -43.02 53.10
CA CYS K 12 39.95 -43.15 51.69
C CYS K 12 39.73 -41.84 50.96
N SER K 13 40.43 -40.80 51.40
CA SER K 13 40.25 -39.49 50.79
C SER K 13 41.58 -38.74 50.83
N ALA K 14 41.63 -37.62 50.10
CA ALA K 14 42.84 -36.83 50.01
C ALA K 14 42.50 -35.35 49.94
N VAL K 15 43.26 -34.54 50.66
CA VAL K 15 43.08 -33.09 50.70
C VAL K 15 44.37 -32.45 50.19
N SER K 16 44.24 -31.59 49.18
CA SER K 16 45.37 -30.87 48.60
C SER K 16 45.27 -29.42 49.06
N LYS K 17 45.92 -29.11 50.18
CA LYS K 17 45.90 -27.77 50.75
C LYS K 17 47.09 -26.97 50.23
N GLY K 18 46.98 -25.65 50.33
CA GLY K 18 48.04 -24.76 49.94
C GLY K 18 47.75 -23.89 48.73
N TYR K 19 46.49 -23.70 48.37
CA TYR K 19 46.13 -22.90 47.21
C TYR K 19 45.60 -21.53 47.64
N LEU K 20 45.61 -20.60 46.70
CA LEU K 20 45.08 -19.26 46.93
C LEU K 20 43.81 -19.06 46.12
N SER K 21 42.87 -18.30 46.66
CA SER K 21 41.57 -18.14 46.04
C SER K 21 41.57 -17.02 45.01
N ALA K 22 40.60 -17.09 44.10
CA ALA K 22 40.31 -16.03 43.16
C ALA K 22 38.87 -16.16 42.69
N LEU K 23 37.94 -16.07 43.64
CA LEU K 23 36.54 -16.36 43.37
C LEU K 23 35.88 -15.21 42.63
N ARG K 24 35.04 -15.54 41.66
CA ARG K 24 34.25 -14.55 40.94
C ARG K 24 32.95 -14.31 41.72
N THR K 25 32.83 -13.12 42.32
CA THR K 25 31.65 -12.80 43.13
C THR K 25 30.59 -12.03 42.36
N GLY K 26 31.00 -11.11 41.47
CA GLY K 26 30.04 -10.29 40.74
C GLY K 26 30.47 -10.05 39.31
N TRP K 27 29.65 -9.29 38.60
CA TRP K 27 29.88 -8.96 37.21
C TRP K 27 30.11 -7.46 37.07
N TYR K 28 30.70 -7.08 35.92
CA TYR K 28 30.85 -5.69 35.52
C TYR K 28 30.61 -5.60 34.02
N THR K 29 29.75 -4.68 33.60
CA THR K 29 29.37 -4.57 32.20
C THR K 29 30.09 -3.39 31.55
N SER K 30 30.55 -3.60 30.32
CA SER K 30 31.21 -2.57 29.53
C SER K 30 30.62 -2.57 28.13
N VAL K 31 30.50 -1.39 27.54
CA VAL K 31 29.88 -1.23 26.24
C VAL K 31 30.99 -1.02 25.21
N ILE K 32 31.00 -1.86 24.18
CA ILE K 32 31.96 -1.77 23.08
C ILE K 32 31.23 -1.23 21.86
N THR K 33 31.85 -0.26 21.18
CA THR K 33 31.24 0.38 20.04
C THR K 33 32.08 0.19 18.78
N ILE K 34 31.38 0.12 17.64
CA ILE K 34 31.99 0.06 16.32
C ILE K 34 31.22 1.04 15.44
N GLU K 35 31.85 2.17 15.13
CA GLU K 35 31.17 3.23 14.38
C GLU K 35 31.06 2.84 12.91
N LEU K 36 29.84 2.93 12.38
CA LEU K 36 29.54 2.53 11.01
C LEU K 36 29.29 3.74 10.12
N SER K 37 29.19 3.48 8.83
CA SER K 37 28.95 4.49 7.81
C SER K 37 27.67 4.15 7.07
N ASN K 38 26.84 5.16 6.83
CA ASN K 38 25.56 4.98 6.15
C ASN K 38 25.78 5.00 4.63
N ILE K 39 25.90 3.82 4.04
CA ILE K 39 26.08 3.69 2.59
C ILE K 39 24.81 3.09 2.03
N LYS K 40 24.14 3.83 1.15
CA LYS K 40 22.88 3.40 0.55
C LYS K 40 23.10 2.43 -0.60
N LYS K 43 26.25 2.58 -5.51
CA LYS K 43 25.72 3.46 -6.53
C LYS K 43 26.82 3.97 -7.47
N CYS K 44 27.67 3.07 -7.93
CA CYS K 44 28.77 3.40 -8.83
C CYS K 44 29.26 2.15 -9.56
N GLY K 46 32.41 1.52 -14.11
CA GLY K 46 33.78 1.04 -14.22
C GLY K 46 33.94 -0.42 -13.87
N THR K 47 33.90 -1.28 -14.90
CA THR K 47 33.98 -2.73 -14.72
C THR K 47 35.41 -3.26 -14.74
N ASP K 48 36.38 -2.48 -14.24
CA ASP K 48 37.75 -2.95 -14.17
C ASP K 48 37.93 -3.87 -12.96
N ALA K 49 39.17 -4.33 -12.76
CA ALA K 49 39.44 -5.36 -11.77
C ALA K 49 39.34 -4.83 -10.33
N LYS K 50 39.85 -3.63 -10.06
CA LYS K 50 39.90 -3.16 -8.68
C LYS K 50 38.53 -2.74 -8.16
N VAL K 51 37.67 -2.20 -9.03
CA VAL K 51 36.34 -1.79 -8.61
C VAL K 51 35.52 -3.00 -8.19
N LYS K 52 35.70 -4.13 -8.88
CA LYS K 52 34.93 -5.33 -8.53
C LYS K 52 35.26 -5.79 -7.11
N LEU K 53 36.55 -5.75 -6.74
CA LEU K 53 36.94 -6.17 -5.40
C LEU K 53 36.42 -5.19 -4.35
N ILE K 54 36.54 -3.89 -4.61
CA ILE K 54 36.08 -2.94 -3.60
C ILE K 54 34.56 -3.03 -3.46
N LYS K 55 33.86 -3.37 -4.55
CA LYS K 55 32.41 -3.50 -4.51
C LYS K 55 31.98 -4.74 -3.74
N GLN K 56 32.63 -5.89 -3.97
CA GLN K 56 32.22 -7.07 -3.21
C GLN K 56 32.59 -6.94 -1.74
N GLU K 57 33.64 -6.17 -1.42
CA GLU K 57 33.95 -5.94 -0.01
C GLU K 57 32.88 -5.06 0.63
N LEU K 58 32.41 -4.04 -0.10
CA LEU K 58 31.28 -3.25 0.40
C LEU K 58 30.03 -4.10 0.58
N ASP K 59 29.81 -5.08 -0.30
CA ASP K 59 28.69 -5.99 -0.13
C ASP K 59 28.84 -6.85 1.12
N LYS K 60 30.06 -7.32 1.39
CA LYS K 60 30.28 -8.04 2.65
C LYS K 60 29.93 -7.17 3.85
N TYR K 61 30.36 -5.91 3.83
CA TYR K 61 30.04 -4.99 4.92
C TYR K 61 28.53 -4.81 5.10
N LYS K 62 27.83 -4.55 3.99
CA LYS K 62 26.40 -4.29 4.06
C LYS K 62 25.63 -5.51 4.51
N ASN K 63 26.03 -6.70 4.05
CA ASN K 63 25.37 -7.91 4.51
C ASN K 63 25.65 -8.18 5.98
N ALA K 64 26.85 -7.81 6.46
CA ALA K 64 27.15 -7.98 7.88
C ALA K 64 26.24 -7.10 8.73
N VAL K 65 26.08 -5.83 8.34
CA VAL K 65 25.22 -4.98 9.17
C VAL K 65 23.76 -5.42 9.07
N THR K 66 23.32 -5.95 7.92
CA THR K 66 21.95 -6.45 7.82
C THR K 66 21.74 -7.67 8.70
N GLU K 67 22.69 -8.59 8.72
CA GLU K 67 22.59 -9.77 9.59
C GLU K 67 22.58 -9.36 11.06
N LEU K 68 23.41 -8.38 11.43
CA LEU K 68 23.39 -7.91 12.81
C LEU K 68 22.07 -7.24 13.15
N GLN K 69 21.46 -6.56 12.19
CA GLN K 69 20.13 -5.98 12.43
C GLN K 69 19.09 -7.07 12.64
N LEU K 70 19.20 -8.19 11.92
CA LEU K 70 18.27 -9.30 12.17
C LEU K 70 18.50 -9.91 13.54
N LEU K 71 19.77 -10.00 13.97
CA LEU K 71 20.05 -10.58 15.28
C LEU K 71 19.53 -9.68 16.40
N MET K 72 19.72 -8.36 16.25
CA MET K 72 19.24 -7.42 17.27
C MET K 72 17.72 -7.45 17.41
N GLN K 73 17.01 -7.78 16.33
CA GLN K 73 15.55 -7.74 16.32
C GLN K 73 15.00 -8.79 17.27
N PHE L 1 29.66 -34.44 42.48
CA PHE L 1 28.66 -35.31 43.09
C PHE L 1 27.45 -34.55 43.61
N LEU L 2 27.67 -33.57 44.47
CA LEU L 2 26.60 -32.77 45.05
C LEU L 2 26.19 -31.59 44.17
N GLY L 3 26.42 -31.69 42.85
CA GLY L 3 26.08 -30.59 41.96
C GLY L 3 24.59 -30.33 41.88
N PHE L 4 23.77 -31.33 42.21
CA PHE L 4 22.33 -31.12 42.24
C PHE L 4 21.91 -30.25 43.41
N LEU L 5 22.73 -30.17 44.46
CA LEU L 5 22.42 -29.31 45.59
C LEU L 5 22.58 -27.84 45.28
N LEU L 6 23.08 -27.50 44.09
CA LEU L 6 23.31 -26.11 43.72
C LEU L 6 22.03 -25.44 43.27
N GLY L 7 22.05 -24.11 43.29
CA GLY L 7 20.94 -23.32 42.81
C GLY L 7 20.99 -23.09 41.31
N VAL L 8 20.04 -22.29 40.83
CA VAL L 8 19.92 -21.95 39.42
C VAL L 8 20.03 -20.45 39.27
N GLY L 9 20.95 -20.01 38.41
CA GLY L 9 21.18 -18.59 38.20
C GLY L 9 21.10 -18.22 36.74
N SER L 10 20.90 -16.93 36.51
CA SER L 10 20.91 -16.34 35.17
C SER L 10 22.25 -15.67 34.95
N ALA L 11 23.01 -16.17 33.96
CA ALA L 11 24.39 -15.72 33.82
C ALA L 11 24.46 -14.31 33.25
N ILE L 12 23.77 -14.06 32.14
CA ILE L 12 23.91 -12.80 31.43
C ILE L 12 22.87 -11.78 31.88
N ALA L 13 22.24 -12.03 33.03
CA ALA L 13 21.15 -11.15 33.49
C ALA L 13 21.62 -9.70 33.65
N SER L 14 22.83 -9.50 34.18
CA SER L 14 23.34 -8.13 34.35
C SER L 14 23.59 -7.45 33.01
N GLY L 15 24.31 -8.13 32.12
CA GLY L 15 24.59 -7.56 30.82
C GLY L 15 23.33 -7.33 30.01
N VAL L 16 22.37 -8.26 30.09
CA VAL L 16 21.10 -8.09 29.39
C VAL L 16 20.32 -6.91 29.97
N ALA L 17 20.41 -6.69 31.29
CA ALA L 17 19.79 -5.50 31.86
C ALA L 17 20.37 -4.24 31.25
N VAL L 18 21.69 -4.18 31.15
CA VAL L 18 22.31 -3.01 30.53
C VAL L 18 21.90 -2.93 29.06
N CYS L 19 21.70 -4.08 28.44
CA CYS L 19 21.28 -4.09 27.04
C CYS L 19 19.92 -3.45 26.87
N LYS L 20 18.97 -3.87 27.68
CA LYS L 20 17.64 -3.30 27.62
C LYS L 20 17.66 -1.82 27.97
N VAL L 21 18.64 -1.38 28.77
CA VAL L 21 18.74 0.06 29.04
C VAL L 21 19.22 0.81 27.79
N LEU L 22 20.13 0.20 27.02
CA LEU L 22 20.67 0.90 25.86
C LEU L 22 19.65 1.10 24.74
N HIS L 23 18.53 0.38 24.76
CA HIS L 23 17.50 0.57 23.73
C HIS L 23 16.81 1.93 23.85
N LEU L 24 16.91 2.58 25.00
CA LEU L 24 16.19 3.81 25.25
C LEU L 24 16.71 4.95 24.37
N GLU L 25 15.85 5.96 24.17
CA GLU L 25 16.20 7.07 23.29
C GLU L 25 17.31 7.89 23.90
N GLY L 26 18.25 8.32 23.05
CA GLY L 26 19.37 9.11 23.48
C GLY L 26 20.48 8.33 24.15
N GLU L 27 20.19 7.15 24.70
CA GLU L 27 21.22 6.38 25.41
C GLU L 27 22.38 6.04 24.48
N VAL L 28 22.08 5.69 23.23
CA VAL L 28 23.12 5.45 22.26
C VAL L 28 23.78 6.76 21.84
N ASN L 29 22.98 7.83 21.78
CA ASN L 29 23.50 9.14 21.38
C ASN L 29 24.45 9.71 22.42
N LYS L 30 24.17 9.47 23.71
CA LYS L 30 25.09 9.89 24.75
C LYS L 30 26.45 9.23 24.58
N ILE L 31 26.46 7.94 24.24
CA ILE L 31 27.73 7.24 24.04
C ILE L 31 28.44 7.76 22.79
N LYS L 32 27.70 7.95 21.69
CA LYS L 32 28.34 8.46 20.48
C LYS L 32 28.91 9.85 20.69
N SER L 33 28.26 10.67 21.52
CA SER L 33 28.78 12.00 21.85
C SER L 33 29.95 11.92 22.83
N ALA L 34 29.97 10.92 23.71
CA ALA L 34 31.05 10.80 24.67
C ALA L 34 32.36 10.41 24.00
N LEU L 35 32.30 9.50 23.02
CA LEU L 35 33.48 9.07 22.28
C LEU L 35 33.73 9.88 21.02
N LEU L 36 33.12 11.06 20.91
CA LEU L 36 33.35 11.89 19.74
C LEU L 36 34.79 12.38 19.67
N SER L 37 35.45 12.50 20.82
CA SER L 37 36.84 12.95 20.85
C SER L 37 37.80 11.78 21.02
N THR L 38 37.76 11.12 22.17
CA THR L 38 38.66 10.02 22.49
C THR L 38 37.98 8.68 22.21
N ASN L 39 38.75 7.59 22.36
CA ASN L 39 38.25 6.25 22.08
C ASN L 39 37.77 5.50 23.32
N LYS L 40 38.10 5.97 24.53
CA LYS L 40 37.70 5.31 25.76
C LYS L 40 37.15 6.36 26.73
N ALA L 41 36.05 6.03 27.39
CA ALA L 41 35.44 6.98 28.31
C ALA L 41 34.59 6.25 29.35
N VAL L 42 34.16 6.99 30.36
CA VAL L 42 33.25 6.49 31.39
C VAL L 42 31.92 7.23 31.24
N VAL L 43 30.82 6.49 31.12
CA VAL L 43 29.51 7.08 30.87
C VAL L 43 28.52 6.57 31.90
N SER L 44 27.78 7.48 32.52
CA SER L 44 26.69 7.12 33.42
C SER L 44 25.37 7.14 32.65
N LEU L 45 24.67 6.01 32.65
CA LEU L 45 23.45 5.85 31.88
C LEU L 45 22.29 6.55 32.58
N SER L 46 21.07 6.31 32.09
CA SER L 46 19.90 6.96 32.68
C SER L 46 19.63 6.44 34.09
N ASN L 47 19.81 5.15 34.32
CA ASN L 47 19.57 4.55 35.63
C ASN L 47 20.67 4.85 36.64
N GLY L 48 21.65 5.68 36.27
CA GLY L 48 22.69 6.11 37.17
C GLY L 48 23.90 5.22 37.27
N VAL L 49 23.77 3.94 36.88
CA VAL L 49 24.92 3.04 36.93
C VAL L 49 25.91 3.43 35.85
N SER L 50 27.17 3.58 36.23
CA SER L 50 28.21 4.04 35.33
C SER L 50 28.94 2.85 34.73
N VAL L 51 29.13 2.89 33.41
CA VAL L 51 29.76 1.80 32.67
C VAL L 51 30.87 2.38 31.79
N LEU L 52 31.90 1.56 31.59
CA LEU L 52 32.98 1.93 30.69
C LEU L 52 32.53 1.81 29.23
N THR L 53 33.13 2.63 28.38
CA THR L 53 32.81 2.67 26.96
C THR L 53 34.09 2.71 26.15
N PHE L 54 34.08 2.01 25.02
CA PHE L 54 35.26 1.79 24.20
C PHE L 54 34.83 1.77 22.73
N LYS L 55 35.61 2.43 21.89
CA LYS L 55 35.40 2.41 20.44
C LYS L 55 36.58 1.67 19.82
N VAL L 56 36.35 0.43 19.39
CA VAL L 56 37.42 -0.43 18.91
C VAL L 56 37.65 -0.30 17.41
N LEU L 57 36.63 0.10 16.64
CA LEU L 57 36.76 0.18 15.19
C LEU L 57 35.93 1.35 14.71
N ASP L 58 36.51 2.17 13.82
CA ASP L 58 35.85 3.34 13.27
C ASP L 58 35.81 3.18 11.74
N LEU L 59 34.79 2.48 11.26
CA LEU L 59 34.57 2.37 9.82
C LEU L 59 33.90 3.62 9.26
N LYS L 60 33.34 4.46 10.12
CA LYS L 60 32.74 5.73 9.67
C LYS L 60 33.79 6.63 9.05
N ASN L 61 34.85 6.92 9.81
CA ASN L 61 35.96 7.77 9.38
C ASN L 61 36.87 7.11 8.38
N TYR L 62 36.52 5.92 7.90
CA TYR L 62 37.26 5.26 6.84
C TYR L 62 36.44 5.23 5.55
N ILE L 63 35.21 4.73 5.60
CA ILE L 63 34.38 4.68 4.39
C ILE L 63 33.93 6.07 3.99
N ASP L 64 33.57 6.93 4.96
CA ASP L 64 33.08 8.25 4.64
C ASP L 64 34.19 9.23 4.26
N LYS L 65 35.42 9.00 4.70
CA LYS L 65 36.52 9.91 4.42
C LYS L 65 37.46 9.38 3.35
N GLN L 66 38.02 8.19 3.55
CA GLN L 66 39.06 7.68 2.69
C GLN L 66 38.53 6.90 1.49
N LEU L 67 37.29 6.41 1.54
CA LEU L 67 36.74 5.60 0.45
C LEU L 67 35.64 6.29 -0.35
N LEU L 68 34.89 7.22 0.26
CA LEU L 68 33.74 7.82 -0.44
C LEU L 68 34.14 8.73 -1.61
N PRO L 69 35.12 9.64 -1.49
CA PRO L 69 35.40 10.54 -2.61
C PRO L 69 35.76 9.84 -3.92
N ILE L 70 36.31 8.63 -3.86
CA ILE L 70 36.60 7.89 -5.08
C ILE L 70 35.32 7.49 -5.80
N LEU L 71 34.24 7.24 -5.07
CA LEU L 71 32.98 6.85 -5.68
C LEU L 71 32.16 8.05 -6.13
N GLN L 74 32.12 11.07 -13.02
CA GLN L 74 31.05 10.29 -12.40
C GLN L 74 31.41 8.81 -12.32
N SER L 75 32.67 8.49 -12.64
CA SER L 75 33.18 7.12 -12.56
C SER L 75 33.92 6.92 -11.25
N CYS L 76 33.81 5.71 -10.70
CA CYS L 76 34.58 5.34 -9.51
C CYS L 76 36.07 5.61 -9.73
N SER L 77 36.67 4.90 -10.68
CA SER L 77 38.08 5.05 -11.06
C SER L 77 39.00 4.89 -9.85
N ILE L 78 39.08 3.64 -9.38
CA ILE L 78 39.96 3.31 -8.27
C ILE L 78 41.41 3.36 -8.75
N SER L 79 42.25 4.10 -8.04
CA SER L 79 43.63 4.28 -8.45
C SER L 79 44.54 3.22 -7.83
N ASN L 80 44.92 3.41 -6.57
CA ASN L 80 45.85 2.47 -5.96
C ASN L 80 45.13 1.18 -5.56
N ILE L 81 45.90 0.08 -5.57
CA ILE L 81 45.37 -1.21 -5.15
C ILE L 81 45.60 -1.43 -3.65
N GLU L 82 46.57 -0.72 -3.07
CA GLU L 82 46.85 -0.88 -1.65
C GLU L 82 45.63 -0.57 -0.80
N THR L 83 44.77 0.35 -1.28
CA THR L 83 43.56 0.66 -0.52
C THR L 83 42.60 -0.52 -0.49
N VAL L 84 42.57 -1.34 -1.55
CA VAL L 84 41.65 -2.48 -1.58
C VAL L 84 41.97 -3.43 -0.45
N ILE L 85 43.23 -3.87 -0.37
CA ILE L 85 43.63 -4.74 0.73
C ILE L 85 43.44 -4.02 2.05
N GLU L 86 43.68 -2.70 2.05
CA GLU L 86 43.46 -1.92 3.27
C GLU L 86 42.02 -2.07 3.74
N PHE L 87 41.08 -1.93 2.80
CA PHE L 87 39.67 -2.06 3.17
C PHE L 87 39.40 -3.44 3.73
N GLN L 88 39.99 -4.47 3.12
CA GLN L 88 39.78 -5.82 3.60
C GLN L 88 40.23 -5.94 5.05
N GLN L 89 41.43 -5.43 5.36
CA GLN L 89 41.92 -5.53 6.72
C GLN L 89 41.01 -4.81 7.70
N LYS L 90 40.40 -3.70 7.27
CA LYS L 90 39.53 -2.98 8.19
C LYS L 90 38.20 -3.71 8.40
N ASN L 91 37.70 -4.41 7.38
CA ASN L 91 36.36 -4.96 7.49
C ASN L 91 36.34 -6.36 8.07
N ASN L 92 37.45 -7.10 8.00
CA ASN L 92 37.45 -8.50 8.41
C ASN L 92 37.00 -8.65 9.86
N ARG L 93 37.40 -7.73 10.74
CA ARG L 93 36.99 -7.85 12.13
C ARG L 93 35.47 -7.80 12.25
N LEU L 94 34.85 -6.83 11.58
CA LEU L 94 33.40 -6.75 11.61
C LEU L 94 32.78 -8.02 11.06
N LEU L 95 33.41 -8.62 10.05
CA LEU L 95 32.90 -9.89 9.52
C LEU L 95 33.05 -11.00 10.55
N GLU L 96 34.24 -11.12 11.16
CA GLU L 96 34.48 -12.27 12.03
C GLU L 96 33.60 -12.19 13.27
N ILE L 97 33.45 -11.00 13.84
CA ILE L 97 32.54 -10.82 14.96
C ILE L 97 31.13 -11.25 14.56
N THR L 98 30.69 -10.84 13.36
CA THR L 98 29.37 -11.23 12.91
C THR L 98 29.24 -12.74 12.88
N ARG L 99 30.27 -13.43 12.38
CA ARG L 99 30.21 -14.88 12.31
C ARG L 99 30.02 -15.47 13.70
N GLU L 100 30.78 -14.97 14.68
CA GLU L 100 30.64 -15.51 16.03
C GLU L 100 29.25 -15.26 16.59
N PHE L 101 28.66 -14.11 16.28
CA PHE L 101 27.34 -13.80 16.83
C PHE L 101 26.24 -14.59 16.15
N SER L 102 26.26 -14.65 14.81
CA SER L 102 25.19 -15.32 14.08
C SER L 102 25.13 -16.81 14.36
N VAL L 103 26.22 -17.41 14.87
CA VAL L 103 26.21 -18.82 15.23
C VAL L 103 25.76 -19.04 16.67
N ASN L 104 26.31 -18.26 17.60
CA ASN L 104 26.04 -18.43 19.02
C ASN L 104 24.81 -17.66 19.49
N ALA L 105 23.96 -17.23 18.55
CA ALA L 105 22.69 -16.58 18.86
C ALA L 105 22.88 -15.29 19.66
N GLY L 106 23.96 -14.56 19.39
CA GLY L 106 24.17 -13.26 19.99
C GLY L 106 24.93 -13.25 21.31
N VAL L 107 25.18 -14.41 21.90
CA VAL L 107 25.91 -14.50 23.17
C VAL L 107 27.06 -15.46 22.98
N THR L 108 28.29 -14.96 23.13
CA THR L 108 29.49 -15.76 22.93
C THR L 108 30.28 -15.85 24.23
N THR L 109 30.88 -17.01 24.46
CA THR L 109 31.77 -17.25 25.59
C THR L 109 32.63 -18.47 25.30
N PRO L 110 33.95 -18.41 25.50
CA PRO L 110 34.74 -17.26 25.98
C PRO L 110 34.78 -16.10 24.98
N VAL L 111 35.22 -14.93 25.47
CA VAL L 111 35.32 -13.74 24.63
C VAL L 111 36.53 -13.87 23.72
N SER L 112 36.28 -13.89 22.41
CA SER L 112 37.35 -14.06 21.44
C SER L 112 38.17 -12.78 21.30
N THR L 113 39.32 -12.91 20.62
CA THR L 113 40.14 -11.74 20.36
C THR L 113 39.51 -10.81 19.32
N TYR L 114 38.72 -11.38 18.41
CA TYR L 114 37.96 -10.53 17.49
C TYR L 114 36.96 -9.66 18.25
N MET L 115 36.30 -10.24 19.26
CA MET L 115 35.34 -9.46 20.04
C MET L 115 36.04 -8.40 20.87
N LEU L 116 37.23 -8.71 21.39
CA LEU L 116 37.96 -7.78 22.24
C LEU L 116 39.42 -8.26 22.24
N THR L 117 40.29 -7.49 21.61
CA THR L 117 41.70 -7.87 21.50
C THR L 117 42.38 -7.78 22.86
N ASN L 118 43.61 -8.28 22.92
CA ASN L 118 44.34 -8.26 24.19
C ASN L 118 44.64 -6.83 24.63
N SER L 119 44.98 -5.96 23.68
CA SER L 119 45.24 -4.56 24.02
C SER L 119 43.99 -3.91 24.60
N GLU L 120 42.84 -4.12 23.96
CA GLU L 120 41.60 -3.52 24.43
C GLU L 120 41.17 -4.11 25.78
N LEU L 121 41.36 -5.42 25.97
CA LEU L 121 41.00 -6.04 27.24
C LEU L 121 41.87 -5.52 28.38
N LEU L 122 43.18 -5.43 28.15
CA LEU L 122 44.06 -4.88 29.19
C LEU L 122 43.78 -3.40 29.44
N SER L 123 43.36 -2.66 28.41
CA SER L 123 42.97 -1.28 28.61
C SER L 123 41.74 -1.18 29.49
N LEU L 124 40.73 -2.03 29.25
CA LEU L 124 39.55 -2.04 30.10
C LEU L 124 39.92 -2.42 31.54
N ILE L 125 40.81 -3.40 31.71
CA ILE L 125 41.19 -3.80 33.06
C ILE L 125 41.92 -2.66 33.78
N ASN L 126 42.76 -1.91 33.06
CA ASN L 126 43.47 -0.82 33.71
C ASN L 126 42.53 0.29 34.15
N ASP L 127 41.46 0.55 33.40
CA ASP L 127 40.53 1.60 33.75
C ASP L 127 39.32 1.08 34.52
N MET L 128 39.34 -0.19 34.92
CA MET L 128 38.23 -0.74 35.68
C MET L 128 38.20 -0.18 37.10
N PRO L 129 37.03 0.11 37.64
CA PRO L 129 36.95 0.68 39.00
C PRO L 129 37.07 -0.40 40.08
N ILE L 130 38.26 -1.00 40.17
CA ILE L 130 38.58 -1.99 41.18
C ILE L 130 40.01 -1.79 41.65
N THR L 131 40.46 -2.63 42.58
CA THR L 131 41.73 -2.45 43.26
C THR L 131 42.92 -2.78 42.35
N ASN L 132 44.11 -2.38 42.81
CA ASN L 132 45.33 -2.71 42.08
C ASN L 132 45.59 -4.20 42.06
N ASP L 133 45.28 -4.90 43.17
CA ASP L 133 45.45 -6.34 43.18
C ASP L 133 44.53 -7.00 42.17
N GLN L 134 43.33 -6.47 42.00
CA GLN L 134 42.40 -7.00 41.01
C GLN L 134 42.88 -6.72 39.60
N LYS L 135 43.42 -5.52 39.36
CA LYS L 135 44.03 -5.23 38.06
C LYS L 135 45.17 -6.20 37.76
N LYS L 136 46.02 -6.47 38.75
CA LYS L 136 47.13 -7.40 38.56
C LYS L 136 46.63 -8.79 38.22
N LEU L 137 45.68 -9.30 39.01
CA LEU L 137 45.19 -10.66 38.82
C LEU L 137 44.51 -10.80 37.46
N MET L 138 43.63 -9.86 37.11
CA MET L 138 42.94 -9.95 35.83
C MET L 138 43.88 -9.73 34.65
N SER L 139 44.97 -8.96 34.84
CA SER L 139 45.87 -8.71 33.73
C SER L 139 46.81 -9.90 33.48
N ASN L 140 47.24 -10.58 34.54
CA ASN L 140 48.18 -11.69 34.35
C ASN L 140 47.49 -12.96 33.87
N ASN L 141 46.17 -13.05 34.02
CA ASN L 141 45.41 -14.25 33.66
C ASN L 141 44.25 -13.86 32.73
N VAL L 142 44.59 -13.20 31.63
CA VAL L 142 43.58 -12.75 30.68
C VAL L 142 42.85 -13.93 30.04
N GLN L 143 43.51 -15.09 29.95
CA GLN L 143 42.83 -16.26 29.39
C GLN L 143 41.66 -16.68 30.27
N ILE L 144 41.82 -16.57 31.59
CA ILE L 144 40.74 -16.93 32.49
C ILE L 144 39.65 -15.88 32.47
N VAL L 145 40.04 -14.61 32.38
CA VAL L 145 39.06 -13.53 32.28
C VAL L 145 38.22 -13.72 31.02
N ARG L 146 38.85 -14.11 29.92
CA ARG L 146 38.10 -14.42 28.71
C ARG L 146 37.18 -15.61 28.91
N GLN L 147 37.67 -16.66 29.59
CA GLN L 147 36.84 -17.84 29.80
C GLN L 147 35.70 -17.61 30.81
N GLN L 148 35.80 -16.61 31.67
CA GLN L 148 34.73 -16.35 32.63
C GLN L 148 33.88 -15.15 32.23
N SER L 149 34.01 -14.67 31.01
CA SER L 149 33.27 -13.50 30.54
C SER L 149 32.34 -13.91 29.41
N TYR L 150 31.31 -13.10 29.21
CA TYR L 150 30.35 -13.28 28.14
C TYR L 150 30.39 -12.07 27.21
N SER L 151 29.75 -12.20 26.05
CA SER L 151 29.67 -11.11 25.09
C SER L 151 28.25 -11.08 24.53
N ILE L 152 27.44 -10.18 25.06
CA ILE L 152 26.04 -10.03 24.67
C ILE L 152 25.96 -8.91 23.67
N MET L 153 25.46 -9.21 22.50
CA MET L 153 25.31 -8.18 21.49
C MET L 153 24.07 -7.37 21.81
N CYS L 154 24.23 -6.06 21.90
CA CYS L 154 23.15 -5.15 22.35
C CYS L 154 22.38 -4.66 21.13
N ILE L 155 22.81 -3.56 20.55
CA ILE L 155 22.11 -2.88 19.45
C ILE L 155 23.02 -2.35 18.36
N ILE L 156 22.42 -2.08 17.20
CA ILE L 156 23.03 -1.42 16.05
C ILE L 156 22.12 -0.27 15.66
N LYS L 157 22.20 0.84 16.39
CA LYS L 157 21.33 1.99 16.15
C LYS L 157 22.13 3.08 15.46
N GLU L 158 21.44 3.85 14.62
CA GLU L 158 22.06 4.93 13.85
C GLU L 158 22.95 5.81 14.71
N GLU L 159 24.26 5.73 14.51
CA GLU L 159 24.86 4.95 13.41
C GLU L 159 26.00 4.08 13.91
N VAL L 160 25.84 3.53 15.12
CA VAL L 160 26.91 2.81 15.79
C VAL L 160 26.44 1.44 16.25
N LEU L 161 27.40 0.54 16.38
CA LEU L 161 27.21 -0.84 16.82
C LEU L 161 27.59 -0.96 18.28
N ALA L 162 26.82 -1.73 19.06
CA ALA L 162 27.08 -1.84 20.49
C ALA L 162 26.85 -3.27 20.97
N TYR L 163 27.80 -3.79 21.74
CA TYR L 163 27.65 -5.04 22.45
C TYR L 163 28.34 -4.96 23.80
N VAL L 164 27.74 -5.61 24.80
CA VAL L 164 28.25 -5.58 26.16
C VAL L 164 29.20 -6.74 26.40
N VAL L 165 30.34 -6.46 27.02
CA VAL L 165 31.28 -7.48 27.46
C VAL L 165 31.13 -7.57 28.97
N GLN L 166 30.55 -8.66 29.44
CA GLN L 166 30.29 -8.86 30.86
C GLN L 166 31.55 -9.46 31.47
N LEU L 167 32.30 -8.63 32.16
CA LEU L 167 33.59 -8.93 32.77
C LEU L 167 33.40 -9.38 34.23
N PRO L 168 34.29 -10.22 34.74
CA PRO L 168 34.12 -10.72 36.11
C PRO L 168 34.78 -9.83 37.15
N LEU L 169 34.19 -9.84 38.33
CA LEU L 169 34.73 -9.14 39.50
C LEU L 169 35.15 -10.18 40.52
N TYR L 170 36.42 -10.16 40.89
CA TYR L 170 36.96 -11.14 41.84
C TYR L 170 36.98 -10.49 43.21
N GLY L 171 35.86 -10.61 43.92
CA GLY L 171 35.70 -9.98 45.22
C GLY L 171 36.42 -10.69 46.35
N VAL L 172 36.83 -11.93 46.15
CA VAL L 172 37.55 -12.71 47.16
C VAL L 172 38.87 -13.14 46.54
N ILE L 173 39.98 -12.70 47.14
CA ILE L 173 41.32 -12.95 46.60
C ILE L 173 42.23 -13.39 47.73
N ASP L 174 43.11 -14.35 47.43
CA ASP L 174 44.22 -14.77 48.29
C ASP L 174 43.76 -15.45 49.57
N THR L 175 42.55 -16.03 49.59
CA THR L 175 42.20 -16.81 50.77
C THR L 175 42.56 -18.28 50.55
N PRO L 176 42.83 -19.03 51.62
CA PRO L 176 43.28 -20.42 51.45
C PRO L 176 42.20 -21.31 50.86
N CYS L 177 42.60 -22.18 49.93
CA CYS L 177 41.74 -23.15 49.32
C CYS L 177 42.34 -24.54 49.44
N TRP L 178 41.51 -25.54 49.25
CA TRP L 178 41.98 -26.92 49.22
C TRP L 178 41.01 -27.76 48.42
N LYS L 179 41.57 -28.75 47.72
CA LYS L 179 40.81 -29.63 46.85
C LYS L 179 40.71 -31.01 47.51
N LEU L 180 39.48 -31.50 47.65
CA LEU L 180 39.22 -32.79 48.27
C LEU L 180 38.92 -33.83 47.21
N HIS L 181 39.66 -34.93 47.24
CA HIS L 181 39.44 -36.09 46.40
C HIS L 181 38.98 -37.26 47.28
N THR L 182 38.02 -38.02 46.76
CA THR L 182 37.47 -39.17 47.46
C THR L 182 37.43 -40.37 46.52
N SER L 183 37.29 -41.55 47.11
CA SER L 183 37.26 -42.79 46.36
C SER L 183 36.53 -43.84 47.19
N PRO L 184 35.90 -44.83 46.57
CA PRO L 184 35.13 -45.81 47.34
C PRO L 184 36.02 -46.60 48.28
N LEU L 185 35.52 -46.81 49.51
CA LEU L 185 36.21 -47.60 50.52
C LEU L 185 35.32 -48.79 50.84
N CYS L 186 35.65 -49.94 50.28
CA CYS L 186 34.85 -51.15 50.40
C CYS L 186 35.59 -52.19 51.22
N THR L 187 34.85 -53.20 51.65
CA THR L 187 35.53 -54.33 52.26
C THR L 187 36.22 -55.16 51.18
N THR L 188 37.07 -56.06 51.61
CA THR L 188 37.90 -56.85 50.70
C THR L 188 37.71 -58.33 50.98
N ASN L 189 36.46 -58.76 50.99
CA ASN L 189 36.16 -60.16 51.20
C ASN L 189 36.40 -60.94 49.91
N THR L 190 36.43 -62.27 50.04
CA THR L 190 36.71 -63.11 48.89
C THR L 190 35.46 -63.37 48.06
N LYS L 191 34.29 -63.38 48.70
CA LYS L 191 33.02 -63.53 48.00
C LYS L 191 32.70 -62.31 47.16
N GLU L 192 31.87 -62.52 46.14
CA GLU L 192 31.53 -61.47 45.18
C GLU L 192 30.57 -60.42 45.74
N GLY L 193 29.28 -60.76 45.82
CA GLY L 193 28.27 -59.81 46.25
C GLY L 193 28.24 -59.49 47.72
N SER L 194 29.14 -60.03 48.53
CA SER L 194 29.16 -59.82 49.97
C SER L 194 29.78 -58.49 50.40
N ASN L 195 30.45 -57.76 49.50
CA ASN L 195 31.14 -56.55 49.91
C ASN L 195 30.19 -55.37 50.04
N ILE L 196 30.54 -54.46 50.95
CA ILE L 196 29.81 -53.22 51.15
C ILE L 196 30.77 -52.05 50.94
N CYS L 197 30.25 -50.97 50.37
CA CYS L 197 31.06 -49.83 49.96
C CYS L 197 30.53 -48.54 50.55
N LEU L 198 31.44 -47.58 50.74
CA LEU L 198 31.16 -46.29 51.32
C LEU L 198 32.12 -45.27 50.70
N THR L 199 31.58 -44.12 50.30
CA THR L 199 32.34 -43.11 49.58
C THR L 199 31.94 -41.72 50.06
N ARG L 200 32.92 -40.87 50.33
CA ARG L 200 32.61 -39.49 50.68
C ARG L 200 32.20 -38.72 49.44
N THR L 201 31.10 -37.98 49.54
CA THR L 201 30.57 -37.22 48.40
C THR L 201 30.96 -35.75 48.42
N ASP L 202 31.55 -35.28 49.53
CA ASP L 202 31.87 -33.88 49.71
C ASP L 202 33.12 -33.45 48.95
N ARG L 203 33.51 -34.17 47.90
CA ARG L 203 34.75 -33.88 47.18
C ARG L 203 34.57 -32.68 46.27
N GLY L 204 35.62 -31.88 46.14
CA GLY L 204 35.55 -30.67 45.34
C GLY L 204 36.42 -29.59 45.97
N TRP L 205 36.17 -28.35 45.57
CA TRP L 205 36.99 -27.25 46.07
C TRP L 205 36.36 -26.64 47.30
N TYR L 206 37.21 -26.23 48.25
CA TYR L 206 36.77 -25.49 49.42
C TYR L 206 37.65 -24.26 49.55
N CYS L 207 37.04 -23.12 49.82
CA CYS L 207 37.81 -21.90 50.01
C CYS L 207 37.23 -21.11 51.18
N ASP L 208 38.09 -20.56 52.01
CA ASP L 208 37.63 -19.75 53.12
C ASP L 208 37.07 -18.44 52.59
N ASN L 209 35.90 -18.04 53.11
CA ASN L 209 35.21 -16.86 52.58
C ASN L 209 34.25 -16.38 53.65
N ALA L 210 34.48 -15.17 54.16
CA ALA L 210 33.56 -14.48 55.07
C ALA L 210 33.20 -15.35 56.27
N GLY L 211 34.23 -15.83 56.97
CA GLY L 211 34.02 -16.63 58.16
C GLY L 211 33.39 -17.98 57.92
N SER L 212 33.10 -18.34 56.67
CA SER L 212 32.55 -19.66 56.35
C SER L 212 33.35 -20.25 55.19
N VAL L 213 32.83 -21.30 54.55
CA VAL L 213 33.53 -21.99 53.48
C VAL L 213 32.64 -22.01 52.25
N SER L 214 33.21 -21.62 51.11
CA SER L 214 32.54 -21.76 49.83
C SER L 214 32.98 -23.09 49.23
N PHE L 215 32.01 -23.97 48.97
CA PHE L 215 32.25 -25.32 48.48
C PHE L 215 31.78 -25.42 47.04
N PHE L 216 32.63 -25.96 46.19
CA PHE L 216 32.32 -26.13 44.77
C PHE L 216 32.34 -27.62 44.47
N PRO L 217 31.17 -28.25 44.29
CA PRO L 217 31.11 -29.71 44.16
C PRO L 217 31.58 -30.24 42.82
N GLN L 218 31.40 -29.46 41.75
CA GLN L 218 31.83 -29.87 40.41
C GLN L 218 33.15 -29.16 40.13
N ALA L 219 34.25 -29.78 40.57
CA ALA L 219 35.58 -29.19 40.43
C ALA L 219 36.03 -29.02 38.99
N GLU L 220 35.35 -29.63 38.02
CA GLU L 220 35.75 -29.44 36.63
C GLU L 220 35.51 -28.01 36.15
N THR L 221 34.58 -27.29 36.78
CA THR L 221 34.28 -25.92 36.36
C THR L 221 35.21 -24.89 36.97
N CYS L 222 35.92 -25.24 38.04
CA CYS L 222 36.91 -24.34 38.62
C CYS L 222 38.20 -24.47 37.84
N LYS L 223 38.72 -23.34 37.36
CA LYS L 223 39.94 -23.35 36.56
C LYS L 223 41.12 -23.01 37.45
N VAL L 224 42.23 -23.72 37.27
CA VAL L 224 43.39 -23.58 38.14
C VAL L 224 44.58 -23.16 37.30
N GLN L 225 45.26 -22.10 37.75
CA GLN L 225 46.49 -21.65 37.13
C GLN L 225 47.51 -21.45 38.24
N SER L 226 48.61 -22.19 38.16
CA SER L 226 49.65 -22.23 39.20
C SER L 226 48.95 -22.70 40.48
N ASN L 227 49.13 -22.03 41.62
CA ASN L 227 48.40 -22.35 42.84
C ASN L 227 47.17 -21.46 43.03
N ARG L 228 46.77 -20.73 41.98
CA ARG L 228 45.60 -19.86 42.05
C ARG L 228 44.40 -20.60 41.48
N VAL L 229 43.26 -20.47 42.17
CA VAL L 229 42.04 -21.19 41.82
C VAL L 229 40.96 -20.17 41.48
N PHE L 230 40.53 -20.14 40.23
CA PHE L 230 39.46 -19.26 39.78
C PHE L 230 38.19 -20.10 39.75
N CYS L 231 37.35 -19.92 40.76
CA CYS L 231 36.05 -20.56 40.83
C CYS L 231 34.95 -19.53 40.60
N ASP L 232 33.71 -20.00 40.60
CA ASP L 232 32.54 -19.16 40.39
C ASP L 232 31.55 -19.45 41.51
N THR L 233 31.17 -18.41 42.26
CA THR L 233 30.26 -18.61 43.39
C THR L 233 28.88 -19.05 42.96
N MET L 234 28.48 -18.78 41.71
CA MET L 234 27.17 -19.19 41.24
C MET L 234 26.99 -20.69 41.36
N ASN L 235 28.06 -21.45 41.15
CA ASN L 235 28.05 -22.89 41.35
C ASN L 235 28.79 -23.26 42.62
N SER L 236 28.35 -22.69 43.75
CA SER L 236 28.97 -22.94 45.04
C SER L 236 27.89 -23.17 46.08
N LEU L 237 28.34 -23.48 47.30
CA LEU L 237 27.48 -23.67 48.46
C LEU L 237 28.16 -22.99 49.65
N THR L 238 27.40 -22.22 50.41
CA THR L 238 27.94 -21.54 51.59
C THR L 238 27.74 -22.44 52.81
N LEU L 239 28.79 -23.10 53.24
CA LEU L 239 28.76 -24.04 54.35
C LEU L 239 29.50 -23.46 55.56
N PRO L 240 29.20 -23.95 56.77
CA PRO L 240 29.97 -23.52 57.94
C PRO L 240 31.41 -24.00 57.87
N SER L 241 32.26 -23.36 58.69
CA SER L 241 33.68 -23.70 58.70
C SER L 241 33.93 -25.11 59.21
N GLU L 242 33.04 -25.62 60.07
CA GLU L 242 33.25 -26.93 60.68
C GLU L 242 33.29 -28.05 59.66
N VAL L 243 33.00 -27.75 58.38
CA VAL L 243 33.10 -28.78 57.35
C VAL L 243 34.51 -29.32 57.29
N ASN L 244 35.53 -28.48 57.56
CA ASN L 244 36.89 -29.00 57.48
C ASN L 244 37.13 -30.12 58.49
N LEU L 245 36.36 -30.17 59.58
CA LEU L 245 36.54 -31.23 60.56
C LEU L 245 36.37 -32.59 59.92
N CYS L 246 35.51 -32.69 58.89
CA CYS L 246 35.27 -33.98 58.23
C CYS L 246 36.55 -34.59 57.67
N ASN L 247 37.57 -33.78 57.37
CA ASN L 247 38.82 -34.34 56.90
C ASN L 247 39.64 -34.93 58.03
N VAL L 248 39.65 -34.29 59.19
CA VAL L 248 40.49 -34.80 60.27
C VAL L 248 39.77 -35.84 61.11
N ASP L 249 38.44 -35.74 61.22
CA ASP L 249 37.66 -36.68 62.03
C ASP L 249 36.27 -36.76 61.40
N ILE L 250 36.04 -37.81 60.61
CA ILE L 250 34.76 -37.97 59.93
C ILE L 250 33.63 -38.19 60.93
N PHE L 251 33.94 -38.63 62.15
CA PHE L 251 32.95 -38.90 63.19
C PHE L 251 32.81 -37.74 64.18
N ASN L 252 33.11 -36.52 63.77
CA ASN L 252 32.98 -35.38 64.67
C ASN L 252 31.52 -35.11 64.97
N PRO L 253 31.19 -34.66 66.19
CA PRO L 253 29.79 -34.40 66.53
C PRO L 253 29.30 -33.06 66.02
N LYS L 254 30.22 -32.11 65.82
CA LYS L 254 29.85 -30.76 65.44
C LYS L 254 29.45 -30.64 63.98
N TYR L 255 29.77 -31.63 63.14
CA TYR L 255 29.37 -31.62 61.75
C TYR L 255 29.08 -33.03 61.27
N ASP L 256 27.95 -33.18 60.59
CA ASP L 256 27.48 -34.44 60.04
C ASP L 256 27.98 -34.58 58.60
N CYS L 257 29.04 -35.36 58.41
CA CYS L 257 29.67 -35.46 57.11
C CYS L 257 28.83 -36.30 56.16
N LYS L 258 28.77 -35.88 54.90
CA LYS L 258 27.95 -36.54 53.89
C LYS L 258 28.72 -37.69 53.25
N ILE L 259 28.06 -38.84 53.14
CA ILE L 259 28.65 -40.03 52.56
C ILE L 259 27.65 -40.67 51.58
N MET L 260 28.06 -41.79 51.00
CA MET L 260 27.27 -42.52 50.02
C MET L 260 27.59 -43.99 50.13
N THR L 261 26.59 -44.82 50.40
CA THR L 261 26.80 -46.26 50.54
C THR L 261 26.34 -47.00 49.29
N SER L 262 26.88 -48.20 49.11
CA SER L 262 26.51 -49.08 48.00
C SER L 262 27.08 -50.46 48.29
N LYS L 263 26.96 -51.37 47.32
CA LYS L 263 27.62 -52.68 47.38
C LYS L 263 28.45 -52.96 46.15
N THR L 264 28.61 -51.98 45.25
CA THR L 264 29.28 -52.19 43.97
C THR L 264 30.78 -52.00 44.16
N ASP L 265 31.49 -53.10 44.39
CA ASP L 265 32.93 -53.06 44.59
C ASP L 265 33.63 -53.23 43.24
N VAL L 266 33.79 -52.10 42.54
CA VAL L 266 34.56 -52.04 41.30
C VAL L 266 35.80 -51.20 41.57
N SER L 267 36.87 -51.49 40.83
CA SER L 267 38.16 -50.84 41.03
C SER L 267 38.27 -49.56 40.21
N SER L 268 38.92 -48.55 40.79
CA SER L 268 39.10 -47.26 40.12
C SER L 268 40.30 -46.54 40.72
N SER L 269 40.62 -45.38 40.15
CA SER L 269 41.73 -44.57 40.65
C SER L 269 41.39 -43.09 40.45
N VAL L 270 41.84 -42.28 41.41
CA VAL L 270 41.60 -40.84 41.44
C VAL L 270 42.94 -40.12 41.46
N ILE L 271 43.27 -39.40 40.39
CA ILE L 271 44.50 -38.63 40.32
C ILE L 271 44.34 -37.35 41.14
N THR L 272 45.20 -37.18 42.15
CA THR L 272 45.19 -36.03 43.03
C THR L 272 46.20 -34.99 42.54
N SER L 273 46.41 -33.96 43.36
CA SER L 273 47.36 -32.90 43.00
C SER L 273 48.80 -33.35 43.16
N LEU L 274 49.08 -34.17 44.17
CA LEU L 274 50.44 -34.62 44.46
C LEU L 274 50.57 -36.13 44.48
N GLY L 275 49.59 -36.87 43.98
CA GLY L 275 49.67 -38.31 43.97
C GLY L 275 48.54 -38.99 43.24
N ALA L 276 48.13 -40.16 43.73
CA ALA L 276 47.06 -40.94 43.12
C ALA L 276 46.50 -41.90 44.16
N ILE L 277 45.16 -41.94 44.25
CA ILE L 277 44.42 -42.87 45.09
C ILE L 277 43.99 -44.06 44.24
N VAL L 278 44.15 -45.27 44.77
CA VAL L 278 43.81 -46.49 44.04
C VAL L 278 42.89 -47.33 44.91
N SER L 279 41.69 -47.61 44.41
CA SER L 279 40.73 -48.51 45.05
C SER L 279 40.72 -49.79 44.23
N CYS L 280 41.47 -50.79 44.70
CA CYS L 280 41.67 -52.05 43.98
C CYS L 280 40.85 -53.14 44.67
N TYR L 281 39.72 -53.50 44.07
CA TYR L 281 38.84 -54.54 44.61
C TYR L 281 38.67 -55.67 43.61
N GLY L 282 38.40 -56.87 44.14
CA GLY L 282 38.22 -58.03 43.31
C GLY L 282 39.54 -58.57 42.77
N LYS L 283 39.46 -59.24 41.63
CA LYS L 283 40.64 -59.80 40.99
C LYS L 283 41.35 -58.80 40.09
N THR L 284 40.94 -57.53 40.10
CA THR L 284 41.59 -56.54 39.26
C THR L 284 43.01 -56.28 39.76
N LYS L 285 43.94 -56.10 38.83
CA LYS L 285 45.33 -55.84 39.16
C LYS L 285 45.63 -54.36 39.00
N CYS L 286 46.08 -53.73 40.08
CA CYS L 286 46.40 -52.31 40.10
C CYS L 286 47.85 -52.14 40.51
N THR L 287 48.61 -51.37 39.73
CA THR L 287 50.03 -51.15 39.96
C THR L 287 50.37 -49.67 39.85
N ALA L 288 51.56 -49.34 40.34
CA ALA L 288 52.14 -48.00 40.25
C ALA L 288 53.58 -48.13 39.77
N SER L 289 53.92 -47.40 38.70
CA SER L 289 55.17 -47.58 37.95
C SER L 289 55.90 -46.26 37.77
N ASN L 290 57.22 -46.41 37.54
CA ASN L 290 58.16 -45.32 37.33
C ASN L 290 58.73 -45.41 35.91
N LYS L 291 58.96 -44.24 35.29
CA LYS L 291 59.33 -44.20 33.88
C LYS L 291 60.71 -44.81 33.62
N ASN L 292 61.57 -44.89 34.62
CA ASN L 292 62.89 -45.49 34.45
C ASN L 292 62.96 -46.92 34.99
N ARG L 293 62.47 -47.14 36.20
CA ARG L 293 62.58 -48.43 36.88
C ARG L 293 61.45 -49.39 36.51
N GLY L 294 60.24 -48.87 36.31
CA GLY L 294 59.11 -49.73 36.00
C GLY L 294 58.16 -49.89 37.17
N ILE L 295 57.53 -51.06 37.28
CA ILE L 295 56.58 -51.30 38.36
C ILE L 295 57.30 -51.25 39.69
N ILE L 296 56.82 -50.39 40.59
CA ILE L 296 57.37 -50.31 41.93
C ILE L 296 56.36 -50.65 43.01
N LYS L 297 55.07 -50.78 42.68
CA LYS L 297 54.15 -51.28 43.69
C LYS L 297 52.98 -51.99 43.05
N THR L 298 52.63 -53.15 43.61
CA THR L 298 51.44 -53.91 43.26
C THR L 298 50.48 -53.83 44.43
N PHE L 299 49.37 -53.10 44.26
CA PHE L 299 48.46 -52.82 45.36
C PHE L 299 47.75 -54.09 45.84
N SER L 300 47.64 -54.21 47.16
CA SER L 300 46.77 -55.20 47.75
C SER L 300 45.31 -54.75 47.63
N ASN L 301 44.39 -55.67 47.90
CA ASN L 301 42.96 -55.33 47.84
C ASN L 301 42.62 -54.29 48.90
N GLY L 302 42.07 -53.17 48.45
CA GLY L 302 41.72 -52.08 49.34
C GLY L 302 41.97 -50.75 48.69
N CYS L 303 41.80 -49.69 49.49
CA CYS L 303 42.07 -48.32 49.06
C CYS L 303 43.41 -47.87 49.62
N ASP L 304 44.34 -47.53 48.72
CA ASP L 304 45.67 -47.07 49.11
C ASP L 304 46.00 -45.80 48.31
N TYR L 305 47.16 -45.22 48.64
CA TYR L 305 47.59 -43.97 48.05
C TYR L 305 49.06 -44.08 47.67
N VAL L 306 49.46 -43.34 46.64
CA VAL L 306 50.85 -43.30 46.20
C VAL L 306 51.17 -41.86 45.82
N SER L 307 52.23 -41.31 46.42
CA SER L 307 52.65 -39.96 46.10
C SER L 307 53.37 -39.94 44.76
N ASN L 308 53.36 -38.77 44.12
CA ASN L 308 54.01 -38.62 42.82
C ASN L 308 55.52 -38.45 42.95
N LYS L 309 56.06 -38.52 44.16
CA LYS L 309 57.50 -38.39 44.35
C LYS L 309 58.19 -39.65 43.87
N GLY L 310 58.54 -39.69 42.59
CA GLY L 310 59.21 -40.83 42.02
C GLY L 310 58.32 -41.79 41.25
N VAL L 311 57.00 -41.54 41.21
CA VAL L 311 56.05 -42.35 40.47
C VAL L 311 55.54 -41.53 39.31
N ASP L 312 55.43 -42.16 38.14
CA ASP L 312 54.98 -41.47 36.94
C ASP L 312 53.63 -41.96 36.43
N THR L 313 53.33 -43.25 36.53
CA THR L 313 52.06 -43.76 36.05
C THR L 313 51.43 -44.68 37.08
N VAL L 314 50.10 -44.80 36.98
CA VAL L 314 49.34 -45.71 37.81
C VAL L 314 48.34 -46.42 36.92
N SER L 315 48.36 -47.75 36.91
CA SER L 315 47.50 -48.53 36.03
C SER L 315 46.54 -49.35 36.88
N VAL L 316 45.26 -49.19 36.62
CA VAL L 316 44.22 -49.96 37.30
C VAL L 316 43.44 -50.70 36.23
N GLY L 317 43.55 -52.03 36.24
CA GLY L 317 42.91 -52.82 35.20
C GLY L 317 43.50 -52.48 33.85
N ASN L 318 42.63 -52.12 32.91
CA ASN L 318 43.06 -51.71 31.59
C ASN L 318 43.17 -50.19 31.45
N THR L 319 43.05 -49.45 32.54
CA THR L 319 43.10 -47.98 32.49
C THR L 319 44.46 -47.51 32.97
N LEU L 320 45.09 -46.64 32.19
CA LEU L 320 46.40 -46.09 32.52
C LEU L 320 46.27 -44.60 32.80
N TYR L 321 46.63 -44.18 34.01
CA TYR L 321 46.61 -42.79 34.43
C TYR L 321 48.04 -42.27 34.55
N TYR L 322 48.25 -41.04 34.10
CA TYR L 322 49.46 -40.30 34.36
C TYR L 322 49.24 -39.41 35.58
N VAL L 323 50.11 -39.53 36.58
CA VAL L 323 49.95 -38.73 37.78
C VAL L 323 50.50 -37.33 37.51
N ASN L 324 49.95 -36.36 38.22
CA ASN L 324 50.44 -35.00 38.07
C ASN L 324 51.82 -34.88 38.70
N LYS L 325 52.77 -34.33 37.96
CA LYS L 325 54.14 -34.22 38.45
C LYS L 325 54.41 -32.87 39.10
N GLN L 326 53.48 -32.44 39.95
CA GLN L 326 53.67 -31.20 40.69
C GLN L 326 54.55 -31.47 41.91
N GLU L 327 55.37 -30.50 42.25
CA GLU L 327 56.30 -30.61 43.37
C GLU L 327 55.60 -30.20 44.66
N GLY L 328 55.69 -31.05 45.67
CA GLY L 328 55.02 -30.77 46.93
C GLY L 328 55.22 -31.92 47.90
N LYS L 329 54.81 -31.67 49.13
CA LYS L 329 54.95 -32.64 50.22
C LYS L 329 53.67 -33.47 50.32
N SER L 330 53.81 -34.78 50.28
CA SER L 330 52.70 -35.70 50.47
C SER L 330 52.92 -36.50 51.75
N LEU L 331 51.91 -36.51 52.61
CA LEU L 331 51.97 -37.18 53.90
C LEU L 331 50.88 -38.24 53.97
N TYR L 332 51.25 -39.45 54.40
CA TYR L 332 50.32 -40.58 54.49
C TYR L 332 49.83 -40.68 55.92
N VAL L 333 48.53 -40.48 56.12
CA VAL L 333 47.92 -40.52 57.43
C VAL L 333 47.27 -41.89 57.61
N LYS L 334 47.85 -42.72 58.47
CA LYS L 334 47.26 -44.03 58.74
C LYS L 334 45.90 -43.88 59.42
N GLY L 335 45.21 -45.01 59.50
CA GLY L 335 43.90 -45.07 60.13
C GLY L 335 43.15 -46.33 59.74
N GLU L 336 42.32 -46.82 60.65
CA GLU L 336 41.51 -48.00 60.34
C GLU L 336 40.43 -47.61 59.33
N PRO L 337 40.30 -48.33 58.22
CA PRO L 337 39.22 -48.02 57.27
C PRO L 337 37.87 -48.14 57.95
N ILE L 338 37.09 -47.05 57.91
CA ILE L 338 35.86 -46.98 58.68
C ILE L 338 34.84 -48.00 58.23
N ILE L 339 34.97 -48.53 57.00
CA ILE L 339 34.03 -49.52 56.51
C ILE L 339 34.08 -50.79 57.35
N ASN L 340 35.21 -51.04 58.02
CA ASN L 340 35.33 -52.18 58.93
C ASN L 340 34.58 -51.97 60.24
N PHE L 341 34.18 -50.75 60.55
CA PHE L 341 33.45 -50.44 61.76
C PHE L 341 31.98 -50.81 61.68
N TYR L 342 31.50 -51.26 60.53
CA TYR L 342 30.09 -51.53 60.31
C TYR L 342 29.83 -53.02 60.19
N ASP L 343 28.64 -53.43 60.62
CA ASP L 343 28.20 -54.80 60.43
C ASP L 343 27.48 -54.89 59.09
N PRO L 344 27.91 -55.78 58.18
CA PRO L 344 27.32 -55.80 56.83
C PRO L 344 25.88 -56.27 56.79
N LEU L 345 25.33 -56.73 57.91
CA LEU L 345 23.97 -57.27 57.92
C LEU L 345 22.90 -56.21 58.06
N VAL L 346 23.24 -55.01 58.54
CA VAL L 346 22.26 -53.95 58.73
C VAL L 346 22.76 -52.67 58.08
N PHE L 347 23.69 -52.81 57.16
CA PHE L 347 24.29 -51.64 56.51
C PHE L 347 23.39 -51.19 55.36
N PRO L 348 22.89 -49.95 55.38
CA PRO L 348 22.04 -49.48 54.28
C PRO L 348 22.83 -49.41 52.98
N SER L 349 22.48 -50.26 52.02
CA SER L 349 23.24 -50.37 50.78
C SER L 349 22.70 -49.46 49.68
N ASP L 350 21.58 -48.81 49.91
CA ASP L 350 21.00 -47.85 48.97
C ASP L 350 21.01 -46.47 49.64
N GLU L 351 22.11 -45.75 49.52
CA GLU L 351 22.23 -44.40 50.08
C GLU L 351 23.08 -43.58 49.12
N PHE L 352 22.48 -42.50 48.59
CA PHE L 352 23.18 -41.57 47.72
C PHE L 352 23.36 -40.22 48.40
N ASP L 353 22.27 -39.56 48.80
CA ASP L 353 22.32 -38.30 49.55
C ASP L 353 22.24 -38.60 51.04
N ALA L 354 23.29 -39.25 51.53
CA ALA L 354 23.33 -39.72 52.91
C ALA L 354 24.37 -38.93 53.71
N SER L 355 24.51 -39.31 54.97
CA SER L 355 25.50 -38.71 55.85
C SER L 355 25.86 -39.74 56.91
N ILE L 356 26.89 -39.42 57.71
CA ILE L 356 27.37 -40.38 58.70
C ILE L 356 26.31 -40.65 59.77
N SER L 357 25.68 -39.60 60.28
CA SER L 357 24.66 -39.78 61.31
C SER L 357 23.35 -40.29 60.74
N GLN L 358 23.02 -39.94 59.49
CA GLN L 358 21.81 -40.48 58.88
C GLN L 358 21.91 -42.00 58.72
N VAL L 359 23.10 -42.49 58.37
CA VAL L 359 23.30 -43.92 58.28
C VAL L 359 23.33 -44.55 59.66
N ASN L 360 23.93 -43.85 60.64
CA ASN L 360 23.92 -44.40 61.99
C ASN L 360 22.51 -44.47 62.56
N GLU L 361 21.62 -43.55 62.17
CA GLU L 361 20.26 -43.62 62.66
C GLU L 361 19.46 -44.70 61.94
N LYS L 362 19.70 -44.93 60.64
CA LYS L 362 19.04 -46.07 60.02
C LYS L 362 19.54 -47.40 60.61
N ILE L 363 20.80 -47.45 61.05
CA ILE L 363 21.30 -48.68 61.66
C ILE L 363 20.71 -48.83 63.06
N ASN L 364 20.63 -47.74 63.82
CA ASN L 364 19.95 -47.78 65.11
C ASN L 364 18.50 -48.21 64.95
N GLN L 365 17.87 -47.82 63.83
CA GLN L 365 16.49 -48.21 63.55
C GLN L 365 16.37 -49.71 63.29
N SER L 366 17.26 -50.27 62.46
CA SER L 366 17.22 -51.71 62.21
C SER L 366 17.52 -52.50 63.49
N LEU L 367 18.48 -52.01 64.29
CA LEU L 367 18.73 -52.64 65.58
C LEU L 367 17.47 -52.62 66.43
N ALA L 368 16.71 -51.52 66.35
CA ALA L 368 15.44 -51.43 67.06
C ALA L 368 14.42 -52.44 66.53
N PHE L 369 14.31 -52.57 65.20
CA PHE L 369 13.31 -53.46 64.63
C PHE L 369 13.60 -54.92 64.98
N ILE L 370 14.87 -55.29 65.10
CA ILE L 370 15.18 -56.67 65.47
C ILE L 370 15.02 -56.85 66.98
N ARG L 371 15.39 -55.84 67.76
CA ARG L 371 15.15 -55.87 69.20
C ARG L 371 13.66 -55.87 69.50
N LYS L 372 12.84 -55.37 68.58
CA LYS L 372 11.39 -55.38 68.76
C LYS L 372 10.82 -56.74 68.40
N SER L 373 11.34 -57.36 67.33
CA SER L 373 10.83 -58.67 66.98
C SER L 373 11.17 -59.69 68.06
N ASP L 374 12.39 -59.66 68.58
CA ASP L 374 12.71 -60.60 69.64
C ASP L 374 12.06 -60.19 70.98
N GLU L 375 11.84 -58.90 71.25
CA GLU L 375 11.18 -58.58 72.50
C GLU L 375 9.70 -58.95 72.50
N LEU L 376 9.06 -58.93 71.33
CA LEU L 376 7.66 -59.34 71.29
C LEU L 376 7.54 -60.85 71.27
N LEU L 377 8.41 -61.56 70.55
CA LEU L 377 8.34 -63.02 70.56
C LEU L 377 8.79 -63.60 71.91
N SER L 378 9.76 -62.96 72.56
CA SER L 378 10.32 -63.43 73.83
C SER L 378 9.63 -62.83 75.06
N ALA L 379 8.60 -62.02 74.89
CA ALA L 379 7.72 -61.76 76.03
C ALA L 379 6.61 -62.81 76.16
N ILE L 380 6.17 -63.43 75.07
CA ILE L 380 5.10 -64.43 75.11
C ILE L 380 5.77 -65.80 75.24
N GLY L 381 5.90 -66.26 76.49
CA GLY L 381 6.44 -67.59 76.75
C GLY L 381 5.36 -68.58 77.11
N GLY L 382 4.34 -68.13 77.83
CA GLY L 382 3.20 -68.96 78.18
C GLY L 382 1.99 -68.58 77.34
N TYR L 383 1.31 -69.61 76.83
CA TYR L 383 0.22 -69.43 75.88
C TYR L 383 -1.15 -69.71 76.47
N ILE L 384 -1.35 -70.90 77.04
CA ILE L 384 -2.65 -71.36 77.55
C ILE L 384 -3.67 -71.34 76.42
N PRO L 385 -3.61 -72.28 75.48
CA PRO L 385 -4.61 -72.32 74.41
C PRO L 385 -5.87 -73.05 74.83
N GLU L 386 -6.96 -72.75 74.12
CA GLU L 386 -8.28 -73.22 74.50
C GLU L 386 -8.40 -74.74 74.37
N ALA L 387 -9.36 -75.29 75.12
CA ALA L 387 -9.70 -76.70 75.22
C ALA L 387 -10.67 -77.13 74.12
N PRO L 388 -11.02 -78.42 74.00
CA PRO L 388 -11.98 -78.82 72.96
C PRO L 388 -13.33 -78.12 73.03
N ARG L 389 -13.91 -78.01 74.23
CA ARG L 389 -15.25 -77.41 74.40
C ARG L 389 -16.30 -78.09 73.54
N GLU L 400 -2.98 -81.40 80.46
CA GLU L 400 -2.49 -80.08 80.85
C GLU L 400 -3.53 -79.00 80.64
N TRP L 401 -4.80 -79.33 80.89
CA TRP L 401 -5.87 -78.34 80.83
C TRP L 401 -6.91 -78.66 81.90
N VAL L 402 -7.36 -77.64 82.63
CA VAL L 402 -8.12 -77.95 83.85
C VAL L 402 -9.56 -78.31 83.53
N LEU L 403 -10.18 -77.64 82.56
CA LEU L 403 -11.62 -77.74 82.38
C LEU L 403 -11.99 -79.09 81.77
N LEU L 404 -11.57 -80.13 82.48
CA LEU L 404 -12.15 -81.45 82.42
C LEU L 404 -12.98 -81.78 83.65
N SER L 405 -12.69 -81.12 84.78
CA SER L 405 -13.33 -81.39 86.06
C SER L 405 -13.31 -82.88 86.37
N THR L 406 -14.49 -83.48 86.47
CA THR L 406 -14.64 -84.90 86.76
C THR L 406 -13.85 -85.27 88.01
N PHE L 407 -14.35 -84.78 89.14
CA PHE L 407 -13.76 -85.08 90.44
C PHE L 407 -14.87 -84.97 91.47
N LEU L 408 -15.13 -86.06 92.20
CA LEU L 408 -16.19 -86.09 93.20
C LEU L 408 -15.88 -87.13 94.28
N GLU M 1 -17.02 20.93 -71.60
CA GLU M 1 -17.47 22.31 -71.60
C GLU M 1 -16.31 23.28 -71.76
N VAL M 2 -15.31 23.16 -70.89
CA VAL M 2 -14.13 24.03 -70.95
C VAL M 2 -13.19 23.53 -72.03
N GLN M 3 -12.84 24.40 -72.97
CA GLN M 3 -11.98 24.02 -74.08
C GLN M 3 -11.17 25.22 -74.56
N LEU M 4 -9.91 24.93 -74.90
CA LEU M 4 -8.97 25.87 -75.50
C LEU M 4 -8.45 25.23 -76.77
N VAL M 5 -8.67 25.86 -77.91
CA VAL M 5 -8.23 25.32 -79.19
C VAL M 5 -7.31 26.33 -79.86
N GLU M 6 -6.03 26.00 -79.94
CA GLU M 6 -5.07 26.85 -80.63
C GLU M 6 -4.98 26.46 -82.10
N SER M 7 -4.74 27.47 -82.94
CA SER M 7 -4.71 27.31 -84.38
C SER M 7 -3.75 28.33 -84.97
N GLY M 8 -3.33 28.10 -86.20
CA GLY M 8 -2.45 29.01 -86.89
C GLY M 8 -1.01 28.54 -86.98
N GLY M 9 -0.70 27.33 -86.51
CA GLY M 9 0.64 26.81 -86.58
C GLY M 9 0.98 26.33 -87.98
N GLY M 10 2.15 25.70 -88.08
CA GLY M 10 2.59 25.14 -89.34
C GLY M 10 3.99 25.54 -89.74
N LEU M 11 4.26 25.59 -91.04
CA LEU M 11 5.60 25.88 -91.54
C LEU M 11 5.79 27.37 -91.74
N VAL M 12 6.99 27.87 -91.42
CA VAL M 12 7.29 29.29 -91.59
C VAL M 12 8.79 29.47 -91.76
N ARG M 13 9.18 30.34 -92.70
CA ARG M 13 10.57 30.60 -92.99
C ARG M 13 11.24 31.43 -91.89
N PRO M 14 12.53 31.20 -91.64
CA PRO M 14 13.24 31.92 -90.56
C PRO M 14 13.35 33.40 -90.84
N GLY M 15 12.71 34.19 -89.99
CA GLY M 15 12.82 35.64 -90.06
C GLY M 15 11.51 36.33 -90.36
N ARG M 16 10.47 35.57 -90.69
CA ARG M 16 9.17 36.14 -91.01
C ARG M 16 8.27 36.13 -89.79
N SER M 17 6.96 36.10 -89.99
CA SER M 17 5.99 36.29 -88.92
C SER M 17 4.86 35.27 -89.05
N LEU M 18 4.33 34.86 -87.89
CA LEU M 18 3.21 33.93 -87.84
C LEU M 18 2.38 34.22 -86.59
N ARG M 19 1.07 34.22 -86.73
CA ARG M 19 0.16 34.57 -85.62
C ARG M 19 -0.63 33.35 -85.18
N LEU M 20 -0.41 32.92 -83.93
CA LEU M 20 -1.20 31.86 -83.33
C LEU M 20 -2.44 32.44 -82.66
N SER M 21 -3.54 31.69 -82.70
CA SER M 21 -4.83 32.14 -82.20
C SER M 21 -5.47 31.05 -81.34
N CYS M 22 -5.79 31.37 -80.10
CA CYS M 22 -6.40 30.44 -79.16
C CYS M 22 -7.85 30.81 -78.93
N THR M 23 -8.76 29.91 -79.32
CA THR M 23 -10.19 30.11 -79.13
C THR M 23 -10.62 29.46 -77.82
N VAL M 24 -11.30 30.25 -77.00
CA VAL M 24 -11.73 29.86 -75.66
C VAL M 24 -13.24 29.61 -75.69
N SER M 25 -13.68 28.51 -75.09
CA SER M 25 -15.12 28.25 -75.02
C SER M 25 -15.42 27.42 -73.78
N GLY M 26 -16.24 27.94 -72.88
CA GLY M 26 -16.63 27.17 -71.72
C GLY M 26 -16.65 27.94 -70.42
N PHE M 27 -16.08 29.14 -70.41
CA PHE M 27 -16.02 29.97 -69.22
C PHE M 27 -15.92 31.42 -69.67
N SER M 28 -15.92 32.34 -68.69
CA SER M 28 -15.84 33.75 -69.01
C SER M 28 -14.43 34.09 -69.43
N PHE M 29 -14.28 34.55 -70.68
CA PHE M 29 -12.94 34.83 -71.19
C PHE M 29 -12.40 36.17 -70.69
N ASP M 30 -13.26 37.17 -70.52
CA ASP M 30 -12.80 38.49 -70.10
C ASP M 30 -12.31 38.48 -68.66
N ASP M 31 -12.91 37.66 -67.81
CA ASP M 31 -12.56 37.67 -66.38
C ASP M 31 -11.25 36.95 -66.10
N SER M 32 -10.77 36.11 -67.01
CA SER M 32 -9.61 35.26 -66.80
C SER M 32 -8.41 35.75 -67.60
N ALA M 33 -7.23 35.27 -67.20
CA ALA M 33 -5.98 35.63 -67.84
C ALA M 33 -5.41 34.44 -68.60
N MET M 34 -4.76 34.73 -69.72
CA MET M 34 -4.30 33.70 -70.64
C MET M 34 -2.78 33.66 -70.69
N SER M 35 -2.24 32.50 -71.03
CA SER M 35 -0.79 32.34 -71.10
C SER M 35 -0.43 31.43 -72.27
N TRP M 36 0.77 31.63 -72.81
CA TRP M 36 1.31 30.84 -73.89
C TRP M 36 2.57 30.13 -73.41
N VAL M 37 2.60 28.81 -73.60
CA VAL M 37 3.73 27.97 -73.18
C VAL M 37 4.09 27.06 -74.34
N ARG M 38 5.37 27.00 -74.69
CA ARG M 38 5.80 26.15 -75.78
C ARG M 38 6.74 25.07 -75.27
N GLN M 39 6.89 24.02 -76.09
CA GLN M 39 7.78 22.90 -75.79
C GLN M 39 8.55 22.56 -77.05
N ALA M 40 9.87 22.71 -77.01
CA ALA M 40 10.70 22.39 -78.15
C ALA M 40 10.79 20.88 -78.33
N PRO M 41 11.01 20.41 -79.56
CA PRO M 41 11.11 18.95 -79.78
C PRO M 41 12.27 18.35 -79.00
N GLY M 42 11.94 17.44 -78.10
CA GLY M 42 12.93 16.80 -77.27
C GLY M 42 13.31 17.57 -76.03
N LYS M 43 13.00 18.85 -75.97
CA LYS M 43 13.33 19.72 -74.85
C LYS M 43 12.11 19.87 -73.95
N GLY M 44 12.33 20.45 -72.78
CA GLY M 44 11.28 20.60 -71.79
C GLY M 44 10.34 21.76 -72.08
N LEU M 45 9.50 22.05 -71.08
CA LEU M 45 8.53 23.12 -71.19
C LEU M 45 9.20 24.47 -70.97
N GLU M 46 8.81 25.46 -71.76
CA GLU M 46 9.31 26.83 -71.62
C GLU M 46 8.14 27.79 -71.59
N TRP M 47 8.04 28.57 -70.51
CA TRP M 47 7.00 29.57 -70.39
C TRP M 47 7.34 30.77 -71.27
N ILE M 48 6.38 31.22 -72.07
CA ILE M 48 6.62 32.23 -73.10
C ILE M 48 5.93 33.56 -72.76
N SER M 49 4.60 33.57 -72.72
CA SER M 49 3.89 34.84 -72.61
C SER M 49 2.69 34.73 -71.69
N PHE M 50 2.12 35.89 -71.36
CA PHE M 50 1.02 35.97 -70.40
C PHE M 50 0.32 37.30 -70.57
N ILE M 51 -1.00 37.29 -70.69
CA ILE M 51 -1.80 38.51 -70.73
C ILE M 51 -2.85 38.44 -69.62
N LYS M 52 -2.94 39.48 -68.82
CA LYS M 52 -3.86 39.52 -67.69
C LYS M 52 -5.26 39.92 -68.15
N SER M 53 -6.20 39.82 -67.21
CA SER M 53 -7.59 40.10 -67.47
C SER M 53 -7.82 41.58 -67.79
N LYS M 54 -8.99 41.85 -68.36
CA LYS M 54 -9.37 43.24 -68.66
C LYS M 54 -9.43 44.07 -67.38
N THR M 55 -9.86 43.45 -66.27
CA THR M 55 -9.94 44.15 -64.99
C THR M 55 -8.59 44.61 -64.47
N TYR M 56 -7.49 43.95 -64.86
CA TYR M 56 -6.19 44.24 -64.28
C TYR M 56 -5.24 44.93 -65.26
N GLY M 57 -5.79 45.66 -66.23
CA GLY M 57 -4.98 46.48 -67.10
C GLY M 57 -4.61 45.91 -68.45
N GLY M 58 -4.91 44.63 -68.70
CA GLY M 58 -4.50 44.05 -69.97
C GLY M 58 -3.00 43.91 -70.13
N THR M 59 -2.30 43.64 -69.03
CA THR M 59 -0.84 43.75 -68.99
C THR M 59 -0.19 42.52 -69.63
N LYS M 60 0.65 42.77 -70.63
CA LYS M 60 1.38 41.72 -71.33
C LYS M 60 2.74 41.52 -70.66
N GLU M 61 3.03 40.29 -70.25
CA GLU M 61 4.31 39.90 -69.68
C GLU M 61 4.92 38.81 -70.54
N TYR M 62 6.14 39.04 -71.00
CA TYR M 62 6.84 38.12 -71.87
C TYR M 62 8.07 37.55 -71.17
N ALA M 63 8.65 36.53 -71.79
CA ALA M 63 9.88 35.94 -71.30
C ALA M 63 11.08 36.58 -72.00
N ALA M 64 12.26 36.38 -71.41
CA ALA M 64 13.46 37.01 -71.94
C ALA M 64 13.81 36.49 -73.32
N SER M 65 13.49 35.22 -73.60
CA SER M 65 13.87 34.63 -74.87
C SER M 65 13.08 35.20 -76.05
N VAL M 66 11.87 35.72 -75.79
CA VAL M 66 11.01 36.19 -76.86
C VAL M 66 10.62 37.66 -76.69
N LYS M 67 11.18 38.34 -75.69
CA LYS M 67 10.82 39.72 -75.44
C LYS M 67 11.27 40.62 -76.60
N GLY M 68 10.33 41.41 -77.12
CA GLY M 68 10.60 42.26 -78.25
C GLY M 68 10.31 41.63 -79.59
N ARG M 69 10.26 40.31 -79.65
CA ARG M 69 9.95 39.56 -80.86
C ARG M 69 8.50 39.07 -80.88
N PHE M 70 8.01 38.55 -79.76
CA PHE M 70 6.63 38.09 -79.66
C PHE M 70 5.74 39.18 -79.05
N THR M 71 4.45 39.09 -79.35
CA THR M 71 3.47 40.06 -78.89
C THR M 71 2.17 39.33 -78.59
N ILE M 72 1.71 39.41 -77.35
CA ILE M 72 0.47 38.74 -76.99
C ILE M 72 -0.66 39.77 -77.04
N SER M 73 -1.86 39.30 -77.36
CA SER M 73 -3.00 40.19 -77.43
C SER M 73 -4.25 39.37 -77.16
N ARG M 74 -5.36 40.07 -76.95
CA ARG M 74 -6.63 39.37 -76.75
C ARG M 74 -7.74 40.20 -77.37
N ASP M 75 -8.76 39.49 -77.87
CA ASP M 75 -9.98 40.08 -78.41
C ASP M 75 -11.10 39.45 -77.58
N ASP M 76 -11.54 40.20 -76.58
CA ASP M 76 -12.59 39.78 -75.66
C ASP M 76 -13.96 39.77 -76.33
N SER M 77 -14.13 40.48 -77.43
CA SER M 77 -15.43 40.51 -78.10
C SER M 77 -15.78 39.16 -78.71
N LYS M 78 -14.77 38.38 -79.10
CA LYS M 78 -14.98 37.10 -79.74
C LYS M 78 -14.32 35.94 -78.98
N ASN M 79 -13.88 36.17 -77.75
CA ASN M 79 -13.25 35.14 -76.91
C ASN M 79 -12.08 34.48 -77.64
N ILE M 80 -11.04 35.29 -77.90
CA ILE M 80 -9.88 34.75 -78.59
C ILE M 80 -8.63 35.46 -78.10
N ALA M 81 -7.49 34.75 -78.12
CA ALA M 81 -6.22 35.30 -77.66
C ALA M 81 -5.13 35.00 -78.67
N TYR M 82 -4.40 36.04 -79.09
CA TYR M 82 -3.40 35.90 -80.13
C TYR M 82 -1.99 35.95 -79.55
N LEU M 83 -1.08 35.31 -80.28
CA LEU M 83 0.36 35.35 -80.02
C LEU M 83 1.01 35.61 -81.37
N GLN M 84 1.41 36.85 -81.60
CA GLN M 84 2.09 37.27 -82.82
C GLN M 84 3.58 37.01 -82.67
N MET M 85 4.11 36.12 -83.50
CA MET M 85 5.52 35.76 -83.47
C MET M 85 6.18 36.46 -84.65
N ASN M 86 7.01 37.45 -84.36
CA ASN M 86 7.75 38.19 -85.36
C ASN M 86 9.23 37.88 -85.21
N SER M 87 9.96 38.00 -86.32
CA SER M 87 11.40 37.72 -86.34
C SER M 87 11.69 36.35 -85.73
N LEU M 88 11.12 35.34 -86.36
CA LEU M 88 11.20 33.97 -85.86
C LEU M 88 12.58 33.38 -86.10
N LYS M 89 13.08 32.66 -85.11
CA LYS M 89 14.34 31.95 -85.24
C LYS M 89 14.06 30.47 -85.47
N THR M 90 15.13 29.73 -85.77
CA THR M 90 14.99 28.29 -85.92
C THR M 90 14.72 27.60 -84.60
N GLU M 91 15.12 28.20 -83.47
CA GLU M 91 14.84 27.62 -82.17
C GLU M 91 13.37 27.68 -81.81
N ASP M 92 12.59 28.52 -82.49
CA ASP M 92 11.18 28.65 -82.19
C ASP M 92 10.35 27.49 -82.70
N THR M 93 10.96 26.55 -83.42
CA THR M 93 10.26 25.34 -83.84
C THR M 93 9.88 24.55 -82.59
N ALA M 94 8.58 24.42 -82.31
CA ALA M 94 8.13 23.80 -81.08
C ALA M 94 6.62 23.59 -81.17
N VAL M 95 6.07 22.95 -80.14
CA VAL M 95 4.63 22.83 -79.97
C VAL M 95 4.18 23.92 -79.02
N TYR M 96 3.24 24.75 -79.48
CA TYR M 96 2.75 25.89 -78.71
C TYR M 96 1.39 25.55 -78.12
N TYR M 97 1.31 25.63 -76.78
CA TYR M 97 0.10 25.38 -76.01
C TYR M 97 -0.46 26.69 -75.48
N CYS M 98 -1.78 26.77 -75.42
CA CYS M 98 -2.52 27.88 -74.86
C CYS M 98 -3.09 27.44 -73.52
N THR M 99 -2.84 28.21 -72.47
CA THR M 99 -3.25 27.86 -71.12
C THR M 99 -4.02 29.02 -70.51
N ARG M 100 -4.71 28.72 -69.41
CA ARG M 100 -5.42 29.76 -68.66
C ARG M 100 -4.83 29.82 -67.25
N GLY M 101 -4.37 31.01 -66.86
CA GLY M 101 -3.80 31.21 -65.53
C GLY M 101 -4.87 31.30 -64.45
N ALA M 102 -4.68 30.54 -63.37
CA ALA M 102 -5.67 30.47 -62.31
C ALA M 102 -5.31 31.41 -61.17
N PRO M 103 -6.13 32.41 -60.87
CA PRO M 103 -5.81 33.34 -59.78
C PRO M 103 -5.90 32.67 -58.42
N TYR M 104 -5.13 33.23 -57.47
CA TYR M 104 -5.07 32.67 -56.12
C TYR M 104 -6.42 32.60 -55.44
N GLY M 105 -7.40 33.37 -55.92
CA GLY M 105 -8.76 33.22 -55.47
C GLY M 105 -9.67 33.08 -56.67
N GLY M 106 -10.96 33.39 -56.52
CA GLY M 106 -11.82 33.48 -57.70
C GLY M 106 -11.31 34.54 -58.67
N ASN M 107 -10.90 35.69 -58.14
CA ASN M 107 -10.34 36.77 -58.94
C ASN M 107 -9.26 37.46 -58.13
N SER M 108 -8.02 37.41 -58.61
CA SER M 108 -6.89 38.04 -57.96
C SER M 108 -5.75 38.13 -58.94
N ASP M 109 -4.91 39.15 -58.78
CA ASP M 109 -3.76 39.30 -59.67
C ASP M 109 -2.57 38.45 -59.24
N TYR M 110 -2.79 37.47 -58.36
CA TYR M 110 -1.76 36.51 -57.98
C TYR M 110 -2.25 35.13 -58.42
N TYR M 111 -1.40 34.43 -59.17
CA TYR M 111 -1.78 33.20 -59.84
C TYR M 111 -0.98 32.04 -59.28
N TYR M 112 -1.65 30.91 -59.15
CA TYR M 112 -1.04 29.77 -58.50
C TYR M 112 -0.63 28.66 -59.44
N GLY M 113 -1.19 28.64 -60.65
CA GLY M 113 -0.94 27.57 -61.59
C GLY M 113 -1.66 27.85 -62.87
N LEU M 114 -1.50 26.93 -63.81
CA LEU M 114 -2.18 26.98 -65.10
C LEU M 114 -3.29 25.94 -65.10
N ASP M 115 -4.54 26.39 -64.95
CA ASP M 115 -5.68 25.49 -64.84
C ASP M 115 -5.88 24.66 -66.09
N VAL M 116 -6.34 25.30 -67.15
CA VAL M 116 -6.72 24.63 -68.39
C VAL M 116 -5.58 24.74 -69.38
N TRP M 117 -5.39 23.67 -70.14
CA TRP M 117 -4.37 23.56 -71.17
C TRP M 117 -5.02 23.16 -72.49
N GLY M 118 -4.61 23.83 -73.57
CA GLY M 118 -4.98 23.37 -74.89
C GLY M 118 -4.17 22.16 -75.31
N GLN M 119 -4.59 21.53 -76.40
CA GLN M 119 -3.87 20.35 -76.87
C GLN M 119 -2.58 20.70 -77.61
N GLY M 120 -2.44 21.94 -78.07
CA GLY M 120 -1.20 22.42 -78.66
C GLY M 120 -1.23 22.37 -80.17
N THR M 121 -0.44 23.25 -80.79
CA THR M 121 -0.27 23.27 -82.24
C THR M 121 1.22 23.32 -82.57
N THR M 122 1.62 22.60 -83.62
CA THR M 122 3.04 22.48 -83.96
C THR M 122 3.46 23.57 -84.93
N VAL M 123 4.57 24.22 -84.64
CA VAL M 123 5.15 25.26 -85.48
C VAL M 123 6.57 24.85 -85.85
N THR M 124 6.85 24.79 -87.15
CA THR M 124 8.16 24.42 -87.67
C THR M 124 8.74 25.61 -88.40
N VAL M 125 9.90 26.08 -87.94
CA VAL M 125 10.60 27.20 -88.56
C VAL M 125 11.85 26.63 -89.22
N SER M 126 11.84 26.55 -90.54
CA SER M 126 12.99 26.05 -91.27
C SER M 126 12.99 26.64 -92.67
N SER M 127 14.19 26.93 -93.18
CA SER M 127 14.37 27.47 -94.52
C SER M 127 14.23 26.41 -95.60
N ALA M 128 14.16 25.13 -95.23
CA ALA M 128 14.20 24.06 -96.22
C ALA M 128 12.83 23.88 -96.86
N SER M 129 12.85 23.42 -98.11
CA SER M 129 11.65 23.22 -98.90
C SER M 129 11.25 21.75 -98.92
N THR M 130 10.02 21.51 -99.40
CA THR M 130 9.46 20.16 -99.39
C THR M 130 10.33 19.22 -100.22
N LYS M 131 10.69 18.09 -99.62
CA LYS M 131 11.57 17.10 -100.25
C LYS M 131 11.15 15.71 -99.83
N GLY M 132 11.07 14.81 -100.81
CA GLY M 132 10.76 13.43 -100.53
C GLY M 132 11.95 12.74 -99.92
N PRO M 133 11.75 11.54 -99.37
CA PRO M 133 12.85 10.83 -98.70
C PRO M 133 13.58 9.91 -99.64
N SER M 134 14.82 9.60 -99.27
CA SER M 134 15.64 8.62 -99.97
C SER M 134 15.76 7.39 -99.08
N VAL M 135 15.30 6.24 -99.57
CA VAL M 135 15.28 5.01 -98.78
C VAL M 135 16.45 4.12 -99.19
N PHE M 136 17.23 3.69 -98.20
CA PHE M 136 18.38 2.82 -98.44
C PHE M 136 18.30 1.58 -97.56
N PRO M 137 18.63 0.41 -98.09
CA PRO M 137 18.49 -0.83 -97.31
C PRO M 137 19.62 -1.02 -96.31
N LEU M 138 19.25 -1.48 -95.11
CA LEU M 138 20.19 -1.89 -94.07
C LEU M 138 20.16 -3.41 -94.01
N ALA M 139 20.98 -4.06 -94.86
CA ALA M 139 21.03 -5.50 -95.03
C ALA M 139 21.87 -6.18 -93.93
N PRO M 140 21.50 -7.40 -93.54
CA PRO M 140 22.28 -8.12 -92.52
C PRO M 140 23.42 -8.92 -93.14
N SER M 141 24.65 -8.40 -93.07
CA SER M 141 25.81 -9.07 -93.65
C SER M 141 26.50 -10.02 -92.68
N SER M 142 25.89 -10.29 -91.52
CA SER M 142 26.48 -11.15 -90.49
C SER M 142 25.67 -12.44 -90.39
N LYS M 143 26.24 -13.54 -90.88
CA LYS M 143 25.62 -14.86 -90.81
C LYS M 143 24.21 -14.87 -91.41
N GLY M 148 21.26 -17.05 -84.36
CA GLY M 148 19.92 -17.00 -83.82
C GLY M 148 18.96 -16.15 -84.62
N THR M 149 18.91 -14.86 -84.31
CA THR M 149 18.05 -13.88 -84.97
C THR M 149 18.89 -12.76 -85.59
N ALA M 150 18.53 -12.36 -86.81
CA ALA M 150 19.23 -11.30 -87.52
C ALA M 150 18.32 -10.09 -87.63
N ALA M 151 18.94 -8.92 -87.83
CA ALA M 151 18.23 -7.66 -87.88
C ALA M 151 18.49 -6.96 -89.20
N LEU M 152 17.45 -6.38 -89.77
CA LEU M 152 17.56 -5.62 -91.01
C LEU M 152 16.67 -4.39 -90.91
N GLY M 153 16.83 -3.48 -91.85
CA GLY M 153 16.02 -2.27 -91.76
C GLY M 153 16.11 -1.39 -92.98
N CYS M 154 15.60 -0.17 -92.82
CA CYS M 154 15.61 0.85 -93.85
C CYS M 154 16.08 2.18 -93.27
N LEU M 155 16.79 2.93 -94.10
CA LEU M 155 17.30 4.26 -93.77
C LEU M 155 16.52 5.26 -94.61
N VAL M 156 15.65 6.03 -93.96
CA VAL M 156 14.87 7.07 -94.61
C VAL M 156 15.63 8.37 -94.38
N LYS M 157 16.36 8.83 -95.41
CA LYS M 157 17.28 9.93 -95.25
C LYS M 157 16.84 11.15 -96.05
N ASP M 158 17.14 12.32 -95.49
CA ASP M 158 17.02 13.61 -96.16
C ASP M 158 15.63 13.88 -96.68
N TYR M 159 14.72 14.31 -95.81
CA TYR M 159 13.37 14.65 -96.20
C TYR M 159 12.88 15.82 -95.35
N PHE M 160 11.90 16.54 -95.90
CA PHE M 160 11.33 17.71 -95.22
C PHE M 160 9.96 17.98 -95.81
N PRO M 161 8.95 18.29 -94.98
CA PRO M 161 9.02 18.31 -93.52
C PRO M 161 8.51 17.01 -92.89
N GLU M 162 8.42 17.00 -91.55
CA GLU M 162 7.87 15.85 -90.85
C GLU M 162 6.40 15.66 -91.20
N PRO M 163 5.87 14.43 -91.06
CA PRO M 163 6.55 13.19 -90.73
C PRO M 163 6.56 12.19 -91.88
N VAL M 164 6.92 10.94 -91.57
CA VAL M 164 6.94 9.87 -92.55
C VAL M 164 6.39 8.62 -91.87
N THR M 165 5.64 7.81 -92.62
CA THR M 165 5.10 6.56 -92.10
C THR M 165 5.85 5.38 -92.71
N VAL M 166 6.34 4.49 -91.86
CA VAL M 166 7.10 3.32 -92.30
C VAL M 166 6.36 2.08 -91.85
N SER M 167 6.08 1.18 -92.80
CA SER M 167 5.45 -0.10 -92.52
C SER M 167 6.28 -1.22 -93.13
N TRP M 168 6.08 -2.43 -92.63
CA TRP M 168 6.82 -3.60 -93.09
C TRP M 168 5.86 -4.63 -93.66
N ASN M 169 6.14 -5.09 -94.88
CA ASN M 169 5.34 -6.11 -95.56
C ASN M 169 3.87 -5.69 -95.63
N SER M 170 3.66 -4.41 -95.94
CA SER M 170 2.32 -3.84 -96.13
C SER M 170 1.46 -4.00 -94.88
N GLY M 171 2.09 -4.09 -93.71
CA GLY M 171 1.36 -4.22 -92.47
C GLY M 171 1.37 -5.62 -91.88
N ALA M 172 1.95 -6.61 -92.57
CA ALA M 172 1.97 -7.97 -92.06
C ALA M 172 3.00 -8.11 -90.95
N LEU M 173 4.16 -7.48 -91.10
CA LEU M 173 5.22 -7.56 -90.10
C LEU M 173 5.04 -6.42 -89.11
N THR M 174 4.83 -6.77 -87.85
CA THR M 174 4.64 -5.78 -86.78
C THR M 174 5.49 -6.09 -85.55
N SER M 175 5.65 -7.36 -85.21
CA SER M 175 6.40 -7.72 -84.01
C SER M 175 7.88 -7.49 -84.22
N GLY M 176 8.53 -6.84 -83.25
CA GLY M 176 9.95 -6.59 -83.33
C GLY M 176 10.36 -5.42 -84.19
N VAL M 177 9.43 -4.55 -84.57
CA VAL M 177 9.74 -3.40 -85.43
C VAL M 177 10.01 -2.19 -84.55
N HIS M 178 11.07 -1.46 -84.86
CA HIS M 178 11.44 -0.24 -84.14
C HIS M 178 11.71 0.86 -85.15
N THR M 179 10.77 1.80 -85.27
CA THR M 179 10.94 2.98 -86.11
C THR M 179 11.42 4.14 -85.22
N PHE M 180 12.69 4.49 -85.34
CA PHE M 180 13.30 5.47 -84.46
C PHE M 180 12.74 6.86 -84.73
N PRO M 181 12.76 7.75 -83.73
CA PRO M 181 12.30 9.12 -83.95
C PRO M 181 13.21 9.85 -84.93
N ALA M 182 12.64 10.81 -85.65
CA ALA M 182 13.40 11.55 -86.64
C ALA M 182 14.45 12.41 -85.96
N VAL M 183 15.56 12.62 -86.67
CA VAL M 183 16.65 13.47 -86.20
C VAL M 183 16.95 14.50 -87.27
N LEU M 184 17.02 15.77 -86.87
CA LEU M 184 17.32 16.86 -87.79
C LEU M 184 18.82 16.92 -88.04
N GLN M 185 19.22 16.75 -89.31
CA GLN M 185 20.62 16.82 -89.66
C GLN M 185 21.07 18.27 -89.80
N SER M 186 22.38 18.46 -89.92
CA SER M 186 22.94 19.82 -90.01
C SER M 186 22.47 20.55 -91.25
N SER M 187 22.00 19.84 -92.27
CA SER M 187 21.52 20.46 -93.50
C SER M 187 20.10 21.01 -93.37
N GLY M 188 19.42 20.78 -92.24
CA GLY M 188 18.06 21.21 -92.10
C GLY M 188 17.02 20.20 -92.52
N LEU M 189 17.45 19.03 -92.99
CA LEU M 189 16.55 17.97 -93.42
C LEU M 189 16.49 16.88 -92.35
N TYR M 190 15.38 16.16 -92.33
CA TYR M 190 15.20 15.12 -91.32
C TYR M 190 15.69 13.78 -91.86
N SER M 191 15.92 12.84 -90.95
CA SER M 191 16.42 11.53 -91.33
C SER M 191 16.22 10.55 -90.17
N LEU M 192 15.55 9.44 -90.43
CA LEU M 192 15.30 8.41 -89.44
C LEU M 192 15.64 7.03 -90.01
N SER M 193 15.64 6.04 -89.13
CA SER M 193 15.88 4.64 -89.51
C SER M 193 14.83 3.76 -88.84
N SER M 194 14.34 2.78 -89.59
CA SER M 194 13.33 1.84 -89.11
C SER M 194 13.86 0.42 -89.29
N VAL M 195 14.06 -0.29 -88.18
CA VAL M 195 14.66 -1.62 -88.21
C VAL M 195 13.66 -2.65 -87.69
N VAL M 196 14.02 -3.92 -87.85
CA VAL M 196 13.19 -5.04 -87.42
C VAL M 196 14.08 -6.27 -87.32
N THR M 197 13.86 -7.06 -86.26
CA THR M 197 14.55 -8.33 -86.06
C THR M 197 13.66 -9.49 -86.51
N VAL M 198 14.24 -10.40 -87.29
CA VAL M 198 13.54 -11.59 -87.77
C VAL M 198 14.46 -12.78 -87.57
N PRO M 199 13.89 -13.99 -87.47
CA PRO M 199 14.74 -15.19 -87.38
C PRO M 199 15.62 -15.36 -88.61
N SER M 200 16.84 -15.87 -88.38
CA SER M 200 17.80 -15.99 -89.47
C SER M 200 17.35 -17.01 -90.49
N SER M 201 16.57 -18.01 -90.09
CA SER M 201 16.13 -19.06 -90.99
C SER M 201 15.04 -18.60 -91.95
N SER M 202 14.36 -17.50 -91.63
CA SER M 202 13.28 -16.99 -92.47
C SER M 202 13.78 -16.02 -93.54
N LEU M 203 15.09 -15.77 -93.60
CA LEU M 203 15.64 -14.86 -94.61
C LEU M 203 15.57 -15.45 -96.00
N GLY M 204 15.89 -16.74 -96.14
CA GLY M 204 15.94 -17.39 -97.44
C GLY M 204 14.57 -17.66 -98.05
N THR M 205 13.52 -17.64 -97.23
CA THR M 205 12.17 -17.93 -97.70
C THR M 205 11.31 -16.69 -97.80
N GLN M 206 11.24 -15.88 -96.74
CA GLN M 206 10.41 -14.68 -96.71
C GLN M 206 11.17 -13.45 -97.19
N THR M 207 10.47 -12.59 -97.92
CA THR M 207 10.99 -11.31 -98.42
C THR M 207 10.52 -10.18 -97.51
N TYR M 208 11.41 -9.21 -97.26
CA TYR M 208 11.11 -8.07 -96.42
C TYR M 208 11.20 -6.79 -97.24
N ILE M 209 10.09 -6.04 -97.30
CA ILE M 209 10.01 -4.80 -98.05
C ILE M 209 9.49 -3.73 -97.11
N CYS M 210 10.22 -2.62 -96.98
CA CYS M 210 9.72 -1.50 -96.19
C CYS M 210 9.01 -0.50 -97.08
N ASN M 211 7.88 0.02 -96.58
CA ASN M 211 7.02 0.95 -97.29
C ASN M 211 7.10 2.28 -96.54
N VAL M 212 7.75 3.26 -97.18
CA VAL M 212 8.00 4.57 -96.60
C VAL M 212 7.12 5.55 -97.34
N ASN M 213 6.20 6.20 -96.63
CA ASN M 213 5.23 7.11 -97.20
C ASN M 213 5.42 8.51 -96.63
N HIS M 214 5.36 9.52 -97.50
CA HIS M 214 5.60 10.91 -97.13
C HIS M 214 4.54 11.76 -97.85
N LYS M 215 3.43 12.02 -97.16
CA LYS M 215 2.35 12.76 -97.79
C LYS M 215 2.69 14.20 -98.18
N PRO M 216 3.46 14.97 -97.40
CA PRO M 216 3.74 16.35 -97.84
C PRO M 216 4.36 16.46 -99.23
N SER M 217 5.08 15.43 -99.69
CA SER M 217 5.62 15.44 -101.04
C SER M 217 5.03 14.37 -101.95
N ASN M 218 4.09 13.57 -101.46
CA ASN M 218 3.49 12.47 -102.21
C ASN M 218 4.57 11.53 -102.74
N THR M 219 5.38 11.03 -101.82
CA THR M 219 6.47 10.12 -102.16
C THR M 219 6.21 8.84 -101.38
N LYS M 220 5.90 7.76 -102.11
CA LYS M 220 5.74 6.43 -101.55
C LYS M 220 6.84 5.58 -102.18
N VAL M 221 7.72 5.03 -101.35
CA VAL M 221 8.86 4.27 -101.81
C VAL M 221 8.88 2.94 -101.06
N ASP M 222 8.90 1.85 -101.80
CA ASP M 222 9.02 0.51 -101.24
C ASP M 222 10.40 -0.01 -101.59
N LYS M 223 11.19 -0.27 -100.56
CA LYS M 223 12.55 -0.75 -100.73
C LYS M 223 12.61 -2.19 -100.24
N LYS M 224 12.98 -3.09 -101.14
CA LYS M 224 13.16 -4.49 -100.80
C LYS M 224 14.53 -4.65 -100.15
N VAL M 225 14.55 -5.21 -98.95
CA VAL M 225 15.78 -5.36 -98.18
C VAL M 225 16.23 -6.80 -98.30
N GLU M 226 17.38 -7.00 -98.93
CA GLU M 226 17.96 -8.33 -99.08
C GLU M 226 19.44 -8.26 -98.78
N PRO M 227 20.01 -9.34 -98.21
CA PRO M 227 21.43 -9.31 -97.81
C PRO M 227 22.40 -9.21 -98.97
N LYS M 228 23.69 -9.28 -98.65
CA LYS M 228 24.76 -9.27 -99.65
C LYS M 228 25.90 -10.17 -99.16
N SER M 229 27.06 -10.03 -99.80
CA SER M 229 28.24 -10.82 -99.43
C SER M 229 28.81 -10.39 -98.09
N ASP N 1 15.42 37.09 -62.97
CA ASP N 1 14.67 35.84 -63.08
C ASP N 1 15.06 34.87 -61.97
N ILE N 2 14.19 33.90 -61.68
CA ILE N 2 14.44 32.89 -60.67
C ILE N 2 14.78 31.57 -61.37
N GLN N 3 15.85 30.92 -60.90
CA GLN N 3 16.34 29.70 -61.53
C GLN N 3 15.69 28.48 -60.88
N MET N 4 15.23 27.55 -61.71
CA MET N 4 14.60 26.33 -61.22
C MET N 4 15.54 25.14 -61.46
N THR N 5 15.51 24.18 -60.54
CA THR N 5 16.37 23.00 -60.62
C THR N 5 15.61 21.78 -60.15
N GLN N 6 15.23 20.90 -61.09
CA GLN N 6 14.55 19.66 -60.76
C GLN N 6 15.56 18.53 -60.62
N SER N 7 15.36 17.70 -59.59
CA SER N 7 16.26 16.60 -59.28
C SER N 7 15.47 15.39 -58.81
N PRO N 8 15.72 14.20 -59.38
CA PRO N 8 16.67 14.01 -60.47
C PRO N 8 16.00 14.16 -61.83
N SER N 9 16.80 14.15 -62.89
CA SER N 9 16.24 14.23 -64.24
C SER N 9 15.61 12.92 -64.66
N SER N 10 16.13 11.79 -64.17
CA SER N 10 15.56 10.49 -64.43
C SER N 10 15.38 9.73 -63.13
N LEU N 11 14.27 8.99 -63.04
CA LEU N 11 13.97 8.17 -61.87
C LEU N 11 13.42 6.84 -62.32
N SER N 12 14.07 5.76 -61.92
CA SER N 12 13.64 4.41 -62.24
C SER N 12 12.95 3.83 -61.02
N ALA N 13 11.72 3.37 -61.21
CA ALA N 13 10.94 2.83 -60.09
C ALA N 13 9.92 1.85 -60.63
N SER N 14 9.50 0.94 -59.76
CA SER N 14 8.53 -0.08 -60.10
C SER N 14 7.14 0.36 -59.66
N VAL N 15 6.15 -0.47 -59.99
CA VAL N 15 4.76 -0.18 -59.63
C VAL N 15 4.57 -0.46 -58.15
N GLY N 16 3.85 0.44 -57.47
CA GLY N 16 3.63 0.30 -56.05
C GLY N 16 4.70 0.92 -55.17
N ASP N 17 5.75 1.49 -55.74
CA ASP N 17 6.81 2.11 -54.97
C ASP N 17 6.41 3.51 -54.52
N ARG N 18 7.21 4.07 -53.62
CA ARG N 18 7.03 5.42 -53.11
C ARG N 18 8.17 6.27 -53.65
N VAL N 19 7.84 7.29 -54.45
CA VAL N 19 8.85 8.09 -55.11
C VAL N 19 8.75 9.55 -54.67
N THR N 20 9.86 10.26 -54.81
CA THR N 20 9.99 11.64 -54.38
C THR N 20 10.86 12.41 -55.37
N ILE N 21 10.28 13.42 -56.01
CA ILE N 21 10.98 14.34 -56.90
C ILE N 21 11.18 15.66 -56.15
N THR N 22 12.31 16.32 -56.37
CA THR N 22 12.66 17.53 -55.66
C THR N 22 12.81 18.69 -56.64
N CYS N 23 12.37 19.87 -56.22
CA CYS N 23 12.47 21.09 -57.00
C CYS N 23 13.10 22.15 -56.09
N ARG N 24 14.29 22.60 -56.45
CA ARG N 24 14.98 23.68 -55.76
C ARG N 24 14.82 24.96 -56.55
N THR N 25 14.58 26.04 -55.82
CA THR N 25 14.45 27.35 -56.42
C THR N 25 15.60 28.23 -55.94
N SER N 26 15.82 29.34 -56.65
CA SER N 26 16.95 30.20 -56.29
C SER N 26 16.59 31.16 -55.16
N GLN N 27 15.32 31.54 -55.06
CA GLN N 27 14.82 32.45 -54.05
C GLN N 27 13.78 31.76 -53.18
N ASP N 28 13.29 32.51 -52.19
CA ASP N 28 12.14 32.08 -51.38
C ASP N 28 10.88 32.43 -52.16
N VAL N 29 10.25 31.43 -52.77
CA VAL N 29 9.06 31.69 -53.59
C VAL N 29 7.82 31.87 -52.75
N ARG N 30 7.94 31.81 -51.41
CA ARG N 30 6.80 32.00 -50.51
C ARG N 30 5.68 31.04 -50.84
N GLY N 31 6.04 29.78 -51.12
CA GLY N 31 5.08 28.75 -51.44
C GLY N 31 4.29 29.04 -52.70
N ALA N 32 4.99 29.40 -53.77
CA ALA N 32 4.33 29.72 -55.03
C ALA N 32 4.78 28.75 -56.11
N LEU N 33 4.68 27.46 -55.81
CA LEU N 33 5.08 26.41 -56.73
C LEU N 33 3.86 25.85 -57.45
N ALA N 34 4.14 24.96 -58.40
CA ALA N 34 3.12 24.23 -59.11
C ALA N 34 3.77 22.98 -59.68
N TRP N 35 3.05 21.87 -59.64
CA TRP N 35 3.54 20.61 -60.20
C TRP N 35 2.65 20.19 -61.36
N TYR N 36 3.28 19.81 -62.48
CA TYR N 36 2.55 19.39 -63.66
C TYR N 36 3.01 18.01 -64.08
N GLN N 37 2.07 17.25 -64.64
CA GLN N 37 2.32 15.93 -65.19
C GLN N 37 2.06 15.98 -66.69
N GLN N 38 3.07 15.62 -67.48
CA GLN N 38 2.98 15.60 -68.92
C GLN N 38 3.29 14.19 -69.42
N LYS N 39 2.29 13.56 -70.00
CA LYS N 39 2.45 12.31 -70.71
C LYS N 39 2.98 12.60 -72.12
N PRO N 40 3.72 11.67 -72.73
CA PRO N 40 4.39 11.95 -74.00
C PRO N 40 3.39 12.34 -75.09
N GLY N 41 3.59 13.53 -75.65
CA GLY N 41 2.78 14.06 -76.72
C GLY N 41 1.56 14.84 -76.27
N LYS N 42 1.03 14.55 -75.09
CA LYS N 42 -0.18 15.18 -74.60
C LYS N 42 0.15 16.43 -73.78
N ALA N 43 -0.87 17.23 -73.53
CA ALA N 43 -0.69 18.47 -72.79
C ALA N 43 -0.43 18.19 -71.32
N PRO N 44 0.37 19.03 -70.65
CA PRO N 44 0.61 18.84 -69.22
C PRO N 44 -0.65 19.05 -68.40
N LYS N 45 -0.63 18.51 -67.19
CA LYS N 45 -1.77 18.58 -66.28
C LYS N 45 -1.33 19.09 -64.92
N LEU N 46 -2.01 20.13 -64.44
CA LEU N 46 -1.70 20.70 -63.14
C LEU N 46 -2.14 19.75 -62.03
N LEU N 47 -1.18 19.30 -61.22
CA LEU N 47 -1.44 18.38 -60.11
C LEU N 47 -1.56 19.12 -58.78
N ILE N 48 -0.53 19.86 -58.41
CA ILE N 48 -0.49 20.54 -57.11
C ILE N 48 -0.25 22.02 -57.35
N PHE N 49 -1.01 22.86 -56.65
CA PHE N 49 -0.77 24.29 -56.72
C PHE N 49 -0.48 24.81 -55.32
N ASP N 50 -0.24 26.11 -55.21
CA ASP N 50 0.36 26.68 -53.99
C ASP N 50 1.56 25.80 -53.68
N ALA N 51 1.72 25.31 -52.46
CA ALA N 51 2.83 24.39 -52.12
C ALA N 51 2.38 22.93 -52.10
N SER N 52 1.30 22.65 -51.36
CA SER N 52 0.80 21.30 -51.14
C SER N 52 -0.64 21.11 -51.57
N SER N 53 -1.35 22.18 -51.90
CA SER N 53 -2.75 22.07 -52.24
C SER N 53 -2.91 21.22 -53.49
N LEU N 54 -3.88 20.30 -53.45
CA LEU N 54 -4.08 19.33 -54.49
C LEU N 54 -5.22 19.79 -55.39
N GLU N 55 -4.98 19.80 -56.69
CA GLU N 55 -6.02 20.20 -57.64
C GLU N 55 -7.13 19.16 -57.66
N THR N 56 -8.34 19.63 -57.96
CA THR N 56 -9.49 18.72 -58.05
C THR N 56 -9.27 17.66 -59.11
N GLY N 57 -9.61 16.42 -58.76
CA GLY N 57 -9.45 15.30 -59.66
C GLY N 57 -8.13 14.58 -59.58
N VAL N 58 -7.25 14.98 -58.68
CA VAL N 58 -5.94 14.34 -58.52
C VAL N 58 -6.05 13.25 -57.46
N PRO N 59 -5.52 12.07 -57.71
CA PRO N 59 -5.59 10.99 -56.72
C PRO N 59 -4.87 11.35 -55.43
N SER N 60 -5.17 10.60 -54.37
CA SER N 60 -4.61 10.87 -53.06
C SER N 60 -3.13 10.50 -52.98
N ARG N 61 -2.63 9.71 -53.93
CA ARG N 61 -1.23 9.30 -53.88
C ARG N 61 -0.27 10.45 -54.19
N PHE N 62 -0.76 11.53 -54.79
CA PHE N 62 0.06 12.71 -55.07
C PHE N 62 0.09 13.62 -53.86
N SER N 63 1.30 13.88 -53.34
CA SER N 63 1.50 14.74 -52.19
C SER N 63 2.49 15.83 -52.56
N GLY N 64 2.21 17.04 -52.11
CA GLY N 64 3.13 18.17 -52.29
C GLY N 64 3.61 18.62 -50.92
N SER N 65 4.89 18.91 -50.81
CA SER N 65 5.43 19.38 -49.55
C SER N 65 6.65 20.25 -49.83
N GLY N 66 7.30 20.68 -48.76
CA GLY N 66 8.42 21.59 -48.89
C GLY N 66 7.99 23.03 -48.68
N SER N 67 8.98 23.89 -48.46
CA SER N 67 8.69 25.29 -48.18
C SER N 67 9.94 26.14 -48.35
N GLY N 68 9.76 27.33 -48.90
CA GLY N 68 10.85 28.27 -49.06
C GLY N 68 11.68 28.01 -50.29
N THR N 69 12.60 27.07 -50.20
CA THR N 69 13.54 26.76 -51.28
C THR N 69 13.42 25.34 -51.80
N VAL N 70 13.25 24.36 -50.93
CA VAL N 70 13.18 22.96 -51.32
C VAL N 70 11.72 22.52 -51.29
N PHE N 71 11.26 21.92 -52.40
CA PHE N 71 9.91 21.39 -52.48
C PHE N 71 9.95 19.97 -53.02
N THR N 72 9.08 19.10 -52.50
CA THR N 72 9.07 17.72 -52.93
C THR N 72 7.67 17.33 -53.39
N LEU N 73 7.62 16.61 -54.51
CA LEU N 73 6.42 15.94 -54.98
C LEU N 73 6.58 14.45 -54.72
N THR N 74 5.59 13.84 -54.09
CA THR N 74 5.69 12.45 -53.65
C THR N 74 4.53 11.65 -54.19
N ILE N 75 4.82 10.45 -54.68
CA ILE N 75 3.80 9.49 -55.07
C ILE N 75 3.91 8.32 -54.10
N SER N 76 2.87 8.14 -53.29
CA SER N 76 2.88 7.14 -52.24
C SER N 76 2.96 5.74 -52.84
N SER N 77 1.91 5.33 -53.56
CA SER N 77 1.89 4.05 -54.24
C SER N 77 1.82 4.32 -55.73
N LEU N 78 2.89 3.95 -56.46
CA LEU N 78 2.91 4.19 -57.89
C LEU N 78 1.90 3.31 -58.60
N GLN N 79 1.39 3.83 -59.71
CA GLN N 79 0.44 3.13 -60.55
C GLN N 79 0.98 3.18 -61.97
N PRO N 80 0.58 2.25 -62.83
CA PRO N 80 1.08 2.27 -64.22
C PRO N 80 0.74 3.55 -64.98
N GLU N 81 -0.28 4.29 -64.54
CA GLU N 81 -0.65 5.52 -65.22
C GLU N 81 0.26 6.69 -64.89
N ASP N 82 1.01 6.61 -63.79
CA ASP N 82 1.80 7.73 -63.28
C ASP N 82 3.17 7.84 -63.94
N PHE N 83 3.52 6.98 -64.87
CA PHE N 83 4.83 7.02 -65.53
C PHE N 83 4.79 8.05 -66.65
N ALA N 84 5.37 9.22 -66.39
CA ALA N 84 5.41 10.31 -67.36
C ALA N 84 6.49 11.30 -66.94
N ALA N 85 6.38 12.54 -67.40
CA ALA N 85 7.30 13.60 -67.02
C ALA N 85 6.62 14.54 -66.03
N TYR N 86 7.43 15.14 -65.15
CA TYR N 86 6.92 16.03 -64.12
C TYR N 86 7.74 17.31 -64.10
N TYR N 87 7.03 18.44 -64.10
CA TYR N 87 7.66 19.75 -64.14
C TYR N 87 7.20 20.59 -62.95
N CYS N 88 8.11 21.38 -62.38
CA CYS N 88 7.73 22.35 -61.37
C CYS N 88 7.79 23.76 -61.96
N GLN N 89 6.89 24.62 -61.50
CA GLN N 89 6.79 25.98 -62.01
C GLN N 89 6.63 26.94 -60.85
N GLN N 90 7.32 28.08 -60.93
CA GLN N 90 7.28 29.12 -59.91
C GLN N 90 6.27 30.19 -60.31
N PHE N 91 5.55 30.71 -59.31
CA PHE N 91 4.54 31.74 -59.54
C PHE N 91 4.70 32.91 -58.59
N LEU N 92 5.93 33.23 -58.20
CA LEU N 92 6.18 34.41 -57.36
C LEU N 92 6.04 35.69 -58.19
N ASP N 93 6.93 35.87 -59.16
CA ASP N 93 6.84 37.00 -60.08
C ASP N 93 7.14 36.52 -61.49
N PHE N 94 6.92 37.40 -62.46
CA PHE N 94 7.27 37.05 -63.82
C PHE N 94 8.78 37.10 -64.01
N PRO N 95 9.36 36.21 -64.82
CA PRO N 95 8.68 35.15 -65.58
C PRO N 95 8.36 33.91 -64.75
N PHE N 96 7.27 33.23 -65.09
CA PHE N 96 6.85 31.99 -64.42
C PHE N 96 7.64 30.81 -64.98
N THR N 97 8.92 30.80 -64.66
CA THR N 97 9.85 29.84 -65.25
C THR N 97 9.52 28.40 -64.84
N PHE N 98 9.75 27.47 -65.77
CA PHE N 98 9.59 26.05 -65.55
C PHE N 98 10.89 25.39 -65.09
N GLY N 99 10.76 24.15 -64.63
CA GLY N 99 11.92 23.33 -64.33
C GLY N 99 12.38 22.53 -65.54
N GLN N 100 13.46 21.77 -65.33
CA GLN N 100 14.00 20.95 -66.40
C GLN N 100 13.07 19.79 -66.72
N GLY N 101 12.46 19.21 -65.69
CA GLY N 101 11.64 18.03 -65.82
C GLY N 101 12.31 16.80 -65.20
N THR N 102 11.48 15.81 -64.90
CA THR N 102 11.93 14.54 -64.32
C THR N 102 11.28 13.41 -65.09
N ARG N 103 12.08 12.64 -65.80
CA ARG N 103 11.57 11.49 -66.55
C ARG N 103 11.41 10.31 -65.61
N LEU N 104 10.25 9.66 -65.67
CA LEU N 104 9.95 8.53 -64.81
C LEU N 104 9.85 7.27 -65.67
N GLU N 105 10.76 6.33 -65.46
CA GLU N 105 10.81 5.08 -66.21
C GLU N 105 10.51 3.89 -65.30
N ILE N 106 10.14 2.78 -65.94
CA ILE N 106 9.84 1.53 -65.24
C ILE N 106 11.13 0.76 -64.97
N LYS N 107 11.33 0.37 -63.72
CA LYS N 107 12.51 -0.42 -63.36
C LYS N 107 12.38 -1.82 -63.93
N ARG N 108 13.51 -2.37 -64.38
CA ARG N 108 13.57 -3.66 -65.01
C ARG N 108 14.88 -4.38 -64.72
N THR N 109 14.86 -5.69 -64.90
CA THR N 109 16.09 -6.47 -64.85
C THR N 109 16.99 -6.08 -66.01
N VAL N 110 18.30 -6.07 -65.74
CA VAL N 110 19.28 -5.60 -66.71
C VAL N 110 19.34 -6.54 -67.91
N ALA N 111 19.33 -5.95 -69.12
CA ALA N 111 19.42 -6.70 -70.35
C ALA N 111 20.43 -6.02 -71.25
N ALA N 112 21.50 -6.74 -71.60
CA ALA N 112 22.51 -6.20 -72.48
C ALA N 112 21.95 -6.06 -73.91
N PRO N 113 22.40 -5.07 -74.66
CA PRO N 113 21.85 -4.85 -76.00
C PRO N 113 22.37 -5.87 -77.01
N SER N 114 21.56 -6.07 -78.05
CA SER N 114 21.96 -6.85 -79.22
C SER N 114 22.48 -5.88 -80.28
N VAL N 115 23.75 -6.03 -80.63
CA VAL N 115 24.44 -5.07 -81.49
C VAL N 115 24.43 -5.55 -82.94
N PHE N 116 24.08 -4.65 -83.84
CA PHE N 116 24.13 -4.90 -85.28
C PHE N 116 24.79 -3.70 -85.95
N ILE N 117 25.44 -3.93 -87.08
CA ILE N 117 26.09 -2.88 -87.85
C ILE N 117 25.70 -3.03 -89.31
N PHE N 118 25.41 -1.90 -89.95
CA PHE N 118 24.97 -1.87 -91.34
C PHE N 118 25.87 -0.94 -92.12
N PRO N 119 26.61 -1.44 -93.11
CA PRO N 119 27.39 -0.58 -93.99
C PRO N 119 26.48 0.16 -94.95
N PRO N 120 26.95 1.25 -95.55
CA PRO N 120 26.10 2.01 -96.48
C PRO N 120 25.77 1.18 -97.72
N SER N 121 24.54 1.35 -98.19
CA SER N 121 24.08 0.62 -99.36
C SER N 121 24.82 1.09 -100.60
N ASP N 122 24.89 0.21 -101.60
CA ASP N 122 25.48 0.58 -102.88
C ASP N 122 24.68 1.69 -103.55
N GLU N 123 23.37 1.74 -103.28
CA GLU N 123 22.55 2.80 -103.86
C GLU N 123 22.91 4.17 -103.30
N GLN N 124 23.33 4.24 -102.03
CA GLN N 124 23.67 5.52 -101.42
C GLN N 124 25.06 5.99 -101.83
N LEU N 125 26.03 5.07 -101.94
CA LEU N 125 27.38 5.47 -102.28
C LEU N 125 27.45 6.12 -103.66
N LYS N 126 26.53 5.76 -104.56
CA LYS N 126 26.49 6.40 -105.87
C LYS N 126 26.00 7.84 -105.80
N SER N 127 25.41 8.25 -104.67
CA SER N 127 24.90 9.61 -104.54
C SER N 127 25.93 10.59 -103.98
N GLY N 128 26.91 10.12 -103.22
CA GLY N 128 27.96 11.00 -102.73
C GLY N 128 28.22 10.93 -101.23
N THR N 129 27.23 10.47 -100.46
CA THR N 129 27.35 10.35 -99.02
C THR N 129 27.32 8.88 -98.62
N ALA N 130 27.65 8.62 -97.36
CA ALA N 130 27.66 7.26 -96.84
C ALA N 130 27.22 7.28 -95.38
N SER N 131 26.27 6.43 -95.03
CA SER N 131 25.75 6.36 -93.67
C SER N 131 25.94 4.95 -93.14
N VAL N 132 26.75 4.81 -92.10
CA VAL N 132 26.96 3.54 -91.41
C VAL N 132 26.10 3.55 -90.15
N VAL N 133 25.28 2.54 -89.97
CA VAL N 133 24.29 2.52 -88.89
C VAL N 133 24.66 1.46 -87.87
N CYS N 134 24.68 1.83 -86.60
CA CYS N 134 24.87 0.88 -85.51
C CYS N 134 23.60 0.82 -84.70
N LEU N 135 23.16 -0.40 -84.40
CA LEU N 135 21.87 -0.64 -83.76
C LEU N 135 22.11 -1.38 -82.44
N LEU N 136 21.59 -0.80 -81.36
CA LEU N 136 21.61 -1.42 -80.03
C LEU N 136 20.17 -1.78 -79.72
N ASN N 137 19.85 -3.07 -79.71
CA ASN N 137 18.46 -3.50 -79.66
C ASN N 137 18.14 -4.04 -78.27
N ASN N 138 17.05 -3.52 -77.69
CA ASN N 138 16.42 -4.02 -76.46
C ASN N 138 17.38 -4.12 -75.27
N PHE N 139 17.70 -2.98 -74.64
CA PHE N 139 18.62 -2.90 -73.51
C PHE N 139 18.06 -2.05 -72.36
N TYR N 140 18.63 -2.24 -71.15
CA TYR N 140 18.29 -1.50 -69.90
C TYR N 140 19.54 -1.49 -69.03
N PRO N 141 19.86 -0.37 -68.39
CA PRO N 141 19.05 0.86 -68.42
C PRO N 141 19.27 1.66 -69.69
N ARG N 142 18.71 2.87 -69.73
CA ARG N 142 18.80 3.67 -70.95
C ARG N 142 20.24 4.06 -71.24
N GLU N 143 21.06 4.25 -70.20
CA GLU N 143 22.41 4.76 -70.39
C GLU N 143 23.23 3.79 -71.22
N ALA N 144 23.78 4.28 -72.32
CA ALA N 144 24.58 3.47 -73.23
C ALA N 144 25.57 4.38 -73.93
N LYS N 145 26.77 3.84 -74.19
CA LYS N 145 27.87 4.60 -74.78
C LYS N 145 28.26 3.97 -76.11
N VAL N 146 28.34 4.78 -77.17
CA VAL N 146 28.69 4.29 -78.50
C VAL N 146 29.80 5.14 -79.10
N GLN N 147 30.85 4.48 -79.58
CA GLN N 147 31.95 5.15 -80.28
C GLN N 147 32.21 4.48 -81.62
N TRP N 148 32.48 5.30 -82.63
CA TRP N 148 32.82 4.82 -83.96
C TRP N 148 34.34 4.80 -84.11
N LYS N 149 34.85 3.74 -84.75
CA LYS N 149 36.28 3.59 -84.97
C LYS N 149 36.51 3.22 -86.43
N VAL N 150 37.07 4.13 -87.20
CA VAL N 150 37.39 3.90 -88.61
C VAL N 150 38.88 3.68 -88.71
N ASP N 151 39.28 2.45 -89.03
CA ASP N 151 40.69 2.05 -89.00
C ASP N 151 41.31 2.37 -87.65
N ASN N 152 40.57 2.07 -86.58
CA ASN N 152 40.97 2.31 -85.19
C ASN N 152 41.15 3.79 -84.88
N ALA N 153 40.52 4.68 -85.66
CA ALA N 153 40.56 6.11 -85.41
C ALA N 153 39.23 6.55 -84.81
N LEU N 154 39.29 7.14 -83.62
CA LEU N 154 38.09 7.55 -82.92
C LEU N 154 37.44 8.72 -83.66
N GLN N 155 36.13 8.65 -83.84
CA GLN N 155 35.40 9.68 -84.57
C GLN N 155 34.69 10.59 -83.59
N SER N 156 34.56 11.86 -83.96
CA SER N 156 33.88 12.83 -83.12
C SER N 156 33.29 13.91 -84.00
N GLY N 157 32.04 14.26 -83.75
CA GLY N 157 31.38 15.26 -84.55
C GLY N 157 30.67 14.71 -85.76
N ASN N 158 30.59 13.37 -85.89
CA ASN N 158 29.93 12.73 -87.00
C ASN N 158 28.83 11.77 -86.60
N SER N 159 28.81 11.29 -85.36
CA SER N 159 27.73 10.42 -84.92
C SER N 159 26.53 11.23 -84.47
N GLN N 160 25.35 10.64 -84.63
CA GLN N 160 24.09 11.28 -84.26
C GLN N 160 23.16 10.16 -83.82
N GLU N 161 22.86 10.10 -82.53
CA GLU N 161 22.11 9.00 -81.96
C GLU N 161 20.61 9.28 -81.96
N SER N 162 19.83 8.21 -81.79
CA SER N 162 18.38 8.29 -81.66
C SER N 162 17.88 7.07 -80.92
N VAL N 163 17.01 7.28 -79.93
CA VAL N 163 16.55 6.23 -79.05
C VAL N 163 15.03 6.20 -79.09
N THR N 164 14.45 4.99 -79.00
CA THR N 164 13.01 4.84 -78.97
C THR N 164 12.49 5.05 -77.56
N GLU N 165 11.17 5.07 -77.44
CA GLU N 165 10.56 5.07 -76.12
C GLU N 165 10.66 3.69 -75.49
N GLN N 166 10.42 3.65 -74.18
CA GLN N 166 10.41 2.38 -73.49
C GLN N 166 9.27 1.53 -74.04
N ASP N 167 9.59 0.27 -74.36
CA ASP N 167 8.62 -0.59 -75.04
C ASP N 167 7.39 -0.81 -74.18
N SER N 168 6.22 -0.72 -74.82
CA SER N 168 4.97 -0.84 -74.07
C SER N 168 4.70 -2.26 -73.60
N LYS N 169 5.49 -3.24 -74.04
CA LYS N 169 5.32 -4.64 -73.67
C LYS N 169 6.46 -5.17 -72.81
N ASP N 170 7.70 -5.02 -73.28
CA ASP N 170 8.88 -5.52 -72.58
C ASP N 170 9.66 -4.41 -71.90
N SER N 171 9.29 -3.16 -72.15
CA SER N 171 9.89 -1.99 -71.50
C SER N 171 11.38 -1.90 -71.77
N THR N 172 11.77 -2.04 -73.05
CA THR N 172 13.18 -1.98 -73.45
C THR N 172 13.41 -0.82 -74.39
N TYR N 173 14.64 -0.33 -74.38
CA TYR N 173 15.07 0.77 -75.24
C TYR N 173 15.78 0.21 -76.45
N SER N 174 15.78 0.99 -77.52
CA SER N 174 16.50 0.65 -78.73
C SER N 174 17.16 1.92 -79.25
N LEU N 175 18.43 1.82 -79.62
CA LEU N 175 19.23 2.97 -79.98
C LEU N 175 19.78 2.80 -81.39
N SER N 176 19.92 3.92 -82.08
CA SER N 176 20.41 3.96 -83.45
C SER N 176 21.45 5.07 -83.55
N SER N 177 22.71 4.70 -83.74
CA SER N 177 23.79 5.66 -83.92
C SER N 177 24.16 5.67 -85.40
N THR N 178 24.09 6.85 -86.02
CA THR N 178 24.31 6.99 -87.45
C THR N 178 25.58 7.80 -87.70
N LEU N 179 26.58 7.16 -88.30
CA LEU N 179 27.82 7.81 -88.68
C LEU N 179 27.72 8.23 -90.14
N THR N 180 27.80 9.54 -90.37
CA THR N 180 27.67 10.11 -91.70
C THR N 180 29.03 10.57 -92.19
N LEU N 181 29.43 10.08 -93.37
CA LEU N 181 30.70 10.42 -93.99
C LEU N 181 30.47 10.76 -95.45
N SER N 182 31.48 11.35 -96.07
CA SER N 182 31.47 11.59 -97.50
C SER N 182 32.03 10.38 -98.24
N LYS N 183 31.64 10.22 -99.50
CA LYS N 183 32.07 9.07 -100.28
C LYS N 183 33.58 8.99 -100.39
N ALA N 184 34.25 10.14 -100.55
CA ALA N 184 35.71 10.13 -100.64
C ALA N 184 36.33 9.64 -99.35
N ASP N 185 35.90 10.21 -98.21
CA ASP N 185 36.44 9.78 -96.93
C ASP N 185 36.06 8.33 -96.64
N TYR N 186 34.87 7.92 -97.06
CA TYR N 186 34.46 6.54 -96.81
C TYR N 186 35.33 5.57 -97.60
N GLU N 187 35.67 5.92 -98.84
CA GLU N 187 36.50 5.05 -99.66
C GLU N 187 37.99 5.23 -99.38
N LYS N 188 38.37 6.09 -98.43
CA LYS N 188 39.78 6.21 -98.07
C LYS N 188 40.24 5.09 -97.13
N HIS N 189 39.39 4.64 -96.20
CA HIS N 189 39.78 3.66 -95.19
C HIS N 189 39.14 2.29 -95.46
N LYS N 190 39.36 1.35 -94.54
CA LYS N 190 38.92 -0.02 -94.78
C LYS N 190 38.17 -0.67 -93.62
N VAL N 191 38.50 -0.32 -92.37
CA VAL N 191 37.91 -0.97 -91.21
C VAL N 191 36.94 0.01 -90.56
N TYR N 192 35.69 -0.42 -90.33
CA TYR N 192 34.73 0.42 -89.62
C TYR N 192 34.11 -0.39 -88.51
N ALA N 193 34.15 0.15 -87.29
CA ALA N 193 33.74 -0.55 -86.09
C ALA N 193 32.85 0.32 -85.22
N CYS N 194 31.97 -0.35 -84.48
CA CYS N 194 31.06 0.28 -83.53
C CYS N 194 31.31 -0.37 -82.17
N GLU N 195 31.77 0.44 -81.23
CA GLU N 195 32.07 0.02 -79.87
C GLU N 195 30.90 0.42 -78.97
N VAL N 196 30.26 -0.57 -78.38
CA VAL N 196 29.10 -0.39 -77.51
C VAL N 196 29.51 -0.71 -76.08
N THR N 197 29.20 0.20 -75.17
CA THR N 197 29.45 0.07 -73.75
C THR N 197 28.12 0.16 -73.02
N HIS N 198 27.84 -0.83 -72.17
CA HIS N 198 26.57 -0.89 -71.47
C HIS N 198 26.77 -1.68 -70.18
N GLN N 199 25.85 -1.49 -69.22
CA GLN N 199 25.97 -2.16 -67.93
C GLN N 199 25.87 -3.67 -68.09
N GLY N 200 24.97 -4.14 -68.95
CA GLY N 200 24.79 -5.57 -69.12
C GLY N 200 26.00 -6.27 -69.70
N LEU N 201 26.83 -5.53 -70.44
CA LEU N 201 28.03 -6.09 -71.04
C LEU N 201 29.19 -5.95 -70.06
N SER N 202 29.83 -7.08 -69.72
CA SER N 202 31.01 -7.03 -68.86
C SER N 202 32.19 -6.37 -69.58
N SER N 203 32.31 -6.61 -70.88
CA SER N 203 33.33 -5.98 -71.71
C SER N 203 32.68 -5.34 -72.92
N PRO N 204 33.22 -4.21 -73.38
CA PRO N 204 32.59 -3.50 -74.51
C PRO N 204 32.56 -4.36 -75.76
N VAL N 205 31.39 -4.39 -76.41
CA VAL N 205 31.20 -5.21 -77.61
C VAL N 205 31.45 -4.35 -78.84
N THR N 206 32.28 -4.85 -79.76
CA THR N 206 32.67 -4.11 -80.95
C THR N 206 32.30 -4.90 -82.20
N LYS N 207 31.29 -4.43 -82.92
CA LYS N 207 30.92 -5.02 -84.20
C LYS N 207 31.56 -4.23 -85.34
N SER N 208 32.26 -4.92 -86.24
CA SER N 208 33.05 -4.25 -87.26
C SER N 208 32.87 -4.93 -88.60
N PHE N 209 33.26 -4.21 -89.66
CA PHE N 209 33.25 -4.73 -91.01
C PHE N 209 34.37 -4.08 -91.82
N ASN N 210 34.89 -4.83 -92.78
CA ASN N 210 35.86 -4.32 -93.76
C ASN N 210 35.12 -3.91 -95.02
N ARG N 211 35.43 -2.71 -95.52
CA ARG N 211 34.74 -2.20 -96.71
C ARG N 211 35.01 -3.10 -97.91
N GLY N 212 33.95 -3.59 -98.52
CA GLY N 212 34.06 -4.51 -99.64
C GLY N 212 33.20 -5.73 -99.47
N GLU N 213 33.19 -6.29 -98.26
CA GLU N 213 32.37 -7.47 -97.96
C GLU N 213 30.89 -7.08 -97.77
N GLU O 1 -10.05 68.16 -9.91
CA GLU O 1 -11.16 68.68 -10.71
C GLU O 1 -12.26 69.24 -9.81
N VAL O 2 -12.76 68.41 -8.91
CA VAL O 2 -13.79 68.82 -7.96
C VAL O 2 -13.15 69.65 -6.84
N GLN O 3 -13.67 70.85 -6.62
CA GLN O 3 -13.07 71.76 -5.66
C GLN O 3 -14.15 72.64 -5.02
N LEU O 4 -13.99 72.88 -3.72
CA LEU O 4 -14.80 73.80 -2.95
C LEU O 4 -13.86 74.77 -2.26
N VAL O 5 -13.99 76.06 -2.57
CA VAL O 5 -13.10 77.08 -2.02
C VAL O 5 -13.95 78.11 -1.28
N GLU O 6 -13.84 78.12 0.05
CA GLU O 6 -14.55 79.10 0.86
C GLU O 6 -13.70 80.36 1.03
N SER O 7 -14.38 81.49 1.11
CA SER O 7 -13.74 82.79 1.20
C SER O 7 -14.64 83.73 1.98
N GLY O 8 -14.04 84.82 2.45
CA GLY O 8 -14.76 85.83 3.20
C GLY O 8 -14.55 85.79 4.69
N GLY O 9 -13.69 84.90 5.18
CA GLY O 9 -13.43 84.80 6.60
C GLY O 9 -12.51 85.90 7.08
N GLY O 10 -12.12 85.79 8.35
CA GLY O 10 -11.23 86.77 8.92
C GLY O 10 -11.72 87.34 10.22
N LEU O 11 -11.34 88.59 10.51
CA LEU O 11 -11.66 89.24 11.77
C LEU O 11 -13.00 89.96 11.69
N VAL O 12 -13.77 89.87 12.77
CA VAL O 12 -15.04 90.59 12.86
C VAL O 12 -15.36 90.82 14.33
N ARG O 13 -15.74 92.07 14.67
CA ARG O 13 -16.05 92.43 16.05
C ARG O 13 -17.43 91.89 16.46
N PRO O 14 -17.60 91.56 17.74
CA PRO O 14 -18.86 90.94 18.19
C PRO O 14 -20.07 91.86 18.00
N GLY O 15 -20.99 91.42 17.15
CA GLY O 15 -22.24 92.12 16.92
C GLY O 15 -22.42 92.52 15.47
N ARG O 16 -21.36 92.39 14.68
CA ARG O 16 -21.38 92.75 13.27
C ARG O 16 -21.85 91.56 12.44
N SER O 17 -21.66 91.67 11.13
CA SER O 17 -22.19 90.71 10.16
C SER O 17 -21.07 90.30 9.22
N LEU O 18 -21.13 89.04 8.79
CA LEU O 18 -20.13 88.54 7.85
C LEU O 18 -20.74 87.47 6.97
N ARG O 19 -20.48 87.57 5.67
CA ARG O 19 -21.03 86.63 4.70
C ARG O 19 -19.91 85.80 4.09
N LEU O 20 -19.93 84.50 4.35
CA LEU O 20 -18.98 83.59 3.73
C LEU O 20 -19.50 83.14 2.37
N SER O 21 -18.58 82.90 1.44
CA SER O 21 -18.91 82.56 0.06
C SER O 21 -18.11 81.33 -0.33
N CYS O 22 -18.80 80.27 -0.72
CA CYS O 22 -18.18 79.01 -1.12
C CYS O 22 -18.33 78.86 -2.63
N THR O 23 -17.21 78.86 -3.34
CA THR O 23 -17.20 78.69 -4.78
C THR O 23 -16.98 77.22 -5.13
N VAL O 24 -17.85 76.70 -5.98
CA VAL O 24 -17.83 75.30 -6.41
C VAL O 24 -17.28 75.24 -7.82
N SER O 25 -16.35 74.32 -8.09
CA SER O 25 -15.82 74.17 -9.44
C SER O 25 -15.42 72.73 -9.65
N GLY O 26 -16.07 72.06 -10.60
CA GLY O 26 -15.74 70.68 -10.90
C GLY O 26 -16.93 69.79 -11.16
N PHE O 27 -18.13 70.25 -10.82
CA PHE O 27 -19.35 69.48 -11.06
C PHE O 27 -20.52 70.45 -11.17
N SER O 28 -21.71 69.91 -11.45
CA SER O 28 -22.91 70.71 -11.61
C SER O 28 -23.40 71.19 -10.25
N PHE O 29 -23.47 72.52 -10.08
CA PHE O 29 -23.85 73.08 -8.79
C PHE O 29 -25.36 73.03 -8.54
N ASP O 30 -26.19 73.19 -9.59
CA ASP O 30 -27.64 73.23 -9.38
C ASP O 30 -28.20 71.91 -8.90
N ASP O 31 -27.63 70.79 -9.35
CA ASP O 31 -28.16 69.49 -8.98
C ASP O 31 -27.77 69.10 -7.55
N SER O 32 -26.79 69.78 -6.97
CA SER O 32 -26.22 69.37 -5.69
C SER O 32 -26.68 70.28 -4.56
N ALA O 33 -26.60 69.74 -3.35
CA ALA O 33 -26.98 70.45 -2.14
C ALA O 33 -25.73 70.74 -1.31
N MET O 34 -25.72 71.89 -0.65
CA MET O 34 -24.54 72.34 0.07
C MET O 34 -24.82 72.40 1.57
N SER O 35 -23.77 72.27 2.36
CA SER O 35 -23.90 72.29 3.81
C SER O 35 -22.69 73.00 4.40
N TRP O 36 -22.90 73.58 5.58
CA TRP O 36 -21.83 74.30 6.30
C TRP O 36 -21.59 73.60 7.62
N VAL O 37 -20.32 73.29 7.89
CA VAL O 37 -19.91 72.62 9.13
C VAL O 37 -18.73 73.38 9.71
N ARG O 38 -18.79 73.71 11.00
CA ARG O 38 -17.69 74.44 11.61
C ARG O 38 -17.04 73.62 12.72
N GLN O 39 -15.82 74.02 13.06
CA GLN O 39 -15.08 73.41 14.16
C GLN O 39 -14.45 74.52 14.97
N ALA O 40 -14.88 74.66 16.22
CA ALA O 40 -14.34 75.66 17.13
C ALA O 40 -12.97 75.22 17.65
N PRO O 41 -12.11 76.18 18.02
CA PRO O 41 -10.80 75.83 18.57
C PRO O 41 -10.95 75.02 19.84
N GLY O 42 -10.40 73.81 19.82
CA GLY O 42 -10.46 72.91 20.95
C GLY O 42 -11.70 72.06 21.02
N LYS O 43 -12.76 72.41 20.29
CA LYS O 43 -14.00 71.66 20.29
C LYS O 43 -14.08 70.77 19.05
N GLY O 44 -15.06 69.87 19.07
CA GLY O 44 -15.26 68.95 17.98
C GLY O 44 -15.99 69.59 16.81
N LEU O 45 -16.44 68.74 15.89
CA LEU O 45 -17.17 69.22 14.73
C LEU O 45 -18.61 69.53 15.11
N GLU O 46 -19.14 70.61 14.55
CA GLU O 46 -20.53 70.99 14.76
C GLU O 46 -21.17 71.26 13.41
N TRP O 47 -22.26 70.55 13.12
CA TRP O 47 -23.00 70.77 11.89
C TRP O 47 -23.81 72.05 12.02
N ILE O 48 -23.73 72.91 11.01
CA ILE O 48 -24.30 74.26 11.06
C ILE O 48 -25.52 74.40 10.17
N SER O 49 -25.35 74.27 8.86
CA SER O 49 -26.46 74.59 7.95
C SER O 49 -26.48 73.64 6.77
N PHE O 50 -27.58 73.73 6.00
CA PHE O 50 -27.83 72.85 4.87
C PHE O 50 -28.85 73.50 3.95
N ILE O 51 -28.53 73.56 2.66
CA ILE O 51 -29.45 74.03 1.63
C ILE O 51 -29.57 72.97 0.55
N LYS O 52 -30.81 72.62 0.20
CA LYS O 52 -31.09 71.59 -0.79
C LYS O 52 -31.00 72.17 -2.21
N SER O 53 -31.03 71.27 -3.19
CA SER O 53 -31.00 71.66 -4.60
C SER O 53 -32.33 72.27 -5.02
N LYS O 54 -32.30 72.98 -6.15
CA LYS O 54 -33.51 73.61 -6.69
C LYS O 54 -34.58 72.57 -7.02
N THR O 55 -34.17 71.38 -7.47
CA THR O 55 -35.15 70.35 -7.82
C THR O 55 -36.02 69.99 -6.63
N TYR O 56 -35.57 70.26 -5.41
CA TYR O 56 -36.33 69.90 -4.21
C TYR O 56 -36.79 71.13 -3.44
N GLY O 57 -36.93 72.28 -4.11
CA GLY O 57 -37.47 73.47 -3.50
C GLY O 57 -36.42 74.47 -3.03
N GLY O 58 -35.28 74.00 -2.54
CA GLY O 58 -34.28 74.91 -2.04
C GLY O 58 -34.32 75.07 -0.54
N THR O 59 -34.69 74.04 0.19
CA THR O 59 -35.08 74.21 1.58
C THR O 59 -33.86 74.42 2.47
N LYS O 60 -33.87 75.52 3.23
CA LYS O 60 -32.79 75.83 4.14
C LYS O 60 -33.09 75.18 5.48
N GLU O 61 -32.17 74.35 5.96
CA GLU O 61 -32.30 73.69 7.25
C GLU O 61 -31.10 74.06 8.09
N TYR O 62 -31.35 74.61 9.29
CA TYR O 62 -30.30 75.09 10.18
C TYR O 62 -30.25 74.26 11.46
N ALA O 63 -29.18 74.47 12.22
CA ALA O 63 -29.02 73.83 13.52
C ALA O 63 -29.51 74.76 14.62
N ALA O 64 -29.72 74.18 15.80
CA ALA O 64 -30.28 74.94 16.92
C ALA O 64 -29.35 76.05 17.38
N SER O 65 -28.03 75.86 17.26
CA SER O 65 -27.10 76.83 17.82
C SER O 65 -27.10 78.15 17.06
N VAL O 66 -27.45 78.13 15.78
CA VAL O 66 -27.40 79.33 14.95
C VAL O 66 -28.74 79.65 14.31
N LYS O 67 -29.80 78.91 14.67
CA LYS O 67 -31.11 79.16 14.09
C LYS O 67 -31.62 80.53 14.51
N GLY O 68 -32.02 81.33 13.52
CA GLY O 68 -32.45 82.70 13.72
C GLY O 68 -31.37 83.75 13.54
N ARG O 69 -30.10 83.37 13.65
CA ARG O 69 -28.98 84.29 13.41
C ARG O 69 -28.34 84.08 12.04
N PHE O 70 -28.12 82.83 11.64
CA PHE O 70 -27.48 82.56 10.36
C PHE O 70 -28.52 82.33 9.28
N THR O 71 -28.12 82.56 8.03
CA THR O 71 -28.98 82.42 6.88
C THR O 71 -28.17 81.85 5.73
N ILE O 72 -28.57 80.70 5.23
CA ILE O 72 -27.84 80.09 4.13
C ILE O 72 -28.57 80.44 2.85
N SER O 73 -27.80 80.55 1.76
CA SER O 73 -28.39 80.91 0.48
C SER O 73 -27.50 80.35 -0.62
N ARG O 74 -28.00 80.38 -1.85
CA ARG O 74 -27.21 79.91 -2.97
C ARG O 74 -27.49 80.77 -4.19
N ASP O 75 -26.47 80.93 -5.01
CA ASP O 75 -26.57 81.63 -6.29
C ASP O 75 -26.10 80.62 -7.34
N ASP O 76 -27.07 79.94 -7.95
CA ASP O 76 -26.79 78.95 -8.98
C ASP O 76 -26.31 79.60 -10.27
N SER O 77 -26.57 80.90 -10.45
CA SER O 77 -26.15 81.58 -11.68
C SER O 77 -24.63 81.68 -11.78
N LYS O 78 -23.94 81.77 -10.63
CA LYS O 78 -22.49 81.87 -10.61
C LYS O 78 -21.84 80.74 -9.81
N ASN O 79 -22.60 79.70 -9.47
CA ASN O 79 -22.11 78.54 -8.74
C ASN O 79 -21.42 78.95 -7.43
N ILE O 80 -22.24 79.48 -6.52
CA ILE O 80 -21.72 79.92 -5.24
C ILE O 80 -22.76 79.71 -4.16
N ALA O 81 -22.30 79.48 -2.94
CA ALA O 81 -23.20 79.26 -1.81
C ALA O 81 -22.77 80.16 -0.66
N TYR O 82 -23.71 80.95 -0.15
CA TYR O 82 -23.40 81.92 0.89
C TYR O 82 -23.90 81.46 2.25
N LEU O 83 -23.22 81.93 3.28
CA LEU O 83 -23.62 81.74 4.68
C LEU O 83 -23.51 83.10 5.34
N GLN O 84 -24.66 83.74 5.55
CA GLN O 84 -24.76 85.05 6.17
C GLN O 84 -24.82 84.86 7.68
N MET O 85 -23.80 85.35 8.38
CA MET O 85 -23.70 85.24 9.83
C MET O 85 -24.01 86.60 10.42
N ASN O 86 -25.13 86.69 11.14
CA ASN O 86 -25.58 87.91 11.80
C ASN O 86 -25.49 87.75 13.32
N SER O 87 -25.28 88.88 14.00
CA SER O 87 -25.16 88.92 15.45
C SER O 87 -24.15 87.89 15.96
N LEU O 88 -22.91 88.06 15.51
CA LEU O 88 -21.87 87.08 15.81
C LEU O 88 -21.40 87.18 17.25
N LYS O 89 -21.23 86.01 17.86
CA LYS O 89 -20.73 85.87 19.22
C LYS O 89 -19.29 85.37 19.18
N THR O 90 -18.67 85.33 20.37
CA THR O 90 -17.32 84.77 20.47
C THR O 90 -17.30 83.26 20.29
N GLU O 91 -18.41 82.57 20.55
CA GLU O 91 -18.42 81.12 20.31
C GLU O 91 -18.40 80.80 18.83
N ASP O 92 -18.76 81.75 17.97
CA ASP O 92 -18.77 81.52 16.53
C ASP O 92 -17.38 81.59 15.92
N THR O 93 -16.37 81.94 16.70
CA THR O 93 -14.99 81.88 16.23
C THR O 93 -14.62 80.41 15.98
N ALA O 94 -14.35 80.07 14.73
CA ALA O 94 -14.12 78.66 14.37
C ALA O 94 -13.59 78.61 12.94
N VAL O 95 -13.29 77.39 12.50
CA VAL O 95 -12.96 77.12 11.11
C VAL O 95 -14.24 76.66 10.44
N TYR O 96 -14.66 77.35 9.39
CA TYR O 96 -15.89 77.05 8.68
C TYR O 96 -15.56 76.30 7.40
N TYR O 97 -16.10 75.09 7.26
CA TYR O 97 -15.93 74.24 6.12
C TYR O 97 -17.21 74.23 5.29
N CYS O 98 -17.03 74.19 3.98
CA CYS O 98 -18.12 74.08 3.02
C CYS O 98 -18.13 72.68 2.47
N THR O 99 -19.27 72.01 2.55
CA THR O 99 -19.40 70.60 2.20
C THR O 99 -20.54 70.44 1.21
N ARG O 100 -20.60 69.27 0.59
CA ARG O 100 -21.68 68.91 -0.31
C ARG O 100 -22.42 67.72 0.27
N GLY O 101 -23.73 67.88 0.49
CA GLY O 101 -24.49 66.74 0.92
C GLY O 101 -24.73 65.87 -0.27
N ALA O 102 -24.35 64.66 -0.18
CA ALA O 102 -24.50 63.86 -1.37
C ALA O 102 -25.71 62.95 -1.29
N PRO O 103 -26.59 62.99 -2.30
CA PRO O 103 -27.84 62.21 -2.23
C PRO O 103 -27.63 60.69 -2.27
N TYR O 104 -28.60 59.98 -1.69
CA TYR O 104 -28.55 58.52 -1.60
C TYR O 104 -28.46 57.84 -2.97
N GLY O 105 -28.81 58.54 -4.04
CA GLY O 105 -28.53 58.06 -5.37
C GLY O 105 -27.83 59.14 -6.16
N GLY O 106 -27.88 59.07 -7.48
CA GLY O 106 -27.45 60.21 -8.27
C GLY O 106 -28.25 61.45 -7.94
N ASN O 107 -29.57 61.28 -7.77
CA ASN O 107 -30.46 62.35 -7.35
C ASN O 107 -31.54 61.73 -6.48
N SER O 108 -31.60 62.15 -5.21
CA SER O 108 -32.59 61.67 -4.26
C SER O 108 -32.65 62.62 -3.08
N ASP O 109 -33.83 62.73 -2.46
CA ASP O 109 -33.98 63.64 -1.32
C ASP O 109 -33.50 63.05 -0.03
N TYR O 110 -32.78 61.95 -0.05
CA TYR O 110 -32.24 61.41 1.17
C TYR O 110 -30.72 61.46 1.06
N TYR O 111 -30.09 62.05 2.07
CA TYR O 111 -28.67 62.33 2.05
C TYR O 111 -28.01 61.47 3.09
N TYR O 112 -26.87 60.93 2.72
CA TYR O 112 -26.19 59.94 3.50
C TYR O 112 -24.91 60.43 4.16
N GLY O 113 -24.36 61.53 3.67
CA GLY O 113 -23.07 62.00 4.11
C GLY O 113 -22.69 63.27 3.39
N LEU O 114 -21.53 63.80 3.77
CA LEU O 114 -20.95 65.00 3.19
C LEU O 114 -19.82 64.55 2.28
N ASP O 115 -20.07 64.56 0.98
CA ASP O 115 -19.15 64.03 -0.01
C ASP O 115 -17.86 64.84 -0.06
N VAL O 116 -17.90 66.04 -0.62
CA VAL O 116 -16.71 66.85 -0.83
C VAL O 116 -16.59 67.84 0.30
N TRP O 117 -15.34 68.13 0.69
CA TRP O 117 -15.06 69.07 1.75
C TRP O 117 -14.10 70.14 1.21
N GLY O 118 -14.39 71.39 1.53
CA GLY O 118 -13.42 72.44 1.30
C GLY O 118 -12.32 72.38 2.34
N GLN O 119 -11.25 73.13 2.08
CA GLN O 119 -10.15 73.14 3.04
C GLN O 119 -10.46 73.97 4.27
N GLY O 120 -11.46 74.85 4.17
CA GLY O 120 -11.93 75.61 5.31
C GLY O 120 -11.36 77.01 5.35
N THR O 121 -12.10 77.92 5.98
CA THR O 121 -11.64 79.29 6.19
C THR O 121 -11.84 79.65 7.65
N THR O 122 -10.91 80.43 8.20
CA THR O 122 -10.94 80.75 9.63
C THR O 122 -11.74 82.03 9.84
N VAL O 123 -12.65 82.00 10.82
CA VAL O 123 -13.45 83.14 11.20
C VAL O 123 -13.16 83.42 12.66
N THR O 124 -12.67 84.62 12.96
CA THR O 124 -12.33 85.04 14.32
C THR O 124 -13.22 86.21 14.70
N VAL O 125 -13.98 86.03 15.77
CA VAL O 125 -14.83 87.08 16.31
C VAL O 125 -14.21 87.49 17.64
N SER O 126 -13.56 88.65 17.65
CA SER O 126 -12.92 89.13 18.86
C SER O 126 -12.91 90.65 18.83
N SER O 127 -13.17 91.25 19.98
CA SER O 127 -13.23 92.69 20.13
C SER O 127 -11.86 93.35 20.20
N ALA O 128 -10.79 92.59 20.34
CA ALA O 128 -9.48 93.16 20.59
C ALA O 128 -8.82 93.67 19.32
N SER O 129 -7.93 94.65 19.50
CA SER O 129 -7.21 95.28 18.40
C SER O 129 -5.82 94.69 18.26
N THR O 130 -5.20 94.92 17.11
CA THR O 130 -3.90 94.34 16.82
C THR O 130 -2.85 94.87 17.79
N LYS O 131 -2.12 93.95 18.42
CA LYS O 131 -1.14 94.31 19.43
C LYS O 131 -0.04 93.25 19.46
N GLY O 132 1.21 93.69 19.53
CA GLY O 132 2.33 92.79 19.62
C GLY O 132 2.47 92.12 20.97
N PRO O 133 3.31 91.08 21.03
CA PRO O 133 3.47 90.30 22.27
C PRO O 133 4.60 90.81 23.16
N SER O 134 4.51 90.44 24.43
CA SER O 134 5.53 90.73 25.43
C SER O 134 6.21 89.42 25.83
N VAL O 135 7.53 89.37 25.68
CA VAL O 135 8.30 88.16 25.97
C VAL O 135 8.93 88.30 27.36
N PHE O 136 8.70 87.29 28.20
CA PHE O 136 9.28 87.28 29.53
C PHE O 136 10.09 86.01 29.75
N PRO O 137 11.27 86.09 30.35
CA PRO O 137 12.07 84.87 30.53
C PRO O 137 11.57 84.04 31.71
N LEU O 138 11.51 82.73 31.49
CA LEU O 138 11.22 81.76 32.53
C LEU O 138 12.56 81.15 32.92
N ALA O 139 13.19 81.77 33.93
CA ALA O 139 14.56 81.43 34.29
C ALA O 139 14.60 80.08 35.01
N PRO O 140 15.69 79.33 34.82
CA PRO O 140 15.81 77.99 35.43
C PRO O 140 16.35 77.99 36.85
N SER O 141 15.78 77.10 37.65
CA SER O 141 16.24 76.79 39.01
C SER O 141 16.46 78.03 39.88
N GLY O 148 19.66 66.39 37.30
CA GLY O 148 20.28 66.00 36.05
C GLY O 148 19.97 66.93 34.89
N THR O 149 18.69 67.26 34.73
CA THR O 149 18.19 68.16 33.69
C THR O 149 17.44 69.35 34.28
N ALA O 150 17.69 70.53 33.72
CA ALA O 150 17.03 71.76 34.11
C ALA O 150 16.12 72.23 32.97
N ALA O 151 15.14 73.07 33.31
CA ALA O 151 14.19 73.56 32.33
C ALA O 151 14.14 75.07 32.34
N LEU O 152 14.08 75.67 31.15
CA LEU O 152 13.94 77.12 31.03
C LEU O 152 12.99 77.42 29.88
N GLY O 153 12.57 78.68 29.77
CA GLY O 153 11.62 78.97 28.70
C GLY O 153 11.34 80.43 28.51
N CYS O 154 10.30 80.70 27.71
CA CYS O 154 9.81 82.04 27.44
C CYS O 154 8.29 82.07 27.53
N LEU O 155 7.77 83.18 28.03
CA LEU O 155 6.34 83.44 28.14
C LEU O 155 6.00 84.57 27.17
N VAL O 156 5.33 84.23 26.08
CA VAL O 156 4.90 85.19 25.07
C VAL O 156 3.45 85.57 25.43
N LYS O 157 3.28 86.73 26.04
CA LYS O 157 2.01 87.12 26.64
C LYS O 157 1.36 88.28 25.89
N ASP O 158 0.03 88.27 25.89
CA ASP O 158 -0.80 89.38 25.45
C ASP O 158 -0.50 89.81 24.02
N TYR O 159 -1.03 89.08 23.04
CA TYR O 159 -0.87 89.44 21.65
C TYR O 159 -2.13 89.08 20.87
N PHE O 160 -2.32 89.79 19.76
CA PHE O 160 -3.47 89.62 18.89
C PHE O 160 -3.10 90.20 17.54
N PRO O 161 -3.45 89.54 16.42
CA PRO O 161 -4.13 88.24 16.40
C PRO O 161 -3.17 87.07 16.26
N GLU O 162 -3.71 85.90 15.93
CA GLU O 162 -2.90 84.73 15.68
C GLU O 162 -2.13 84.90 14.36
N PRO O 163 -0.97 84.24 14.21
CA PRO O 163 -0.25 83.44 15.19
C PRO O 163 1.12 84.03 15.55
N VAL O 164 1.89 83.29 16.36
CA VAL O 164 3.24 83.67 16.76
C VAL O 164 4.20 82.52 16.49
N THR O 165 5.41 82.85 16.03
CA THR O 165 6.44 81.86 15.76
C THR O 165 7.56 81.98 16.79
N VAL O 166 7.92 80.86 17.40
CA VAL O 166 8.96 80.80 18.43
C VAL O 166 10.05 79.84 17.98
N SER O 167 11.30 80.33 17.96
CA SER O 167 12.46 79.49 17.69
C SER O 167 13.49 79.72 18.80
N TRP O 168 14.42 78.79 18.94
CA TRP O 168 15.45 78.87 19.98
C TRP O 168 16.84 78.88 19.37
N ASN O 169 17.65 79.85 19.79
CA ASN O 169 19.04 79.99 19.34
C ASN O 169 19.11 80.10 17.82
N SER O 170 18.18 80.85 17.23
CA SER O 170 18.17 81.11 15.79
C SER O 170 18.10 79.82 14.97
N GLY O 171 17.54 78.77 15.56
CA GLY O 171 17.39 77.50 14.88
C GLY O 171 18.35 76.41 15.30
N ALA O 172 19.29 76.69 16.19
CA ALA O 172 20.24 75.66 16.60
C ALA O 172 19.61 74.68 17.58
N LEU O 173 18.83 75.17 18.53
CA LEU O 173 18.22 74.33 19.55
C LEU O 173 16.85 73.87 19.06
N THR O 174 16.69 72.58 18.92
CA THR O 174 15.43 72.01 18.47
C THR O 174 14.98 70.83 19.31
N SER O 175 15.91 69.99 19.76
CA SER O 175 15.56 68.82 20.56
C SER O 175 15.15 69.27 21.95
N GLY O 176 14.03 68.74 22.44
CA GLY O 176 13.54 69.09 23.75
C GLY O 176 12.79 70.41 23.82
N VAL O 177 12.40 70.97 22.69
CA VAL O 177 11.67 72.23 22.64
C VAL O 177 10.18 71.94 22.61
N HIS O 178 9.41 72.64 23.44
CA HIS O 178 7.95 72.50 23.47
C HIS O 178 7.34 73.88 23.38
N THR O 179 6.80 74.21 22.21
CA THR O 179 6.06 75.46 22.01
C THR O 179 4.58 75.12 22.19
N PHE O 180 4.04 75.51 23.33
CA PHE O 180 2.67 75.13 23.67
C PHE O 180 1.66 75.87 22.77
N PRO O 181 0.49 75.28 22.55
CA PRO O 181 -0.53 76.00 21.79
C PRO O 181 -1.04 77.22 22.54
N ALA O 182 -1.44 78.23 21.78
CA ALA O 182 -1.90 79.48 22.37
C ALA O 182 -3.22 79.29 23.11
N VAL O 183 -3.44 80.13 24.12
CA VAL O 183 -4.68 80.15 24.89
C VAL O 183 -5.21 81.57 24.88
N LEU O 184 -6.50 81.72 24.59
CA LEU O 184 -7.15 83.02 24.60
C LEU O 184 -7.43 83.42 26.04
N GLN O 185 -6.84 84.53 26.47
CA GLN O 185 -7.07 84.97 27.83
C GLN O 185 -8.42 85.67 27.93
N SER O 186 -8.84 85.94 29.17
CA SER O 186 -10.14 86.57 29.37
C SER O 186 -10.19 87.98 28.78
N SER O 187 -9.05 88.61 28.57
CA SER O 187 -9.00 89.95 28.00
C SER O 187 -9.13 89.96 26.48
N GLY O 188 -9.15 88.79 25.84
CA GLY O 188 -9.23 88.70 24.40
C GLY O 188 -7.89 88.63 23.69
N LEU O 189 -6.78 88.66 24.41
CA LEU O 189 -5.46 88.54 23.82
C LEU O 189 -4.91 87.15 24.09
N TYR O 190 -4.03 86.69 23.20
CA TYR O 190 -3.47 85.36 23.29
C TYR O 190 -2.16 85.37 24.09
N SER O 191 -1.75 84.18 24.49
CA SER O 191 -0.53 84.01 25.28
C SER O 191 -0.11 82.55 25.22
N LEU O 192 1.14 82.31 24.84
CA LEU O 192 1.68 80.96 24.79
C LEU O 192 2.99 80.92 25.56
N SER O 193 3.49 79.72 25.76
CA SER O 193 4.77 79.51 26.44
C SER O 193 5.57 78.51 25.64
N SER O 194 6.87 78.78 25.50
CA SER O 194 7.78 77.88 24.80
C SER O 194 8.92 77.54 25.73
N VAL O 195 9.04 76.26 26.09
CA VAL O 195 10.01 75.81 27.06
C VAL O 195 11.00 74.87 26.40
N VAL O 196 12.06 74.55 27.13
CA VAL O 196 13.10 73.66 26.64
C VAL O 196 13.88 73.13 27.84
N THR O 197 14.20 71.85 27.79
CA THR O 197 15.03 71.19 28.81
C THR O 197 16.47 71.14 28.33
N VAL O 198 17.38 71.55 29.21
CA VAL O 198 18.80 71.60 28.90
C VAL O 198 19.57 70.94 30.04
N PRO O 199 20.80 70.48 29.77
CA PRO O 199 21.62 69.88 30.83
C PRO O 199 21.92 70.87 31.96
N SER O 200 21.97 70.35 33.18
CA SER O 200 22.18 71.18 34.36
C SER O 200 23.59 71.77 34.41
N SER O 201 24.57 71.07 33.85
CA SER O 201 25.95 71.54 33.92
C SER O 201 26.29 72.63 32.91
N SER O 202 25.53 72.77 31.83
CA SER O 202 25.83 73.70 30.75
C SER O 202 25.22 75.08 30.89
N LEU O 203 24.52 75.37 31.99
CA LEU O 203 23.84 76.66 32.11
C LEU O 203 24.82 77.82 32.18
N GLY O 204 25.93 77.65 32.89
CA GLY O 204 26.88 78.75 33.03
C GLY O 204 27.66 79.06 31.77
N THR O 205 27.66 78.14 30.81
CA THR O 205 28.43 78.28 29.58
C THR O 205 27.56 78.57 28.37
N GLN O 206 26.48 77.81 28.17
CA GLN O 206 25.66 77.95 26.97
C GLN O 206 24.68 79.11 27.13
N THR O 207 24.50 79.87 26.06
CA THR O 207 23.54 80.97 26.02
C THR O 207 22.27 80.49 25.32
N TYR O 208 21.13 80.78 25.93
CA TYR O 208 19.83 80.40 25.38
C TYR O 208 19.01 81.66 25.12
N ILE O 209 18.60 81.85 23.86
CA ILE O 209 17.81 82.99 23.45
C ILE O 209 16.59 82.49 22.69
N CYS O 210 15.41 82.91 23.11
CA CYS O 210 14.20 82.60 22.34
C CYS O 210 13.90 83.76 21.41
N ASN O 211 13.56 83.43 20.17
CA ASN O 211 13.28 84.40 19.11
C ASN O 211 11.81 84.29 18.78
N VAL O 212 11.06 85.32 19.15
CA VAL O 212 9.62 85.38 18.95
C VAL O 212 9.34 86.35 17.82
N ASN O 213 8.46 85.96 16.90
CA ASN O 213 8.07 86.82 15.80
C ASN O 213 6.56 86.85 15.67
N HIS O 214 6.02 88.06 15.52
CA HIS O 214 4.59 88.33 15.36
C HIS O 214 4.42 89.18 14.11
N LYS O 215 4.12 88.52 12.99
CA LYS O 215 3.99 89.24 11.72
C LYS O 215 2.84 90.25 11.67
N PRO O 216 1.64 90.01 12.24
CA PRO O 216 0.59 91.03 12.13
C PRO O 216 0.98 92.38 12.69
N SER O 217 1.90 92.41 13.66
CA SER O 217 2.43 93.65 14.19
C SER O 217 3.88 93.88 13.79
N ASN O 218 4.47 92.95 13.04
CA ASN O 218 5.85 93.06 12.57
C ASN O 218 6.80 93.29 13.74
N THR O 219 6.77 92.37 14.70
CA THR O 219 7.55 92.47 15.93
C THR O 219 8.48 91.27 16.06
N LYS O 220 9.77 91.55 16.15
CA LYS O 220 10.81 90.55 16.41
C LYS O 220 11.41 90.83 17.79
N VAL O 221 11.32 89.85 18.68
CA VAL O 221 11.83 90.02 20.04
C VAL O 221 12.72 88.82 20.36
N ASP O 222 13.97 89.08 20.71
CA ASP O 222 14.90 88.04 21.12
C ASP O 222 15.20 88.23 22.61
N LYS O 223 14.80 87.26 23.43
CA LYS O 223 14.99 87.35 24.87
C LYS O 223 15.96 86.25 25.29
N LYS O 224 17.09 86.66 25.87
CA LYS O 224 18.05 85.72 26.41
C LYS O 224 17.64 85.31 27.82
N VAL O 225 17.57 84.00 28.06
CA VAL O 225 17.12 83.45 29.33
C VAL O 225 18.34 83.05 30.14
N GLU O 226 18.54 83.71 31.28
CA GLU O 226 19.66 83.45 32.17
C GLU O 226 19.17 83.33 33.61
N PRO O 227 19.86 82.52 34.42
CA PRO O 227 19.41 82.32 35.81
C PRO O 227 19.50 83.58 36.66
N LYS O 228 19.25 83.44 37.96
CA LYS O 228 19.36 84.58 38.86
C LYS O 228 20.32 84.31 40.01
N SER O 229 20.30 85.16 41.03
CA SER O 229 21.22 85.03 42.15
C SER O 229 20.78 83.96 43.15
N CYS O 230 19.48 83.76 43.31
CA CYS O 230 18.97 82.78 44.26
C CYS O 230 17.56 82.33 43.89
N ASP P 1 -34.88 66.51 18.31
CA ASP P 1 -33.50 66.21 17.92
C ASP P 1 -33.09 64.79 18.33
N ILE P 2 -32.06 64.26 17.68
CA ILE P 2 -31.54 62.93 17.95
C ILE P 2 -30.24 63.04 18.72
N GLN P 3 -30.11 62.22 19.77
CA GLN P 3 -28.95 62.27 20.66
C GLN P 3 -27.87 61.33 20.12
N MET P 4 -26.64 61.84 20.01
CA MET P 4 -25.48 61.06 19.58
C MET P 4 -24.52 60.88 20.76
N THR P 5 -23.89 59.70 20.84
CA THR P 5 -22.95 59.40 21.93
C THR P 5 -21.80 58.54 21.40
N GLN P 6 -20.62 59.12 21.26
CA GLN P 6 -19.43 58.37 20.85
C GLN P 6 -18.63 57.87 22.04
N SER P 7 -18.19 56.62 21.96
CA SER P 7 -17.44 55.98 23.04
C SER P 7 -16.37 55.07 22.45
N PRO P 8 -15.12 55.15 22.92
CA PRO P 8 -14.76 56.11 23.97
C PRO P 8 -14.29 57.44 23.40
N SER P 9 -14.13 58.43 24.27
CA SER P 9 -13.65 59.73 23.81
C SER P 9 -12.16 59.68 23.49
N SER P 10 -11.40 58.87 24.22
CA SER P 10 -9.99 58.66 23.96
C SER P 10 -9.71 57.17 23.89
N LEU P 11 -8.85 56.78 22.97
CA LEU P 11 -8.47 55.38 22.79
C LEU P 11 -6.98 55.31 22.53
N SER P 12 -6.29 54.55 23.37
CA SER P 12 -4.85 54.35 23.23
C SER P 12 -4.61 53.00 22.58
N ALA P 13 -3.82 52.98 21.51
CA ALA P 13 -3.57 51.74 20.80
C ALA P 13 -2.23 51.83 20.07
N SER P 14 -1.67 50.66 19.79
CA SER P 14 -0.40 50.56 19.09
C SER P 14 -0.65 50.26 17.61
N VAL P 15 0.43 50.21 16.85
CA VAL P 15 0.34 49.95 15.42
C VAL P 15 0.06 48.48 15.17
N GLY P 16 -0.87 48.20 14.26
CA GLY P 16 -1.26 46.85 13.91
C GLY P 16 -2.35 46.24 14.75
N ASP P 17 -2.83 46.93 15.79
CA ASP P 17 -3.87 46.40 16.64
C ASP P 17 -5.25 46.62 15.99
N ARG P 18 -6.26 45.98 16.57
CA ARG P 18 -7.62 46.04 16.08
C ARG P 18 -8.48 46.82 17.07
N VAL P 19 -9.01 47.97 16.64
CA VAL P 19 -9.73 48.88 17.51
C VAL P 19 -11.15 49.08 17.00
N THR P 20 -12.03 49.51 17.91
CA THR P 20 -13.44 49.71 17.59
C THR P 20 -13.98 50.92 18.35
N ILE P 21 -14.47 51.90 17.61
CA ILE P 21 -15.15 53.08 18.14
C ILE P 21 -16.65 52.87 17.96
N THR P 22 -17.44 53.33 18.93
CA THR P 22 -18.87 53.10 18.94
C THR P 22 -19.62 54.42 18.93
N CYS P 23 -20.73 54.45 18.21
CA CYS P 23 -21.63 55.60 18.12
C CYS P 23 -23.04 55.08 18.41
N ARG P 24 -23.60 55.49 19.53
CA ARG P 24 -24.95 55.11 19.92
C ARG P 24 -25.89 56.28 19.69
N THR P 25 -27.07 55.99 19.14
CA THR P 25 -28.07 57.01 18.83
C THR P 25 -29.32 56.79 19.67
N SER P 26 -30.18 57.82 19.69
CA SER P 26 -31.41 57.78 20.48
C SER P 26 -32.57 57.13 19.75
N GLN P 27 -32.63 57.24 18.43
CA GLN P 27 -33.72 56.66 17.65
C GLN P 27 -33.16 55.63 16.67
N ASP P 28 -34.07 54.96 15.97
CA ASP P 28 -33.69 54.08 14.86
C ASP P 28 -33.53 54.97 13.64
N VAL P 29 -32.28 55.25 13.28
CA VAL P 29 -31.91 56.17 12.21
C VAL P 29 -32.06 55.50 10.85
N ARG P 30 -32.58 54.27 10.86
CA ARG P 30 -32.78 53.49 9.65
C ARG P 30 -31.46 53.31 8.91
N GLY P 31 -30.39 53.09 9.67
CA GLY P 31 -29.09 52.88 9.09
C GLY P 31 -28.63 54.08 8.29
N ALA P 32 -28.67 55.27 8.89
CA ALA P 32 -28.20 56.46 8.19
C ALA P 32 -27.04 57.08 8.95
N LEU P 33 -26.04 56.26 9.23
CA LEU P 33 -24.86 56.64 9.99
C LEU P 33 -23.70 56.91 9.03
N ALA P 34 -22.88 57.89 9.38
CA ALA P 34 -21.67 58.20 8.63
C ALA P 34 -20.48 58.30 9.58
N TRP P 35 -19.34 57.78 9.15
CA TRP P 35 -18.09 57.84 9.88
C TRP P 35 -17.09 58.68 9.07
N TYR P 36 -16.46 59.63 9.77
CA TYR P 36 -15.50 60.57 9.19
C TYR P 36 -14.17 60.49 9.92
N GLN P 37 -13.11 60.77 9.17
CA GLN P 37 -11.73 60.86 9.66
C GLN P 37 -11.25 62.28 9.47
N GLN P 38 -10.79 62.91 10.55
CA GLN P 38 -10.24 64.25 10.51
C GLN P 38 -8.81 64.23 11.03
N LYS P 39 -7.85 64.55 10.15
CA LYS P 39 -6.49 64.81 10.59
C LYS P 39 -6.40 66.20 11.24
N PRO P 40 -5.49 66.36 12.20
CA PRO P 40 -5.42 67.62 12.95
C PRO P 40 -5.17 68.81 12.03
N GLY P 41 -6.09 69.78 12.08
CA GLY P 41 -6.00 70.99 11.32
C GLY P 41 -6.63 70.91 9.93
N LYS P 42 -6.67 69.71 9.35
CA LYS P 42 -7.16 69.52 8.00
C LYS P 42 -8.65 69.16 8.00
N ALA P 43 -9.25 69.22 6.81
CA ALA P 43 -10.68 68.96 6.69
C ALA P 43 -10.98 67.48 6.89
N PRO P 44 -12.14 67.16 7.46
CA PRO P 44 -12.51 65.76 7.63
C PRO P 44 -12.71 65.07 6.29
N LYS P 45 -12.63 63.74 6.34
CA LYS P 45 -12.78 62.90 5.15
C LYS P 45 -13.83 61.84 5.43
N LEU P 46 -14.79 61.71 4.52
CA LEU P 46 -15.82 60.71 4.67
C LEU P 46 -15.23 59.32 4.46
N LEU P 47 -15.25 58.49 5.49
CA LEU P 47 -14.73 57.13 5.42
C LEU P 47 -15.82 56.10 5.16
N ILE P 48 -16.80 56.04 6.05
CA ILE P 48 -17.85 55.03 5.99
C ILE P 48 -19.17 55.77 5.95
N PHE P 49 -20.09 55.19 5.22
CA PHE P 49 -21.03 55.86 4.35
C PHE P 49 -22.46 55.56 4.75
N ASP P 50 -22.77 54.28 4.85
CA ASP P 50 -24.00 53.81 5.36
C ASP P 50 -23.61 53.19 6.70
N ALA P 51 -24.27 52.09 7.07
CA ALA P 51 -23.80 51.37 8.24
C ALA P 51 -22.43 50.75 7.93
N SER P 52 -22.31 50.09 6.78
CA SER P 52 -21.09 49.42 6.37
C SER P 52 -20.52 49.85 5.02
N SER P 53 -21.26 50.61 4.21
CA SER P 53 -20.77 50.96 2.87
C SER P 53 -19.51 51.80 2.95
N LEU P 54 -18.53 51.46 2.13
CA LEU P 54 -17.23 52.11 2.13
C LEU P 54 -17.13 53.08 0.96
N GLU P 55 -16.67 54.30 1.24
CA GLU P 55 -16.47 55.28 0.19
C GLU P 55 -15.30 54.87 -0.71
N THR P 56 -15.36 55.30 -1.96
CA THR P 56 -14.29 55.00 -2.91
C THR P 56 -12.97 55.55 -2.40
N GLY P 57 -11.93 54.72 -2.46
CA GLY P 57 -10.62 55.13 -2.02
C GLY P 57 -10.31 54.86 -0.56
N VAL P 58 -11.23 54.26 0.18
CA VAL P 58 -11.00 53.96 1.59
C VAL P 58 -10.42 52.55 1.68
N PRO P 59 -9.34 52.35 2.44
CA PRO P 59 -8.76 51.01 2.55
C PRO P 59 -9.74 50.02 3.16
N SER P 60 -9.45 48.73 2.93
CA SER P 60 -10.33 47.67 3.41
C SER P 60 -10.21 47.43 4.91
N ARG P 61 -9.17 47.97 5.57
CA ARG P 61 -9.03 47.76 7.00
C ARG P 61 -10.07 48.52 7.80
N PHE P 62 -10.71 49.52 7.18
CA PHE P 62 -11.81 50.25 7.80
C PHE P 62 -13.09 49.47 7.56
N SER P 63 -13.75 49.07 8.64
CA SER P 63 -14.95 48.24 8.61
C SER P 63 -16.09 48.95 9.32
N GLY P 64 -17.28 48.84 8.78
CA GLY P 64 -18.48 49.42 9.37
C GLY P 64 -19.44 48.34 9.81
N SER P 65 -20.06 48.53 10.98
CA SER P 65 -21.01 47.57 11.50
C SER P 65 -22.03 48.31 12.36
N GLY P 66 -22.93 47.55 12.95
CA GLY P 66 -24.00 48.11 13.74
C GLY P 66 -25.28 48.29 12.94
N SER P 67 -26.38 48.45 13.67
CA SER P 67 -27.69 48.61 13.04
C SER P 67 -28.68 49.13 14.07
N GLY P 68 -29.55 50.04 13.63
CA GLY P 68 -30.61 50.52 14.48
C GLY P 68 -30.19 51.61 15.45
N THR P 69 -29.59 51.20 16.56
CA THR P 69 -29.22 52.08 17.64
C THR P 69 -27.72 52.15 17.88
N VAL P 70 -27.02 51.02 17.84
CA VAL P 70 -25.59 50.96 18.06
C VAL P 70 -24.90 50.78 16.71
N PHE P 71 -23.90 51.63 16.42
CA PHE P 71 -23.11 51.51 15.22
C PHE P 71 -21.63 51.51 15.60
N THR P 72 -20.82 50.70 14.90
CA THR P 72 -19.41 50.58 15.24
C THR P 72 -18.54 50.82 14.01
N LEU P 73 -17.45 51.54 14.22
CA LEU P 73 -16.36 51.68 13.26
C LEU P 73 -15.19 50.85 13.77
N THR P 74 -14.63 50.00 12.90
CA THR P 74 -13.60 49.06 13.31
C THR P 74 -12.38 49.22 12.41
N ILE P 75 -11.19 49.21 13.01
CA ILE P 75 -9.93 49.21 12.28
C ILE P 75 -9.21 47.90 12.56
N SER P 76 -9.03 47.09 11.52
CA SER P 76 -8.43 45.76 11.65
C SER P 76 -6.95 45.84 12.06
N SER P 77 -6.10 46.34 11.16
CA SER P 77 -4.68 46.50 11.43
C SER P 77 -4.33 47.97 11.37
N LEU P 78 -3.94 48.54 12.51
CA LEU P 78 -3.63 49.97 12.57
C LEU P 78 -2.33 50.29 11.85
N GLN P 79 -2.27 51.49 11.30
CA GLN P 79 -1.12 52.06 10.62
C GLN P 79 -0.91 53.49 11.13
N PRO P 80 0.28 54.05 10.96
CA PRO P 80 0.48 55.46 11.34
C PRO P 80 -0.43 56.42 10.60
N GLU P 81 -1.00 55.99 9.48
CA GLU P 81 -1.90 56.82 8.68
C GLU P 81 -3.28 56.94 9.34
N ASP P 82 -3.64 56.02 10.23
CA ASP P 82 -4.96 55.95 10.83
C ASP P 82 -5.11 56.75 12.13
N PHE P 83 -4.04 57.37 12.64
CA PHE P 83 -4.12 58.11 13.91
C PHE P 83 -4.62 59.52 13.69
N ALA P 84 -5.88 59.77 14.05
CA ALA P 84 -6.50 61.07 13.89
C ALA P 84 -7.77 61.10 14.76
N ALA P 85 -8.71 61.96 14.41
CA ALA P 85 -9.99 62.02 15.09
C ALA P 85 -11.07 61.38 14.22
N TYR P 86 -12.07 60.79 14.86
CA TYR P 86 -13.12 60.09 14.15
C TYR P 86 -14.48 60.55 14.68
N TYR P 87 -15.37 60.92 13.76
CA TYR P 87 -16.67 61.47 14.10
C TYR P 87 -17.78 60.68 13.43
N CYS P 88 -18.90 60.49 14.13
CA CYS P 88 -20.09 59.91 13.54
C CYS P 88 -21.16 60.99 13.37
N GLN P 89 -21.94 60.85 12.30
CA GLN P 89 -22.99 61.80 11.97
C GLN P 89 -24.23 61.04 11.55
N GLN P 90 -25.40 61.51 12.01
CA GLN P 90 -26.67 60.89 11.67
C GLN P 90 -27.30 61.64 10.51
N PHE P 91 -27.95 60.90 9.61
CA PHE P 91 -28.57 61.48 8.43
C PHE P 91 -30.00 61.01 8.25
N LEU P 92 -30.71 60.76 9.34
CA LEU P 92 -32.12 60.42 9.26
C LEU P 92 -32.93 61.64 8.88
N ASP P 93 -32.99 62.63 9.78
CA ASP P 93 -33.63 63.90 9.49
C ASP P 93 -32.77 65.03 10.05
N PHE P 94 -33.17 66.25 9.73
CA PHE P 94 -32.47 67.42 10.22
C PHE P 94 -32.78 67.63 11.70
N PRO P 95 -31.81 68.13 12.48
CA PRO P 95 -30.43 68.49 12.10
C PRO P 95 -29.50 67.30 12.01
N PHE P 96 -28.51 67.37 11.12
CA PHE P 96 -27.50 66.32 10.96
C PHE P 96 -26.38 66.51 11.99
N THR P 97 -26.73 66.30 13.26
CA THR P 97 -25.81 66.55 14.35
C THR P 97 -24.61 65.60 14.28
N PHE P 98 -23.46 66.11 14.70
CA PHE P 98 -22.24 65.33 14.74
C PHE P 98 -22.11 64.64 16.10
N GLY P 99 -21.17 63.71 16.19
CA GLY P 99 -20.86 63.08 17.45
C GLY P 99 -19.83 63.87 18.23
N GLN P 100 -19.53 63.37 19.43
CA GLN P 100 -18.54 64.04 20.26
C GLN P 100 -17.15 63.92 19.66
N GLY P 101 -16.86 62.77 19.06
CA GLY P 101 -15.55 62.53 18.50
C GLY P 101 -14.75 61.55 19.34
N THR P 102 -13.76 60.94 18.69
CA THR P 102 -12.87 59.99 19.36
C THR P 102 -11.45 60.29 18.94
N ARG P 103 -10.63 60.71 19.89
CA ARG P 103 -9.22 60.91 19.62
C ARG P 103 -8.54 59.55 19.71
N LEU P 104 -7.74 59.23 18.69
CA LEU P 104 -7.04 57.96 18.64
C LEU P 104 -5.56 58.26 18.84
N GLU P 105 -5.02 57.82 19.98
CA GLU P 105 -3.65 58.09 20.36
C GLU P 105 -2.82 56.81 20.39
N ILE P 106 -1.51 57.01 20.37
CA ILE P 106 -0.55 55.90 20.36
C ILE P 106 -0.34 55.42 21.80
N LYS P 107 -0.48 54.12 22.01
CA LYS P 107 -0.31 53.54 23.32
C LYS P 107 1.16 53.53 23.72
N ARG P 108 1.43 53.86 24.98
CA ARG P 108 2.82 53.93 25.45
C ARG P 108 2.87 53.55 26.92
N THR P 109 4.07 53.21 27.38
CA THR P 109 4.31 52.94 28.79
C THR P 109 4.14 54.23 29.60
N VAL P 110 3.70 54.05 30.85
CA VAL P 110 3.44 55.19 31.72
C VAL P 110 4.72 55.94 32.00
N ALA P 111 4.66 57.27 31.89
CA ALA P 111 5.82 58.13 32.12
C ALA P 111 5.43 59.26 33.05
N ALA P 112 6.13 59.35 34.18
CA ALA P 112 5.86 60.42 35.13
C ALA P 112 6.33 61.76 34.55
N PRO P 113 5.64 62.84 34.86
CA PRO P 113 6.02 64.15 34.33
C PRO P 113 7.22 64.73 35.06
N SER P 114 7.94 65.60 34.37
CA SER P 114 9.00 66.40 34.96
C SER P 114 8.40 67.75 35.34
N VAL P 115 8.36 68.05 36.63
CA VAL P 115 7.67 69.23 37.14
C VAL P 115 8.67 70.36 37.34
N PHE P 116 8.34 71.54 36.82
CA PHE P 116 9.15 72.73 37.04
C PHE P 116 8.22 73.89 37.36
N ILE P 117 8.72 74.85 38.13
CA ILE P 117 7.93 76.04 38.47
C ILE P 117 8.77 77.29 38.24
N PHE P 118 8.14 78.30 37.67
CA PHE P 118 8.80 79.55 37.30
C PHE P 118 8.06 80.70 37.95
N PRO P 119 8.71 81.49 38.80
CA PRO P 119 8.11 82.69 39.33
C PRO P 119 8.00 83.75 38.24
N PRO P 120 7.17 84.76 38.43
CA PRO P 120 7.07 85.81 37.41
C PRO P 120 8.39 86.55 37.28
N SER P 121 8.74 86.87 36.04
CA SER P 121 10.01 87.53 35.79
C SER P 121 10.00 88.94 36.39
N ASP P 122 11.20 89.43 36.69
CA ASP P 122 11.32 90.80 37.17
C ASP P 122 10.85 91.79 36.12
N GLU P 123 11.01 91.43 34.84
CA GLU P 123 10.57 92.29 33.75
C GLU P 123 9.05 92.39 33.68
N GLN P 124 8.34 91.32 34.06
CA GLN P 124 6.88 91.35 33.98
C GLN P 124 6.26 92.14 35.13
N LEU P 125 6.83 92.04 36.33
CA LEU P 125 6.26 92.73 37.48
C LEU P 125 6.25 94.24 37.28
N LYS P 126 7.19 94.77 36.50
CA LYS P 126 7.22 96.19 36.21
C LYS P 126 6.12 96.63 35.26
N SER P 127 5.44 95.70 34.58
CA SER P 127 4.36 96.07 33.67
C SER P 127 3.02 96.11 34.36
N GLY P 128 2.84 95.36 35.46
CA GLY P 128 1.61 95.43 36.22
C GLY P 128 0.97 94.10 36.57
N THR P 129 1.27 93.04 35.81
CA THR P 129 0.70 91.72 36.05
C THR P 129 1.77 90.75 36.52
N ALA P 130 1.35 89.57 36.95
CA ALA P 130 2.31 88.55 37.36
C ALA P 130 1.77 87.18 36.97
N SER P 131 2.58 86.42 36.25
CA SER P 131 2.19 85.10 35.76
C SER P 131 3.18 84.06 36.26
N VAL P 132 2.69 83.09 37.03
CA VAL P 132 3.47 81.98 37.53
C VAL P 132 3.24 80.78 36.63
N VAL P 133 4.33 80.16 36.16
CA VAL P 133 4.23 79.10 35.16
C VAL P 133 4.63 77.77 35.79
N CYS P 134 3.80 76.75 35.63
CA CYS P 134 4.11 75.40 36.04
C CYS P 134 4.18 74.52 34.80
N LEU P 135 5.23 73.70 34.72
CA LEU P 135 5.53 72.92 33.53
C LEU P 135 5.56 71.44 33.87
N LEU P 136 4.78 70.64 33.13
CA LEU P 136 4.81 69.18 33.20
C LEU P 136 5.39 68.68 31.89
N ASN P 137 6.60 68.13 31.93
CA ASN P 137 7.35 67.75 30.74
C ASN P 137 7.33 66.25 30.54
N ASN P 138 6.94 65.83 29.33
CA ASN P 138 7.06 64.44 28.86
C ASN P 138 6.44 63.43 29.80
N PHE P 139 5.11 63.33 29.78
CA PHE P 139 4.38 62.34 30.56
C PHE P 139 3.39 61.62 29.66
N TYR P 140 2.94 60.45 30.13
CA TYR P 140 1.93 59.63 29.48
C TYR P 140 1.27 58.80 30.58
N PRO P 141 -0.05 58.67 30.58
CA PRO P 141 -1.01 59.18 29.58
C PRO P 141 -1.31 60.67 29.70
N ARG P 142 -2.28 61.12 28.92
CA ARG P 142 -2.60 62.55 28.85
C ARG P 142 -3.18 63.05 30.17
N GLU P 143 -3.96 62.24 30.88
CA GLU P 143 -4.69 62.72 32.05
C GLU P 143 -3.74 63.16 33.15
N ALA P 144 -3.88 64.41 33.58
CA ALA P 144 -3.07 64.97 34.65
C ALA P 144 -3.84 66.11 35.30
N LYS P 145 -3.67 66.27 36.61
CA LYS P 145 -4.36 67.30 37.38
C LYS P 145 -3.35 68.24 38.02
N VAL P 146 -3.59 69.54 37.90
CA VAL P 146 -2.69 70.56 38.43
C VAL P 146 -3.49 71.48 39.34
N GLN P 147 -3.01 71.67 40.56
CA GLN P 147 -3.64 72.58 41.51
C GLN P 147 -2.62 73.59 42.00
N TRP P 148 -3.03 74.85 42.06
CA TRP P 148 -2.19 75.93 42.54
C TRP P 148 -2.47 76.22 44.00
N LYS P 149 -1.42 76.46 44.77
CA LYS P 149 -1.56 76.78 46.20
C LYS P 149 -0.74 78.03 46.51
N VAL P 150 -1.42 79.12 46.82
CA VAL P 150 -0.79 80.37 47.21
C VAL P 150 -0.93 80.49 48.72
N ASP P 151 0.19 80.41 49.43
CA ASP P 151 0.20 80.36 50.89
C ASP P 151 -0.68 79.22 51.41
N ASN P 152 -0.58 78.06 50.76
CA ASN P 152 -1.38 76.88 51.07
C ASN P 152 -2.87 77.11 50.87
N ALA P 153 -3.25 78.12 50.12
CA ALA P 153 -4.66 78.34 49.77
C ALA P 153 -4.84 77.94 48.33
N LEU P 154 -5.71 76.96 48.10
CA LEU P 154 -5.89 76.44 46.76
C LEU P 154 -6.62 77.47 45.90
N GLN P 155 -6.11 77.68 44.70
CA GLN P 155 -6.70 78.64 43.77
C GLN P 155 -7.54 77.90 42.72
N SER P 156 -8.61 78.56 42.28
CA SER P 156 -9.49 78.03 41.26
C SER P 156 -10.15 79.21 40.56
N GLY P 157 -10.20 79.14 39.23
CA GLY P 157 -10.77 80.22 38.44
C GLY P 157 -9.78 81.24 37.93
N ASN P 158 -8.48 81.02 38.14
CA ASN P 158 -7.44 81.87 37.61
C ASN P 158 -6.40 81.12 36.80
N SER P 159 -6.36 79.79 36.90
CA SER P 159 -5.43 78.99 36.11
C SER P 159 -5.97 78.75 34.71
N GLN P 160 -5.04 78.52 33.78
CA GLN P 160 -5.36 78.30 32.37
C GLN P 160 -4.35 77.31 31.83
N GLU P 161 -4.80 76.11 31.50
CA GLU P 161 -3.91 75.03 31.07
C GLU P 161 -3.69 75.07 29.57
N SER P 162 -2.64 74.39 29.13
CA SER P 162 -2.35 74.22 27.70
C SER P 162 -1.50 72.98 27.54
N VAL P 163 -1.86 72.12 26.59
CA VAL P 163 -1.20 70.85 26.39
C VAL P 163 -0.77 70.73 24.94
N THR P 164 0.40 70.13 24.71
CA THR P 164 0.89 69.90 23.37
C THR P 164 0.30 68.60 22.80
N GLU P 165 0.58 68.37 21.52
CA GLU P 165 0.20 67.13 20.89
C GLU P 165 1.19 66.02 21.25
N GLN P 166 0.80 64.78 20.96
CA GLN P 166 1.68 63.64 21.21
C GLN P 166 2.92 63.75 20.32
N ASP P 167 4.10 63.66 20.94
CA ASP P 167 5.35 63.80 20.21
C ASP P 167 5.53 62.64 19.25
N SER P 168 5.95 62.96 18.03
CA SER P 168 6.13 61.95 16.98
C SER P 168 7.33 61.06 17.22
N LYS P 169 8.11 61.29 18.28
CA LYS P 169 9.30 60.50 18.57
C LYS P 169 9.12 59.61 19.79
N ASP P 170 8.70 60.17 20.92
CA ASP P 170 8.52 59.41 22.15
C ASP P 170 7.07 59.17 22.52
N SER P 171 6.12 59.81 21.85
CA SER P 171 4.68 59.62 22.12
C SER P 171 4.31 60.00 23.55
N THR P 172 4.78 61.18 23.99
CA THR P 172 4.45 61.73 25.30
C THR P 172 3.89 63.14 25.15
N TYR P 173 3.12 63.54 26.15
CA TYR P 173 2.48 64.85 26.18
C TYR P 173 3.23 65.80 27.13
N SER P 174 3.00 67.10 26.94
CA SER P 174 3.56 68.13 27.80
C SER P 174 2.51 69.20 28.08
N LEU P 175 2.42 69.61 29.35
CA LEU P 175 1.38 70.52 29.82
C LEU P 175 2.01 71.76 30.47
N SER P 176 1.31 72.89 30.34
CA SER P 176 1.75 74.16 30.88
C SER P 176 0.57 74.84 31.56
N SER P 177 0.64 75.00 32.88
CA SER P 177 -0.40 75.69 33.65
C SER P 177 0.08 77.08 34.05
N THR P 178 -0.70 78.10 33.68
CA THR P 178 -0.32 79.49 33.92
C THR P 178 -1.29 80.11 34.92
N LEU P 179 -0.78 80.51 36.07
CA LEU P 179 -1.56 81.21 37.09
C LEU P 179 -1.33 82.71 36.95
N THR P 180 -2.41 83.45 36.69
CA THR P 180 -2.33 84.89 36.47
C THR P 180 -2.87 85.62 37.70
N LEU P 181 -2.05 86.52 38.24
CA LEU P 181 -2.40 87.31 39.41
C LEU P 181 -2.06 88.77 39.15
N SER P 182 -2.57 89.61 40.04
CA SER P 182 -2.23 91.03 40.05
C SER P 182 -0.96 91.24 40.86
N LYS P 183 -0.24 92.31 40.52
CA LYS P 183 1.03 92.57 41.19
C LYS P 183 0.83 92.72 42.70
N ALA P 184 -0.24 93.38 43.11
CA ALA P 184 -0.52 93.55 44.53
C ALA P 184 -0.73 92.21 45.22
N ASP P 185 -1.56 91.34 44.62
CA ASP P 185 -1.80 90.04 45.21
C ASP P 185 -0.53 89.20 45.23
N TYR P 186 0.31 89.32 44.20
CA TYR P 186 1.54 88.55 44.18
C TYR P 186 2.48 89.03 45.28
N GLU P 187 2.55 90.33 45.51
CA GLU P 187 3.41 90.84 46.57
C GLU P 187 2.76 90.78 47.95
N LYS P 188 1.50 90.30 48.05
CA LYS P 188 0.91 90.10 49.36
C LYS P 188 1.35 88.80 50.01
N HIS P 189 1.52 87.74 49.23
CA HIS P 189 1.83 86.43 49.77
C HIS P 189 3.28 86.09 49.48
N LYS P 190 3.68 84.91 49.93
CA LYS P 190 5.09 84.52 49.82
C LYS P 190 5.33 83.09 49.34
N VAL P 191 4.44 82.14 49.62
CA VAL P 191 4.65 80.75 49.25
C VAL P 191 3.76 80.43 48.05
N TYR P 192 4.37 79.89 46.99
CA TYR P 192 3.61 79.52 45.80
C TYR P 192 3.99 78.11 45.40
N ALA P 193 2.99 77.24 45.24
CA ALA P 193 3.23 75.84 44.99
C ALA P 193 2.34 75.34 43.85
N CYS P 194 2.86 74.34 43.14
CA CYS P 194 2.17 73.68 42.05
C CYS P 194 2.14 72.19 42.38
N GLU P 195 0.93 71.67 42.61
CA GLU P 195 0.71 70.27 42.98
C GLU P 195 0.22 69.50 41.75
N VAL P 196 0.98 68.48 41.36
CA VAL P 196 0.71 67.66 40.20
C VAL P 196 0.26 66.28 40.67
N THR P 197 -0.87 65.83 40.12
CA THR P 197 -1.40 64.49 40.37
C THR P 197 -1.46 63.77 39.03
N HIS P 198 -0.85 62.60 38.97
CA HIS P 198 -0.73 61.86 37.71
C HIS P 198 -0.60 60.39 38.01
N GLN P 199 -0.92 59.57 37.00
CA GLN P 199 -0.89 58.12 37.18
C GLN P 199 0.52 57.63 37.49
N GLY P 200 1.52 58.18 36.79
CA GLY P 200 2.90 57.78 36.99
C GLY P 200 3.45 58.13 38.36
N LEU P 201 2.86 59.13 39.01
CA LEU P 201 3.33 59.59 40.31
C LEU P 201 2.65 58.78 41.41
N SER P 202 3.45 58.14 42.27
CA SER P 202 2.88 57.40 43.39
C SER P 202 2.23 58.34 44.40
N SER P 203 2.84 59.50 44.62
CA SER P 203 2.32 60.54 45.48
C SER P 203 2.35 61.87 44.75
N PRO P 204 1.40 62.76 45.03
CA PRO P 204 1.37 64.04 44.29
C PRO P 204 2.66 64.83 44.49
N VAL P 205 3.21 65.33 43.39
CA VAL P 205 4.47 66.07 43.42
C VAL P 205 4.18 67.56 43.54
N THR P 206 4.82 68.23 44.49
CA THR P 206 4.56 69.65 44.74
C THR P 206 5.85 70.42 44.60
N LYS P 207 5.98 71.18 43.51
CA LYS P 207 7.12 72.08 43.33
C LYS P 207 6.72 73.48 43.75
N SER P 208 7.52 74.09 44.62
CA SER P 208 7.14 75.37 45.21
C SER P 208 8.34 76.30 45.25
N PHE P 209 8.04 77.59 45.45
CA PHE P 209 9.05 78.62 45.63
C PHE P 209 8.52 79.70 46.55
N ASN P 210 9.44 80.38 47.23
CA ASN P 210 9.12 81.53 48.04
C ASN P 210 9.60 82.80 47.34
N ARG P 211 8.85 83.88 47.53
CA ARG P 211 9.04 85.09 46.75
C ARG P 211 10.36 85.79 47.04
N GLY P 212 10.99 85.52 48.19
CA GLY P 212 12.19 86.25 48.56
C GLY P 212 13.40 85.88 47.71
N GLU P 213 13.62 84.59 47.48
CA GLU P 213 14.77 84.11 46.73
C GLU P 213 14.78 84.62 45.29
N GLU Q 1 -74.63 23.29 -17.28
CA GLU Q 1 -74.61 24.23 -18.39
C GLU Q 1 -75.06 23.55 -19.69
N VAL Q 2 -74.40 22.46 -20.03
CA VAL Q 2 -74.73 21.71 -21.24
C VAL Q 2 -75.99 20.87 -20.99
N GLN Q 3 -76.98 21.03 -21.85
CA GLN Q 3 -78.27 20.40 -21.67
C GLN Q 3 -78.93 20.10 -23.01
N LEU Q 4 -79.55 18.93 -23.09
CA LEU Q 4 -80.39 18.51 -24.20
C LEU Q 4 -81.72 18.08 -23.63
N VAL Q 5 -82.79 18.75 -24.03
CA VAL Q 5 -84.12 18.44 -23.52
C VAL Q 5 -84.99 18.04 -24.70
N GLU Q 6 -85.33 16.76 -24.79
CA GLU Q 6 -86.23 16.29 -25.82
C GLU Q 6 -87.66 16.34 -25.30
N SER Q 7 -88.58 16.65 -26.21
CA SER Q 7 -89.99 16.86 -25.88
C SER Q 7 -90.84 16.46 -27.07
N GLY Q 8 -92.13 16.30 -26.81
CA GLY Q 8 -93.07 15.93 -27.85
C GLY Q 8 -93.53 14.49 -27.83
N GLY Q 9 -93.14 13.72 -26.82
CA GLY Q 9 -93.57 12.35 -26.70
C GLY Q 9 -94.97 12.21 -26.16
N GLY Q 10 -95.36 10.97 -25.91
CA GLY Q 10 -96.66 10.66 -25.36
C GLY Q 10 -97.37 9.58 -26.14
N LEU Q 11 -98.69 9.61 -26.15
CA LEU Q 11 -99.49 8.59 -26.82
C LEU Q 11 -99.75 8.98 -28.26
N VAL Q 12 -99.69 7.99 -29.16
CA VAL Q 12 -99.96 8.21 -30.57
C VAL Q 12 -100.45 6.90 -31.16
N ARG Q 13 -101.48 6.98 -32.00
CA ARG Q 13 -102.07 5.79 -32.59
C ARG Q 13 -101.14 5.17 -33.64
N PRO Q 14 -101.19 3.85 -33.78
CA PRO Q 14 -100.35 3.16 -34.78
C PRO Q 14 -100.75 3.58 -36.19
N GLY Q 15 -99.79 4.12 -36.91
CA GLY Q 15 -100.00 4.58 -38.27
C GLY Q 15 -100.12 6.08 -38.37
N ARG Q 16 -100.17 6.76 -37.23
CA ARG Q 16 -100.22 8.22 -37.17
C ARG Q 16 -98.79 8.77 -37.27
N SER Q 17 -98.59 10.00 -36.81
CA SER Q 17 -97.33 10.71 -36.92
C SER Q 17 -97.04 11.43 -35.62
N LEU Q 18 -95.75 11.56 -35.29
CA LEU Q 18 -95.36 12.31 -34.10
C LEU Q 18 -93.99 12.95 -34.30
N ARG Q 19 -93.86 14.22 -33.91
CA ARG Q 19 -92.62 14.96 -34.11
C ARG Q 19 -91.97 15.26 -32.78
N LEU Q 20 -90.79 14.69 -32.55
CA LEU Q 20 -89.98 14.98 -31.38
C LEU Q 20 -89.09 16.19 -31.63
N SER Q 21 -88.85 16.96 -30.57
CA SER Q 21 -88.09 18.20 -30.65
C SER Q 21 -87.05 18.21 -29.53
N CYS Q 22 -85.78 18.33 -29.90
CA CYS Q 22 -84.68 18.36 -28.94
C CYS Q 22 -84.12 19.77 -28.89
N THR Q 23 -84.25 20.41 -27.73
CA THR Q 23 -83.74 21.75 -27.50
C THR Q 23 -82.36 21.67 -26.88
N VAL Q 24 -81.41 22.40 -27.48
CA VAL Q 24 -80.01 22.42 -27.07
C VAL Q 24 -79.76 23.70 -26.30
N SER Q 25 -79.07 23.59 -25.17
CA SER Q 25 -78.75 24.80 -24.40
C SER Q 25 -77.44 24.58 -23.65
N GLY Q 26 -76.42 25.38 -23.98
CA GLY Q 26 -75.16 25.27 -23.27
C GLY Q 26 -73.94 25.35 -24.16
N PHE Q 27 -74.14 25.22 -25.47
CA PHE Q 27 -73.04 25.29 -26.43
C PHE Q 27 -73.58 25.73 -27.78
N SER Q 28 -72.66 25.90 -28.73
CA SER Q 28 -73.03 26.34 -30.06
C SER Q 28 -73.71 25.21 -30.83
N PHE Q 29 -74.96 25.42 -31.22
CA PHE Q 29 -75.72 24.39 -31.90
C PHE Q 29 -75.32 24.24 -33.37
N ASP Q 30 -74.91 25.34 -34.01
CA ASP Q 30 -74.62 25.29 -35.44
C ASP Q 30 -73.37 24.46 -35.74
N ASP Q 31 -72.36 24.52 -34.86
CA ASP Q 31 -71.09 23.85 -35.08
C ASP Q 31 -71.16 22.35 -34.77
N SER Q 32 -72.19 21.91 -34.05
CA SER Q 32 -72.27 20.55 -33.55
C SER Q 32 -73.27 19.73 -34.35
N ALA Q 33 -73.12 18.41 -34.26
CA ALA Q 33 -73.98 17.46 -34.95
C ALA Q 33 -74.81 16.69 -33.95
N MET Q 34 -76.05 16.37 -34.33
CA MET Q 34 -77.00 15.78 -33.41
C MET Q 34 -77.34 14.36 -33.88
N SER Q 35 -77.76 13.52 -32.94
CA SER Q 35 -78.12 12.15 -33.24
C SER Q 35 -79.29 11.73 -32.37
N TRP Q 36 -80.08 10.79 -32.85
CA TRP Q 36 -81.21 10.24 -32.11
C TRP Q 36 -80.98 8.77 -31.87
N VAL Q 37 -81.10 8.35 -30.60
CA VAL Q 37 -80.92 6.96 -30.19
C VAL Q 37 -82.08 6.59 -29.29
N ARG Q 38 -82.72 5.45 -29.55
CA ARG Q 38 -83.84 5.04 -28.73
C ARG Q 38 -83.54 3.72 -28.03
N GLN Q 39 -84.31 3.45 -26.98
CA GLN Q 39 -84.19 2.21 -26.22
C GLN Q 39 -85.59 1.67 -25.97
N ALA Q 40 -85.87 0.48 -26.52
CA ALA Q 40 -87.14 -0.18 -26.32
C ALA Q 40 -87.21 -0.77 -24.91
N PRO Q 41 -88.43 -0.94 -24.37
CA PRO Q 41 -88.56 -1.54 -23.03
C PRO Q 41 -88.02 -2.95 -22.99
N GLY Q 42 -87.01 -3.17 -22.13
CA GLY Q 42 -86.40 -4.46 -21.96
C GLY Q 42 -85.25 -4.77 -22.90
N LYS Q 43 -85.14 -4.04 -24.01
CA LYS Q 43 -84.08 -4.25 -24.98
C LYS Q 43 -82.96 -3.22 -24.82
N GLY Q 44 -81.88 -3.46 -25.55
CA GLY Q 44 -80.71 -2.60 -25.49
C GLY Q 44 -80.90 -1.33 -26.30
N LEU Q 45 -79.78 -0.63 -26.50
CA LEU Q 45 -79.77 0.62 -27.23
C LEU Q 45 -79.81 0.39 -28.74
N GLU Q 46 -80.56 1.24 -29.44
CA GLU Q 46 -80.65 1.18 -30.90
C GLU Q 46 -80.39 2.56 -31.46
N TRP Q 47 -79.39 2.67 -32.33
CA TRP Q 47 -79.08 3.92 -33.01
C TRP Q 47 -80.11 4.19 -34.10
N ILE Q 48 -80.64 5.41 -34.14
CA ILE Q 48 -81.74 5.77 -35.03
C ILE Q 48 -81.27 6.70 -36.15
N SER Q 49 -80.86 7.92 -35.79
CA SER Q 49 -80.57 8.92 -36.81
C SER Q 49 -79.39 9.79 -36.43
N PHE Q 50 -78.95 10.61 -37.39
CA PHE Q 50 -77.77 11.45 -37.24
C PHE Q 50 -77.87 12.58 -38.25
N ILE Q 51 -77.68 13.81 -37.79
CA ILE Q 51 -77.64 14.97 -38.67
C ILE Q 51 -76.32 15.70 -38.42
N LYS Q 52 -75.60 16.00 -39.49
CA LYS Q 52 -74.30 16.64 -39.42
C LYS Q 52 -74.45 18.14 -39.21
N SER Q 53 -73.33 18.78 -38.91
CA SER Q 53 -73.31 20.23 -38.77
C SER Q 53 -73.48 20.90 -40.13
N LYS Q 54 -73.80 22.19 -40.08
CA LYS Q 54 -73.92 22.97 -41.32
C LYS Q 54 -72.62 23.01 -42.10
N THR Q 55 -71.48 22.97 -41.40
CA THR Q 55 -70.18 23.03 -42.07
C THR Q 55 -69.98 21.88 -43.04
N TYR Q 56 -70.49 20.70 -42.70
CA TYR Q 56 -70.26 19.51 -43.51
C TYR Q 56 -71.55 19.13 -44.21
N GLY Q 57 -72.16 20.12 -44.87
CA GLY Q 57 -73.37 19.89 -45.62
C GLY Q 57 -74.55 19.88 -44.69
N GLY Q 58 -75.48 18.97 -44.94
CA GLY Q 58 -76.71 18.87 -44.18
C GLY Q 58 -77.16 17.43 -44.18
N THR Q 59 -76.19 16.52 -44.20
CA THR Q 59 -76.47 15.14 -44.55
C THR Q 59 -77.15 14.41 -43.39
N LYS Q 60 -78.34 13.91 -43.67
CA LYS Q 60 -79.11 13.14 -42.71
C LYS Q 60 -78.81 11.67 -42.96
N GLU Q 61 -78.37 10.97 -41.93
CA GLU Q 61 -78.04 9.55 -42.00
C GLU Q 61 -78.98 8.81 -41.06
N TYR Q 62 -79.71 7.84 -41.60
CA TYR Q 62 -80.68 7.09 -40.83
C TYR Q 62 -80.23 5.64 -40.70
N ALA Q 63 -80.90 4.93 -39.81
CA ALA Q 63 -80.64 3.51 -39.63
C ALA Q 63 -81.60 2.70 -40.51
N ALA Q 64 -81.25 1.43 -40.71
CA ALA Q 64 -82.05 0.60 -41.60
C ALA Q 64 -83.46 0.38 -41.07
N SER Q 65 -83.61 0.36 -39.74
CA SER Q 65 -84.90 0.03 -39.17
C SER Q 65 -85.94 1.13 -39.38
N VAL Q 66 -85.51 2.38 -39.53
CA VAL Q 66 -86.43 3.50 -39.65
C VAL Q 66 -86.21 4.28 -40.94
N LYS Q 67 -85.34 3.81 -41.82
CA LYS Q 67 -85.08 4.52 -43.08
C LYS Q 67 -86.33 4.50 -43.95
N GLY Q 68 -86.73 5.67 -44.41
CA GLY Q 68 -87.95 5.83 -45.18
C GLY Q 68 -89.16 6.16 -44.35
N ARG Q 69 -89.16 5.87 -43.05
CA ARG Q 69 -90.25 6.23 -42.16
C ARG Q 69 -89.94 7.45 -41.30
N PHE Q 70 -88.74 7.53 -40.73
CA PHE Q 70 -88.34 8.66 -39.90
C PHE Q 70 -87.54 9.66 -40.71
N THR Q 71 -87.55 10.91 -40.22
CA THR Q 71 -86.85 12.01 -40.89
C THR Q 71 -86.27 12.96 -39.85
N ILE Q 72 -84.97 13.18 -39.88
CA ILE Q 72 -84.33 14.09 -38.94
C ILE Q 72 -84.17 15.45 -39.61
N SER Q 73 -84.21 16.51 -38.81
CA SER Q 73 -84.07 17.86 -39.34
C SER Q 73 -83.53 18.76 -38.24
N ARG Q 74 -83.13 19.98 -38.61
CA ARG Q 74 -82.64 20.92 -37.63
C ARG Q 74 -83.03 22.35 -37.99
N ASP Q 75 -83.24 23.15 -36.95
CA ASP Q 75 -83.52 24.58 -37.06
C ASP Q 75 -82.48 25.29 -36.20
N ASP Q 76 -81.41 25.78 -36.86
CA ASP Q 76 -80.34 26.48 -36.17
C ASP Q 76 -80.76 27.85 -35.68
N SER Q 77 -81.82 28.42 -36.25
CA SER Q 77 -82.27 29.75 -35.86
C SER Q 77 -82.79 29.77 -34.43
N LYS Q 78 -83.34 28.65 -33.97
CA LYS Q 78 -83.88 28.55 -32.63
C LYS Q 78 -83.22 27.45 -31.81
N ASN Q 79 -82.10 26.92 -32.29
CA ASN Q 79 -81.32 25.88 -31.60
C ASN Q 79 -82.20 24.68 -31.25
N ILE Q 80 -82.67 23.99 -32.28
CA ILE Q 80 -83.54 22.84 -32.06
C ILE Q 80 -83.34 21.81 -33.16
N ALA Q 81 -83.56 20.54 -32.82
CA ALA Q 81 -83.40 19.44 -33.77
C ALA Q 81 -84.62 18.54 -33.69
N TYR Q 82 -85.25 18.27 -34.84
CA TYR Q 82 -86.50 17.52 -34.87
C TYR Q 82 -86.27 16.10 -35.38
N LEU Q 83 -87.18 15.22 -34.96
CA LEU Q 83 -87.26 13.84 -35.43
C LEU Q 83 -88.74 13.59 -35.76
N GLN Q 84 -89.05 13.64 -37.05
CA GLN Q 84 -90.40 13.41 -37.57
C GLN Q 84 -90.61 11.92 -37.75
N MET Q 85 -91.53 11.34 -36.99
CA MET Q 85 -91.82 9.92 -37.03
C MET Q 85 -93.12 9.71 -37.80
N ASN Q 86 -93.02 9.11 -38.97
CA ASN Q 86 -94.17 8.79 -39.82
C ASN Q 86 -94.34 7.29 -39.92
N SER Q 87 -95.58 6.85 -40.17
CA SER Q 87 -95.92 5.44 -40.31
C SER Q 87 -95.41 4.65 -39.10
N LEU Q 88 -95.93 5.01 -37.93
CA LEU Q 88 -95.47 4.45 -36.68
C LEU Q 88 -96.00 3.03 -36.47
N LYS Q 89 -95.14 2.15 -35.98
CA LYS Q 89 -95.51 0.80 -35.60
C LYS Q 89 -95.56 0.70 -34.08
N THR Q 90 -96.03 -0.45 -33.59
CA THR Q 90 -95.99 -0.70 -32.15
C THR Q 90 -94.56 -0.97 -31.66
N GLU Q 91 -93.66 -1.42 -32.53
CA GLU Q 91 -92.28 -1.65 -32.12
C GLU Q 91 -91.54 -0.35 -31.83
N ASP Q 92 -92.04 0.78 -32.31
CA ASP Q 92 -91.39 2.06 -32.10
C ASP Q 92 -91.65 2.61 -30.69
N THR Q 93 -92.48 1.95 -29.90
CA THR Q 93 -92.70 2.36 -28.51
C THR Q 93 -91.41 2.20 -27.73
N ALA Q 94 -90.85 3.32 -27.26
CA ALA Q 94 -89.53 3.30 -26.63
C ALA Q 94 -89.25 4.65 -25.99
N VAL Q 95 -88.10 4.74 -25.32
CA VAL Q 95 -87.60 6.00 -24.80
C VAL Q 95 -86.62 6.56 -25.82
N TYR Q 96 -86.88 7.78 -26.29
CA TYR Q 96 -86.08 8.42 -27.32
C TYR Q 96 -85.14 9.43 -26.67
N TYR Q 97 -83.84 9.24 -26.87
CA TYR Q 97 -82.79 10.11 -26.36
C TYR Q 97 -82.19 10.92 -27.52
N CYS Q 98 -81.85 12.16 -27.20
CA CYS Q 98 -81.20 13.08 -28.11
C CYS Q 98 -79.74 13.21 -27.67
N THR Q 99 -78.81 13.01 -28.62
CA THR Q 99 -77.39 12.96 -28.32
C THR Q 99 -76.65 13.93 -29.24
N ARG Q 100 -75.39 14.21 -28.88
CA ARG Q 100 -74.50 15.04 -29.68
C ARG Q 100 -73.31 14.22 -30.12
N GLY Q 101 -73.08 14.20 -31.43
CA GLY Q 101 -71.92 13.50 -31.99
C GLY Q 101 -70.65 14.28 -31.74
N ALA Q 102 -69.61 13.59 -31.27
CA ALA Q 102 -68.37 14.24 -30.90
C ALA Q 102 -67.39 14.16 -32.06
N PRO Q 103 -67.01 15.27 -32.68
CA PRO Q 103 -66.06 15.20 -33.79
C PRO Q 103 -64.69 14.75 -33.30
N TYR Q 104 -63.96 14.07 -34.18
CA TYR Q 104 -62.65 13.53 -33.82
C TYR Q 104 -61.67 14.62 -33.42
N GLY Q 105 -61.92 15.86 -33.82
CA GLY Q 105 -61.15 16.98 -33.31
C GLY Q 105 -62.09 18.05 -32.80
N GLY Q 106 -61.64 19.29 -32.74
CA GLY Q 106 -62.56 20.38 -32.46
C GLY Q 106 -63.66 20.46 -33.50
N ASN Q 107 -63.30 20.32 -34.77
CA ASN Q 107 -64.27 20.30 -35.86
C ASN Q 107 -63.76 19.32 -36.90
N SER Q 108 -64.52 18.26 -37.13
CA SER Q 108 -64.17 17.24 -38.12
C SER Q 108 -65.42 16.45 -38.42
N ASP Q 109 -65.49 15.94 -39.65
CA ASP Q 109 -66.62 15.13 -40.09
C ASP Q 109 -66.51 13.68 -39.66
N TYR Q 110 -65.59 13.36 -38.75
CA TYR Q 110 -65.47 12.02 -38.20
C TYR Q 110 -65.74 12.09 -36.71
N TYR Q 111 -66.59 11.19 -36.23
CA TYR Q 111 -67.10 11.26 -34.87
C TYR Q 111 -66.63 10.04 -34.09
N TYR Q 112 -66.27 10.24 -32.82
CA TYR Q 112 -65.75 9.16 -32.00
C TYR Q 112 -66.74 8.65 -30.96
N GLY Q 113 -67.80 9.39 -30.67
CA GLY Q 113 -68.73 8.98 -29.65
C GLY Q 113 -69.92 9.93 -29.62
N LEU Q 114 -70.83 9.67 -28.70
CA LEU Q 114 -71.99 10.55 -28.47
C LEU Q 114 -71.69 11.30 -27.18
N ASP Q 115 -71.32 12.57 -27.30
CA ASP Q 115 -70.87 13.38 -26.16
C ASP Q 115 -71.96 13.57 -25.11
N VAL Q 116 -72.94 14.39 -25.42
CA VAL Q 116 -73.99 14.76 -24.49
C VAL Q 116 -75.21 13.92 -24.79
N TRP Q 117 -75.94 13.57 -23.75
CA TRP Q 117 -77.16 12.79 -23.87
C TRP Q 117 -78.29 13.56 -23.19
N GLY Q 118 -79.44 13.61 -23.85
CA GLY Q 118 -80.62 14.11 -23.20
C GLY Q 118 -81.16 13.09 -22.22
N GLN Q 119 -82.10 13.54 -21.39
CA GLN Q 119 -82.68 12.63 -20.40
C GLN Q 119 -83.71 11.69 -21.02
N GLY Q 120 -84.21 12.03 -22.20
CA GLY Q 120 -85.09 11.14 -22.95
C GLY Q 120 -86.56 11.50 -22.77
N THR Q 121 -87.35 11.14 -23.76
CA THR Q 121 -88.80 11.30 -23.69
C THR Q 121 -89.44 9.98 -24.08
N THR Q 122 -90.52 9.62 -23.40
CA THR Q 122 -91.14 8.33 -23.60
C THR Q 122 -92.21 8.45 -24.67
N VAL Q 123 -92.18 7.54 -25.65
CA VAL Q 123 -93.16 7.50 -26.72
C VAL Q 123 -93.84 6.14 -26.69
N THR Q 124 -95.16 6.14 -26.56
CA THR Q 124 -95.96 4.92 -26.52
C THR Q 124 -96.89 4.93 -27.72
N VAL Q 125 -96.76 3.90 -28.56
CA VAL Q 125 -97.58 3.74 -29.75
C VAL Q 125 -98.50 2.55 -29.53
N SER Q 126 -99.78 2.82 -29.29
CA SER Q 126 -100.77 1.77 -29.08
C SER Q 126 -102.14 2.26 -29.49
N SER Q 127 -102.92 1.35 -30.08
CA SER Q 127 -104.28 1.62 -30.53
C SER Q 127 -105.28 1.62 -29.39
N ALA Q 128 -104.86 1.28 -28.18
CA ALA Q 128 -105.75 1.09 -27.05
C ALA Q 128 -106.14 2.42 -26.43
N SER Q 129 -107.29 2.40 -25.76
CA SER Q 129 -107.87 3.59 -25.14
C SER Q 129 -107.55 3.66 -23.66
N THR Q 130 -107.89 4.79 -23.06
CA THR Q 130 -107.74 4.96 -21.62
C THR Q 130 -108.69 4.02 -20.88
N LYS Q 131 -108.17 3.32 -19.89
CA LYS Q 131 -108.95 2.28 -19.21
C LYS Q 131 -108.41 2.06 -17.81
N GLY Q 132 -109.32 1.97 -16.84
CA GLY Q 132 -108.96 1.67 -15.48
C GLY Q 132 -108.62 0.21 -15.31
N PRO Q 133 -107.99 -0.13 -14.19
CA PRO Q 133 -107.55 -1.50 -13.94
C PRO Q 133 -108.59 -2.32 -13.16
N SER Q 134 -108.47 -3.63 -13.30
CA SER Q 134 -109.26 -4.59 -12.53
C SER Q 134 -108.32 -5.28 -11.56
N VAL Q 135 -108.62 -5.19 -10.27
CA VAL Q 135 -107.78 -5.75 -9.22
C VAL Q 135 -108.37 -7.08 -8.76
N PHE Q 136 -107.56 -8.13 -8.79
CA PHE Q 136 -107.99 -9.45 -8.34
C PHE Q 136 -107.02 -9.97 -7.30
N PRO Q 137 -107.51 -10.58 -6.22
CA PRO Q 137 -106.60 -11.02 -5.16
C PRO Q 137 -105.87 -12.31 -5.55
N LEU Q 138 -104.57 -12.35 -5.21
CA LEU Q 138 -103.79 -13.57 -5.31
C LEU Q 138 -103.70 -14.09 -3.88
N ALA Q 139 -104.77 -14.76 -3.47
CA ALA Q 139 -104.98 -15.29 -2.14
C ALA Q 139 -104.31 -16.65 -1.97
N PRO Q 140 -103.83 -16.95 -0.78
CA PRO Q 140 -103.24 -18.27 -0.55
C PRO Q 140 -104.32 -19.28 -0.18
N SER Q 141 -103.94 -20.36 0.49
CA SER Q 141 -104.90 -21.36 0.94
C SER Q 141 -105.18 -21.18 2.43
N SER Q 142 -106.42 -21.46 2.81
CA SER Q 142 -106.80 -21.43 4.22
C SER Q 142 -106.57 -22.77 4.92
N LYS Q 143 -106.17 -23.81 4.17
CA LYS Q 143 -105.97 -25.14 4.73
C LYS Q 143 -104.50 -25.49 4.92
N SER Q 144 -103.64 -25.20 3.93
CA SER Q 144 -102.23 -25.62 3.98
C SER Q 144 -101.34 -24.48 3.46
N THR Q 145 -101.14 -23.48 4.31
CA THR Q 145 -100.13 -22.46 4.02
C THR Q 145 -98.75 -23.06 4.22
N SER Q 146 -97.84 -22.79 3.29
CA SER Q 146 -96.56 -23.50 3.24
C SER Q 146 -95.45 -22.66 3.85
N GLY Q 147 -94.67 -23.29 4.73
CA GLY Q 147 -93.33 -22.85 5.06
C GLY Q 147 -93.17 -22.08 6.35
N GLY Q 148 -94.24 -21.53 6.92
CA GLY Q 148 -94.03 -20.61 8.02
C GLY Q 148 -94.16 -19.18 7.54
N THR Q 149 -93.58 -18.90 6.37
CA THR Q 149 -93.67 -17.60 5.74
C THR Q 149 -94.41 -17.81 4.43
N ALA Q 150 -95.54 -17.11 4.26
CA ALA Q 150 -96.39 -17.24 3.10
C ALA Q 150 -96.39 -15.95 2.30
N ALA Q 151 -96.83 -16.05 1.05
CA ALA Q 151 -96.88 -14.91 0.15
C ALA Q 151 -98.29 -14.73 -0.38
N LEU Q 152 -98.75 -13.48 -0.45
CA LEU Q 152 -100.04 -13.17 -1.04
C LEU Q 152 -99.89 -11.88 -1.84
N GLY Q 153 -100.89 -11.56 -2.65
CA GLY Q 153 -100.71 -10.37 -3.46
C GLY Q 153 -101.97 -9.92 -4.17
N CYS Q 154 -101.77 -9.03 -5.13
CA CYS Q 154 -102.82 -8.48 -5.98
C CYS Q 154 -102.38 -8.52 -7.43
N LEU Q 155 -103.33 -8.78 -8.31
CA LEU Q 155 -103.15 -8.81 -9.75
C LEU Q 155 -103.91 -7.64 -10.35
N VAL Q 156 -103.17 -6.63 -10.82
CA VAL Q 156 -103.73 -5.44 -11.44
C VAL Q 156 -103.72 -5.69 -12.95
N LYS Q 157 -104.88 -5.99 -13.53
CA LYS Q 157 -105.01 -6.45 -14.90
C LYS Q 157 -105.73 -5.42 -15.77
N ASP Q 158 -105.32 -5.36 -17.04
CA ASP Q 158 -106.04 -4.65 -18.08
C ASP Q 158 -106.23 -3.18 -17.72
N TYR Q 159 -105.18 -2.38 -17.92
CA TYR Q 159 -105.22 -0.94 -17.69
C TYR Q 159 -104.35 -0.26 -18.72
N PHE Q 160 -104.63 1.02 -18.96
CA PHE Q 160 -103.86 1.74 -19.97
C PHE Q 160 -103.98 3.24 -19.70
N PRO Q 161 -102.88 4.00 -19.81
CA PRO Q 161 -101.55 3.46 -20.07
C PRO Q 161 -100.77 3.29 -18.77
N GLU Q 162 -99.45 3.08 -18.87
CA GLU Q 162 -98.61 3.03 -17.69
C GLU Q 162 -98.62 4.39 -16.99
N PRO Q 163 -98.32 4.42 -15.68
CA PRO Q 163 -98.19 3.34 -14.70
C PRO Q 163 -99.21 3.45 -13.54
N VAL Q 164 -99.15 2.50 -12.60
CA VAL Q 164 -100.03 2.46 -11.44
C VAL Q 164 -99.17 2.41 -10.18
N THR Q 165 -99.70 2.96 -9.10
CA THR Q 165 -99.03 2.92 -7.81
C THR Q 165 -99.74 1.92 -6.92
N VAL Q 166 -98.99 0.95 -6.39
CA VAL Q 166 -99.54 -0.11 -5.56
C VAL Q 166 -98.88 -0.03 -4.19
N SER Q 167 -99.71 0.06 -3.15
CA SER Q 167 -99.24 0.08 -1.77
C SER Q 167 -100.02 -0.98 -0.98
N TRP Q 168 -99.49 -1.36 0.17
CA TRP Q 168 -100.13 -2.36 1.01
C TRP Q 168 -100.49 -1.75 2.35
N ASN Q 169 -101.76 -1.92 2.74
CA ASN Q 169 -102.27 -1.44 4.02
C ASN Q 169 -102.03 0.05 4.20
N SER Q 170 -102.28 0.81 3.12
CA SER Q 170 -102.20 2.28 3.12
C SER Q 170 -100.81 2.80 3.48
N GLY Q 171 -99.77 2.01 3.21
CA GLY Q 171 -98.41 2.44 3.45
C GLY Q 171 -97.75 1.87 4.69
N ALA Q 172 -98.48 1.10 5.50
CA ALA Q 172 -97.89 0.54 6.71
C ALA Q 172 -96.99 -0.64 6.39
N LEU Q 173 -97.41 -1.49 5.44
CA LEU Q 173 -96.66 -2.68 5.07
C LEU Q 173 -95.68 -2.33 3.95
N THR Q 174 -94.40 -2.52 4.21
CA THR Q 174 -93.36 -2.21 3.24
C THR Q 174 -92.33 -3.33 3.09
N SER Q 175 -91.98 -4.00 4.19
CA SER Q 175 -90.96 -5.03 4.13
C SER Q 175 -91.50 -6.27 3.43
N GLY Q 176 -90.71 -6.80 2.49
CA GLY Q 176 -91.09 -8.00 1.76
C GLY Q 176 -92.06 -7.78 0.62
N VAL Q 177 -92.27 -6.54 0.19
CA VAL Q 177 -93.20 -6.24 -0.88
C VAL Q 177 -92.43 -6.21 -2.21
N HIS Q 178 -92.98 -6.88 -3.22
CA HIS Q 178 -92.40 -6.90 -4.56
C HIS Q 178 -93.53 -6.57 -5.54
N THR Q 179 -93.52 -5.35 -6.06
CA THR Q 179 -94.44 -4.94 -7.11
C THR Q 179 -93.73 -5.12 -8.44
N PHE Q 180 -94.12 -6.16 -9.19
CA PHE Q 180 -93.41 -6.53 -10.40
C PHE Q 180 -93.60 -5.48 -11.51
N PRO Q 181 -92.65 -5.39 -12.43
CA PRO Q 181 -92.80 -4.47 -13.56
C PRO Q 181 -93.97 -4.87 -14.45
N ALA Q 182 -94.57 -3.86 -15.08
CA ALA Q 182 -95.72 -4.09 -15.94
C ALA Q 182 -95.34 -4.87 -17.18
N VAL Q 183 -96.30 -5.64 -17.70
CA VAL Q 183 -96.12 -6.40 -18.93
C VAL Q 183 -97.28 -6.10 -19.87
N LEU Q 184 -96.98 -5.77 -21.12
CA LEU Q 184 -98.00 -5.48 -22.11
C LEU Q 184 -98.59 -6.78 -22.64
N GLN Q 185 -99.89 -6.97 -22.43
CA GLN Q 185 -100.58 -8.18 -22.85
C GLN Q 185 -100.95 -8.13 -24.33
N SER Q 186 -101.42 -9.28 -24.83
CA SER Q 186 -101.78 -9.39 -26.25
C SER Q 186 -102.94 -8.49 -26.63
N SER Q 187 -103.75 -8.05 -25.67
CA SER Q 187 -104.87 -7.16 -25.95
C SER Q 187 -104.44 -5.71 -26.09
N GLY Q 188 -103.17 -5.40 -25.84
CA GLY Q 188 -102.70 -4.03 -25.87
C GLY Q 188 -102.78 -3.31 -24.54
N LEU Q 189 -103.27 -3.98 -23.50
CA LEU Q 189 -103.37 -3.39 -22.16
C LEU Q 189 -102.30 -3.99 -21.26
N TYR Q 190 -101.92 -3.23 -20.24
CA TYR Q 190 -100.87 -3.64 -19.32
C TYR Q 190 -101.46 -4.42 -18.13
N SER Q 191 -100.57 -5.11 -17.42
CA SER Q 191 -100.97 -5.93 -16.28
C SER Q 191 -99.74 -6.25 -15.44
N LEU Q 192 -99.83 -5.97 -14.14
CA LEU Q 192 -98.75 -6.26 -13.22
C LEU Q 192 -99.29 -7.00 -12.01
N SER Q 193 -98.39 -7.50 -11.18
CA SER Q 193 -98.73 -8.18 -9.95
C SER Q 193 -97.84 -7.66 -8.84
N SER Q 194 -98.44 -7.43 -7.66
CA SER Q 194 -97.72 -6.94 -6.50
C SER Q 194 -97.95 -7.91 -5.34
N VAL Q 195 -96.89 -8.55 -4.87
CA VAL Q 195 -96.98 -9.57 -3.83
C VAL Q 195 -96.23 -9.09 -2.60
N VAL Q 196 -96.40 -9.85 -1.52
CA VAL Q 196 -95.76 -9.53 -0.24
C VAL Q 196 -95.71 -10.81 0.57
N THR Q 197 -94.60 -11.01 1.27
CA THR Q 197 -94.41 -12.14 2.16
C THR Q 197 -94.75 -11.71 3.57
N VAL Q 198 -95.61 -12.48 4.22
CA VAL Q 198 -96.04 -12.24 5.59
C VAL Q 198 -95.95 -13.55 6.36
N PRO Q 199 -95.84 -13.49 7.67
CA PRO Q 199 -95.86 -14.73 8.46
C PRO Q 199 -97.17 -15.48 8.27
N SER Q 200 -97.09 -16.81 8.25
CA SER Q 200 -98.27 -17.64 7.98
C SER Q 200 -99.27 -17.55 9.13
N SER Q 201 -98.82 -17.25 10.34
CA SER Q 201 -99.72 -17.24 11.48
C SER Q 201 -100.67 -16.04 11.46
N SER Q 202 -100.34 -15.00 10.73
CA SER Q 202 -101.18 -13.80 10.65
C SER Q 202 -102.19 -13.84 9.51
N LEU Q 203 -102.23 -14.93 8.73
CA LEU Q 203 -103.10 -14.96 7.57
C LEU Q 203 -104.58 -14.97 7.95
N GLY Q 204 -104.96 -15.79 8.94
CA GLY Q 204 -106.36 -15.89 9.31
C GLY Q 204 -106.88 -14.72 10.10
N THR Q 205 -105.99 -13.92 10.69
CA THR Q 205 -106.36 -12.83 11.58
C THR Q 205 -106.15 -11.45 10.96
N GLN Q 206 -104.98 -11.21 10.37
CA GLN Q 206 -104.62 -9.88 9.90
C GLN Q 206 -105.30 -9.58 8.57
N THR Q 207 -105.73 -8.34 8.40
CA THR Q 207 -106.37 -7.92 7.17
C THR Q 207 -105.30 -7.28 6.29
N TYR Q 208 -105.24 -7.73 5.05
CA TYR Q 208 -104.29 -7.21 4.07
C TYR Q 208 -105.08 -6.61 2.92
N ILE Q 209 -104.87 -5.33 2.65
CA ILE Q 209 -105.58 -4.62 1.60
C ILE Q 209 -104.54 -3.94 0.72
N CYS Q 210 -104.59 -4.23 -0.58
CA CYS Q 210 -103.74 -3.53 -1.52
C CYS Q 210 -104.49 -2.35 -2.12
N ASN Q 211 -103.80 -1.23 -2.24
CA ASN Q 211 -104.35 0.02 -2.73
C ASN Q 211 -103.67 0.33 -4.07
N VAL Q 212 -104.46 0.36 -5.13
CA VAL Q 212 -103.99 0.65 -6.47
C VAL Q 212 -104.55 2.01 -6.87
N ASN Q 213 -103.65 2.91 -7.28
CA ASN Q 213 -104.00 4.24 -7.74
C ASN Q 213 -103.57 4.36 -9.19
N HIS Q 214 -104.52 4.72 -10.06
CA HIS Q 214 -104.34 4.82 -11.50
C HIS Q 214 -104.70 6.25 -11.92
N LYS Q 215 -103.67 7.07 -12.04
CA LYS Q 215 -103.85 8.49 -12.39
C LYS Q 215 -104.48 8.72 -13.76
N PRO Q 216 -104.10 8.03 -14.84
CA PRO Q 216 -104.71 8.33 -16.15
C PRO Q 216 -106.21 8.16 -16.20
N SER Q 217 -106.79 7.28 -15.40
CA SER Q 217 -108.24 7.11 -15.35
C SER Q 217 -108.84 7.57 -14.02
N ASN Q 218 -108.01 8.05 -13.09
CA ASN Q 218 -108.47 8.49 -11.77
C ASN Q 218 -109.24 7.38 -11.07
N THR Q 219 -108.56 6.24 -10.89
CA THR Q 219 -109.16 5.05 -10.30
C THR Q 219 -108.39 4.66 -9.05
N LYS Q 220 -109.08 4.66 -7.91
CA LYS Q 220 -108.55 4.19 -6.64
C LYS Q 220 -109.30 2.94 -6.24
N VAL Q 221 -108.60 1.82 -6.10
CA VAL Q 221 -109.22 0.55 -5.77
C VAL Q 221 -108.47 -0.08 -4.61
N ASP Q 222 -109.19 -0.38 -3.53
CA ASP Q 222 -108.63 -1.08 -2.38
C ASP Q 222 -109.24 -2.47 -2.33
N LYS Q 223 -108.40 -3.49 -2.51
CA LYS Q 223 -108.86 -4.88 -2.52
C LYS Q 223 -108.29 -5.62 -1.33
N LYS Q 224 -109.16 -6.16 -0.48
CA LYS Q 224 -108.75 -7.00 0.62
C LYS Q 224 -108.51 -8.43 0.14
N VAL Q 225 -107.33 -8.96 0.45
CA VAL Q 225 -106.94 -10.31 0.05
C VAL Q 225 -107.06 -11.23 1.26
N GLU Q 226 -107.96 -12.21 1.18
CA GLU Q 226 -108.15 -13.20 2.22
C GLU Q 226 -108.21 -14.59 1.60
N PRO Q 227 -107.77 -15.61 2.32
CA PRO Q 227 -107.70 -16.95 1.73
C PRO Q 227 -109.07 -17.50 1.35
N LYS Q 228 -109.06 -18.54 0.53
CA LYS Q 228 -110.28 -19.12 -0.01
C LYS Q 228 -110.99 -19.97 1.03
N SER Q 229 -112.32 -19.96 0.97
CA SER Q 229 -113.18 -20.74 1.87
C SER Q 229 -112.91 -20.43 3.33
N ASP R 1 -74.41 -3.03 -42.97
CA ASP R 1 -74.13 -2.71 -41.58
C ASP R 1 -72.95 -3.52 -41.04
N ILE R 2 -72.36 -3.04 -39.96
CA ILE R 2 -71.25 -3.72 -39.30
C ILE R 2 -71.81 -4.40 -38.07
N GLN R 3 -71.46 -5.68 -37.87
CA GLN R 3 -72.08 -6.48 -36.83
C GLN R 3 -71.33 -6.29 -35.52
N MET R 4 -72.07 -6.01 -34.45
CA MET R 4 -71.46 -5.91 -33.12
C MET R 4 -71.92 -7.09 -32.29
N THR R 5 -71.02 -7.64 -31.48
CA THR R 5 -71.35 -8.80 -30.66
C THR R 5 -70.60 -8.69 -29.34
N GLN R 6 -71.33 -8.42 -28.26
CA GLN R 6 -70.74 -8.30 -26.94
C GLN R 6 -70.75 -9.62 -26.18
N SER R 7 -69.68 -9.88 -25.44
CA SER R 7 -69.52 -11.09 -24.67
C SER R 7 -68.90 -10.74 -23.31
N PRO R 8 -69.51 -11.18 -22.20
CA PRO R 8 -70.77 -11.92 -22.21
C PRO R 8 -71.97 -10.98 -22.12
N SER R 9 -73.17 -11.55 -22.27
CA SER R 9 -74.38 -10.75 -22.12
C SER R 9 -74.70 -10.46 -20.65
N SER R 10 -74.35 -11.38 -19.75
CA SER R 10 -74.53 -11.19 -18.32
C SER R 10 -73.25 -11.53 -17.59
N LEU R 11 -72.93 -10.75 -16.54
CA LEU R 11 -71.71 -10.98 -15.76
C LEU R 11 -71.98 -10.74 -14.28
N SER R 12 -71.67 -11.74 -13.46
CA SER R 12 -71.79 -11.67 -12.01
C SER R 12 -70.42 -11.47 -11.39
N ALA R 13 -70.28 -10.43 -10.56
CA ALA R 13 -69.01 -10.13 -9.93
C ALA R 13 -69.25 -9.37 -8.62
N SER R 14 -68.27 -9.44 -7.73
CA SER R 14 -68.34 -8.79 -6.43
C SER R 14 -67.58 -7.46 -6.46
N VAL R 15 -67.64 -6.74 -5.34
CA VAL R 15 -66.94 -5.46 -5.24
C VAL R 15 -65.45 -5.71 -5.09
N GLY R 16 -64.65 -4.94 -5.82
CA GLY R 16 -63.22 -5.09 -5.79
C GLY R 16 -62.68 -6.10 -6.78
N ASP R 17 -63.53 -6.80 -7.51
CA ASP R 17 -63.07 -7.77 -8.50
C ASP R 17 -62.65 -7.04 -9.77
N ARG R 18 -61.97 -7.77 -10.66
CA ARG R 18 -61.49 -7.22 -11.91
C ARG R 18 -62.29 -7.85 -13.04
N VAL R 19 -63.01 -7.02 -13.79
CA VAL R 19 -63.91 -7.55 -14.82
C VAL R 19 -63.46 -7.05 -16.19
N THR R 20 -63.85 -7.81 -17.21
CA THR R 20 -63.48 -7.51 -18.59
C THR R 20 -64.64 -7.89 -19.50
N ILE R 21 -65.17 -6.90 -20.21
CA ILE R 21 -66.21 -7.07 -21.20
C ILE R 21 -65.56 -7.02 -22.58
N THR R 22 -66.05 -7.83 -23.51
CA THR R 22 -65.46 -7.93 -24.84
C THR R 22 -66.48 -7.52 -25.87
N CYS R 23 -66.01 -6.83 -26.92
CA CYS R 23 -66.85 -6.40 -28.03
C CYS R 23 -66.15 -6.83 -29.31
N ARG R 24 -66.79 -7.73 -30.05
CA ARG R 24 -66.30 -8.22 -31.33
C ARG R 24 -67.06 -7.53 -32.46
N THR R 25 -66.31 -7.14 -33.49
CA THR R 25 -66.89 -6.52 -34.67
C THR R 25 -66.65 -7.41 -35.88
N SER R 26 -67.39 -7.14 -36.96
CA SER R 26 -67.27 -7.94 -38.17
C SER R 26 -66.15 -7.47 -39.07
N GLN R 27 -65.84 -6.18 -39.07
CA GLN R 27 -64.80 -5.60 -39.91
C GLN R 27 -63.74 -4.94 -39.03
N ASP R 28 -62.70 -4.42 -39.70
CA ASP R 28 -61.69 -3.61 -39.03
C ASP R 28 -62.22 -2.18 -38.90
N VAL R 29 -62.66 -1.81 -37.69
CA VAL R 29 -63.24 -0.49 -37.47
C VAL R 29 -62.19 0.60 -37.34
N ARG R 30 -60.91 0.25 -37.49
CA ARG R 30 -59.80 1.20 -37.39
C ARG R 30 -59.80 1.91 -36.04
N GLY R 31 -60.09 1.14 -34.98
CA GLY R 31 -60.08 1.70 -33.65
C GLY R 31 -61.11 2.79 -33.47
N ALA R 32 -62.35 2.52 -33.86
CA ALA R 32 -63.43 3.48 -33.70
C ALA R 32 -64.49 2.91 -32.77
N LEU R 33 -64.04 2.45 -31.60
CA LEU R 33 -64.89 1.81 -30.62
C LEU R 33 -65.25 2.82 -29.51
N ALA R 34 -66.46 2.74 -29.00
CA ALA R 34 -66.87 3.57 -27.90
C ALA R 34 -67.54 2.71 -26.83
N TRP R 35 -67.25 3.01 -25.57
CA TRP R 35 -67.85 2.32 -24.44
C TRP R 35 -68.69 3.31 -23.65
N TYR R 36 -69.94 2.89 -23.36
CA TYR R 36 -70.94 3.67 -22.65
C TYR R 36 -71.45 2.89 -21.44
N GLN R 37 -71.83 3.64 -20.41
CA GLN R 37 -72.42 3.09 -19.19
C GLN R 37 -73.85 3.62 -19.07
N GLN R 38 -74.82 2.71 -19.00
CA GLN R 38 -76.22 3.06 -18.84
C GLN R 38 -76.75 2.41 -17.57
N LYS R 39 -77.12 3.24 -16.60
CA LYS R 39 -77.85 2.77 -15.46
C LYS R 39 -79.34 2.65 -15.83
N PRO R 40 -80.08 1.74 -15.20
CA PRO R 40 -81.47 1.48 -15.63
C PRO R 40 -82.33 2.73 -15.59
N GLY R 41 -82.89 3.08 -16.75
CA GLY R 41 -83.75 4.22 -16.89
C GLY R 41 -83.03 5.52 -17.20
N LYS R 42 -81.77 5.64 -16.79
CA LYS R 42 -81.04 6.89 -16.97
C LYS R 42 -80.30 6.89 -18.30
N ALA R 43 -79.87 8.08 -18.72
CA ALA R 43 -79.20 8.19 -20.00
C ALA R 43 -77.80 7.57 -19.91
N PRO R 44 -77.32 6.99 -21.01
CA PRO R 44 -75.96 6.45 -21.01
C PRO R 44 -74.93 7.56 -20.87
N LYS R 45 -73.75 7.15 -20.44
CA LYS R 45 -72.63 8.07 -20.23
C LYS R 45 -71.44 7.57 -21.02
N LEU R 46 -70.84 8.46 -21.82
CA LEU R 46 -69.69 8.08 -22.60
C LEU R 46 -68.50 7.86 -21.69
N LEU R 47 -67.99 6.62 -21.67
CA LEU R 47 -66.84 6.27 -20.85
C LEU R 47 -65.55 6.32 -21.65
N ILE R 48 -65.46 5.55 -22.73
CA ILE R 48 -64.20 5.44 -23.46
C ILE R 48 -64.43 5.72 -24.94
N PHE R 49 -63.55 6.51 -25.54
CA PHE R 49 -63.62 6.74 -26.98
C PHE R 49 -62.32 6.30 -27.63
N ASP R 50 -62.22 6.50 -28.94
CA ASP R 50 -61.14 5.94 -29.77
C ASP R 50 -60.98 4.47 -29.38
N ALA R 51 -59.79 3.98 -29.05
CA ALA R 51 -59.65 2.63 -28.52
C ALA R 51 -59.48 2.59 -27.02
N SER R 52 -58.53 3.39 -26.51
CA SER R 52 -58.16 3.40 -25.09
C SER R 52 -58.33 4.77 -24.45
N SER R 53 -58.60 5.81 -25.25
CA SER R 53 -58.72 7.17 -24.72
C SER R 53 -59.91 7.26 -23.77
N LEU R 54 -59.70 7.94 -22.66
CA LEU R 54 -60.68 8.06 -21.59
C LEU R 54 -61.39 9.41 -21.68
N GLU R 55 -62.72 9.39 -21.58
CA GLU R 55 -63.46 10.63 -21.57
C GLU R 55 -63.20 11.39 -20.26
N THR R 56 -63.27 12.72 -20.34
CA THR R 56 -63.06 13.56 -19.18
C THR R 56 -64.06 13.23 -18.08
N GLY R 57 -63.57 13.09 -16.85
CA GLY R 57 -64.43 12.79 -15.72
C GLY R 57 -64.63 11.32 -15.41
N VAL R 58 -64.00 10.43 -16.17
CA VAL R 58 -64.15 9.00 -15.94
C VAL R 58 -63.03 8.55 -15.00
N PRO R 59 -63.33 7.76 -13.98
CA PRO R 59 -62.29 7.31 -13.05
C PRO R 59 -61.21 6.50 -13.73
N SER R 60 -60.08 6.36 -13.03
CA SER R 60 -58.91 5.67 -13.58
C SER R 60 -59.08 4.15 -13.63
N ARG R 61 -60.07 3.60 -12.91
CA ARG R 61 -60.26 2.15 -12.91
C ARG R 61 -60.80 1.63 -14.23
N PHE R 62 -61.36 2.49 -15.09
CA PHE R 62 -61.86 2.10 -16.40
C PHE R 62 -60.73 2.12 -17.42
N SER R 63 -60.46 0.99 -18.06
CA SER R 63 -59.40 0.85 -19.04
C SER R 63 -59.97 0.33 -20.35
N GLY R 64 -59.51 0.88 -21.46
CA GLY R 64 -59.92 0.43 -22.79
C GLY R 64 -58.72 -0.10 -23.54
N SER R 65 -58.93 -1.21 -24.25
CA SER R 65 -57.84 -1.81 -25.04
C SER R 65 -58.46 -2.58 -26.20
N GLY R 66 -57.62 -3.27 -26.95
CA GLY R 66 -58.05 -4.00 -28.13
C GLY R 66 -57.78 -3.23 -29.42
N SER R 67 -57.85 -3.96 -30.53
CA SER R 67 -57.54 -3.36 -31.82
C SER R 67 -58.03 -4.25 -32.94
N GLY R 68 -58.55 -3.62 -34.00
CA GLY R 68 -58.97 -4.34 -35.20
C GLY R 68 -60.35 -4.93 -35.09
N THR R 69 -60.45 -6.10 -34.47
CA THR R 69 -61.70 -6.84 -34.35
C THR R 69 -62.15 -7.04 -32.92
N VAL R 70 -61.23 -7.32 -32.01
CA VAL R 70 -61.55 -7.57 -30.61
C VAL R 70 -61.20 -6.33 -29.79
N PHE R 71 -62.15 -5.86 -28.99
CA PHE R 71 -61.92 -4.73 -28.09
C PHE R 71 -62.34 -5.15 -26.68
N THR R 72 -61.59 -4.68 -25.69
CA THR R 72 -61.82 -5.06 -24.30
C THR R 72 -62.01 -3.81 -23.45
N LEU R 73 -63.03 -3.85 -22.60
CA LEU R 73 -63.22 -2.87 -21.54
C LEU R 73 -62.91 -3.55 -20.22
N THR R 74 -62.11 -2.91 -19.38
CA THR R 74 -61.64 -3.51 -18.15
C THR R 74 -61.95 -2.58 -16.98
N ILE R 75 -62.47 -3.16 -15.90
CA ILE R 75 -62.64 -2.44 -14.65
C ILE R 75 -61.73 -3.11 -13.63
N SER R 76 -60.72 -2.38 -13.17
CA SER R 76 -59.68 -2.88 -12.29
C SER R 76 -60.23 -3.26 -10.92
N SER R 77 -60.67 -2.27 -10.16
CA SER R 77 -61.25 -2.48 -8.84
C SER R 77 -62.71 -2.05 -8.89
N LEU R 78 -63.62 -3.00 -8.76
CA LEU R 78 -65.03 -2.70 -8.84
C LEU R 78 -65.48 -1.89 -7.62
N GLN R 79 -66.48 -1.06 -7.84
CA GLN R 79 -67.13 -0.23 -6.83
C GLN R 79 -68.62 -0.47 -6.95
N PRO R 80 -69.39 -0.21 -5.91
CA PRO R 80 -70.85 -0.38 -6.01
C PRO R 80 -71.48 0.48 -7.09
N GLU R 81 -70.82 1.57 -7.52
CA GLU R 81 -71.38 2.43 -8.54
C GLU R 81 -71.21 1.87 -9.95
N ASP R 82 -70.28 0.93 -10.16
CA ASP R 82 -69.99 0.46 -11.50
C ASP R 82 -70.94 -0.64 -11.97
N PHE R 83 -71.89 -1.05 -11.12
CA PHE R 83 -72.82 -2.10 -11.49
C PHE R 83 -73.94 -1.47 -12.31
N ALA R 84 -73.89 -1.68 -13.62
CA ALA R 84 -74.88 -1.12 -14.53
C ALA R 84 -74.79 -1.88 -15.85
N ALA R 85 -75.25 -1.26 -16.92
CA ALA R 85 -75.17 -1.83 -18.26
C ALA R 85 -74.07 -1.13 -19.04
N TYR R 86 -73.43 -1.87 -19.95
CA TYR R 86 -72.33 -1.34 -20.74
C TYR R 86 -72.53 -1.68 -22.20
N TYR R 87 -72.41 -0.68 -23.06
CA TYR R 87 -72.63 -0.84 -24.49
C TYR R 87 -71.42 -0.37 -25.28
N CYS R 88 -71.09 -1.10 -26.34
CA CYS R 88 -70.06 -0.68 -27.29
C CYS R 88 -70.71 -0.20 -28.58
N GLN R 89 -70.09 0.79 -29.20
CA GLN R 89 -70.61 1.40 -30.42
C GLN R 89 -69.47 1.60 -31.41
N GLN R 90 -69.77 1.36 -32.69
CA GLN R 90 -68.79 1.51 -33.76
C GLN R 90 -68.96 2.89 -34.40
N PHE R 91 -67.83 3.51 -34.76
CA PHE R 91 -67.84 4.82 -35.39
C PHE R 91 -66.97 4.88 -36.63
N LEU R 92 -66.88 3.77 -37.37
CA LEU R 92 -66.15 3.74 -38.63
C LEU R 92 -66.94 4.47 -39.70
N ASP R 93 -68.09 3.90 -40.08
CA ASP R 93 -69.00 4.53 -41.02
C ASP R 93 -70.43 4.35 -40.51
N PHE R 94 -71.37 5.00 -41.18
CA PHE R 94 -72.77 4.84 -40.84
C PHE R 94 -73.27 3.47 -41.33
N PRO R 95 -74.17 2.82 -40.58
CA PRO R 95 -74.78 3.26 -39.32
C PRO R 95 -73.89 3.04 -38.11
N PHE R 96 -74.02 3.91 -37.10
CA PHE R 96 -73.27 3.78 -35.85
C PHE R 96 -73.97 2.77 -34.95
N THR R 97 -73.93 1.51 -35.37
CA THR R 97 -74.67 0.45 -34.71
C THR R 97 -74.15 0.24 -33.28
N PHE R 98 -75.06 -0.11 -32.39
CA PHE R 98 -74.74 -0.37 -30.99
C PHE R 98 -74.43 -1.86 -30.77
N GLY R 99 -73.91 -2.14 -29.58
CA GLY R 99 -73.62 -3.50 -29.17
C GLY R 99 -74.81 -4.19 -28.53
N GLN R 100 -74.58 -5.44 -28.15
CA GLN R 100 -75.63 -6.25 -27.54
C GLN R 100 -76.02 -5.72 -26.16
N GLY R 101 -75.03 -5.30 -25.40
CA GLY R 101 -75.19 -4.84 -24.03
C GLY R 101 -74.69 -5.90 -23.08
N THR R 102 -74.27 -5.47 -21.89
CA THR R 102 -73.78 -6.39 -20.88
C THR R 102 -74.32 -5.95 -19.52
N ARG R 103 -75.17 -6.79 -18.92
CA ARG R 103 -75.67 -6.52 -17.59
C ARG R 103 -74.60 -6.93 -16.58
N LEU R 104 -74.28 -6.04 -15.65
CA LEU R 104 -73.28 -6.30 -14.63
C LEU R 104 -74.02 -6.38 -13.30
N GLU R 105 -74.04 -7.57 -12.70
CA GLU R 105 -74.78 -7.82 -11.47
C GLU R 105 -73.84 -8.13 -10.31
N ILE R 106 -74.38 -8.02 -9.10
CA ILE R 106 -73.65 -8.30 -7.88
C ILE R 106 -73.70 -9.80 -7.59
N LYS R 107 -72.54 -10.42 -7.42
CA LYS R 107 -72.47 -11.84 -7.14
C LYS R 107 -72.91 -12.12 -5.71
N ARG R 108 -73.63 -13.23 -5.52
CA ARG R 108 -74.13 -13.59 -4.20
C ARG R 108 -74.11 -15.11 -4.08
N THR R 109 -74.23 -15.59 -2.84
CA THR R 109 -74.38 -17.03 -2.62
C THR R 109 -75.73 -17.53 -3.15
N VAL R 110 -75.73 -18.77 -3.62
CA VAL R 110 -76.92 -19.35 -4.24
C VAL R 110 -78.04 -19.48 -3.22
N ALA R 111 -79.24 -19.05 -3.61
CA ALA R 111 -80.44 -19.10 -2.76
C ALA R 111 -81.57 -19.70 -3.57
N ALA R 112 -82.12 -20.81 -3.09
CA ALA R 112 -83.23 -21.44 -3.79
C ALA R 112 -84.48 -20.58 -3.68
N PRO R 113 -85.32 -20.55 -4.70
CA PRO R 113 -86.51 -19.70 -4.69
C PRO R 113 -87.60 -20.27 -3.80
N SER R 114 -88.46 -19.37 -3.33
CA SER R 114 -89.68 -19.76 -2.64
C SER R 114 -90.82 -19.78 -3.65
N VAL R 115 -91.40 -20.95 -3.88
CA VAL R 115 -92.39 -21.16 -4.94
C VAL R 115 -93.79 -21.04 -4.36
N PHE R 116 -94.63 -20.25 -5.01
CA PHE R 116 -96.03 -20.12 -4.65
C PHE R 116 -96.91 -20.13 -5.89
N ILE R 117 -98.15 -20.57 -5.72
CA ILE R 117 -99.13 -20.58 -6.81
C ILE R 117 -100.45 -20.00 -6.29
N PHE R 118 -101.09 -19.18 -7.12
CA PHE R 118 -102.32 -18.47 -6.76
C PHE R 118 -103.37 -18.78 -7.82
N PRO R 119 -104.50 -19.37 -7.45
CA PRO R 119 -105.61 -19.61 -8.38
C PRO R 119 -106.33 -18.33 -8.76
N PRO R 120 -107.04 -18.32 -9.88
CA PRO R 120 -107.81 -17.14 -10.26
C PRO R 120 -108.95 -16.87 -9.30
N SER R 121 -109.18 -15.59 -9.02
CA SER R 121 -110.23 -15.16 -8.09
C SER R 121 -111.62 -15.38 -8.67
N ASP R 122 -112.60 -15.51 -7.76
CA ASP R 122 -113.99 -15.61 -8.20
C ASP R 122 -114.46 -14.33 -8.88
N GLU R 123 -113.91 -13.18 -8.48
CA GLU R 123 -114.29 -11.92 -9.11
C GLU R 123 -113.86 -11.86 -10.56
N GLN R 124 -112.73 -12.49 -10.88
CA GLN R 124 -112.22 -12.50 -12.25
C GLN R 124 -112.99 -13.49 -13.11
N LEU R 125 -113.37 -14.63 -12.54
CA LEU R 125 -114.07 -15.66 -13.31
C LEU R 125 -115.40 -15.15 -13.84
N LYS R 126 -116.05 -14.21 -13.15
CA LYS R 126 -117.31 -13.68 -13.65
C LYS R 126 -117.14 -12.81 -14.88
N SER R 127 -115.91 -12.38 -15.18
CA SER R 127 -115.68 -11.51 -16.33
C SER R 127 -115.36 -12.27 -17.61
N GLY R 128 -114.82 -13.49 -17.51
CA GLY R 128 -114.57 -14.26 -18.71
C GLY R 128 -113.17 -14.82 -18.85
N THR R 129 -112.21 -14.24 -18.13
CA THR R 129 -110.82 -14.68 -18.20
C THR R 129 -110.39 -15.30 -16.88
N ALA R 130 -109.23 -15.95 -16.90
CA ALA R 130 -108.68 -16.58 -15.71
C ALA R 130 -107.16 -16.46 -15.74
N SER R 131 -106.57 -16.00 -14.65
CA SER R 131 -105.13 -15.81 -14.57
C SER R 131 -104.59 -16.59 -13.38
N VAL R 132 -103.75 -17.59 -13.65
CA VAL R 132 -103.09 -18.38 -12.63
C VAL R 132 -101.68 -17.83 -12.46
N VAL R 133 -101.30 -17.49 -11.23
CA VAL R 133 -100.03 -16.79 -10.99
C VAL R 133 -99.07 -17.69 -10.25
N CYS R 134 -97.84 -17.80 -10.76
CA CYS R 134 -96.77 -18.51 -10.07
C CYS R 134 -95.67 -17.53 -9.69
N LEU R 135 -95.22 -17.61 -8.44
CA LEU R 135 -94.29 -16.66 -7.86
C LEU R 135 -93.04 -17.39 -7.37
N LEU R 136 -91.87 -16.92 -7.82
CA LEU R 136 -90.57 -17.38 -7.36
C LEU R 136 -89.96 -16.23 -6.56
N ASN R 137 -89.88 -16.39 -5.24
CA ASN R 137 -89.56 -15.28 -4.36
C ASN R 137 -88.12 -15.41 -3.87
N ASN R 138 -87.35 -14.32 -4.04
CA ASN R 138 -86.00 -14.14 -3.49
C ASN R 138 -85.05 -15.28 -3.82
N PHE R 139 -84.58 -15.33 -5.06
CA PHE R 139 -83.64 -16.35 -5.50
C PHE R 139 -82.46 -15.72 -6.24
N TYR R 140 -81.39 -16.50 -6.36
CA TYR R 140 -80.15 -16.19 -7.08
C TYR R 140 -79.53 -17.50 -7.53
N PRO R 141 -79.01 -17.58 -8.77
CA PRO R 141 -78.93 -16.51 -9.78
C PRO R 141 -80.22 -16.24 -10.53
N ARG R 142 -80.14 -15.37 -11.54
CA ARG R 142 -81.35 -14.94 -12.25
C ARG R 142 -81.98 -16.07 -13.05
N GLU R 143 -81.18 -16.94 -13.65
CA GLU R 143 -81.72 -17.94 -14.56
C GLU R 143 -82.61 -18.93 -13.83
N ALA R 144 -83.84 -19.09 -14.32
CA ALA R 144 -84.81 -20.01 -13.76
C ALA R 144 -85.79 -20.41 -14.84
N LYS R 145 -86.26 -21.66 -14.80
CA LYS R 145 -87.19 -22.16 -15.80
C LYS R 145 -88.51 -22.51 -15.13
N VAL R 146 -89.62 -22.04 -15.70
CA VAL R 146 -90.94 -22.24 -15.15
C VAL R 146 -91.82 -22.84 -16.25
N GLN R 147 -92.48 -23.95 -15.93
CA GLN R 147 -93.36 -24.64 -16.86
C GLN R 147 -94.73 -24.81 -16.24
N TRP R 148 -95.77 -24.53 -17.03
CA TRP R 148 -97.14 -24.68 -16.58
C TRP R 148 -97.67 -26.03 -17.06
N LYS R 149 -98.40 -26.71 -16.19
CA LYS R 149 -98.95 -28.03 -16.51
C LYS R 149 -100.44 -28.02 -16.18
N VAL R 150 -101.26 -28.09 -17.22
CA VAL R 150 -102.72 -28.14 -17.09
C VAL R 150 -103.15 -29.58 -17.39
N ASP R 151 -103.65 -30.27 -16.37
CA ASP R 151 -103.97 -31.70 -16.48
C ASP R 151 -102.75 -32.47 -16.98
N ASN R 152 -101.59 -32.11 -16.43
CA ASN R 152 -100.29 -32.71 -16.72
C ASN R 152 -99.88 -32.52 -18.19
N ALA R 153 -100.47 -31.53 -18.87
CA ALA R 153 -100.12 -31.17 -20.24
C ALA R 153 -99.37 -29.84 -20.22
N LEU R 154 -98.13 -29.84 -20.73
CA LEU R 154 -97.31 -28.65 -20.71
C LEU R 154 -97.86 -27.60 -21.67
N GLN R 155 -97.96 -26.36 -21.20
CA GLN R 155 -98.50 -25.24 -21.97
C GLN R 155 -97.38 -24.38 -22.52
N SER R 156 -97.64 -23.75 -23.67
CA SER R 156 -96.69 -22.85 -24.30
C SER R 156 -97.45 -21.82 -25.11
N GLY R 157 -97.05 -20.56 -24.98
CA GLY R 157 -97.70 -19.47 -25.68
C GLY R 157 -98.78 -18.76 -24.90
N ASN R 158 -98.95 -19.07 -23.62
CA ASN R 158 -99.93 -18.41 -22.78
C ASN R 158 -99.34 -17.81 -21.50
N SER R 159 -98.17 -18.24 -21.07
CA SER R 159 -97.53 -17.66 -19.91
C SER R 159 -96.79 -16.39 -20.29
N GLN R 160 -96.64 -15.51 -19.31
CA GLN R 160 -95.99 -14.23 -19.54
C GLN R 160 -95.24 -13.90 -18.25
N GLU R 161 -93.91 -13.89 -18.32
CA GLU R 161 -93.08 -13.71 -17.15
C GLU R 161 -92.75 -12.24 -16.91
N SER R 162 -92.36 -11.94 -15.68
CA SER R 162 -91.90 -10.61 -15.30
C SER R 162 -91.00 -10.76 -14.09
N VAL R 163 -89.83 -10.11 -14.12
CA VAL R 163 -88.82 -10.31 -13.09
C VAL R 163 -88.45 -8.97 -12.48
N THR R 164 -88.18 -8.96 -11.18
CA THR R 164 -87.78 -7.75 -10.49
C THR R 164 -86.29 -7.50 -10.69
N GLU R 165 -85.84 -6.35 -10.23
CA GLU R 165 -84.42 -6.01 -10.23
C GLU R 165 -83.70 -6.71 -9.10
N GLN R 166 -82.37 -6.71 -9.17
CA GLN R 166 -81.58 -7.26 -8.08
C GLN R 166 -81.81 -6.43 -6.82
N ASP R 167 -82.13 -7.11 -5.72
CA ASP R 167 -82.45 -6.42 -4.48
C ASP R 167 -81.24 -5.64 -3.98
N SER R 168 -81.48 -4.39 -3.58
CA SER R 168 -80.39 -3.54 -3.13
C SER R 168 -79.86 -3.92 -1.75
N LYS R 169 -80.51 -4.85 -1.07
CA LYS R 169 -80.09 -5.26 0.28
C LYS R 169 -79.55 -6.68 0.32
N ASP R 170 -80.30 -7.66 -0.21
CA ASP R 170 -79.87 -9.05 -0.19
C ASP R 170 -79.43 -9.57 -1.55
N SER R 171 -79.61 -8.78 -2.62
CA SER R 171 -79.15 -9.15 -3.96
C SER R 171 -79.79 -10.45 -4.46
N THR R 172 -81.12 -10.53 -4.35
CA THR R 172 -81.87 -11.67 -4.83
C THR R 172 -82.95 -11.19 -5.80
N TYR R 173 -83.35 -12.07 -6.72
CA TYR R 173 -84.36 -11.76 -7.72
C TYR R 173 -85.69 -12.38 -7.32
N SER R 174 -86.77 -11.82 -7.89
CA SER R 174 -88.11 -12.36 -7.70
C SER R 174 -88.85 -12.33 -9.04
N LEU R 175 -89.49 -13.44 -9.38
CA LEU R 175 -90.12 -13.64 -10.68
C LEU R 175 -91.60 -13.96 -10.52
N SER R 176 -92.40 -13.52 -11.48
CA SER R 176 -93.84 -13.74 -11.49
C SER R 176 -94.24 -14.16 -12.89
N SER R 177 -94.68 -15.40 -13.05
CA SER R 177 -95.18 -15.91 -14.33
C SER R 177 -96.70 -16.02 -14.27
N THR R 178 -97.38 -15.41 -15.25
CA THR R 178 -98.84 -15.39 -15.28
C THR R 178 -99.33 -16.22 -16.45
N LEU R 179 -100.10 -17.28 -16.15
CA LEU R 179 -100.72 -18.13 -17.14
C LEU R 179 -102.15 -17.63 -17.37
N THR R 180 -102.45 -17.24 -18.61
CA THR R 180 -103.74 -16.67 -18.96
C THR R 180 -104.56 -17.68 -19.75
N LEU R 181 -105.77 -17.97 -19.29
CA LEU R 181 -106.68 -18.89 -19.93
C LEU R 181 -108.07 -18.25 -20.01
N SER R 182 -108.95 -18.86 -20.80
CA SER R 182 -110.34 -18.44 -20.88
C SER R 182 -111.16 -19.17 -19.83
N LYS R 183 -112.29 -18.56 -19.45
CA LYS R 183 -113.12 -19.13 -18.40
C LYS R 183 -113.58 -20.54 -18.77
N ALA R 184 -113.95 -20.76 -20.03
CA ALA R 184 -114.34 -22.10 -20.47
C ALA R 184 -113.16 -23.06 -20.39
N ASP R 185 -112.00 -22.64 -20.92
CA ASP R 185 -110.82 -23.50 -20.89
C ASP R 185 -110.36 -23.74 -19.45
N TYR R 186 -110.50 -22.74 -18.59
CA TYR R 186 -110.14 -22.93 -17.19
C TYR R 186 -111.08 -23.92 -16.51
N GLU R 187 -112.36 -23.85 -16.81
CA GLU R 187 -113.33 -24.75 -16.18
C GLU R 187 -113.42 -26.11 -16.88
N LYS R 188 -112.63 -26.34 -17.93
CA LYS R 188 -112.59 -27.68 -18.52
C LYS R 188 -111.73 -28.64 -17.72
N HIS R 189 -110.64 -28.16 -17.12
CA HIS R 189 -109.69 -29.01 -16.41
C HIS R 189 -109.82 -28.81 -14.90
N LYS R 190 -108.95 -29.50 -14.16
CA LYS R 190 -109.04 -29.52 -12.70
C LYS R 190 -107.73 -29.32 -11.96
N VAL R 191 -106.60 -29.79 -12.47
CA VAL R 191 -105.31 -29.66 -11.79
C VAL R 191 -104.46 -28.66 -12.55
N TYR R 192 -103.90 -27.70 -11.83
CA TYR R 192 -103.00 -26.72 -12.44
C TYR R 192 -101.72 -26.69 -11.62
N ALA R 193 -100.58 -26.83 -12.31
CA ALA R 193 -99.30 -26.99 -11.65
C ALA R 193 -98.27 -26.04 -12.25
N CYS R 194 -97.33 -25.62 -11.41
CA CYS R 194 -96.22 -24.77 -11.79
C CYS R 194 -94.95 -25.50 -11.39
N GLU R 195 -94.15 -25.88 -12.38
CA GLU R 195 -92.91 -26.61 -12.19
C GLU R 195 -91.76 -25.62 -12.31
N VAL R 196 -91.00 -25.47 -11.23
CA VAL R 196 -89.88 -24.54 -11.15
C VAL R 196 -88.59 -25.35 -11.13
N THR R 197 -87.67 -24.99 -12.02
CA THR R 197 -86.34 -25.57 -12.11
C THR R 197 -85.33 -24.46 -11.89
N HIS R 198 -84.42 -24.68 -10.94
CA HIS R 198 -83.44 -23.69 -10.54
C HIS R 198 -82.21 -24.41 -10.01
N GLN R 199 -81.08 -23.70 -10.04
CA GLN R 199 -79.81 -24.30 -9.63
C GLN R 199 -79.80 -24.67 -8.15
N GLY R 200 -80.38 -23.84 -7.29
CA GLY R 200 -80.29 -24.09 -5.86
C GLY R 200 -81.03 -25.32 -5.38
N LEU R 201 -82.11 -25.71 -6.06
CA LEU R 201 -82.87 -26.90 -5.69
C LEU R 201 -82.35 -28.10 -6.46
N SER R 202 -82.11 -29.20 -5.74
CA SER R 202 -81.60 -30.41 -6.38
C SER R 202 -82.58 -30.99 -7.37
N SER R 203 -83.87 -30.94 -7.07
CA SER R 203 -84.88 -31.43 -8.01
C SER R 203 -85.97 -30.39 -8.21
N PRO R 204 -86.56 -30.33 -9.40
CA PRO R 204 -87.58 -29.30 -9.69
C PRO R 204 -88.78 -29.42 -8.76
N VAL R 205 -89.22 -28.27 -8.24
CA VAL R 205 -90.34 -28.21 -7.31
C VAL R 205 -91.61 -27.92 -8.10
N THR R 206 -92.67 -28.68 -7.84
CA THR R 206 -93.92 -28.54 -8.58
C THR R 206 -95.01 -28.18 -7.56
N LYS R 207 -95.43 -26.91 -7.57
CA LYS R 207 -96.51 -26.45 -6.72
C LYS R 207 -97.80 -26.42 -7.53
N SER R 208 -98.85 -27.06 -7.01
CA SER R 208 -100.07 -27.25 -7.79
C SER R 208 -101.29 -26.99 -6.92
N PHE R 209 -102.43 -26.84 -7.58
CA PHE R 209 -103.71 -26.71 -6.91
C PHE R 209 -104.78 -27.35 -7.79
N ASN R 210 -105.96 -27.55 -7.20
CA ASN R 210 -107.10 -28.11 -7.90
C ASN R 210 -108.25 -27.11 -7.87
N ARG R 211 -109.00 -27.06 -8.97
CA ARG R 211 -110.11 -26.12 -9.11
C ARG R 211 -111.19 -26.40 -8.07
N GLY R 212 -111.29 -25.55 -7.06
CA GLY R 212 -112.34 -25.69 -6.07
C GLY R 212 -111.94 -25.40 -4.63
N GLU R 213 -110.81 -25.93 -4.20
CA GLU R 213 -110.38 -25.78 -2.80
C GLU R 213 -110.07 -24.33 -2.44
N GLU S 1 23.52 -71.10 7.56
CA GLU S 1 22.75 -71.36 8.77
C GLU S 1 21.24 -71.44 8.49
N VAL S 2 20.72 -70.40 7.84
CA VAL S 2 19.30 -70.34 7.53
C VAL S 2 19.00 -71.26 6.35
N GLN S 3 18.04 -72.17 6.54
CA GLN S 3 17.76 -73.18 5.54
C GLN S 3 16.29 -73.57 5.58
N LEU S 4 15.73 -73.77 4.38
CA LEU S 4 14.37 -74.28 4.20
C LEU S 4 14.50 -75.46 3.25
N VAL S 5 14.11 -76.65 3.70
CA VAL S 5 14.26 -77.87 2.91
C VAL S 5 12.88 -78.47 2.71
N GLU S 6 12.39 -78.45 1.48
CA GLU S 6 11.13 -79.08 1.15
C GLU S 6 11.35 -80.53 0.73
N SER S 7 10.38 -81.37 1.07
CA SER S 7 10.44 -82.80 0.83
C SER S 7 9.02 -83.30 0.64
N GLY S 8 8.90 -84.50 0.08
CA GLY S 8 7.62 -85.11 -0.14
C GLY S 8 7.13 -85.01 -1.57
N GLY S 9 7.93 -84.46 -2.47
CA GLY S 9 7.57 -84.36 -3.85
C GLY S 9 7.78 -85.69 -4.55
N GLY S 10 7.61 -85.66 -5.86
CA GLY S 10 7.81 -86.87 -6.63
C GLY S 10 6.64 -87.16 -7.55
N LEU S 11 6.38 -88.44 -7.78
CA LEU S 11 5.34 -88.85 -8.71
C LEU S 11 4.00 -88.95 -7.99
N VAL S 12 2.95 -88.51 -8.67
CA VAL S 12 1.60 -88.67 -8.16
C VAL S 12 0.65 -88.68 -9.35
N ARG S 13 -0.23 -89.69 -9.39
CA ARG S 13 -1.20 -89.80 -10.47
C ARG S 13 -2.35 -88.80 -10.27
N PRO S 14 -2.95 -88.33 -11.36
CA PRO S 14 -3.96 -87.26 -11.25
C PRO S 14 -5.15 -87.65 -10.40
N GLY S 15 -5.80 -86.63 -9.83
CA GLY S 15 -6.98 -86.81 -9.02
C GLY S 15 -6.72 -87.24 -7.58
N ARG S 16 -5.46 -87.51 -7.23
CA ARG S 16 -5.12 -87.94 -5.88
C ARG S 16 -4.57 -86.77 -5.06
N SER S 17 -3.81 -87.09 -4.01
CA SER S 17 -3.34 -86.12 -3.02
C SER S 17 -1.86 -86.34 -2.70
N LEU S 18 -1.17 -85.25 -2.39
CA LEU S 18 0.22 -85.30 -2.01
C LEU S 18 0.51 -84.16 -1.03
N ARG S 19 1.25 -84.47 0.04
CA ARG S 19 1.54 -83.49 1.08
C ARG S 19 3.02 -83.14 1.06
N LEU S 20 3.33 -81.89 0.74
CA LEU S 20 4.70 -81.39 0.80
C LEU S 20 5.00 -80.90 2.21
N SER S 21 6.25 -81.08 2.62
CA SER S 21 6.69 -80.77 3.98
C SER S 21 7.96 -79.93 3.89
N CYS S 22 7.92 -78.73 4.46
CA CYS S 22 9.03 -77.81 4.46
C CYS S 22 9.59 -77.74 5.87
N THR S 23 10.81 -78.22 6.05
CA THR S 23 11.49 -78.20 7.33
C THR S 23 12.38 -76.97 7.41
N VAL S 24 12.24 -76.21 8.50
CA VAL S 24 12.95 -74.96 8.71
C VAL S 24 14.08 -75.22 9.70
N SER S 25 15.26 -74.68 9.41
CA SER S 25 16.39 -74.84 10.32
C SER S 25 17.29 -73.62 10.23
N GLY S 26 17.42 -72.91 11.35
CA GLY S 26 18.31 -71.78 11.40
C GLY S 26 17.76 -70.57 12.12
N PHE S 27 16.46 -70.53 12.36
CA PHE S 27 15.84 -69.41 13.05
C PHE S 27 14.56 -69.87 13.71
N SER S 28 13.91 -68.96 14.44
CA SER S 28 12.68 -69.28 15.15
C SER S 28 11.54 -69.43 14.16
N PHE S 29 10.93 -70.61 14.10
CA PHE S 29 9.87 -70.88 13.15
C PHE S 29 8.54 -70.28 13.58
N ASP S 30 8.28 -70.20 14.88
CA ASP S 30 6.99 -69.72 15.36
C ASP S 30 6.76 -68.25 15.03
N ASP S 31 7.83 -67.46 15.05
CA ASP S 31 7.73 -66.02 14.82
C ASP S 31 7.57 -65.69 13.34
N SER S 32 7.86 -66.63 12.44
CA SER S 32 7.94 -66.35 11.02
C SER S 32 6.73 -66.89 10.28
N ALA S 33 6.49 -66.32 9.11
CA ALA S 33 5.39 -66.71 8.25
C ALA S 33 5.97 -67.37 7.01
N MET S 34 5.28 -68.40 6.52
CA MET S 34 5.80 -69.22 5.43
C MET S 34 4.92 -69.08 4.20
N SER S 35 5.51 -69.30 3.04
CA SER S 35 4.77 -69.17 1.78
C SER S 35 5.24 -70.25 0.82
N TRP S 36 4.36 -70.61 -0.11
CA TRP S 36 4.65 -71.61 -1.13
C TRP S 36 4.55 -70.95 -2.49
N VAL S 37 5.58 -71.12 -3.30
CA VAL S 37 5.64 -70.56 -4.66
C VAL S 37 6.09 -71.67 -5.60
N ARG S 38 5.38 -71.85 -6.71
CA ARG S 38 5.75 -72.88 -7.65
C ARG S 38 6.13 -72.28 -8.99
N GLN S 39 6.85 -73.08 -9.78
CA GLN S 39 7.24 -72.70 -11.13
C GLN S 39 6.98 -73.91 -12.01
N ALA S 40 6.03 -73.77 -12.93
CA ALA S 40 5.70 -74.81 -13.88
C ALA S 40 6.76 -74.88 -14.98
N PRO S 41 6.97 -76.06 -15.57
CA PRO S 41 7.93 -76.17 -16.68
C PRO S 41 7.51 -75.28 -17.85
N GLY S 42 8.39 -74.35 -18.20
CA GLY S 42 8.15 -73.42 -19.27
C GLY S 42 7.42 -72.15 -18.88
N LYS S 43 6.77 -72.13 -17.72
CA LYS S 43 6.07 -70.95 -17.25
C LYS S 43 6.86 -70.24 -16.15
N GLY S 44 6.42 -69.03 -15.83
CA GLY S 44 7.06 -68.19 -14.83
C GLY S 44 6.69 -68.60 -13.42
N LEU S 45 7.04 -67.72 -12.48
CA LEU S 45 6.73 -67.97 -11.08
C LEU S 45 5.27 -67.69 -10.78
N GLU S 46 4.67 -68.55 -9.97
CA GLU S 46 3.29 -68.40 -9.54
C GLU S 46 3.24 -68.52 -8.02
N TRP S 47 2.68 -67.51 -7.37
CA TRP S 47 2.48 -67.53 -5.92
C TRP S 47 1.32 -68.46 -5.59
N ILE S 48 1.54 -69.35 -4.62
CA ILE S 48 0.58 -70.40 -4.28
C ILE S 48 -0.09 -70.15 -2.94
N SER S 49 0.68 -70.14 -1.85
CA SER S 49 0.08 -70.08 -0.54
C SER S 49 0.91 -69.24 0.42
N PHE S 50 0.33 -68.97 1.60
CA PHE S 50 0.92 -68.12 2.63
C PHE S 50 0.23 -68.43 3.95
N ILE S 51 1.01 -68.68 4.99
CA ILE S 51 0.50 -68.86 6.34
C ILE S 51 1.23 -67.93 7.29
N LYS S 52 0.46 -67.21 8.11
CA LYS S 52 1.00 -66.25 9.06
C LYS S 52 1.48 -66.96 10.33
N SER S 53 2.16 -66.21 11.19
CA SER S 53 2.66 -66.69 12.46
C SER S 53 1.51 -66.97 13.41
N LYS S 54 1.80 -67.63 14.55
CA LYS S 54 0.75 -67.82 15.54
C LYS S 54 0.20 -66.48 15.99
N THR S 55 1.09 -65.49 16.14
CA THR S 55 0.63 -64.13 16.28
C THR S 55 -0.03 -63.74 14.95
N TYR S 56 -1.05 -62.89 15.03
CA TYR S 56 -1.89 -62.47 13.91
C TYR S 56 -2.81 -63.57 13.40
N GLY S 57 -2.97 -64.67 14.13
CA GLY S 57 -4.01 -65.64 13.86
C GLY S 57 -3.63 -66.93 13.15
N GLY S 58 -2.45 -67.03 12.55
CA GLY S 58 -2.18 -68.23 11.78
C GLY S 58 -2.96 -68.33 10.50
N THR S 59 -3.25 -67.19 9.86
CA THR S 59 -4.22 -67.09 8.79
C THR S 59 -3.65 -67.60 7.47
N LYS S 60 -4.35 -68.55 6.87
CA LYS S 60 -3.95 -69.13 5.59
C LYS S 60 -4.57 -68.37 4.43
N GLU S 61 -3.72 -67.92 3.51
CA GLU S 61 -4.10 -67.25 2.28
C GLU S 61 -3.63 -68.05 1.08
N TYR S 62 -4.55 -68.37 0.18
CA TYR S 62 -4.26 -69.17 -1.00
C TYR S 62 -4.40 -68.32 -2.25
N ALA S 63 -3.93 -68.86 -3.37
CA ALA S 63 -4.04 -68.16 -4.64
C ALA S 63 -5.32 -68.53 -5.36
N ALA S 64 -5.70 -67.69 -6.32
CA ALA S 64 -6.96 -67.92 -7.02
C ALA S 64 -6.94 -69.21 -7.82
N SER S 65 -5.77 -69.57 -8.36
CA SER S 65 -5.69 -70.74 -9.22
C SER S 65 -5.82 -72.04 -8.43
N VAL S 66 -5.48 -72.03 -7.14
CA VAL S 66 -5.46 -73.25 -6.36
C VAL S 66 -6.39 -73.18 -5.14
N LYS S 67 -7.18 -72.12 -5.01
CA LYS S 67 -8.07 -72.00 -3.87
C LYS S 67 -9.14 -73.09 -3.94
N GLY S 68 -9.31 -73.82 -2.84
CA GLY S 68 -10.24 -74.93 -2.78
C GLY S 68 -9.63 -76.30 -3.05
N ARG S 69 -8.47 -76.35 -3.69
CA ARG S 69 -7.75 -77.61 -3.91
C ARG S 69 -6.60 -77.81 -2.94
N PHE S 70 -5.82 -76.77 -2.69
CA PHE S 70 -4.67 -76.83 -1.80
C PHE S 70 -5.03 -76.31 -0.40
N THR S 71 -4.27 -76.77 0.59
CA THR S 71 -4.47 -76.40 1.98
C THR S 71 -3.13 -76.30 2.67
N ILE S 72 -2.80 -75.13 3.21
CA ILE S 72 -1.53 -74.94 3.88
C ILE S 72 -1.73 -75.09 5.38
N SER S 73 -0.69 -75.55 6.06
CA SER S 73 -0.75 -75.74 7.51
C SER S 73 0.65 -75.64 8.06
N ARG S 74 0.76 -75.57 9.38
CA ARG S 74 2.07 -75.53 10.02
C ARG S 74 2.02 -76.29 11.34
N ASP S 75 3.15 -76.88 11.69
CA ASP S 75 3.34 -77.56 12.97
C ASP S 75 4.54 -76.89 13.61
N ASP S 76 4.26 -75.93 14.49
CA ASP S 76 5.32 -75.20 15.20
C ASP S 76 6.01 -76.06 16.23
N SER S 77 5.37 -77.15 16.67
CA SER S 77 5.99 -78.01 17.68
C SER S 77 7.22 -78.71 17.13
N LYS S 78 7.26 -78.96 15.82
CA LYS S 78 8.40 -79.62 15.19
C LYS S 78 9.01 -78.76 14.08
N ASN S 79 8.63 -77.48 13.99
CA ASN S 79 9.17 -76.54 13.01
C ASN S 79 9.06 -77.09 11.58
N ILE S 80 7.81 -77.23 11.13
CA ILE S 80 7.55 -77.75 9.80
C ILE S 80 6.30 -77.09 9.23
N ALA S 81 6.24 -76.98 7.91
CA ALA S 81 5.11 -76.36 7.25
C ALA S 81 4.63 -77.27 6.12
N TYR S 82 3.35 -77.59 6.12
CA TYR S 82 2.79 -78.53 5.16
C TYR S 82 1.98 -77.81 4.10
N LEU S 83 1.93 -78.44 2.92
CA LEU S 83 1.09 -78.03 1.80
C LEU S 83 0.38 -79.29 1.30
N GLN S 84 -0.89 -79.42 1.66
CA GLN S 84 -1.74 -80.55 1.25
C GLN S 84 -2.32 -80.23 -0.12
N MET S 85 -1.92 -80.99 -1.13
CA MET S 85 -2.38 -80.79 -2.50
C MET S 85 -3.40 -81.87 -2.82
N ASN S 86 -4.64 -81.46 -2.99
CA ASN S 86 -5.75 -82.34 -3.29
C ASN S 86 -6.24 -82.10 -4.72
N SER S 87 -6.80 -83.15 -5.33
CA SER S 87 -7.35 -83.10 -6.68
C SER S 87 -6.35 -82.51 -7.67
N LEU S 88 -5.21 -83.20 -7.80
CA LEU S 88 -4.11 -82.72 -8.63
C LEU S 88 -4.41 -82.93 -10.11
N LYS S 89 -4.10 -81.91 -10.91
CA LYS S 89 -4.22 -81.94 -12.36
C LYS S 89 -2.83 -81.99 -12.99
N THR S 90 -2.82 -82.12 -14.31
CA THR S 90 -1.55 -82.08 -15.04
C THR S 90 -0.92 -80.70 -15.04
N GLU S 91 -1.72 -79.65 -14.83
CA GLU S 91 -1.15 -78.31 -14.75
C GLU S 91 -0.37 -78.08 -13.46
N ASP S 92 -0.59 -78.90 -12.44
CA ASP S 92 0.10 -78.75 -11.16
C ASP S 92 1.52 -79.31 -11.16
N THR S 93 1.95 -79.97 -12.22
CA THR S 93 3.33 -80.44 -12.30
C THR S 93 4.29 -79.26 -12.34
N ALA S 94 5.15 -79.15 -11.33
CA ALA S 94 5.99 -77.96 -11.22
C ALA S 94 7.06 -78.20 -10.16
N VAL S 95 7.95 -77.21 -10.00
CA VAL S 95 8.92 -77.16 -8.91
C VAL S 95 8.32 -76.29 -7.81
N TYR S 96 8.20 -76.87 -6.62
CA TYR S 96 7.59 -76.19 -5.47
C TYR S 96 8.67 -75.71 -4.52
N TYR S 97 8.69 -74.39 -4.27
CA TYR S 97 9.62 -73.74 -3.37
C TYR S 97 8.89 -73.31 -2.11
N CYS S 98 9.60 -73.40 -0.99
CA CYS S 98 9.13 -72.95 0.31
C CYS S 98 9.91 -71.68 0.68
N THR S 99 9.20 -70.62 1.02
CA THR S 99 9.78 -69.31 1.28
C THR S 99 9.32 -68.78 2.62
N ARG S 100 9.99 -67.72 3.09
CA ARG S 100 9.64 -67.02 4.32
C ARG S 100 9.26 -65.58 4.00
N GLY S 101 8.08 -65.18 4.46
CA GLY S 101 7.63 -63.80 4.30
C GLY S 101 8.35 -62.86 5.24
N ALA S 102 8.81 -61.73 4.70
CA ALA S 102 9.61 -60.78 5.46
C ALA S 102 8.73 -59.69 6.04
N PRO S 103 8.57 -59.58 7.35
CA PRO S 103 7.75 -58.51 7.90
C PRO S 103 8.40 -57.15 7.66
N TYR S 104 7.57 -56.12 7.54
CA TYR S 104 8.08 -54.79 7.26
C TYR S 104 9.00 -54.29 8.37
N GLY S 105 8.95 -54.88 9.56
CA GLY S 105 9.94 -54.61 10.58
C GLY S 105 10.46 -55.94 11.09
N GLY S 106 11.02 -55.95 12.30
CA GLY S 106 11.34 -57.22 12.93
C GLY S 106 10.13 -58.10 13.09
N ASN S 107 9.02 -57.52 13.52
CA ASN S 107 7.75 -58.23 13.66
C ASN S 107 6.63 -57.28 13.30
N SER S 108 5.90 -57.61 12.24
CA SER S 108 4.77 -56.79 11.79
C SER S 108 3.94 -57.62 10.82
N ASP S 109 2.64 -57.32 10.78
CA ASP S 109 1.74 -58.02 9.86
C ASP S 109 1.76 -57.47 8.45
N TYR S 110 2.75 -56.65 8.10
CA TYR S 110 2.94 -56.19 6.73
C TYR S 110 4.27 -56.72 6.23
N TYR S 111 4.25 -57.35 5.06
CA TYR S 111 5.39 -58.08 4.53
C TYR S 111 5.86 -57.43 3.24
N TYR S 112 7.19 -57.34 3.06
CA TYR S 112 7.76 -56.64 1.92
C TYR S 112 8.34 -57.56 0.84
N GLY S 113 8.58 -58.84 1.16
CA GLY S 113 9.18 -59.72 0.19
C GLY S 113 9.25 -61.14 0.73
N LEU S 114 9.82 -62.02 -0.08
CA LEU S 114 10.06 -63.41 0.30
C LEU S 114 11.55 -63.53 0.61
N ASP S 115 11.88 -63.60 1.89
CA ASP S 115 13.25 -63.56 2.37
C ASP S 115 14.09 -64.75 1.91
N VAL S 116 13.85 -65.88 2.51
CA VAL S 116 14.65 -67.08 2.27
C VAL S 116 13.89 -67.97 1.31
N TRP S 117 14.63 -68.67 0.46
CA TRP S 117 14.07 -69.58 -0.51
C TRP S 117 14.73 -70.95 -0.33
N GLY S 118 13.92 -72.00 -0.33
CA GLY S 118 14.46 -73.33 -0.44
C GLY S 118 14.87 -73.63 -1.87
N GLN S 119 15.62 -74.71 -2.03
CA GLN S 119 16.05 -75.07 -3.38
C GLN S 119 14.91 -75.68 -4.19
N GLY S 120 13.87 -76.16 -3.54
CA GLY S 120 12.68 -76.63 -4.23
C GLY S 120 12.66 -78.14 -4.40
N THR S 121 11.46 -78.69 -4.53
CA THR S 121 11.28 -80.10 -4.84
C THR S 121 10.30 -80.24 -5.99
N THR S 122 10.55 -81.22 -6.86
CA THR S 122 9.76 -81.37 -8.08
C THR S 122 8.57 -82.28 -7.83
N VAL S 123 7.40 -81.86 -8.31
CA VAL S 123 6.17 -82.63 -8.21
C VAL S 123 5.69 -82.90 -9.64
N THR S 124 5.52 -84.18 -9.96
CA THR S 124 5.12 -84.62 -11.29
C THR S 124 3.76 -85.29 -11.20
N VAL S 125 2.77 -84.72 -11.88
CA VAL S 125 1.43 -85.27 -11.96
C VAL S 125 1.23 -85.76 -13.39
N SER S 126 1.31 -87.07 -13.58
CA SER S 126 1.16 -87.66 -14.90
C SER S 126 0.66 -89.08 -14.72
N SER S 127 -0.24 -89.51 -15.61
CA SER S 127 -0.81 -90.84 -15.57
C SER S 127 0.13 -91.92 -16.09
N ALA S 128 1.23 -91.55 -16.73
CA ALA S 128 2.05 -92.53 -17.41
C ALA S 128 2.99 -93.27 -16.46
N SER S 129 3.34 -94.50 -16.83
CA SER S 129 4.20 -95.37 -16.04
C SER S 129 5.62 -95.37 -16.60
N THR S 130 6.54 -95.92 -15.82
CA THR S 130 7.95 -95.93 -16.20
C THR S 130 8.16 -96.72 -17.50
N LYS S 131 8.90 -96.11 -18.42
CA LYS S 131 9.16 -96.71 -19.73
C LYS S 131 10.50 -96.21 -20.25
N GLY S 132 11.30 -97.12 -20.78
CA GLY S 132 12.55 -96.76 -21.40
C GLY S 132 12.30 -96.11 -22.74
N PRO S 133 13.34 -95.48 -23.30
CA PRO S 133 13.19 -94.77 -24.57
C PRO S 133 13.58 -95.62 -25.77
N SER S 134 13.09 -95.20 -26.93
CA SER S 134 13.46 -95.80 -28.21
C SER S 134 14.35 -94.81 -28.95
N VAL S 135 15.56 -95.23 -29.32
CA VAL S 135 16.52 -94.36 -29.97
C VAL S 135 16.45 -94.62 -31.47
N PHE S 136 16.24 -93.56 -32.24
CA PHE S 136 16.13 -93.66 -33.69
C PHE S 136 17.16 -92.75 -34.34
N PRO S 137 17.85 -93.21 -35.38
CA PRO S 137 18.87 -92.36 -35.99
C PRO S 137 18.26 -91.30 -36.89
N LEU S 138 18.79 -90.08 -36.78
CA LEU S 138 18.48 -88.98 -37.68
C LEU S 138 19.69 -88.92 -38.59
N ALA S 139 19.65 -89.70 -39.67
CA ALA S 139 20.80 -89.87 -40.53
C ALA S 139 21.00 -88.66 -41.44
N PRO S 140 22.25 -88.34 -41.77
CA PRO S 140 22.53 -87.19 -42.63
C PRO S 140 22.41 -87.53 -44.11
N SER S 141 21.96 -86.53 -44.86
CA SER S 141 21.88 -86.64 -46.31
C SER S 141 22.75 -85.58 -46.98
N SER S 142 22.40 -85.18 -48.19
CA SER S 142 23.12 -84.13 -48.90
C SER S 142 22.18 -83.06 -49.42
N GLY S 148 28.92 -77.90 -47.35
CA GLY S 148 30.12 -77.85 -46.53
C GLY S 148 30.02 -78.57 -45.20
N THR S 149 28.92 -78.35 -44.47
CA THR S 149 28.69 -79.01 -43.20
C THR S 149 27.39 -79.80 -43.25
N ALA S 150 27.40 -81.00 -42.69
CA ALA S 150 26.23 -81.86 -42.62
C ALA S 150 25.76 -81.98 -41.17
N ALA S 151 24.51 -82.37 -40.99
CA ALA S 151 23.92 -82.50 -39.66
C ALA S 151 23.37 -83.90 -39.46
N LEU S 152 23.60 -84.47 -38.28
CA LEU S 152 23.06 -85.77 -37.95
C LEU S 152 22.62 -85.76 -36.49
N GLY S 153 21.90 -86.79 -36.07
CA GLY S 153 21.46 -86.80 -34.69
C GLY S 153 20.78 -88.08 -34.28
N CYS S 154 20.16 -88.02 -33.10
CA CYS S 154 19.37 -89.11 -32.55
C CYS S 154 18.05 -88.59 -32.01
N LEU S 155 16.99 -89.38 -32.17
CA LEU S 155 15.66 -89.08 -31.64
C LEU S 155 15.35 -90.09 -30.55
N VAL S 156 15.36 -89.62 -29.31
CA VAL S 156 15.06 -90.44 -28.14
C VAL S 156 13.56 -90.24 -27.87
N LYS S 157 12.75 -91.23 -28.23
CA LYS S 157 11.32 -91.06 -28.30
C LYS S 157 10.65 -91.89 -27.22
N ASP S 158 9.55 -91.37 -26.67
CA ASP S 158 8.63 -92.09 -25.78
C ASP S 158 9.32 -92.71 -24.56
N TYR S 159 9.58 -91.91 -23.53
CA TYR S 159 10.15 -92.44 -22.31
C TYR S 159 9.57 -91.70 -21.11
N PHE S 160 9.63 -92.36 -19.95
CA PHE S 160 9.10 -91.79 -18.72
C PHE S 160 9.78 -92.51 -17.56
N PRO S 161 10.20 -91.80 -16.51
CA PRO S 161 10.15 -90.33 -16.39
C PRO S 161 11.45 -89.64 -16.80
N GLU S 162 11.55 -88.36 -16.47
CA GLU S 162 12.79 -87.62 -16.65
C GLU S 162 13.86 -88.16 -15.70
N PRO S 163 15.15 -88.00 -16.05
CA PRO S 163 15.67 -87.46 -17.30
C PRO S 163 16.41 -88.51 -18.14
N VAL S 164 16.91 -88.09 -19.29
CA VAL S 164 17.75 -88.90 -20.15
C VAL S 164 19.06 -88.17 -20.40
N THR S 165 20.16 -88.93 -20.41
CA THR S 165 21.48 -88.36 -20.70
C THR S 165 21.97 -88.87 -22.05
N VAL S 166 22.39 -87.95 -22.91
CA VAL S 166 22.85 -88.25 -24.25
C VAL S 166 24.29 -87.76 -24.40
N SER S 167 25.18 -88.66 -24.81
CA SER S 167 26.56 -88.30 -25.14
C SER S 167 26.88 -88.85 -26.52
N TRP S 168 27.92 -88.30 -27.16
CA TRP S 168 28.29 -88.72 -28.50
C TRP S 168 29.70 -89.29 -28.52
N ASN S 169 29.86 -90.44 -29.16
CA ASN S 169 31.15 -91.11 -29.32
C ASN S 169 31.83 -91.36 -27.97
N SER S 170 31.04 -91.81 -27.00
CA SER S 170 31.54 -92.19 -25.67
C SER S 170 32.22 -91.03 -24.95
N GLY S 171 31.84 -89.80 -25.29
CA GLY S 171 32.39 -88.63 -24.66
C GLY S 171 33.42 -87.88 -25.47
N ALA S 172 33.79 -88.38 -26.65
CA ALA S 172 34.80 -87.72 -27.46
C ALA S 172 34.24 -86.49 -28.18
N LEU S 173 33.01 -86.60 -28.69
CA LEU S 173 32.39 -85.51 -29.45
C LEU S 173 31.64 -84.58 -28.51
N THR S 174 32.03 -83.32 -28.49
CA THR S 174 31.36 -82.36 -27.63
C THR S 174 31.01 -81.07 -28.37
N SER S 175 31.90 -80.56 -29.21
CA SER S 175 31.65 -79.31 -29.92
C SER S 175 30.63 -79.52 -31.03
N GLY S 176 29.68 -78.59 -31.13
CA GLY S 176 28.64 -78.66 -32.14
C GLY S 176 27.50 -79.58 -31.79
N VAL S 177 27.42 -80.02 -30.53
CA VAL S 177 26.35 -80.90 -30.07
C VAL S 177 25.25 -80.05 -29.46
N HIS S 178 24.00 -80.36 -29.81
CA HIS S 178 22.83 -79.69 -29.27
C HIS S 178 21.89 -80.79 -28.79
N THR S 179 21.85 -81.00 -27.48
CA THR S 179 20.92 -81.93 -26.85
C THR S 179 19.72 -81.12 -26.38
N PHE S 180 18.62 -81.21 -27.13
CA PHE S 180 17.46 -80.37 -26.87
C PHE S 180 16.75 -80.80 -25.58
N PRO S 181 16.06 -79.86 -24.92
CA PRO S 181 15.29 -80.23 -23.73
C PRO S 181 14.16 -81.18 -24.07
N ALA S 182 13.80 -82.01 -23.10
CA ALA S 182 12.73 -82.97 -23.29
C ALA S 182 11.41 -82.23 -23.49
N VAL S 183 10.50 -82.86 -24.23
CA VAL S 183 9.17 -82.31 -24.46
C VAL S 183 8.14 -83.34 -24.06
N LEU S 184 7.20 -82.94 -23.20
CA LEU S 184 6.11 -83.82 -22.78
C LEU S 184 5.04 -83.79 -23.86
N GLN S 185 4.85 -84.92 -24.54
CA GLN S 185 3.87 -85.02 -25.61
C GLN S 185 2.49 -85.36 -25.05
N SER S 186 1.49 -85.31 -25.93
CA SER S 186 0.11 -85.54 -25.52
C SER S 186 -0.14 -86.94 -24.97
N SER S 187 0.75 -87.91 -25.24
CA SER S 187 0.57 -89.25 -24.70
C SER S 187 1.03 -89.38 -23.25
N GLY S 188 1.64 -88.34 -22.68
CA GLY S 188 2.14 -88.37 -21.32
C GLY S 188 3.57 -88.83 -21.17
N LEU S 189 4.23 -89.20 -22.26
CA LEU S 189 5.62 -89.63 -22.25
C LEU S 189 6.51 -88.53 -22.81
N TYR S 190 7.78 -88.57 -22.42
CA TYR S 190 8.74 -87.56 -22.88
C TYR S 190 9.45 -88.03 -24.14
N SER S 191 10.06 -87.07 -24.83
CA SER S 191 10.79 -87.34 -26.07
C SER S 191 11.68 -86.16 -26.37
N LEU S 192 12.97 -86.42 -26.60
CA LEU S 192 13.94 -85.39 -26.93
C LEU S 192 14.72 -85.82 -28.16
N SER S 193 15.48 -84.88 -28.71
CA SER S 193 16.37 -85.18 -29.83
C SER S 193 17.70 -84.47 -29.58
N SER S 194 18.79 -85.17 -29.87
CA SER S 194 20.14 -84.63 -29.69
C SER S 194 20.86 -84.74 -31.01
N VAL S 195 21.24 -83.59 -31.58
CA VAL S 195 21.86 -83.53 -32.90
C VAL S 195 23.27 -82.96 -32.76
N VAL S 196 24.00 -83.02 -33.86
CA VAL S 196 25.37 -82.54 -33.94
C VAL S 196 25.71 -82.31 -35.41
N THR S 197 26.46 -81.24 -35.65
CA THR S 197 26.95 -80.89 -36.98
C THR S 197 28.36 -81.43 -37.17
N VAL S 198 28.60 -82.06 -38.31
CA VAL S 198 29.89 -82.67 -38.62
C VAL S 198 30.30 -82.23 -40.01
N PRO S 199 31.60 -82.33 -40.33
CA PRO S 199 32.05 -82.05 -41.71
C PRO S 199 31.42 -83.03 -42.69
N SER S 200 31.11 -82.54 -43.89
CA SER S 200 30.42 -83.37 -44.85
C SER S 200 31.31 -84.49 -45.39
N SER S 201 32.62 -84.25 -45.47
CA SER S 201 33.53 -85.23 -46.05
C SER S 201 33.85 -86.38 -45.11
N SER S 202 33.67 -86.20 -43.81
CA SER S 202 34.00 -87.24 -42.83
C SER S 202 32.84 -88.19 -42.57
N LEU S 203 31.72 -88.03 -43.27
CA LEU S 203 30.57 -88.88 -43.05
C LEU S 203 30.85 -90.32 -43.45
N GLY S 204 31.52 -90.51 -44.60
CA GLY S 204 31.77 -91.85 -45.09
C GLY S 204 32.86 -92.60 -44.34
N THR S 205 33.71 -91.90 -43.60
CA THR S 205 34.83 -92.53 -42.93
C THR S 205 34.65 -92.63 -41.42
N GLN S 206 34.34 -91.51 -40.76
CA GLN S 206 34.25 -91.47 -39.31
C GLN S 206 32.86 -91.90 -38.86
N THR S 207 32.81 -92.68 -37.78
CA THR S 207 31.57 -93.22 -37.24
C THR S 207 31.07 -92.40 -36.06
N TYR S 208 29.77 -92.15 -36.03
CA TYR S 208 29.11 -91.37 -34.98
C TYR S 208 28.11 -92.26 -34.27
N ILE S 209 28.25 -92.40 -32.96
CA ILE S 209 27.34 -93.22 -32.15
C ILE S 209 26.83 -92.37 -30.99
N CYS S 210 25.51 -92.28 -30.86
CA CYS S 210 24.94 -91.59 -29.70
C CYS S 210 24.63 -92.60 -28.61
N ASN S 211 24.95 -92.23 -27.37
CA ASN S 211 24.79 -93.07 -26.20
C ASN S 211 23.69 -92.45 -25.36
N VAL S 212 22.55 -93.12 -25.30
CA VAL S 212 21.39 -92.68 -24.53
C VAL S 212 21.29 -93.54 -23.29
N ASN S 213 21.20 -92.91 -22.14
CA ASN S 213 21.03 -93.61 -20.88
C ASN S 213 19.82 -93.05 -20.17
N HIS S 214 18.86 -93.94 -19.92
CA HIS S 214 17.65 -93.65 -19.14
C HIS S 214 17.80 -94.42 -17.83
N LYS S 215 18.32 -93.72 -16.82
CA LYS S 215 18.57 -94.32 -15.52
C LYS S 215 17.31 -94.82 -14.82
N PRO S 216 16.18 -94.10 -14.80
CA PRO S 216 14.99 -94.63 -14.13
C PRO S 216 14.51 -95.97 -14.67
N SER S 217 14.82 -96.30 -15.91
CA SER S 217 14.45 -97.59 -16.50
C SER S 217 15.65 -98.51 -16.69
N ASN S 218 16.85 -98.09 -16.29
CA ASN S 218 18.07 -98.89 -16.44
C ASN S 218 18.27 -99.29 -17.90
N THR S 219 18.33 -98.28 -18.76
CA THR S 219 18.45 -98.48 -20.20
C THR S 219 19.69 -97.80 -20.74
N LYS S 220 20.61 -98.60 -21.30
CA LYS S 220 21.76 -98.08 -22.02
C LYS S 220 21.63 -98.53 -23.47
N VAL S 221 21.50 -97.56 -24.38
CA VAL S 221 21.35 -97.85 -25.80
C VAL S 221 22.30 -96.97 -26.59
N ASP S 222 23.16 -97.59 -27.40
CA ASP S 222 24.06 -96.89 -28.28
C ASP S 222 23.61 -97.11 -29.72
N LYS S 223 23.21 -96.03 -30.39
CA LYS S 223 22.74 -96.10 -31.77
C LYS S 223 23.76 -95.44 -32.67
N LYS S 224 24.31 -96.22 -33.60
CA LYS S 224 25.23 -95.70 -34.60
C LYS S 224 24.46 -95.07 -35.75
N VAL S 225 24.76 -93.80 -36.04
CA VAL S 225 24.07 -93.04 -37.08
C VAL S 225 24.98 -93.00 -38.29
N GLU S 226 24.53 -93.63 -39.39
CA GLU S 226 25.25 -93.66 -40.65
C GLU S 226 24.28 -93.42 -41.79
N PRO S 227 24.75 -92.83 -42.90
CA PRO S 227 23.84 -92.47 -44.00
C PRO S 227 23.20 -93.67 -44.68
N LYS S 228 22.46 -93.41 -45.76
CA LYS S 228 21.80 -94.47 -46.51
C LYS S 228 22.23 -94.46 -47.97
N SER S 229 21.42 -95.06 -48.84
CA SER S 229 21.72 -95.12 -50.27
C SER S 229 21.63 -93.74 -50.95
N ASP T 1 -8.22 -58.80 -6.89
CA ASP T 1 -6.83 -59.00 -7.24
C ASP T 1 -6.26 -57.76 -7.96
N ILE T 2 -4.94 -57.63 -7.94
CA ILE T 2 -4.22 -56.52 -8.57
C ILE T 2 -3.55 -57.03 -9.83
N GLN T 3 -3.65 -56.26 -10.91
CA GLN T 3 -3.07 -56.64 -12.20
C GLN T 3 -1.61 -56.24 -12.26
N MET T 4 -0.76 -57.18 -12.65
CA MET T 4 0.67 -56.99 -12.85
C MET T 4 0.99 -57.05 -14.34
N THR T 5 1.91 -56.20 -14.78
CA THR T 5 2.34 -56.19 -16.17
C THR T 5 3.84 -55.91 -16.17
N GLN T 6 4.64 -56.94 -16.41
CA GLN T 6 6.08 -56.76 -16.48
C GLN T 6 6.46 -56.59 -17.94
N SER T 7 7.35 -55.63 -18.20
CA SER T 7 7.74 -55.24 -19.55
C SER T 7 9.23 -54.96 -19.58
N PRO T 8 9.96 -55.45 -20.59
CA PRO T 8 9.51 -56.29 -21.70
C PRO T 8 9.63 -57.78 -21.39
N SER T 9 9.14 -58.63 -22.28
CA SER T 9 9.27 -60.06 -22.04
C SER T 9 10.69 -60.53 -22.27
N SER T 10 11.35 -59.98 -23.28
CA SER T 10 12.73 -60.30 -23.58
C SER T 10 13.49 -58.99 -23.72
N LEU T 11 14.73 -58.98 -23.26
CA LEU T 11 15.55 -57.79 -23.33
C LEU T 11 16.92 -58.22 -23.81
N SER T 12 17.35 -57.66 -24.94
CA SER T 12 18.64 -57.99 -25.51
C SER T 12 19.61 -56.86 -25.18
N ALA T 13 20.71 -57.21 -24.54
CA ALA T 13 21.71 -56.24 -24.14
C ALA T 13 23.04 -56.94 -23.97
N SER T 14 24.11 -56.19 -24.14
CA SER T 14 25.46 -56.71 -24.01
C SER T 14 26.04 -56.37 -22.63
N VAL T 15 27.27 -56.82 -22.41
CA VAL T 15 27.92 -56.58 -21.12
C VAL T 15 28.33 -55.12 -21.02
N GLY T 16 28.11 -54.54 -19.85
CA GLY T 16 28.41 -53.14 -19.61
C GLY T 16 27.30 -52.18 -19.95
N ASP T 17 26.19 -52.65 -20.51
CA ASP T 17 25.06 -51.80 -20.86
C ASP T 17 24.20 -51.51 -19.63
N ARG T 18 23.28 -50.56 -19.81
CA ARG T 18 22.31 -50.14 -18.81
C ARG T 18 20.92 -50.59 -19.22
N VAL T 19 20.29 -51.41 -18.40
CA VAL T 19 18.98 -51.96 -18.74
C VAL T 19 17.96 -51.46 -17.72
N THR T 20 16.70 -51.45 -18.15
CA THR T 20 15.58 -50.97 -17.36
C THR T 20 14.38 -51.86 -17.62
N ILE T 21 13.95 -52.54 -16.58
CA ILE T 21 12.76 -53.39 -16.58
C ILE T 21 11.66 -52.62 -15.87
N THR T 22 10.43 -52.76 -16.36
CA THR T 22 9.30 -52.04 -15.81
C THR T 22 8.26 -53.02 -15.31
N CYS T 23 7.62 -52.69 -14.19
CA CYS T 23 6.53 -53.46 -13.63
C CYS T 23 5.43 -52.45 -13.35
N ARG T 24 4.36 -52.54 -14.13
CA ARG T 24 3.23 -51.65 -13.98
C ARG T 24 2.10 -52.39 -13.29
N THR T 25 1.46 -51.73 -12.32
CA THR T 25 0.40 -52.32 -11.54
C THR T 25 -0.93 -51.60 -11.77
N SER T 26 -2.00 -52.22 -11.30
CA SER T 26 -3.34 -51.68 -11.48
C SER T 26 -3.73 -50.68 -10.40
N GLN T 27 -3.22 -50.83 -9.17
CA GLN T 27 -3.53 -49.93 -8.07
C GLN T 27 -2.26 -49.23 -7.59
N ASP T 28 -2.44 -48.35 -6.62
CA ASP T 28 -1.34 -47.71 -5.92
C ASP T 28 -0.87 -48.68 -4.85
N VAL T 29 0.26 -49.34 -5.08
CA VAL T 29 0.74 -50.36 -4.15
C VAL T 29 1.40 -49.78 -2.92
N ARG T 30 1.49 -48.45 -2.81
CA ARG T 30 2.06 -47.80 -1.63
C ARG T 30 3.45 -48.35 -1.33
N GLY T 31 4.25 -48.52 -2.38
CA GLY T 31 5.61 -49.01 -2.26
C GLY T 31 5.78 -50.42 -1.75
N ALA T 32 5.07 -51.39 -2.34
CA ALA T 32 5.28 -52.78 -1.96
C ALA T 32 5.65 -53.64 -3.17
N LEU T 33 6.59 -53.18 -3.99
CA LEU T 33 7.00 -53.88 -5.20
C LEU T 33 8.36 -54.54 -4.98
N ALA T 34 8.38 -55.86 -4.88
CA ALA T 34 9.63 -56.61 -4.73
C ALA T 34 10.16 -57.09 -6.08
N TRP T 35 11.48 -57.06 -6.22
CA TRP T 35 12.17 -57.53 -7.41
C TRP T 35 13.05 -58.72 -7.06
N TYR T 36 12.94 -59.80 -7.86
CA TYR T 36 13.68 -61.04 -7.68
C TYR T 36 14.45 -61.39 -8.94
N GLN T 37 15.59 -62.05 -8.73
CA GLN T 37 16.43 -62.57 -9.82
C GLN T 37 16.46 -64.09 -9.73
N GLN T 38 16.05 -64.76 -10.80
CA GLN T 38 16.07 -66.21 -10.88
C GLN T 38 16.93 -66.63 -12.07
N LYS T 39 18.02 -67.33 -11.77
CA LYS T 39 18.83 -68.01 -12.77
C LYS T 39 18.18 -69.34 -13.17
N PRO T 40 18.42 -69.80 -14.41
CA PRO T 40 17.70 -70.97 -14.92
C PRO T 40 17.87 -72.20 -14.05
N GLY T 41 16.74 -72.76 -13.60
CA GLY T 41 16.70 -73.97 -12.83
C GLY T 41 16.82 -73.77 -11.33
N LYS T 42 17.48 -72.70 -10.90
CA LYS T 42 17.73 -72.47 -9.49
C LYS T 42 16.63 -71.61 -8.85
N ALA T 43 16.64 -71.57 -7.52
CA ALA T 43 15.63 -70.82 -6.80
C ALA T 43 15.86 -69.32 -6.95
N PRO T 44 14.78 -68.53 -6.98
CA PRO T 44 14.94 -67.07 -7.08
C PRO T 44 15.58 -66.49 -5.84
N LYS T 45 16.14 -65.29 -6.00
CA LYS T 45 16.79 -64.56 -4.92
C LYS T 45 16.21 -63.16 -4.87
N LEU T 46 15.79 -62.73 -3.68
CA LEU T 46 15.23 -61.40 -3.50
C LEU T 46 16.31 -60.35 -3.66
N LEU T 47 16.15 -59.48 -4.66
CA LEU T 47 17.10 -58.40 -4.91
C LEU T 47 16.67 -57.10 -4.24
N ILE T 48 15.47 -56.62 -4.55
CA ILE T 48 15.02 -55.32 -4.09
C ILE T 48 13.70 -55.49 -3.36
N PHE T 49 13.56 -54.86 -2.21
CA PHE T 49 12.28 -54.88 -1.50
C PHE T 49 11.80 -53.45 -1.30
N ASP T 50 10.67 -53.29 -0.62
CA ASP T 50 9.96 -52.01 -0.59
C ASP T 50 9.86 -51.54 -2.04
N ALA T 51 10.26 -50.32 -2.37
CA ALA T 51 10.37 -49.88 -3.75
C ALA T 51 11.81 -49.86 -4.24
N SER T 52 12.70 -49.27 -3.44
CA SER T 52 14.09 -49.07 -3.82
C SER T 52 15.10 -49.70 -2.87
N SER T 53 14.66 -50.17 -1.70
CA SER T 53 15.60 -50.71 -0.71
C SER T 53 16.30 -51.95 -1.25
N LEU T 54 17.60 -52.03 -1.02
CA LEU T 54 18.42 -53.11 -1.55
C LEU T 54 18.65 -54.14 -0.44
N GLU T 55 18.41 -55.41 -0.76
CA GLU T 55 18.62 -56.48 0.20
C GLU T 55 20.11 -56.69 0.46
N THR T 56 20.43 -57.20 1.65
CA THR T 56 21.81 -57.45 2.04
C THR T 56 22.47 -58.41 1.06
N GLY T 57 23.69 -58.07 0.64
CA GLY T 57 24.44 -58.91 -0.27
C GLY T 57 24.20 -58.64 -1.74
N VAL T 58 23.36 -57.66 -2.08
CA VAL T 58 23.06 -57.35 -3.47
C VAL T 58 24.03 -56.29 -3.96
N PRO T 59 24.64 -56.46 -5.13
CA PRO T 59 25.59 -55.47 -5.64
C PRO T 59 24.95 -54.11 -5.83
N SER T 60 25.81 -53.09 -5.91
CA SER T 60 25.34 -51.72 -6.01
C SER T 60 24.78 -51.37 -7.38
N ARG T 61 25.06 -52.18 -8.40
CA ARG T 61 24.58 -51.86 -9.74
C ARG T 61 23.07 -52.04 -9.89
N PHE T 62 22.44 -52.76 -8.96
CA PHE T 62 20.99 -52.94 -8.99
C PHE T 62 20.31 -51.76 -8.30
N SER T 63 19.47 -51.05 -9.03
CA SER T 63 18.79 -49.87 -8.52
C SER T 63 17.28 -50.05 -8.67
N GLY T 64 16.54 -49.60 -7.65
CA GLY T 64 15.10 -49.63 -7.64
C GLY T 64 14.54 -48.21 -7.65
N SER T 65 13.49 -48.01 -8.43
CA SER T 65 12.86 -46.71 -8.54
C SER T 65 11.39 -46.90 -8.83
N GLY T 66 10.69 -45.79 -9.01
CA GLY T 66 9.27 -45.82 -9.22
C GLY T 66 8.49 -45.65 -7.93
N SER T 67 7.22 -45.29 -8.07
CA SER T 67 6.35 -45.07 -6.93
C SER T 67 4.91 -45.05 -7.41
N GLY T 68 4.03 -45.64 -6.61
CA GLY T 68 2.61 -45.63 -6.92
C GLY T 68 2.16 -46.71 -7.89
N THR T 69 2.34 -46.47 -9.18
CA THR T 69 1.86 -47.40 -10.20
C THR T 69 2.95 -48.00 -11.06
N VAL T 70 3.93 -47.21 -11.49
CA VAL T 70 5.00 -47.70 -12.34
C VAL T 70 6.25 -47.89 -11.50
N PHE T 71 6.85 -49.06 -11.56
CA PHE T 71 8.08 -49.33 -10.83
C PHE T 71 9.12 -49.85 -11.80
N THR T 72 10.38 -49.42 -11.61
CA THR T 72 11.44 -49.80 -12.53
C THR T 72 12.60 -50.43 -11.77
N LEU T 73 13.15 -51.50 -12.34
CA LEU T 73 14.41 -52.08 -11.91
C LEU T 73 15.48 -51.73 -12.95
N THR T 74 16.60 -51.20 -12.49
CA THR T 74 17.63 -50.73 -13.42
C THR T 74 18.97 -51.35 -13.06
N ILE T 75 19.68 -51.81 -14.08
CA ILE T 75 21.05 -52.30 -13.93
C ILE T 75 21.96 -51.35 -14.70
N SER T 76 22.85 -50.67 -13.97
CA SER T 76 23.73 -49.65 -14.53
C SER T 76 24.74 -50.24 -15.51
N SER T 77 25.67 -51.06 -15.02
CA SER T 77 26.67 -51.71 -15.85
C SER T 77 26.41 -53.21 -15.80
N LEU T 78 26.01 -53.78 -16.93
CA LEU T 78 25.68 -55.20 -16.95
C LEU T 78 26.93 -56.03 -16.73
N GLN T 79 26.73 -57.20 -16.15
CA GLN T 79 27.80 -58.14 -15.85
C GLN T 79 27.42 -59.49 -16.43
N PRO T 80 28.40 -60.37 -16.64
CA PRO T 80 28.05 -61.71 -17.17
C PRO T 80 27.14 -62.50 -16.24
N GLU T 81 27.11 -62.18 -14.95
CA GLU T 81 26.23 -62.89 -14.01
C GLU T 81 24.79 -62.39 -14.05
N ASP T 82 24.55 -61.19 -14.57
CA ASP T 82 23.23 -60.59 -14.48
C ASP T 82 22.27 -61.08 -15.56
N PHE T 83 22.72 -61.95 -16.45
CA PHE T 83 21.85 -62.47 -17.51
C PHE T 83 21.04 -63.62 -16.93
N ALA T 84 19.78 -63.36 -16.63
CA ALA T 84 18.89 -64.35 -16.06
C ALA T 84 17.45 -63.85 -16.23
N ALA T 85 16.54 -64.35 -15.40
CA ALA T 85 15.15 -63.90 -15.39
C ALA T 85 14.90 -63.03 -14.18
N TYR T 86 13.99 -62.06 -14.33
CA TYR T 86 13.67 -61.13 -13.27
C TYR T 86 12.16 -61.02 -13.11
N TYR T 87 11.69 -61.14 -11.88
CA TYR T 87 10.26 -61.11 -11.58
C TYR T 87 9.93 -60.02 -10.57
N CYS T 88 8.80 -59.35 -10.78
CA CYS T 88 8.27 -58.41 -9.80
C CYS T 88 7.07 -59.01 -9.10
N GLN T 89 6.90 -58.64 -7.83
CA GLN T 89 5.83 -59.16 -6.99
C GLN T 89 5.22 -58.01 -6.20
N GLN T 90 3.90 -58.03 -6.08
CA GLN T 90 3.18 -57.02 -5.32
C GLN T 90 2.91 -57.53 -3.91
N PHE T 91 3.06 -56.66 -2.92
CA PHE T 91 2.88 -57.02 -1.52
C PHE T 91 1.95 -56.04 -0.80
N LEU T 92 1.00 -55.47 -1.52
CA LEU T 92 0.02 -54.61 -0.88
C LEU T 92 -0.97 -55.47 -0.11
N ASP T 93 -1.75 -56.28 -0.81
CA ASP T 93 -2.65 -57.23 -0.19
C ASP T 93 -2.58 -58.55 -0.95
N PHE T 94 -3.22 -59.54 -0.38
CA PHE T 94 -3.28 -60.86 -0.99
C PHE T 94 -4.24 -60.85 -2.18
N PRO T 95 -3.97 -61.66 -3.22
CA PRO T 95 -2.83 -62.57 -3.36
C PRO T 95 -1.55 -61.86 -3.76
N PHE T 96 -0.39 -62.39 -3.32
CA PHE T 96 0.90 -61.80 -3.66
C PHE T 96 1.33 -62.28 -5.05
N THR T 97 0.59 -61.81 -6.05
CA THR T 97 0.81 -62.25 -7.41
C THR T 97 2.17 -61.78 -7.91
N PHE T 98 2.77 -62.61 -8.75
CA PHE T 98 4.06 -62.32 -9.36
C PHE T 98 3.82 -61.61 -10.70
N GLY T 99 4.91 -61.12 -11.29
CA GLY T 99 4.83 -60.56 -12.63
C GLY T 99 5.00 -61.62 -13.69
N GLN T 100 4.89 -61.19 -14.95
CA GLN T 100 5.06 -62.12 -16.06
C GLN T 100 6.51 -62.59 -16.17
N GLY T 101 7.46 -61.71 -15.88
CA GLY T 101 8.86 -62.05 -15.99
C GLY T 101 9.53 -61.36 -17.16
N THR T 102 10.86 -61.27 -17.06
CA THR T 102 11.68 -60.65 -18.10
C THR T 102 12.94 -61.49 -18.32
N ARG T 103 13.07 -62.05 -19.52
CA ARG T 103 14.29 -62.75 -19.88
C ARG T 103 15.35 -61.75 -20.30
N LEU T 104 16.55 -61.89 -19.76
CA LEU T 104 17.66 -61.02 -20.11
C LEU T 104 18.64 -61.86 -20.90
N GLU T 105 18.77 -61.57 -22.19
CA GLU T 105 19.63 -62.32 -23.09
C GLU T 105 20.77 -61.43 -23.57
N ILE T 106 21.81 -62.10 -24.07
CA ILE T 106 22.99 -61.39 -24.58
C ILE T 106 22.71 -60.98 -26.02
N LYS T 107 22.88 -59.69 -26.30
CA LYS T 107 22.67 -59.17 -27.65
C LYS T 107 23.77 -59.68 -28.57
N ARG T 108 23.38 -60.03 -29.79
CA ARG T 108 24.34 -60.56 -30.74
C ARG T 108 23.92 -60.13 -32.15
N THR T 109 24.88 -60.21 -33.07
CA THR T 109 24.62 -59.96 -34.48
C THR T 109 23.68 -61.00 -35.07
N VAL T 110 22.91 -60.55 -36.07
CA VAL T 110 21.89 -61.40 -36.69
C VAL T 110 22.56 -62.57 -37.38
N ALA T 111 22.04 -63.78 -37.12
CA ALA T 111 22.59 -65.00 -37.68
C ALA T 111 21.48 -65.88 -38.25
N ALA T 112 21.58 -66.18 -39.54
CA ALA T 112 20.62 -67.07 -40.16
C ALA T 112 20.84 -68.51 -39.68
N PRO T 113 19.77 -69.29 -39.55
CA PRO T 113 19.89 -70.68 -39.10
C PRO T 113 20.35 -71.60 -40.20
N SER T 114 20.94 -72.72 -39.78
CA SER T 114 21.23 -73.83 -40.68
C SER T 114 20.05 -74.80 -40.59
N VAL T 115 19.35 -74.97 -41.72
CA VAL T 115 18.09 -75.71 -41.75
C VAL T 115 18.37 -77.12 -42.25
N PHE T 116 17.85 -78.12 -41.53
CA PHE T 116 17.96 -79.52 -41.94
C PHE T 116 16.62 -80.20 -41.74
N ILE T 117 16.36 -81.24 -42.54
CA ILE T 117 15.16 -82.04 -42.40
C ILE T 117 15.55 -83.52 -42.43
N PHE T 118 14.94 -84.30 -41.54
CA PHE T 118 15.24 -85.72 -41.38
C PHE T 118 13.94 -86.50 -41.50
N PRO T 119 13.83 -87.42 -42.47
CA PRO T 119 12.66 -88.29 -42.56
C PRO T 119 12.66 -89.30 -41.44
N PRO T 120 11.51 -89.92 -41.14
CA PRO T 120 11.49 -90.94 -40.08
C PRO T 120 12.33 -92.14 -40.48
N SER T 121 13.04 -92.70 -39.50
CA SER T 121 13.92 -93.82 -39.76
C SER T 121 13.12 -95.05 -40.13
N ASP T 122 13.79 -95.97 -40.83
CA ASP T 122 13.14 -97.24 -41.14
C ASP T 122 12.82 -98.01 -39.87
N GLU T 123 13.64 -97.83 -38.83
CA GLU T 123 13.42 -98.52 -37.56
C GLU T 123 12.15 -98.05 -36.87
N GLN T 124 11.80 -96.77 -37.01
CA GLN T 124 10.61 -96.25 -36.37
C GLN T 124 9.35 -96.60 -37.14
N LEU T 125 9.42 -96.59 -38.49
CA LEU T 125 8.25 -96.87 -39.31
C LEU T 125 7.72 -98.27 -39.04
N LYS T 126 8.60 -99.20 -38.69
CA LYS T 126 8.21 -100.57 -38.38
C LYS T 126 7.49 -100.67 -37.04
N SER T 127 7.59 -99.64 -36.19
CA SER T 127 6.95 -99.65 -34.88
C SER T 127 5.53 -99.10 -34.92
N GLY T 128 5.20 -98.24 -35.90
CA GLY T 128 3.84 -97.76 -36.04
C GLY T 128 3.68 -96.26 -36.19
N THR T 129 4.66 -95.48 -35.74
CA THR T 129 4.59 -94.03 -35.82
C THR T 129 5.64 -93.52 -36.80
N ALA T 130 5.58 -92.22 -37.09
CA ALA T 130 6.54 -91.59 -37.99
C ALA T 130 6.83 -90.19 -37.51
N SER T 131 8.11 -89.86 -37.35
CA SER T 131 8.53 -88.55 -36.86
C SER T 131 9.48 -87.90 -37.85
N VAL T 132 9.06 -86.76 -38.40
CA VAL T 132 9.90 -85.96 -39.28
C VAL T 132 10.47 -84.80 -38.46
N VAL T 133 11.79 -84.65 -38.50
CA VAL T 133 12.47 -83.68 -37.62
C VAL T 133 13.07 -82.57 -38.46
N CYS T 134 12.80 -81.32 -38.09
CA CYS T 134 13.41 -80.16 -38.73
C CYS T 134 14.29 -79.45 -37.70
N LEU T 135 15.50 -79.09 -38.12
CA LEU T 135 16.53 -78.56 -37.23
C LEU T 135 16.97 -77.19 -37.71
N LEU T 136 16.92 -76.20 -36.80
CA LEU T 136 17.42 -74.85 -37.02
C LEU T 136 18.64 -74.66 -36.11
N ASN T 137 19.83 -74.59 -36.70
CA ASN T 137 21.07 -74.56 -35.93
C ASN T 137 21.70 -73.17 -35.95
N ASN T 138 22.08 -72.66 -34.77
CA ASN T 138 22.92 -71.48 -34.65
C ASN T 138 22.31 -70.29 -35.39
N PHE T 139 21.27 -69.74 -34.78
CA PHE T 139 20.59 -68.55 -35.29
C PHE T 139 20.40 -67.55 -34.15
N TYR T 140 20.15 -66.31 -34.53
CA TYR T 140 19.87 -65.25 -33.58
C TYR T 140 19.02 -64.20 -34.30
N PRO T 141 17.98 -63.64 -33.64
CA PRO T 141 17.52 -63.84 -32.26
C PRO T 141 16.71 -65.11 -32.01
N ARG T 142 16.13 -65.17 -30.81
CA ARG T 142 15.41 -66.37 -30.37
C ARG T 142 14.21 -66.64 -31.26
N GLU T 143 13.57 -65.59 -31.78
CA GLU T 143 12.35 -65.72 -32.56
C GLU T 143 12.59 -66.47 -33.88
N ALA T 144 11.79 -67.51 -34.10
CA ALA T 144 11.85 -68.27 -35.35
C ALA T 144 10.49 -68.93 -35.57
N LYS T 145 10.07 -69.01 -36.83
CA LYS T 145 8.78 -69.61 -37.16
C LYS T 145 9.00 -70.80 -38.09
N VAL T 146 8.39 -71.93 -37.78
CA VAL T 146 8.55 -73.15 -38.55
C VAL T 146 7.17 -73.68 -38.94
N GLN T 147 6.99 -73.96 -40.23
CA GLN T 147 5.74 -74.48 -40.75
C GLN T 147 5.99 -75.77 -41.50
N TRP T 148 5.14 -76.77 -41.28
CA TRP T 148 5.24 -78.04 -41.97
C TRP T 148 4.29 -78.07 -43.15
N LYS T 149 4.75 -78.63 -44.27
CA LYS T 149 3.95 -78.73 -45.48
C LYS T 149 4.02 -80.16 -45.99
N VAL T 150 2.91 -80.88 -45.92
CA VAL T 150 2.83 -82.25 -46.42
C VAL T 150 2.06 -82.20 -47.73
N ASP T 151 2.75 -82.47 -48.84
CA ASP T 151 2.21 -82.28 -50.19
C ASP T 151 1.68 -80.86 -50.37
N ASN T 152 2.48 -79.89 -49.90
CA ASN T 152 2.18 -78.46 -49.99
C ASN T 152 0.91 -78.09 -49.22
N ALA T 153 0.50 -78.92 -48.27
CA ALA T 153 -0.64 -78.64 -47.40
C ALA T 153 -0.13 -78.27 -46.02
N LEU T 154 -0.47 -77.07 -45.55
CA LEU T 154 0.06 -76.59 -44.27
C LEU T 154 -0.53 -77.38 -43.11
N GLN T 155 0.34 -77.78 -42.18
CA GLN T 155 -0.02 -78.56 -41.01
C GLN T 155 -0.09 -77.66 -39.78
N SER T 156 -0.97 -78.03 -38.85
CA SER T 156 -1.11 -77.32 -37.58
C SER T 156 -1.67 -78.28 -36.55
N GLY T 157 -1.08 -78.28 -35.36
CA GLY T 157 -1.53 -79.12 -34.28
C GLY T 157 -0.86 -80.47 -34.15
N ASN T 158 0.17 -80.75 -34.95
CA ASN T 158 0.91 -82.00 -34.84
C ASN T 158 2.41 -81.82 -34.63
N SER T 159 2.95 -80.66 -34.96
CA SER T 159 4.36 -80.37 -34.68
C SER T 159 4.51 -79.88 -33.25
N GLN T 160 5.71 -80.08 -32.70
CA GLN T 160 6.01 -79.71 -31.33
C GLN T 160 7.47 -79.25 -31.28
N GLU T 161 7.68 -77.98 -30.97
CA GLU T 161 9.00 -77.38 -31.02
C GLU T 161 9.74 -77.56 -29.69
N SER T 162 11.06 -77.35 -29.76
CA SER T 162 11.92 -77.38 -28.59
C SER T 162 13.15 -76.54 -28.91
N VAL T 163 13.53 -75.66 -27.99
CA VAL T 163 14.62 -74.73 -28.21
C VAL T 163 15.63 -74.88 -27.08
N THR T 164 16.91 -74.75 -27.42
CA THR T 164 18.00 -74.86 -26.46
C THR T 164 18.21 -73.53 -25.75
N GLU T 165 19.13 -73.55 -24.79
CA GLU T 165 19.55 -72.33 -24.12
C GLU T 165 20.45 -71.53 -25.05
N GLN T 166 20.66 -70.26 -24.72
CA GLN T 166 21.62 -69.47 -25.49
C GLN T 166 23.00 -70.07 -25.29
N ASP T 167 23.70 -70.33 -26.40
CA ASP T 167 24.98 -71.01 -26.31
C ASP T 167 25.97 -70.12 -25.56
N SER T 168 26.70 -70.72 -24.62
CA SER T 168 27.54 -69.95 -23.72
C SER T 168 28.78 -69.38 -24.39
N LYS T 169 29.08 -69.75 -25.63
CA LYS T 169 30.25 -69.26 -26.33
C LYS T 169 29.91 -68.36 -27.50
N ASP T 170 29.00 -68.78 -28.36
CA ASP T 170 28.65 -68.01 -29.55
C ASP T 170 27.35 -67.23 -29.41
N SER T 171 26.59 -67.46 -28.34
CA SER T 171 25.36 -66.71 -28.04
C SER T 171 24.32 -66.87 -29.16
N THR T 172 24.12 -68.11 -29.60
CA THR T 172 23.14 -68.44 -30.62
C THR T 172 22.23 -69.55 -30.10
N TYR T 173 21.03 -69.62 -30.69
CA TYR T 173 20.02 -70.59 -30.35
C TYR T 173 19.96 -71.74 -31.35
N SER T 174 19.36 -72.85 -30.91
CA SER T 174 19.09 -73.98 -31.78
C SER T 174 17.70 -74.52 -31.46
N LEU T 175 16.91 -74.76 -32.51
CA LEU T 175 15.52 -75.16 -32.39
C LEU T 175 15.30 -76.47 -33.15
N SER T 176 14.39 -77.30 -32.65
CA SER T 176 14.06 -78.57 -33.29
C SER T 176 12.55 -78.73 -33.28
N SER T 177 11.96 -78.74 -34.48
CA SER T 177 10.52 -78.96 -34.63
C SER T 177 10.29 -80.40 -35.05
N THR T 178 9.49 -81.12 -34.27
CA THR T 178 9.24 -82.54 -34.50
C THR T 178 7.79 -82.73 -34.91
N LEU T 179 7.58 -83.18 -36.14
CA LEU T 179 6.26 -83.49 -36.66
C LEU T 179 5.98 -84.97 -36.50
N THR T 180 4.94 -85.30 -35.73
CA THR T 180 4.57 -86.69 -35.45
C THR T 180 3.30 -87.03 -36.22
N LEU T 181 3.36 -88.09 -37.01
CA LEU T 181 2.25 -88.59 -37.80
C LEU T 181 2.13 -90.09 -37.61
N SER T 182 1.02 -90.62 -38.09
CA SER T 182 0.80 -92.05 -38.09
C SER T 182 1.40 -92.66 -39.35
N LYS T 183 1.76 -93.94 -39.24
CA LYS T 183 2.38 -94.64 -40.37
C LYS T 183 1.46 -94.64 -41.59
N ALA T 184 0.16 -94.81 -41.37
CA ALA T 184 -0.79 -94.79 -42.48
C ALA T 184 -0.80 -93.43 -43.17
N ASP T 185 -0.89 -92.35 -42.38
CA ASP T 185 -0.91 -91.02 -42.96
C ASP T 185 0.40 -90.66 -43.63
N TYR T 186 1.53 -91.12 -43.08
CA TYR T 186 2.83 -90.79 -43.66
C TYR T 186 2.99 -91.38 -45.05
N GLU T 187 2.48 -92.59 -45.26
CA GLU T 187 2.58 -93.24 -46.56
C GLU T 187 1.49 -92.81 -47.53
N LYS T 188 0.62 -91.88 -47.13
CA LYS T 188 -0.40 -91.36 -48.04
C LYS T 188 0.17 -90.30 -48.98
N HIS T 189 1.09 -89.48 -48.52
CA HIS T 189 1.64 -88.38 -49.31
C HIS T 189 3.08 -88.69 -49.71
N LYS T 190 3.71 -87.73 -50.39
CA LYS T 190 5.03 -87.99 -50.96
C LYS T 190 6.02 -86.86 -50.71
N VAL T 191 5.56 -85.62 -50.64
CA VAL T 191 6.44 -84.47 -50.47
C VAL T 191 6.28 -83.95 -49.04
N TYR T 192 7.40 -83.81 -48.32
CA TYR T 192 7.36 -83.27 -46.97
C TYR T 192 8.37 -82.14 -46.87
N ALA T 193 7.91 -80.98 -46.41
CA ALA T 193 8.71 -79.77 -46.42
C ALA T 193 8.65 -79.07 -45.08
N CYS T 194 9.74 -78.37 -44.75
CA CYS T 194 9.88 -77.57 -43.54
C CYS T 194 10.23 -76.16 -43.98
N GLU T 195 9.33 -75.21 -43.75
CA GLU T 195 9.51 -73.81 -44.12
C GLU T 195 9.90 -73.03 -42.88
N VAL T 196 11.08 -72.43 -42.91
CA VAL T 196 11.64 -71.67 -41.80
C VAL T 196 11.61 -70.20 -42.18
N THR T 197 11.06 -69.38 -41.29
CA THR T 197 11.01 -67.94 -41.43
C THR T 197 11.76 -67.34 -40.25
N HIS T 198 12.74 -66.49 -40.56
CA HIS T 198 13.63 -65.91 -39.56
C HIS T 198 14.15 -64.58 -40.09
N GLN T 199 14.64 -63.74 -39.18
CA GLN T 199 15.13 -62.42 -39.58
C GLN T 199 16.32 -62.53 -40.52
N GLY T 200 17.24 -63.46 -40.22
CA GLY T 200 18.44 -63.60 -41.03
C GLY T 200 18.17 -64.04 -42.45
N LEU T 201 17.05 -64.73 -42.67
CA LEU T 201 16.69 -65.22 -43.99
C LEU T 201 15.89 -64.13 -44.71
N SER T 202 16.37 -63.72 -45.88
CA SER T 202 15.64 -62.73 -46.66
C SER T 202 14.32 -63.29 -47.16
N SER T 203 14.30 -64.56 -47.51
CA SER T 203 13.12 -65.29 -47.92
C SER T 203 13.05 -66.60 -47.13
N PRO T 204 11.85 -67.09 -46.84
CA PRO T 204 11.74 -68.32 -46.04
C PRO T 204 12.44 -69.49 -46.72
N VAL T 205 13.22 -70.24 -45.95
CA VAL T 205 13.97 -71.38 -46.48
C VAL T 205 13.12 -72.63 -46.29
N THR T 206 12.98 -73.41 -47.35
CA THR T 206 12.13 -74.61 -47.30
C THR T 206 12.99 -75.81 -47.64
N LYS T 207 13.31 -76.60 -46.62
CA LYS T 207 14.05 -77.84 -46.83
C LYS T 207 13.04 -78.99 -46.88
N SER T 208 13.09 -79.76 -47.96
CA SER T 208 12.07 -80.77 -48.21
C SER T 208 12.69 -82.05 -48.72
N PHE T 209 11.89 -83.11 -48.67
CA PHE T 209 12.30 -84.40 -49.20
C PHE T 209 11.09 -85.14 -49.74
N ASN T 210 11.34 -86.09 -50.63
CA ASN T 210 10.32 -86.95 -51.20
C ASN T 210 10.45 -88.33 -50.58
N ARG T 211 9.32 -88.89 -50.16
CA ARG T 211 9.28 -90.17 -49.47
C ARG T 211 9.70 -91.29 -50.42
N GLY T 212 10.94 -91.76 -50.28
CA GLY T 212 11.43 -92.82 -51.13
C GLY T 212 12.91 -92.76 -51.45
N GLU T 213 13.44 -91.54 -51.64
CA GLU T 213 14.85 -91.38 -51.99
C GLU T 213 15.77 -91.74 -50.83
N GLU U 1 -10.27 -6.41 37.84
CA GLU U 1 -10.16 -7.33 38.96
C GLU U 1 -9.79 -6.59 40.23
N VAL U 2 -8.69 -5.85 40.18
CA VAL U 2 -8.22 -5.08 41.34
C VAL U 2 -9.05 -3.82 41.47
N GLN U 3 -9.60 -3.59 42.66
CA GLN U 3 -10.52 -2.48 42.89
C GLN U 3 -10.39 -1.97 44.33
N LEU U 4 -10.40 -0.65 44.46
CA LEU U 4 -10.44 0.04 45.75
C LEU U 4 -11.57 1.04 45.72
N VAL U 5 -12.54 0.88 46.62
CA VAL U 5 -13.70 1.77 46.69
C VAL U 5 -13.78 2.35 48.10
N GLU U 6 -13.50 3.64 48.23
CA GLU U 6 -13.60 4.33 49.51
C GLU U 6 -15.01 4.89 49.71
N SER U 7 -15.40 5.02 50.98
CA SER U 7 -16.74 5.45 51.32
C SER U 7 -16.70 6.29 52.60
N GLY U 8 -17.77 7.05 52.80
CA GLY U 8 -17.92 7.88 53.98
C GLY U 8 -17.72 9.38 53.80
N GLY U 9 -17.54 9.86 52.56
CA GLY U 9 -17.34 11.28 52.34
C GLY U 9 -18.61 12.09 52.41
N GLY U 10 -18.46 13.39 52.13
CA GLY U 10 -19.59 14.30 52.15
C GLY U 10 -19.36 15.52 53.02
N LEU U 11 -20.44 16.01 53.62
CA LEU U 11 -20.43 17.19 54.47
C LEU U 11 -20.09 16.81 55.90
N VAL U 12 -19.32 17.64 56.58
CA VAL U 12 -19.03 17.37 57.98
C VAL U 12 -18.76 18.67 58.72
N ARG U 13 -19.40 18.84 59.87
CA ARG U 13 -19.15 19.99 60.72
C ARG U 13 -17.79 19.81 61.38
N PRO U 14 -17.04 20.89 61.60
CA PRO U 14 -15.72 20.73 62.26
C PRO U 14 -15.88 20.22 63.68
N GLY U 15 -16.52 19.05 63.81
CA GLY U 15 -16.79 18.34 65.03
C GLY U 15 -15.75 17.36 65.49
N ARG U 16 -14.69 17.14 64.70
CA ARG U 16 -13.56 16.28 65.02
C ARG U 16 -13.83 14.79 64.81
N SER U 17 -14.82 14.42 63.99
CA SER U 17 -15.18 13.01 63.86
C SER U 17 -15.48 12.62 62.41
N LEU U 18 -14.61 11.82 61.80
CA LEU U 18 -15.01 11.21 60.53
C LEU U 18 -14.25 9.92 60.27
N ARG U 19 -14.96 8.86 59.90
CA ARG U 19 -14.34 7.57 59.61
C ARG U 19 -14.58 7.23 58.14
N LEU U 20 -13.51 7.23 57.34
CA LEU U 20 -13.58 6.77 55.96
C LEU U 20 -13.28 5.28 55.89
N SER U 21 -13.91 4.61 54.93
CA SER U 21 -13.79 3.16 54.79
C SER U 21 -13.45 2.83 53.33
N CYS U 22 -12.32 2.16 53.13
CA CYS U 22 -11.84 1.75 51.82
C CYS U 22 -11.99 0.24 51.72
N THR U 23 -12.83 -0.21 50.81
CA THR U 23 -13.09 -1.61 50.56
C THR U 23 -12.17 -2.10 49.44
N VAL U 24 -11.48 -3.20 49.70
CA VAL U 24 -10.52 -3.80 48.79
C VAL U 24 -11.18 -5.02 48.16
N SER U 25 -11.05 -5.16 46.85
CA SER U 25 -11.60 -6.34 46.18
C SER U 25 -10.76 -6.65 44.95
N GLY U 26 -10.12 -7.83 44.94
CA GLY U 26 -9.36 -8.22 43.77
C GLY U 26 -8.01 -8.85 44.06
N PHE U 27 -7.52 -8.74 45.30
CA PHE U 27 -6.22 -9.31 45.64
C PHE U 27 -6.20 -9.61 47.14
N SER U 28 -5.09 -10.18 47.60
CA SER U 28 -4.96 -10.52 49.01
C SER U 28 -4.73 -9.24 49.82
N PHE U 29 -5.67 -8.92 50.70
CA PHE U 29 -5.58 -7.71 51.51
C PHE U 29 -4.62 -7.87 52.68
N ASP U 30 -4.52 -9.07 53.24
CA ASP U 30 -3.70 -9.27 54.42
C ASP U 30 -2.22 -9.10 54.11
N ASP U 31 -1.79 -9.48 52.90
CA ASP U 31 -0.39 -9.39 52.52
C ASP U 31 0.01 -7.98 52.11
N SER U 32 -0.96 -7.11 51.82
CA SER U 32 -0.70 -5.80 51.25
C SER U 32 -0.90 -4.69 52.29
N ALA U 33 -0.28 -3.55 52.02
CA ALA U 33 -0.33 -2.36 52.86
C ALA U 33 -1.10 -1.24 52.17
N MET U 34 -1.81 -0.45 52.97
CA MET U 34 -2.70 0.59 52.43
C MET U 34 -2.21 1.97 52.84
N SER U 35 -2.57 2.98 52.04
CA SER U 35 -2.18 4.36 52.31
C SER U 35 -3.30 5.30 51.88
N TRP U 36 -3.31 6.48 52.51
CA TRP U 36 -4.30 7.52 52.22
C TRP U 36 -3.58 8.77 51.73
N VAL U 37 -4.03 9.31 50.58
CA VAL U 37 -3.44 10.50 49.97
C VAL U 37 -4.58 11.45 49.57
N ARG U 38 -4.45 12.73 49.91
CA ARG U 38 -5.48 13.69 49.57
C ARG U 38 -4.97 14.77 48.62
N GLN U 39 -5.92 15.41 47.93
CA GLN U 39 -5.65 16.53 47.05
C GLN U 39 -6.71 17.60 47.25
N ALA U 40 -6.29 18.78 47.72
CA ALA U 40 -7.22 19.88 47.89
C ALA U 40 -7.58 20.48 46.52
N PRO U 41 -8.76 21.08 46.40
CA PRO U 41 -9.14 21.71 45.12
C PRO U 41 -8.17 22.82 44.75
N GLY U 42 -7.51 22.66 43.59
CA GLY U 42 -6.55 23.60 43.09
C GLY U 42 -5.12 23.40 43.56
N LYS U 43 -4.91 22.65 44.65
CA LYS U 43 -3.58 22.38 45.15
C LYS U 43 -3.13 20.98 44.72
N GLY U 44 -1.85 20.70 44.96
CA GLY U 44 -1.29 19.44 44.54
C GLY U 44 -1.65 18.28 45.45
N LEU U 45 -0.98 17.16 45.22
CA LEU U 45 -1.22 15.96 46.01
C LEU U 45 -0.51 16.05 47.35
N GLU U 46 -1.17 15.57 48.40
CA GLU U 46 -0.59 15.54 49.74
C GLU U 46 -0.76 14.14 50.31
N TRP U 47 0.36 13.53 50.67
CA TRP U 47 0.37 12.22 51.30
C TRP U 47 -0.08 12.36 52.74
N ILE U 48 -1.01 11.50 53.18
CA ILE U 48 -1.68 11.63 54.47
C ILE U 48 -1.24 10.54 55.44
N SER U 49 -1.56 9.29 55.14
CA SER U 49 -1.35 8.22 56.12
C SER U 49 -0.90 6.95 55.42
N PHE U 50 -0.49 5.98 56.25
CA PHE U 50 0.08 4.73 55.75
C PHE U 50 -0.03 3.68 56.84
N ILE U 51 -0.58 2.52 56.50
CA ILE U 51 -0.62 1.36 57.38
C ILE U 51 0.02 0.20 56.65
N LYS U 52 0.92 -0.50 57.33
CA LYS U 52 1.69 -1.57 56.73
C LYS U 52 0.83 -2.85 56.65
N SER U 53 1.36 -3.84 55.94
CA SER U 53 0.62 -5.09 55.78
C SER U 53 0.57 -5.82 57.12
N LYS U 54 -0.35 -6.79 57.22
CA LYS U 54 -0.46 -7.55 58.46
C LYS U 54 0.85 -8.25 58.80
N THR U 55 1.60 -8.70 57.80
CA THR U 55 2.90 -9.31 58.01
C THR U 55 3.88 -8.31 58.61
N TYR U 56 4.09 -8.40 59.93
CA TYR U 56 4.94 -7.46 60.67
C TYR U 56 4.43 -6.02 60.58
N GLY U 57 3.11 -5.87 60.44
CA GLY U 57 2.49 -4.57 60.42
C GLY U 57 1.89 -4.16 61.74
N GLY U 58 0.97 -3.22 61.67
CA GLY U 58 0.39 -2.61 62.83
C GLY U 58 1.08 -1.30 63.11
N THR U 59 1.72 -0.73 62.09
CA THR U 59 2.59 0.42 62.25
C THR U 59 1.90 1.53 61.48
N LYS U 60 1.35 2.49 62.21
CA LYS U 60 0.62 3.58 61.60
C LYS U 60 1.61 4.71 61.38
N GLU U 61 1.74 5.15 60.13
CA GLU U 61 2.60 6.27 59.81
C GLU U 61 1.76 7.38 59.21
N TYR U 62 1.80 8.55 59.81
CA TYR U 62 1.00 9.69 59.40
C TYR U 62 1.92 10.79 58.88
N ALA U 63 1.30 11.80 58.27
CA ALA U 63 2.03 12.95 57.79
C ALA U 63 2.08 14.04 58.85
N ALA U 64 2.97 15.00 58.64
CA ALA U 64 3.18 16.04 59.65
C ALA U 64 1.94 16.92 59.81
N SER U 65 1.18 17.13 58.75
CA SER U 65 0.04 18.04 58.82
C SER U 65 -1.10 17.46 59.65
N VAL U 66 -1.21 16.14 59.74
CA VAL U 66 -2.33 15.48 60.40
C VAL U 66 -1.90 14.56 61.53
N LYS U 67 -0.61 14.58 61.89
CA LYS U 67 -0.13 13.72 62.96
C LYS U 67 -0.78 14.11 64.29
N GLY U 68 -1.36 13.12 64.97
CA GLY U 68 -2.08 13.36 66.21
C GLY U 68 -3.55 13.64 66.01
N ARG U 69 -3.95 14.07 64.81
CA ARG U 69 -5.34 14.31 64.48
C ARG U 69 -5.96 13.16 63.70
N PHE U 70 -5.24 12.59 62.75
CA PHE U 70 -5.75 11.47 61.97
C PHE U 70 -5.19 10.16 62.55
N THR U 71 -5.93 9.09 62.33
CA THR U 71 -5.60 7.76 62.83
C THR U 71 -6.05 6.72 61.82
N ILE U 72 -5.12 5.90 61.33
CA ILE U 72 -5.45 4.88 60.33
C ILE U 72 -5.60 3.53 61.01
N SER U 73 -6.43 2.66 60.42
CA SER U 73 -6.65 1.32 60.96
C SER U 73 -7.06 0.39 59.82
N ARG U 74 -7.06 -0.92 60.11
CA ARG U 74 -7.47 -1.90 59.12
C ARG U 74 -8.19 -3.07 59.79
N ASP U 75 -9.09 -3.70 59.04
CA ASP U 75 -9.82 -4.90 59.43
C ASP U 75 -9.58 -5.96 58.36
N ASP U 76 -8.65 -6.89 58.66
CA ASP U 76 -8.31 -7.97 57.75
C ASP U 76 -9.41 -9.01 57.64
N SER U 77 -10.31 -9.10 58.62
CA SER U 77 -11.35 -10.11 58.59
C SER U 77 -12.35 -9.87 57.46
N LYS U 78 -12.55 -8.61 57.09
CA LYS U 78 -13.50 -8.25 56.05
C LYS U 78 -12.85 -7.45 54.92
N ASN U 79 -11.53 -7.40 54.87
CA ASN U 79 -10.75 -6.73 53.83
C ASN U 79 -11.19 -5.26 53.68
N ILE U 80 -10.92 -4.48 54.72
CA ILE U 80 -11.30 -3.07 54.69
C ILE U 80 -10.31 -2.25 55.50
N ALA U 81 -10.17 -0.97 55.14
CA ALA U 81 -9.22 -0.08 55.82
C ALA U 81 -9.89 1.24 56.17
N TYR U 82 -9.78 1.65 57.44
CA TYR U 82 -10.44 2.84 57.95
C TYR U 82 -9.46 4.00 58.17
N LEU U 83 -10.00 5.21 58.09
CA LEU U 83 -9.28 6.45 58.37
C LEU U 83 -10.14 7.33 59.28
N GLN U 84 -9.81 7.33 60.57
CA GLN U 84 -10.48 8.12 61.60
C GLN U 84 -9.82 9.49 61.74
N MET U 85 -10.54 10.54 61.39
CA MET U 85 -10.05 11.91 61.43
C MET U 85 -10.65 12.66 62.61
N ASN U 86 -9.78 13.12 63.52
CA ASN U 86 -10.12 13.91 64.68
C ASN U 86 -9.63 15.34 64.49
N SER U 87 -10.34 16.27 65.13
CA SER U 87 -10.04 17.71 65.12
C SER U 87 -9.83 18.23 63.70
N LEU U 88 -10.86 18.07 62.87
CA LEU U 88 -10.77 18.48 61.48
C LEU U 88 -10.92 20.00 61.36
N LYS U 89 -10.10 20.60 60.50
CA LYS U 89 -10.16 22.01 60.21
C LYS U 89 -10.82 22.24 58.85
N THR U 90 -11.02 23.51 58.49
CA THR U 90 -11.58 23.84 57.19
C THR U 90 -10.61 23.56 56.05
N GLU U 91 -9.31 23.52 56.33
CA GLU U 91 -8.32 23.21 55.30
C GLU U 91 -8.36 21.74 54.88
N ASP U 92 -9.01 20.87 55.65
CA ASP U 92 -9.06 19.45 55.34
C ASP U 92 -10.03 19.11 54.21
N THR U 93 -10.75 20.09 53.67
CA THR U 93 -11.60 19.86 52.51
C THR U 93 -10.77 19.45 51.31
N ALA U 94 -10.98 18.23 50.81
CA ALA U 94 -10.13 17.71 49.74
C ALA U 94 -10.75 16.44 49.19
N VAL U 95 -10.13 15.91 48.15
CA VAL U 95 -10.46 14.59 47.61
C VAL U 95 -9.49 13.60 48.23
N TYR U 96 -10.03 12.61 48.94
CA TYR U 96 -9.24 11.62 49.66
C TYR U 96 -9.25 10.31 48.86
N TYR U 97 -8.05 9.85 48.50
CA TYR U 97 -7.82 8.64 47.74
C TYR U 97 -7.22 7.56 48.63
N CYS U 98 -7.62 6.31 48.34
CA CYS U 98 -7.10 5.12 48.97
C CYS U 98 -6.19 4.39 48.00
N THR U 99 -4.97 4.10 48.45
CA THR U 99 -3.92 3.52 47.60
C THR U 99 -3.35 2.28 48.28
N ARG U 100 -2.60 1.51 47.49
CA ARG U 100 -1.89 0.33 47.97
C ARG U 100 -0.40 0.57 47.80
N GLY U 101 0.35 0.44 48.89
CA GLY U 101 1.79 0.58 48.82
C GLY U 101 2.40 -0.66 48.19
N ALA U 102 3.26 -0.45 47.20
CA ALA U 102 3.83 -1.56 46.45
C ALA U 102 5.17 -1.93 47.05
N PRO U 103 5.33 -3.14 47.58
CA PRO U 103 6.61 -3.50 48.21
C PRO U 103 7.72 -3.57 47.18
N TYR U 104 8.93 -3.25 47.63
CA TYR U 104 10.08 -3.19 46.73
C TYR U 104 10.34 -4.53 46.05
N GLY U 105 9.83 -5.62 46.61
CA GLY U 105 9.85 -6.91 45.93
C GLY U 105 8.47 -7.52 45.91
N GLY U 106 8.38 -8.83 45.79
CA GLY U 106 7.09 -9.48 45.98
C GLY U 106 6.51 -9.22 47.36
N ASN U 107 7.36 -9.29 48.39
CA ASN U 107 6.96 -8.95 49.75
C ASN U 107 8.16 -8.32 50.43
N SER U 108 8.01 -7.06 50.84
CA SER U 108 9.08 -6.35 51.53
C SER U 108 8.47 -5.14 52.22
N ASP U 109 9.07 -4.76 53.35
CA ASP U 109 8.59 -3.62 54.11
C ASP U 109 9.13 -2.29 53.58
N TYR U 110 9.67 -2.29 52.37
CA TYR U 110 10.10 -1.08 51.68
C TYR U 110 9.21 -0.93 50.45
N TYR U 111 8.67 0.26 50.26
CA TYR U 111 7.65 0.49 49.24
C TYR U 111 8.19 1.48 48.21
N TYR U 112 7.92 1.20 46.93
CA TYR U 112 8.47 2.01 45.84
C TYR U 112 7.44 2.91 45.18
N GLY U 113 6.16 2.66 45.39
CA GLY U 113 5.12 3.44 44.72
C GLY U 113 3.75 3.03 45.21
N LEU U 114 2.74 3.67 44.64
CA LEU U 114 1.34 3.38 44.92
C LEU U 114 0.75 2.63 43.73
N ASP U 115 0.49 1.33 43.91
CA ASP U 115 0.07 0.47 42.82
C ASP U 115 -1.26 0.91 42.22
N VAL U 116 -2.35 0.61 42.92
CA VAL U 116 -3.71 0.88 42.45
C VAL U 116 -4.26 2.09 43.18
N TRP U 117 -5.13 2.82 42.50
CA TRP U 117 -5.78 3.99 43.07
C TRP U 117 -7.29 3.84 42.97
N GLY U 118 -7.99 4.16 44.06
CA GLY U 118 -9.43 4.28 44.04
C GLY U 118 -9.88 5.57 43.37
N GLN U 119 -11.18 5.65 43.11
CA GLN U 119 -11.71 6.85 42.47
C GLN U 119 -11.77 8.04 43.41
N GLY U 120 -11.76 7.81 44.71
CA GLY U 120 -11.66 8.91 45.66
C GLY U 120 -13.01 9.35 46.17
N THR U 121 -13.02 9.95 47.37
CA THR U 121 -14.22 10.52 47.93
C THR U 121 -13.94 11.92 48.45
N THR U 122 -14.89 12.83 48.28
CA THR U 122 -14.71 14.24 48.61
C THR U 122 -15.16 14.50 50.05
N VAL U 123 -14.35 15.25 50.79
CA VAL U 123 -14.66 15.63 52.17
C VAL U 123 -14.72 17.15 52.25
N THR U 124 -15.85 17.68 52.70
CA THR U 124 -16.09 19.11 52.80
C THR U 124 -16.34 19.50 54.26
N VAL U 125 -15.50 20.40 54.77
CA VAL U 125 -15.58 20.97 56.11
C VAL U 125 -16.01 22.42 55.96
N SER U 126 -17.21 22.74 56.44
CA SER U 126 -17.77 24.07 56.33
C SER U 126 -18.61 24.35 57.57
N SER U 127 -18.59 25.61 58.02
CA SER U 127 -19.30 25.97 59.24
C SER U 127 -20.81 26.02 59.03
N ALA U 128 -21.25 26.60 57.92
CA ALA U 128 -22.66 26.78 57.65
C ALA U 128 -23.09 25.85 56.52
N SER U 129 -24.36 25.47 56.53
CA SER U 129 -24.89 24.56 55.51
C SER U 129 -25.67 25.33 54.45
N LYS U 131 -27.97 26.37 50.95
CA LYS U 131 -28.32 27.78 50.80
C LYS U 131 -28.49 28.01 49.30
N GLY U 132 -29.57 28.68 48.90
CA GLY U 132 -29.83 28.92 47.49
C GLY U 132 -28.97 30.00 46.85
N PRO U 133 -28.92 30.02 45.52
CA PRO U 133 -28.10 31.00 44.82
C PRO U 133 -28.87 32.25 44.43
N SER U 134 -28.13 33.34 44.28
CA SER U 134 -28.67 34.59 43.76
C SER U 134 -28.04 34.86 42.40
N VAL U 135 -28.86 34.99 41.38
CA VAL U 135 -28.38 35.19 40.02
C VAL U 135 -28.50 36.68 39.69
N PHE U 136 -27.38 37.27 39.26
CA PHE U 136 -27.40 38.68 38.91
C PHE U 136 -26.88 38.87 37.48
N PRO U 137 -27.52 39.74 36.69
CA PRO U 137 -27.13 39.87 35.28
C PRO U 137 -25.85 40.67 35.09
N LEU U 138 -25.00 40.17 34.21
CA LEU U 138 -23.79 40.84 33.76
C LEU U 138 -24.08 41.37 32.35
N ALA U 139 -24.64 42.58 32.28
CA ALA U 139 -25.08 43.17 31.03
C ALA U 139 -23.90 43.73 30.24
N PRO U 140 -23.96 43.70 28.90
CA PRO U 140 -22.89 44.22 28.07
C PRO U 140 -23.01 45.73 27.81
N GLY U 148 -16.95 44.04 17.49
CA GLY U 148 -18.04 43.40 16.77
C GLY U 148 -18.70 42.28 17.55
N THR U 149 -18.05 41.87 18.64
CA THR U 149 -18.55 40.81 19.50
C THR U 149 -18.75 41.36 20.90
N ALA U 150 -19.88 41.02 21.52
CA ALA U 150 -20.15 41.46 22.88
C ALA U 150 -20.12 40.27 23.82
N ALA U 151 -19.88 40.55 25.10
CA ALA U 151 -19.82 39.51 26.11
C ALA U 151 -20.83 39.85 27.19
N LEU U 152 -21.60 38.86 27.61
CA LEU U 152 -22.57 39.04 28.66
C LEU U 152 -22.54 37.81 29.55
N GLY U 153 -23.21 37.87 30.68
CA GLY U 153 -23.18 36.71 31.53
C GLY U 153 -24.10 36.80 32.71
N CYS U 154 -23.89 35.87 33.63
CA CYS U 154 -24.61 35.83 34.89
C CYS U 154 -23.62 35.57 36.00
N LEU U 155 -23.87 36.17 37.15
CA LEU U 155 -23.06 35.98 38.34
C LEU U 155 -23.95 35.20 39.31
N VAL U 156 -23.60 33.94 39.52
CA VAL U 156 -24.33 33.07 40.44
C VAL U 156 -23.60 33.16 41.77
N LYS U 157 -24.14 33.97 42.69
CA LYS U 157 -23.44 34.36 43.90
C LYS U 157 -24.12 33.77 45.14
N ASP U 158 -23.28 33.46 46.13
CA ASP U 158 -23.69 33.11 47.49
C ASP U 158 -24.65 31.93 47.48
N TYR U 159 -24.10 30.73 47.33
CA TYR U 159 -24.86 29.49 47.36
C TYR U 159 -24.02 28.40 48.01
N PHE U 160 -24.69 27.36 48.48
CA PHE U 160 -24.02 26.25 49.15
C PHE U 160 -24.89 25.00 49.08
N PRO U 163 -21.79 21.62 42.90
CA PRO U 163 -23.01 20.93 42.46
C PRO U 163 -24.05 21.87 41.87
N VAL U 164 -23.62 22.86 41.09
CA VAL U 164 -24.51 23.83 40.45
C VAL U 164 -24.41 23.64 38.95
N THR U 165 -25.54 23.76 38.27
CA THR U 165 -25.61 23.68 36.82
C THR U 165 -25.97 25.05 36.25
N VAL U 166 -25.16 25.54 35.32
CA VAL U 166 -25.40 26.82 34.65
C VAL U 166 -25.48 26.54 33.17
N SER U 167 -26.62 26.87 32.55
CA SER U 167 -26.84 26.69 31.13
C SER U 167 -27.44 27.94 30.51
N TRP U 168 -27.34 28.04 29.19
CA TRP U 168 -27.83 29.18 28.43
C TRP U 168 -28.88 28.72 27.43
N ASN U 169 -30.02 29.42 27.39
CA ASN U 169 -31.13 29.13 26.47
C ASN U 169 -31.64 27.71 26.60
N SER U 170 -31.72 27.20 27.83
CA SER U 170 -32.30 25.87 28.10
C SER U 170 -31.61 24.77 27.31
N GLY U 171 -30.34 24.97 26.96
CA GLY U 171 -29.55 24.00 26.23
C GLY U 171 -29.30 24.32 24.77
N ALA U 172 -29.87 25.41 24.24
CA ALA U 172 -29.65 25.77 22.84
C ALA U 172 -28.31 26.45 22.62
N LEU U 173 -27.91 27.34 23.54
CA LEU U 173 -26.69 28.13 23.39
C LEU U 173 -25.52 27.36 24.00
N THR U 174 -24.51 27.07 23.19
CA THR U 174 -23.34 26.32 23.62
C THR U 174 -22.02 26.95 23.21
N SER U 175 -21.94 27.52 22.01
CA SER U 175 -20.68 28.09 21.52
C SER U 175 -20.33 29.39 22.22
N GLY U 176 -19.06 29.51 22.62
CA GLY U 176 -18.59 30.71 23.26
C GLY U 176 -18.91 30.83 24.73
N VAL U 177 -19.32 29.75 25.38
CA VAL U 177 -19.69 29.78 26.78
C VAL U 177 -18.47 29.43 27.63
N HIS U 178 -18.22 30.23 28.67
CA HIS U 178 -17.15 30.01 29.62
C HIS U 178 -17.79 30.10 31.00
N THR U 179 -18.05 28.94 31.61
CA THR U 179 -18.56 28.86 32.96
C THR U 179 -17.38 28.61 33.89
N PHE U 180 -16.96 29.65 34.60
CA PHE U 180 -15.77 29.55 35.42
C PHE U 180 -16.05 28.69 36.65
N PRO U 181 -15.04 28.01 37.17
CA PRO U 181 -15.24 27.25 38.41
C PRO U 181 -15.50 28.18 39.59
N ALA U 182 -16.28 27.68 40.55
CA ALA U 182 -16.64 28.47 41.71
C ALA U 182 -15.43 28.71 42.61
N VAL U 183 -15.46 29.85 43.31
CA VAL U 183 -14.43 30.20 44.28
C VAL U 183 -15.12 30.54 45.59
N LEU U 184 -14.65 29.92 46.68
CA LEU U 184 -15.23 30.13 48.00
C LEU U 184 -14.69 31.41 48.63
N GLN U 185 -15.58 32.34 48.93
CA GLN U 185 -15.24 33.61 49.56
C GLN U 185 -15.07 33.43 51.07
N SER U 186 -14.58 34.49 51.71
CA SER U 186 -14.37 34.48 53.16
C SER U 186 -15.68 34.30 53.93
N SER U 187 -16.83 34.53 53.28
CA SER U 187 -18.11 34.38 53.94
C SER U 187 -18.53 32.92 54.09
N GLY U 188 -17.77 31.99 53.51
CA GLY U 188 -18.08 30.58 53.61
C GLY U 188 -18.99 30.05 52.52
N LEU U 189 -19.50 30.91 51.65
CA LEU U 189 -20.38 30.54 50.56
C LEU U 189 -19.63 30.61 49.23
N TYR U 190 -20.16 29.90 48.24
CA TYR U 190 -19.54 29.85 46.92
C TYR U 190 -20.03 30.99 46.03
N SER U 191 -19.30 31.19 44.93
CA SER U 191 -19.57 32.25 43.98
C SER U 191 -18.85 31.93 42.67
N LEU U 192 -19.60 31.96 41.57
CA LEU U 192 -19.03 31.70 40.24
C LEU U 192 -19.44 32.82 39.30
N SER U 193 -18.82 32.83 38.13
CA SER U 193 -19.18 33.75 37.05
C SER U 193 -19.28 32.93 35.77
N SER U 194 -20.34 33.15 35.00
CA SER U 194 -20.54 32.42 33.75
C SER U 194 -20.81 33.41 32.63
N VAL U 195 -19.92 33.45 31.64
CA VAL U 195 -20.03 34.42 30.55
C VAL U 195 -20.23 33.70 29.22
N VAL U 196 -20.55 34.50 28.20
CA VAL U 196 -20.77 34.01 26.85
C VAL U 196 -20.60 35.19 25.90
N THR U 197 -19.93 34.94 24.77
CA THR U 197 -19.75 35.92 23.72
C THR U 197 -20.77 35.69 22.62
N VAL U 198 -21.45 36.77 22.22
CA VAL U 198 -22.49 36.71 21.19
C VAL U 198 -22.25 37.83 20.19
N PRO U 199 -22.81 37.70 18.99
CA PRO U 199 -22.73 38.81 18.03
C PRO U 199 -23.41 40.05 18.58
N SER U 200 -22.83 41.22 18.29
CA SER U 200 -23.33 42.46 18.86
C SER U 200 -24.70 42.84 18.30
N SER U 201 -25.01 42.42 17.07
CA SER U 201 -26.27 42.81 16.45
C SER U 201 -27.46 42.05 17.02
N SER U 202 -27.23 40.91 17.65
CA SER U 202 -28.30 40.09 18.20
C SER U 202 -28.68 40.46 19.63
N LEU U 203 -28.03 41.49 20.20
CA LEU U 203 -28.33 41.86 21.58
C LEU U 203 -29.73 42.42 21.72
N GLY U 204 -30.14 43.29 20.79
CA GLY U 204 -31.44 43.92 20.87
C GLY U 204 -32.62 43.06 20.48
N THR U 205 -32.39 41.96 19.74
CA THR U 205 -33.49 41.15 19.21
C THR U 205 -33.66 39.82 19.92
N GLN U 206 -32.63 39.00 19.98
CA GLN U 206 -32.73 37.68 20.58
C GLN U 206 -32.54 37.77 22.07
N THR U 207 -33.27 36.95 22.82
CA THR U 207 -33.17 36.97 24.26
C THR U 207 -32.19 35.89 24.68
N TYR U 208 -31.25 36.26 25.53
CA TYR U 208 -30.28 35.31 26.09
C TYR U 208 -30.55 35.29 27.59
N ILE U 209 -30.89 34.11 28.10
CA ILE U 209 -31.31 33.92 29.47
C ILE U 209 -30.47 32.80 30.06
N CYS U 210 -29.85 33.08 31.21
CA CYS U 210 -29.09 32.05 31.91
C CYS U 210 -29.98 31.34 32.91
N ASN U 211 -29.78 30.03 33.03
CA ASN U 211 -30.63 29.23 33.88
C ASN U 211 -29.86 28.67 35.08
N HIS U 214 -28.59 23.81 40.86
CA HIS U 214 -28.18 23.65 42.24
C HIS U 214 -29.30 22.96 43.01
N LYS U 215 -29.39 21.63 42.85
CA LYS U 215 -30.43 20.79 43.42
C LYS U 215 -30.32 20.64 44.94
N PRO U 216 -29.10 20.53 45.54
CA PRO U 216 -29.02 20.34 47.01
C PRO U 216 -29.80 21.37 47.81
N SER U 217 -30.05 22.55 47.23
CA SER U 217 -30.92 23.54 47.85
C SER U 217 -32.23 23.70 47.11
N ASN U 218 -32.42 22.97 46.00
CA ASN U 218 -33.63 22.96 45.19
C ASN U 218 -34.07 24.36 44.75
N THR U 219 -33.14 25.07 44.10
CA THR U 219 -33.39 26.42 43.60
C THR U 219 -33.05 26.51 42.12
N LYS U 220 -34.05 26.84 41.29
CA LYS U 220 -33.87 27.10 39.87
C LYS U 220 -34.25 28.54 39.57
N VAL U 221 -33.32 29.32 39.03
CA VAL U 221 -33.54 30.73 38.70
C VAL U 221 -33.08 30.97 37.27
N ASP U 222 -33.97 31.50 36.44
CA ASP U 222 -33.66 31.88 35.06
C ASP U 222 -33.69 33.39 34.96
N LYS U 223 -32.55 33.99 34.65
CA LYS U 223 -32.39 35.44 34.57
C LYS U 223 -32.10 35.85 33.13
N LYS U 224 -32.93 36.72 32.59
CA LYS U 224 -32.76 37.28 31.25
C LYS U 224 -31.71 38.39 31.29
N VAL U 225 -30.72 38.31 30.41
CA VAL U 225 -29.62 39.26 30.38
C VAL U 225 -29.89 40.26 29.26
N GLU U 226 -30.12 41.52 29.63
CA GLU U 226 -30.34 42.62 28.69
C GLU U 226 -29.55 43.83 29.17
N PRO U 227 -29.11 44.69 28.25
CA PRO U 227 -28.30 45.87 28.62
C PRO U 227 -29.05 46.86 29.49
N ASP V 1 11.62 15.70 57.89
CA ASP V 1 11.08 15.39 56.57
C ASP V 1 12.05 15.83 55.47
N ILE V 2 11.91 15.25 54.29
CA ILE V 2 12.74 15.55 53.14
C ILE V 2 11.97 16.46 52.19
N GLN V 3 12.65 17.49 51.69
CA GLN V 3 12.02 18.51 50.87
C GLN V 3 12.01 18.11 49.41
N MET V 4 10.87 18.26 48.75
CA MET V 4 10.76 18.00 47.32
C MET V 4 10.61 19.33 46.59
N THR V 5 11.18 19.40 45.38
CA THR V 5 11.15 20.63 44.59
C THR V 5 10.94 20.27 43.13
N GLN V 6 9.77 20.60 42.60
CA GLN V 6 9.41 20.36 41.22
C GLN V 6 9.81 21.53 40.34
N SER V 7 10.38 21.24 39.17
CA SER V 7 10.82 22.27 38.26
C SER V 7 10.58 21.83 36.81
N PRO V 8 9.87 22.62 36.01
CA PRO V 8 9.18 23.84 36.44
C PRO V 8 7.74 23.53 36.84
N SER V 9 7.03 24.53 37.36
CA SER V 9 5.63 24.32 37.73
C SER V 9 4.74 24.25 36.50
N SER V 10 5.12 24.94 35.42
CA SER V 10 4.36 24.93 34.17
C SER V 10 5.27 24.58 32.99
N LEU V 11 4.73 23.83 32.04
CA LEU V 11 5.47 23.43 30.85
C LEU V 11 4.54 23.52 29.63
N SER V 12 4.94 24.32 28.63
CA SER V 12 4.15 24.50 27.41
C SER V 12 4.81 23.74 26.25
N ALA V 13 4.03 22.86 25.61
CA ALA V 13 4.54 22.11 24.47
C ALA V 13 3.39 21.62 23.61
N SER V 14 3.68 21.37 22.33
CA SER V 14 2.73 20.86 21.36
C SER V 14 2.93 19.35 21.15
N VAL V 15 2.12 18.78 20.25
CA VAL V 15 2.19 17.36 19.97
C VAL V 15 3.45 17.03 19.19
N GLY V 16 4.11 15.94 19.56
CA GLY V 16 5.34 15.52 18.92
C GLY V 16 6.60 16.09 19.53
N ASP V 17 6.48 16.94 20.54
CA ASP V 17 7.63 17.52 21.18
C ASP V 17 8.23 16.56 22.20
N ARG V 18 9.43 16.89 22.66
CA ARG V 18 10.14 16.13 23.68
C ARG V 18 10.21 17.00 24.92
N VAL V 19 9.60 16.54 26.01
CA VAL V 19 9.48 17.36 27.21
C VAL V 19 10.21 16.69 28.36
N THR V 20 10.60 17.52 29.34
CA THR V 20 11.40 17.08 30.48
C THR V 20 10.95 17.81 31.74
N ILE V 21 10.48 17.04 32.71
CA ILE V 21 10.12 17.53 34.04
C ILE V 21 11.23 17.10 35.00
N THR V 22 11.60 17.96 35.95
CA THR V 22 12.71 17.70 36.86
C THR V 22 12.23 17.74 38.30
N CYS V 23 12.76 16.84 39.13
CA CYS V 23 12.43 16.76 40.55
C CYS V 23 13.73 16.74 41.33
N ARG V 24 13.95 17.76 42.13
CA ARG V 24 15.12 17.86 43.00
C ARG V 24 14.73 17.51 44.44
N THR V 25 15.59 16.78 45.11
CA THR V 25 15.42 16.43 46.50
C THR V 25 16.51 17.08 47.33
N SER V 26 16.28 17.13 48.65
CA SER V 26 17.23 17.74 49.57
C SER V 26 18.31 16.78 50.04
N GLN V 27 17.99 15.49 50.12
CA GLN V 27 18.90 14.46 50.57
C GLN V 27 19.14 13.46 49.44
N ASP V 28 19.98 12.47 49.70
CA ASP V 28 20.16 11.35 48.77
C ASP V 28 19.03 10.36 49.04
N VAL V 29 18.04 10.32 48.14
CA VAL V 29 16.86 9.48 48.32
C VAL V 29 17.13 8.02 47.99
N ARG V 30 18.37 7.67 47.64
CA ARG V 30 18.73 6.31 47.27
C ARG V 30 17.87 5.81 46.11
N GLY V 31 17.57 6.70 45.17
CA GLY V 31 16.79 6.33 44.01
C GLY V 31 15.42 5.82 44.37
N ALA V 32 14.68 6.58 45.18
CA ALA V 32 13.34 6.15 45.57
C ALA V 32 12.30 7.14 45.09
N LEU V 33 12.31 7.44 43.80
CA LEU V 33 11.43 8.40 43.18
C LEU V 33 10.25 7.71 42.53
N ALA V 34 9.09 8.37 42.56
CA ALA V 34 7.91 7.87 41.88
C ALA V 34 7.29 9.00 41.07
N TRP V 35 6.84 8.66 39.87
CA TRP V 35 6.19 9.56 38.94
C TRP V 35 4.78 9.07 38.68
N TYR V 36 3.81 9.97 38.82
CA TYR V 36 2.39 9.70 38.66
C TYR V 36 1.81 10.66 37.63
N GLN V 37 0.73 10.23 36.99
CA GLN V 37 0.01 11.04 36.01
C GLN V 37 -1.38 11.36 36.55
N GLN V 38 -1.69 12.65 36.63
CA GLN V 38 -2.99 13.11 37.12
C GLN V 38 -3.71 13.81 35.97
N LYS V 39 -4.72 13.14 35.43
CA LYS V 39 -5.64 13.68 34.46
C LYS V 39 -6.74 14.47 35.19
N PRO V 40 -7.33 15.47 34.54
CA PRO V 40 -8.30 16.32 35.26
C PRO V 40 -9.47 15.51 35.79
N GLY V 41 -9.63 15.54 37.11
CA GLY V 41 -10.72 14.86 37.78
C GLY V 41 -10.47 13.41 38.14
N LYS V 42 -9.59 12.73 37.40
CA LYS V 42 -9.37 11.30 37.59
C LYS V 42 -8.25 11.03 38.59
N ALA V 43 -8.19 9.78 39.04
CA ALA V 43 -7.20 9.35 40.00
C ALA V 43 -5.81 9.26 39.36
N PRO V 44 -4.75 9.51 40.14
CA PRO V 44 -3.40 9.38 39.59
C PRO V 44 -3.08 7.94 39.19
N LYS V 45 -2.09 7.82 38.30
CA LYS V 45 -1.64 6.52 37.79
C LYS V 45 -0.13 6.44 37.95
N LEU V 46 0.34 5.36 38.57
CA LEU V 46 1.79 5.21 38.75
C LEU V 46 2.45 4.95 37.41
N LEU V 47 3.32 5.87 36.98
CA LEU V 47 4.04 5.74 35.73
C LEU V 47 5.44 5.17 35.94
N ILE V 48 6.24 5.83 36.77
CA ILE V 48 7.64 5.44 36.92
C ILE V 48 7.94 5.23 38.39
N PHE V 49 8.62 4.14 38.73
CA PHE V 49 9.02 3.93 40.11
C PHE V 49 10.53 3.75 40.19
N ASP V 50 11.04 3.72 41.42
CA ASP V 50 12.48 3.69 41.70
C ASP V 50 13.12 4.87 40.97
N ALA V 51 14.17 4.68 40.17
CA ALA V 51 14.72 5.79 39.40
C ALA V 51 14.25 5.82 37.95
N SER V 52 14.41 4.71 37.23
CA SER V 52 14.06 4.63 35.83
C SER V 52 13.08 3.51 35.51
N SER V 53 12.80 2.63 36.47
CA SER V 53 11.94 1.48 36.22
C SER V 53 10.52 1.94 35.88
N LEU V 54 9.94 1.31 34.86
CA LEU V 54 8.62 1.65 34.35
C LEU V 54 7.60 0.64 34.84
N GLU V 55 6.45 1.14 35.31
CA GLU V 55 5.38 0.24 35.73
C GLU V 55 4.80 -0.48 34.50
N THR V 56 4.33 -1.70 34.73
CA THR V 56 3.75 -2.49 33.64
C THR V 56 2.54 -1.78 33.03
N GLY V 57 2.48 -1.78 31.69
CA GLY V 57 1.39 -1.18 30.97
C GLY V 57 1.58 0.28 30.60
N VAL V 58 2.72 0.87 30.94
CA VAL V 58 2.99 2.27 30.64
C VAL V 58 3.71 2.31 29.29
N PRO V 59 3.33 3.19 28.37
CA PRO V 59 3.98 3.23 27.06
C PRO V 59 5.48 3.55 27.17
N SER V 60 6.20 3.22 26.09
CA SER V 60 7.65 3.35 26.06
C SER V 60 8.11 4.80 25.94
N ARG V 61 7.23 5.73 25.60
CA ARG V 61 7.64 7.12 25.44
C ARG V 61 7.98 7.78 26.76
N PHE V 62 7.55 7.20 27.88
CA PHE V 62 7.87 7.73 29.21
C PHE V 62 9.21 7.16 29.65
N SER V 63 10.16 8.05 29.95
CA SER V 63 11.51 7.69 30.35
C SER V 63 11.83 8.29 31.71
N GLY V 64 12.51 7.51 32.54
CA GLY V 64 12.96 7.98 33.84
C GLY V 64 14.48 8.03 33.89
N SER V 65 15.02 9.08 34.50
CA SER V 65 16.45 9.21 34.62
C SER V 65 16.77 10.00 35.89
N GLY V 66 18.05 10.27 36.09
CA GLY V 66 18.49 10.98 37.27
C GLY V 66 18.96 10.03 38.37
N SER V 67 19.70 10.59 39.32
CA SER V 67 20.24 9.79 40.41
C SER V 67 20.74 10.72 41.51
N GLY V 68 20.53 10.34 42.76
CA GLY V 68 21.03 11.09 43.89
C GLY V 68 20.15 12.27 44.27
N THR V 69 20.30 13.39 43.56
CA THR V 69 19.60 14.63 43.87
C THR V 69 18.65 15.08 42.77
N VAL V 70 19.07 14.97 41.50
CA VAL V 70 18.26 15.39 40.37
C VAL V 70 17.67 14.15 39.72
N PHE V 71 16.35 14.14 39.53
CA PHE V 71 15.67 13.06 38.85
C PHE V 71 14.78 13.66 37.75
N THR V 72 14.71 12.99 36.61
CA THR V 72 14.00 13.54 35.45
C THR V 72 12.96 12.57 34.92
N LEU V 73 11.80 13.13 34.58
CA LEU V 73 10.77 12.47 33.80
C LEU V 73 10.82 13.04 32.38
N THR V 74 10.85 12.16 31.38
CA THR V 74 11.03 12.59 29.99
C THR V 74 9.94 11.96 29.15
N ILE V 75 9.33 12.76 28.27
CA ILE V 75 8.41 12.24 27.27
C ILE V 75 9.01 12.53 25.90
N SER V 76 9.36 11.47 25.16
CA SER V 76 10.03 11.58 23.88
C SER V 76 9.12 12.20 22.83
N SER V 77 8.03 11.51 22.48
CA SER V 77 7.06 11.99 21.50
C SER V 77 5.73 12.19 22.21
N LEU V 78 5.29 13.46 22.29
CA LEU V 78 4.06 13.78 22.99
C LEU V 78 2.84 13.30 22.21
N GLN V 79 1.79 12.95 22.94
CA GLN V 79 0.50 12.53 22.43
C GLN V 79 -0.62 13.30 23.11
N PRO V 80 -1.82 13.34 22.52
CA PRO V 80 -2.95 14.01 23.18
C PRO V 80 -3.32 13.40 24.51
N GLU V 81 -2.95 12.14 24.77
CA GLU V 81 -3.24 11.51 26.04
C GLU V 81 -2.26 11.92 27.14
N ASP V 82 -1.09 12.45 26.77
CA ASP V 82 -0.03 12.72 27.73
C ASP V 82 -0.19 14.06 28.44
N PHE V 83 -1.22 14.85 28.12
CA PHE V 83 -1.43 16.13 28.78
C PHE V 83 -2.18 15.92 30.08
N ALA V 84 -1.48 16.03 31.20
CA ALA V 84 -2.08 15.86 32.51
C ALA V 84 -1.14 16.50 33.53
N ALA V 85 -1.28 16.11 34.80
CA ALA V 85 -0.41 16.59 35.85
C ALA V 85 0.55 15.48 36.26
N TYR V 86 1.76 15.86 36.66
CA TYR V 86 2.78 14.89 37.01
C TYR V 86 3.39 15.31 38.34
N TYR V 87 3.45 14.37 39.28
CA TYR V 87 3.96 14.64 40.61
C TYR V 87 5.09 13.66 40.89
N CYS V 88 6.13 14.13 41.57
CA CYS V 88 7.19 13.25 42.02
C CYS V 88 7.04 13.01 43.51
N GLN V 89 7.36 11.79 43.93
CA GLN V 89 7.17 11.38 45.32
C GLN V 89 8.40 10.62 45.78
N GLN V 90 8.80 10.87 47.03
CA GLN V 90 9.94 10.19 47.63
C GLN V 90 9.45 9.00 48.42
N PHE V 91 10.22 7.90 48.36
CA PHE V 91 9.88 6.66 49.06
C PHE V 91 11.06 6.12 49.83
N LEU V 92 11.91 7.01 50.35
CA LEU V 92 13.04 6.62 51.19
C LEU V 92 12.55 6.18 52.55
N ASP V 93 12.04 7.13 53.33
CA ASP V 93 11.42 6.85 54.63
C ASP V 93 10.17 7.71 54.75
N PHE V 94 9.42 7.48 55.82
CA PHE V 94 8.26 8.31 56.07
C PHE V 94 8.71 9.69 56.57
N PRO V 95 8.00 10.77 56.20
CA PRO V 95 6.79 10.76 55.36
C PRO V 95 7.09 10.64 53.87
N PHE V 96 6.16 10.00 53.13
CA PHE V 96 6.28 9.88 51.68
C PHE V 96 5.77 11.18 51.05
N THR V 97 6.52 12.25 51.27
CA THR V 97 6.08 13.57 50.83
C THR V 97 6.01 13.65 49.30
N PHE V 98 5.04 14.41 48.81
CA PHE V 98 4.85 14.60 47.38
C PHE V 98 5.60 15.82 46.86
N GLY V 99 5.65 15.92 45.53
CA GLY V 99 6.17 17.10 44.87
C GLY V 99 5.09 18.14 44.64
N GLN V 100 5.52 19.27 44.08
CA GLN V 100 4.58 20.37 43.83
C GLN V 100 3.62 20.07 42.68
N GLY V 101 4.09 19.43 41.61
CA GLY V 101 3.23 19.17 40.48
C GLY V 101 3.58 20.03 39.26
N THR V 102 3.15 19.55 38.10
CA THR V 102 3.41 20.22 36.81
C THR V 102 2.19 20.21 35.90
N ARG V 103 1.67 21.40 35.60
CA ARG V 103 0.61 21.56 34.61
C ARG V 103 1.18 21.58 33.19
N LEU V 104 0.50 20.90 32.28
CA LEU V 104 0.92 20.75 30.88
C LEU V 104 0.00 21.56 29.97
N GLU V 105 0.57 22.51 29.22
CA GLU V 105 -0.23 23.32 28.32
C GLU V 105 0.03 22.93 26.87
N ILE V 106 -0.99 23.12 26.04
CA ILE V 106 -0.86 22.91 24.60
C ILE V 106 -0.45 24.28 24.05
N LYS V 107 0.69 24.34 23.36
CA LYS V 107 1.19 25.63 22.91
C LYS V 107 0.41 26.16 21.71
N ARG V 108 0.22 27.48 21.73
CA ARG V 108 -0.43 28.21 20.64
C ARG V 108 0.30 29.54 20.56
N THR V 109 0.09 30.26 19.46
CA THR V 109 0.67 31.59 19.35
C THR V 109 0.10 32.50 20.42
N VAL V 110 0.92 33.46 20.86
CA VAL V 110 0.50 34.36 21.94
C VAL V 110 -0.71 35.14 21.50
N ALA V 111 -1.73 35.19 22.35
CA ALA V 111 -2.97 35.88 22.05
C ALA V 111 -3.32 36.78 23.21
N ALA V 112 -3.39 38.08 22.94
CA ALA V 112 -3.74 39.04 23.99
C ALA V 112 -5.20 38.83 24.37
N PRO V 113 -5.54 39.05 25.63
CA PRO V 113 -6.92 38.82 26.05
C PRO V 113 -7.83 39.93 25.56
N SER V 114 -9.10 39.58 25.42
CA SER V 114 -10.14 40.58 25.17
C SER V 114 -10.74 40.94 26.52
N VAL V 115 -10.59 42.19 26.92
CA VAL V 115 -10.93 42.59 28.28
C VAL V 115 -12.35 43.14 28.28
N PHE V 116 -13.14 42.66 29.23
CA PHE V 116 -14.49 43.16 29.46
C PHE V 116 -14.63 43.47 30.94
N ILE V 117 -15.48 44.44 31.25
CA ILE V 117 -15.75 44.81 32.62
C ILE V 117 -17.26 44.95 32.80
N PHE V 118 -17.76 44.47 33.92
CA PHE V 118 -19.18 44.45 34.23
C PHE V 118 -19.40 45.19 35.54
N PRO V 119 -20.16 46.29 35.52
CA PRO V 119 -20.56 46.93 36.76
C PRO V 119 -21.59 46.09 37.48
N PRO V 120 -21.77 46.29 38.79
CA PRO V 120 -22.77 45.49 39.51
C PRO V 120 -24.18 45.81 39.06
N SER V 121 -25.00 44.76 38.98
CA SER V 121 -26.38 44.90 38.55
C SER V 121 -27.20 45.63 39.62
N ASP V 122 -28.30 46.25 39.18
CA ASP V 122 -29.21 46.90 40.11
C ASP V 122 -29.87 45.90 41.05
N GLU V 123 -30.07 44.66 40.60
CA GLU V 123 -30.70 43.65 41.45
C GLU V 123 -29.81 43.26 42.62
N GLN V 124 -28.49 43.28 42.45
CA GLN V 124 -27.60 42.89 43.54
C GLN V 124 -27.42 44.02 44.55
N LEU V 125 -27.39 45.27 44.08
CA LEU V 125 -27.15 46.39 44.99
C LEU V 125 -28.24 46.53 46.04
N LYS V 126 -29.48 46.19 45.72
CA LYS V 126 -30.54 46.27 46.72
C LYS V 126 -30.43 45.19 47.77
N SER V 127 -29.60 44.17 47.55
CA SER V 127 -29.41 43.11 48.52
C SER V 127 -28.35 43.45 49.55
N GLY V 128 -27.40 44.33 49.21
CA GLY V 128 -26.41 44.78 50.17
C GLY V 128 -24.97 44.70 49.70
N THR V 129 -24.69 43.86 48.71
CA THR V 129 -23.33 43.66 48.21
C THR V 129 -23.21 44.18 46.79
N ALA V 130 -21.97 44.27 46.31
CA ALA V 130 -21.70 44.71 44.95
C ALA V 130 -20.49 43.95 44.41
N SER V 131 -20.64 43.37 43.22
CA SER V 131 -19.58 42.60 42.60
C SER V 131 -19.27 43.18 41.22
N VAL V 132 -18.04 43.65 41.05
CA VAL V 132 -17.55 44.14 39.76
C VAL V 132 -16.75 43.03 39.12
N VAL V 133 -17.09 42.68 37.88
CA VAL V 133 -16.51 41.50 37.24
C VAL V 133 -15.59 41.94 36.11
N CYS V 134 -14.36 41.44 36.11
CA CYS V 134 -13.43 41.68 35.01
C CYS V 134 -13.14 40.35 34.32
N LEU V 135 -13.23 40.35 33.00
CA LEU V 135 -13.14 39.16 32.18
C LEU V 135 -12.00 39.32 31.19
N LEU V 136 -11.09 38.34 31.18
CA LEU V 136 -10.01 38.25 30.22
C LEU V 136 -10.36 37.12 29.28
N ASN V 137 -10.62 37.45 28.02
CA ASN V 137 -11.22 36.52 27.07
C ASN V 137 -10.14 35.91 26.20
N ASN V 138 -10.05 34.59 26.24
CA ASN V 138 -9.26 33.79 25.30
C ASN V 138 -7.84 34.33 25.21
N PHE V 139 -7.01 34.03 26.22
CA PHE V 139 -5.65 34.52 26.25
C PHE V 139 -4.66 33.38 26.43
N TYR V 140 -3.41 33.64 26.04
CA TYR V 140 -2.29 32.72 26.15
C TYR V 140 -1.02 33.54 26.17
N PRO V 141 -0.04 33.23 27.03
CA PRO V 141 0.00 32.10 27.96
C PRO V 141 -0.83 32.31 29.22
N ARG V 142 -0.72 31.35 30.15
CA ARG V 142 -1.58 31.37 31.33
C ARG V 142 -1.27 32.54 32.25
N GLU V 143 0.01 32.91 32.37
CA GLU V 143 0.39 33.93 33.35
C GLU V 143 -0.19 35.28 32.96
N ALA V 144 -0.93 35.89 33.88
CA ALA V 144 -1.57 37.19 33.64
C ALA V 144 -1.77 37.90 34.96
N LYS V 145 -1.68 39.23 34.92
CA LYS V 145 -1.82 40.06 36.12
C LYS V 145 -3.01 40.99 35.98
N VAL V 146 -3.85 41.05 37.02
CA VAL V 146 -5.05 41.87 37.02
C VAL V 146 -5.01 42.75 38.26
N GLN V 147 -5.20 44.06 38.06
CA GLN V 147 -5.18 45.04 39.13
C GLN V 147 -6.47 45.85 39.12
N TRP V 148 -7.07 46.06 40.28
CA TRP V 148 -8.27 46.86 40.40
C TRP V 148 -7.93 48.27 40.85
N LYS V 149 -8.60 49.26 40.26
CA LYS V 149 -8.36 50.66 40.60
C LYS V 149 -9.71 51.35 40.81
N VAL V 150 -9.98 51.72 42.07
CA VAL V 150 -11.19 52.44 42.45
C VAL V 150 -10.77 53.88 42.73
N ASP V 151 -11.23 54.81 41.88
CA ASP V 151 -10.76 56.20 41.91
C ASP V 151 -9.24 56.25 41.75
N ASN V 152 -8.71 55.40 40.86
CA ASN V 152 -7.28 55.30 40.60
C ASN V 152 -6.48 54.89 41.84
N ALA V 153 -7.15 54.29 42.82
CA ALA V 153 -6.52 53.76 44.02
C ALA V 153 -6.48 52.24 43.93
N LEU V 154 -5.29 51.67 44.05
CA LEU V 154 -5.11 50.24 43.86
C LEU V 154 -5.75 49.43 44.99
N GLN V 155 -6.47 48.37 44.60
CA GLN V 155 -7.14 47.47 45.54
C GLN V 155 -6.34 46.18 45.71
N SER V 156 -6.40 45.63 46.92
CA SER V 156 -5.73 44.36 47.22
C SER V 156 -6.43 43.69 48.39
N GLY V 157 -6.65 42.39 48.27
CA GLY V 157 -7.28 41.62 49.33
C GLY V 157 -8.78 41.49 49.22
N ASN V 158 -9.39 41.94 48.13
CA ASN V 158 -10.82 41.84 47.93
C ASN V 158 -11.20 41.16 46.62
N SER V 159 -10.29 41.09 45.64
CA SER V 159 -10.53 40.39 44.40
C SER V 159 -10.26 38.90 44.55
N GLN V 160 -10.91 38.13 43.68
CA GLN V 160 -10.81 36.67 43.70
C GLN V 160 -10.83 36.16 42.26
N GLU V 161 -9.73 35.55 41.83
CA GLU V 161 -9.56 35.11 40.45
C GLU V 161 -10.04 33.68 40.27
N SER V 162 -10.35 33.33 39.01
CA SER V 162 -10.74 31.98 38.64
C SER V 162 -10.54 31.79 37.15
N VAL V 163 -9.94 30.66 36.75
CA VAL V 163 -9.58 30.44 35.36
C VAL V 163 -10.24 29.15 34.86
N THR V 164 -10.69 29.16 33.60
CA THR V 164 -11.29 27.99 32.97
C THR V 164 -10.22 27.06 32.41
N GLU V 165 -10.68 25.94 31.87
CA GLU V 165 -9.79 24.96 31.27
C GLU V 165 -9.28 25.44 29.91
N GLN V 166 -8.23 24.78 29.43
CA GLN V 166 -7.68 25.07 28.11
C GLN V 166 -8.69 24.72 27.03
N ASP V 167 -8.90 25.65 26.09
CA ASP V 167 -9.91 25.47 25.06
C ASP V 167 -9.60 24.27 24.17
N SER V 168 -10.61 23.46 23.90
CA SER V 168 -10.44 22.24 23.12
C SER V 168 -10.21 22.52 21.64
N LYS V 169 -10.39 23.76 21.19
CA LYS V 169 -10.21 24.12 19.78
C LYS V 169 -9.02 25.02 19.54
N ASP V 170 -8.93 26.15 20.27
CA ASP V 170 -7.87 27.11 20.08
C ASP V 170 -6.82 27.10 21.18
N SER V 171 -7.05 26.37 22.28
CA SER V 171 -6.07 26.23 23.36
C SER V 171 -5.70 27.58 23.96
N THR V 172 -6.73 28.37 24.30
CA THR V 172 -6.54 29.65 24.96
C THR V 172 -7.30 29.64 26.26
N TYR V 173 -6.81 30.43 27.21
CA TYR V 173 -7.40 30.52 28.54
C TYR V 173 -8.27 31.77 28.66
N SER V 174 -9.19 31.71 29.62
CA SER V 174 -10.06 32.83 29.94
C SER V 174 -10.13 32.95 31.45
N LEU V 175 -10.01 34.18 31.94
CA LEU V 175 -9.89 34.44 33.36
C LEU V 175 -11.03 35.34 33.81
N SER V 176 -11.44 35.18 35.07
CA SER V 176 -12.53 35.94 35.68
C SER V 176 -12.04 36.41 37.04
N SER V 177 -11.86 37.72 37.17
CA SER V 177 -11.49 38.34 38.44
C SER V 177 -12.73 39.03 39.00
N THR V 178 -13.10 38.68 40.23
CA THR V 178 -14.31 39.21 40.84
C THR V 178 -13.91 40.11 42.01
N LEU V 179 -14.23 41.40 41.91
CA LEU V 179 -13.99 42.36 42.97
C LEU V 179 -15.28 42.52 43.78
N THR V 180 -15.20 42.18 45.07
CA THR V 180 -16.36 42.22 45.95
C THR V 180 -16.23 43.40 46.90
N LEU V 181 -17.24 44.27 46.91
CA LEU V 181 -17.29 45.42 47.79
C LEU V 181 -18.67 45.52 48.43
N SER V 182 -18.74 46.38 49.44
CA SER V 182 -20.00 46.70 50.09
C SER V 182 -20.70 47.84 49.35
N LYS V 183 -22.02 47.86 49.46
CA LYS V 183 -22.81 48.86 48.74
C LYS V 183 -22.43 50.27 49.17
N ALA V 184 -22.16 50.46 50.47
CA ALA V 184 -21.73 51.77 50.96
C ALA V 184 -20.41 52.19 50.33
N ASP V 185 -19.43 51.29 50.33
CA ASP V 185 -18.14 51.59 49.71
C ASP V 185 -18.27 51.75 48.19
N TYR V 186 -19.16 50.97 47.56
CA TYR V 186 -19.35 51.11 46.12
C TYR V 186 -19.95 52.46 45.77
N GLU V 187 -20.87 52.95 46.58
CA GLU V 187 -21.52 54.24 46.35
C GLU V 187 -20.69 55.40 46.88
N LYS V 188 -19.49 55.14 47.40
CA LYS V 188 -18.62 56.24 47.78
C LYS V 188 -17.96 56.83 46.55
N HIS V 189 -17.60 55.98 45.60
CA HIS V 189 -16.97 56.38 44.35
C HIS V 189 -17.91 56.02 43.19
N LYS V 190 -17.46 56.31 41.97
CA LYS V 190 -18.23 56.06 40.76
C LYS V 190 -17.40 55.44 39.64
N VAL V 191 -16.08 55.65 39.61
CA VAL V 191 -15.23 55.19 38.52
C VAL V 191 -14.48 53.95 39.01
N TYR V 192 -14.54 52.88 38.21
CA TYR V 192 -13.90 51.61 38.49
C TYR V 192 -13.14 51.11 37.28
N ALA V 193 -11.90 50.69 37.47
CA ALA V 193 -11.04 50.29 36.36
C ALA V 193 -10.38 48.95 36.66
N CYS V 194 -10.15 48.19 35.60
CA CYS V 194 -9.49 46.89 35.64
C CYS V 194 -8.29 46.97 34.70
N GLU V 195 -7.10 46.87 35.26
CA GLU V 195 -5.84 46.96 34.51
C GLU V 195 -5.31 45.55 34.30
N VAL V 196 -5.20 45.14 33.04
CA VAL V 196 -4.76 43.80 32.65
C VAL V 196 -3.37 43.88 32.06
N THR V 197 -2.48 43.02 32.55
CA THR V 197 -1.11 42.90 32.07
C THR V 197 -0.91 41.47 31.56
N HIS V 198 -0.42 41.36 30.33
CA HIS V 198 -0.25 40.10 29.63
C HIS V 198 0.88 40.21 28.62
N GLN V 199 1.44 39.06 28.26
CA GLN V 199 2.56 39.04 27.32
C GLN V 199 2.15 39.57 25.96
N GLY V 200 0.95 39.19 25.49
CA GLY V 200 0.48 39.63 24.20
C GLY V 200 0.25 41.14 24.12
N LEU V 201 -0.01 41.77 25.26
CA LEU V 201 -0.23 43.20 25.31
C LEU V 201 1.09 43.93 25.49
N SER V 202 1.39 44.86 24.56
CA SER V 202 2.60 45.66 24.68
C SER V 202 2.50 46.60 25.88
N SER V 203 1.31 47.14 26.13
CA SER V 203 1.03 48.00 27.25
C SER V 203 -0.22 47.50 27.98
N PRO V 204 -0.29 47.69 29.30
CA PRO V 204 -1.45 47.19 30.05
C PRO V 204 -2.74 47.83 29.58
N VAL V 205 -3.76 47.00 29.35
CA VAL V 205 -5.06 47.50 28.90
C VAL V 205 -5.95 47.71 30.12
N THR V 206 -6.56 48.89 30.21
CA THR V 206 -7.35 49.24 31.38
C THR V 206 -8.78 49.53 30.92
N LYS V 207 -9.69 48.62 31.22
CA LYS V 207 -11.10 48.81 30.92
C LYS V 207 -11.80 49.38 32.15
N SER V 208 -12.51 50.49 31.98
CA SER V 208 -13.08 51.20 33.11
C SER V 208 -14.50 51.64 32.79
N PHE V 209 -15.21 51.99 33.85
CA PHE V 209 -16.57 52.52 33.74
C PHE V 209 -16.86 53.52 34.86
N GLU W 1 61.13 -30.36 63.18
CA GLU W 1 60.16 -31.39 63.52
C GLU W 1 60.72 -32.79 63.23
N VAL W 2 61.16 -33.00 61.99
CA VAL W 2 61.72 -34.28 61.59
C VAL W 2 63.15 -34.37 62.11
N GLN W 3 63.44 -35.41 62.90
CA GLN W 3 64.75 -35.53 63.54
C GLN W 3 65.12 -36.99 63.74
N LEU W 4 66.40 -37.27 63.53
CA LEU W 4 67.02 -38.55 63.81
C LEU W 4 68.23 -38.28 64.69
N VAL W 5 68.24 -38.85 65.89
CA VAL W 5 69.33 -38.61 66.84
C VAL W 5 70.02 -39.93 67.16
N GLU W 6 71.24 -40.09 66.68
CA GLU W 6 72.02 -41.28 66.99
C GLU W 6 72.84 -41.05 68.25
N SER W 7 73.01 -42.12 69.02
CA SER W 7 73.70 -42.07 70.29
C SER W 7 74.33 -43.43 70.55
N GLY W 8 75.28 -43.46 71.48
CA GLY W 8 75.94 -44.68 71.87
C GLY W 8 77.35 -44.85 71.33
N GLY W 9 77.90 -43.87 70.64
CA GLY W 9 79.23 -43.95 70.10
C GLY W 9 80.29 -43.74 71.16
N GLY W 10 81.54 -43.67 70.71
CA GLY W 10 82.67 -43.43 71.60
C GLY W 10 83.84 -44.37 71.39
N LEU W 11 84.59 -44.63 72.46
CA LEU W 11 85.80 -45.42 72.40
C LEU W 11 85.51 -46.90 72.66
N VAL W 12 86.18 -47.78 71.92
CA VAL W 12 85.99 -49.22 72.10
C VAL W 12 87.24 -49.96 71.66
N ARG W 13 87.62 -50.99 72.42
CA ARG W 13 88.79 -51.79 72.12
C ARG W 13 88.54 -52.65 70.87
N PRO W 14 89.59 -52.94 70.10
CA PRO W 14 89.45 -53.76 68.88
C PRO W 14 88.97 -55.18 69.18
N GLY W 15 87.81 -55.53 68.65
CA GLY W 15 87.24 -56.84 68.79
C GLY W 15 86.06 -56.90 69.72
N ARG W 16 85.77 -55.82 70.44
CA ARG W 16 84.63 -55.75 71.35
C ARG W 16 83.32 -55.47 70.62
N SER W 17 82.37 -54.92 71.36
CA SER W 17 81.00 -54.69 70.89
C SER W 17 80.53 -53.31 71.33
N LEU W 18 79.70 -52.70 70.49
CA LEU W 18 79.11 -51.41 70.82
C LEU W 18 77.76 -51.30 70.09
N ARG W 19 76.74 -50.83 70.80
CA ARG W 19 75.39 -50.75 70.23
C ARG W 19 75.00 -49.30 70.03
N LEU W 20 74.81 -48.91 68.77
CA LEU W 20 74.34 -47.59 68.42
C LEU W 20 72.81 -47.56 68.40
N SER W 21 72.24 -46.43 68.77
CA SER W 21 70.79 -46.27 68.88
C SER W 21 70.35 -44.98 68.20
N CYS W 22 69.46 -45.09 67.22
CA CYS W 22 68.94 -43.94 66.49
C CYS W 22 67.48 -43.74 66.88
N THR W 23 67.20 -42.62 67.53
CA THR W 23 65.85 -42.28 67.95
C THR W 23 65.19 -41.38 66.90
N VAL W 24 63.98 -41.76 66.49
CA VAL W 24 63.23 -41.08 65.45
C VAL W 24 62.15 -40.22 66.10
N SER W 25 62.02 -38.98 65.64
CA SER W 25 60.97 -38.10 66.17
C SER W 25 60.53 -37.13 65.08
N GLY W 26 59.26 -37.21 64.68
CA GLY W 26 58.75 -36.27 63.70
C GLY W 26 57.88 -36.91 62.64
N PHE W 27 57.92 -38.24 62.56
CA PHE W 27 57.12 -38.98 61.59
C PHE W 27 56.88 -40.38 62.12
N SER W 28 56.11 -41.16 61.37
CA SER W 28 55.78 -42.52 61.77
C SER W 28 57.00 -43.43 61.59
N PHE W 29 57.47 -43.99 62.70
CA PHE W 29 58.63 -44.88 62.64
C PHE W 29 58.27 -46.25 62.10
N ASP W 30 57.05 -46.71 62.35
CA ASP W 30 56.65 -48.05 61.95
C ASP W 30 56.58 -48.17 60.43
N ASP W 31 56.16 -47.11 59.75
CA ASP W 31 55.94 -47.13 58.31
C ASP W 31 57.23 -46.99 57.48
N SER W 32 58.32 -46.50 58.07
CA SER W 32 59.51 -46.16 57.31
C SER W 32 60.63 -47.16 57.59
N ALA W 33 61.60 -47.16 56.68
CA ALA W 33 62.76 -48.04 56.75
C ALA W 33 64.00 -47.21 57.06
N MET W 34 64.92 -47.79 57.85
CA MET W 34 66.07 -47.05 58.34
C MET W 34 67.36 -47.63 57.78
N SER W 35 68.40 -46.81 57.72
CA SER W 35 69.69 -47.23 57.18
C SER W 35 70.83 -46.60 57.98
N TRP W 36 71.97 -47.28 57.97
CA TRP W 36 73.18 -46.83 58.65
C TRP W 36 74.28 -46.63 57.62
N VAL W 37 74.88 -45.44 57.62
CA VAL W 37 75.96 -45.08 56.70
C VAL W 37 77.08 -44.45 57.51
N ARG W 38 78.32 -44.90 57.30
CA ARG W 38 79.44 -44.37 58.05
C ARG W 38 80.44 -43.68 57.12
N GLN W 39 81.26 -42.82 57.73
CA GLN W 39 82.31 -42.11 57.02
C GLN W 39 83.58 -42.14 57.86
N ALA W 40 84.61 -42.80 57.34
CA ALA W 40 85.89 -42.87 58.02
C ALA W 40 86.62 -41.53 57.94
N PRO W 41 87.52 -41.25 58.88
CA PRO W 41 88.26 -39.99 58.83
C PRO W 41 89.06 -39.88 57.54
N GLY W 42 88.73 -38.87 56.74
CA GLY W 42 89.40 -38.63 55.48
C GLY W 42 88.82 -39.38 54.30
N LYS W 43 88.04 -40.43 54.55
CA LYS W 43 87.45 -41.23 53.49
C LYS W 43 86.02 -40.81 53.21
N GLY W 44 85.48 -41.34 52.12
CA GLY W 44 84.14 -41.00 51.68
C GLY W 44 83.07 -41.75 52.45
N LEU W 45 81.85 -41.65 51.91
CA LEU W 45 80.70 -42.30 52.50
C LEU W 45 80.67 -43.77 52.13
N GLU W 46 80.29 -44.62 53.09
CA GLU W 46 80.16 -46.05 52.87
C GLU W 46 78.79 -46.49 53.39
N TRP W 47 78.00 -47.10 52.50
CA TRP W 47 76.72 -47.64 52.93
C TRP W 47 76.95 -48.92 53.72
N ILE W 48 76.33 -49.01 54.89
CA ILE W 48 76.59 -50.09 55.83
C ILE W 48 75.39 -51.02 55.96
N SER W 49 74.25 -50.51 56.45
CA SER W 49 73.15 -51.40 56.75
C SER W 49 71.81 -50.76 56.41
N PHE W 50 70.77 -51.59 56.45
CA PHE W 50 69.43 -51.18 56.06
C PHE W 50 68.43 -52.16 56.65
N ILE W 51 67.39 -51.65 57.30
CA ILE W 51 66.29 -52.48 57.77
C ILE W 51 65.01 -51.92 57.19
N LYS W 52 64.20 -52.82 56.61
CA LYS W 52 62.96 -52.43 55.95
C LYS W 52 61.87 -52.20 56.99
N SER W 53 60.77 -51.62 56.53
CA SER W 53 59.64 -51.37 57.42
C SER W 53 58.97 -52.68 57.79
N LYS W 54 58.16 -52.63 58.85
CA LYS W 54 57.41 -53.81 59.26
C LYS W 54 56.42 -54.26 58.18
N THR W 55 55.85 -53.30 57.44
CA THR W 55 54.88 -53.62 56.41
C THR W 55 55.45 -54.48 55.28
N TYR W 56 56.74 -54.35 54.99
CA TYR W 56 57.33 -55.02 53.84
C TYR W 56 58.27 -56.16 54.23
N GLY W 57 58.04 -56.77 55.38
CA GLY W 57 58.85 -57.93 55.71
C GLY W 57 59.54 -57.81 57.05
N GLY W 58 60.40 -56.80 57.14
CA GLY W 58 61.27 -56.61 58.28
C GLY W 58 62.68 -57.02 57.92
N THR W 59 63.03 -56.93 56.64
CA THR W 59 64.21 -57.57 56.08
C THR W 59 65.45 -56.71 56.31
N LYS W 60 66.44 -57.29 56.97
CA LYS W 60 67.71 -56.62 57.22
C LYS W 60 68.68 -56.94 56.10
N GLU W 61 69.21 -55.91 55.45
CA GLU W 61 70.18 -56.04 54.37
C GLU W 61 71.47 -55.33 54.77
N TYR W 62 72.59 -56.04 54.70
CA TYR W 62 73.88 -55.52 55.11
C TYR W 62 74.82 -55.37 53.91
N ALA W 63 75.95 -54.70 54.18
CA ALA W 63 77.03 -54.51 53.22
C ALA W 63 78.08 -55.60 53.40
N ALA W 64 78.95 -55.72 52.40
CA ALA W 64 79.96 -56.78 52.41
C ALA W 64 80.97 -56.60 53.53
N SER W 65 81.31 -55.36 53.88
CA SER W 65 82.34 -55.12 54.86
C SER W 65 81.90 -55.48 56.27
N VAL W 66 80.59 -55.47 56.54
CA VAL W 66 80.06 -55.69 57.88
C VAL W 66 79.15 -56.90 57.96
N LYS W 67 78.99 -57.66 56.88
CA LYS W 67 78.11 -58.82 56.90
C LYS W 67 78.68 -59.87 57.84
N GLY W 68 77.85 -60.32 58.78
CA GLY W 68 78.28 -61.28 59.78
C GLY W 68 78.83 -60.67 61.05
N ARG W 69 79.26 -59.41 61.00
CA ARG W 69 79.78 -58.74 62.19
C ARG W 69 78.76 -57.79 62.80
N PHE W 70 78.09 -56.99 61.97
CA PHE W 70 77.09 -56.03 62.41
C PHE W 70 75.69 -56.62 62.29
N THR W 71 74.76 -56.06 63.09
CA THR W 71 73.38 -56.51 63.12
C THR W 71 72.47 -55.30 63.30
N ILE W 72 71.55 -55.09 62.37
CA ILE W 72 70.63 -53.97 62.47
C ILE W 72 69.33 -54.50 63.05
N SER W 73 68.63 -53.64 63.77
CA SER W 73 67.36 -54.02 64.39
C SER W 73 66.53 -52.76 64.60
N ARG W 74 65.25 -52.96 64.93
CA ARG W 74 64.39 -51.84 65.23
C ARG W 74 63.40 -52.23 66.32
N ASP W 75 63.04 -51.24 67.13
CA ASP W 75 62.03 -51.37 68.18
C ASP W 75 60.99 -50.30 67.86
N ASP W 76 59.89 -50.77 67.28
CA ASP W 76 58.76 -49.94 66.86
C ASP W 76 57.98 -49.39 68.03
N SER W 77 58.10 -50.01 69.21
CA SER W 77 57.32 -49.56 70.37
C SER W 77 57.80 -48.21 70.88
N LYS W 78 59.10 -47.90 70.75
CA LYS W 78 59.64 -46.66 71.29
C LYS W 78 60.29 -45.79 70.22
N ASN W 79 60.04 -46.08 68.94
CA ASN W 79 60.61 -45.33 67.83
C ASN W 79 62.14 -45.28 67.93
N ILE W 80 62.76 -46.44 67.81
CA ILE W 80 64.21 -46.48 67.89
C ILE W 80 64.72 -47.61 67.01
N ALA W 81 65.93 -47.42 66.47
CA ALA W 81 66.57 -48.40 65.60
C ALA W 81 68.00 -48.61 66.05
N TYR W 82 68.37 -49.87 66.28
CA TYR W 82 69.66 -50.20 66.82
C TYR W 82 70.59 -50.76 65.76
N LEU W 83 71.89 -50.58 66.01
CA LEU W 83 72.96 -51.14 65.18
C LEU W 83 73.98 -51.76 66.15
N GLN W 84 73.94 -53.07 66.27
CA GLN W 84 74.85 -53.83 67.12
C GLN W 84 76.13 -54.10 66.33
N MET W 85 77.25 -53.54 66.78
CA MET W 85 78.53 -53.73 66.13
C MET W 85 79.33 -54.71 66.98
N ASN W 86 79.49 -55.92 66.47
CA ASN W 86 80.25 -56.98 67.12
C ASN W 86 81.48 -57.30 66.31
N SER W 87 82.50 -57.84 66.99
CA SER W 87 83.77 -58.19 66.36
C SER W 87 84.33 -56.99 65.59
N LEU W 88 84.56 -55.92 66.33
CA LEU W 88 84.98 -54.67 65.76
C LEU W 88 86.43 -54.71 65.33
N LYS W 89 86.72 -54.11 64.18
CA LYS W 89 88.08 -53.95 63.69
C LYS W 89 88.52 -52.51 63.89
N THR W 90 89.81 -52.27 63.66
CA THR W 90 90.31 -50.91 63.70
C THR W 90 89.81 -50.08 62.53
N GLU W 91 89.40 -50.74 61.44
CA GLU W 91 88.87 -50.06 60.27
C GLU W 91 87.53 -49.40 60.53
N ASP W 92 86.82 -49.81 61.57
CA ASP W 92 85.48 -49.30 61.86
C ASP W 92 85.47 -47.92 62.49
N THR W 93 86.63 -47.32 62.79
CA THR W 93 86.67 -45.97 63.31
C THR W 93 86.10 -44.98 62.30
N ALA W 94 84.96 -44.36 62.63
CA ALA W 94 84.28 -43.51 61.65
C ALA W 94 83.16 -42.76 62.37
N VAL W 95 82.51 -41.87 61.61
CA VAL W 95 81.29 -41.20 62.04
C VAL W 95 80.12 -41.96 61.47
N TYR W 96 79.21 -42.41 62.33
CA TYR W 96 78.06 -43.22 61.94
C TYR W 96 76.82 -42.33 61.90
N TYR W 97 76.19 -42.27 60.73
CA TYR W 97 74.97 -41.51 60.48
C TYR W 97 73.79 -42.47 60.33
N CYS W 98 72.65 -42.02 60.83
CA CYS W 98 71.38 -42.72 60.73
C CYS W 98 70.51 -42.01 59.70
N THR W 99 69.99 -42.77 58.73
CA THR W 99 69.24 -42.21 57.62
C THR W 99 67.91 -42.94 57.50
N ARG W 100 67.00 -42.37 56.71
CA ARG W 100 65.72 -42.99 56.41
C ARG W 100 65.63 -43.22 54.91
N GLY W 101 65.37 -44.46 54.51
CA GLY W 101 65.19 -44.76 53.10
C GLY W 101 63.83 -44.27 52.62
N ALA W 102 63.82 -43.53 51.52
CA ALA W 102 62.61 -42.90 51.01
C ALA W 102 61.99 -43.77 49.92
N PRO W 103 60.78 -44.29 50.12
CA PRO W 103 60.17 -45.16 49.12
C PRO W 103 59.84 -44.44 47.83
N TYR W 104 59.84 -45.21 46.73
CA TYR W 104 59.61 -44.65 45.40
C TYR W 104 58.25 -43.96 45.28
N GLY W 105 57.31 -44.28 46.17
CA GLY W 105 56.06 -43.56 46.26
C GLY W 105 55.84 -43.16 47.70
N GLY W 106 54.59 -42.94 48.09
CA GLY W 106 54.31 -42.76 49.51
C GLY W 106 54.74 -43.97 50.31
N ASN W 107 54.44 -45.17 49.79
CA ASN W 107 54.87 -46.44 50.40
C ASN W 107 55.16 -47.43 49.28
N SER W 108 56.40 -47.90 49.22
CA SER W 108 56.82 -48.87 48.22
C SER W 108 58.10 -49.51 48.70
N ASP W 109 58.31 -50.77 48.32
CA ASP W 109 59.51 -51.49 48.74
C ASP W 109 60.71 -51.18 47.87
N TYR W 110 60.64 -50.14 47.04
CA TYR W 110 61.77 -49.67 46.25
C TYR W 110 62.08 -48.23 46.65
N TYR W 111 63.35 -47.96 46.91
CA TYR W 111 63.79 -46.70 47.50
C TYR W 111 64.66 -45.93 46.54
N TYR W 112 64.49 -44.61 46.52
CA TYR W 112 65.23 -43.76 45.58
C TYR W 112 66.35 -42.97 46.23
N GLY W 113 66.35 -42.82 47.55
CA GLY W 113 67.34 -42.00 48.21
C GLY W 113 67.16 -42.08 49.72
N LEU W 114 68.03 -41.35 50.41
CA LEU W 114 67.99 -41.23 51.87
C LEU W 114 67.50 -39.82 52.22
N ASP W 115 66.24 -39.72 52.62
CA ASP W 115 65.61 -38.42 52.91
C ASP W 115 66.24 -37.71 54.10
N VAL W 116 66.02 -38.23 55.29
CA VAL W 116 66.43 -37.58 56.53
C VAL W 116 67.77 -38.17 56.97
N TRP W 117 68.62 -37.31 57.54
CA TRP W 117 69.93 -37.70 58.02
C TRP W 117 70.09 -37.27 59.47
N GLY W 118 70.64 -38.16 60.29
CA GLY W 118 71.08 -37.78 61.61
C GLY W 118 72.38 -36.98 61.56
N GLN W 119 72.72 -36.36 62.69
CA GLN W 119 73.93 -35.58 62.73
C GLN W 119 75.19 -36.43 62.87
N GLY W 120 75.05 -37.68 63.30
CA GLY W 120 76.15 -38.62 63.34
C GLY W 120 76.78 -38.72 64.73
N THR W 121 77.38 -39.88 65.00
CA THR W 121 78.12 -40.12 66.24
C THR W 121 79.48 -40.72 65.90
N THR W 122 80.51 -40.30 66.63
CA THR W 122 81.88 -40.72 66.33
C THR W 122 82.24 -41.97 67.11
N VAL W 123 82.81 -42.95 66.40
CA VAL W 123 83.23 -44.22 66.99
C VAL W 123 84.73 -44.38 66.73
N THR W 124 85.50 -44.56 67.80
CA THR W 124 86.95 -44.75 67.74
C THR W 124 87.25 -46.14 68.27
N VAL W 125 87.86 -46.97 67.42
CA VAL W 125 88.26 -48.33 67.78
C VAL W 125 89.78 -48.36 67.80
N SER W 126 90.37 -48.34 68.99
CA SER W 126 91.82 -48.43 69.10
C SER W 126 92.18 -49.00 70.47
N SER W 127 93.22 -49.84 70.50
CA SER W 127 93.72 -50.45 71.73
C SER W 127 94.58 -49.53 72.57
N ALA W 128 94.94 -48.36 72.07
CA ALA W 128 95.91 -47.52 72.77
C ALA W 128 95.26 -46.87 73.99
N SER W 129 96.08 -46.56 74.97
CA SER W 129 95.61 -46.03 76.24
C SER W 129 95.68 -44.51 76.24
N THR W 130 94.84 -43.91 77.07
CA THR W 130 94.78 -42.46 77.16
C THR W 130 96.15 -41.91 77.57
N LYS W 131 96.66 -40.98 76.76
CA LYS W 131 97.99 -40.43 76.96
C LYS W 131 97.99 -38.95 76.61
N GLY W 132 98.64 -38.16 77.45
CA GLY W 132 98.80 -36.74 77.19
C GLY W 132 99.82 -36.54 76.09
N PRO W 133 99.87 -35.33 75.54
CA PRO W 133 100.77 -35.07 74.42
C PRO W 133 102.14 -34.55 74.87
N SER W 134 103.11 -34.70 73.97
CA SER W 134 104.44 -34.15 74.17
C SER W 134 104.62 -32.98 73.20
N VAL W 135 104.90 -31.80 73.75
CA VAL W 135 105.03 -30.58 72.96
C VAL W 135 106.51 -30.27 72.75
N PHE W 136 106.90 -30.10 71.48
CA PHE W 136 108.26 -29.78 71.11
C PHE W 136 108.30 -28.51 70.27
N PRO W 137 109.26 -27.63 70.50
CA PRO W 137 109.29 -26.37 69.76
C PRO W 137 109.82 -26.57 68.35
N LEU W 138 109.17 -25.92 67.39
CA LEU W 138 109.65 -25.83 66.02
C LEU W 138 110.24 -24.43 65.88
N ALA W 139 111.51 -24.30 66.24
CA ALA W 139 112.21 -23.04 66.29
C ALA W 139 112.61 -22.58 64.89
N PRO W 140 112.65 -21.27 64.65
CA PRO W 140 113.01 -20.80 63.31
C PRO W 140 114.52 -20.75 63.11
N SER W 141 114.96 -20.20 61.97
CA SER W 141 116.38 -20.14 61.66
C SER W 141 116.64 -18.90 60.82
N SER W 142 117.85 -18.37 60.90
CA SER W 142 118.25 -17.19 60.15
C SER W 142 118.38 -17.48 58.66
N GLY W 148 112.25 -12.16 54.80
CA GLY W 148 111.37 -11.12 55.27
C GLY W 148 110.51 -11.52 56.46
N THR W 149 109.90 -12.69 56.38
CA THR W 149 109.04 -13.20 57.44
C THR W 149 109.58 -14.54 57.92
N ALA W 150 109.50 -14.80 59.23
CA ALA W 150 109.98 -16.06 59.78
C ALA W 150 108.79 -16.90 60.22
N ALA W 151 109.02 -18.21 60.32
CA ALA W 151 107.97 -19.15 60.70
C ALA W 151 108.44 -19.97 61.89
N LEU W 152 107.54 -20.15 62.87
CA LEU W 152 107.83 -20.97 64.03
C LEU W 152 106.57 -21.72 64.42
N GLY W 153 106.72 -22.72 65.29
CA GLY W 153 105.55 -23.49 65.65
C GLY W 153 105.78 -24.44 66.79
N CYS W 154 104.81 -25.35 66.96
CA CYS W 154 104.85 -26.39 67.98
C CYS W 154 104.45 -27.72 67.36
N LEU W 155 105.09 -28.78 67.84
CA LEU W 155 104.83 -30.16 67.43
C LEU W 155 104.21 -30.90 68.61
N VAL W 156 102.92 -31.20 68.51
CA VAL W 156 102.17 -31.93 69.53
C VAL W 156 102.15 -33.40 69.09
N LYS W 157 103.01 -34.22 69.71
CA LYS W 157 103.25 -35.59 69.28
C LYS W 157 102.76 -36.58 70.32
N ASP W 158 102.32 -37.75 69.84
CA ASP W 158 102.06 -38.92 70.66
C ASP W 158 101.03 -38.64 71.75
N TYR W 159 99.76 -38.63 71.38
CA TYR W 159 98.69 -38.44 72.35
C TYR W 159 97.48 -39.24 71.90
N PHE W 160 96.61 -39.56 72.87
CA PHE W 160 95.41 -40.34 72.58
C PHE W 160 94.40 -40.10 73.68
N PRO W 161 93.11 -39.92 73.34
CA PRO W 161 92.62 -39.83 71.97
C PRO W 161 92.44 -38.38 71.50
N GLU W 162 91.76 -38.21 70.37
CA GLU W 162 91.41 -36.88 69.90
C GLU W 162 90.49 -36.19 70.90
N PRO W 163 90.48 -34.84 70.92
CA PRO W 163 91.32 -33.92 70.16
C PRO W 163 92.24 -33.09 71.06
N VAL W 164 92.94 -32.12 70.48
CA VAL W 164 93.73 -31.15 71.22
C VAL W 164 93.44 -29.76 70.66
N THR W 165 93.41 -28.77 71.54
CA THR W 165 93.23 -27.38 71.14
C THR W 165 94.53 -26.63 71.35
N VAL W 166 95.00 -25.94 70.31
CA VAL W 166 96.25 -25.20 70.35
C VAL W 166 95.96 -23.73 70.11
N SER W 167 96.43 -22.89 71.02
CA SER W 167 96.30 -21.44 70.87
C SER W 167 97.69 -20.83 71.01
N TRP W 168 97.84 -19.62 70.49
CA TRP W 168 99.13 -18.95 70.50
C TRP W 168 99.06 -17.67 71.31
N ASN W 169 99.99 -17.53 72.25
CA ASN W 169 100.08 -16.35 73.11
C ASN W 169 98.76 -16.11 73.85
N SER W 170 98.17 -17.20 74.35
CA SER W 170 96.95 -17.17 75.16
C SER W 170 95.77 -16.58 74.39
N GLY W 171 95.80 -16.67 73.06
CA GLY W 171 94.72 -16.17 72.24
C GLY W 171 94.98 -14.84 71.58
N ALA W 172 96.13 -14.21 71.87
CA ALA W 172 96.41 -12.91 71.27
C ALA W 172 96.83 -13.05 69.81
N LEU W 173 97.63 -14.06 69.50
CA LEU W 173 98.12 -14.28 68.14
C LEU W 173 97.14 -15.20 67.41
N THR W 174 96.55 -14.70 66.34
CA THR W 174 95.58 -15.45 65.53
C THR W 174 95.88 -15.37 64.05
N SER W 175 96.35 -14.22 63.55
CA SER W 175 96.60 -14.07 62.12
C SER W 175 97.82 -14.87 61.72
N GLY W 176 97.68 -15.65 60.63
CA GLY W 176 98.77 -16.45 60.11
C GLY W 176 99.02 -17.75 60.83
N VAL W 177 98.08 -18.21 61.67
CA VAL W 177 98.24 -19.44 62.42
C VAL W 177 97.58 -20.58 61.64
N HIS W 178 98.28 -21.70 61.53
CA HIS W 178 97.76 -22.90 60.85
C HIS W 178 97.98 -24.09 61.78
N THR W 179 96.90 -24.55 62.39
CA THR W 179 96.92 -25.76 63.20
C THR W 179 96.47 -26.94 62.33
N PHE W 180 97.42 -27.78 61.95
CA PHE W 180 97.14 -28.85 61.00
C PHE W 180 96.23 -29.90 61.63
N PRO W 181 95.44 -30.61 60.82
CA PRO W 181 94.61 -31.70 61.35
C PRO W 181 95.47 -32.83 61.89
N ALA W 182 94.93 -33.54 62.87
CA ALA W 182 95.68 -34.61 63.51
C ALA W 182 95.93 -35.73 62.52
N VAL W 183 97.04 -36.43 62.71
CA VAL W 183 97.41 -37.57 61.89
C VAL W 183 97.73 -38.75 62.80
N LEU W 184 97.10 -39.89 62.51
CA LEU W 184 97.32 -41.10 63.30
C LEU W 184 98.61 -41.78 62.83
N GLN W 185 99.57 -41.93 63.75
CA GLN W 185 100.84 -42.54 63.41
C GLN W 185 100.71 -44.07 63.36
N SER W 186 101.78 -44.70 62.87
CA SER W 186 101.79 -46.16 62.76
C SER W 186 101.72 -46.82 64.12
N SER W 187 102.08 -46.11 65.18
CA SER W 187 102.03 -46.63 66.54
C SER W 187 100.63 -46.57 67.14
N GLY W 188 99.67 -45.98 66.44
CA GLY W 188 98.32 -45.86 66.95
C GLY W 188 98.02 -44.58 67.70
N LEU W 189 98.99 -43.69 67.87
CA LEU W 189 98.79 -42.40 68.53
C LEU W 189 98.79 -41.28 67.50
N TYR W 190 98.16 -40.17 67.88
CA TYR W 190 98.02 -39.04 66.98
C TYR W 190 99.20 -38.07 67.12
N SER W 191 99.34 -37.20 66.12
CA SER W 191 100.42 -36.22 66.12
C SER W 191 100.08 -35.11 65.13
N LEU W 192 100.05 -33.87 65.61
CA LEU W 192 99.80 -32.72 64.75
C LEU W 192 100.83 -31.64 65.03
N SER W 193 100.84 -30.63 64.17
CA SER W 193 101.74 -29.50 64.29
C SER W 193 100.96 -28.21 64.05
N SER W 194 101.27 -27.18 64.82
CA SER W 194 100.63 -25.88 64.69
C SER W 194 101.72 -24.84 64.45
N VAL W 195 101.68 -24.19 63.29
CA VAL W 195 102.71 -23.26 62.89
C VAL W 195 102.11 -21.87 62.78
N VAL W 196 102.99 -20.87 62.65
CA VAL W 196 102.58 -19.47 62.54
C VAL W 196 103.74 -18.67 61.97
N THR W 197 103.44 -17.76 61.06
CA THR W 197 104.41 -16.84 60.48
C THR W 197 104.33 -15.49 61.18
N VAL W 198 105.48 -14.98 61.59
CA VAL W 198 105.57 -13.69 62.26
C VAL W 198 106.67 -12.87 61.60
N PRO W 199 106.61 -11.54 61.73
CA PRO W 199 107.70 -10.71 61.20
C PRO W 199 109.01 -11.02 61.91
N SER W 200 110.10 -10.98 61.14
CA SER W 200 111.39 -11.34 61.70
C SER W 200 111.85 -10.31 62.72
N SER W 201 111.48 -9.04 62.54
CA SER W 201 111.98 -7.97 63.40
C SER W 201 111.38 -8.05 64.79
N SER W 202 110.28 -8.77 64.96
CA SER W 202 109.66 -8.93 66.26
C SER W 202 110.20 -10.14 67.01
N LEU W 203 111.16 -10.88 66.43
CA LEU W 203 111.68 -12.05 67.13
C LEU W 203 112.47 -11.65 68.38
N GLY W 204 113.27 -10.58 68.29
CA GLY W 204 114.08 -10.19 69.42
C GLY W 204 113.28 -9.56 70.55
N THR W 205 112.07 -9.09 70.27
CA THR W 205 111.24 -8.40 71.25
C THR W 205 110.04 -9.22 71.71
N GLN W 206 109.27 -9.79 70.77
CA GLN W 206 108.04 -10.50 71.10
C GLN W 206 108.30 -11.95 71.48
N THR W 207 107.55 -12.42 72.48
CA THR W 207 107.62 -13.80 72.95
C THR W 207 106.50 -14.61 72.32
N TYR W 208 106.83 -15.81 71.84
CA TYR W 208 105.84 -16.70 71.25
C TYR W 208 105.77 -17.99 72.06
N ILE W 209 104.61 -18.24 72.66
CA ILE W 209 104.37 -19.43 73.49
C ILE W 209 103.10 -20.08 73.00
N CYS W 210 103.17 -21.37 72.68
CA CYS W 210 101.98 -22.12 72.30
C CYS W 210 101.39 -22.83 73.51
N ASN W 211 100.06 -22.81 73.60
CA ASN W 211 99.29 -23.41 74.69
C ASN W 211 98.52 -24.58 74.09
N VAL W 212 98.90 -25.79 74.49
CA VAL W 212 98.29 -27.02 74.00
C VAL W 212 97.45 -27.62 75.12
N ASN W 213 96.18 -27.91 74.81
CA ASN W 213 95.22 -28.41 75.78
C ASN W 213 94.69 -29.76 75.30
N HIS W 214 94.73 -30.75 76.19
CA HIS W 214 94.29 -32.13 75.95
C HIS W 214 93.40 -32.52 77.12
N LYS W 215 92.09 -32.30 76.95
CA LYS W 215 91.15 -32.57 78.03
C LYS W 215 91.04 -34.05 78.42
N PRO W 216 91.05 -35.02 77.49
CA PRO W 216 90.90 -36.42 77.92
C PRO W 216 91.93 -36.87 78.96
N SER W 217 93.09 -36.23 79.01
CA SER W 217 94.10 -36.49 80.03
C SER W 217 94.26 -35.33 81.00
N ASN W 218 93.49 -34.25 80.83
CA ASN W 218 93.61 -33.06 81.67
C ASN W 218 95.05 -32.54 81.66
N THR W 219 95.52 -32.22 80.46
CA THR W 219 96.89 -31.80 80.23
C THR W 219 96.92 -30.41 79.59
N LYS W 220 97.49 -29.45 80.30
CA LYS W 220 97.74 -28.11 79.78
C LYS W 220 99.25 -27.90 79.74
N VAL W 221 99.80 -27.65 78.56
CA VAL W 221 101.24 -27.47 78.39
C VAL W 221 101.50 -26.19 77.60
N ASP W 222 102.32 -25.31 78.15
CA ASP W 222 102.75 -24.08 77.50
C ASP W 222 104.22 -24.22 77.12
N LYS W 223 104.51 -24.16 75.82
CA LYS W 223 105.88 -24.28 75.32
C LYS W 223 106.30 -22.94 74.72
N LYS W 224 107.36 -22.37 75.28
CA LYS W 224 107.96 -21.16 74.74
C LYS W 224 108.85 -21.54 73.56
N VAL W 225 108.61 -20.94 72.41
CA VAL W 225 109.34 -21.26 71.19
C VAL W 225 110.37 -20.17 70.97
N GLU W 226 111.64 -20.53 71.08
CA GLU W 226 112.74 -19.62 70.84
C GLU W 226 113.81 -20.35 70.05
N PRO W 227 114.53 -19.65 69.17
CA PRO W 227 115.56 -20.31 68.34
C PRO W 227 116.74 -20.85 69.14
N LYS W 228 117.82 -21.17 68.43
CA LYS W 228 119.04 -21.66 69.06
C LYS W 228 120.22 -20.77 68.70
N SER W 229 121.46 -21.26 68.89
CA SER W 229 122.65 -20.44 68.74
C SER W 229 123.13 -20.34 67.29
N CYS W 230 122.65 -21.21 66.40
CA CYS W 230 123.09 -21.17 65.00
C CYS W 230 122.06 -21.81 64.07
N ASP X 1 77.74 -56.87 43.66
CA ASP X 1 77.64 -55.44 43.90
C ASP X 1 77.87 -54.65 42.61
N ILE X 2 77.40 -53.40 42.59
CA ILE X 2 77.56 -52.51 41.44
C ILE X 2 78.66 -51.50 41.76
N GLN X 3 79.57 -51.30 40.82
CA GLN X 3 80.71 -50.42 41.02
C GLN X 3 80.39 -48.99 40.61
N MET X 4 80.73 -48.04 41.47
CA MET X 4 80.53 -46.63 41.16
C MET X 4 81.87 -45.98 40.90
N THR X 5 81.90 -45.03 39.96
CA THR X 5 83.12 -44.32 39.60
C THR X 5 82.73 -42.86 39.37
N GLN X 6 83.08 -42.00 40.32
CA GLN X 6 82.77 -40.59 40.25
C GLN X 6 83.96 -39.82 39.66
N SER X 7 83.66 -38.87 38.77
CA SER X 7 84.68 -38.12 38.03
C SER X 7 84.27 -36.65 37.90
N PRO X 8 85.18 -35.72 38.19
CA PRO X 8 86.54 -35.93 38.67
C PRO X 8 86.62 -35.97 40.19
N SER X 9 87.80 -36.30 40.73
CA SER X 9 87.96 -36.30 42.18
C SER X 9 88.05 -34.90 42.77
N SER X 10 88.65 -33.96 42.03
CA SER X 10 88.72 -32.56 42.44
C SER X 10 88.30 -31.67 41.29
N LEU X 11 87.61 -30.57 41.61
CA LEU X 11 87.16 -29.63 40.60
C LEU X 11 87.34 -28.21 41.11
N SER X 12 88.07 -27.40 40.37
CA SER X 12 88.30 -26.00 40.71
C SER X 12 87.44 -25.10 39.81
N ALA X 13 86.66 -24.22 40.43
CA ALA X 13 85.79 -23.32 39.69
C ALA X 13 85.51 -22.09 40.53
N SER X 14 85.16 -20.99 39.86
CA SER X 14 84.84 -19.75 40.53
C SER X 14 83.33 -19.62 40.66
N VAL X 15 82.89 -18.52 41.32
CA VAL X 15 81.48 -18.28 41.50
C VAL X 15 80.88 -17.80 40.17
N GLY X 16 79.70 -18.33 39.84
CA GLY X 16 79.04 -18.02 38.59
C GLY X 16 79.39 -18.93 37.44
N ASP X 17 80.29 -19.89 37.64
CA ASP X 17 80.67 -20.83 36.59
C ASP X 17 79.64 -21.96 36.51
N ARG X 18 79.75 -22.76 35.45
CA ARG X 18 78.89 -23.91 35.22
C ARG X 18 79.72 -25.17 35.35
N VAL X 19 79.37 -26.03 36.31
CA VAL X 19 80.16 -27.22 36.60
C VAL X 19 79.30 -28.46 36.35
N THR X 20 79.99 -29.57 36.09
CA THR X 20 79.36 -30.85 35.77
C THR X 20 80.18 -31.98 36.38
N ILE X 21 79.56 -32.74 37.28
CA ILE X 21 80.14 -33.93 37.88
C ILE X 21 79.51 -35.16 37.23
N THR X 22 80.30 -36.22 37.04
CA THR X 22 79.87 -37.42 36.36
C THR X 22 79.97 -38.61 37.30
N CYS X 23 79.00 -39.52 37.20
CA CYS X 23 78.96 -40.75 37.97
C CYS X 23 78.68 -41.88 37.00
N ARG X 24 79.65 -42.80 36.85
CA ARG X 24 79.50 -43.97 36.02
C ARG X 24 79.19 -45.18 36.88
N THR X 25 78.29 -46.02 36.39
CA THR X 25 77.95 -47.26 37.06
C THR X 25 78.38 -48.43 36.17
N SER X 26 78.48 -49.61 36.77
CA SER X 26 78.92 -50.78 36.03
C SER X 26 77.78 -51.46 35.29
N GLN X 27 76.57 -51.38 35.81
CA GLN X 27 75.38 -51.98 35.24
C GLN X 27 74.39 -50.87 34.88
N ASP X 28 73.27 -51.27 34.31
CA ASP X 28 72.17 -50.35 34.05
C ASP X 28 71.34 -50.19 35.33
N VAL X 29 71.47 -49.05 35.99
CA VAL X 29 70.75 -48.84 37.25
C VAL X 29 69.30 -48.47 37.03
N ARG X 30 68.88 -48.34 35.78
CA ARG X 30 67.49 -48.01 35.43
C ARG X 30 67.02 -46.73 36.13
N GLY X 31 67.90 -45.74 36.17
CA GLY X 31 67.58 -44.46 36.79
C GLY X 31 67.28 -44.53 38.26
N ALA X 32 68.16 -45.19 39.02
CA ALA X 32 68.01 -45.28 40.47
C ALA X 32 69.23 -44.61 41.08
N LEU X 33 69.49 -43.39 40.63
CA LEU X 33 70.66 -42.61 41.02
C LEU X 33 70.26 -41.59 42.08
N ALA X 34 71.17 -41.34 43.02
CA ALA X 34 70.96 -40.31 44.02
C ALA X 34 72.20 -39.43 44.12
N TRP X 35 71.98 -38.12 44.24
CA TRP X 35 73.03 -37.14 44.44
C TRP X 35 72.85 -36.45 45.79
N TYR X 36 73.95 -36.42 46.56
CA TYR X 36 74.06 -35.87 47.89
C TYR X 36 75.15 -34.81 47.93
N GLN X 37 74.92 -33.80 48.79
CA GLN X 37 75.86 -32.71 49.05
C GLN X 37 76.26 -32.79 50.51
N GLN X 38 77.56 -32.91 50.77
CA GLN X 38 78.09 -32.93 52.13
C GLN X 38 79.07 -31.79 52.29
N LYS X 39 78.72 -30.83 53.14
CA LYS X 39 79.66 -29.81 53.56
C LYS X 39 80.58 -30.38 54.64
N PRO X 40 81.80 -29.85 54.77
CA PRO X 40 82.78 -30.47 55.67
C PRO X 40 82.27 -30.57 57.10
N GLY X 41 82.23 -31.80 57.61
CA GLY X 41 81.83 -32.09 58.96
C GLY X 41 80.33 -32.33 59.16
N LYS X 42 79.49 -31.75 58.30
CA LYS X 42 78.05 -31.84 58.47
C LYS X 42 77.48 -33.03 57.71
N ALA X 43 76.23 -33.37 58.02
CA ALA X 43 75.58 -34.50 57.40
C ALA X 43 75.24 -34.19 55.95
N PRO X 44 75.26 -35.20 55.07
CA PRO X 44 74.90 -34.98 53.68
C PRO X 44 73.45 -34.56 53.51
N LYS X 45 73.16 -33.96 52.35
CA LYS X 45 71.82 -33.49 52.02
C LYS X 45 71.43 -34.08 50.67
N LEU X 46 70.27 -34.74 50.63
CA LEU X 46 69.79 -35.31 49.38
C LEU X 46 69.37 -34.19 48.44
N LEU X 47 70.07 -34.06 47.31
CA LEU X 47 69.77 -33.05 46.31
C LEU X 47 68.91 -33.62 45.19
N ILE X 48 69.38 -34.67 44.54
CA ILE X 48 68.67 -35.17 43.37
C ILE X 48 68.42 -36.66 43.52
N PHE X 49 67.20 -37.08 43.24
CA PHE X 49 66.88 -38.51 43.22
C PHE X 49 66.31 -38.90 41.86
N ASP X 50 66.02 -40.19 41.71
CA ASP X 50 65.68 -40.76 40.39
C ASP X 50 66.87 -40.42 39.48
N ALA X 51 66.65 -39.88 38.29
CA ALA X 51 67.76 -39.37 37.48
C ALA X 51 67.88 -37.85 37.54
N SER X 52 66.77 -37.16 37.32
CA SER X 52 66.73 -35.71 37.25
C SER X 52 65.81 -35.08 38.27
N SER X 53 64.97 -35.86 38.94
CA SER X 53 64.00 -35.29 39.87
C SER X 53 64.73 -34.60 41.01
N LEU X 54 64.25 -33.41 41.34
CA LEU X 54 64.89 -32.55 42.33
C LEU X 54 64.13 -32.65 43.64
N GLU X 55 64.86 -32.82 44.74
CA GLU X 55 64.22 -32.88 46.03
C GLU X 55 63.64 -31.51 46.39
N THR X 56 62.55 -31.52 47.15
CA THR X 56 61.93 -30.27 47.58
C THR X 56 62.91 -29.45 48.42
N GLY X 57 62.98 -28.16 48.13
CA GLY X 57 63.88 -27.26 48.85
C GLY X 57 65.26 -27.10 48.22
N VAL X 58 65.52 -27.73 47.08
CA VAL X 58 66.79 -27.61 46.39
C VAL X 58 66.69 -26.48 45.37
N PRO X 59 67.69 -25.60 45.29
CA PRO X 59 67.61 -24.50 44.32
C PRO X 59 67.53 -25.00 42.89
N SER X 60 67.09 -24.10 42.01
CA SER X 60 66.88 -24.42 40.60
C SER X 60 68.17 -24.59 39.83
N ARG X 61 69.31 -24.13 40.37
CA ARG X 61 70.57 -24.23 39.66
C ARG X 61 71.08 -25.66 39.57
N PHE X 62 70.55 -26.57 40.39
CA PHE X 62 70.93 -27.98 40.34
C PHE X 62 70.11 -28.73 39.30
N SER X 63 70.80 -29.37 38.36
CA SER X 63 70.18 -30.10 37.27
C SER X 63 70.67 -31.54 37.28
N GLY X 64 69.75 -32.48 37.05
CA GLY X 64 70.09 -33.89 36.94
C GLY X 64 69.81 -34.39 35.55
N SER X 65 70.70 -35.22 35.04
CA SER X 65 70.54 -35.80 33.70
C SER X 65 71.26 -37.14 33.67
N GLY X 66 71.30 -37.74 32.49
CA GLY X 66 71.90 -39.04 32.30
C GLY X 66 70.88 -40.17 32.35
N SER X 67 71.31 -41.33 31.84
CA SER X 67 70.43 -42.50 31.78
C SER X 67 71.28 -43.73 31.55
N GLY X 68 70.92 -44.82 32.22
CA GLY X 68 71.59 -46.09 32.00
C GLY X 68 72.90 -46.26 32.74
N THR X 69 73.98 -45.71 32.19
CA THR X 69 75.32 -45.92 32.73
C THR X 69 76.00 -44.65 33.20
N VAL X 70 75.89 -43.56 32.45
CA VAL X 70 76.52 -42.30 32.78
C VAL X 70 75.46 -41.34 33.28
N PHE X 71 75.68 -40.75 34.46
CA PHE X 71 74.77 -39.73 34.99
C PHE X 71 75.56 -38.48 35.35
N THR X 72 74.97 -37.32 35.10
CA THR X 72 75.66 -36.06 35.34
C THR X 72 74.83 -35.17 36.27
N LEU X 73 75.51 -34.56 37.22
CA LEU X 73 74.97 -33.51 38.07
C LEU X 73 75.55 -32.18 37.61
N THR X 74 74.71 -31.18 37.40
CA THR X 74 75.15 -29.92 36.84
C THR X 74 74.72 -28.77 37.72
N ILE X 75 75.65 -27.83 37.94
CA ILE X 75 75.33 -26.57 38.61
C ILE X 75 75.52 -25.47 37.58
N SER X 76 74.41 -24.82 37.23
CA SER X 76 74.44 -23.78 36.19
C SER X 76 75.25 -22.58 36.63
N SER X 77 74.79 -21.89 37.67
CA SER X 77 75.49 -20.73 38.23
C SER X 77 75.93 -21.07 39.64
N LEU X 78 77.24 -21.15 39.85
CA LEU X 78 77.79 -21.47 41.15
C LEU X 78 77.59 -20.34 42.14
N GLN X 79 77.51 -20.70 43.42
CA GLN X 79 77.39 -19.78 44.53
C GLN X 79 78.45 -20.14 45.55
N PRO X 80 78.80 -19.20 46.44
CA PRO X 80 79.80 -19.53 47.48
C PRO X 80 79.36 -20.65 48.39
N GLU X 81 78.06 -20.95 48.47
CA GLU X 81 77.56 -22.01 49.32
C GLU X 81 77.73 -23.40 48.71
N ASP X 82 77.93 -23.50 47.39
CA ASP X 82 77.95 -24.78 46.71
C ASP X 82 79.29 -25.48 46.78
N PHE X 83 80.29 -24.88 47.43
CA PHE X 83 81.62 -25.48 47.51
C PHE X 83 81.61 -26.51 48.63
N ALA X 84 81.52 -27.78 48.25
CA ALA X 84 81.47 -28.87 49.22
C ALA X 84 81.81 -30.18 48.50
N ALA X 85 81.39 -31.30 49.07
CA ALA X 85 81.57 -32.62 48.51
C ALA X 85 80.27 -33.15 47.94
N TYR X 86 80.36 -33.99 46.91
CA TYR X 86 79.21 -34.55 46.24
C TYR X 86 79.36 -36.05 46.07
N TYR X 87 78.32 -36.79 46.41
CA TYR X 87 78.31 -38.24 46.30
C TYR X 87 77.14 -38.74 45.46
N CYS X 88 77.39 -39.76 44.65
CA CYS X 88 76.32 -40.46 43.95
C CYS X 88 76.13 -41.85 44.58
N GLN X 89 74.88 -42.29 44.58
CA GLN X 89 74.49 -43.54 45.22
C GLN X 89 73.53 -44.29 44.31
N GLN X 90 73.72 -45.61 44.23
CA GLN X 90 72.86 -46.46 43.43
C GLN X 90 71.77 -47.07 44.30
N PHE X 91 70.56 -47.17 43.74
CA PHE X 91 69.42 -47.71 44.46
C PHE X 91 68.68 -48.76 43.65
N LEU X 92 69.41 -49.52 42.83
CA LEU X 92 68.81 -50.62 42.08
C LEU X 92 68.49 -51.77 43.02
N ASP X 93 69.53 -52.41 43.55
CA ASP X 93 69.39 -53.44 44.57
C ASP X 93 70.48 -53.25 45.61
N PHE X 94 70.40 -54.04 46.68
CA PHE X 94 71.41 -53.99 47.72
C PHE X 94 72.71 -54.63 47.22
N PRO X 95 73.87 -54.10 47.64
CA PRO X 95 74.06 -52.95 48.52
C PRO X 95 73.92 -51.61 47.80
N PHE X 96 73.45 -50.58 48.52
CA PHE X 96 73.30 -49.23 47.96
C PHE X 96 74.65 -48.50 48.03
N THR X 97 75.60 -48.97 47.22
CA THR X 97 76.96 -48.48 47.30
C THR X 97 77.04 -47.00 46.91
N PHE X 98 77.94 -46.29 47.58
CA PHE X 98 78.19 -44.88 47.34
C PHE X 98 79.32 -44.69 46.31
N GLY X 99 79.49 -43.44 45.87
CA GLY X 99 80.60 -43.09 45.02
C GLY X 99 81.82 -42.67 45.84
N GLN X 100 82.91 -42.39 45.13
CA GLN X 100 84.14 -41.97 45.79
C GLN X 100 84.00 -40.57 46.36
N GLY X 101 83.27 -39.72 45.65
CA GLY X 101 83.09 -38.33 46.00
C GLY X 101 83.83 -37.41 45.06
N THR X 102 83.39 -36.16 45.03
CA THR X 102 84.01 -35.12 44.22
C THR X 102 84.13 -33.88 45.10
N ARG X 103 85.36 -33.53 45.45
CA ARG X 103 85.62 -32.32 46.23
C ARG X 103 85.66 -31.11 45.32
N LEU X 104 84.98 -30.04 45.73
CA LEU X 104 84.91 -28.80 44.98
C LEU X 104 85.69 -27.71 45.70
N GLU X 105 86.74 -27.22 45.07
CA GLU X 105 87.60 -26.19 45.63
C GLU X 105 87.43 -24.90 44.84
N ILE X 106 87.84 -23.79 45.48
CA ILE X 106 87.74 -22.47 44.86
C ILE X 106 88.95 -22.21 43.99
N LYS X 107 88.71 -21.82 42.74
CA LYS X 107 89.81 -21.52 41.83
C LYS X 107 90.48 -20.21 42.24
N ARG X 108 91.80 -20.19 42.13
CA ARG X 108 92.57 -19.03 42.56
C ARG X 108 93.78 -18.86 41.67
N THR X 109 94.38 -17.67 41.72
CA THR X 109 95.65 -17.45 41.04
C THR X 109 96.73 -18.33 41.66
N VAL X 110 97.64 -18.80 40.83
CA VAL X 110 98.68 -19.72 41.29
C VAL X 110 99.60 -19.01 42.27
N ALA X 111 99.87 -19.66 43.41
CA ALA X 111 100.74 -19.11 44.43
C ALA X 111 101.73 -20.16 44.88
N ALA X 112 103.02 -19.88 44.71
CA ALA X 112 104.05 -20.79 45.15
C ALA X 112 104.12 -20.84 46.68
N PRO X 113 104.45 -22.00 47.25
CA PRO X 113 104.48 -22.12 48.71
C PRO X 113 105.73 -21.46 49.30
N SER X 114 105.60 -21.08 50.56
CA SER X 114 106.75 -20.63 51.34
C SER X 114 107.27 -21.84 52.13
N VAL X 115 108.51 -22.25 51.84
CA VAL X 115 109.06 -23.49 52.38
C VAL X 115 109.91 -23.17 53.60
N PHE X 116 109.69 -23.94 54.67
CA PHE X 116 110.50 -23.84 55.89
C PHE X 116 110.84 -25.25 56.35
N ILE X 117 111.97 -25.38 57.03
CA ILE X 117 112.40 -26.66 57.58
C ILE X 117 112.79 -26.49 59.03
N PHE X 118 112.38 -27.44 59.87
CA PHE X 118 112.59 -27.38 61.31
C PHE X 118 113.28 -28.66 61.75
N PRO X 119 114.49 -28.56 62.31
CA PRO X 119 115.16 -29.73 62.88
C PRO X 119 114.49 -30.17 64.16
N PRO X 120 114.72 -31.42 64.59
CA PRO X 120 114.14 -31.88 65.86
C PRO X 120 114.73 -31.11 67.04
N SER X 121 113.88 -30.83 68.01
CA SER X 121 114.30 -30.08 69.19
C SER X 121 115.27 -30.91 70.04
N ASP X 122 116.11 -30.21 70.79
CA ASP X 122 116.99 -30.88 71.74
C ASP X 122 116.19 -31.60 72.82
N GLU X 123 115.01 -31.08 73.16
CA GLU X 123 114.17 -31.73 74.15
C GLU X 123 113.64 -33.08 73.65
N GLN X 124 113.42 -33.21 72.34
CA GLN X 124 112.91 -34.46 71.80
C GLN X 124 114.00 -35.52 71.67
N LEU X 125 115.22 -35.10 71.31
CA LEU X 125 116.29 -36.08 71.11
C LEU X 125 116.61 -36.84 72.39
N LYS X 126 116.39 -36.23 73.55
CA LYS X 126 116.61 -36.95 74.80
C LYS X 126 115.58 -38.04 75.03
N SER X 127 114.48 -38.06 74.28
CA SER X 127 113.45 -39.07 74.45
C SER X 127 113.69 -40.33 73.64
N GLY X 128 114.41 -40.22 72.52
CA GLY X 128 114.76 -41.40 71.75
C GLY X 128 114.43 -41.30 70.27
N THR X 129 113.49 -40.42 69.93
CA THR X 129 113.06 -40.21 68.55
C THR X 129 113.45 -38.81 68.08
N ALA X 130 113.29 -38.59 66.78
CA ALA X 130 113.61 -37.31 66.16
C ALA X 130 112.61 -37.04 65.05
N SER X 131 112.03 -35.85 65.05
CA SER X 131 111.02 -35.48 64.06
C SER X 131 111.49 -34.24 63.32
N VAL X 132 111.69 -34.38 62.01
CA VAL X 132 112.05 -33.27 61.14
C VAL X 132 110.80 -32.79 60.42
N VAL X 133 110.51 -31.49 60.49
CA VAL X 133 109.25 -30.95 59.99
C VAL X 133 109.53 -30.07 58.78
N CYS X 134 108.80 -30.31 57.68
CA CYS X 134 108.87 -29.45 56.52
C CYS X 134 107.51 -28.79 56.32
N LEU X 135 107.51 -27.48 56.12
CA LEU X 135 106.29 -26.68 56.07
C LEU X 135 106.20 -25.97 54.72
N LEU X 136 105.08 -26.18 54.03
CA LEU X 136 104.76 -25.49 52.79
C LEU X 136 103.59 -24.57 53.11
N ASN X 137 103.83 -23.26 53.14
CA ASN X 137 102.85 -22.33 53.67
C ASN X 137 102.16 -21.56 52.55
N ASN X 138 100.83 -21.56 52.58
CA ASN X 138 99.96 -20.74 51.74
C ASN X 138 100.25 -20.88 50.25
N PHE X 139 99.82 -21.99 49.66
CA PHE X 139 100.03 -22.25 48.24
C PHE X 139 98.73 -22.68 47.56
N TYR X 140 98.73 -22.57 46.22
CA TYR X 140 97.66 -22.98 45.32
C TYR X 140 98.34 -23.31 44.00
N PRO X 141 97.95 -24.41 43.33
CA PRO X 141 96.87 -25.32 43.70
C PRO X 141 97.21 -26.31 44.82
N ARG X 142 96.28 -27.21 45.10
CA ARG X 142 96.44 -28.14 46.21
C ARG X 142 97.58 -29.12 46.00
N GLU X 143 97.79 -29.57 44.77
CA GLU X 143 98.74 -30.65 44.51
C GLU X 143 100.16 -30.18 44.80
N ALA X 144 100.89 -30.97 45.58
CA ALA X 144 102.27 -30.66 45.93
C ALA X 144 103.02 -31.95 46.22
N LYS X 145 104.30 -31.98 45.86
CA LYS X 145 105.15 -33.16 46.00
C LYS X 145 106.30 -32.85 46.95
N VAL X 146 106.50 -33.70 47.95
CA VAL X 146 107.51 -33.48 48.99
C VAL X 146 108.38 -34.72 49.12
N GLN X 147 109.70 -34.54 49.06
CA GLN X 147 110.65 -35.63 49.19
C GLN X 147 111.67 -35.32 50.28
N TRP X 148 111.97 -36.32 51.11
CA TRP X 148 112.99 -36.17 52.15
C TRP X 148 114.31 -36.78 51.69
N LYS X 149 115.41 -36.08 51.98
CA LYS X 149 116.75 -36.53 51.58
C LYS X 149 117.71 -36.39 52.76
N VAL X 150 118.17 -37.51 53.31
CA VAL X 150 119.12 -37.52 54.42
C VAL X 150 120.49 -37.89 53.87
N ASP X 151 121.42 -36.95 53.92
CA ASP X 151 122.74 -37.10 53.29
C ASP X 151 122.59 -37.45 51.80
N ASN X 152 121.69 -36.74 51.13
CA ASN X 152 121.40 -36.92 49.71
C ASN X 152 120.86 -38.31 49.41
N ALA X 153 120.34 -39.00 50.41
CA ALA X 153 119.71 -40.30 50.26
C ALA X 153 118.20 -40.13 50.38
N LEU X 154 117.47 -40.55 49.35
CA LEU X 154 116.02 -40.38 49.32
C LEU X 154 115.35 -41.28 50.36
N GLN X 155 114.40 -40.72 51.11
CA GLN X 155 113.68 -41.43 52.15
C GLN X 155 112.29 -41.84 51.67
N SER X 156 111.81 -42.96 52.18
CA SER X 156 110.47 -43.45 51.82
C SER X 156 109.93 -44.35 52.93
N GLY X 157 108.66 -44.16 53.27
CA GLY X 157 108.02 -44.96 54.28
C GLY X 157 108.08 -44.42 55.68
N ASN X 158 108.60 -43.21 55.88
CA ASN X 158 108.68 -42.59 57.19
C ASN X 158 108.06 -41.22 57.27
N SER X 159 107.86 -40.53 56.14
CA SER X 159 107.20 -39.23 56.16
C SER X 159 105.69 -39.40 56.18
N GLN X 160 105.02 -38.41 56.74
CA GLN X 160 103.56 -38.45 56.86
C GLN X 160 103.07 -37.02 56.72
N GLU X 161 102.29 -36.75 55.68
CA GLU X 161 101.85 -35.41 55.36
C GLU X 161 100.51 -35.08 56.02
N SER X 162 100.22 -33.77 56.07
CA SER X 162 98.95 -33.27 56.56
C SER X 162 98.71 -31.90 55.95
N VAL X 163 97.50 -31.66 55.45
CA VAL X 163 97.20 -30.44 54.71
C VAL X 163 95.99 -29.75 55.36
N THR X 164 96.03 -28.42 55.39
CA THR X 164 94.92 -27.65 55.92
C THR X 164 93.84 -27.48 54.85
N GLU X 165 92.70 -26.94 55.28
CA GLU X 165 91.61 -26.63 54.36
C GLU X 165 91.88 -25.30 53.66
N GLN X 166 91.12 -25.04 52.61
CA GLN X 166 91.23 -23.78 51.89
C GLN X 166 90.87 -22.61 52.79
N ASP X 167 91.74 -21.61 52.84
CA ASP X 167 91.53 -20.46 53.72
C ASP X 167 90.30 -19.68 53.29
N SER X 168 89.50 -19.25 54.28
CA SER X 168 88.26 -18.55 53.99
C SER X 168 88.48 -17.14 53.46
N LYS X 169 89.72 -16.65 53.45
CA LYS X 169 90.02 -15.30 52.97
C LYS X 169 90.80 -15.29 51.68
N ASP X 170 91.93 -15.99 51.63
CA ASP X 170 92.78 -16.02 50.44
C ASP X 170 92.70 -17.32 49.66
N SER X 171 92.03 -18.35 50.17
CA SER X 171 91.84 -19.61 49.45
C SER X 171 93.17 -20.28 49.10
N THR X 172 94.02 -20.44 50.12
CA THR X 172 95.31 -21.10 49.97
C THR X 172 95.44 -22.27 50.92
N TYR X 173 96.27 -23.24 50.54
CA TYR X 173 96.51 -24.45 51.32
C TYR X 173 97.83 -24.34 52.07
N SER X 174 97.96 -25.15 53.13
CA SER X 174 99.20 -25.25 53.88
C SER X 174 99.45 -26.71 54.21
N LEU X 175 100.68 -27.18 53.99
CA LEU X 175 101.04 -28.58 54.13
C LEU X 175 102.20 -28.72 55.11
N SER X 176 102.20 -29.85 55.83
CA SER X 176 103.24 -30.17 56.80
C SER X 176 103.61 -31.64 56.61
N SER X 177 104.84 -31.89 56.20
CA SER X 177 105.36 -33.24 56.07
C SER X 177 106.27 -33.52 57.26
N THR X 178 105.98 -34.60 57.98
CA THR X 178 106.71 -34.93 59.21
C THR X 178 107.50 -36.21 58.97
N LEU X 179 108.82 -36.11 59.06
CA LEU X 179 109.75 -37.23 58.94
C LEU X 179 110.11 -37.72 60.33
N THR X 180 109.81 -38.99 60.62
CA THR X 180 110.05 -39.59 61.92
C THR X 180 111.24 -40.55 61.83
N LEU X 181 112.24 -40.34 62.68
CA LEU X 181 113.44 -41.16 62.73
C LEU X 181 113.76 -41.53 64.18
N SER X 182 114.65 -42.50 64.35
CA SER X 182 115.17 -42.84 65.66
C SER X 182 116.41 -42.01 65.96
N LYS X 183 116.68 -41.79 67.26
CA LYS X 183 117.81 -40.96 67.64
C LYS X 183 119.13 -41.53 67.14
N ALA X 184 119.29 -42.85 67.20
CA ALA X 184 120.51 -43.47 66.69
C ALA X 184 120.65 -43.21 65.20
N ASP X 185 119.57 -43.41 64.44
CA ASP X 185 119.59 -43.15 63.01
C ASP X 185 119.77 -41.67 62.71
N TYR X 186 119.21 -40.80 63.55
CA TYR X 186 119.33 -39.36 63.31
C TYR X 186 120.77 -38.90 63.47
N GLU X 187 121.49 -39.43 64.45
CA GLU X 187 122.87 -39.04 64.71
C GLU X 187 123.88 -39.75 63.82
N LYS X 188 123.44 -40.60 62.89
CA LYS X 188 124.36 -41.24 61.96
C LYS X 188 124.77 -40.30 60.83
N HIS X 189 123.85 -39.47 60.36
CA HIS X 189 124.08 -38.59 59.22
C HIS X 189 124.17 -37.13 59.68
N LYS X 190 124.32 -36.23 58.71
CA LYS X 190 124.56 -34.83 59.02
C LYS X 190 123.70 -33.86 58.21
N VAL X 191 123.32 -34.25 56.99
CA VAL X 191 122.60 -33.36 56.09
C VAL X 191 121.15 -33.83 55.99
N TYR X 192 120.19 -32.90 56.19
CA TYR X 192 118.77 -33.22 56.07
C TYR X 192 118.11 -32.20 55.16
N ALA X 193 117.39 -32.67 54.13
CA ALA X 193 116.84 -31.80 53.10
C ALA X 193 115.39 -32.17 52.80
N CYS X 194 114.63 -31.16 52.41
CA CYS X 194 113.23 -31.27 52.01
C CYS X 194 113.09 -30.66 50.62
N GLU X 195 112.71 -31.48 49.64
CA GLU X 195 112.51 -31.06 48.26
C GLU X 195 111.03 -30.88 47.99
N VAL X 196 110.65 -29.66 47.61
CA VAL X 196 109.27 -29.29 47.34
C VAL X 196 109.13 -29.07 45.84
N THR X 197 108.13 -29.72 45.25
CA THR X 197 107.78 -29.59 43.85
C THR X 197 106.35 -29.10 43.76
N HIS X 198 106.14 -28.01 43.03
CA HIS X 198 104.83 -27.38 42.94
C HIS X 198 104.73 -26.66 41.59
N GLN X 199 103.49 -26.44 41.15
CA GLN X 199 103.27 -25.81 39.85
C GLN X 199 103.80 -24.38 39.83
N GLY X 200 103.64 -23.65 40.93
CA GLY X 200 104.10 -22.28 41.00
C GLY X 200 105.61 -22.14 40.90
N LEU X 201 106.36 -23.16 41.29
CA LEU X 201 107.82 -23.14 41.23
C LEU X 201 108.29 -23.63 39.87
N SER X 202 109.09 -22.81 39.19
CA SER X 202 109.66 -23.23 37.92
C SER X 202 110.65 -24.38 38.10
N SER X 203 111.40 -24.36 39.20
CA SER X 203 112.32 -25.43 39.56
C SER X 203 112.07 -25.84 41.00
N PRO X 204 112.26 -27.13 41.32
CA PRO X 204 111.99 -27.60 42.68
C PRO X 204 112.86 -26.92 43.73
N VAL X 205 112.24 -26.51 44.84
CA VAL X 205 112.95 -25.82 45.92
C VAL X 205 113.38 -26.81 46.98
N THR X 206 114.64 -26.73 47.40
CA THR X 206 115.20 -27.69 48.37
C THR X 206 115.75 -26.92 49.58
N LYS X 207 115.05 -27.03 50.71
CA LYS X 207 115.51 -26.44 51.97
C LYS X 207 116.21 -27.50 52.82
N SER X 208 117.41 -27.19 53.30
CA SER X 208 118.21 -28.17 54.02
C SER X 208 118.86 -27.55 55.24
N PHE X 209 119.33 -28.43 56.13
CA PHE X 209 120.09 -28.02 57.31
C PHE X 209 121.08 -29.11 57.68
N ASN X 210 122.21 -28.69 58.26
CA ASN X 210 123.20 -29.60 58.80
C ASN X 210 122.94 -29.80 60.29
N ARG X 211 123.01 -31.07 60.72
CA ARG X 211 122.82 -31.37 62.14
C ARG X 211 123.90 -30.72 62.98
N GLY X 212 123.49 -29.79 63.84
CA GLY X 212 124.44 -29.10 64.69
C GLY X 212 124.20 -27.61 64.78
N GLU X 213 124.10 -26.96 63.64
CA GLU X 213 123.89 -25.51 63.60
C GLU X 213 122.54 -25.13 64.22
C1 NAG Y . -15.84 13.16 -58.51
C2 NAG Y . -14.82 12.32 -57.71
C3 NAG Y . -14.56 10.96 -58.38
C4 NAG Y . -14.30 11.06 -59.88
C5 NAG Y . -15.18 12.14 -60.51
C6 NAG Y . -15.78 11.72 -61.83
C7 NAG Y . -12.80 12.93 -56.43
C8 NAG Y . -11.55 13.75 -56.41
N2 NAG Y . -13.56 13.04 -57.52
O3 NAG Y . -15.68 10.10 -58.13
O4 NAG Y . -12.93 11.34 -60.12
O5 NAG Y . -16.28 12.44 -59.64
O6 NAG Y . -16.43 12.80 -62.48
O7 NAG Y . -13.11 12.19 -55.49
C1 NAG Y . -12.35 10.53 -61.17
C2 NAG Y . -11.62 11.46 -62.14
C3 NAG Y . -10.94 10.64 -63.25
C4 NAG Y . -10.05 9.55 -62.66
C5 NAG Y . -10.84 8.71 -61.65
C6 NAG Y . -9.99 7.70 -60.92
C7 NAG Y . -12.59 13.71 -62.33
C8 NAG Y . -13.61 14.56 -63.03
N2 NAG Y . -12.54 12.42 -62.72
O3 NAG Y . -10.17 11.51 -64.07
O4 NAG Y . -9.62 8.69 -63.72
O5 NAG Y . -11.43 9.55 -60.65
O6 NAG Y . -9.67 6.58 -61.75
O7 NAG Y . -11.87 14.15 -61.45
C1 BMA Y . -8.19 8.60 -64.00
C2 BMA Y . -7.95 9.08 -65.50
C3 BMA Y . -6.45 9.04 -65.85
C4 BMA Y . -5.64 9.80 -64.79
C5 BMA Y . -5.92 9.18 -63.41
C6 BMA Y . -5.06 9.80 -62.33
O2 BMA Y . -8.38 10.42 -65.67
O3 BMA Y . -6.16 9.57 -67.16
O4 BMA Y . -4.25 9.74 -65.08
O5 BMA Y . -7.34 9.35 -63.09
O6 BMA Y . -3.70 9.83 -62.80
C1 MAN Y . -5.61 8.53 -68.01
C2 MAN Y . -4.04 8.66 -68.04
C3 MAN Y . -3.38 7.65 -69.04
C4 MAN Y . -4.40 7.09 -70.04
C5 MAN Y . -5.34 8.24 -70.46
C6 MAN Y . -6.21 7.88 -71.65
O2 MAN Y . -3.44 8.41 -66.76
O3 MAN Y . -2.71 6.58 -68.36
O4 MAN Y . -3.72 6.59 -71.19
O5 MAN Y . -6.21 8.58 -69.32
O6 MAN Y . -5.37 7.40 -72.70
C1 NAG Z . -7.37 54.27 -8.30
C2 NAG Z . -6.68 53.12 -7.53
C3 NAG Z . -5.31 53.56 -6.96
C4 NAG Z . -5.37 54.94 -6.29
C5 NAG Z . -6.22 55.91 -7.09
C6 NAG Z . -5.57 57.25 -7.31
C7 NAG Z . -7.50 51.35 -6.03
C8 NAG Z . -8.47 51.00 -4.93
N2 NAG Z . -7.54 52.61 -6.47
O3 NAG Z . -4.34 53.57 -8.00
O4 NAG Z . -5.85 54.82 -4.96
O5 NAG Z . -6.50 55.37 -8.38
O6 NAG Z . -6.32 58.05 -8.20
O7 NAG Z . -6.74 50.52 -6.51
C1 NAG Z . -5.08 55.61 -4.03
C2 NAG Z . -6.03 56.48 -3.20
C3 NAG Z . -5.25 57.29 -2.18
C4 NAG Z . -4.36 56.40 -1.32
C5 NAG Z . -3.50 55.50 -2.21
C6 NAG Z . -2.72 54.47 -1.42
C7 NAG Z . -8.04 57.02 -4.50
C8 NAG Z . -8.72 58.05 -5.37
N2 NAG Z . -6.83 57.34 -4.06
O3 NAG Z . -6.17 58.00 -1.35
O4 NAG Z . -3.48 57.21 -0.54
O5 NAG Z . -4.31 54.78 -3.14
O6 NAG Z . -2.00 55.05 -0.34
O7 NAG Z . -8.57 55.96 -4.23
C1 BMA Z . -3.83 57.40 0.85
C2 BMA Z . -3.30 58.81 1.29
C3 BMA Z . -3.75 59.18 2.73
C4 BMA Z . -5.23 58.88 2.96
C5 BMA Z . -5.58 57.44 2.51
C6 BMA Z . -7.06 57.10 2.71
O2 BMA Z . -3.79 59.83 0.43
O3 BMA Z . -3.50 60.56 3.03
O4 BMA Z . -5.54 59.06 4.33
O5 BMA Z . -5.23 57.27 1.11
O6 BMA Z . -7.44 57.47 4.03
C1 MAN Z . -2.46 60.71 4.02
C2 MAN Z . -3.13 61.00 5.40
C3 MAN Z . -2.08 61.23 6.51
C4 MAN Z . -0.77 61.82 5.95
C5 MAN Z . -1.08 62.65 4.70
C6 MAN Z . 0.13 63.43 4.19
O2 MAN Z . -3.95 59.89 5.83
O3 MAN Z . -1.81 60.05 7.25
O4 MAN Z . -0.13 62.65 6.92
O5 MAN Z . -1.53 61.76 3.64
O6 MAN Z . 0.70 64.16 5.27
C1 NAG AA . -62.18 18.45 -12.01
C2 NAG AA . -61.57 17.23 -11.28
C3 NAG AA . -62.43 16.82 -10.08
C4 NAG AA . -63.92 16.68 -10.43
C5 NAG AA . -64.34 17.76 -11.42
C6 NAG AA . -65.68 18.38 -11.08
C7 NAG AA . -60.42 15.19 -12.03
C8 NAG AA . -60.37 14.11 -13.06
N2 NAG AA . -61.38 16.12 -12.19
O3 NAG AA . -62.28 17.76 -9.02
O4 NAG AA . -64.18 15.40 -10.98
O5 NAG AA . -63.38 18.83 -11.39
O6 NAG AA . -65.88 19.56 -11.85
O7 NAG AA . -59.64 15.24 -11.08
C1 NAG AA . -65.33 14.75 -10.37
C2 NAG AA . -66.26 14.24 -11.48
C3 NAG AA . -67.45 13.51 -10.87
C4 NAG AA . -66.99 12.40 -9.93
C5 NAG AA . -66.02 12.96 -8.90
C6 NAG AA . -65.40 11.89 -8.03
C7 NAG AA . -66.06 15.72 -13.44
C8 NAG AA . -66.69 16.85 -14.21
N2 NAG AA . -66.71 15.32 -12.34
O3 NAG AA . -68.26 12.97 -11.92
O4 NAG AA . -68.11 11.85 -9.24
O5 NAG AA . -64.93 13.65 -9.54
O6 NAG AA . -66.37 10.99 -7.52
O7 NAG AA . -65.00 15.19 -13.80
C1 BMA AA . -68.60 10.59 -9.76
C2 BMA AA . -70.17 10.64 -9.75
C3 BMA AA . -70.79 9.38 -10.40
C4 BMA AA . -70.12 9.04 -11.73
C5 BMA AA . -68.58 9.01 -11.59
C6 BMA AA . -67.88 8.76 -12.91
O2 BMA AA . -70.65 11.77 -10.48
O3 BMA AA . -72.19 9.54 -10.65
O4 BMA AA . -70.59 7.77 -12.20
O5 BMA AA . -68.11 10.29 -11.07
O6 BMA AA . -68.70 7.87 -13.68
C1 MAN AA . -73.01 8.75 -9.77
C2 MAN AA . -73.25 7.34 -10.42
C3 MAN AA . -74.30 6.50 -9.63
C4 MAN AA . -75.20 7.37 -8.74
C5 MAN AA . -75.47 8.69 -9.46
C6 MAN AA . -76.53 9.55 -8.78
O2 MAN AA . -72.06 6.54 -10.49
O3 MAN AA . -73.70 5.46 -8.85
O4 MAN AA . -76.43 6.69 -8.49
O5 MAN AA . -74.21 9.46 -9.47
O6 MAN AA . -77.66 8.73 -8.47
C1 NAG BA . 29.72 -59.34 4.21
C2 NAG BA . 30.36 -58.61 3.02
C3 NAG BA . 31.06 -59.61 2.09
C4 NAG BA . 30.15 -60.78 1.73
C5 NAG BA . 29.45 -61.32 2.98
C6 NAG BA . 29.59 -62.81 3.15
C7 NAG BA . 29.63 -56.58 1.85
C8 NAG BA . 28.51 -55.92 1.11
N2 NAG BA . 29.39 -57.82 2.29
O3 NAG BA . 32.24 -60.08 2.71
O4 NAG BA . 29.16 -60.35 0.80
O5 NAG BA . 30.02 -60.71 4.15
O6 NAG BA . 29.18 -63.20 4.45
O7 NAG BA . 30.70 -56.01 2.03
C1 NAG BA . 29.28 -60.55 -0.67
C2 NAG BA . 30.49 -61.36 -1.18
C3 NAG BA . 30.37 -61.56 -2.70
C4 NAG BA . 29.00 -62.06 -3.15
C5 NAG BA . 27.84 -61.33 -2.43
C6 NAG BA . 26.50 -62.03 -2.56
C7 NAG BA . 32.78 -61.33 -0.30
C8 NAG BA . 34.00 -60.49 -0.06
N2 NAG BA . 31.75 -60.70 -0.87
O3 NAG BA . 31.38 -62.46 -3.15
O4 NAG BA . 28.98 -61.79 -4.56
O5 NAG BA . 28.09 -61.23 -1.02
O6 NAG BA . 26.55 -63.37 -2.09
O7 NAG BA . 32.73 -62.51 0.01
C1 BMA BA . 28.08 -62.35 -5.58
C2 BMA BA . 27.90 -63.94 -5.58
C3 BMA BA . 26.81 -64.32 -6.62
C4 BMA BA . 25.51 -63.54 -6.36
C5 BMA BA . 25.79 -62.04 -6.47
C6 BMA BA . 24.54 -61.20 -6.20
O2 BMA BA . 27.45 -64.45 -4.32
O3 BMA BA . 26.50 -65.73 -6.68
O4 BMA BA . 24.50 -63.89 -7.31
O5 BMA BA . 26.79 -61.68 -5.48
O6 BMA BA . 23.40 -62.01 -6.44
C1 MAN BA . 26.86 -66.33 -7.96
C2 MAN BA . 25.69 -66.12 -8.99
C3 MAN BA . 25.95 -66.87 -10.33
C4 MAN BA . 26.88 -68.08 -10.15
C5 MAN BA . 26.66 -68.66 -8.76
C6 MAN BA . 27.33 -70.01 -8.57
O2 MAN BA . 25.49 -64.73 -9.35
O3 MAN BA . 26.44 -66.00 -11.35
O4 MAN BA . 26.59 -69.06 -11.15
O5 MAN BA . 27.19 -67.72 -7.78
O6 MAN BA . 26.99 -70.84 -9.67
C1 NAG CA . -0.74 -6.15 27.19
C2 NAG CA . 0.23 -5.34 26.30
C3 NAG CA . -0.52 -4.47 25.28
C4 NAG CA . -1.72 -3.73 25.87
C5 NAG CA . -2.46 -4.60 26.89
C6 NAG CA . -3.97 -4.57 26.69
C7 NAG CA . 2.27 -4.00 26.63
C8 NAG CA . 3.08 -3.20 27.61
N2 NAG CA . 1.14 -4.53 27.10
O3 NAG CA . -0.92 -5.26 24.17
O4 NAG CA . -1.33 -2.49 26.46
O5 NAG CA . -2.06 -5.96 26.74
O6 NAG CA . -4.33 -3.93 25.48
O7 NAG CA . 2.63 -4.17 25.47
C1 NAG CA . -2.34 -1.47 26.20
C2 NAG CA . -2.80 -0.85 27.53
C3 NAG CA . -3.85 0.23 27.29
C4 NAG CA . -3.36 1.25 26.29
C5 NAG CA . -2.84 0.58 25.02
C6 NAG CA . -2.18 1.54 24.05
C7 NAG CA . -2.61 -2.33 29.49
C8 NAG CA . -3.29 -3.38 30.32
N2 NAG CA . -3.31 -1.86 28.44
O3 NAG CA . -4.19 0.85 28.52
O4 NAG CA . -4.42 2.13 25.93
O5 NAG CA . -1.85 -0.42 25.34
O6 NAG CA . -3.12 2.48 23.54
O7 NAG CA . -1.48 -1.92 29.75
C1 BMA CA . -4.23 3.50 26.39
C2 BMA CA . -5.47 3.92 27.28
C3 BMA CA . -5.23 5.32 27.89
C4 BMA CA . -3.85 5.38 28.57
C5 BMA CA . -2.76 5.01 27.55
C6 BMA CA . -1.37 5.10 28.15
O2 BMA CA . -5.67 3.02 28.36
O3 BMA CA . -6.26 5.70 28.84
O4 BMA CA . -3.60 6.70 29.07
O5 BMA CA . -2.99 3.65 27.11
O6 BMA CA . -1.32 6.26 28.97
C1 MAN CA . -7.00 6.85 28.34
C2 MAN CA . -6.38 8.17 28.95
C3 MAN CA . -7.19 9.43 28.57
C4 MAN CA . -8.61 9.07 28.10
C5 MAN CA . -9.14 7.93 28.97
C6 MAN CA . -10.62 7.66 28.78
O2 MAN CA . -5.05 8.41 28.49
O3 MAN CA . -6.52 10.21 27.57
O4 MAN CA . -9.47 10.20 28.22
O5 MAN CA . -8.40 6.71 28.64
O6 MAN CA . -11.32 8.89 28.87
C1 NAG DA . 59.06 -22.76 50.61
C2 NAG DA . 59.65 -22.17 49.30
C3 NAG DA . 60.66 -21.03 49.58
C4 NAG DA . 61.64 -21.34 50.71
C5 NAG DA . 60.99 -22.18 51.80
C6 NAG DA . 61.35 -21.72 53.20
C7 NAG DA . 60.37 -23.12 47.15
C8 NAG DA . 61.04 -24.28 46.47
N2 NAG DA . 60.26 -23.21 48.47
O3 NAG DA . 59.96 -19.83 49.87
O4 NAG DA . 62.82 -21.98 50.21
O5 NAG DA . 59.57 -22.06 51.70
O6 NAG DA . 60.64 -22.47 54.18
O7 NAG DA . 59.96 -22.16 46.51
C1 NAG DA . 64.04 -21.50 50.84
C2 NAG DA . 64.79 -22.68 51.47
C3 NAG DA . 66.09 -22.21 52.10
C4 NAG DA . 66.95 -21.45 51.09
C5 NAG DA . 66.13 -20.34 50.44
C6 NAG DA . 66.86 -19.63 49.31
C7 NAG DA . 63.65 -24.65 52.40
C8 NAG DA . 62.78 -25.18 53.50
N2 NAG DA . 63.96 -23.35 52.45
O3 NAG DA . 66.81 -23.33 52.60
O4 NAG DA . 68.06 -20.86 51.75
O5 NAG DA . 64.91 -20.85 49.88
O6 NAG DA . 68.05 -19.00 49.77
O7 NAG DA . 64.04 -25.37 51.48
C1 BMA DA . 69.35 -21.47 51.48
C2 BMA DA . 70.05 -21.83 52.86
C3 BMA DA . 71.36 -22.65 52.64
C4 BMA DA . 71.13 -23.78 51.64
C5 BMA DA . 70.57 -23.19 50.34
C6 BMA DA . 70.44 -24.25 49.26
O2 BMA DA . 69.20 -22.62 53.68
O3 BMA DA . 71.90 -23.20 53.87
O4 BMA DA . 72.34 -24.47 51.36
O5 BMA DA . 69.27 -22.62 50.62
O6 BMA DA . 71.70 -24.91 49.12
C1 MAN DA . 73.20 -22.64 54.20
C2 MAN DA . 74.37 -23.44 53.47
C3 MAN DA . 75.78 -22.96 53.94
C4 MAN DA . 75.75 -22.32 55.33
C5 MAN DA . 74.67 -23.01 56.17
C6 MAN DA . 74.73 -22.65 57.64
O2 MAN DA . 74.34 -23.28 52.05
O3 MAN DA . 76.40 -22.07 52.99
O4 MAN DA . 77.03 -22.47 55.97
O5 MAN DA . 73.36 -22.62 55.63
O6 MAN DA . 76.06 -22.87 58.10
C1 NAG EA . -47.22 50.62 -61.46
C2 NAG EA . -48.57 51.17 -61.94
C3 NAG EA . -48.89 50.63 -63.33
C4 NAG EA . -47.74 50.92 -64.30
C5 NAG EA . -46.42 50.40 -63.72
C6 NAG EA . -45.22 50.77 -64.56
C7 NAG EA . -50.04 49.62 -60.69
C8 NAG EA . -51.17 49.53 -59.70
N2 NAG EA . -49.65 50.86 -61.01
O3 NAG EA . -50.09 51.24 -63.82
O4 NAG EA . -47.98 50.28 -65.54
O5 NAG EA . -46.19 50.96 -62.41
O6 NAG EA . -44.36 51.69 -63.90
O7 NAG EA . -49.51 48.61 -61.17
C1 NAG FA . -59.44 60.08 -37.43
C2 NAG FA . -59.59 61.13 -36.33
C3 NAG FA . -61.06 61.27 -35.93
C4 NAG FA . -61.92 61.53 -37.17
C5 NAG FA . -61.65 60.49 -38.26
C6 NAG FA . -62.34 60.82 -39.56
C7 NAG FA . -58.26 61.70 -34.34
C8 NAG FA . -57.44 61.15 -33.20
N2 NAG FA . -58.78 60.78 -35.17
O3 NAG FA . -61.19 62.36 -35.03
O4 NAG FA . -63.30 61.48 -36.80
O5 NAG FA . -60.25 60.44 -38.54
O6 NAG FA . -63.74 60.56 -39.51
O7 NAG FA . -58.46 62.90 -34.49
C1 NAG GA . -2.79 -47.60 52.79
C2 NAG GA . -3.03 -48.65 51.68
C3 NAG GA . -4.54 -48.88 51.51
C4 NAG GA . -5.20 -49.22 52.83
C5 NAG GA . -4.87 -48.15 53.88
C6 NAG GA . -5.41 -48.47 55.25
C7 NAG GA . -2.17 -49.10 49.42
C8 NAG GA . -1.56 -48.49 48.20
N2 NAG GA . -2.43 -48.24 50.43
O3 NAG GA . -4.76 -49.95 50.59
O4 NAG GA . -6.61 -49.29 52.66
O5 NAG GA . -3.44 -48.02 54.01
O6 NAG GA . -6.79 -48.81 55.20
O7 NAG GA . -2.43 -50.29 49.50
C1 NAG HA . 20.51 -45.30 69.44
C2 NAG HA . 20.38 -43.86 69.97
C3 NAG HA . 20.38 -43.83 71.50
C4 NAG HA . 19.34 -44.79 72.05
C5 NAG HA . 19.58 -46.19 71.48
C6 NAG HA . 18.55 -47.20 71.94
C7 NAG HA . 22.75 -43.14 69.72
C8 NAG HA . 23.66 -42.14 69.08
N2 NAG HA . 21.44 -43.00 69.44
O3 NAG HA . 20.09 -42.51 71.95
O4 NAG HA . 19.42 -44.84 73.48
O5 NAG HA . 19.50 -46.13 70.05
O6 NAG HA . 18.81 -48.48 71.37
O7 NAG HA . 23.17 -44.04 70.45
#